data_6OEH
#
_entry.id   6OEH
#
_entity_poly.entity_id   1
_entity_poly.type   'polypeptide(L)'
_entity_poly.pdbx_seq_one_letter_code
;(UNK)(UNK)(UNK)(UNK)(UNK)(UNK)(UNK)(UNK)(UNK)(UNK)(UNK)(UNK)(UNK)(UNK)(UNK)(UNK)
(UNK)(UNK)(UNK)(UNK)(UNK)(UNK)(UNK)(UNK)(UNK)(UNK)(UNK)(UNK)(UNK)(UNK)(UNK)(UNK)
(UNK)(UNK)(UNK)(UNK)(UNK)(UNK)(UNK)(UNK)(UNK)(UNK)(UNK)(UNK)(UNK)(UNK)(UNK)(UNK)
(UNK)(UNK)(UNK)(UNK)(UNK)(UNK)(UNK)(UNK)(UNK)(UNK)(UNK)(UNK)(UNK)(UNK)(UNK)(UNK)
(UNK)(UNK)(UNK)(UNK)(UNK)(UNK)(UNK)(UNK)(UNK)(UNK)(UNK)(UNK)(UNK)(UNK)(UNK)(UNK)
(UNK)(UNK)(UNK)(UNK)(UNK)(UNK)(UNK)(UNK)(UNK)(UNK)(UNK)(UNK)(UNK)(UNK)(UNK)(UNK)
(UNK)(UNK)(UNK)(UNK)(UNK)(UNK)(UNK)(UNK)(UNK)(UNK)(UNK)(UNK)(UNK)(UNK)(UNK)(UNK)
(UNK)(UNK)(UNK)(UNK)(UNK)(UNK)(UNK)(UNK)(UNK)(UNK)(UNK)(UNK)(UNK)(UNK)(UNK)(UNK)
(UNK)(UNK)(UNK)(UNK)(UNK)(UNK)(UNK)(UNK)(UNK)(UNK)(UNK)(UNK)(UNK)(UNK)(UNK)(UNK)
(UNK)(UNK)(UNK)(UNK)(UNK)(UNK)(UNK)(UNK)(UNK)(UNK)(UNK)(UNK)(UNK)(UNK)(UNK)(UNK)
(UNK)(UNK)(UNK)(UNK)(UNK)(UNK)(UNK)(UNK)(UNK)(UNK)(UNK)(UNK)(UNK)(UNK)(UNK)(UNK)
(UNK)(UNK)(UNK)(UNK)(UNK)(UNK)(UNK)(UNK)(UNK)(UNK)(UNK)(UNK)(UNK)(UNK)(UNK)(UNK)
(UNK)(UNK)(UNK)(UNK)(UNK)(UNK)(UNK)(UNK)(UNK)(UNK)(UNK)(UNK)(UNK)(UNK)(UNK)(UNK)
(UNK)(UNK)(UNK)(UNK)(UNK)(UNK)(UNK)(UNK)(UNK)(UNK)(UNK)(UNK)(UNK)(UNK)(UNK)(UNK)
(UNK)(UNK)(UNK)(UNK)(UNK)(UNK)(UNK)(UNK)(UNK)(UNK)(UNK)(UNK)(UNK)(UNK)(UNK)(UNK)
(UNK)(UNK)(UNK)(UNK)(UNK)(UNK)(UNK)(UNK)(UNK)(UNK)(UNK)(UNK)(UNK)(UNK)(UNK)(UNK)
(UNK)(UNK)(UNK)(UNK)(UNK)(UNK)(UNK)(UNK)(UNK)(UNK)(UNK)(UNK)(UNK)(UNK)(UNK)(UNK)
(UNK)(UNK)(UNK)(UNK)(UNK)(UNK)(UNK)(UNK)(UNK)(UNK)(UNK)(UNK)(UNK)(UNK)(UNK)(UNK)
(UNK)(UNK)(UNK)(UNK)(UNK)(UNK)(UNK)(UNK)(UNK)(UNK)(UNK)(UNK)(UNK)(UNK)(UNK)(UNK)
(UNK)(UNK)(UNK)(UNK)(UNK)(UNK)(UNK)(UNK)(UNK)(UNK)(UNK)(UNK)(UNK)(UNK)(UNK)(UNK)
(UNK)(UNK)(UNK)(UNK)(UNK)(UNK)(UNK)(UNK)(UNK)(UNK)(UNK)(UNK)(UNK)(UNK)(UNK)(UNK)
(UNK)(UNK)(UNK)(UNK)(UNK)(UNK)(UNK)(UNK)(UNK)(UNK)(UNK)(UNK)(UNK)(UNK)(UNK)(UNK)
(UNK)(UNK)(UNK)(UNK)(UNK)(UNK)(UNK)(UNK)(UNK)(UNK)(UNK)(UNK)(UNK)(UNK)(UNK)(UNK)
(UNK)(UNK)(UNK)(UNK)(UNK)(UNK)(UNK)(UNK)(UNK)(UNK)(UNK)(UNK)(UNK)(UNK)(UNK)(UNK)
(UNK)(UNK)(UNK)(UNK)(UNK)(UNK)(UNK)(UNK)(UNK)(UNK)(UNK)(UNK)(UNK)(UNK)(UNK)(UNK)
(UNK)(UNK)(UNK)(UNK)(UNK)(UNK)(UNK)(UNK)(UNK)(UNK)(UNK)(UNK)(UNK)(UNK)(UNK)(UNK)
(UNK)(UNK)(UNK)(UNK)(UNK)(UNK)(UNK)(UNK)(UNK)(UNK)(UNK)(UNK)(UNK)(UNK)(UNK)(UNK)
(UNK)(UNK)(UNK)(UNK)(UNK)(UNK)(UNK)(UNK)(UNK)(UNK)(UNK)(UNK)(UNK)(UNK)(UNK)(UNK)
(UNK)(UNK)(UNK)(UNK)(UNK)(UNK)(UNK)(UNK)(UNK)(UNK)(UNK)(UNK)(UNK)(UNK)(UNK)(UNK)
(UNK)(UNK)(UNK)(UNK)(UNK)(UNK)
;
_entity_poly.pdbx_strand_id   A,B,C,D,E,F,G,H,I,J,K,L,M,N
#
# COMPACT_ATOMS: atom_id res chain seq x y z
N UNK A 1 -143.61 70.44 -46.52
CA UNK A 1 -143.87 70.86 -45.15
C UNK A 1 -142.92 70.13 -44.27
N UNK A 2 -143.33 68.90 -43.92
CA UNK A 2 -142.39 67.94 -43.39
C UNK A 2 -141.24 67.74 -44.34
N UNK A 3 -141.55 67.53 -45.62
CA UNK A 3 -140.55 67.41 -46.67
C UNK A 3 -139.74 68.68 -46.82
N UNK A 4 -140.34 69.82 -46.54
CA UNK A 4 -139.65 71.10 -46.71
C UNK A 4 -138.55 71.30 -45.68
N UNK A 5 -138.94 71.31 -44.40
CA UNK A 5 -137.96 71.37 -43.32
C UNK A 5 -137.00 70.21 -43.42
N UNK A 6 -137.49 69.07 -43.88
CA UNK A 6 -136.63 67.95 -44.16
C UNK A 6 -135.60 68.27 -45.22
N UNK A 7 -136.02 68.96 -46.28
CA UNK A 7 -135.15 69.14 -47.43
C UNK A 7 -134.03 70.08 -47.09
N UNK A 8 -134.36 71.12 -46.35
CA UNK A 8 -133.33 72.02 -45.86
C UNK A 8 -132.43 71.31 -44.88
N UNK A 9 -133.02 70.47 -44.04
CA UNK A 9 -132.23 69.72 -43.08
C UNK A 9 -131.24 68.80 -43.77
N UNK A 10 -131.73 68.08 -44.75
CA UNK A 10 -130.92 67.12 -45.47
C UNK A 10 -129.92 67.81 -46.37
N UNK A 11 -130.22 69.02 -46.81
CA UNK A 11 -129.20 69.79 -47.46
C UNK A 11 -128.13 70.21 -46.47
N UNK A 12 -128.48 70.33 -45.19
CA UNK A 12 -127.39 70.69 -44.29
C UNK A 12 -126.75 69.49 -43.59
N UNK A 13 -127.43 68.93 -42.59
CA UNK A 13 -127.04 67.80 -41.75
C UNK A 13 -128.17 67.55 -40.75
N UNK A 14 -127.95 66.57 -39.87
CA UNK A 14 -128.70 66.32 -38.65
C UNK A 14 -127.81 65.38 -37.87
N UNK A 15 -127.67 65.58 -36.57
CA UNK A 15 -126.46 65.03 -35.99
C UNK A 15 -126.62 64.72 -34.50
N UNK A 16 -125.48 64.80 -33.83
CA UNK A 16 -125.06 64.52 -32.48
C UNK A 16 -124.80 63.04 -32.26
N UNK A 17 -125.34 62.14 -33.09
CA UNK A 17 -124.79 60.79 -33.22
C UNK A 17 -125.11 60.20 -34.57
N UNK A 18 -126.23 60.69 -35.12
CA UNK A 18 -126.90 59.95 -36.18
C UNK A 18 -126.14 60.03 -37.48
N UNK A 19 -125.18 60.93 -37.58
CA UNK A 19 -124.18 60.85 -38.62
C UNK A 19 -123.45 59.53 -38.58
N UNK A 20 -122.94 59.15 -37.41
CA UNK A 20 -122.24 57.88 -37.31
C UNK A 20 -123.19 56.71 -37.53
N UNK A 21 -124.42 56.81 -37.02
CA UNK A 21 -125.37 55.72 -37.23
C UNK A 21 -125.69 55.53 -38.72
N UNK A 22 -125.91 56.61 -39.44
CA UNK A 22 -126.20 56.47 -40.85
C UNK A 22 -124.98 56.03 -41.64
N UNK A 23 -123.79 56.41 -41.19
CA UNK A 23 -122.57 55.88 -41.79
C UNK A 23 -122.49 54.38 -41.60
N UNK A 24 -123.03 53.87 -40.51
CA UNK A 24 -123.09 52.42 -40.37
C UNK A 24 -124.09 51.81 -41.32
N UNK A 25 -125.19 52.51 -41.59
CA UNK A 25 -126.14 51.96 -42.55
C UNK A 25 -125.53 51.87 -43.93
N UNK A 26 -124.71 52.85 -44.24
CA UNK A 26 -123.86 52.73 -45.41
C UNK A 26 -122.97 51.52 -45.30
N UNK A 27 -122.43 51.28 -44.11
CA UNK A 27 -121.48 50.18 -43.99
C UNK A 27 -122.16 48.84 -44.21
N UNK A 28 -123.42 48.74 -43.86
CA UNK A 28 -124.13 47.49 -44.04
C UNK A 28 -124.53 47.29 -45.50
N UNK A 29 -124.96 48.36 -46.16
CA UNK A 29 -125.29 48.22 -47.57
C UNK A 29 -124.04 47.87 -48.35
N UNK A 30 -122.92 48.43 -47.95
CA UNK A 30 -121.62 48.05 -48.50
C UNK A 30 -121.34 46.59 -48.24
N UNK A 31 -121.69 46.13 -47.05
CA UNK A 31 -121.38 44.76 -46.68
C UNK A 31 -122.19 43.78 -47.51
N UNK A 32 -123.50 43.99 -47.56
CA UNK A 32 -124.37 43.06 -48.29
C UNK A 32 -124.07 43.07 -49.75
N UNK A 33 -123.65 44.22 -50.27
CA UNK A 33 -123.16 44.25 -51.63
C UNK A 33 -121.95 43.36 -51.78
N UNK A 34 -121.04 43.40 -50.81
CA UNK A 34 -119.86 42.56 -50.92
C UNK A 34 -120.21 41.09 -50.80
N UNK A 35 -121.20 40.79 -49.99
CA UNK A 35 -121.49 39.38 -49.74
C UNK A 35 -122.22 38.78 -50.91
N UNK A 36 -123.21 39.48 -51.44
CA UNK A 36 -123.90 38.97 -52.60
C UNK A 36 -122.98 38.94 -53.79
N UNK A 37 -122.04 39.86 -53.84
CA UNK A 37 -121.05 39.82 -54.90
C UNK A 37 -120.21 38.58 -54.83
N UNK A 38 -119.69 38.29 -53.64
CA UNK A 38 -118.82 37.14 -53.47
C UNK A 38 -119.56 35.84 -53.70
N UNK A 39 -120.78 35.76 -53.19
CA UNK A 39 -121.56 34.55 -53.35
C UNK A 39 -121.97 34.35 -54.78
N UNK A 40 -122.21 35.42 -55.51
CA UNK A 40 -122.56 35.18 -56.90
C UNK A 40 -121.31 35.10 -57.77
N UNK A 41 -120.39 34.23 -57.40
CA UNK A 41 -119.20 34.03 -58.20
C UNK A 41 -119.00 32.59 -58.63
N UNK A 42 -119.04 31.65 -57.69
CA UNK A 42 -118.65 30.28 -57.94
C UNK A 42 -119.77 29.51 -58.66
N UNK A 43 -119.69 28.17 -58.65
CA UNK A 43 -120.68 27.31 -59.29
C UNK A 43 -122.02 27.41 -58.57
N UNK A 44 -123.00 28.01 -59.23
CA UNK A 44 -124.19 28.56 -58.60
C UNK A 44 -125.13 27.49 -58.09
N UNK A 45 -124.64 26.66 -57.18
CA UNK A 45 -125.34 25.44 -56.78
C UNK A 45 -126.42 25.80 -55.77
N UNK A 46 -127.19 24.79 -55.38
CA UNK A 46 -128.50 25.00 -54.80
C UNK A 46 -128.44 25.72 -53.47
N UNK A 47 -127.28 25.75 -52.85
CA UNK A 47 -127.06 26.63 -51.71
C UNK A 47 -127.05 28.12 -52.07
N UNK A 48 -127.28 28.49 -53.34
CA UNK A 48 -127.43 29.89 -53.67
C UNK A 48 -128.58 30.49 -52.89
N UNK A 49 -129.67 29.75 -52.76
CA UNK A 49 -130.77 30.22 -51.96
C UNK A 49 -130.38 30.35 -50.50
N UNK A 50 -130.13 29.23 -49.84
CA UNK A 50 -129.87 29.26 -48.42
C UNK A 50 -128.45 29.57 -48.11
N UNK A 51 -127.77 30.29 -49.00
CA UNK A 51 -126.69 31.19 -48.69
C UNK A 51 -127.12 32.62 -48.83
N UNK A 52 -127.85 32.95 -49.90
CA UNK A 52 -128.10 34.34 -50.21
C UNK A 52 -129.14 34.91 -49.31
N UNK A 53 -130.21 34.15 -49.07
CA UNK A 53 -131.23 34.60 -48.17
C UNK A 53 -130.68 34.74 -46.78
N UNK A 54 -129.72 33.89 -46.43
CA UNK A 54 -129.03 34.03 -45.17
C UNK A 54 -128.29 35.35 -45.12
N UNK A 55 -127.62 35.70 -46.21
CA UNK A 55 -126.81 36.90 -46.19
C UNK A 55 -127.68 38.13 -46.09
N UNK A 56 -128.78 38.14 -46.81
CA UNK A 56 -129.69 39.26 -46.66
C UNK A 56 -130.38 39.24 -45.33
N UNK A 57 -130.49 38.07 -44.70
CA UNK A 57 -131.04 38.05 -43.36
C UNK A 57 -130.06 38.66 -42.39
N UNK A 58 -128.77 38.44 -42.61
CA UNK A 58 -127.78 39.13 -41.81
C UNK A 58 -127.83 40.63 -42.07
N UNK A 59 -128.12 41.00 -43.31
CA UNK A 59 -128.17 42.40 -43.70
C UNK A 59 -129.30 43.10 -43.00
N UNK A 60 -130.50 42.60 -43.18
CA UNK A 60 -131.66 43.15 -42.51
C UNK A 60 -131.59 43.00 -41.01
N UNK A 61 -130.82 42.06 -40.49
CA UNK A 61 -130.61 42.01 -39.06
C UNK A 61 -129.89 43.25 -38.60
N UNK A 62 -128.74 43.56 -39.21
CA UNK A 62 -128.01 44.76 -38.86
C UNK A 62 -128.80 46.01 -39.18
N UNK A 63 -129.66 45.91 -40.17
CA UNK A 63 -130.50 47.03 -40.54
C UNK A 63 -131.58 47.29 -39.51
N UNK A 64 -132.21 46.23 -39.03
CA UNK A 64 -133.24 46.39 -38.03
C UNK A 64 -132.65 46.92 -36.75
N UNK A 65 -131.42 46.52 -36.46
CA UNK A 65 -130.65 47.14 -35.38
C UNK A 65 -130.55 48.65 -35.58
N UNK A 66 -129.98 49.06 -36.71
CA UNK A 66 -129.76 50.48 -36.96
C UNK A 66 -131.06 51.25 -36.99
N UNK A 67 -132.12 50.63 -37.49
CA UNK A 67 -133.35 51.37 -37.68
C UNK A 67 -134.12 51.54 -36.38
N UNK A 68 -134.15 50.51 -35.52
CA UNK A 68 -134.80 50.72 -34.24
C UNK A 68 -133.97 51.64 -33.37
N UNK A 69 -132.64 51.53 -33.47
CA UNK A 69 -131.76 52.41 -32.72
C UNK A 69 -131.98 53.85 -33.13
N UNK A 70 -132.11 54.11 -34.42
CA UNK A 70 -132.25 55.48 -34.88
C UNK A 70 -133.66 56.02 -34.68
N UNK A 71 -134.69 55.20 -34.88
CA UNK A 71 -136.02 55.69 -34.60
C UNK A 71 -136.27 55.82 -33.11
N UNK A 72 -135.37 55.29 -32.29
CA UNK A 72 -135.25 55.83 -30.95
C UNK A 72 -134.46 57.13 -30.97
N UNK A 73 -133.35 57.15 -31.70
CA UNK A 73 -132.33 58.16 -31.54
C UNK A 73 -132.73 59.41 -32.32
N UNK A 74 -133.20 60.41 -31.60
CA UNK A 74 -133.59 61.73 -32.13
C UNK A 74 -134.69 61.59 -33.16
N UNK A 75 -135.85 61.17 -32.68
CA UNK A 75 -137.06 61.25 -33.49
C UNK A 75 -137.76 62.57 -33.23
N UNK A 76 -137.03 63.65 -33.46
CA UNK A 76 -137.69 64.91 -33.73
C UNK A 76 -138.43 64.80 -35.05
N UNK A 77 -139.38 65.72 -35.26
CA UNK A 77 -140.53 65.49 -36.13
C UNK A 77 -140.14 65.24 -37.59
N UNK A 78 -139.62 66.25 -38.27
CA UNK A 78 -139.14 66.01 -39.61
C UNK A 78 -137.80 65.30 -39.62
N UNK A 79 -137.12 65.28 -38.48
CA UNK A 79 -135.89 64.53 -38.34
C UNK A 79 -136.13 63.03 -38.47
N UNK A 80 -137.38 62.60 -38.33
CA UNK A 80 -137.77 61.31 -38.90
C UNK A 80 -137.44 61.26 -40.37
N UNK A 81 -138.04 62.18 -41.14
CA UNK A 81 -137.93 62.13 -42.60
C UNK A 81 -136.52 62.38 -43.09
N UNK A 82 -135.67 62.95 -42.24
CA UNK A 82 -134.30 63.25 -42.62
C UNK A 82 -133.54 62.00 -43.03
N UNK A 83 -133.31 61.11 -42.07
CA UNK A 83 -132.70 59.86 -42.46
C UNK A 83 -133.70 58.97 -43.17
N UNK A 84 -135.01 59.24 -43.05
CA UNK A 84 -135.93 58.41 -43.81
C UNK A 84 -135.88 58.67 -45.30
N UNK A 85 -135.24 59.74 -45.72
CA UNK A 85 -134.87 59.87 -47.12
C UNK A 85 -133.42 59.51 -47.36
N UNK A 86 -132.56 59.86 -46.41
CA UNK A 86 -131.14 59.64 -46.60
C UNK A 86 -130.83 58.16 -46.70
N UNK A 87 -131.59 57.33 -45.99
CA UNK A 87 -131.34 55.91 -45.97
C UNK A 87 -131.65 55.29 -47.31
N UNK A 88 -132.77 55.66 -47.92
CA UNK A 88 -133.10 55.09 -49.21
C UNK A 88 -132.15 55.61 -50.27
N UNK A 89 -131.63 56.82 -50.11
CA UNK A 89 -130.56 57.26 -50.99
C UNK A 89 -129.34 56.38 -50.84
N UNK A 90 -128.97 56.13 -49.58
CA UNK A 90 -127.79 55.33 -49.25
C UNK A 90 -127.93 53.92 -49.75
N UNK A 91 -129.16 53.42 -49.78
CA UNK A 91 -129.43 52.19 -50.50
C UNK A 91 -129.09 52.38 -51.94
N UNK A 92 -129.88 53.21 -52.61
CA UNK A 92 -130.03 53.13 -54.05
C UNK A 92 -128.72 53.45 -54.73
N UNK A 93 -128.18 54.62 -54.45
CA UNK A 93 -126.88 54.93 -55.01
C UNK A 93 -125.80 54.18 -54.25
N UNK A 94 -125.68 54.52 -52.96
CA UNK A 94 -124.37 54.57 -52.32
C UNK A 94 -123.76 53.21 -52.17
N UNK A 95 -124.56 52.14 -52.23
CA UNK A 95 -123.93 50.86 -52.45
C UNK A 95 -124.63 49.88 -53.38
N UNK A 96 -125.96 49.80 -53.31
CA UNK A 96 -126.61 48.50 -53.06
C UNK A 96 -126.33 47.43 -54.08
N UNK A 97 -126.20 47.77 -55.36
CA UNK A 97 -126.52 46.81 -56.41
C UNK A 97 -125.47 45.73 -56.56
N UNK A 98 -125.90 44.58 -57.11
CA UNK A 98 -125.01 43.47 -57.43
C UNK A 98 -125.71 42.51 -58.39
N UNK A 99 -125.11 42.27 -59.56
CA UNK A 99 -125.22 41.07 -60.41
C UNK A 99 -124.29 41.24 -61.62
N UNK A 100 -124.39 40.30 -62.55
CA UNK A 100 -124.02 40.46 -63.95
C UNK A 100 -125.16 41.05 -64.76
N UNK A 101 -126.01 41.78 -64.08
CA UNK A 101 -126.95 42.64 -64.75
C UNK A 101 -126.25 43.72 -65.55
N UNK A 102 -124.95 43.94 -65.33
CA UNK A 102 -124.14 44.65 -66.32
C UNK A 102 -124.26 43.99 -67.68
N UNK A 103 -124.10 42.67 -67.71
CA UNK A 103 -124.24 41.97 -68.97
C UNK A 103 -125.67 41.94 -69.41
N UNK A 104 -126.61 42.10 -68.50
CA UNK A 104 -127.93 42.42 -68.98
C UNK A 104 -127.95 43.81 -69.58
N UNK A 105 -127.30 44.73 -68.92
CA UNK A 105 -127.63 46.13 -69.03
C UNK A 105 -127.04 46.74 -70.28
N UNK A 106 -125.94 46.18 -70.75
CA UNK A 106 -125.58 46.38 -72.14
C UNK A 106 -126.68 45.68 -72.90
N UNK A 107 -127.51 46.46 -73.58
CA UNK A 107 -128.82 46.00 -74.02
C UNK A 107 -128.69 44.94 -75.09
N UNK A 108 -128.07 45.33 -76.20
CA UNK A 108 -128.08 44.58 -77.45
C UNK A 108 -129.51 44.15 -77.74
N UNK A 109 -130.36 45.16 -77.81
CA UNK A 109 -131.78 45.03 -77.58
C UNK A 109 -132.51 44.23 -78.64
N UNK A 110 -131.79 43.70 -79.64
CA UNK A 110 -132.31 42.59 -80.41
C UNK A 110 -132.82 41.55 -79.45
N UNK A 111 -134.14 41.44 -79.43
CA UNK A 111 -134.80 40.69 -78.39
C UNK A 111 -134.49 39.21 -78.50
N UNK A 112 -134.07 38.78 -79.67
CA UNK A 112 -133.47 37.47 -79.78
C UNK A 112 -132.19 37.39 -78.97
N UNK A 113 -131.38 38.44 -78.97
CA UNK A 113 -130.18 38.34 -78.15
C UNK A 113 -130.53 38.49 -76.67
N UNK A 114 -131.60 39.22 -76.37
CA UNK A 114 -132.13 39.19 -75.02
C UNK A 114 -132.57 37.80 -74.65
N UNK A 115 -133.20 37.10 -75.58
CA UNK A 115 -133.57 35.72 -75.37
C UNK A 115 -132.35 34.83 -75.27
N UNK A 116 -131.24 35.24 -75.85
CA UNK A 116 -130.03 34.47 -75.66
C UNK A 116 -129.55 34.60 -74.24
N UNK A 117 -129.66 35.80 -73.70
CA UNK A 117 -129.36 35.96 -72.27
C UNK A 117 -130.34 35.17 -71.44
N UNK A 118 -131.58 35.10 -71.88
CA UNK A 118 -132.61 34.43 -71.12
C UNK A 118 -132.36 32.94 -71.12
N UNK A 119 -132.00 32.39 -72.25
CA UNK A 119 -131.67 30.98 -72.31
C UNK A 119 -130.40 30.71 -71.55
N UNK A 120 -129.53 31.70 -71.43
CA UNK A 120 -128.34 31.49 -70.64
C UNK A 120 -128.67 31.40 -69.17
N UNK A 121 -129.44 32.36 -68.65
CA UNK A 121 -129.79 32.33 -67.24
C UNK A 121 -130.67 31.15 -66.91
N UNK A 122 -131.57 30.80 -67.81
CA UNK A 122 -132.44 29.66 -67.56
C UNK A 122 -131.73 28.36 -67.84
N UNK A 123 -130.63 28.11 -67.13
CA UNK A 123 -130.18 26.76 -66.79
C UNK A 123 -129.24 26.86 -65.60
N UNK A 124 -129.74 26.66 -64.38
CA UNK A 124 -129.08 25.82 -63.37
C UNK A 124 -129.98 25.23 -62.30
N UNK A 125 -131.09 25.90 -61.99
CA UNK A 125 -131.76 25.78 -60.70
C UNK A 125 -133.27 25.70 -60.94
N UNK A 126 -134.06 25.89 -59.91
CA UNK A 126 -135.49 25.76 -60.06
C UNK A 126 -136.20 27.07 -59.78
N UNK A 127 -137.34 27.24 -60.48
CA UNK A 127 -137.87 28.55 -60.86
C UNK A 127 -138.10 29.47 -59.70
N UNK A 128 -138.30 28.93 -58.52
CA UNK A 128 -138.38 29.80 -57.37
C UNK A 128 -137.01 30.31 -56.97
N UNK A 129 -136.01 29.43 -56.98
CA UNK A 129 -134.67 29.92 -56.77
C UNK A 129 -134.29 30.87 -57.88
N UNK A 130 -134.81 30.61 -59.07
CA UNK A 130 -134.57 31.53 -60.16
C UNK A 130 -135.23 32.86 -59.92
N UNK A 131 -136.39 32.86 -59.29
CA UNK A 131 -137.10 34.11 -59.13
C UNK A 131 -136.42 34.98 -58.09
N UNK A 132 -135.93 34.37 -57.03
CA UNK A 132 -135.21 35.17 -56.04
C UNK A 132 -133.90 35.68 -56.62
N UNK A 133 -133.24 34.87 -57.45
CA UNK A 133 -132.07 35.39 -58.14
C UNK A 133 -132.46 36.52 -59.07
N UNK A 134 -133.65 36.46 -59.65
CA UNK A 134 -134.07 37.54 -60.51
C UNK A 134 -134.28 38.81 -59.72
N UNK A 135 -134.76 38.68 -58.49
CA UNK A 135 -134.89 39.88 -57.68
C UNK A 135 -133.53 40.42 -57.32
N UNK A 136 -132.56 39.55 -57.16
CA UNK A 136 -131.22 40.06 -56.98
C UNK A 136 -130.66 40.66 -58.25
N UNK A 137 -131.21 40.30 -59.38
CA UNK A 137 -130.86 41.02 -60.60
C UNK A 137 -131.64 42.31 -60.73
N UNK A 138 -132.69 42.49 -59.93
CA UNK A 138 -133.50 43.69 -60.02
C UNK A 138 -132.89 44.84 -59.27
N UNK A 139 -131.58 44.87 -59.12
CA UNK A 139 -130.87 45.99 -58.54
C UNK A 139 -130.31 46.87 -59.65
N UNK A 140 -131.20 47.64 -60.27
CA UNK A 140 -130.79 48.69 -61.20
C UNK A 140 -131.19 50.09 -60.75
N UNK A 141 -132.48 50.38 -60.57
CA UNK A 141 -132.73 51.74 -60.12
C UNK A 141 -133.81 52.01 -59.07
N UNK A 142 -135.01 51.49 -59.27
CA UNK A 142 -136.19 52.10 -58.68
C UNK A 142 -136.44 51.57 -57.28
N UNK A 143 -137.23 52.32 -56.51
CA UNK A 143 -137.69 51.80 -55.23
C UNK A 143 -139.19 51.82 -55.14
N UNK A 144 -139.79 52.94 -55.55
CA UNK A 144 -141.24 52.98 -55.64
C UNK A 144 -141.74 52.14 -56.79
N UNK A 145 -141.03 52.15 -57.90
CA UNK A 145 -141.38 51.35 -59.05
C UNK A 145 -140.66 50.04 -59.09
N UNK A 146 -139.76 49.81 -58.15
CA UNK A 146 -139.34 48.45 -57.87
C UNK A 146 -140.54 47.57 -57.66
N UNK A 147 -141.45 48.03 -56.81
CA UNK A 147 -142.68 47.32 -56.57
C UNK A 147 -143.53 47.22 -57.81
N UNK A 148 -143.54 48.24 -58.64
CA UNK A 148 -144.35 48.18 -59.83
C UNK A 148 -143.79 47.18 -60.82
N UNK A 149 -142.47 47.08 -60.88
CA UNK A 149 -141.84 46.10 -61.75
C UNK A 149 -142.23 44.71 -61.32
N UNK A 150 -142.17 44.46 -60.03
CA UNK A 150 -142.54 43.14 -59.58
C UNK A 150 -144.03 42.92 -59.73
N UNK A 151 -144.83 43.98 -59.65
CA UNK A 151 -146.25 43.87 -59.85
C UNK A 151 -146.55 43.46 -61.27
N UNK A 152 -145.88 44.10 -62.20
CA UNK A 152 -146.10 43.80 -63.59
C UNK A 152 -145.60 42.41 -63.92
N UNK A 153 -144.49 42.02 -63.33
CA UNK A 153 -143.93 40.73 -63.71
C UNK A 153 -144.75 39.61 -63.11
N UNK A 154 -145.24 39.80 -61.90
CA UNK A 154 -146.12 38.80 -61.32
C UNK A 154 -147.38 38.69 -62.15
N UNK A 155 -147.84 39.82 -62.68
CA UNK A 155 -148.95 39.80 -63.60
C UNK A 155 -148.59 39.04 -64.86
N UNK A 156 -147.36 39.17 -65.31
CA UNK A 156 -146.96 38.51 -66.54
C UNK A 156 -146.97 37.03 -66.33
N UNK A 157 -146.45 36.59 -65.18
CA UNK A 157 -146.39 35.18 -64.89
C UNK A 157 -147.79 34.61 -64.80
N UNK A 158 -148.69 35.42 -64.26
CA UNK A 158 -150.08 35.05 -64.23
C UNK A 158 -150.61 34.88 -65.63
N UNK A 159 -150.19 35.75 -66.54
CA UNK A 159 -150.65 35.60 -67.92
C UNK A 159 -150.01 34.41 -68.57
N UNK A 160 -148.81 34.07 -68.11
CA UNK A 160 -148.07 32.99 -68.74
C UNK A 160 -148.76 31.68 -68.51
N UNK A 161 -149.05 31.39 -67.26
CA UNK A 161 -149.88 30.22 -67.03
C UNK A 161 -151.29 30.45 -67.47
N UNK A 162 -151.72 31.70 -67.49
CA UNK A 162 -153.04 32.07 -67.94
C UNK A 162 -152.99 32.44 -69.40
N UNK A 163 -152.35 31.60 -70.19
CA UNK A 163 -152.55 31.63 -71.62
C UNK A 163 -153.59 30.57 -71.94
N UNK A 164 -153.83 30.39 -73.22
CA UNK A 164 -154.25 29.09 -73.72
C UNK A 164 -153.26 28.68 -74.79
N UNK A 165 -152.04 29.18 -74.66
CA UNK A 165 -150.90 28.68 -75.42
C UNK A 165 -150.46 27.35 -74.84
N UNK A 166 -151.35 26.38 -74.92
CA UNK A 166 -151.30 25.23 -74.03
C UNK A 166 -150.50 24.10 -74.64
N UNK A 167 -149.30 24.38 -75.07
CA UNK A 167 -148.47 23.31 -75.56
C UNK A 167 -147.00 23.51 -75.26
N UNK A 168 -146.62 24.53 -74.51
CA UNK A 168 -145.22 24.72 -74.23
C UNK A 168 -144.76 23.71 -73.20
N UNK A 169 -143.47 23.47 -73.16
CA UNK A 169 -142.94 22.78 -72.02
C UNK A 169 -143.06 23.69 -70.81
N UNK A 170 -143.05 23.08 -69.63
CA UNK A 170 -143.00 23.87 -68.42
C UNK A 170 -141.73 24.70 -68.38
N UNK A 171 -140.64 24.15 -68.84
CA UNK A 171 -139.46 24.96 -68.97
C UNK A 171 -139.59 25.95 -70.10
N UNK A 172 -140.38 25.63 -71.11
CA UNK A 172 -140.54 26.61 -72.18
C UNK A 172 -141.33 27.80 -71.69
N UNK A 173 -142.42 27.54 -70.99
CA UNK A 173 -143.20 28.60 -70.42
C UNK A 173 -142.39 29.35 -69.39
N UNK A 174 -141.50 28.67 -68.71
CA UNK A 174 -140.63 29.34 -67.78
C UNK A 174 -139.70 30.28 -68.49
N UNK A 175 -139.20 29.88 -69.66
CA UNK A 175 -138.36 30.80 -70.41
C UNK A 175 -139.14 31.99 -70.85
N UNK A 176 -140.38 31.78 -71.25
CA UNK A 176 -141.21 32.88 -71.67
C UNK A 176 -141.46 33.85 -70.52
N UNK A 177 -141.70 33.31 -69.33
CA UNK A 177 -142.04 34.16 -68.21
C UNK A 177 -140.83 34.92 -67.73
N UNK A 178 -139.68 34.26 -67.67
CA UNK A 178 -138.49 34.95 -67.26
C UNK A 178 -138.08 35.97 -68.30
N UNK A 179 -138.40 35.70 -69.56
CA UNK A 179 -138.11 36.65 -70.61
C UNK A 179 -138.87 37.94 -70.40
N UNK A 180 -140.18 37.82 -70.16
CA UNK A 180 -140.99 39.02 -69.95
C UNK A 180 -140.54 39.77 -68.73
N UNK A 181 -140.11 39.05 -67.70
CA UNK A 181 -139.69 39.72 -66.49
C UNK A 181 -138.42 40.50 -66.71
N UNK A 182 -137.41 39.86 -67.28
CA UNK A 182 -136.19 40.60 -67.54
C UNK A 182 -136.43 41.67 -68.60
N UNK A 183 -137.41 41.49 -69.46
CA UNK A 183 -137.67 42.48 -70.49
C UNK A 183 -138.21 43.76 -69.90
N UNK A 184 -139.21 43.64 -69.05
CA UNK A 184 -139.78 44.84 -68.49
C UNK A 184 -138.80 45.49 -67.53
N UNK A 185 -137.91 44.69 -66.97
CA UNK A 185 -136.79 45.29 -66.27
C UNK A 185 -135.96 46.12 -67.22
N UNK A 186 -135.76 45.64 -68.44
CA UNK A 186 -134.93 46.38 -69.36
C UNK A 186 -135.61 47.66 -69.81
N UNK A 187 -136.92 47.63 -70.00
CA UNK A 187 -137.62 48.84 -70.38
C UNK A 187 -137.63 49.86 -69.27
N UNK A 188 -137.58 49.40 -68.03
CA UNK A 188 -137.34 50.33 -66.94
C UNK A 188 -135.97 50.94 -67.04
N UNK A 189 -134.99 50.13 -67.44
CA UNK A 189 -133.62 50.65 -67.53
C UNK A 189 -133.50 51.71 -68.59
N UNK A 190 -134.32 51.62 -69.62
CA UNK A 190 -134.32 52.68 -70.62
C UNK A 190 -135.12 53.88 -70.14
N UNK A 191 -136.41 53.69 -69.91
CA UNK A 191 -137.27 54.84 -69.60
C UNK A 191 -137.13 55.31 -68.15
N UNK A 192 -150.02 -2.94 -49.73
CA UNK A 192 -150.97 -2.02 -49.16
C UNK A 192 -150.28 -1.06 -48.23
N UNK A 193 -149.58 -1.61 -47.26
CA UNK A 193 -148.99 -0.82 -46.22
C UNK A 193 -147.48 -0.95 -46.20
N UNK A 194 -146.86 -0.99 -47.36
CA UNK A 194 -145.44 -0.69 -47.46
C UNK A 194 -145.24 0.79 -47.72
N UNK A 195 -145.83 1.60 -46.85
CA UNK A 195 -145.57 3.02 -46.68
C UNK A 195 -144.46 3.25 -45.68
N UNK A 196 -143.95 2.15 -45.15
CA UNK A 196 -142.78 2.23 -44.31
C UNK A 196 -141.63 2.83 -45.06
N UNK A 197 -141.59 2.61 -46.36
CA UNK A 197 -140.63 3.32 -47.16
C UNK A 197 -140.92 4.80 -47.22
N UNK A 198 -142.19 5.19 -47.15
CA UNK A 198 -142.48 6.62 -47.24
C UNK A 198 -141.87 7.32 -46.04
N UNK A 199 -142.05 6.73 -44.89
CA UNK A 199 -141.40 7.32 -43.74
C UNK A 199 -139.92 7.14 -43.78
N UNK A 200 -139.42 6.06 -44.37
CA UNK A 200 -137.98 5.85 -44.36
C UNK A 200 -137.28 6.83 -45.25
N UNK A 201 -137.83 7.02 -46.43
CA UNK A 201 -137.24 7.92 -47.37
C UNK A 201 -137.38 9.34 -46.89
N UNK A 202 -138.55 9.69 -46.37
CA UNK A 202 -138.69 11.04 -45.88
C UNK A 202 -137.77 11.28 -44.70
N UNK A 203 -137.48 10.25 -43.93
CA UNK A 203 -136.62 10.41 -42.77
C UNK A 203 -135.20 10.66 -43.20
N UNK A 204 -134.71 9.86 -44.15
CA UNK A 204 -133.36 10.07 -44.66
C UNK A 204 -133.25 11.42 -45.31
N UNK A 205 -134.28 11.82 -46.03
CA UNK A 205 -134.27 13.10 -46.66
C UNK A 205 -134.20 14.19 -45.63
N UNK A 206 -135.11 14.22 -44.69
CA UNK A 206 -135.16 15.36 -43.79
C UNK A 206 -133.98 15.40 -42.88
N UNK A 207 -133.31 14.30 -42.66
CA UNK A 207 -132.02 14.41 -42.03
C UNK A 207 -131.06 15.14 -42.93
N UNK A 208 -131.05 14.79 -44.21
CA UNK A 208 -130.10 15.43 -45.10
C UNK A 208 -130.43 16.90 -45.30
N UNK A 209 -131.69 17.21 -45.47
CA UNK A 209 -132.06 18.58 -45.69
C UNK A 209 -131.97 19.38 -44.40
N UNK A 210 -132.02 18.78 -43.23
CA UNK A 210 -131.83 19.58 -42.01
C UNK A 210 -130.39 19.93 -41.84
N UNK A 211 -129.52 18.94 -41.95
CA UNK A 211 -128.11 19.23 -41.82
C UNK A 211 -127.61 20.10 -42.95
N UNK A 212 -128.31 20.13 -44.07
CA UNK A 212 -128.06 21.20 -45.01
C UNK A 212 -128.53 22.52 -44.43
N UNK A 213 -129.81 22.66 -44.24
CA UNK A 213 -130.38 23.99 -44.10
C UNK A 213 -130.11 24.63 -42.77
N UNK A 214 -129.46 23.96 -41.84
CA UNK A 214 -129.10 24.69 -40.64
C UNK A 214 -127.73 25.32 -40.81
N UNK A 215 -126.70 24.47 -40.83
CA UNK A 215 -125.31 24.85 -41.05
C UNK A 215 -124.88 26.06 -40.22
N UNK A 216 -125.16 26.00 -38.91
CA UNK A 216 -124.64 27.01 -37.97
C UNK A 216 -124.62 26.35 -36.59
N UNK A 217 -123.47 25.85 -36.18
CA UNK A 217 -123.38 24.81 -35.15
C UNK A 217 -122.98 25.37 -33.79
N UNK A 218 -123.94 25.38 -32.87
CA UNK A 218 -123.72 25.61 -31.46
C UNK A 218 -124.63 24.67 -30.68
N UNK A 219 -124.47 24.65 -29.36
CA UNK A 219 -124.91 23.54 -28.53
C UNK A 219 -126.12 23.85 -27.65
N UNK A 220 -126.03 24.84 -26.75
CA UNK A 220 -127.14 25.63 -26.19
C UNK A 220 -128.49 24.93 -25.94
N UNK A 221 -128.52 23.93 -25.06
CA UNK A 221 -129.34 22.73 -25.21
C UNK A 221 -130.83 22.99 -25.41
N UNK A 222 -131.49 23.52 -24.40
CA UNK A 222 -132.93 23.72 -24.54
C UNK A 222 -133.22 24.82 -25.53
N UNK A 223 -132.35 25.81 -25.59
CA UNK A 223 -132.49 26.84 -26.59
C UNK A 223 -132.20 26.31 -27.96
N UNK A 224 -131.32 25.32 -28.03
CA UNK A 224 -131.14 24.63 -29.30
C UNK A 224 -132.43 23.98 -29.73
N UNK A 225 -133.17 23.39 -28.78
CA UNK A 225 -134.45 22.78 -29.12
C UNK A 225 -135.42 23.81 -29.67
N UNK A 226 -135.62 24.88 -28.92
CA UNK A 226 -136.65 25.84 -29.28
C UNK A 226 -136.31 26.56 -30.56
N UNK A 227 -135.17 27.22 -30.59
CA UNK A 227 -134.87 28.01 -31.75
C UNK A 227 -134.43 27.15 -32.91
N UNK A 228 -134.08 25.90 -32.71
CA UNK A 228 -133.71 25.12 -33.87
C UNK A 228 -134.94 24.71 -34.62
N UNK A 229 -136.00 24.35 -33.90
CA UNK A 229 -137.25 24.11 -34.61
C UNK A 229 -137.72 25.39 -35.25
N UNK A 230 -137.54 26.52 -34.56
CA UNK A 230 -137.96 27.81 -35.10
C UNK A 230 -137.20 28.15 -36.36
N UNK A 231 -135.88 28.10 -36.29
CA UNK A 231 -135.05 28.55 -37.39
C UNK A 231 -135.17 27.63 -38.56
N UNK A 232 -135.30 26.33 -38.33
CA UNK A 232 -135.45 25.44 -39.46
C UNK A 232 -136.77 25.69 -40.14
N UNK A 233 -137.80 25.99 -39.36
CA UNK A 233 -139.02 26.41 -40.02
C UNK A 233 -138.86 27.76 -40.65
N UNK A 234 -137.97 28.58 -40.12
CA UNK A 234 -137.84 29.93 -40.63
C UNK A 234 -137.17 29.89 -41.97
N UNK A 235 -135.98 29.39 -42.00
CA UNK A 235 -135.15 29.21 -43.15
C UNK A 235 -135.59 28.17 -43.95
N UNK A 236 -136.73 27.55 -43.68
CA UNK A 236 -137.51 26.86 -44.68
C UNK A 236 -138.16 27.87 -45.61
N UNK A 237 -139.06 27.38 -46.41
CA UNK A 237 -139.67 28.23 -47.41
C UNK A 237 -140.57 29.27 -46.79
N UNK A 238 -140.67 30.41 -47.46
CA UNK A 238 -141.53 31.50 -47.05
C UNK A 238 -141.75 32.37 -48.28
N UNK A 239 -142.14 33.60 -48.04
CA UNK A 239 -142.56 34.50 -49.09
C UNK A 239 -142.01 35.90 -48.88
N UNK A 240 -140.69 36.04 -48.68
CA UNK A 240 -140.20 37.30 -48.14
C UNK A 240 -140.07 38.42 -49.19
N UNK A 241 -139.05 38.35 -50.04
CA UNK A 241 -138.86 39.22 -51.22
C UNK A 241 -138.98 40.73 -50.95
N UNK A 242 -138.03 41.28 -50.21
CA UNK A 242 -138.06 42.71 -49.92
C UNK A 242 -136.67 43.21 -49.56
N UNK A 243 -136.29 44.40 -50.08
CA UNK A 243 -134.96 44.94 -49.76
C UNK A 243 -134.94 46.46 -49.61
N UNK A 244 -135.94 47.07 -48.95
CA UNK A 244 -135.92 48.50 -48.62
C UNK A 244 -136.95 48.80 -47.53
N UNK A 245 -136.60 49.68 -46.60
CA UNK A 245 -137.41 49.82 -45.39
C UNK A 245 -138.07 51.18 -45.30
N UNK A 246 -139.13 51.21 -44.50
CA UNK A 246 -139.70 52.43 -43.99
C UNK A 246 -138.91 52.94 -42.81
N UNK A 247 -138.06 52.08 -42.23
CA UNK A 247 -137.49 52.26 -40.91
C UNK A 247 -138.59 52.70 -39.95
N UNK A 248 -139.66 51.93 -39.93
CA UNK A 248 -140.90 52.35 -39.26
C UNK A 248 -140.91 51.94 -37.80
N UNK A 249 -140.82 50.62 -37.55
CA UNK A 249 -140.56 50.02 -36.23
C UNK A 249 -141.68 50.29 -35.22
N UNK A 250 -142.92 50.16 -35.69
CA UNK A 250 -144.08 50.09 -34.81
C UNK A 250 -144.84 48.83 -35.14
N UNK A 251 -144.11 47.72 -35.26
CA UNK A 251 -144.68 46.38 -35.37
C UNK A 251 -143.81 45.44 -34.56
N UNK A 252 -144.45 44.51 -33.86
CA UNK A 252 -143.75 43.59 -32.97
C UNK A 252 -144.04 42.17 -33.44
N UNK A 253 -143.25 41.69 -34.40
CA UNK A 253 -143.37 40.34 -34.96
C UNK A 253 -142.69 39.34 -34.04
N UNK A 254 -142.38 38.16 -34.58
CA UNK A 254 -141.80 37.08 -33.78
C UNK A 254 -140.46 37.48 -33.18
N UNK A 255 -140.30 37.19 -31.90
CA UNK A 255 -139.12 37.57 -31.16
C UNK A 255 -138.00 36.58 -31.30
N UNK A 256 -137.99 35.81 -32.40
CA UNK A 256 -136.93 34.86 -32.68
C UNK A 256 -135.57 35.55 -32.68
N UNK A 257 -135.45 36.57 -33.51
CA UNK A 257 -134.24 37.37 -33.51
C UNK A 257 -134.08 38.17 -32.25
N UNK A 258 -135.15 38.40 -31.50
CA UNK A 258 -135.00 39.15 -30.27
C UNK A 258 -134.33 38.31 -29.21
N UNK A 259 -134.68 37.04 -29.13
CA UNK A 259 -133.97 36.13 -28.23
C UNK A 259 -132.56 35.87 -28.72
N UNK A 260 -132.39 35.82 -30.03
CA UNK A 260 -131.04 35.77 -30.58
C UNK A 260 -130.28 37.04 -30.25
N UNK A 261 -130.97 38.17 -30.21
CA UNK A 261 -130.33 39.41 -29.88
C UNK A 261 -130.00 39.46 -28.42
N UNK A 262 -130.81 38.79 -27.61
CA UNK A 262 -130.48 38.63 -26.21
C UNK A 262 -129.20 37.82 -26.06
N UNK A 263 -129.07 36.76 -26.86
CA UNK A 263 -127.85 35.99 -26.86
C UNK A 263 -126.68 36.78 -27.42
N UNK A 264 -126.94 37.64 -28.40
CA UNK A 264 -125.88 38.40 -29.02
C UNK A 264 -125.38 39.49 -28.09
N UNK A 265 -126.31 40.16 -27.41
CA UNK A 265 -125.96 41.09 -26.37
C UNK A 265 -125.25 40.40 -25.23
N UNK A 266 -125.61 39.14 -24.98
CA UNK A 266 -124.88 38.38 -23.97
C UNK A 266 -123.46 38.12 -24.42
N UNK A 267 -123.28 37.87 -25.71
CA UNK A 267 -121.94 37.63 -26.22
C UNK A 267 -121.09 38.89 -26.15
N UNK A 268 -121.65 40.01 -26.61
CA UNK A 268 -120.89 41.25 -26.62
C UNK A 268 -120.71 41.80 -25.22
N UNK A 269 -121.66 41.57 -24.33
CA UNK A 269 -121.49 42.03 -22.96
C UNK A 269 -120.60 41.11 -22.18
N UNK A 270 -120.50 39.85 -22.55
CA UNK A 270 -119.55 38.96 -21.88
C UNK A 270 -118.15 39.20 -22.38
N UNK A 271 -118.02 39.46 -23.68
CA UNK A 271 -116.74 39.96 -24.17
C UNK A 271 -116.47 41.36 -23.65
N UNK A 272 -117.51 42.11 -23.33
CA UNK A 272 -117.31 43.44 -22.81
C UNK A 272 -116.89 43.39 -21.37
N UNK A 273 -117.41 42.45 -20.63
CA UNK A 273 -116.88 42.17 -19.31
C UNK A 273 -115.48 41.61 -19.42
N UNK A 274 -115.23 40.84 -20.48
CA UNK A 274 -113.92 40.25 -20.67
C UNK A 274 -112.89 41.32 -20.99
N UNK A 275 -113.24 42.24 -21.88
CA UNK A 275 -112.36 43.34 -22.18
C UNK A 275 -112.31 44.33 -21.04
N UNK A 276 -113.40 44.43 -20.29
CA UNK A 276 -113.45 45.27 -19.10
C UNK A 276 -112.45 44.75 -18.10
N UNK A 277 -112.48 43.47 -17.83
CA UNK A 277 -111.49 42.87 -16.96
C UNK A 277 -110.12 42.85 -17.59
N UNK A 278 -110.06 42.92 -18.92
CA UNK A 278 -108.76 42.95 -19.58
C UNK A 278 -108.07 44.29 -19.33
N UNK A 279 -108.80 45.38 -19.46
CA UNK A 279 -108.27 46.67 -19.04
C UNK A 279 -108.07 46.70 -17.54
N UNK A 280 -108.91 45.99 -16.82
CA UNK A 280 -108.77 45.82 -15.39
C UNK A 280 -107.83 44.69 -15.05
N UNK A 281 -106.90 44.36 -15.94
CA UNK A 281 -105.68 43.68 -15.55
C UNK A 281 -104.64 44.72 -15.07
N UNK A 282 -106.62 65.07 -24.03
CA UNK A 282 -108.00 65.44 -24.27
C UNK A 282 -108.87 64.82 -23.22
N UNK A 283 -110.17 64.77 -23.49
CA UNK A 283 -111.08 63.97 -22.67
C UNK A 283 -111.62 62.91 -23.60
N UNK A 284 -110.80 61.92 -23.86
CA UNK A 284 -111.25 60.66 -24.42
C UNK A 284 -111.48 59.68 -23.28
N UNK A 285 -112.24 60.15 -22.31
CA UNK A 285 -112.35 59.46 -21.04
C UNK A 285 -113.57 58.60 -20.94
N UNK A 286 -114.05 58.05 -22.06
CA UNK A 286 -115.17 57.10 -22.05
C UNK A 286 -114.63 55.77 -21.57
N UNK A 287 -114.35 55.70 -20.27
CA UNK A 287 -113.26 54.90 -19.76
C UNK A 287 -113.60 53.42 -19.73
N UNK A 288 -114.56 53.05 -18.91
CA UNK A 288 -114.83 51.65 -18.66
C UNK A 288 -115.79 51.03 -19.67
N UNK A 289 -116.02 51.68 -20.79
CA UNK A 289 -116.65 51.04 -21.92
C UNK A 289 -116.00 51.50 -23.20
N UNK A 290 -114.69 51.72 -23.14
CA UNK A 290 -113.96 52.25 -24.28
C UNK A 290 -113.82 51.22 -25.38
N UNK A 291 -114.92 50.91 -26.05
CA UNK A 291 -114.96 49.70 -26.85
C UNK A 291 -116.09 49.83 -27.85
N UNK A 292 -115.74 49.90 -29.12
CA UNK A 292 -116.71 49.63 -30.16
C UNK A 292 -116.69 48.13 -30.40
N UNK A 293 -117.44 47.66 -31.40
CA UNK A 293 -117.40 46.25 -31.77
C UNK A 293 -116.08 45.84 -32.39
N UNK A 294 -115.19 46.79 -32.66
CA UNK A 294 -113.81 46.51 -32.98
C UNK A 294 -112.91 46.44 -31.75
N UNK A 295 -113.47 46.17 -30.58
CA UNK A 295 -112.62 45.89 -29.44
C UNK A 295 -112.14 44.46 -29.42
N UNK A 296 -112.75 43.61 -30.24
CA UNK A 296 -112.34 42.21 -30.36
C UNK A 296 -110.88 42.10 -30.74
N UNK A 297 -110.47 42.87 -31.75
CA UNK A 297 -109.09 42.90 -32.21
C UNK A 297 -108.15 43.35 -31.11
N UNK A 298 -108.61 44.28 -30.26
CA UNK A 298 -107.81 44.71 -29.12
C UNK A 298 -107.54 43.56 -28.19
N UNK A 299 -108.60 42.80 -27.88
CA UNK A 299 -108.48 41.67 -26.98
C UNK A 299 -107.51 40.65 -27.53
N UNK A 300 -107.64 40.37 -28.82
CA UNK A 300 -106.89 39.28 -29.44
C UNK A 300 -105.40 39.60 -29.51
N UNK A 301 -105.07 40.78 -30.02
CA UNK A 301 -103.67 41.13 -30.17
C UNK A 301 -103.01 41.32 -28.81
N UNK A 302 -103.78 41.74 -27.81
CA UNK A 302 -103.28 41.71 -26.44
C UNK A 302 -102.94 40.29 -26.03
N UNK A 303 -103.85 39.36 -26.32
CA UNK A 303 -103.69 37.97 -25.91
C UNK A 303 -102.47 37.34 -26.56
N UNK A 304 -102.34 37.49 -27.86
CA UNK A 304 -101.23 36.84 -28.55
C UNK A 304 -99.93 37.56 -28.34
N UNK A 305 -99.96 38.86 -28.02
CA UNK A 305 -98.71 39.56 -27.77
C UNK A 305 -98.14 39.14 -26.43
N UNK A 306 -98.99 39.08 -25.41
CA UNK A 306 -98.56 38.56 -24.14
C UNK A 306 -98.23 37.08 -24.26
N UNK A 307 -98.92 36.38 -25.16
CA UNK A 307 -98.54 35.01 -25.46
C UNK A 307 -97.21 34.94 -26.20
N UNK A 308 -96.86 35.98 -26.94
CA UNK A 308 -95.64 35.95 -27.72
C UNK A 308 -94.43 36.07 -26.82
N UNK A 309 -94.46 37.07 -25.95
CA UNK A 309 -93.46 37.08 -24.89
C UNK A 309 -93.63 35.91 -23.93
N UNK A 310 -94.82 35.30 -23.86
CA UNK A 310 -94.99 34.17 -22.95
C UNK A 310 -94.37 32.92 -23.53
N UNK A 311 -94.47 32.74 -24.83
CA UNK A 311 -93.78 31.64 -25.46
C UNK A 311 -92.31 31.91 -25.54
N UNK A 312 -91.92 33.18 -25.54
CA UNK A 312 -90.51 33.54 -25.39
C UNK A 312 -89.99 33.07 -24.05
N UNK A 313 -90.77 33.32 -23.00
CA UNK A 313 -90.48 32.76 -21.69
C UNK A 313 -90.43 31.24 -21.74
N UNK A 314 -91.38 30.64 -22.44
CA UNK A 314 -91.43 29.19 -22.56
C UNK A 314 -90.19 28.64 -23.24
N UNK A 315 -89.73 29.32 -24.28
CA UNK A 315 -88.61 28.85 -25.07
C UNK A 315 -87.29 29.04 -24.36
N UNK A 316 -87.14 30.17 -23.69
CA UNK A 316 -85.89 30.44 -22.98
C UNK A 316 -85.78 29.54 -21.76
N UNK A 317 -86.82 29.48 -20.95
CA UNK A 317 -86.85 28.57 -19.82
C UNK A 317 -86.97 27.10 -20.23
N UNK A 318 -87.18 26.80 -21.51
CA UNK A 318 -87.34 25.41 -21.93
C UNK A 318 -86.04 24.63 -21.81
N UNK A 319 -85.02 24.99 -22.58
CA UNK A 319 -83.84 24.13 -22.68
C UNK A 319 -82.61 24.99 -22.95
N UNK A 320 -81.52 24.33 -23.35
CA UNK A 320 -80.15 24.81 -23.17
C UNK A 320 -79.74 25.86 -24.21
N UNK A 321 -78.41 26.04 -24.33
CA UNK A 321 -77.73 27.27 -24.72
C UNK A 321 -78.19 27.85 -26.04
N UNK A 322 -78.88 28.99 -25.94
CA UNK A 322 -79.36 29.78 -27.07
C UNK A 322 -79.93 31.08 -26.53
N UNK A 323 -79.68 32.16 -27.25
CA UNK A 323 -80.49 33.37 -27.13
C UNK A 323 -80.78 33.98 -28.49
N UNK A 324 -80.29 33.38 -29.58
CA UNK A 324 -80.73 33.76 -30.91
C UNK A 324 -82.17 33.37 -31.14
N UNK A 325 -82.64 32.32 -30.46
CA UNK A 325 -84.06 32.04 -30.41
C UNK A 325 -84.82 33.18 -29.75
N UNK A 326 -84.28 33.72 -28.66
CA UNK A 326 -84.96 34.83 -28.01
C UNK A 326 -84.88 36.11 -28.84
N UNK A 327 -83.81 36.29 -29.60
CA UNK A 327 -83.75 37.41 -30.51
C UNK A 327 -84.79 37.27 -31.61
N UNK A 328 -85.03 36.03 -32.04
CA UNK A 328 -86.15 35.79 -32.94
C UNK A 328 -87.47 36.12 -32.27
N UNK A 329 -87.55 35.87 -30.97
CA UNK A 329 -88.75 36.29 -30.26
C UNK A 329 -88.82 37.81 -30.13
N UNK A 330 -87.68 38.49 -30.24
CA UNK A 330 -87.71 39.94 -30.27
C UNK A 330 -88.27 40.47 -31.58
N UNK A 331 -88.46 39.62 -32.58
CA UNK A 331 -89.29 39.92 -33.75
C UNK A 331 -90.69 39.33 -33.65
N UNK A 332 -90.82 38.21 -32.95
CA UNK A 332 -92.13 37.63 -32.69
C UNK A 332 -93.01 38.59 -31.90
N UNK A 333 -92.40 39.31 -30.96
CA UNK A 333 -93.09 40.42 -30.33
C UNK A 333 -93.33 41.54 -31.33
N UNK A 334 -92.35 41.79 -32.21
CA UNK A 334 -92.36 42.99 -33.04
C UNK A 334 -93.47 42.97 -34.07
N UNK A 335 -93.98 41.79 -34.37
CA UNK A 335 -95.11 41.68 -35.29
C UNK A 335 -96.39 42.31 -34.74
N UNK A 336 -96.45 42.67 -33.45
CA UNK A 336 -97.67 43.15 -32.81
C UNK A 336 -97.93 44.64 -33.02
N UNK A 337 -96.97 45.37 -33.57
CA UNK A 337 -97.12 46.80 -33.81
C UNK A 337 -98.10 47.11 -34.93
N UNK A 338 -98.54 46.11 -35.68
CA UNK A 338 -99.15 46.35 -36.99
C UNK A 338 -100.59 46.83 -36.87
N UNK A 339 -101.43 46.08 -36.18
CA UNK A 339 -102.86 46.29 -36.27
C UNK A 339 -103.37 47.31 -35.30
N UNK A 340 -102.58 48.32 -34.95
CA UNK A 340 -103.08 49.38 -34.08
C UNK A 340 -103.74 50.52 -34.83
N UNK A 341 -103.63 50.57 -36.15
CA UNK A 341 -104.31 51.63 -36.90
C UNK A 341 -105.74 51.23 -37.21
N UNK A 342 -105.89 50.18 -38.04
CA UNK A 342 -106.94 49.16 -38.02
C UNK A 342 -108.30 49.61 -37.54
N UNK A 343 -108.80 50.71 -38.10
CA UNK A 343 -110.08 51.33 -37.71
C UNK A 343 -110.12 51.62 -36.23
N UNK A 344 -108.99 52.07 -35.68
CA UNK A 344 -108.88 52.41 -34.26
C UNK A 344 -109.38 53.82 -33.98
N UNK A 345 -110.68 54.00 -34.20
CA UNK A 345 -111.22 55.33 -34.45
C UNK A 345 -111.28 56.20 -33.22
N UNK A 346 -111.24 55.62 -32.03
CA UNK A 346 -111.32 56.44 -30.83
C UNK A 346 -109.99 57.09 -30.55
N UNK A 347 -110.03 58.12 -29.74
CA UNK A 347 -108.83 58.60 -29.07
C UNK A 347 -108.63 57.90 -27.74
N UNK A 348 -109.53 56.97 -27.40
CA UNK A 348 -109.49 56.19 -26.18
C UNK A 348 -109.07 54.76 -26.39
N UNK A 349 -109.43 54.18 -27.53
CA UNK A 349 -109.24 52.76 -27.77
C UNK A 349 -107.77 52.40 -27.77
N UNK A 350 -107.02 52.97 -28.72
CA UNK A 350 -105.62 52.64 -28.87
C UNK A 350 -104.83 53.04 -27.65
N UNK A 351 -105.12 54.22 -27.12
CA UNK A 351 -104.37 54.77 -26.00
C UNK A 351 -104.55 53.92 -24.75
N UNK A 352 -105.80 53.82 -24.28
CA UNK A 352 -106.09 53.09 -23.07
C UNK A 352 -105.78 51.61 -23.21
N UNK A 353 -105.99 51.04 -24.40
CA UNK A 353 -105.77 49.61 -24.56
C UNK A 353 -104.31 49.27 -24.49
N UNK A 354 -103.48 50.06 -25.18
CA UNK A 354 -102.04 49.86 -25.12
C UNK A 354 -101.55 50.04 -23.70
N UNK A 355 -102.08 51.06 -23.01
CA UNK A 355 -101.74 51.29 -21.61
C UNK A 355 -102.09 50.09 -20.77
N UNK A 356 -103.21 49.44 -21.06
CA UNK A 356 -103.68 48.34 -20.24
C UNK A 356 -102.81 47.11 -20.42
N UNK A 357 -102.50 46.74 -21.66
CA UNK A 357 -101.75 45.51 -21.88
C UNK A 357 -100.29 45.68 -21.49
N UNK A 358 -99.70 46.84 -21.79
CA UNK A 358 -98.35 47.11 -21.35
C UNK A 358 -98.27 47.20 -19.84
N UNK A 359 -99.27 47.83 -19.22
CA UNK A 359 -99.41 47.91 -17.77
C UNK A 359 -99.55 46.55 -17.15
N UNK A 360 -100.13 45.62 -17.89
CA UNK A 360 -100.27 44.27 -17.39
C UNK A 360 -98.92 43.58 -17.34
N UNK A 361 -98.29 43.41 -18.48
CA UNK A 361 -97.08 42.62 -18.39
C UNK A 361 -95.88 43.49 -18.08
N UNK A 362 -95.54 44.41 -19.00
CA UNK A 362 -94.22 45.01 -19.04
C UNK A 362 -93.96 45.94 -17.88
N UNK A 363 -95.00 46.64 -17.43
CA UNK A 363 -94.91 47.40 -16.20
C UNK A 363 -94.69 46.47 -15.02
N UNK A 364 -95.50 45.42 -14.93
CA UNK A 364 -95.35 44.46 -13.86
C UNK A 364 -94.28 43.44 -14.15
N UNK A 365 -93.62 43.49 -15.30
CA UNK A 365 -92.57 42.55 -15.57
C UNK A 365 -91.30 42.82 -14.78
N UNK A 366 -91.29 43.86 -13.96
CA UNK A 366 -90.31 43.97 -12.90
C UNK A 366 -90.78 43.14 -11.71
N UNK A 367 -90.11 43.33 -10.58
CA UNK A 367 -90.60 43.12 -9.23
C UNK A 367 -90.73 41.67 -8.79
N UNK A 368 -90.64 40.68 -9.67
CA UNK A 368 -90.92 39.31 -9.22
C UNK A 368 -89.71 38.71 -8.52
N UNK A 369 -88.62 38.52 -9.26
CA UNK A 369 -87.39 38.09 -8.63
C UNK A 369 -86.82 39.17 -7.75
N UNK A 370 -87.25 40.41 -7.94
CA UNK A 370 -87.02 41.41 -6.93
C UNK A 370 -87.72 41.06 -5.63
N UNK A 371 -88.92 40.51 -5.69
CA UNK A 371 -89.58 40.17 -4.44
C UNK A 371 -88.92 38.97 -3.82
N UNK A 372 -88.43 38.07 -4.66
CA UNK A 372 -87.61 36.99 -4.14
C UNK A 372 -86.31 37.52 -3.56
N UNK A 373 -85.80 38.59 -4.13
CA UNK A 373 -84.61 39.22 -3.59
C UNK A 373 -84.93 39.94 -2.31
N UNK A 374 -86.15 40.45 -2.21
CA UNK A 374 -86.61 41.05 -0.97
C UNK A 374 -86.70 39.99 0.10
N UNK A 375 -87.02 38.77 -0.30
CA UNK A 375 -86.92 37.66 0.61
C UNK A 375 -85.45 37.40 0.82
N UNK A 376 -84.89 38.09 1.80
CA UNK A 376 -83.49 37.96 2.16
C UNK A 376 -83.31 36.67 2.94
N UNK A 377 -83.37 35.55 2.22
CA UNK A 377 -83.52 34.31 2.94
C UNK A 377 -82.21 33.87 3.56
N UNK A 378 -81.25 33.45 2.77
CA UNK A 378 -80.02 33.00 3.37
C UNK A 378 -78.92 33.16 2.37
N UNK A 379 -77.71 33.13 2.90
CA UNK A 379 -76.51 33.29 2.09
C UNK A 379 -76.44 32.22 1.01
N UNK A 380 -76.48 30.95 1.43
CA UNK A 380 -76.45 29.88 0.46
C UNK A 380 -77.73 29.85 -0.35
N UNK A 381 -78.82 30.37 0.19
CA UNK A 381 -80.07 30.36 -0.55
C UNK A 381 -80.02 31.30 -1.73
N UNK A 382 -79.62 32.53 -1.47
CA UNK A 382 -79.48 33.48 -2.56
C UNK A 382 -78.31 33.09 -3.43
N UNK A 383 -77.34 32.35 -2.87
CA UNK A 383 -76.30 31.78 -3.68
C UNK A 383 -76.87 30.74 -4.61
N UNK A 384 -77.91 30.06 -4.16
CA UNK A 384 -78.52 29.09 -5.03
C UNK A 384 -79.36 29.77 -6.09
N UNK A 385 -79.99 30.87 -5.75
CA UNK A 385 -80.80 31.55 -6.74
C UNK A 385 -79.93 32.25 -7.77
N UNK A 386 -78.82 32.81 -7.32
CA UNK A 386 -77.84 33.35 -8.23
C UNK A 386 -77.27 32.27 -9.11
N UNK A 387 -76.98 31.12 -8.52
CA UNK A 387 -76.62 29.94 -9.28
C UNK A 387 -77.73 29.54 -10.24
N UNK A 388 -78.98 29.77 -9.87
CA UNK A 388 -80.08 29.37 -10.71
C UNK A 388 -80.20 30.29 -11.92
N UNK A 389 -80.19 31.59 -11.69
CA UNK A 389 -80.28 32.53 -12.79
C UNK A 389 -79.05 32.44 -13.66
N UNK A 390 -77.91 32.18 -13.05
CA UNK A 390 -76.71 31.95 -13.80
C UNK A 390 -76.74 30.62 -14.53
N UNK A 391 -77.54 29.67 -14.05
CA UNK A 391 -77.74 28.46 -14.83
C UNK A 391 -78.56 28.77 -16.06
N UNK A 392 -79.58 29.59 -15.89
CA UNK A 392 -80.39 30.03 -17.00
C UNK A 392 -79.78 31.22 -17.74
N UNK A 393 -78.51 31.53 -17.50
CA UNK A 393 -77.86 32.67 -18.13
C UNK A 393 -77.58 32.37 -19.60
N UNK A 394 -78.63 32.42 -20.41
CA UNK A 394 -78.42 32.38 -21.84
C UNK A 394 -77.82 33.68 -22.33
N UNK A 395 -78.34 34.80 -21.84
CA UNK A 395 -77.76 36.11 -22.10
C UNK A 395 -76.81 36.44 -20.97
N UNK A 396 -75.56 36.72 -21.32
CA UNK A 396 -74.57 37.13 -20.36
C UNK A 396 -74.66 38.60 -20.03
N UNK A 397 -75.33 39.37 -20.87
CA UNK A 397 -75.28 40.82 -20.78
C UNK A 397 -76.64 41.46 -20.59
N UNK A 398 -77.67 40.94 -21.22
CA UNK A 398 -79.02 41.34 -20.83
C UNK A 398 -79.32 40.89 -19.41
N UNK A 399 -78.64 39.85 -18.94
CA UNK A 399 -78.61 39.56 -17.51
C UNK A 399 -78.00 40.70 -16.73
N UNK A 400 -76.89 41.24 -17.21
CA UNK A 400 -76.28 42.38 -16.54
C UNK A 400 -77.16 43.61 -16.61
N UNK A 401 -78.07 43.66 -17.59
CA UNK A 401 -79.14 44.65 -17.59
C UNK A 401 -80.24 44.30 -16.60
N UNK A 402 -80.54 43.02 -16.47
CA UNK A 402 -81.58 42.59 -15.56
C UNK A 402 -81.20 42.89 -14.13
N UNK A 403 -79.90 42.84 -13.84
CA UNK A 403 -79.40 43.30 -12.54
C UNK A 403 -79.73 44.75 -12.31
N UNK A 404 -79.69 45.56 -13.36
CA UNK A 404 -80.11 46.93 -13.16
C UNK A 404 -81.61 47.01 -13.01
N UNK A 405 -82.34 46.11 -13.65
CA UNK A 405 -83.79 46.11 -13.49
C UNK A 405 -84.17 45.79 -12.07
N UNK A 406 -83.35 44.97 -11.43
CA UNK A 406 -83.45 44.82 -9.99
C UNK A 406 -83.08 46.12 -9.30
N UNK A 407 -81.97 46.72 -9.72
CA UNK A 407 -81.40 47.87 -9.02
C UNK A 407 -82.31 49.07 -9.06
N UNK A 408 -83.32 49.04 -9.90
CA UNK A 408 -84.50 49.86 -9.81
C UNK A 408 -85.19 49.83 -8.45
N UNK A 409 -85.05 48.74 -7.68
CA UNK A 409 -85.74 48.68 -6.41
C UNK A 409 -85.18 49.67 -5.39
N UNK A 410 -83.86 49.81 -5.35
CA UNK A 410 -83.22 50.71 -4.41
C UNK A 410 -83.15 52.13 -4.99
N UNK A 411 -82.33 52.98 -4.37
CA UNK A 411 -82.01 54.31 -4.88
C UNK A 411 -80.75 54.82 -4.17
N UNK A 412 -80.35 56.05 -4.51
CA UNK A 412 -79.58 56.96 -3.67
C UNK A 412 -78.11 56.64 -3.44
N UNK A 413 -77.61 55.49 -3.88
CA UNK A 413 -76.17 55.26 -3.92
C UNK A 413 -75.83 54.38 -5.10
N UNK A 414 -76.60 54.51 -6.17
CA UNK A 414 -77.08 53.33 -6.86
C UNK A 414 -76.04 52.59 -7.66
N UNK A 415 -74.75 52.89 -7.58
CA UNK A 415 -73.79 52.02 -8.24
C UNK A 415 -72.52 51.85 -7.44
N UNK A 416 -72.55 52.22 -6.16
CA UNK A 416 -71.42 52.64 -5.36
C UNK A 416 -70.29 51.64 -5.38
N UNK A 417 -70.53 50.46 -4.84
CA UNK A 417 -69.60 49.37 -5.09
C UNK A 417 -70.08 48.46 -6.22
N UNK A 418 -71.17 48.83 -6.88
CA UNK A 418 -71.66 48.01 -7.98
C UNK A 418 -70.72 48.07 -9.15
N UNK A 419 -69.95 49.14 -9.25
CA UNK A 419 -68.80 49.13 -10.12
C UNK A 419 -67.66 48.32 -9.53
N UNK A 420 -67.52 48.34 -8.20
CA UNK A 420 -66.35 47.74 -7.56
C UNK A 420 -66.33 46.25 -7.78
N UNK A 421 -67.50 45.65 -7.74
CA UNK A 421 -67.61 44.22 -7.99
C UNK A 421 -67.29 43.89 -9.42
N UNK A 422 -68.02 44.54 -10.34
CA UNK A 422 -67.93 44.26 -11.76
C UNK A 422 -66.51 44.39 -12.27
N UNK A 423 -65.75 45.35 -11.74
CA UNK A 423 -64.33 45.42 -12.06
C UNK A 423 -63.51 44.41 -11.27
N UNK A 424 -63.71 44.36 -9.95
CA UNK A 424 -62.92 43.62 -8.99
C UNK A 424 -62.90 42.14 -9.24
N UNK A 425 -63.84 41.67 -10.05
CA UNK A 425 -63.86 40.32 -10.56
C UNK A 425 -62.54 39.89 -11.18
N UNK A 426 -61.85 40.79 -11.88
CA UNK A 426 -60.68 40.38 -12.64
C UNK A 426 -59.49 40.13 -11.71
N UNK A 427 -59.00 38.90 -11.73
CA UNK A 427 -58.03 38.33 -10.79
C UNK A 427 -57.52 37.01 -11.37
N UNK A 428 -56.98 36.11 -10.54
CA UNK A 428 -56.67 34.76 -11.00
C UNK A 428 -57.94 33.94 -11.25
N UNK A 429 -57.77 32.80 -11.91
CA UNK A 429 -58.81 32.21 -12.76
C UNK A 429 -59.54 31.04 -12.12
N UNK A 430 -60.78 31.27 -11.71
CA UNK A 430 -61.78 30.23 -11.59
C UNK A 430 -62.60 30.22 -12.88
N UNK A 431 -63.76 29.55 -12.89
CA UNK A 431 -64.59 29.51 -14.09
C UNK A 431 -65.18 30.88 -14.41
N UNK A 432 -65.53 31.08 -15.67
CA UNK A 432 -66.36 32.22 -16.01
C UNK A 432 -67.77 32.01 -15.52
N UNK A 433 -68.15 30.76 -15.33
CA UNK A 433 -69.28 30.46 -14.47
C UNK A 433 -69.08 31.07 -13.09
N UNK A 434 -67.87 30.95 -12.53
CA UNK A 434 -67.64 31.49 -11.20
C UNK A 434 -67.60 33.00 -11.24
N UNK A 435 -67.19 33.55 -12.37
CA UNK A 435 -67.28 34.99 -12.56
C UNK A 435 -68.73 35.43 -12.56
N UNK A 436 -69.56 34.73 -13.32
CA UNK A 436 -70.98 35.04 -13.40
C UNK A 436 -71.63 34.94 -12.04
N UNK A 437 -71.35 33.85 -11.35
CA UNK A 437 -71.99 33.60 -10.08
C UNK A 437 -71.49 34.55 -9.02
N UNK A 438 -70.18 34.72 -8.94
CA UNK A 438 -69.61 35.63 -7.97
C UNK A 438 -69.99 37.06 -8.29
N UNK A 439 -70.27 37.33 -9.56
CA UNK A 439 -70.73 38.64 -9.95
C UNK A 439 -72.11 38.92 -9.41
N UNK A 440 -73.03 38.00 -9.68
CA UNK A 440 -74.40 38.24 -9.26
C UNK A 440 -74.51 38.17 -7.76
N UNK A 441 -73.72 37.29 -7.16
CA UNK A 441 -73.73 37.12 -5.73
C UNK A 441 -72.92 38.19 -5.04
N UNK A 442 -72.20 38.99 -5.79
CA UNK A 442 -71.86 40.27 -5.23
C UNK A 442 -73.09 41.13 -5.16
N UNK A 443 -73.96 41.04 -6.14
CA UNK A 443 -74.87 42.14 -6.37
C UNK A 443 -76.03 42.16 -5.41
N UNK A 444 -76.63 41.04 -5.13
CA UNK A 444 -77.72 41.13 -4.16
C UNK A 444 -77.17 41.21 -2.75
N UNK A 445 -75.98 40.66 -2.54
CA UNK A 445 -75.25 40.90 -1.32
C UNK A 445 -74.99 42.37 -1.14
N UNK A 446 -74.72 43.05 -2.24
CA UNK A 446 -74.68 44.48 -2.21
C UNK A 446 -76.05 45.06 -1.92
N UNK A 447 -77.10 44.42 -2.39
CA UNK A 447 -78.43 45.00 -2.30
C UNK A 447 -79.09 44.76 -0.95
N UNK A 448 -78.29 44.61 0.09
CA UNK A 448 -78.80 44.61 1.45
C UNK A 448 -79.56 45.89 1.73
N UNK A 449 -80.59 45.78 2.55
CA UNK A 449 -81.34 46.94 2.98
C UNK A 449 -80.56 47.67 4.05
N UNK A 450 -81.25 48.49 4.82
CA UNK A 450 -80.67 49.05 6.02
C UNK A 450 -80.34 47.92 6.98
N UNK A 451 -91.04 26.08 -5.89
CA UNK A 451 -90.63 27.46 -5.66
C UNK A 451 -89.48 27.88 -6.58
N UNK A 452 -88.68 26.90 -7.02
CA UNK A 452 -87.76 27.19 -8.10
C UNK A 452 -88.49 27.27 -9.43
N UNK A 453 -89.66 26.63 -9.54
CA UNK A 453 -90.54 26.91 -10.65
C UNK A 453 -91.03 28.35 -10.61
N UNK A 454 -91.31 28.87 -9.42
CA UNK A 454 -91.55 30.30 -9.28
C UNK A 454 -90.30 31.10 -9.60
N UNK A 455 -89.12 30.57 -9.29
CA UNK A 455 -87.90 31.30 -9.60
C UNK A 455 -87.69 31.38 -11.10
N UNK A 456 -87.98 30.30 -11.81
CA UNK A 456 -87.93 30.36 -13.25
C UNK A 456 -89.03 31.23 -13.80
N UNK A 457 -90.16 31.31 -13.10
CA UNK A 457 -91.24 32.19 -13.52
C UNK A 457 -90.85 33.65 -13.36
N UNK A 458 -90.13 33.95 -12.29
CA UNK A 458 -89.69 35.31 -12.04
C UNK A 458 -88.55 35.68 -12.97
N UNK A 459 -87.71 34.69 -13.26
CA UNK A 459 -86.75 34.82 -14.32
C UNK A 459 -87.43 35.19 -15.61
N UNK A 460 -88.52 34.51 -15.93
CA UNK A 460 -89.28 34.81 -17.13
C UNK A 460 -89.89 36.20 -17.06
N UNK A 461 -90.30 36.62 -15.87
CA UNK A 461 -90.93 37.93 -15.73
C UNK A 461 -89.93 39.04 -15.98
N UNK A 462 -88.78 39.00 -15.31
CA UNK A 462 -87.77 40.03 -15.52
C UNK A 462 -87.15 39.91 -16.90
N UNK A 463 -87.13 38.70 -17.44
CA UNK A 463 -86.79 38.52 -18.83
C UNK A 463 -87.81 39.17 -19.74
N UNK A 464 -89.06 39.22 -19.33
CA UNK A 464 -90.05 39.90 -20.15
C UNK A 464 -90.04 41.40 -19.93
N UNK A 465 -89.45 41.85 -18.82
CA UNK A 465 -89.15 43.27 -18.70
C UNK A 465 -88.08 43.67 -19.68
N UNK A 466 -87.09 42.80 -19.86
CA UNK A 466 -86.17 42.99 -20.97
C UNK A 466 -86.93 42.91 -22.29
N UNK A 467 -87.47 41.73 -22.60
CA UNK A 467 -88.01 41.40 -23.92
C UNK A 467 -89.32 42.09 -24.23
N UNK A 468 -89.84 42.94 -23.36
CA UNK A 468 -91.10 43.62 -23.58
C UNK A 468 -90.96 45.13 -23.57
N UNK A 469 -90.00 45.67 -22.83
CA UNK A 469 -89.81 47.11 -22.81
C UNK A 469 -88.95 47.59 -23.96
N UNK A 470 -88.74 46.77 -24.97
CA UNK A 470 -88.02 47.14 -26.17
C UNK A 470 -88.90 47.98 -27.09
N UNK B 1 -144.21 79.01 26.65
CA UNK B 1 -143.87 79.20 28.04
C UNK B 1 -142.71 78.32 28.35
N UNK B 2 -143.05 77.06 28.65
CA UNK B 2 -142.05 76.01 28.61
C UNK B 2 -141.40 75.96 27.26
N UNK B 3 -142.22 75.97 26.20
CA UNK B 3 -141.72 76.01 24.83
C UNK B 3 -140.93 77.27 24.54
N UNK B 4 -141.28 78.37 25.20
CA UNK B 4 -140.63 79.64 24.96
C UNK B 4 -139.19 79.65 25.47
N UNK B 5 -139.03 79.45 26.78
CA UNK B 5 -137.72 79.32 27.37
C UNK B 5 -136.96 78.19 26.73
N UNK B 6 -137.68 77.14 26.34
CA UNK B 6 -137.10 76.07 25.57
C UNK B 6 -136.56 76.56 24.25
N UNK B 7 -137.30 77.42 23.56
CA UNK B 7 -136.95 77.78 22.19
C UNK B 7 -135.72 78.62 22.19
N UNK B 8 -135.64 79.53 23.14
CA UNK B 8 -134.44 80.32 23.29
C UNK B 8 -133.28 79.44 23.70
N UNK B 9 -133.54 78.48 24.58
CA UNK B 9 -132.50 77.58 25.02
C UNK B 9 -131.95 76.79 23.86
N UNK B 10 -132.85 76.24 23.07
CA UNK B 10 -132.46 75.40 21.95
C UNK B 10 -131.85 76.21 20.83
N UNK B 11 -132.21 77.48 20.74
CA UNK B 11 -131.48 78.34 19.85
C UNK B 11 -130.07 78.57 20.36
N UNK B 12 -129.87 78.48 21.68
CA UNK B 12 -128.50 78.67 22.11
C UNK B 12 -127.72 77.37 22.30
N UNK B 13 -127.99 76.66 23.39
CA UNK B 13 -127.40 75.39 23.83
C UNK B 13 -128.04 75.00 25.15
N UNK B 14 -127.57 73.88 25.71
CA UNK B 14 -127.79 73.44 27.08
C UNK B 14 -126.73 72.37 27.29
N UNK B 15 -126.07 72.36 28.43
CA UNK B 15 -124.78 71.70 28.38
C UNK B 15 -124.36 71.15 29.74
N UNK B 16 -123.04 71.10 29.89
CA UNK B 16 -122.15 70.59 30.90
C UNK B 16 -121.94 69.10 30.78
N UNK B 17 -122.83 68.34 30.13
CA UNK B 17 -122.48 67.03 29.58
C UNK B 17 -123.37 66.69 28.40
N UNK B 18 -124.56 67.27 28.43
CA UNK B 18 -125.66 66.73 27.64
C UNK B 18 -125.50 67.01 26.17
N UNK B 19 -124.58 67.91 25.83
CA UNK B 19 -124.08 67.99 24.47
C UNK B 19 -123.50 66.66 24.02
N UNK B 20 -122.60 66.09 24.81
CA UNK B 20 -122.02 64.81 24.42
C UNK B 20 -123.06 63.71 24.44
N UNK B 21 -123.97 63.74 25.42
CA UNK B 21 -125.02 62.72 25.45
C UNK B 21 -125.92 62.77 24.22
N UNK B 22 -126.33 63.96 23.80
CA UNK B 22 -127.16 64.07 22.62
C UNK B 22 -126.40 63.75 21.36
N UNK B 23 -125.10 64.04 21.34
CA UNK B 23 -124.28 63.59 20.24
C UNK B 23 -124.24 62.08 20.15
N UNK B 24 -124.34 61.40 21.28
CA UNK B 24 -124.45 59.95 21.21
C UNK B 24 -125.80 59.52 20.67
N UNK B 25 -126.85 60.27 20.97
CA UNK B 25 -128.15 59.90 20.42
C UNK B 25 -128.15 60.04 18.91
N UNK B 26 -127.44 61.04 18.44
CA UNK B 26 -127.14 61.11 17.03
C UNK B 26 -126.38 59.88 16.59
N UNK B 27 -125.43 59.43 17.39
CA UNK B 27 -124.60 58.32 16.97
C UNK B 27 -125.42 57.04 16.84
N UNK B 28 -126.44 56.91 17.67
CA UNK B 28 -127.26 55.71 17.59
C UNK B 28 -128.22 55.76 16.42
N UNK B 29 -128.80 56.94 16.14
CA UNK B 29 -129.66 57.04 14.99
C UNK B 29 -128.87 56.80 13.73
N UNK B 30 -127.63 57.27 13.72
CA UNK B 30 -126.70 56.97 12.65
C UNK B 30 -126.46 55.49 12.54
N UNK B 31 -126.33 54.84 13.69
CA UNK B 31 -126.02 53.43 13.70
C UNK B 31 -127.17 52.61 13.14
N UNK B 32 -128.37 52.83 13.66
CA UNK B 32 -129.52 52.05 13.22
C UNK B 32 -129.83 52.31 11.77
N UNK B 33 -129.56 53.52 11.29
CA UNK B 33 -129.65 53.77 9.87
C UNK B 33 -128.68 52.90 9.13
N UNK B 34 -127.46 52.77 9.64
CA UNK B 34 -126.50 51.94 8.94
C UNK B 34 -126.89 50.48 8.97
N UNK B 35 -127.49 50.05 10.06
CA UNK B 35 -127.77 48.63 10.20
C UNK B 35 -128.95 48.24 9.35
N UNK B 36 -130.01 49.03 9.38
CA UNK B 36 -131.15 48.73 8.54
C UNK B 36 -130.79 48.89 7.09
N UNK B 37 -129.87 49.79 6.79
CA UNK B 37 -129.39 49.92 5.43
C UNK B 37 -128.69 48.67 4.97
N UNK B 38 -127.77 48.18 5.79
CA UNK B 38 -126.99 47.01 5.41
C UNK B 38 -127.86 45.77 5.32
N UNK B 39 -128.77 45.62 6.26
CA UNK B 39 -129.65 44.47 6.26
C UNK B 39 -130.60 44.52 5.11
N UNK B 40 -131.04 45.69 4.70
CA UNK B 40 -131.93 45.70 3.56
C UNK B 40 -131.14 45.74 2.26
N UNK B 41 -130.22 44.81 2.09
CA UNK B 41 -129.48 44.73 0.85
C UNK B 41 -129.58 43.38 0.18
N UNK B 42 -129.32 42.29 0.90
CA UNK B 42 -129.17 40.98 0.31
C UNK B 42 -130.53 40.35 0.01
N UNK B 43 -130.56 39.04 -0.21
CA UNK B 43 -131.80 38.31 -0.51
C UNK B 43 -132.72 38.31 0.70
N UNK B 44 -133.84 39.02 0.58
CA UNK B 44 -134.62 39.48 1.72
C UNK B 44 -135.36 38.34 2.41
N UNK B 45 -134.63 37.37 2.91
CA UNK B 45 -135.20 36.11 3.37
C UNK B 45 -135.75 36.31 4.76
N UNK B 46 -136.38 35.26 5.29
CA UNK B 46 -137.33 35.39 6.38
C UNK B 46 -136.69 35.89 7.66
N UNK B 47 -135.38 35.79 7.75
CA UNK B 47 -134.66 36.46 8.82
C UNK B 47 -134.67 37.98 8.71
N UNK B 48 -135.36 38.57 7.71
CA UNK B 48 -135.52 40.01 7.68
C UNK B 48 -136.20 40.48 8.93
N UNK B 49 -137.20 39.74 9.38
CA UNK B 49 -137.86 40.10 10.63
C UNK B 49 -136.90 39.97 11.81
N UNK B 50 -136.51 38.75 12.13
CA UNK B 50 -135.70 38.55 13.31
C UNK B 50 -134.25 38.79 13.06
N UNK B 51 -133.93 39.62 12.08
CA UNK B 51 -132.74 40.44 12.05
C UNK B 51 -133.08 41.90 12.31
N UNK B 52 -134.14 42.40 11.70
CA UNK B 52 -134.39 43.83 11.71
C UNK B 52 -134.94 44.26 13.04
N UNK B 53 -135.87 43.48 13.57
CA UNK B 53 -136.42 43.79 14.87
C UNK B 53 -135.35 43.68 15.93
N UNK B 54 -134.40 42.77 15.72
CA UNK B 54 -133.25 42.70 16.61
C UNK B 54 -132.46 43.97 16.54
N UNK B 55 -132.25 44.49 15.33
CA UNK B 55 -131.41 45.67 15.20
C UNK B 55 -132.06 46.86 15.83
N UNK B 56 -133.36 47.01 15.63
CA UNK B 56 -134.04 48.12 16.29
C UNK B 56 -134.14 47.88 17.78
N UNK B 57 -134.08 46.63 18.21
CA UNK B 57 -134.05 46.38 19.63
C UNK B 57 -132.73 46.81 20.20
N UNK B 58 -131.65 46.61 19.45
CA UNK B 58 -130.36 47.15 19.86
C UNK B 58 -130.40 48.67 19.88
N UNK B 59 -131.12 49.24 18.92
CA UNK B 59 -131.22 50.69 18.80
C UNK B 59 -131.92 51.29 20.00
N UNK B 60 -133.13 50.83 20.26
CA UNK B 60 -133.88 51.28 21.41
C UNK B 60 -133.23 50.88 22.71
N UNK B 61 -132.39 49.85 22.72
CA UNK B 61 -131.63 49.57 23.92
C UNK B 61 -130.68 50.71 24.23
N UNK B 62 -129.86 51.08 23.24
CA UNK B 62 -128.95 52.21 23.44
C UNK B 62 -129.71 53.50 23.66
N UNK B 63 -130.90 53.58 23.10
CA UNK B 63 -131.71 54.77 23.28
C UNK B 63 -132.27 54.85 24.68
N UNK B 64 -132.75 53.74 25.22
CA UNK B 64 -133.27 53.75 26.56
C UNK B 64 -132.19 54.06 27.55
N UNK B 65 -130.97 53.60 27.26
CA UNK B 65 -129.80 54.01 28.01
C UNK B 65 -129.66 55.53 28.01
N UNK B 66 -129.55 56.12 26.82
CA UNK B 66 -129.34 57.56 26.71
C UNK B 66 -130.48 58.33 27.32
N UNK B 67 -131.69 57.83 27.22
CA UNK B 67 -132.83 58.60 27.66
C UNK B 67 -133.00 58.55 29.16
N UNK B 68 -132.77 57.41 29.80
CA UNK B 68 -132.84 57.41 31.25
C UNK B 68 -131.67 58.16 31.84
N UNK B 69 -130.50 58.06 31.19
CA UNK B 69 -129.33 58.78 31.63
C UNK B 69 -129.56 60.27 31.56
N UNK B 70 -130.19 60.75 30.49
CA UNK B 70 -130.38 62.18 30.34
C UNK B 70 -131.55 62.69 31.17
N UNK B 71 -132.64 61.93 31.28
CA UNK B 71 -133.70 62.39 32.15
C UNK B 71 -133.33 62.27 33.61
N UNK B 72 -132.23 61.60 33.91
CA UNK B 72 -131.53 61.91 35.15
C UNK B 72 -130.70 63.18 35.00
N UNK B 73 -130.00 63.31 33.89
CA UNK B 73 -128.92 64.27 33.76
C UNK B 73 -129.50 65.63 33.40
N UNK B 74 -129.56 66.51 34.40
CA UNK B 74 -130.01 67.90 34.27
C UNK B 74 -131.45 67.95 33.76
N UNK B 75 -132.35 67.46 34.60
CA UNK B 75 -133.77 67.70 34.38
C UNK B 75 -134.19 68.97 35.11
N UNK B 76 -133.54 70.06 34.75
CA UNK B 76 -134.15 71.36 34.97
C UNK B 76 -135.37 71.49 34.05
N UNK B 77 -136.24 72.44 34.39
CA UNK B 77 -137.66 72.35 34.03
C UNK B 77 -137.90 72.35 32.53
N UNK B 78 -137.61 73.46 31.85
CA UNK B 78 -137.74 73.44 30.41
C UNK B 78 -136.57 72.72 29.76
N UNK B 79 -135.49 72.51 30.51
CA UNK B 79 -134.38 71.72 30.02
C UNK B 79 -134.78 70.27 29.77
N UNK B 80 -135.89 69.83 30.35
CA UNK B 80 -136.56 68.66 29.81
C UNK B 80 -136.86 68.86 28.33
N UNK B 81 -137.64 69.90 28.02
CA UNK B 81 -138.12 70.09 26.66
C UNK B 81 -137.02 70.40 25.68
N UNK B 82 -135.86 70.81 26.18
CA UNK B 82 -134.73 71.16 25.32
C UNK B 82 -134.30 69.98 24.47
N UNK B 83 -133.77 68.95 25.11
CA UNK B 83 -133.48 67.77 24.33
C UNK B 83 -134.74 67.02 23.95
N UNK B 84 -135.87 67.27 24.63
CA UNK B 84 -137.08 66.60 24.21
C UNK B 84 -137.61 67.10 22.88
N UNK B 85 -137.09 68.22 22.39
CA UNK B 85 -137.31 68.57 21.00
C UNK B 85 -136.12 68.24 20.14
N UNK B 86 -134.92 68.41 20.70
CA UNK B 86 -133.71 68.21 19.93
C UNK B 86 -133.59 66.76 19.49
N UNK B 87 -134.07 65.84 20.32
CA UNK B 87 -133.95 64.44 20.03
C UNK B 87 -134.81 64.04 18.85
N UNK B 88 -136.05 64.53 18.81
CA UNK B 88 -136.91 64.19 17.69
C UNK B 88 -136.43 64.86 16.43
N UNK B 89 -135.79 66.02 16.55
CA UNK B 89 -135.13 66.59 15.38
C UNK B 89 -134.01 65.68 14.90
N UNK B 90 -133.20 65.22 15.83
CA UNK B 90 -132.06 64.36 15.54
C UNK B 90 -132.49 63.05 14.93
N UNK B 91 -133.66 62.58 15.33
CA UNK B 91 -134.30 61.49 14.62
C UNK B 91 -134.55 61.92 13.21
N UNK B 92 -135.48 62.85 13.05
CA UNK B 92 -136.19 63.02 11.80
C UNK B 92 -135.24 63.43 10.70
N UNK B 93 -134.54 64.53 10.91
CA UNK B 93 -133.55 64.90 9.91
C UNK B 93 -132.32 64.04 10.06
N UNK B 94 -131.67 64.15 11.22
CA UNK B 94 -130.23 64.08 11.27
C UNK B 94 -129.70 62.69 10.96
N UNK B 95 -130.55 61.67 11.08
CA UNK B 95 -130.16 60.43 10.43
C UNK B 95 -131.25 59.62 9.73
N UNK B 96 -132.45 59.55 10.32
CA UNK B 96 -133.04 58.25 10.62
C UNK B 96 -133.27 57.35 9.41
N UNK B 97 -133.64 57.90 8.27
CA UNK B 97 -134.43 57.14 7.32
C UNK B 97 -133.61 56.08 6.60
N UNK B 98 -134.31 55.05 6.10
CA UNK B 98 -133.72 53.98 5.29
C UNK B 98 -134.82 53.20 4.57
N UNK B 99 -134.76 53.17 3.23
CA UNK B 99 -135.29 52.13 2.33
C UNK B 99 -134.91 52.48 0.90
N UNK B 100 -135.46 51.70 -0.05
CA UNK B 100 -135.65 52.10 -1.43
C UNK B 100 -136.97 52.82 -1.61
N UNK B 101 -137.43 53.44 -0.54
CA UNK B 101 -138.48 54.42 -0.64
C UNK B 101 -138.07 55.60 -1.49
N UNK B 102 -136.79 55.78 -1.79
CA UNK B 102 -136.38 56.62 -2.90
C UNK B 102 -137.08 56.19 -4.18
N UNK B 103 -137.06 54.90 -4.47
CA UNK B 103 -137.73 54.42 -5.66
C UNK B 103 -139.23 54.48 -5.48
N UNK B 104 -139.70 54.49 -4.24
CA UNK B 104 -141.08 54.91 -4.09
C UNK B 104 -141.22 56.37 -4.41
N UNK B 105 -140.29 57.18 -3.95
CA UNK B 105 -140.53 58.58 -3.72
C UNK B 105 -140.44 59.38 -4.99
N UNK B 106 -139.66 58.88 -5.94
CA UNK B 106 -139.88 59.32 -7.31
C UNK B 106 -141.25 58.76 -7.66
N UNK B 107 -142.21 59.66 -7.83
CA UNK B 107 -143.62 59.29 -7.75
C UNK B 107 -144.00 58.43 -8.91
N UNK B 108 -143.84 58.98 -10.12
CA UNK B 108 -144.42 58.45 -11.35
C UNK B 108 -145.88 58.10 -11.09
N UNK B 109 -146.60 59.12 -10.67
CA UNK B 109 -147.81 58.97 -9.90
C UNK B 109 -148.97 58.37 -10.67
N UNK B 110 -148.76 58.00 -11.94
CA UNK B 110 -149.62 57.04 -12.59
C UNK B 110 -149.78 55.86 -11.67
N UNK B 111 -150.99 55.77 -11.13
CA UNK B 111 -151.25 54.87 -10.04
C UNK B 111 -151.12 53.42 -10.47
N UNK B 112 -151.24 53.18 -11.77
CA UNK B 112 -150.84 51.90 -12.31
C UNK B 112 -149.35 51.68 -12.10
N UNK B 113 -148.52 52.69 -12.29
CA UNK B 113 -147.11 52.45 -12.04
C UNK B 113 -146.84 52.34 -10.54
N UNK B 114 -147.64 53.04 -9.73
CA UNK B 114 -147.58 52.79 -8.29
C UNK B 114 -147.95 51.36 -7.99
N UNK B 115 -148.94 50.84 -8.68
CA UNK B 115 -149.31 49.44 -8.54
C UNK B 115 -148.22 48.54 -9.08
N UNK B 116 -147.41 49.02 -10.00
CA UNK B 116 -146.30 48.21 -10.43
C UNK B 116 -145.28 48.10 -9.32
N UNK B 117 -145.07 49.19 -8.61
CA UNK B 117 -144.21 49.11 -7.44
C UNK B 117 -144.83 48.21 -6.38
N UNK B 118 -146.15 48.23 -6.30
CA UNK B 118 -146.84 47.45 -5.29
C UNK B 118 -146.73 45.98 -5.60
N UNK B 119 -146.90 45.62 -6.86
CA UNK B 119 -146.73 44.24 -7.25
C UNK B 119 -145.30 43.83 -7.12
N UNK B 120 -144.37 44.77 -7.22
CA UNK B 120 -142.98 44.42 -7.03
C UNK B 120 -142.70 44.09 -5.58
N UNK B 121 -143.12 44.95 -4.66
CA UNK B 121 -142.88 44.70 -3.24
C UNK B 121 -143.66 43.50 -2.76
N UNK B 122 -144.86 43.31 -3.25
CA UNK B 122 -145.65 42.17 -2.85
C UNK B 122 -145.22 40.91 -3.58
N UNK B 123 -143.95 40.53 -3.43
CA UNK B 123 -143.51 39.13 -3.49
C UNK B 123 -142.16 39.03 -2.80
N UNK B 124 -142.16 38.63 -1.52
CA UNK B 124 -141.21 37.64 -0.99
C UNK B 124 -141.66 36.89 0.25
N UNK B 125 -142.50 37.50 1.07
CA UNK B 125 -142.61 37.18 2.50
C UNK B 125 -144.08 37.17 2.88
N UNK B 126 -144.37 37.18 4.16
CA UNK B 126 -145.76 37.10 4.58
C UNK B 126 -146.19 38.35 5.30
N UNK B 127 -147.49 38.66 5.17
CA UNK B 127 -148.03 40.01 5.24
C UNK B 127 -147.69 40.74 6.51
N UNK B 128 -147.45 40.01 7.58
CA UNK B 128 -147.00 40.67 8.78
C UNK B 128 -145.56 41.10 8.66
N UNK B 129 -144.72 40.22 8.12
CA UNK B 129 -143.36 40.65 7.83
C UNK B 129 -143.38 41.76 6.81
N UNK B 130 -144.35 41.72 5.91
CA UNK B 130 -144.50 42.79 4.96
C UNK B 130 -144.89 44.07 5.64
N UNK B 131 -145.70 43.99 6.68
CA UNK B 131 -146.18 45.20 7.29
C UNK B 131 -145.09 45.87 8.09
N UNK B 132 -144.26 45.09 8.76
CA UNK B 132 -143.15 45.71 9.47
C UNK B 132 -142.14 46.29 8.49
N UNK B 133 -141.93 45.62 7.36
CA UNK B 133 -141.10 46.23 6.33
C UNK B 133 -141.73 47.51 5.82
N UNK B 134 -143.05 47.56 5.77
CA UNK B 134 -143.70 48.78 5.33
C UNK B 134 -143.48 49.90 6.32
N UNK B 135 -143.43 49.57 7.59
CA UNK B 135 -143.14 50.62 8.55
C UNK B 135 -141.71 51.08 8.41
N UNK B 136 -140.82 50.17 8.03
CA UNK B 136 -139.48 50.64 7.73
C UNK B 136 -139.44 51.44 6.44
N UNK B 137 -140.41 51.27 5.58
CA UNK B 137 -140.53 52.18 4.45
C UNK B 137 -141.18 53.49 4.85
N UNK B 138 -141.81 53.54 6.01
CA UNK B 138 -142.49 54.75 6.43
C UNK B 138 -141.54 55.75 7.04
N UNK B 139 -140.28 55.74 6.64
CA UNK B 139 -139.31 56.73 7.05
C UNK B 139 -139.17 57.78 5.95
N UNK B 140 -140.18 58.66 5.86
CA UNK B 140 -140.08 59.84 5.00
C UNK B 140 -140.17 61.15 5.78
N UNK B 141 -141.25 61.43 6.51
CA UNK B 141 -141.19 62.70 7.22
C UNK B 141 -141.74 62.80 8.64
N UNK B 142 -142.96 62.34 8.87
CA UNK B 142 -143.74 62.85 9.97
C UNK B 142 -143.45 62.09 11.26
N UNK B 143 -143.81 62.72 12.38
CA UNK B 143 -143.76 62.00 13.66
C UNK B 143 -145.11 62.03 14.35
N UNK B 144 -145.72 63.20 14.39
CA UNK B 144 -147.08 63.29 14.89
C UNK B 144 -148.06 62.66 13.94
N UNK B 145 -147.85 62.84 12.65
CA UNK B 145 -148.70 62.25 11.64
C UNK B 145 -148.15 60.96 11.12
N UNK B 146 -146.98 60.55 11.56
CA UNK B 146 -146.59 59.17 11.44
C UNK B 146 -147.68 58.27 11.99
N UNK B 147 -148.13 58.60 13.19
CA UNK B 147 -149.21 57.87 13.82
C UNK B 147 -150.50 57.99 13.02
N UNK B 148 -150.74 59.14 12.42
CA UNK B 148 -151.97 59.28 11.67
C UNK B 148 -151.93 58.46 10.40
N UNK B 149 -150.76 58.36 9.80
CA UNK B 149 -150.61 57.53 8.62
C UNK B 149 -150.91 56.10 8.96
N UNK B 150 -150.36 55.63 10.07
CA UNK B 150 -150.62 54.25 10.44
C UNK B 150 -152.06 54.08 10.87
N UNK B 151 -152.66 55.12 11.42
CA UNK B 151 -154.07 55.06 11.80
C UNK B 151 -154.93 54.90 10.59
N UNK B 152 -154.64 55.69 9.57
CA UNK B 152 -155.42 55.61 8.36
C UNK B 152 -155.20 54.30 7.65
N UNK B 153 -153.98 53.79 7.67
CA UNK B 153 -153.73 52.58 6.92
C UNK B 153 -154.32 51.38 7.62
N UNK B 154 -154.28 51.38 8.95
CA UNK B 154 -154.94 50.31 9.68
C UNK B 154 -156.42 50.36 9.42
N UNK B 155 -156.96 51.57 9.30
CA UNK B 155 -158.35 51.71 8.93
C UNK B 155 -158.58 51.16 7.53
N UNK B 156 -157.62 51.37 6.63
CA UNK B 156 -157.80 50.90 5.27
C UNK B 156 -157.84 49.41 5.25
N UNK B 157 -156.95 48.79 6.00
CA UNK B 157 -156.89 47.33 6.04
C UNK B 157 -158.17 46.78 6.61
N UNK B 158 -158.72 47.50 7.58
CA UNK B 158 -160.01 47.14 8.11
C UNK B 158 -161.07 47.23 7.04
N UNK B 159 -160.99 48.23 6.17
CA UNK B 159 -161.95 48.32 5.10
C UNK B 159 -161.72 47.25 4.07
N UNK B 160 -160.47 46.81 3.96
CA UNK B 160 -160.12 45.85 2.92
C UNK B 160 -160.78 44.53 3.22
N UNK B 161 -160.58 44.03 4.42
CA UNK B 161 -161.32 42.84 4.80
C UNK B 161 -162.78 43.17 5.01
N UNK B 162 -163.07 44.41 5.35
CA UNK B 162 -164.43 44.87 5.53
C UNK B 162 -164.94 45.47 4.25
N UNK B 163 -164.74 44.77 3.15
CA UNK B 163 -165.49 45.04 1.96
C UNK B 163 -166.65 44.06 1.92
N UNK B 164 -167.39 44.09 0.85
CA UNK B 164 -168.07 42.91 0.37
C UNK B 164 -167.63 42.67 -1.04
N UNK B 165 -166.43 43.12 -1.36
CA UNK B 165 -165.73 42.74 -2.58
C UNK B 165 -165.20 41.33 -2.43
N UNK B 166 -166.11 40.40 -2.29
CA UNK B 166 -165.81 39.12 -1.67
C UNK B 166 -165.41 38.09 -2.70
N UNK B 167 -164.47 38.42 -3.54
CA UNK B 167 -163.98 37.44 -4.48
C UNK B 167 -162.51 37.57 -4.78
N UNK B 168 -161.79 38.44 -4.11
CA UNK B 168 -160.37 38.56 -4.41
C UNK B 168 -159.63 37.39 -3.80
N UNK B 169 -158.45 37.13 -4.32
CA UNK B 169 -157.56 36.25 -3.61
C UNK B 169 -157.12 36.95 -2.34
N UNK B 170 -156.69 36.15 -1.38
CA UNK B 170 -156.09 36.73 -0.19
C UNK B 170 -154.86 37.53 -0.53
N UNK B 171 -154.08 37.04 -1.48
CA UNK B 171 -153.00 37.85 -1.96
C UNK B 171 -153.49 39.02 -2.77
N UNK B 172 -154.63 38.88 -3.42
CA UNK B 172 -155.13 40.03 -4.17
C UNK B 172 -155.56 41.13 -3.24
N UNK B 173 -156.31 40.77 -2.21
CA UNK B 173 -156.71 41.73 -1.20
C UNK B 173 -155.49 42.29 -0.51
N UNK B 174 -154.47 41.49 -0.34
CA UNK B 174 -153.25 41.99 0.23
C UNK B 174 -152.60 43.01 -0.64
N UNK B 175 -152.65 42.82 -1.96
CA UNK B 175 -152.10 43.83 -2.85
C UNK B 175 -152.90 45.09 -2.75
N UNK B 176 -154.21 44.97 -2.63
CA UNK B 176 -155.04 46.14 -2.52
C UNK B 176 -154.73 46.89 -1.23
N UNK B 177 -154.53 46.18 -0.14
CA UNK B 177 -154.32 46.84 1.12
C UNK B 177 -152.95 47.48 1.18
N UNK B 178 -151.94 46.80 0.67
CA UNK B 178 -150.64 47.40 0.65
C UNK B 178 -150.58 48.57 -0.29
N UNK B 179 -151.41 48.52 -1.34
CA UNK B 179 -151.49 49.63 -2.28
C UNK B 179 -152.00 50.87 -1.58
N UNK B 180 -153.10 50.74 -0.85
CA UNK B 180 -153.67 51.89 -0.16
C UNK B 180 -152.71 52.42 0.87
N UNK B 181 -151.97 51.54 1.52
CA UNK B 181 -151.05 51.99 2.55
C UNK B 181 -149.90 52.78 1.94
N UNK B 182 -149.26 52.23 0.93
CA UNK B 182 -148.20 52.99 0.30
C UNK B 182 -148.74 54.22 -0.40
N UNK B 183 -150.00 54.20 -0.81
CA UNK B 183 -150.58 55.36 -1.49
C UNK B 183 -150.73 56.52 -0.55
N UNK B 184 -151.32 56.28 0.61
CA UNK B 184 -151.52 57.38 1.52
C UNK B 184 -150.19 57.84 2.09
N UNK B 185 -149.21 56.94 2.11
CA UNK B 185 -147.86 57.41 2.37
C UNK B 185 -147.41 58.37 1.30
N UNK B 186 -147.77 58.10 0.06
CA UNK B 186 -147.31 58.98 -1.01
C UNK B 186 -148.00 60.33 -0.95
N UNK B 187 -149.28 60.33 -0.59
CA UNK B 187 -149.99 61.60 -0.48
C UNK B 187 -149.46 62.42 0.67
N UNK B 188 -148.96 61.76 1.70
CA UNK B 188 -148.24 62.49 2.73
C UNK B 188 -146.97 63.09 2.17
N UNK B 189 -146.30 62.35 1.30
CA UNK B 189 -145.05 62.86 0.75
C UNK B 189 -145.28 64.08 -0.10
N UNK B 190 -146.44 64.17 -0.73
CA UNK B 190 -146.75 65.39 -1.47
C UNK B 190 -147.19 66.49 -0.53
N UNK B 191 -148.30 66.29 0.17
CA UNK B 191 -148.86 67.38 0.97
C UNK B 191 -148.13 67.60 2.29
N UNK B 192 -157.19 7.28 15.59
CA UNK B 192 -157.76 8.10 16.62
C UNK B 192 -156.69 8.89 17.33
N UNK B 193 -155.71 8.18 17.84
CA UNK B 193 -154.69 8.78 18.65
C UNK B 193 -153.32 8.62 18.04
N UNK B 194 -153.21 8.77 16.73
CA UNK B 194 -151.92 9.07 16.11
C UNK B 194 -151.72 10.56 16.01
N UNK B 195 -151.85 11.23 17.15
CA UNK B 195 -151.43 12.59 17.40
C UNK B 195 -150.02 12.64 17.89
N UNK B 196 -149.42 11.46 18.01
CA UNK B 196 -148.01 11.38 18.30
C UNK B 196 -147.21 12.08 17.24
N UNK B 197 -147.71 12.09 16.02
CA UNK B 197 -147.09 12.91 15.00
C UNK B 197 -147.27 14.37 15.29
N UNK B 198 -148.37 14.77 15.93
CA UNK B 198 -148.54 16.20 16.18
C UNK B 198 -147.46 16.67 17.11
N UNK B 199 -147.21 15.89 18.13
CA UNK B 199 -146.12 16.28 19.00
C UNK B 199 -144.78 16.10 18.33
N UNK B 200 -144.65 15.12 17.45
CA UNK B 200 -143.35 14.89 16.84
C UNK B 200 -142.99 16.00 15.89
N UNK B 201 -143.95 16.39 15.08
CA UNK B 201 -143.72 17.43 14.12
C UNK B 201 -143.53 18.74 14.81
N UNK B 202 -144.36 19.03 15.81
CA UNK B 202 -144.19 20.27 16.51
C UNK B 202 -142.86 20.30 17.24
N UNK B 203 -142.37 19.15 17.67
CA UNK B 203 -141.11 19.10 18.38
C UNK B 203 -139.97 19.41 17.45
N UNK B 204 -139.96 18.77 16.28
CA UNK B 204 -138.91 19.04 15.31
C UNK B 204 -138.96 20.49 14.86
N UNK B 205 -140.17 21.00 14.70
CA UNK B 205 -140.31 22.38 14.32
C UNK B 205 -139.74 23.29 15.36
N UNK B 206 -140.19 23.16 16.61
CA UNK B 206 -139.79 24.13 17.60
C UNK B 206 -138.35 24.02 17.94
N UNK B 207 -137.74 22.87 17.71
CA UNK B 207 -136.30 22.86 17.78
C UNK B 207 -135.72 23.72 16.68
N UNK B 208 -136.25 23.59 15.46
CA UNK B 208 -135.68 24.37 14.36
C UNK B 208 -135.94 25.85 14.53
N UNK B 209 -137.14 26.19 14.94
CA UNK B 209 -137.47 27.59 15.11
C UNK B 209 -136.81 28.17 16.33
N UNK B 210 -136.43 27.37 17.33
CA UNK B 210 -135.71 27.95 18.47
C UNK B 210 -134.29 28.26 18.09
N UNK B 211 -133.63 27.28 17.48
CA UNK B 211 -132.26 27.53 17.07
C UNK B 211 -132.18 28.56 15.98
N UNK B 212 -133.27 28.80 15.25
CA UNK B 212 -133.34 30.01 14.47
C UNK B 212 -133.42 31.22 15.37
N UNK B 213 -134.50 31.34 16.10
CA UNK B 213 -134.86 32.63 16.63
C UNK B 213 -134.03 33.03 17.82
N UNK B 214 -133.13 32.22 18.30
CA UNK B 214 -132.26 32.73 19.35
C UNK B 214 -131.02 33.36 18.73
N UNK B 215 -130.16 32.52 18.16
CA UNK B 215 -128.94 32.91 17.46
C UNK B 215 -128.13 33.95 18.22
N UNK B 216 -127.86 33.69 19.49
CA UNK B 216 -126.93 34.51 20.28
C UNK B 216 -126.42 33.64 21.42
N UNK B 217 -125.24 33.06 21.24
CA UNK B 217 -124.84 31.87 21.99
C UNK B 217 -123.88 32.18 23.13
N UNK B 218 -124.39 32.05 24.35
CA UNK B 218 -123.61 32.06 25.57
C UNK B 218 -124.21 31.00 26.50
N UNK B 219 -123.52 30.76 27.63
CA UNK B 219 -123.69 29.53 28.39
C UNK B 219 -124.42 29.70 29.72
N UNK B 220 -123.91 30.53 30.64
CA UNK B 220 -124.63 31.23 31.71
C UNK B 220 -125.82 30.53 32.38
N UNK B 221 -125.57 29.39 33.05
CA UNK B 221 -126.49 28.24 33.06
C UNK B 221 -127.90 28.55 33.53
N UNK B 222 -128.07 28.91 34.79
CA UNK B 222 -129.42 29.14 35.28
C UNK B 222 -129.99 30.40 34.66
N UNK B 223 -129.13 31.37 34.40
CA UNK B 223 -129.58 32.57 33.71
C UNK B 223 -129.90 32.26 32.28
N UNK B 224 -129.21 31.28 31.70
CA UNK B 224 -129.60 30.82 30.39
C UNK B 224 -131.00 30.26 30.44
N UNK B 225 -131.34 29.54 31.50
CA UNK B 225 -132.70 29.00 31.62
C UNK B 225 -133.73 30.11 31.67
N UNK B 226 -133.52 31.05 32.59
CA UNK B 226 -134.53 32.08 32.82
C UNK B 226 -134.68 32.99 31.63
N UNK B 227 -133.60 33.63 31.25
CA UNK B 227 -133.72 34.60 30.20
C UNK B 227 -133.85 33.95 28.84
N UNK B 228 -133.55 32.68 28.69
CA UNK B 228 -133.73 32.10 27.39
C UNK B 228 -135.19 31.82 27.15
N UNK B 229 -135.91 31.36 28.17
CA UNK B 229 -137.34 31.27 28.01
C UNK B 229 -137.93 32.65 27.81
N UNK B 230 -137.40 33.63 28.52
CA UNK B 230 -137.89 35.00 28.40
C UNK B 230 -137.67 35.54 27.00
N UNK B 231 -136.45 35.47 26.52
CA UNK B 231 -136.09 36.08 25.25
C UNK B 231 -136.74 35.38 24.11
N UNK B 232 -136.87 34.06 24.19
CA UNK B 232 -137.53 33.36 23.10
C UNK B 232 -138.99 33.74 23.06
N UNK B 233 -139.60 33.92 24.22
CA UNK B 233 -140.94 34.46 24.19
C UNK B 233 -140.94 35.90 23.75
N UNK B 234 -139.85 36.60 23.99
CA UNK B 234 -139.83 38.02 23.67
C UNK B 234 -139.75 38.18 22.18
N UNK B 235 -138.71 37.69 21.61
CA UNK B 235 -138.43 37.68 20.20
C UNK B 235 -139.24 36.79 19.50
N UNK B 236 -140.21 36.16 20.12
CA UNK B 236 -141.37 35.66 19.43
C UNK B 236 -142.26 36.81 19.01
N UNK B 237 -143.45 36.48 18.57
CA UNK B 237 -144.34 37.49 18.05
C UNK B 237 -144.82 38.43 19.14
N UNK B 238 -145.09 39.66 18.74
CA UNK B 238 -145.64 40.69 19.61
C UNK B 238 -146.25 41.74 18.72
N UNK B 239 -146.41 42.92 19.27
CA UNK B 239 -147.14 44.00 18.63
C UNK B 239 -146.44 45.33 18.80
N UNK B 240 -145.16 45.42 18.47
CA UNK B 240 -144.39 46.57 18.94
C UNK B 240 -144.60 47.84 18.11
N UNK B 241 -144.01 47.90 16.91
CA UNK B 241 -144.23 48.95 15.89
C UNK B 241 -144.12 50.39 16.41
N UNK B 242 -142.91 50.80 16.77
CA UNK B 242 -142.71 52.16 17.26
C UNK B 242 -141.25 52.58 17.08
N UNK B 243 -141.02 53.83 16.65
CA UNK B 243 -139.64 54.30 16.48
C UNK B 243 -139.44 55.77 16.82
N UNK B 244 -140.03 56.28 17.91
CA UNK B 244 -139.77 57.63 18.41
C UNK B 244 -140.26 57.76 19.85
N UNK B 245 -139.50 58.46 20.69
CA UNK B 245 -139.74 58.42 22.12
C UNK B 245 -140.21 59.75 22.67
N UNK B 246 -140.85 59.65 23.83
CA UNK B 246 -141.06 60.78 24.70
C UNK B 246 -139.83 61.08 25.51
N UNK B 247 -138.90 60.12 25.56
CA UNK B 247 -137.84 60.07 26.54
C UNK B 247 -138.42 60.37 27.92
N UNK B 248 -139.45 59.61 28.28
CA UNK B 248 -140.30 59.93 29.43
C UNK B 248 -139.75 59.28 30.70
N UNK B 249 -139.67 57.94 30.70
CA UNK B 249 -138.96 57.12 31.69
C UNK B 249 -139.55 57.24 33.09
N UNK B 250 -140.87 57.21 33.16
CA UNK B 250 -141.59 57.01 34.40
C UNK B 250 -142.53 55.82 34.24
N UNK B 251 -141.99 54.74 33.67
CA UNK B 251 -142.66 53.45 33.61
C UNK B 251 -141.62 52.37 33.84
N UNK B 252 -141.99 51.35 34.60
CA UNK B 252 -141.07 50.29 34.97
C UNK B 252 -141.64 48.97 34.47
N UNK B 253 -141.35 48.64 33.21
CA UNK B 253 -141.78 47.41 32.56
C UNK B 253 -140.88 46.26 32.96
N UNK B 254 -140.90 45.19 32.19
CA UNK B 254 -140.14 43.98 32.51
C UNK B 254 -138.65 44.26 32.56
N UNK B 255 -138.02 43.75 33.61
CA UNK B 255 -136.61 43.99 33.86
C UNK B 255 -135.72 43.02 33.12
N UNK B 256 -136.21 42.45 32.01
CA UNK B 256 -135.42 41.54 31.19
C UNK B 256 -134.13 42.21 30.75
N UNK B 257 -134.27 43.35 30.09
CA UNK B 257 -133.10 44.11 29.71
C UNK B 257 -132.38 44.70 30.91
N UNK B 258 -133.05 44.82 32.05
CA UNK B 258 -132.36 45.35 33.22
C UNK B 258 -131.39 44.33 33.78
N UNK B 259 -131.78 43.07 33.80
CA UNK B 259 -130.85 42.01 34.19
C UNK B 259 -129.77 41.82 33.15
N UNK B 260 -130.14 41.98 31.88
CA UNK B 260 -129.14 42.01 30.83
C UNK B 260 -128.21 43.20 31.00
N UNK B 261 -128.73 44.32 31.49
CA UNK B 261 -127.92 45.48 31.70
C UNK B 261 -127.03 45.27 32.90
N UNK B 262 -127.50 44.49 33.85
CA UNK B 262 -126.65 44.10 34.97
C UNK B 262 -125.49 43.26 34.46
N UNK B 263 -125.78 42.35 33.54
CA UNK B 263 -124.72 41.57 32.92
C UNK B 263 -123.81 42.43 32.05
N UNK B 264 -124.38 43.43 31.40
CA UNK B 264 -123.60 44.28 30.52
C UNK B 264 -122.68 45.19 31.32
N UNK B 265 -123.20 45.74 32.41
CA UNK B 265 -122.39 46.50 33.35
C UNK B 265 -121.36 45.61 33.98
N UNK B 266 -121.67 44.33 34.17
CA UNK B 266 -120.67 43.40 34.67
C UNK B 266 -119.57 43.20 33.64
N UNK B 267 -119.94 43.17 32.37
CA UNK B 267 -118.94 43.00 31.33
C UNK B 267 -118.04 44.23 31.24
N UNK B 268 -118.63 45.41 31.22
CA UNK B 268 -117.84 46.62 31.08
C UNK B 268 -117.08 46.93 32.35
N UNK B 269 -117.61 46.57 33.50
CA UNK B 269 -116.88 46.79 34.74
C UNK B 269 -115.82 45.74 34.95
N UNK B 270 -115.99 44.55 34.38
CA UNK B 270 -114.92 43.56 34.48
C UNK B 270 -113.82 43.86 33.48
N UNK B 271 -114.19 44.33 32.30
CA UNK B 271 -113.19 44.89 31.42
C UNK B 271 -112.62 46.18 31.98
N UNK B 272 -113.38 46.88 32.80
CA UNK B 272 -112.89 48.10 33.38
C UNK B 272 -111.93 47.81 34.51
N UNK B 273 -112.19 46.75 35.25
CA UNK B 273 -111.19 46.26 36.17
C UNK B 273 -110.01 45.71 35.42
N UNK B 274 -110.26 45.12 34.25
CA UNK B 274 -109.19 44.56 33.46
C UNK B 274 -108.29 45.65 32.91
N UNK B 275 -108.89 46.69 32.39
CA UNK B 275 -108.12 47.83 31.91
C UNK B 275 -107.54 48.62 33.08
N UNK B 276 -108.23 48.61 34.22
CA UNK B 276 -107.73 49.23 35.42
C UNK B 276 -106.46 48.55 35.85
N UNK B 277 -106.48 47.24 35.91
CA UNK B 277 -105.28 46.48 36.21
C UNK B 277 -104.28 46.54 35.07
N UNK B 278 -104.75 46.85 33.86
CA UNK B 278 -103.82 46.98 32.75
C UNK B 278 -102.98 48.23 32.89
N UNK B 279 -103.62 49.35 33.22
CA UNK B 279 -102.87 50.54 33.58
C UNK B 279 -102.08 50.31 34.85
N UNK B 280 -102.62 49.51 35.75
CA UNK B 280 -101.94 49.10 36.94
C UNK B 280 -101.03 47.91 36.71
N UNK B 281 -100.56 47.74 35.48
CA UNK B 281 -99.34 46.98 35.23
C UNK B 281 -98.12 47.90 35.40
N UNK B 282 -101.88 69.49 31.12
CA UNK B 282 -103.21 69.91 31.50
C UNK B 282 -103.64 69.14 32.72
N UNK B 283 -104.94 69.15 33.00
CA UNK B 283 -105.50 68.24 33.99
C UNK B 283 -106.45 67.36 33.22
N UNK B 284 -105.88 66.41 32.50
CA UNK B 284 -106.62 65.26 31.99
C UNK B 284 -106.45 64.11 32.97
N UNK B 285 -106.72 64.43 34.22
CA UNK B 285 -106.36 63.55 35.31
C UNK B 285 -107.52 62.69 35.77
N UNK B 286 -108.45 62.33 34.87
CA UNK B 286 -109.54 61.41 35.20
C UNK B 286 -108.96 60.01 35.21
N UNK B 287 -108.20 59.73 36.27
CA UNK B 287 -107.05 58.84 36.16
C UNK B 287 -107.47 57.38 36.11
N UNK B 288 -108.06 56.89 37.19
CA UNK B 288 -108.31 55.46 37.31
C UNK B 288 -109.63 55.04 36.70
N UNK B 289 -110.25 55.88 35.89
CA UNK B 289 -111.33 55.43 35.03
C UNK B 289 -111.20 56.09 33.69
N UNK B 290 -109.97 56.29 33.23
CA UNK B 290 -109.70 56.99 31.98
C UNK B 290 -110.09 56.15 30.79
N UNK B 291 -111.40 55.98 30.58
CA UNK B 291 -111.86 54.91 29.70
C UNK B 291 -113.27 55.22 29.27
N UNK B 292 -113.45 55.50 28.00
CA UNK B 292 -114.77 55.42 27.41
C UNK B 292 -114.97 53.98 26.97
N UNK B 293 -116.09 53.69 26.31
CA UNK B 293 -116.31 52.36 25.76
C UNK B 293 -115.38 52.04 24.60
N UNK B 294 -114.61 53.01 24.12
CA UNK B 294 -113.50 52.77 23.23
C UNK B 294 -112.20 52.49 23.96
N UNK B 295 -112.25 52.04 25.21
CA UNK B 295 -111.04 51.56 25.87
C UNK B 295 -110.71 50.14 25.48
N UNK B 296 -111.67 49.45 24.85
CA UNK B 296 -111.45 48.08 24.38
C UNK B 296 -110.28 48.01 23.41
N UNK B 297 -110.25 48.94 22.45
CA UNK B 297 -109.17 49.02 21.48
C UNK B 297 -107.84 49.27 22.16
N UNK B 298 -107.85 50.05 23.25
CA UNK B 298 -106.62 50.28 24.02
C UNK B 298 -106.10 48.98 24.58
N UNK B 299 -107.00 48.20 25.17
CA UNK B 299 -106.62 46.92 25.77
C UNK B 299 -106.03 45.99 24.73
N UNK B 300 -106.69 45.93 23.58
CA UNK B 300 -106.33 44.97 22.56
C UNK B 300 -104.99 45.27 21.94
N UNK B 301 -104.79 46.51 21.51
CA UNK B 301 -103.54 46.86 20.87
C UNK B 301 -102.38 46.81 21.84
N UNK B 302 -102.65 47.08 23.12
CA UNK B 302 -101.65 46.81 24.14
C UNK B 302 -101.29 45.34 24.17
N UNK B 303 -102.31 44.48 24.14
CA UNK B 303 -102.10 43.04 24.24
C UNK B 303 -101.31 42.51 23.08
N UNK B 304 -101.69 42.88 21.86
CA UNK B 304 -101.01 42.33 20.71
C UNK B 304 -99.67 43.00 20.47
N UNK B 305 -99.47 44.22 20.96
CA UNK B 305 -98.18 44.85 20.78
C UNK B 305 -97.15 44.21 21.69
N UNK B 306 -97.54 44.00 22.95
CA UNK B 306 -96.68 43.26 23.84
C UNK B 306 -96.55 41.82 23.38
N UNK B 307 -97.58 41.28 22.74
CA UNK B 307 -97.46 39.98 22.12
C UNK B 307 -96.55 40.01 20.91
N UNK B 308 -96.44 41.16 20.25
CA UNK B 308 -95.64 41.25 19.04
C UNK B 308 -94.17 41.20 19.38
N UNK B 309 -93.76 42.03 20.33
CA UNK B 309 -92.43 41.86 20.88
C UNK B 309 -92.29 40.54 21.64
N UNK B 310 -93.40 39.95 22.11
CA UNK B 310 -93.29 38.69 22.82
C UNK B 310 -93.05 37.54 21.86
N UNK B 311 -93.67 37.59 20.71
CA UNK B 311 -93.39 36.59 19.71
C UNK B 311 -92.04 36.85 19.07
N UNK B 312 -91.60 38.11 19.09
CA UNK B 312 -90.23 38.40 18.71
C UNK B 312 -89.25 37.72 19.64
N UNK B 313 -89.52 37.80 20.94
CA UNK B 313 -88.77 37.03 21.91
C UNK B 313 -88.86 35.54 21.63
N UNK B 314 -90.06 35.06 21.29
CA UNK B 314 -90.26 33.65 21.00
C UNK B 314 -89.45 33.22 19.80
N UNK B 315 -89.40 34.05 18.77
CA UNK B 315 -88.73 33.70 17.54
C UNK B 315 -87.22 33.76 17.68
N UNK B 316 -86.73 34.76 18.38
CA UNK B 316 -85.28 34.89 18.55
C UNK B 316 -84.75 33.81 19.47
N UNK B 317 -85.40 33.62 20.62
CA UNK B 317 -85.05 32.54 21.52
C UNK B 317 -85.43 31.17 20.98
N UNK B 318 -86.16 31.07 19.87
CA UNK B 318 -86.58 29.79 19.35
C UNK B 318 -85.41 28.97 18.82
N UNK B 319 -84.75 29.43 17.77
CA UNK B 319 -83.79 28.59 17.06
C UNK B 319 -82.70 29.47 16.44
N UNK B 320 -81.92 28.88 15.54
CA UNK B 320 -80.57 29.30 15.22
C UNK B 320 -80.51 30.49 14.28
N UNK B 321 -79.34 30.68 13.65
CA UNK B 321 -78.77 31.95 13.21
C UNK B 321 -79.66 32.74 12.28
N UNK B 322 -80.18 33.87 12.81
CA UNK B 322 -81.00 34.84 12.12
C UNK B 322 -81.21 36.04 13.02
N UNK B 323 -81.17 37.22 12.43
CA UNK B 323 -81.77 38.39 13.04
C UNK B 323 -82.53 39.23 12.02
N UNK B 324 -82.57 38.81 10.75
CA UNK B 324 -83.47 39.42 9.79
C UNK B 324 -84.91 39.09 10.11
N UNK B 325 -85.14 37.95 10.76
CA UNK B 325 -86.44 37.68 11.34
C UNK B 325 -86.79 38.70 12.42
N UNK B 326 -85.82 39.06 13.26
CA UNK B 326 -86.09 40.06 14.29
C UNK B 326 -86.25 41.44 13.69
N UNK B 327 -85.55 41.73 12.60
CA UNK B 327 -85.78 42.99 11.92
C UNK B 327 -87.17 43.04 11.31
N UNK B 328 -87.67 41.90 10.85
CA UNK B 328 -89.07 41.82 10.46
C UNK B 328 -89.98 42.06 11.65
N UNK B 329 -89.56 41.59 12.81
CA UNK B 329 -90.33 41.91 14.01
C UNK B 329 -90.22 43.38 14.37
N UNK B 330 -89.17 44.06 13.91
CA UNK B 330 -89.09 45.50 14.11
C UNK B 330 -90.08 46.25 13.24
N UNK B 331 -90.73 45.57 12.29
CA UNK B 331 -91.92 46.07 11.62
C UNK B 331 -93.21 45.50 12.19
N UNK B 332 -93.14 44.27 12.71
CA UNK B 332 -94.28 43.68 13.38
C UNK B 332 -94.70 44.51 14.60
N UNK B 333 -93.71 45.05 15.31
CA UNK B 333 -93.99 46.06 16.32
C UNK B 333 -94.52 47.32 15.67
N UNK B 334 -93.95 47.70 14.52
CA UNK B 334 -94.20 49.03 13.95
C UNK B 334 -95.62 49.19 13.47
N UNK B 335 -96.32 48.09 13.22
CA UNK B 335 -97.71 48.14 12.85
C UNK B 335 -98.63 48.68 13.96
N UNK B 336 -98.13 48.83 15.19
CA UNK B 336 -98.95 49.22 16.34
C UNK B 336 -99.15 50.73 16.47
N UNK B 337 -98.43 51.52 15.70
CA UNK B 337 -98.56 52.97 15.75
C UNK B 337 -99.88 53.48 15.18
N UNK B 338 -100.66 52.62 14.54
CA UNK B 338 -101.72 53.08 13.65
C UNK B 338 -102.94 53.56 14.41
N UNK B 339 -103.49 52.71 15.26
CA UNK B 339 -104.82 52.96 15.78
C UNK B 339 -104.81 53.81 17.01
N UNK B 340 -103.87 54.73 17.15
CA UNK B 340 -103.90 55.63 18.30
C UNK B 340 -104.71 56.90 18.06
N UNK B 341 -105.13 57.17 16.83
CA UNK B 341 -105.97 58.34 16.59
C UNK B 341 -107.44 58.03 16.83
N UNK B 342 -107.99 57.13 16.00
CA UNK B 342 -109.02 56.14 16.28
C UNK B 342 -110.04 56.51 17.34
N UNK B 343 -110.64 57.69 17.20
CA UNK B 343 -111.59 58.26 18.15
C UNK B 343 -111.02 58.31 19.56
N UNK B 344 -109.73 58.65 19.66
CA UNK B 344 -109.04 58.73 20.95
C UNK B 344 -109.28 60.09 21.60
N UNK B 345 -110.53 60.32 21.97
CA UNK B 345 -111.02 61.67 22.15
C UNK B 345 -110.51 62.33 23.41
N UNK B 346 -110.04 61.56 24.39
CA UNK B 346 -109.58 62.17 25.62
C UNK B 346 -108.19 62.75 25.42
N UNK B 347 -107.83 63.63 26.33
CA UNK B 347 -106.43 63.98 26.51
C UNK B 347 -105.77 63.06 27.52
N UNK B 348 -106.54 62.10 28.05
CA UNK B 348 -106.07 61.13 29.03
C UNK B 348 -105.88 59.75 28.46
N UNK B 349 -106.72 59.37 27.49
CA UNK B 349 -106.75 58.01 26.99
C UNK B 349 -105.44 57.64 26.34
N UNK B 350 -105.08 58.34 25.26
CA UNK B 350 -103.89 58.03 24.51
C UNK B 350 -102.64 58.20 25.36
N UNK B 351 -102.60 59.29 26.12
CA UNK B 351 -101.43 59.62 26.91
C UNK B 351 -101.17 58.59 27.99
N UNK B 352 -102.13 58.43 28.90
CA UNK B 352 -101.97 57.51 30.00
C UNK B 352 -101.85 56.07 29.53
N UNK B 353 -102.56 55.71 28.46
CA UNK B 353 -102.55 54.33 28.01
C UNK B 353 -101.21 53.95 27.43
N UNK B 354 -100.67 54.83 26.60
CA UNK B 354 -99.34 54.61 26.04
C UNK B 354 -98.31 54.54 27.14
N UNK B 355 -98.45 55.44 28.13
CA UNK B 355 -97.56 55.43 29.28
C UNK B 355 -97.63 54.11 30.02
N UNK B 356 -98.83 53.54 30.11
CA UNK B 356 -99.02 52.32 30.88
C UNK B 356 -98.39 51.12 30.19
N UNK B 357 -98.63 50.97 28.89
CA UNK B 357 -98.13 49.78 28.20
C UNK B 357 -96.63 49.86 27.98
N UNK B 358 -96.12 51.05 27.65
CA UNK B 358 -94.68 51.22 27.53
C UNK B 358 -94.01 51.06 28.88
N UNK B 359 -94.62 51.59 29.94
CA UNK B 359 -94.17 51.43 31.31
C UNK B 359 -94.16 49.99 31.72
N UNK B 360 -95.06 49.20 31.16
CA UNK B 360 -95.10 47.78 31.47
C UNK B 360 -93.90 47.09 30.86
N UNK B 361 -93.79 47.10 29.55
CA UNK B 361 -92.71 46.29 29.02
C UNK B 361 -91.42 47.08 28.94
N UNK B 362 -91.40 48.13 28.11
CA UNK B 362 -90.16 48.72 27.62
C UNK B 362 -89.39 49.44 28.70
N UNK B 363 -90.11 50.06 29.63
CA UNK B 363 -89.46 50.60 30.82
C UNK B 363 -88.87 49.49 31.66
N UNK B 364 -89.66 48.45 31.91
CA UNK B 364 -89.17 47.32 32.67
C UNK B 364 -88.39 46.35 31.83
N UNK B 365 -88.25 46.59 30.53
CA UNK B 365 -87.47 45.69 29.72
C UNK B 365 -85.97 45.81 29.96
N UNK B 366 -85.55 46.70 30.84
CA UNK B 366 -84.22 46.62 31.43
C UNK B 366 -84.25 45.60 32.56
N UNK B 367 -83.17 45.61 33.34
CA UNK B 367 -83.09 45.17 34.73
C UNK B 367 -83.15 43.67 34.97
N UNK B 368 -83.50 42.83 33.99
CA UNK B 368 -83.68 41.43 34.31
C UNK B 368 -82.35 40.69 34.35
N UNK B 369 -81.66 40.62 33.22
CA UNK B 369 -80.32 40.06 33.23
C UNK B 369 -79.37 40.98 33.95
N UNK B 370 -79.73 42.23 34.12
CA UNK B 370 -79.04 43.04 35.09
C UNK B 370 -79.19 42.50 36.49
N UNK B 371 -80.36 41.99 36.86
CA UNK B 371 -80.48 41.44 38.20
C UNK B 371 -79.72 40.16 38.31
N UNK B 372 -79.70 39.40 37.23
CA UNK B 372 -78.82 38.24 37.20
C UNK B 372 -77.36 38.65 37.27
N UNK B 373 -77.03 39.80 36.71
CA UNK B 373 -75.68 40.31 36.81
C UNK B 373 -75.41 40.82 38.20
N UNK B 374 -76.44 41.32 38.85
CA UNK B 374 -76.33 41.70 40.24
C UNK B 374 -76.05 40.49 41.10
N UNK B 375 -76.61 39.36 40.69
CA UNK B 375 -76.25 38.10 41.30
C UNK B 375 -74.83 37.78 40.86
N UNK B 376 -73.88 38.31 41.62
CA UNK B 376 -72.47 38.10 41.35
C UNK B 376 -72.10 36.68 41.79
N UNK B 377 -72.52 35.70 41.00
CA UNK B 377 -72.48 34.36 41.53
C UNK B 377 -71.07 33.81 41.50
N UNK B 378 -70.54 33.51 40.32
CA UNK B 378 -69.21 32.96 40.31
C UNK B 378 -68.60 33.25 38.98
N UNK B 379 -67.27 33.14 38.96
CA UNK B 379 -66.49 33.40 37.77
C UNK B 379 -66.95 32.53 36.62
N UNK B 380 -66.91 31.22 36.81
CA UNK B 380 -67.35 30.32 35.77
C UNK B 380 -68.84 30.43 35.55
N UNK B 381 -69.58 30.87 36.56
CA UNK B 381 -71.02 31.00 36.41
C UNK B 381 -71.37 32.12 35.45
N UNK B 382 -70.82 33.29 35.71
CA UNK B 382 -71.03 34.41 34.81
C UNK B 382 -70.34 34.15 33.50
N UNK B 383 -69.30 33.32 33.51
CA UNK B 383 -68.72 32.88 32.25
C UNK B 383 -69.69 32.02 31.50
N UNK B 384 -70.52 31.29 32.23
CA UNK B 384 -71.50 30.48 31.55
C UNK B 384 -72.62 31.33 31.03
N UNK B 385 -72.98 32.37 31.75
CA UNK B 385 -74.07 33.22 31.28
C UNK B 385 -73.63 34.07 30.12
N UNK B 386 -72.38 34.53 30.15
CA UNK B 386 -71.81 35.20 29.00
C UNK B 386 -71.73 34.27 27.82
N UNK B 387 -71.32 33.03 28.07
CA UNK B 387 -71.39 31.99 27.07
C UNK B 387 -72.82 31.78 26.59
N UNK B 388 -73.78 31.96 27.47
CA UNK B 388 -75.17 31.73 27.10
C UNK B 388 -75.69 32.83 26.20
N UNK B 389 -75.48 34.07 26.59
CA UNK B 389 -75.93 35.18 25.77
C UNK B 389 -75.16 35.21 24.47
N UNK B 390 -73.89 34.85 24.52
CA UNK B 390 -73.11 34.73 23.31
C UNK B 390 -73.54 33.54 22.48
N UNK B 391 -74.16 32.54 23.09
CA UNK B 391 -74.74 31.47 22.30
C UNK B 391 -75.96 31.99 21.57
N UNK B 392 -76.76 32.79 22.26
CA UNK B 392 -77.90 33.42 21.64
C UNK B 392 -77.54 34.70 20.91
N UNK B 393 -76.27 34.94 20.65
CA UNK B 393 -75.83 36.18 19.99
C UNK B 393 -76.19 36.12 18.51
N UNK B 394 -77.46 36.32 18.21
CA UNK B 394 -77.85 36.51 16.82
C UNK B 394 -77.40 37.88 16.33
N UNK B 395 -77.58 38.91 17.15
CA UNK B 395 -77.05 40.23 16.87
C UNK B 395 -75.70 40.35 17.56
N UNK B 396 -74.69 40.67 16.78
CA UNK B 396 -73.36 40.90 17.30
C UNK B 396 -73.20 42.30 17.84
N UNK B 397 -74.08 43.21 17.48
CA UNK B 397 -73.89 44.62 17.75
C UNK B 397 -74.99 45.24 18.56
N UNK B 398 -76.23 44.84 18.33
CA UNK B 398 -77.27 45.18 19.30
C UNK B 398 -77.02 44.51 20.63
N UNK B 399 -76.29 43.40 20.63
CA UNK B 399 -75.73 42.88 21.86
C UNK B 399 -74.77 43.86 22.50
N UNK B 400 -73.89 44.47 21.69
CA UNK B 400 -72.99 45.47 22.21
C UNK B 400 -73.73 46.70 22.68
N UNK B 401 -74.93 46.93 22.18
CA UNK B 401 -75.85 47.91 22.75
C UNK B 401 -76.47 47.42 24.05
N UNK B 402 -76.80 46.14 24.10
CA UNK B 402 -77.42 45.58 25.27
C UNK B 402 -76.47 45.63 26.45
N UNK B 403 -75.17 45.52 26.18
CA UNK B 403 -74.17 45.74 27.22
C UNK B 403 -74.27 47.15 27.77
N UNK B 404 -74.58 48.11 26.93
CA UNK B 404 -74.77 49.44 27.47
C UNK B 404 -76.08 49.51 28.24
N UNK B 405 -77.06 48.74 27.82
CA UNK B 405 -78.33 48.73 28.55
C UNK B 405 -78.13 48.19 29.94
N UNK B 406 -77.21 47.26 30.07
CA UNK B 406 -76.73 46.88 31.38
C UNK B 406 -76.01 48.04 32.04
N UNK B 407 -75.12 48.69 31.31
CA UNK B 407 -74.23 49.70 31.87
C UNK B 407 -74.97 50.90 32.39
N UNK B 408 -76.24 51.02 32.03
CA UNK B 408 -77.21 51.84 32.71
C UNK B 408 -77.30 51.58 34.21
N UNK B 409 -76.95 50.39 34.69
CA UNK B 409 -77.09 50.12 36.12
C UNK B 409 -76.08 50.92 36.94
N UNK B 410 -74.86 51.04 36.47
CA UNK B 410 -73.82 51.76 37.19
C UNK B 410 -73.88 53.25 36.84
N UNK B 411 -72.82 53.98 37.19
CA UNK B 411 -72.62 55.36 36.80
C UNK B 411 -71.14 55.73 37.00
N UNK B 412 -70.82 56.99 36.72
CA UNK B 412 -69.70 57.74 37.29
C UNK B 412 -68.30 57.38 36.86
N UNK B 413 -68.11 56.30 36.09
CA UNK B 413 -66.83 56.06 35.43
C UNK B 413 -67.05 55.39 34.10
N UNK B 414 -68.17 55.71 33.47
CA UNK B 414 -68.98 54.67 32.87
C UNK B 414 -68.41 54.05 31.61
N UNK B 415 -67.18 54.31 31.20
CA UNK B 415 -66.64 53.55 30.09
C UNK B 415 -65.17 53.24 30.27
N UNK B 416 -64.65 53.40 31.49
CA UNK B 416 -63.27 53.66 31.81
C UNK B 416 -62.32 52.65 31.20
N UNK B 417 -62.42 51.40 31.60
CA UNK B 417 -61.77 50.35 30.84
C UNK B 417 -62.71 49.66 29.89
N UNK B 418 -63.95 50.16 29.78
CA UNK B 418 -64.91 49.54 28.88
C UNK B 418 -64.51 49.78 27.44
N UNK B 419 -63.76 50.84 27.20
CA UNK B 419 -63.05 50.95 25.95
C UNK B 419 -61.83 50.04 25.90
N UNK B 420 -61.18 49.84 27.04
CA UNK B 420 -59.91 49.13 27.06
C UNK B 420 -60.09 47.70 26.63
N UNK B 421 -61.19 47.11 27.05
CA UNK B 421 -61.50 45.74 26.67
C UNK B 421 -61.81 45.65 25.19
N UNK B 422 -62.79 46.44 24.76
CA UNK B 422 -63.30 46.41 23.40
C UNK B 422 -62.19 46.60 22.38
N UNK B 423 -61.21 47.45 22.69
CA UNK B 423 -60.04 47.56 21.83
C UNK B 423 -59.05 46.43 22.06
N UNK B 424 -58.71 46.15 23.33
CA UNK B 424 -57.66 45.25 23.77
C UNK B 424 -57.87 43.84 23.31
N UNK B 425 -59.09 43.52 22.90
CA UNK B 425 -59.42 42.27 22.25
C UNK B 425 -58.50 41.94 21.10
N UNK B 426 -58.07 42.92 20.31
CA UNK B 426 -57.33 42.65 19.08
C UNK B 426 -55.90 42.22 19.40
N UNK B 427 -55.55 41.00 19.02
CA UNK B 427 -54.33 40.27 19.38
C UNK B 427 -54.21 39.06 18.46
N UNK B 428 -53.46 38.03 18.86
CA UNK B 428 -53.47 36.77 18.12
C UNK B 428 -54.79 36.02 18.28
N UNK B 429 -54.99 35.00 17.46
CA UNK B 429 -56.33 34.58 17.02
C UNK B 429 -56.83 33.33 17.73
N UNK B 430 -57.78 33.50 18.64
CA UNK B 430 -58.74 32.47 19.00
C UNK B 430 -60.00 32.68 18.16
N UNK B 431 -61.11 32.05 18.53
CA UNK B 431 -62.35 32.22 17.79
C UNK B 431 -62.91 33.63 17.93
N UNK B 432 -63.72 34.03 16.95
CA UNK B 432 -64.52 35.23 17.16
C UNK B 432 -65.63 34.96 18.14
N UNK B 433 -66.00 33.69 18.28
CA UNK B 433 -66.70 33.27 19.48
C UNK B 433 -65.93 33.64 20.74
N UNK B 434 -64.62 33.41 20.73
CA UNK B 434 -63.82 33.73 21.91
C UNK B 434 -63.69 35.22 22.08
N UNK B 435 -63.71 35.95 20.98
CA UNK B 435 -63.76 37.39 21.05
C UNK B 435 -65.05 37.86 21.70
N UNK B 436 -66.17 37.29 21.25
CA UNK B 436 -67.47 37.64 21.80
C UNK B 436 -67.54 37.32 23.28
N UNK B 437 -67.09 36.13 23.63
CA UNK B 437 -67.19 35.68 25.01
C UNK B 437 -66.24 36.43 25.90
N UNK B 438 -64.99 36.57 25.46
CA UNK B 438 -64.01 37.30 26.23
C UNK B 438 -64.37 38.76 26.30
N UNK B 439 -65.11 39.24 25.32
CA UNK B 439 -65.58 40.62 25.34
C UNK B 439 -66.61 40.80 26.43
N UNK B 440 -67.63 39.97 26.43
CA UNK B 440 -68.69 40.15 27.40
C UNK B 440 -68.20 39.83 28.78
N UNK B 441 -67.31 38.85 28.88
CA UNK B 441 -66.76 38.45 30.15
C UNK B 441 -65.66 39.38 30.60
N UNK B 442 -65.24 40.28 29.75
CA UNK B 442 -64.60 41.45 30.29
C UNK B 442 -65.63 42.30 31.00
N UNK B 443 -66.83 42.38 30.45
CA UNK B 443 -67.65 43.52 30.77
C UNK B 443 -68.33 43.39 32.11
N UNK B 444 -68.87 42.25 32.45
CA UNK B 444 -69.46 42.19 33.78
C UNK B 444 -68.39 42.04 34.83
N UNK B 445 -67.27 41.44 34.45
CA UNK B 445 -66.10 41.46 35.30
C UNK B 445 -65.67 42.88 35.57
N UNK B 446 -65.81 43.73 34.57
CA UNK B 446 -65.64 45.13 34.78
C UNK B 446 -66.73 45.67 35.68
N UNK B 447 -67.93 45.14 35.60
CA UNK B 447 -69.06 45.71 36.31
C UNK B 447 -69.14 45.26 37.75
N UNK B 448 -68.01 44.92 38.35
CA UNK B 448 -67.94 44.70 39.78
C UNK B 448 -68.41 45.93 40.53
N UNK B 449 -69.03 45.70 41.67
CA UNK B 449 -69.46 46.78 42.53
C UNK B 449 -68.26 47.31 43.30
N UNK B 450 -68.52 48.00 44.39
CA UNK B 450 -67.46 48.34 45.32
C UNK B 450 -66.87 47.06 45.88
N UNK B 451 -83.52 27.82 35.41
CA UNK B 451 -82.95 29.13 35.66
C UNK B 451 -82.22 29.68 34.43
N UNK B 452 -81.76 28.79 33.56
CA UNK B 452 -81.31 29.24 32.25
C UNK B 452 -82.50 29.55 31.36
N UNK B 453 -83.66 28.95 31.65
CA UNK B 453 -84.90 29.42 31.04
C UNK B 453 -85.21 30.84 31.48
N UNK B 454 -84.95 31.16 32.76
CA UNK B 454 -85.00 32.55 33.18
C UNK B 454 -83.91 33.38 32.51
N UNK B 455 -82.76 32.79 32.24
CA UNK B 455 -81.71 33.54 31.56
C UNK B 455 -82.11 33.86 30.13
N UNK B 456 -82.74 32.92 29.46
CA UNK B 456 -83.28 33.22 28.14
C UNK B 456 -84.43 34.18 28.22
N UNK B 457 -85.18 34.16 29.33
CA UNK B 457 -86.26 35.11 29.51
C UNK B 457 -85.72 36.52 29.72
N UNK B 458 -84.62 36.63 30.43
CA UNK B 458 -84.00 37.93 30.67
C UNK B 458 -83.30 38.42 29.43
N UNK B 459 -82.73 37.49 28.68
CA UNK B 459 -82.26 37.78 27.35
C UNK B 459 -83.38 38.37 26.51
N UNK B 460 -84.55 37.76 26.58
CA UNK B 460 -85.70 38.27 25.85
C UNK B 460 -86.12 39.64 26.36
N UNK B 461 -85.99 39.86 27.66
CA UNK B 461 -86.40 41.14 28.23
C UNK B 461 -85.49 42.27 27.77
N UNK B 462 -84.18 42.10 27.90
CA UNK B 462 -83.26 43.13 27.45
C UNK B 462 -83.25 43.23 25.94
N UNK B 463 -83.55 42.12 25.26
CA UNK B 463 -83.81 42.18 23.84
C UNK B 463 -85.04 42.98 23.53
N UNK B 464 -86.03 42.99 24.42
CA UNK B 464 -87.20 43.80 24.18
C UNK B 464 -86.98 45.24 24.59
N UNK B 465 -85.98 45.50 25.42
CA UNK B 465 -85.53 46.87 25.62
C UNK B 465 -84.92 47.42 24.35
N UNK B 466 -84.15 46.59 23.67
CA UNK B 466 -83.75 46.93 22.31
C UNK B 466 -84.97 47.08 21.42
N UNK B 467 -85.68 45.98 21.19
CA UNK B 467 -86.72 45.89 20.17
C UNK B 467 -88.00 46.62 20.53
N UNK B 468 -88.05 47.32 21.65
CA UNK B 468 -89.23 48.05 22.06
C UNK B 468 -88.99 49.54 22.24
N UNK B 469 -87.76 49.94 22.60
CA UNK B 469 -87.47 51.35 22.74
C UNK B 469 -87.10 52.01 21.43
N UNK B 470 -87.38 51.36 20.30
CA UNK B 470 -87.17 51.92 18.99
C UNK B 470 -88.27 52.91 18.64
N UNK C 1 -113.28 51.29 -110.87
CA UNK C 1 -114.07 51.88 -109.81
C UNK C 1 -113.56 51.36 -108.51
N UNK C 2 -114.06 50.18 -108.16
CA UNK C 2 -113.41 49.38 -107.14
C UNK C 2 -111.97 49.13 -107.51
N UNK C 3 -111.74 48.72 -108.76
CA UNK C 3 -110.39 48.52 -109.27
C UNK C 3 -109.60 49.81 -109.30
N UNK C 4 -110.28 50.94 -109.48
CA UNK C 4 -109.60 52.22 -109.58
C UNK C 4 -109.02 52.65 -108.24
N UNK C 5 -109.89 52.82 -107.24
CA UNK C 5 -109.44 53.12 -105.89
C UNK C 5 -108.50 52.04 -105.39
N UNK C 6 -108.74 50.80 -105.82
CA UNK C 6 -107.83 49.73 -105.54
C UNK C 6 -106.47 49.98 -106.15
N UNK C 7 -106.42 50.47 -107.39
CA UNK C 7 -105.16 50.54 -108.11
C UNK C 7 -104.30 51.60 -107.50
N UNK C 8 -104.92 52.71 -107.14
CA UNK C 8 -104.18 53.75 -106.45
C UNK C 8 -103.74 53.26 -105.09
N UNK C 9 -104.61 52.51 -104.41
CA UNK C 9 -104.27 51.97 -103.11
C UNK C 9 -103.08 51.06 -103.20
N UNK C 10 -103.11 50.15 -104.15
CA UNK C 10 -102.07 49.17 -104.32
C UNK C 10 -100.80 49.79 -104.84
N UNK C 11 -100.92 50.90 -105.56
CA UNK C 11 -99.73 51.65 -105.87
C UNK C 11 -99.16 52.28 -104.62
N UNK C 12 -99.99 52.56 -103.63
CA UNK C 12 -99.38 53.14 -102.44
C UNK C 12 -99.05 52.11 -101.35
N UNK C 13 -100.07 51.65 -100.63
CA UNK C 13 -100.05 50.68 -99.53
C UNK C 13 -101.48 50.50 -99.03
N UNK C 14 -101.62 49.67 -98.00
CA UNK C 14 -102.81 49.55 -97.15
C UNK C 14 -102.29 48.81 -95.93
N UNK C 15 -102.70 49.20 -94.73
CA UNK C 15 -101.81 48.84 -93.64
C UNK C 15 -102.56 48.73 -92.31
N UNK C 16 -101.79 49.00 -91.27
CA UNK C 16 -101.95 48.96 -89.83
C UNK C 16 -101.79 47.56 -89.28
N UNK C 17 -101.93 46.50 -90.10
CA UNK C 17 -101.36 45.20 -89.77
C UNK C 17 -101.10 44.39 -91.03
N UNK C 18 -101.90 44.71 -92.05
CA UNK C 18 -102.08 43.78 -93.15
C UNK C 18 -100.86 43.71 -94.04
N UNK C 19 -99.95 44.67 -93.89
CA UNK C 19 -98.61 44.52 -94.42
C UNK C 19 -97.95 43.27 -93.87
N UNK C 20 -97.95 43.11 -92.55
CA UNK C 20 -97.33 41.92 -91.97
C UNK C 20 -98.09 40.68 -92.35
N UNK C 21 -99.43 40.75 -92.39
CA UNK C 21 -100.20 39.57 -92.79
C UNK C 21 -99.89 39.12 -94.22
N UNK C 22 -99.80 40.07 -95.15
CA UNK C 22 -99.50 39.71 -96.51
C UNK C 22 -98.06 39.26 -96.66
N UNK C 23 -97.16 39.80 -95.85
CA UNK C 23 -95.80 39.28 -95.82
C UNK C 23 -95.78 37.83 -95.36
N UNK C 24 -96.71 37.44 -94.50
CA UNK C 24 -96.80 36.03 -94.16
C UNK C 24 -97.32 35.22 -95.32
N UNK C 25 -98.22 35.77 -96.13
CA UNK C 25 -98.70 35.02 -97.28
C UNK C 25 -97.58 34.78 -98.25
N UNK C 26 -96.71 35.76 -98.38
CA UNK C 26 -95.46 35.54 -99.07
C UNK C 26 -94.68 34.44 -98.42
N UNK C 27 -94.67 34.40 -97.09
CA UNK C 27 -93.83 33.42 -96.42
C UNK C 27 -94.34 32.01 -96.67
N UNK C 28 -95.64 31.88 -96.84
CA UNK C 28 -96.19 30.55 -97.08
C UNK C 28 -95.98 30.11 -98.52
N UNK C 29 -96.10 31.03 -99.47
CA UNK C 29 -95.82 30.66 -100.84
C UNK C 29 -94.37 30.29 -101.00
N UNK C 30 -93.52 31.00 -100.27
CA UNK C 30 -92.11 30.65 -100.20
C UNK C 30 -91.94 29.27 -99.60
N UNK C 31 -92.72 28.96 -98.60
CA UNK C 31 -92.58 27.69 -97.92
C UNK C 31 -92.98 26.54 -98.81
N UNK C 32 -94.16 26.62 -99.43
CA UNK C 32 -94.64 25.54 -100.26
C UNK C 32 -93.76 25.36 -101.47
N UNK C 33 -93.19 26.45 -101.97
CA UNK C 33 -92.18 26.32 -103.00
C UNK C 33 -91.01 25.52 -102.51
N UNK C 34 -90.58 25.77 -101.28
CA UNK C 34 -89.44 25.02 -100.77
C UNK C 34 -89.79 23.56 -100.56
N UNK C 35 -91.02 23.30 -100.17
CA UNK C 35 -91.37 21.93 -99.83
C UNK C 35 -91.56 21.10 -101.07
N UNK C 36 -92.25 21.64 -102.05
CA UNK C 36 -92.42 20.92 -103.30
C UNK C 36 -91.09 20.78 -104.00
N UNK C 37 -90.22 21.76 -103.83
CA UNK C 37 -88.88 21.64 -104.39
C UNK C 37 -88.13 20.49 -103.77
N UNK C 38 -88.13 20.42 -102.44
CA UNK C 38 -87.38 19.38 -101.76
C UNK C 38 -87.95 18.01 -102.04
N UNK C 39 -89.28 17.91 -102.05
CA UNK C 39 -89.91 16.63 -102.31
C UNK C 39 -89.70 16.20 -103.73
N UNK C 40 -89.64 17.12 -104.66
CA UNK C 40 -89.38 16.66 -106.02
C UNK C 40 -87.89 16.54 -106.28
N UNK C 41 -87.19 15.81 -105.44
CA UNK C 41 -85.78 15.59 -105.66
C UNK C 41 -85.41 14.13 -105.72
N UNK C 42 -85.81 13.34 -104.74
CA UNK C 42 -85.33 11.96 -104.58
C UNK C 42 -86.05 11.01 -105.55
N UNK C 43 -85.97 9.71 -105.29
CA UNK C 43 -86.62 8.69 -106.12
C UNK C 43 -88.12 8.79 -106.01
N UNK C 44 -88.76 9.21 -107.10
CA UNK C 44 -90.12 9.75 -107.09
C UNK C 44 -91.16 8.69 -106.84
N UNK C 45 -91.07 8.05 -105.69
CA UNK C 45 -91.86 6.86 -105.39
C UNK C 45 -93.25 7.26 -104.97
N UNK C 46 -94.10 6.27 -104.76
CA UNK C 46 -95.55 6.46 -104.79
C UNK C 46 -96.04 7.37 -103.70
N UNK C 47 -95.23 7.57 -102.68
CA UNK C 47 -95.51 8.63 -101.71
C UNK C 47 -95.36 10.04 -102.28
N UNK C 48 -95.07 10.21 -103.57
CA UNK C 48 -95.10 11.53 -104.16
C UNK C 48 -96.45 12.14 -104.02
N UNK C 49 -97.49 11.35 -104.21
CA UNK C 49 -98.84 11.84 -104.01
C UNK C 49 -99.07 12.22 -102.55
N UNK C 50 -99.10 11.23 -101.68
CA UNK C 50 -99.44 11.49 -100.29
C UNK C 50 -98.27 11.95 -99.49
N UNK C 51 -97.30 12.57 -100.15
CA UNK C 51 -96.44 13.59 -99.58
C UNK C 51 -96.80 14.96 -100.13
N UNK C 52 -97.04 15.06 -101.43
CA UNK C 52 -97.15 16.37 -102.04
C UNK C 52 -98.48 16.98 -101.74
N UNK C 53 -99.53 16.18 -101.83
CA UNK C 53 -100.85 16.68 -101.49
C UNK C 53 -100.91 17.06 -100.04
N UNK C 54 -100.17 16.34 -99.20
CA UNK C 54 -100.05 16.73 -97.81
C UNK C 54 -99.41 18.09 -97.70
N UNK C 55 -98.35 18.33 -98.47
CA UNK C 55 -97.64 19.58 -98.32
C UNK C 55 -98.49 20.74 -98.78
N UNK C 56 -99.22 20.55 -99.87
CA UNK C 56 -100.11 21.62 -100.28
C UNK C 56 -101.29 21.74 -99.36
N UNK C 57 -101.63 20.67 -98.65
CA UNK C 57 -102.66 20.79 -97.65
C UNK C 57 -102.18 21.62 -96.49
N UNK C 58 -100.90 21.47 -96.14
CA UNK C 58 -100.33 22.35 -95.13
C UNK C 58 -100.31 23.78 -95.63
N UNK C 59 -100.06 23.95 -96.93
CA UNK C 59 -99.96 25.27 -97.54
C UNK C 59 -101.29 25.97 -97.47
N UNK C 60 -102.31 25.35 -98.03
CA UNK C 60 -103.65 25.90 -97.97
C UNK C 60 -104.20 25.98 -96.56
N UNK C 61 -103.68 25.18 -95.63
CA UNK C 61 -104.07 25.37 -94.25
C UNK C 61 -103.62 26.72 -93.75
N UNK C 62 -102.32 27.00 -93.91
CA UNK C 62 -101.80 28.31 -93.49
C UNK C 62 -102.41 29.43 -94.30
N UNK C 63 -102.80 29.12 -95.52
CA UNK C 63 -103.44 30.12 -96.38
C UNK C 63 -104.84 30.42 -95.92
N UNK C 64 -105.60 29.40 -95.56
CA UNK C 64 -106.95 29.63 -95.10
C UNK C 64 -106.94 30.39 -93.80
N UNK C 65 -105.92 30.13 -92.98
CA UNK C 65 -105.68 30.96 -91.80
C UNK C 65 -105.51 32.43 -92.19
N UNK C 66 -104.54 32.71 -93.05
CA UNK C 66 -104.26 34.09 -93.42
C UNK C 66 -105.45 34.74 -94.10
N UNK C 67 -106.19 33.98 -94.86
CA UNK C 67 -107.25 34.58 -95.64
C UNK C 67 -108.49 34.87 -94.79
N UNK C 68 -108.85 33.99 -93.87
CA UNK C 68 -109.96 34.33 -93.02
C UNK C 68 -109.58 35.43 -92.05
N UNK C 69 -108.32 35.42 -91.60
CA UNK C 69 -107.82 36.46 -90.72
C UNK C 69 -107.88 37.80 -91.40
N UNK C 70 -107.48 37.86 -92.66
CA UNK C 70 -107.43 39.13 -93.36
C UNK C 70 -108.81 39.58 -93.83
N UNK C 71 -109.66 38.66 -94.29
CA UNK C 71 -111.00 39.09 -94.64
C UNK C 71 -111.82 39.41 -93.42
N UNK C 72 -111.35 39.08 -92.24
CA UNK C 72 -111.77 39.82 -91.07
C UNK C 72 -111.06 41.16 -90.99
N UNK C 73 -109.75 41.16 -91.22
CA UNK C 73 -108.90 42.26 -90.83
C UNK C 73 -108.96 43.34 -91.90
N UNK C 74 -109.70 44.40 -91.60
CA UNK C 74 -109.85 45.59 -92.45
C UNK C 74 -110.44 45.22 -93.80
N UNK C 75 -111.68 44.78 -93.76
CA UNK C 75 -112.46 44.65 -94.98
C UNK C 75 -113.23 45.93 -95.25
N UNK C 76 -112.49 47.02 -95.34
CA UNK C 76 -112.99 48.17 -96.06
C UNK C 76 -113.14 47.82 -97.53
N UNK C 77 -113.93 48.62 -98.25
CA UNK C 77 -114.62 48.16 -99.45
C UNK C 77 -113.68 47.74 -100.57
N UNK C 78 -112.94 48.68 -101.14
CA UNK C 78 -111.95 48.27 -102.13
C UNK C 78 -110.71 47.68 -101.49
N UNK C 79 -110.55 47.90 -100.17
CA UNK C 79 -109.47 47.26 -99.44
C UNK C 79 -109.63 45.75 -99.41
N UNK C 80 -110.81 45.24 -99.70
CA UNK C 80 -110.92 43.86 -100.15
C UNK C 80 -110.03 43.62 -101.35
N UNK C 81 -110.26 44.37 -102.43
CA UNK C 81 -109.58 44.11 -103.68
C UNK C 81 -108.10 44.40 -103.62
N UNK C 82 -107.67 45.15 -102.61
CA UNK C 82 -106.27 45.51 -102.46
C UNK C 82 -105.40 44.27 -102.31
N UNK C 83 -105.56 43.56 -101.21
CA UNK C 83 -104.83 42.31 -101.11
C UNK C 83 -105.45 41.25 -102.00
N UNK C 84 -106.69 41.42 -102.46
CA UNK C 84 -107.22 40.42 -103.37
C UNK C 84 -106.58 40.47 -104.74
N UNK C 85 -105.82 41.51 -105.04
CA UNK C 85 -104.92 41.46 -106.17
C UNK C 85 -103.49 41.18 -105.76
N UNK C 86 -103.10 41.73 -104.61
CA UNK C 86 -101.73 41.60 -104.18
C UNK C 86 -101.38 40.15 -103.91
N UNK C 87 -102.35 39.39 -103.43
CA UNK C 87 -102.11 38.01 -103.08
C UNK C 87 -101.84 37.18 -104.31
N UNK C 88 -102.63 37.36 -105.37
CA UNK C 88 -102.39 36.58 -106.56
C UNK C 88 -101.10 37.01 -107.24
N UNK C 89 -100.71 38.27 -107.07
CA UNK C 89 -99.38 38.66 -107.52
C UNK C 89 -98.32 37.91 -106.75
N UNK C 90 -98.48 37.88 -105.43
CA UNK C 90 -97.53 37.24 -104.53
C UNK C 90 -97.43 35.75 -104.80
N UNK C 91 -98.53 35.17 -105.24
CA UNK C 91 -98.48 33.82 -105.78
C UNK C 91 -97.59 33.83 -106.99
N UNK C 92 -98.06 34.49 -108.04
CA UNK C 92 -97.60 34.19 -109.39
C UNK C 92 -96.13 34.50 -109.53
N UNK C 93 -95.76 35.74 -109.26
CA UNK C 93 -94.36 36.06 -109.29
C UNK C 93 -93.67 35.53 -108.05
N UNK C 94 -94.08 36.05 -106.91
CA UNK C 94 -93.16 36.31 -105.82
C UNK C 94 -92.63 35.03 -105.20
N UNK C 95 -93.33 33.91 -105.40
CA UNK C 95 -92.65 32.66 -105.14
C UNK C 95 -92.90 31.50 -106.10
N UNK C 96 -94.14 31.33 -106.55
CA UNK C 96 -94.81 30.03 -106.36
C UNK C 96 -94.13 28.84 -107.00
N UNK C 97 -93.50 29.01 -108.16
CA UNK C 97 -93.36 27.89 -109.07
C UNK C 97 -92.32 26.88 -108.61
N UNK C 98 -92.47 25.64 -109.09
CA UNK C 98 -91.51 24.55 -108.84
C UNK C 98 -91.76 23.41 -109.82
N UNK C 99 -90.73 23.05 -110.60
CA UNK C 99 -90.47 21.74 -111.21
C UNK C 99 -89.14 21.80 -111.97
N UNK C 100 -88.84 20.73 -112.69
CA UNK C 100 -87.93 20.72 -113.83
C UNK C 100 -88.65 21.08 -115.10
N UNK C 101 -89.71 21.84 -114.96
CA UNK C 101 -90.30 22.52 -116.07
C UNK C 101 -89.36 23.52 -116.70
N UNK C 102 -88.26 23.88 -116.03
CA UNK C 102 -87.14 24.49 -116.72
C UNK C 102 -86.68 23.63 -117.88
N UNK C 103 -86.51 22.34 -117.63
CA UNK C 103 -86.10 21.45 -118.69
C UNK C 103 -87.24 21.25 -119.66
N UNK C 104 -88.47 21.46 -119.23
CA UNK C 104 -89.49 21.60 -120.25
C UNK C 104 -89.29 22.88 -121.02
N UNK C 105 -88.97 23.94 -120.32
CA UNK C 105 -89.23 25.28 -120.80
C UNK C 105 -88.20 25.74 -121.78
N UNK C 106 -87.00 25.20 -121.67
CA UNK C 106 -86.11 25.24 -122.82
C UNK C 106 -86.80 24.34 -123.83
N UNK C 107 -87.29 24.95 -124.91
CA UNK C 107 -88.31 24.32 -125.74
C UNK C 107 -87.74 23.14 -126.48
N UNK C 108 -86.72 23.40 -127.29
CA UNK C 108 -86.22 22.48 -128.32
C UNK C 108 -87.41 21.91 -129.07
N UNK C 109 -88.16 22.83 -129.64
CA UNK C 109 -89.56 22.62 -129.98
C UNK C 109 -89.78 21.62 -131.09
N UNK C 110 -88.72 21.01 -131.62
CA UNK C 110 -88.86 19.76 -132.33
C UNK C 110 -89.69 18.83 -131.50
N UNK C 111 -90.91 18.62 -131.98
CA UNK C 111 -91.94 17.98 -131.19
C UNK C 111 -91.59 16.54 -130.91
N UNK C 112 -90.72 15.97 -131.74
CA UNK C 112 -90.11 14.70 -131.38
C UNK C 112 -89.27 14.85 -130.12
N UNK C 113 -88.54 15.94 -129.98
CA UNK C 113 -87.78 16.07 -128.74
C UNK C 113 -88.70 16.40 -127.57
N UNK C 114 -89.81 17.08 -127.85
CA UNK C 114 -90.85 17.21 -126.83
C UNK C 114 -91.38 15.85 -126.44
N UNK C 115 -91.56 14.98 -127.42
CA UNK C 115 -91.96 13.62 -127.15
C UNK C 115 -90.88 12.86 -126.44
N UNK C 116 -89.64 13.26 -126.58
CA UNK C 116 -88.60 12.63 -125.80
C UNK C 116 -88.74 12.99 -124.35
N UNK C 117 -89.07 14.24 -124.09
CA UNK C 117 -89.38 14.64 -122.73
C UNK C 117 -90.60 13.91 -122.22
N UNK C 118 -91.56 13.68 -123.11
CA UNK C 118 -92.79 13.04 -122.72
C UNK C 118 -92.56 11.60 -122.37
N UNK C 119 -91.76 10.92 -123.17
CA UNK C 119 -91.42 9.55 -122.85
C UNK C 119 -90.56 9.49 -121.60
N UNK C 120 -89.83 10.55 -121.33
CA UNK C 120 -89.05 10.55 -120.10
C UNK C 120 -89.95 10.66 -118.89
N UNK C 121 -90.87 11.61 -118.89
CA UNK C 121 -91.77 11.76 -117.74
C UNK C 121 -92.70 10.59 -117.61
N UNK C 122 -93.16 10.04 -118.71
CA UNK C 122 -94.03 8.88 -118.66
C UNK C 122 -93.25 7.61 -118.41
N UNK C 123 -92.53 7.55 -117.29
CA UNK C 123 -92.25 6.30 -116.58
C UNK C 123 -91.86 6.66 -115.14
N UNK C 124 -92.82 6.59 -114.21
CA UNK C 124 -92.60 5.97 -112.90
C UNK C 124 -93.86 5.46 -112.19
N UNK C 125 -95.01 6.09 -112.47
CA UNK C 125 -96.14 6.10 -111.55
C UNK C 125 -97.41 5.88 -112.35
N UNK C 126 -98.56 6.14 -111.77
CA UNK C 126 -99.82 5.88 -112.46
C UNK C 126 -100.59 7.16 -112.71
N UNK C 127 -101.34 7.14 -113.81
CA UNK C 127 -101.70 8.33 -114.59
C UNK C 127 -102.38 9.39 -113.78
N UNK C 128 -103.04 9.01 -112.70
CA UNK C 128 -103.59 10.03 -111.84
C UNK C 128 -102.51 10.71 -111.03
N UNK C 129 -101.58 9.92 -110.50
CA UNK C 129 -100.44 10.53 -109.84
C UNK C 129 -99.66 11.34 -110.85
N UNK C 130 -99.65 10.88 -112.09
CA UNK C 130 -99.00 11.63 -113.13
C UNK C 130 -99.71 12.92 -113.40
N UNK C 131 -101.03 12.93 -113.29
CA UNK C 131 -101.76 14.13 -113.64
C UNK C 131 -101.58 15.19 -112.58
N UNK C 132 -101.55 14.78 -111.31
CA UNK C 132 -101.29 15.78 -110.28
C UNK C 132 -99.87 16.29 -110.36
N UNK C 133 -98.93 15.43 -110.70
CA UNK C 133 -97.59 15.93 -110.97
C UNK C 133 -97.58 16.88 -112.14
N UNK C 134 -98.42 16.64 -113.12
CA UNK C 134 -98.48 17.55 -114.24
C UNK C 134 -99.01 18.89 -113.82
N UNK C 135 -99.94 18.91 -112.89
CA UNK C 135 -100.40 20.20 -112.41
C UNK C 135 -99.32 20.89 -111.63
N UNK C 136 -98.48 20.14 -110.95
CA UNK C 136 -97.34 20.78 -110.34
C UNK C 136 -96.31 21.22 -111.36
N UNK C 137 -96.35 20.67 -112.54
CA UNK C 137 -95.56 21.22 -113.62
C UNK C 137 -96.22 22.42 -114.26
N UNK C 138 -97.51 22.63 -113.99
CA UNK C 138 -98.23 23.73 -114.60
C UNK C 138 -97.99 25.03 -113.87
N UNK C 139 -96.85 25.18 -113.21
CA UNK C 139 -96.46 26.42 -112.59
C UNK C 139 -95.51 27.18 -113.51
N UNK C 140 -96.07 27.77 -114.56
CA UNK C 140 -95.33 28.70 -115.41
C UNK C 140 -95.91 30.11 -115.38
N UNK C 141 -97.16 30.33 -115.80
CA UNK C 141 -97.60 31.71 -115.71
C UNK C 141 -99.01 32.06 -115.25
N UNK C 142 -100.00 31.42 -115.82
CA UNK C 142 -101.33 32.01 -115.85
C UNK C 142 -102.13 31.67 -114.59
N UNK C 143 -103.16 32.46 -114.34
CA UNK C 143 -104.10 32.10 -113.28
C UNK C 143 -105.51 32.02 -113.80
N UNK C 144 -105.92 33.00 -114.59
CA UNK C 144 -107.20 32.93 -115.27
C UNK C 144 -107.19 31.89 -116.36
N UNK C 145 -106.08 31.79 -117.08
CA UNK C 145 -105.92 30.81 -118.13
C UNK C 145 -105.22 29.57 -117.66
N UNK C 146 -104.79 29.54 -116.41
CA UNK C 146 -104.49 28.28 -115.77
C UNK C 146 -105.67 27.35 -115.92
N UNK C 147 -106.84 27.86 -115.58
CA UNK C 147 -108.07 27.09 -115.73
C UNK C 147 -108.34 26.73 -117.17
N UNK C 148 -108.01 27.63 -118.09
CA UNK C 148 -108.28 27.32 -119.49
C UNK C 148 -107.35 26.24 -119.99
N UNK C 149 -106.12 26.24 -119.50
CA UNK C 149 -105.19 25.20 -119.87
C UNK C 149 -105.70 23.87 -119.42
N UNK C 150 -106.17 23.81 -118.18
CA UNK C 150 -106.68 22.54 -117.70
C UNK C 150 -107.96 22.18 -118.40
N UNK C 151 -108.74 23.18 -118.81
CA UNK C 151 -109.96 22.92 -119.55
C UNK C 151 -109.65 22.29 -120.88
N UNK C 152 -108.67 22.85 -121.56
CA UNK C 152 -108.30 22.32 -122.85
C UNK C 152 -107.69 20.95 -122.72
N UNK C 153 -106.91 20.73 -121.68
CA UNK C 153 -106.23 19.46 -121.59
C UNK C 153 -107.20 18.37 -121.19
N UNK C 154 -108.15 18.68 -120.32
CA UNK C 154 -109.18 17.73 -119.99
C UNK C 154 -109.99 17.40 -121.22
N UNK C 155 -110.21 18.40 -122.06
CA UNK C 155 -110.86 18.15 -123.33
C UNK C 155 -110.01 17.25 -124.20
N UNK C 156 -108.70 17.41 -124.14
CA UNK C 156 -107.82 16.61 -124.97
C UNK C 156 -107.90 15.18 -124.54
N UNK C 157 -107.88 14.96 -123.23
CA UNK C 157 -107.93 13.61 -122.71
C UNK C 157 -109.23 12.95 -123.09
N UNK C 158 -110.30 13.75 -123.09
CA UNK C 158 -111.57 13.29 -123.57
C UNK C 158 -111.49 12.88 -125.01
N UNK C 159 -110.75 13.64 -125.82
CA UNK C 159 -110.60 13.26 -127.21
C UNK C 159 -109.73 12.03 -127.35
N UNK C 160 -108.82 11.85 -126.39
CA UNK C 160 -107.87 10.76 -126.49
C UNK C 160 -108.58 9.45 -126.34
N UNK C 161 -109.36 9.32 -125.28
CA UNK C 161 -110.19 8.13 -125.20
C UNK C 161 -111.30 8.19 -126.21
N UNK C 162 -111.70 9.39 -126.60
CA UNK C 162 -112.72 9.58 -127.60
C UNK C 162 -112.10 9.73 -128.96
N UNK C 163 -111.18 8.84 -129.28
CA UNK C 163 -110.80 8.64 -130.64
C UNK C 163 -111.59 7.47 -131.18
N UNK C 164 -111.30 7.08 -132.39
CA UNK C 164 -111.45 5.70 -132.80
C UNK C 164 -110.12 5.21 -133.30
N UNK C 165 -109.06 5.82 -132.78
CA UNK C 165 -107.71 5.31 -132.94
C UNK C 165 -107.51 4.12 -132.01
N UNK C 166 -108.27 3.08 -132.28
CA UNK C 166 -108.58 2.07 -131.26
C UNK C 166 -107.59 0.93 -131.30
N UNK C 167 -106.32 1.24 -131.27
CA UNK C 167 -105.34 0.19 -131.20
C UNK C 167 -104.14 0.55 -130.38
N UNK C 168 -104.10 1.69 -129.72
CA UNK C 168 -102.93 2.02 -128.94
C UNK C 168 -102.93 1.22 -127.66
N UNK C 169 -101.76 1.09 -127.07
CA UNK C 169 -101.73 0.62 -125.71
C UNK C 169 -102.34 1.67 -124.82
N UNK C 170 -102.79 1.24 -123.65
CA UNK C 170 -103.25 2.21 -122.67
C UNK C 170 -102.13 3.13 -122.27
N UNK C 171 -100.93 2.60 -122.16
CA UNK C 171 -99.81 3.48 -121.94
C UNK C 171 -99.49 4.29 -123.18
N UNK C 172 -99.79 3.76 -124.35
CA UNK C 172 -99.52 4.56 -125.54
C UNK C 172 -100.45 5.74 -125.61
N UNK C 173 -101.72 5.50 -125.37
CA UNK C 173 -102.69 6.57 -125.34
C UNK C 173 -102.38 7.53 -124.22
N UNK C 174 -101.83 7.02 -123.13
CA UNK C 174 -101.42 7.89 -122.05
C UNK C 174 -100.29 8.78 -122.49
N UNK C 175 -99.36 8.26 -123.27
CA UNK C 175 -98.30 9.11 -123.76
C UNK C 175 -98.84 10.17 -124.67
N UNK C 176 -99.82 9.80 -125.49
CA UNK C 176 -100.41 10.76 -126.39
C UNK C 176 -101.13 11.87 -125.60
N UNK C 177 -101.82 11.49 -124.54
CA UNK C 177 -102.59 12.47 -123.80
C UNK C 177 -101.69 13.38 -123.01
N UNK C 178 -100.66 12.82 -122.40
CA UNK C 178 -99.74 13.66 -121.67
C UNK C 178 -98.95 14.54 -122.61
N UNK C 179 -98.74 14.07 -123.83
CA UNK C 179 -98.06 14.88 -124.82
C UNK C 179 -98.86 16.12 -125.15
N UNK C 180 -100.15 15.94 -125.43
CA UNK C 180 -100.99 17.08 -125.76
C UNK C 180 -101.09 18.04 -124.61
N UNK C 181 -101.09 17.51 -123.40
CA UNK C 181 -101.22 18.38 -122.24
C UNK C 181 -99.98 19.21 -122.06
N UNK C 182 -98.81 18.59 -122.06
CA UNK C 182 -97.60 19.36 -121.93
C UNK C 182 -97.39 20.25 -123.16
N UNK C 183 -97.95 19.87 -124.30
CA UNK C 183 -97.78 20.67 -125.50
C UNK C 183 -98.53 21.97 -125.40
N UNK C 184 -99.79 21.90 -125.00
CA UNK C 184 -100.55 23.13 -124.93
C UNK C 184 -100.06 23.98 -123.78
N UNK C 185 -99.45 23.35 -122.78
CA UNK C 185 -98.72 24.13 -121.81
C UNK C 185 -97.58 24.88 -122.46
N UNK C 186 -96.91 24.24 -123.41
CA UNK C 186 -95.78 24.91 -124.04
C UNK C 186 -96.24 26.05 -124.93
N UNK C 187 -97.36 25.88 -125.60
CA UNK C 187 -97.85 26.96 -126.44
C UNK C 187 -98.33 28.13 -125.60
N UNK C 188 -98.79 27.86 -124.40
CA UNK C 188 -99.02 28.95 -123.47
C UNK C 188 -97.73 29.66 -123.11
N UNK C 189 -96.66 28.88 -122.94
CA UNK C 189 -95.39 29.49 -122.57
C UNK C 189 -94.87 30.38 -123.65
N UNK C 190 -95.18 30.08 -124.90
CA UNK C 190 -94.79 30.98 -125.97
C UNK C 190 -95.73 32.17 -126.04
N UNK C 191 -97.00 31.92 -126.33
CA UNK C 191 -97.93 33.03 -126.58
C UNK C 191 -98.40 33.71 -125.30
N UNK C 192 -116.90 -22.06 -104.17
CA UNK C 192 -118.03 -21.14 -104.18
C UNK C 192 -117.79 -20.00 -103.23
N UNK C 193 -117.53 -20.34 -101.99
CA UNK C 193 -117.42 -19.35 -100.94
C UNK C 193 -116.06 -19.37 -100.30
N UNK C 194 -115.01 -19.52 -101.09
CA UNK C 194 -113.67 -19.14 -100.67
C UNK C 194 -113.41 -17.70 -101.06
N UNK C 195 -114.31 -16.82 -100.65
CA UNK C 195 -114.15 -15.37 -100.63
C UNK C 195 -113.55 -14.92 -99.33
N UNK C 196 -113.29 -15.88 -98.46
CA UNK C 196 -112.57 -15.58 -97.25
C UNK C 196 -111.21 -15.02 -97.57
N UNK C 197 -110.64 -15.42 -98.69
CA UNK C 197 -109.45 -14.76 -99.15
C UNK C 197 -109.71 -13.33 -99.56
N UNK C 198 -110.91 -13.03 -100.07
CA UNK C 198 -111.15 -11.66 -100.49
C UNK C 198 -111.08 -10.75 -99.30
N UNK C 199 -111.71 -11.18 -98.22
CA UNK C 199 -111.60 -10.38 -97.03
C UNK C 199 -110.22 -10.44 -96.45
N UNK C 200 -109.51 -11.55 -96.60
CA UNK C 200 -108.20 -11.65 -95.97
C UNK C 200 -107.21 -10.76 -96.68
N UNK C 201 -107.24 -10.79 -97.98
CA UNK C 201 -106.34 -9.99 -98.75
C UNK C 201 -106.66 -8.53 -98.61
N UNK C 202 -107.94 -8.20 -98.66
CA UNK C 202 -108.30 -6.80 -98.50
C UNK C 202 -107.94 -6.33 -97.11
N UNK C 203 -107.97 -7.21 -96.12
CA UNK C 203 -107.65 -6.81 -94.76
C UNK C 203 -106.18 -6.52 -94.63
N UNK C 204 -105.34 -7.41 -95.15
CA UNK C 204 -103.91 -7.16 -95.10
C UNK C 204 -103.56 -5.92 -95.88
N UNK C 205 -104.22 -5.72 -97.00
CA UNK C 205 -103.97 -4.54 -97.79
C UNK C 205 -104.33 -3.31 -97.02
N UNK C 206 -105.55 -3.21 -96.52
CA UNK C 206 -105.98 -1.97 -95.91
C UNK C 206 -105.27 -1.69 -94.63
N UNK C 207 -104.73 -2.70 -93.99
CA UNK C 207 -103.81 -2.40 -92.92
C UNK C 207 -102.57 -1.74 -93.47
N UNK C 208 -102.04 -2.27 -94.57
CA UNK C 208 -100.81 -1.69 -95.10
C UNK C 208 -101.06 -0.29 -95.66
N UNK C 209 -102.14 -0.11 -96.36
CA UNK C 209 -102.41 1.18 -96.93
C UNK C 209 -102.86 2.16 -95.88
N UNK C 210 -103.37 1.73 -94.72
CA UNK C 210 -103.70 2.71 -93.69
C UNK C 210 -102.47 3.20 -93.02
N UNK C 211 -101.61 2.27 -92.61
CA UNK C 211 -100.39 2.69 -91.97
C UNK C 211 -99.48 3.43 -92.94
N UNK C 212 -99.66 3.23 -94.23
CA UNK C 212 -99.07 4.18 -95.17
C UNK C 212 -99.74 5.52 -95.05
N UNK C 213 -100.99 5.59 -95.40
CA UNK C 213 -101.59 6.87 -95.73
C UNK C 213 -101.89 7.72 -94.52
N UNK C 214 -101.66 7.25 -93.32
CA UNK C 214 -101.84 8.17 -92.21
C UNK C 214 -100.52 8.87 -91.92
N UNK C 215 -99.56 8.12 -91.40
CA UNK C 215 -98.20 8.58 -91.10
C UNK C 215 -98.17 9.91 -90.38
N UNK C 216 -98.95 10.04 -89.30
CA UNK C 216 -98.87 11.20 -88.41
C UNK C 216 -99.41 10.75 -87.05
N UNK C 217 -98.51 10.41 -86.14
CA UNK C 217 -98.84 9.54 -85.00
C UNK C 217 -99.03 10.33 -83.71
N UNK C 218 -100.28 10.39 -83.26
CA UNK C 218 -100.65 10.86 -81.94
C UNK C 218 -101.79 9.96 -81.45
N UNK C 219 -102.17 10.15 -80.18
CA UNK C 219 -102.90 9.14 -79.42
C UNK C 219 -104.36 9.48 -79.17
N UNK C 220 -104.66 10.59 -78.48
CA UNK C 220 -105.91 11.37 -78.55
C UNK C 220 -107.23 10.62 -78.75
N UNK C 221 -107.61 9.75 -77.79
CA UNK C 221 -108.29 8.48 -78.06
C UNK C 221 -109.56 8.59 -78.88
N UNK C 222 -110.59 9.20 -78.32
CA UNK C 222 -111.85 9.26 -79.05
C UNK C 222 -111.73 10.18 -80.24
N UNK C 223 -110.92 11.22 -80.10
CA UNK C 223 -110.66 12.09 -81.23
C UNK C 223 -109.83 11.38 -82.27
N UNK C 224 -108.97 10.46 -81.82
CA UNK C 224 -108.29 9.62 -82.78
C UNK C 224 -109.29 8.81 -83.57
N UNK C 225 -110.35 8.31 -82.91
CA UNK C 225 -111.36 7.55 -83.63
C UNK C 225 -112.05 8.40 -84.68
N UNK C 226 -112.54 9.55 -84.27
CA UNK C 226 -113.35 10.38 -85.16
C UNK C 226 -112.53 10.92 -86.30
N UNK C 227 -111.49 11.65 -85.98
CA UNK C 227 -110.76 12.29 -87.04
C UNK C 227 -109.88 11.32 -87.77
N UNK C 228 -109.61 10.13 -87.24
CA UNK C 228 -108.80 9.23 -88.01
C UNK C 228 -109.61 8.60 -89.10
N UNK C 229 -110.87 8.28 -88.82
CA UNK C 229 -111.72 7.85 -89.92
C UNK C 229 -111.91 8.98 -90.90
N UNK C 230 -112.03 10.20 -90.39
CA UNK C 230 -112.21 11.36 -91.25
C UNK C 230 -111.02 11.58 -92.14
N UNK C 231 -109.84 11.65 -91.56
CA UNK C 231 -108.63 11.99 -92.29
C UNK C 231 -108.25 10.91 -93.24
N UNK C 232 -108.45 9.64 -92.87
CA UNK C 232 -108.13 8.58 -93.80
C UNK C 232 -109.05 8.63 -94.97
N UNK C 233 -110.32 8.96 -94.74
CA UNK C 233 -111.17 9.18 -95.89
C UNK C 233 -110.80 10.44 -96.62
N UNK C 234 -110.20 11.39 -95.92
CA UNK C 234 -109.89 12.65 -96.55
C UNK C 234 -108.73 12.46 -97.49
N UNK C 235 -107.63 12.07 -96.95
CA UNK C 235 -106.40 11.79 -97.64
C UNK C 235 -106.47 10.60 -98.36
N UNK C 236 -107.61 9.95 -98.47
CA UNK C 236 -107.90 9.07 -99.56
C UNK C 236 -108.14 9.87 -100.83
N UNK C 237 -108.63 9.20 -101.84
CA UNK C 237 -108.79 9.84 -103.13
C UNK C 237 -109.88 10.89 -103.07
N UNK C 238 -109.71 11.91 -103.91
CA UNK C 238 -110.68 12.98 -104.08
C UNK C 238 -110.39 13.63 -105.41
N UNK C 239 -110.85 14.86 -105.56
CA UNK C 239 -110.83 15.56 -106.81
C UNK C 239 -110.43 17.01 -106.63
N UNK C 240 -109.31 17.28 -105.96
CA UNK C 240 -109.10 18.65 -105.48
C UNK C 240 -108.57 19.60 -106.56
N UNK C 241 -107.28 19.49 -106.92
CA UNK C 241 -106.64 20.19 -108.05
C UNK C 241 -106.88 21.70 -108.10
N UNK C 242 -106.32 22.43 -107.15
CA UNK C 242 -106.49 23.88 -107.13
C UNK C 242 -105.36 24.54 -106.34
N UNK C 243 -104.83 25.66 -106.85
CA UNK C 243 -103.75 26.35 -106.12
C UNK C 243 -103.81 27.87 -106.23
N UNK C 244 -104.99 28.49 -106.13
CA UNK C 244 -105.12 29.96 -106.06
C UNK C 244 -106.51 30.33 -105.54
N UNK C 245 -106.60 31.35 -104.70
CA UNK C 245 -107.82 31.61 -103.96
C UNK C 245 -108.48 32.91 -104.38
N UNK C 246 -109.77 32.97 -104.08
CA UNK C 246 -110.51 34.20 -104.04
C UNK C 246 -110.27 34.95 -102.75
N UNK C 247 -109.72 34.24 -101.76
CA UNK C 247 -109.74 34.66 -100.36
C UNK C 247 -111.13 35.15 -100.01
N UNK C 248 -112.12 34.31 -100.28
CA UNK C 248 -113.52 34.72 -100.25
C UNK C 248 -114.13 34.53 -98.87
N UNK C 249 -114.13 33.28 -98.38
CA UNK C 249 -114.42 32.89 -96.99
C UNK C 249 -115.85 33.23 -96.58
N UNK C 250 -116.78 32.93 -97.46
CA UNK C 250 -118.19 32.89 -97.12
C UNK C 250 -118.76 31.54 -97.51
N UNK C 251 -118.02 30.49 -97.14
CA UNK C 251 -118.48 29.11 -97.25
C UNK C 251 -118.00 28.36 -96.02
N UNK C 252 -118.85 27.50 -95.48
CA UNK C 252 -118.56 26.77 -94.25
C UNK C 252 -118.63 25.29 -94.55
N UNK C 253 -117.50 24.73 -95.03
CA UNK C 253 -117.37 23.32 -95.35
C UNK C 253 -117.11 22.52 -94.09
N UNK C 254 -116.59 21.31 -94.25
CA UNK C 254 -116.39 20.40 -93.13
C UNK C 254 -115.41 20.98 -92.12
N UNK C 255 -115.77 20.90 -90.85
CA UNK C 255 -115.00 21.48 -89.77
C UNK C 255 -113.90 20.56 -89.30
N UNK C 256 -113.44 19.65 -90.15
CA UNK C 256 -112.33 18.75 -89.83
C UNK C 256 -111.11 19.54 -89.41
N UNK C 257 -110.67 20.44 -90.28
CA UNK C 257 -109.58 21.31 -89.92
C UNK C 257 -109.95 22.31 -88.86
N UNK C 258 -111.24 22.56 -88.65
CA UNK C 258 -111.61 23.50 -87.59
C UNK C 258 -111.41 22.86 -86.23
N UNK C 259 -111.76 21.59 -86.09
CA UNK C 259 -111.46 20.88 -84.84
C UNK C 259 -109.97 20.68 -84.68
N UNK C 260 -109.28 20.44 -85.79
CA UNK C 260 -107.82 20.42 -85.74
C UNK C 260 -107.28 21.78 -85.35
N UNK C 261 -107.95 22.84 -85.78
CA UNK C 261 -107.51 24.17 -85.44
C UNK C 261 -107.80 24.45 -83.99
N UNK C 262 -108.85 23.85 -83.47
CA UNK C 262 -109.12 23.93 -82.05
C UNK C 262 -108.01 23.26 -81.27
N UNK C 263 -107.55 22.11 -81.76
CA UNK C 263 -106.41 21.43 -81.15
C UNK C 263 -105.13 22.23 -81.32
N UNK C 264 -104.99 22.90 -82.46
CA UNK C 264 -103.77 23.65 -82.72
C UNK C 264 -103.71 24.90 -81.86
N UNK C 265 -104.84 25.58 -81.72
CA UNK C 265 -104.96 26.69 -80.80
C UNK C 265 -104.77 26.22 -79.38
N UNK C 266 -105.17 24.99 -79.08
CA UNK C 266 -104.91 24.44 -77.76
C UNK C 266 -103.43 24.23 -77.56
N UNK C 267 -102.73 23.81 -78.60
CA UNK C 267 -101.30 23.62 -78.50
C UNK C 267 -100.58 24.94 -78.30
N UNK C 268 -100.90 25.92 -79.12
CA UNK C 268 -100.22 27.21 -79.03
C UNK C 268 -100.64 27.97 -77.78
N UNK C 269 -101.86 27.79 -77.32
CA UNK C 269 -102.27 28.46 -76.11
C UNK C 269 -101.75 27.74 -74.88
N UNK C 270 -101.50 26.44 -74.97
CA UNK C 270 -100.90 25.74 -73.84
C UNK C 270 -99.41 26.01 -73.79
N UNK C 271 -98.77 26.10 -74.94
CA UNK C 271 -97.41 26.61 -74.95
C UNK C 271 -97.39 28.09 -74.61
N UNK C 272 -98.48 28.80 -74.86
CA UNK C 272 -98.53 30.20 -74.53
C UNK C 272 -98.73 30.40 -73.06
N UNK C 273 -99.50 29.52 -72.44
CA UNK C 273 -99.53 29.50 -71.00
C UNK C 273 -98.21 29.03 -70.45
N UNK C 274 -97.54 28.14 -71.17
CA UNK C 274 -96.25 27.64 -70.72
C UNK C 274 -95.20 28.72 -70.78
N UNK C 275 -95.17 29.47 -71.87
CA UNK C 275 -94.25 30.58 -71.98
C UNK C 275 -94.69 31.73 -71.09
N UNK C 276 -96.00 31.86 -70.86
CA UNK C 276 -96.52 32.85 -69.95
C UNK C 276 -96.01 32.57 -68.56
N UNK C 277 -96.13 31.34 -68.12
CA UNK C 277 -95.58 30.95 -66.84
C UNK C 277 -94.06 30.94 -66.86
N UNK C 278 -93.46 30.83 -68.05
CA UNK C 278 -92.02 30.87 -68.14
C UNK C 278 -91.50 32.27 -67.85
N UNK C 279 -92.13 33.27 -68.45
CA UNK C 279 -91.84 34.65 -68.06
C UNK C 279 -92.25 34.91 -66.64
N UNK C 280 -93.31 34.25 -66.20
CA UNK C 280 -93.76 34.30 -64.84
C UNK C 280 -93.03 33.31 -63.97
N UNK C 281 -91.81 32.94 -64.34
CA UNK C 281 -90.84 32.42 -63.39
C UNK C 281 -90.10 33.59 -62.72
N UNK C 282 -88.53 52.20 -74.95
CA UNK C 282 -89.70 52.42 -75.79
C UNK C 282 -90.92 51.89 -75.09
N UNK C 283 -92.01 51.70 -75.84
CA UNK C 283 -93.15 50.96 -75.33
C UNK C 283 -93.26 49.74 -76.20
N UNK C 284 -92.39 48.78 -75.95
CA UNK C 284 -92.55 47.42 -76.42
C UNK C 284 -93.21 46.60 -75.32
N UNK C 285 -94.31 47.14 -74.83
CA UNK C 285 -94.91 46.65 -73.62
C UNK C 285 -96.06 45.72 -73.88
N UNK C 286 -96.03 44.97 -74.99
CA UNK C 286 -97.05 43.95 -75.25
C UNK C 286 -96.73 42.75 -74.39
N UNK C 287 -97.01 42.90 -73.10
CA UNK C 287 -96.21 42.26 -72.07
C UNK C 287 -96.51 40.78 -71.93
N UNK C 288 -97.71 40.46 -71.51
CA UNK C 288 -98.04 39.08 -71.16
C UNK C 288 -98.50 38.26 -72.35
N UNK C 289 -98.27 38.73 -73.57
CA UNK C 289 -98.38 37.87 -74.72
C UNK C 289 -97.27 38.19 -75.70
N UNK C 290 -96.10 38.53 -75.17
CA UNK C 290 -94.97 38.94 -75.98
C UNK C 290 -94.39 37.77 -76.75
N UNK C 291 -95.12 37.28 -77.75
CA UNK C 291 -94.82 35.96 -78.28
C UNK C 291 -95.44 35.85 -79.65
N UNK C 292 -94.61 35.77 -80.67
CA UNK C 292 -95.08 35.27 -81.95
C UNK C 292 -94.94 33.76 -81.91
N UNK C 293 -95.21 33.09 -83.04
CA UNK C 293 -95.01 31.66 -83.11
C UNK C 293 -93.54 31.27 -83.09
N UNK C 294 -92.63 32.22 -83.14
CA UNK C 294 -91.23 32.01 -82.83
C UNK C 294 -90.91 32.19 -81.35
N UNK C 295 -91.90 32.06 -80.46
CA UNK C 295 -91.58 32.03 -79.04
C UNK C 295 -91.13 30.65 -78.61
N UNK C 296 -91.34 29.64 -79.45
CA UNK C 296 -90.91 28.28 -79.16
C UNK C 296 -89.42 28.22 -78.91
N UNK C 297 -88.64 28.86 -79.79
CA UNK C 297 -87.20 28.93 -79.65
C UNK C 297 -86.78 29.62 -78.37
N UNK C 298 -87.56 30.62 -77.93
CA UNK C 298 -87.30 31.28 -76.67
C UNK C 298 -87.41 30.30 -75.51
N UNK C 299 -88.50 29.51 -75.54
CA UNK C 299 -88.74 28.54 -74.49
C UNK C 299 -87.62 27.52 -74.42
N UNK C 300 -87.20 27.05 -75.59
CA UNK C 300 -86.26 25.95 -75.68
C UNK C 300 -84.88 26.37 -75.21
N UNK C 301 -84.38 27.49 -75.73
CA UNK C 301 -83.04 27.92 -75.35
C UNK C 301 -82.99 28.34 -73.91
N UNK C 302 -84.10 28.86 -73.38
CA UNK C 302 -84.20 29.07 -71.95
C UNK C 302 -84.04 27.75 -71.20
N UNK C 303 -84.75 26.72 -71.67
CA UNK C 303 -84.75 25.43 -71.00
C UNK C 303 -83.36 24.80 -70.99
N UNK C 304 -82.72 24.77 -72.15
CA UNK C 304 -81.42 24.12 -72.22
C UNK C 304 -80.33 24.97 -71.63
N UNK C 305 -80.49 26.28 -71.57
CA UNK C 305 -79.47 27.11 -70.96
C UNK C 305 -79.48 26.93 -69.45
N UNK C 306 -80.68 26.97 -68.87
CA UNK C 306 -80.79 26.66 -67.47
C UNK C 306 -80.42 25.21 -67.21
N UNK C 307 -80.67 24.34 -68.17
CA UNK C 307 -80.19 22.98 -68.06
C UNK C 307 -78.68 22.89 -68.18
N UNK C 308 -78.06 23.84 -68.89
CA UNK C 308 -76.63 23.80 -69.09
C UNK C 308 -75.90 24.14 -67.82
N UNK C 309 -76.28 25.26 -67.21
CA UNK C 309 -75.81 25.50 -65.87
C UNK C 309 -76.33 24.46 -64.87
N UNK C 310 -77.44 23.79 -65.17
CA UNK C 310 -77.94 22.80 -64.24
C UNK C 310 -77.14 21.52 -64.30
N UNK C 311 -76.69 21.16 -65.49
CA UNK C 311 -75.80 20.02 -65.60
C UNK C 311 -74.43 20.39 -65.12
N UNK C 312 -74.08 21.69 -65.19
CA UNK C 312 -72.86 22.16 -64.55
C UNK C 312 -72.93 21.93 -63.06
N UNK C 313 -74.06 22.28 -62.46
CA UNK C 313 -74.32 21.95 -61.07
C UNK C 313 -74.23 20.44 -60.84
N UNK C 314 -74.80 19.66 -61.76
CA UNK C 314 -74.79 18.21 -61.64
C UNK C 314 -73.38 17.67 -61.67
N UNK C 315 -72.55 18.23 -62.54
CA UNK C 315 -71.19 17.73 -62.73
C UNK C 315 -70.28 18.13 -61.60
N UNK C 316 -70.43 19.36 -61.11
CA UNK C 316 -69.58 19.82 -60.03
C UNK C 316 -69.95 19.12 -58.73
N UNK C 317 -71.24 19.10 -58.41
CA UNK C 317 -71.71 18.37 -57.24
C UNK C 317 -71.64 16.85 -57.42
N UNK C 318 -71.31 16.35 -58.61
CA UNK C 318 -71.26 14.91 -58.82
C UNK C 318 -70.11 14.25 -58.06
N UNK C 319 -68.87 14.57 -58.41
CA UNK C 319 -67.75 13.81 -57.90
C UNK C 319 -66.52 14.71 -57.79
N UNK C 320 -65.35 14.10 -57.61
CA UNK C 320 -64.18 14.69 -56.99
C UNK C 320 -63.40 15.61 -57.93
N UNK C 321 -62.14 15.88 -57.54
CA UNK C 321 -61.37 17.09 -57.82
C UNK C 321 -61.27 17.43 -59.29
N UNK C 322 -61.94 18.51 -59.67
CA UNK C 322 -61.94 19.09 -61.00
C UNK C 322 -62.70 20.41 -60.97
N UNK C 323 -62.19 21.39 -61.69
CA UNK C 323 -62.98 22.52 -62.10
C UNK C 323 -62.71 22.91 -63.55
N UNK C 324 -61.81 22.19 -64.24
CA UNK C 324 -61.68 22.34 -65.68
C UNK C 324 -62.90 21.81 -66.40
N UNK C 325 -63.60 20.84 -65.79
CA UNK C 325 -64.91 20.46 -66.26
C UNK C 325 -65.89 21.62 -66.15
N UNK C 326 -65.84 22.36 -65.05
CA UNK C 326 -66.74 23.50 -64.92
C UNK C 326 -66.35 24.64 -65.84
N UNK C 327 -65.06 24.78 -66.13
CA UNK C 327 -64.66 25.76 -67.12
C UNK C 327 -65.15 25.38 -68.50
N UNK C 328 -65.19 24.08 -68.78
CA UNK C 328 -65.84 23.63 -70.00
C UNK C 328 -67.33 23.94 -69.98
N UNK C 329 -67.93 23.88 -68.80
CA UNK C 329 -69.31 24.31 -68.69
C UNK C 329 -69.44 25.81 -68.86
N UNK C 330 -68.37 26.56 -68.62
CA UNK C 330 -68.41 27.99 -68.89
C UNK C 330 -68.39 28.28 -70.39
N UNK C 331 -68.15 27.27 -71.23
CA UNK C 331 -68.43 27.32 -72.66
C UNK C 331 -69.75 26.66 -73.03
N UNK C 332 -70.13 25.63 -72.27
CA UNK C 332 -71.43 25.00 -72.47
C UNK C 332 -72.56 26.00 -72.25
N UNK C 333 -72.41 26.89 -71.29
CA UNK C 333 -73.30 28.04 -71.17
C UNK C 333 -73.13 28.96 -72.36
N UNK C 334 -71.88 29.17 -72.80
CA UNK C 334 -71.57 30.22 -73.75
C UNK C 334 -72.16 29.97 -75.12
N UNK C 335 -72.49 28.72 -75.41
CA UNK C 335 -73.15 28.39 -76.66
C UNK C 335 -74.56 28.97 -76.79
N UNK C 336 -75.13 29.52 -75.70
CA UNK C 336 -76.52 30.00 -75.68
C UNK C 336 -76.68 31.41 -76.23
N UNK C 337 -75.59 32.13 -76.46
CA UNK C 337 -75.65 33.49 -76.98
C UNK C 337 -76.11 33.55 -78.43
N UNK C 338 -76.19 32.42 -79.12
CA UNK C 338 -76.22 32.42 -80.57
C UNK C 338 -77.59 32.80 -81.12
N UNK C 339 -78.62 32.09 -80.71
CA UNK C 339 -79.89 32.17 -81.40
C UNK C 339 -80.77 33.28 -80.89
N UNK C 340 -80.20 34.40 -80.43
CA UNK C 340 -81.02 35.52 -80.02
C UNK C 340 -81.34 36.49 -81.15
N UNK C 341 -80.69 36.35 -82.30
CA UNK C 341 -81.03 37.24 -83.43
C UNK C 341 -82.21 36.68 -84.21
N UNK C 342 -82.00 35.52 -84.85
CA UNK C 342 -82.94 34.43 -85.08
C UNK C 342 -84.40 34.83 -85.26
N UNK C 343 -84.65 35.80 -86.15
CA UNK C 343 -85.97 36.36 -86.41
C UNK C 343 -86.62 36.87 -85.13
N UNK C 344 -85.82 37.49 -84.27
CA UNK C 344 -86.30 38.03 -83.00
C UNK C 344 -86.87 39.43 -83.19
N UNK C 345 -87.99 39.47 -83.92
CA UNK C 345 -88.38 40.70 -84.59
C UNK C 345 -88.95 41.73 -83.63
N UNK C 346 -89.39 41.34 -82.46
CA UNK C 346 -89.97 42.31 -81.54
C UNK C 346 -88.86 43.10 -80.87
N UNK C 347 -89.24 44.24 -80.32
CA UNK C 347 -88.43 44.90 -79.32
C UNK C 347 -88.78 44.42 -77.92
N UNK C 348 -89.72 43.48 -77.83
CA UNK C 348 -90.18 42.90 -76.57
C UNK C 348 -89.68 41.49 -76.36
N UNK C 349 -89.55 40.73 -77.44
CA UNK C 349 -89.26 39.30 -77.34
C UNK C 349 -87.91 39.07 -76.69
N UNK C 350 -86.85 39.54 -77.35
CA UNK C 350 -85.50 39.31 -76.87
C UNK C 350 -85.27 39.93 -75.52
N UNK C 351 -85.77 41.16 -75.35
CA UNK C 351 -85.55 41.92 -74.13
C UNK C 351 -86.22 41.25 -72.94
N UNK C 352 -87.54 41.12 -73.00
CA UNK C 352 -88.29 40.56 -71.90
C UNK C 352 -87.93 39.11 -71.65
N UNK C 353 -87.63 38.35 -72.72
CA UNK C 353 -87.34 36.93 -72.55
C UNK C 353 -86.03 36.72 -71.84
N UNK C 354 -85.00 37.47 -72.26
CA UNK C 354 -83.71 37.40 -71.59
C UNK C 354 -83.84 37.82 -70.15
N UNK C 355 -84.62 38.87 -69.91
CA UNK C 355 -84.88 39.34 -68.56
C UNK C 355 -85.53 38.26 -67.73
N UNK C 356 -86.42 37.49 -68.34
CA UNK C 356 -87.17 36.47 -67.60
C UNK C 356 -86.29 35.31 -67.20
N UNK C 357 -85.51 34.79 -68.15
CA UNK C 357 -84.70 33.60 -67.84
C UNK C 357 -83.53 33.94 -66.93
N UNK C 358 -82.89 35.08 -67.17
CA UNK C 358 -81.83 35.53 -66.28
C UNK C 358 -82.37 35.84 -64.90
N UNK C 359 -83.56 36.48 -64.84
CA UNK C 359 -84.26 36.76 -63.61
C UNK C 359 -84.63 35.49 -62.88
N UNK C 360 -84.86 34.42 -63.62
CA UNK C 360 -85.16 33.15 -63.00
C UNK C 360 -83.95 32.59 -62.30
N UNK C 361 -82.90 32.31 -63.05
CA UNK C 361 -81.82 31.63 -62.37
C UNK C 361 -80.86 32.63 -61.75
N UNK C 362 -80.19 33.42 -62.59
CA UNK C 362 -78.96 34.11 -62.20
C UNK C 362 -79.22 35.22 -61.21
N UNK C 363 -80.36 35.89 -61.33
CA UNK C 363 -80.79 36.83 -60.30
C UNK C 363 -81.05 36.10 -59.01
N UNK C 364 -81.81 35.01 -59.07
CA UNK C 364 -82.10 34.24 -57.89
C UNK C 364 -80.99 33.27 -57.55
N UNK C 365 -79.92 33.22 -58.34
CA UNK C 365 -78.83 32.32 -58.01
C UNK C 365 -78.00 32.81 -56.84
N UNK C 366 -78.34 33.95 -56.26
CA UNK C 366 -77.88 34.29 -54.93
C UNK C 366 -78.78 33.62 -53.90
N UNK C 367 -78.63 34.02 -52.66
CA UNK C 367 -79.61 33.97 -51.59
C UNK C 367 -79.90 32.59 -51.00
N UNK C 368 -79.46 31.50 -51.60
CA UNK C 368 -79.86 30.20 -51.08
C UNK C 368 -79.03 29.79 -49.87
N UNK C 369 -77.74 29.59 -50.08
CA UNK C 369 -76.87 29.34 -48.94
C UNK C 369 -76.71 30.58 -48.10
N UNK C 370 -77.05 31.74 -48.66
CA UNK C 370 -77.26 32.90 -47.81
C UNK C 370 -78.42 32.68 -46.87
N UNK C 371 -79.49 32.05 -47.30
CA UNK C 371 -80.58 31.84 -46.38
C UNK C 371 -80.22 30.80 -45.35
N UNK C 372 -79.43 29.82 -45.77
CA UNK C 372 -78.87 28.90 -44.80
C UNK C 372 -77.93 29.61 -43.85
N UNK C 373 -77.24 30.63 -44.34
CA UNK C 373 -76.38 31.42 -43.48
C UNK C 373 -77.20 32.30 -42.57
N UNK C 374 -78.36 32.72 -43.05
CA UNK C 374 -79.29 33.44 -42.21
C UNK C 374 -79.80 32.56 -41.11
N UNK C 375 -79.91 31.28 -41.39
CA UNK C 375 -80.18 30.31 -40.35
C UNK C 375 -78.92 30.20 -39.52
N UNK C 376 -78.81 31.08 -38.54
CA UNK C 376 -77.67 31.10 -37.63
C UNK C 376 -77.81 29.95 -36.64
N UNK C 377 -77.55 28.75 -37.13
CA UNK C 377 -77.97 27.61 -36.34
C UNK C 377 -77.02 27.39 -35.18
N UNK C 378 -75.81 26.92 -35.45
CA UNK C 378 -74.93 26.66 -34.33
C UNK C 378 -73.52 26.76 -34.84
N UNK C 379 -72.63 26.91 -33.86
CA UNK C 379 -71.21 27.04 -34.14
C UNK C 379 -70.70 25.83 -34.92
N UNK C 380 -70.88 24.64 -34.34
CA UNK C 380 -70.44 23.44 -35.03
C UNK C 380 -71.28 23.20 -36.26
N UNK C 381 -72.50 23.70 -36.29
CA UNK C 381 -73.35 23.48 -37.45
C UNK C 381 -72.83 24.24 -38.65
N UNK C 382 -72.59 25.53 -38.48
CA UNK C 382 -72.03 26.31 -39.54
C UNK C 382 -70.61 25.89 -39.80
N UNK C 383 -69.95 25.33 -38.79
CA UNK C 383 -68.66 24.73 -39.01
C UNK C 383 -68.79 23.52 -39.91
N UNK C 384 -69.91 22.84 -39.81
CA UNK C 384 -70.11 21.70 -40.67
C UNK C 384 -70.45 22.15 -42.06
N UNK C 385 -71.17 23.23 -42.20
CA UNK C 385 -71.52 23.69 -43.53
C UNK C 385 -70.32 24.30 -44.22
N UNK C 386 -69.50 25.00 -43.47
CA UNK C 386 -68.23 25.49 -43.99
C UNK C 386 -67.35 24.33 -44.39
N UNK C 387 -67.31 23.30 -43.54
CA UNK C 387 -66.66 22.06 -43.89
C UNK C 387 -67.28 21.45 -45.13
N UNK C 388 -68.57 21.63 -45.33
CA UNK C 388 -69.23 21.03 -46.46
C UNK C 388 -68.86 21.74 -47.75
N UNK C 389 -68.96 23.07 -47.75
CA UNK C 389 -68.61 23.81 -48.95
C UNK C 389 -67.13 23.69 -49.23
N UNK C 390 -66.33 23.62 -48.18
CA UNK C 390 -64.92 23.38 -48.34
C UNK C 390 -64.64 21.96 -48.78
N UNK C 391 -65.55 21.03 -48.52
CA UNK C 391 -65.41 19.70 -49.10
C UNK C 391 -65.67 19.76 -50.58
N UNK C 392 -66.68 20.53 -50.97
CA UNK C 392 -66.96 20.71 -52.38
C UNK C 392 -66.13 21.84 -52.99
N UNK C 393 -65.06 22.27 -52.32
CA UNK C 393 -64.23 23.37 -52.82
C UNK C 393 -63.37 22.88 -53.98
N UNK C 394 -64.00 22.72 -55.14
CA UNK C 394 -63.23 22.49 -56.35
C UNK C 394 -62.50 23.76 -56.77
N UNK C 395 -63.19 24.88 -56.71
CA UNK C 395 -62.57 26.18 -56.93
C UNK C 395 -62.16 26.75 -55.59
N UNK C 396 -60.90 27.07 -55.46
CA UNK C 396 -60.38 27.69 -54.26
C UNK C 396 -60.61 29.19 -54.25
N UNK C 397 -60.89 29.77 -55.39
CA UNK C 397 -60.90 31.21 -55.53
C UNK C 397 -62.23 31.77 -56.00
N UNK C 398 -62.91 31.09 -56.91
CA UNK C 398 -64.30 31.43 -57.15
C UNK C 398 -65.15 31.17 -55.92
N UNK C 399 -64.71 30.27 -55.05
CA UNK C 399 -65.25 30.19 -53.70
C UNK C 399 -65.04 31.48 -52.94
N UNK C 400 -63.83 32.03 -53.01
CA UNK C 400 -63.56 33.30 -52.36
C UNK C 400 -64.35 34.43 -52.98
N UNK C 401 -64.79 34.27 -54.24
CA UNK C 401 -65.77 35.15 -54.83
C UNK C 401 -67.18 34.87 -54.31
N UNK C 402 -67.48 33.60 -54.10
CA UNK C 402 -68.80 33.23 -53.62
C UNK C 402 -69.03 33.76 -52.22
N UNK C 403 -67.96 33.87 -51.44
CA UNK C 403 -68.05 34.53 -50.15
C UNK C 403 -68.46 35.98 -50.32
N UNK C 404 -68.00 36.62 -51.37
CA UNK C 404 -68.48 37.97 -51.59
C UNK C 404 -69.91 37.96 -52.07
N UNK C 405 -70.31 36.92 -52.79
CA UNK C 405 -71.70 36.83 -53.22
C UNK C 405 -72.62 36.69 -52.03
N UNK C 406 -72.13 36.03 -51.00
CA UNK C 406 -72.80 36.10 -49.72
C UNK C 406 -72.76 37.50 -49.17
N UNK C 407 -71.57 38.13 -49.19
CA UNK C 407 -71.35 39.40 -48.52
C UNK C 407 -72.18 40.52 -49.13
N UNK C 408 -72.77 40.28 -50.29
CA UNK C 408 -73.90 41.02 -50.81
C UNK C 408 -75.07 41.12 -49.85
N UNK C 409 -75.24 40.18 -48.92
CA UNK C 409 -76.40 40.24 -48.03
C UNK C 409 -76.30 41.42 -47.06
N UNK C 410 -75.12 41.67 -46.52
CA UNK C 410 -74.93 42.75 -45.56
C UNK C 410 -74.64 44.05 -46.30
N UNK C 411 -74.16 45.05 -45.56
CA UNK C 411 -73.68 46.31 -46.11
C UNK C 411 -72.82 47.02 -45.04
N UNK C 412 -72.33 48.21 -45.39
CA UNK C 412 -71.98 49.29 -44.48
C UNK C 412 -70.73 49.14 -43.63
N UNK C 413 -70.08 47.98 -43.65
CA UNK C 413 -68.74 47.86 -43.07
C UNK C 413 -67.94 46.85 -43.86
N UNK C 414 -68.21 46.76 -45.14
CA UNK C 414 -68.35 45.46 -45.76
C UNK C 414 -67.06 44.67 -45.95
N UNK C 415 -65.93 45.09 -45.42
CA UNK C 415 -64.78 44.21 -45.48
C UNK C 415 -63.92 44.27 -44.23
N UNK C 416 -64.49 44.81 -43.14
CA UNK C 416 -63.77 45.44 -42.04
C UNK C 416 -62.73 44.53 -41.44
N UNK C 417 -63.14 43.42 -40.86
CA UNK C 417 -62.19 42.38 -40.54
C UNK C 417 -62.15 41.30 -41.59
N UNK C 418 -62.89 41.47 -42.69
CA UNK C 418 -62.88 40.46 -43.74
C UNK C 418 -61.54 40.42 -44.44
N UNK C 419 -60.82 41.53 -44.39
CA UNK C 419 -59.41 41.47 -44.72
C UNK C 419 -58.59 40.86 -43.60
N UNK C 420 -59.01 41.08 -42.34
CA UNK C 420 -58.19 40.69 -41.20
C UNK C 420 -58.07 39.18 -41.14
N UNK C 421 -59.14 38.50 -41.47
CA UNK C 421 -59.13 37.05 -41.50
C UNK C 421 -58.24 36.53 -42.61
N UNK C 422 -58.54 36.97 -43.83
CA UNK C 422 -57.88 36.50 -45.04
C UNK C 422 -56.38 36.66 -44.95
N UNK C 423 -55.92 37.75 -44.33
CA UNK C 423 -54.48 37.89 -44.08
C UNK C 423 -54.05 37.07 -42.86
N UNK C 424 -54.77 37.20 -41.74
CA UNK C 424 -54.42 36.68 -40.43
C UNK C 424 -54.28 35.18 -40.41
N UNK C 425 -54.81 34.52 -41.44
CA UNK C 425 -54.61 33.11 -41.68
C UNK C 425 -53.14 32.71 -41.65
N UNK C 426 -52.23 33.54 -42.15
CA UNK C 426 -50.85 33.12 -42.31
C UNK C 426 -50.14 33.11 -40.95
N UNK C 427 -49.68 31.92 -40.56
CA UNK C 427 -49.15 31.58 -39.23
C UNK C 427 -48.44 30.23 -39.33
N UNK C 428 -48.27 29.51 -38.23
CA UNK C 428 -47.78 28.13 -38.29
C UNK C 428 -48.84 27.19 -38.90
N UNK C 429 -48.40 25.98 -39.23
CA UNK C 429 -48.99 25.19 -40.32
C UNK C 429 -49.90 24.08 -39.84
N UNK C 430 -51.21 24.27 -39.99
CA UNK C 430 -52.17 23.18 -40.12
C UNK C 430 -52.39 22.92 -41.61
N UNK C 431 -53.43 22.17 -41.96
CA UNK C 431 -53.71 21.89 -43.37
C UNK C 431 -54.14 23.14 -44.12
N UNK C 432 -53.94 23.12 -45.43
CA UNK C 432 -54.57 24.14 -46.26
C UNK C 432 -56.06 23.88 -46.35
N UNK C 433 -56.47 22.65 -46.11
CA UNK C 433 -57.85 22.40 -45.73
C UNK C 433 -58.23 23.21 -44.51
N UNK C 434 -57.35 23.27 -43.50
CA UNK C 434 -57.69 24.03 -42.31
C UNK C 434 -57.66 25.50 -42.58
N UNK C 435 -56.83 25.92 -43.51
CA UNK C 435 -56.85 27.29 -43.96
C UNK C 435 -58.17 27.62 -44.62
N UNK C 436 -58.63 26.75 -45.52
CA UNK C 436 -59.89 26.94 -46.21
C UNK C 436 -61.04 26.98 -45.23
N UNK C 437 -61.05 26.04 -44.30
CA UNK C 437 -62.15 25.92 -43.38
C UNK C 437 -62.13 27.05 -42.38
N UNK C 438 -60.97 27.34 -41.80
CA UNK C 438 -60.85 28.41 -40.86
C UNK C 438 -61.08 29.75 -41.53
N UNK C 439 -60.83 29.81 -42.84
CA UNK C 439 -61.11 31.01 -43.60
C UNK C 439 -62.59 31.25 -43.70
N UNK C 440 -63.31 30.24 -44.17
CA UNK C 440 -64.74 30.42 -44.36
C UNK C 440 -65.44 30.57 -43.04
N UNK C 441 -64.97 29.85 -42.05
CA UNK C 441 -65.54 29.89 -40.72
C UNK C 441 -65.09 31.12 -39.96
N UNK C 442 -64.14 31.85 -40.48
CA UNK C 442 -64.08 33.21 -40.05
C UNK C 442 -65.24 33.98 -40.62
N UNK C 443 -65.64 33.67 -41.83
CA UNK C 443 -66.38 34.66 -42.59
C UNK C 443 -67.84 34.74 -42.18
N UNK C 444 -68.49 33.61 -41.98
CA UNK C 444 -69.88 33.76 -41.56
C UNK C 444 -69.95 34.10 -40.09
N UNK C 445 -68.94 33.67 -39.33
CA UNK C 445 -68.77 34.14 -37.98
C UNK C 445 -68.62 35.64 -37.96
N UNK C 446 -67.94 36.17 -38.95
CA UNK C 446 -67.93 37.59 -39.14
C UNK C 446 -69.31 38.10 -39.53
N UNK C 447 -70.07 37.31 -40.27
CA UNK C 447 -71.33 37.79 -40.81
C UNK C 447 -72.46 37.71 -39.82
N UNK C 448 -72.17 37.77 -38.53
CA UNK C 448 -73.19 37.92 -37.50
C UNK C 448 -74.01 39.17 -37.77
N UNK C 449 -75.27 39.11 -37.41
CA UNK C 449 -76.15 40.25 -37.53
C UNK C 449 -75.90 41.19 -36.36
N UNK C 450 -76.85 42.05 -36.08
CA UNK C 450 -76.80 42.82 -34.86
C UNK C 450 -76.87 41.87 -33.68
N UNK C 451 -81.15 17.62 -45.93
CA UNK C 451 -80.90 19.04 -45.79
C UNK C 451 -79.48 19.41 -46.23
N UNK C 452 -78.56 18.44 -46.16
CA UNK C 452 -77.28 18.65 -46.80
C UNK C 452 -77.40 18.47 -48.30
N UNK C 453 -78.42 17.74 -48.76
CA UNK C 453 -78.78 17.78 -50.17
C UNK C 453 -79.26 19.17 -50.57
N UNK C 454 -80.01 19.84 -49.69
CA UNK C 454 -80.30 21.24 -49.89
C UNK C 454 -79.04 22.09 -49.81
N UNK C 455 -78.08 21.70 -48.98
CA UNK C 455 -76.85 22.47 -48.90
C UNK C 455 -76.05 22.34 -50.17
N UNK C 456 -76.01 21.16 -50.75
CA UNK C 456 -75.39 21.00 -52.04
C UNK C 456 -76.18 21.70 -53.12
N UNK C 457 -77.50 21.79 -52.95
CA UNK C 457 -78.33 22.51 -53.90
C UNK C 457 -78.05 24.00 -53.85
N UNK C 458 -77.84 24.52 -52.65
CA UNK C 458 -77.55 25.93 -52.48
C UNK C 458 -76.13 26.24 -52.91
N UNK C 459 -75.24 25.30 -52.69
CA UNK C 459 -73.92 25.35 -53.28
C UNK C 459 -74.03 25.47 -54.78
N UNK C 460 -74.89 24.65 -55.38
CA UNK C 460 -75.10 24.72 -56.82
C UNK C 460 -75.70 26.05 -57.23
N UNK C 461 -76.58 26.62 -56.40
CA UNK C 461 -77.21 27.87 -56.73
C UNK C 461 -76.21 29.01 -56.74
N UNK C 462 -75.43 29.16 -55.67
CA UNK C 462 -74.45 30.22 -55.63
C UNK C 462 -73.31 29.95 -56.61
N UNK C 463 -73.06 28.68 -56.89
CA UNK C 463 -72.19 28.33 -57.98
C UNK C 463 -72.75 28.75 -59.31
N UNK C 464 -74.07 28.77 -59.45
CA UNK C 464 -74.65 29.24 -60.70
C UNK C 464 -74.74 30.75 -60.73
N UNK C 465 -74.67 31.40 -59.59
CA UNK C 465 -74.46 32.85 -59.59
C UNK C 465 -73.08 33.18 -60.12
N UNK C 466 -72.09 32.38 -59.74
CA UNK C 466 -70.81 32.47 -60.41
C UNK C 466 -70.97 32.14 -61.89
N UNK C 467 -71.31 30.89 -62.19
CA UNK C 467 -71.26 30.34 -63.54
C UNK C 467 -72.36 30.85 -64.45
N UNK C 468 -73.19 31.78 -64.00
CA UNK C 468 -74.26 32.33 -64.83
C UNK C 468 -74.16 33.82 -65.01
N UNK C 469 -73.59 34.54 -64.05
CA UNK C 469 -73.44 35.99 -64.18
C UNK C 469 -72.19 36.36 -64.97
N UNK C 470 -71.58 35.41 -65.66
CA UNK C 470 -70.44 35.66 -66.52
C UNK C 470 -70.87 36.29 -67.84
N UNK D 1 -59.20 25.42 -153.70
CA UNK D 1 -60.36 26.10 -153.16
C UNK D 1 -60.41 25.82 -151.70
N UNK D 2 -61.00 24.66 -151.38
CA UNK D 2 -60.81 24.08 -150.07
C UNK D 2 -59.34 23.89 -149.79
N UNK D 3 -58.61 23.32 -150.75
CA UNK D 3 -57.16 23.16 -150.65
C UNK D 3 -56.45 24.49 -150.58
N UNK D 4 -57.01 25.52 -151.19
CA UNK D 4 -56.37 26.82 -151.23
C UNK D 4 -56.38 27.49 -149.86
N UNK D 5 -57.59 27.74 -149.33
CA UNK D 5 -57.73 28.26 -147.98
C UNK D 5 -57.06 27.34 -146.98
N UNK D 6 -57.09 26.04 -147.26
CA UNK D 6 -56.36 25.09 -146.47
C UNK D 6 -54.87 25.36 -146.52
N UNK D 7 -54.34 25.66 -147.69
CA UNK D 7 -52.89 25.73 -147.85
C UNK D 7 -52.35 26.94 -147.14
N UNK D 8 -53.08 28.03 -147.24
CA UNK D 8 -52.71 29.22 -146.49
C UNK D 8 -52.85 28.97 -145.01
N UNK D 9 -53.91 28.25 -144.63
CA UNK D 9 -54.13 27.95 -143.22
C UNK D 9 -52.99 27.13 -142.68
N UNK D 10 -52.61 26.10 -143.40
CA UNK D 10 -51.58 25.17 -142.98
C UNK D 10 -50.23 25.82 -143.05
N UNK D 11 -50.05 26.79 -143.92
CA UNK D 11 -48.85 27.58 -143.86
C UNK D 11 -48.84 28.44 -142.60
N UNK D 12 -50.01 28.80 -142.09
CA UNK D 12 -49.93 29.58 -140.86
C UNK D 12 -50.07 28.76 -139.59
N UNK D 13 -51.29 28.32 -139.26
CA UNK D 13 -51.69 27.53 -138.10
C UNK D 13 -53.21 27.31 -138.19
N UNK D 14 -53.75 26.64 -137.18
CA UNK D 14 -55.17 26.54 -136.86
C UNK D 14 -55.18 26.03 -135.44
N UNK D 15 -56.04 26.57 -134.58
CA UNK D 15 -55.68 26.44 -133.18
C UNK D 15 -56.90 26.48 -132.27
N UNK D 16 -56.63 26.95 -131.07
CA UNK D 16 -57.35 27.11 -129.83
C UNK D 16 -57.40 25.81 -129.03
N UNK D 17 -57.21 24.64 -129.64
CA UNK D 17 -56.79 23.45 -128.91
C UNK D 17 -56.03 22.50 -129.81
N UNK D 18 -56.35 22.59 -131.10
CA UNK D 18 -56.05 21.50 -132.01
C UNK D 18 -54.58 21.41 -132.31
N UNK D 19 -53.83 22.44 -131.97
CA UNK D 19 -52.38 22.32 -131.89
C UNK D 19 -51.98 21.22 -130.93
N UNK D 20 -52.52 21.26 -129.71
CA UNK D 20 -52.17 20.23 -128.74
C UNK D 20 -52.69 18.87 -129.18
N UNK D 21 -53.89 18.83 -129.77
CA UNK D 21 -54.43 17.55 -130.23
C UNK D 21 -53.56 16.94 -131.33
N UNK D 22 -53.12 17.74 -132.28
CA UNK D 22 -52.27 17.20 -133.34
C UNK D 22 -50.90 16.84 -132.83
N UNK D 23 -50.41 17.56 -131.82
CA UNK D 23 -49.18 17.17 -131.17
C UNK D 23 -49.32 15.81 -130.50
N UNK D 24 -50.52 15.48 -130.04
CA UNK D 24 -50.72 14.14 -129.53
C UNK D 24 -50.71 13.11 -130.65
N UNK D 25 -51.22 13.48 -131.82
CA UNK D 25 -51.18 12.53 -132.92
C UNK D 25 -49.75 12.24 -133.33
N UNK D 26 -48.93 13.25 -133.25
CA UNK D 26 -47.50 13.03 -133.35
C UNK D 26 -47.03 12.10 -132.26
N UNK D 27 -47.55 12.27 -131.05
CA UNK D 27 -47.06 11.46 -129.95
C UNK D 27 -47.40 9.99 -130.15
N UNK D 28 -48.52 9.73 -130.79
CA UNK D 28 -48.91 8.34 -131.01
C UNK D 28 -48.12 7.72 -132.14
N UNK D 29 -47.86 8.48 -133.21
CA UNK D 29 -47.05 7.94 -134.28
C UNK D 29 -45.65 7.67 -133.78
N UNK D 30 -45.17 8.53 -132.90
CA UNK D 30 -43.92 8.31 -132.21
C UNK D 30 -43.97 7.05 -131.38
N UNK D 31 -45.10 6.83 -130.73
CA UNK D 31 -45.23 5.70 -129.86
C UNK D 31 -45.21 4.39 -130.63
N UNK D 32 -46.05 4.30 -131.67
CA UNK D 32 -46.13 3.07 -132.44
C UNK D 32 -44.84 2.79 -133.14
N UNK D 33 -44.12 3.83 -133.54
CA UNK D 33 -42.78 3.63 -134.05
C UNK D 33 -41.90 3.00 -133.00
N UNK D 34 -42.00 3.47 -131.77
CA UNK D 34 -41.18 2.89 -130.73
C UNK D 34 -41.56 1.45 -130.45
N UNK D 35 -42.84 1.15 -130.54
CA UNK D 35 -43.27 -0.17 -130.14
C UNK D 35 -42.93 -1.19 -131.19
N UNK D 36 -43.18 -0.86 -132.45
CA UNK D 36 -42.80 -1.76 -133.51
C UNK D 36 -41.32 -1.90 -133.59
N UNK D 37 -40.60 -0.84 -133.25
CA UNK D 37 -39.15 -0.93 -133.22
C UNK D 37 -38.69 -1.92 -132.16
N UNK D 38 -39.23 -1.79 -130.96
CA UNK D 38 -38.81 -2.65 -129.87
C UNK D 38 -39.20 -4.09 -130.13
N UNK D 39 -40.40 -4.30 -130.64
CA UNK D 39 -40.86 -5.64 -130.91
C UNK D 39 -40.09 -6.26 -132.04
N UNK D 40 -39.67 -5.49 -133.02
CA UNK D 40 -38.88 -6.12 -134.06
C UNK D 40 -37.41 -6.16 -133.68
N UNK D 41 -37.10 -6.69 -132.51
CA UNK D 41 -35.72 -6.83 -132.12
C UNK D 41 -35.33 -8.26 -131.79
N UNK D 42 -36.09 -8.93 -130.93
CA UNK D 42 -35.70 -10.22 -130.36
C UNK D 42 -35.96 -11.35 -131.37
N UNK D 43 -35.97 -12.60 -130.88
CA UNK D 43 -36.20 -13.77 -131.72
C UNK D 43 -37.63 -13.78 -132.25
N UNK D 44 -37.77 -13.57 -133.55
CA UNK D 44 -39.01 -13.15 -134.17
C UNK D 44 -40.06 -14.23 -134.18
N UNK D 45 -40.45 -14.70 -133.00
CA UNK D 45 -41.26 -15.89 -132.85
C UNK D 45 -42.71 -15.54 -133.10
N UNK D 46 -43.57 -16.56 -133.08
CA UNK D 46 -44.87 -16.49 -133.71
C UNK D 46 -45.77 -15.47 -133.08
N UNK D 47 -45.46 -15.05 -131.86
CA UNK D 47 -46.12 -13.90 -131.28
C UNK D 47 -45.78 -12.58 -131.96
N UNK D 48 -44.98 -12.57 -133.04
CA UNK D 48 -44.78 -11.36 -133.81
C UNK D 48 -46.09 -10.84 -134.32
N UNK D 49 -46.95 -11.73 -134.78
CA UNK D 49 -48.27 -11.32 -135.21
C UNK D 49 -49.08 -10.77 -134.05
N UNK D 50 -49.44 -11.61 -133.11
CA UNK D 50 -50.33 -11.17 -132.04
C UNK D 50 -49.58 -10.50 -130.93
N UNK D 51 -48.44 -9.91 -131.23
CA UNK D 51 -47.90 -8.76 -130.56
C UNK D 51 -48.02 -7.52 -131.41
N UNK D 52 -47.70 -7.63 -132.70
CA UNK D 52 -47.58 -6.44 -133.52
C UNK D 52 -48.94 -5.89 -133.88
N UNK D 53 -49.85 -6.77 -134.24
CA UNK D 53 -51.19 -6.34 -134.54
C UNK D 53 -51.84 -5.77 -133.33
N UNK D 54 -51.49 -6.29 -132.15
CA UNK D 54 -51.96 -5.68 -130.91
C UNK D 54 -51.43 -4.29 -130.77
N UNK D 55 -50.17 -4.08 -131.10
CA UNK D 55 -49.58 -2.76 -130.89
C UNK D 55 -50.19 -1.76 -131.83
N UNK D 56 -50.41 -2.15 -133.07
CA UNK D 56 -51.07 -1.24 -133.98
C UNK D 56 -52.53 -1.08 -133.63
N UNK D 57 -53.12 -2.06 -132.95
CA UNK D 57 -54.47 -1.86 -132.48
C UNK D 57 -54.50 -0.85 -131.38
N UNK D 58 -53.48 -0.84 -130.53
CA UNK D 58 -53.37 0.21 -129.54
C UNK D 58 -53.16 1.56 -130.22
N UNK D 59 -52.41 1.55 -131.32
CA UNK D 59 -52.11 2.77 -132.05
C UNK D 59 -53.35 3.37 -132.64
N UNK D 60 -54.05 2.60 -133.44
CA UNK D 60 -55.30 3.04 -134.02
C UNK D 60 -56.36 3.28 -132.97
N UNK D 61 -56.27 2.68 -131.80
CA UNK D 61 -57.19 3.03 -130.74
C UNK D 61 -56.99 4.48 -130.33
N UNK D 62 -55.74 4.84 -130.01
CA UNK D 62 -55.47 6.22 -129.64
C UNK D 62 -55.71 7.16 -130.80
N UNK D 63 -55.57 6.65 -132.01
CA UNK D 63 -55.81 7.44 -133.19
C UNK D 63 -57.27 7.71 -133.39
N UNK D 64 -58.10 6.70 -133.20
CA UNK D 64 -59.53 6.88 -133.36
C UNK D 64 -60.05 7.82 -132.31
N UNK D 65 -59.46 7.77 -131.12
CA UNK D 65 -59.72 8.78 -130.10
C UNK D 65 -59.43 10.17 -130.62
N UNK D 66 -58.20 10.41 -131.05
CA UNK D 66 -57.80 11.73 -131.52
C UNK D 66 -58.62 12.19 -132.70
N UNK D 67 -58.99 11.26 -133.57
CA UNK D 67 -59.65 11.67 -134.78
C UNK D 67 -61.12 11.97 -134.57
N UNK D 68 -61.82 11.21 -133.73
CA UNK D 68 -63.20 11.58 -133.46
C UNK D 68 -63.24 12.84 -132.62
N UNK D 69 -62.28 12.99 -131.70
CA UNK D 69 -62.20 14.18 -130.89
C UNK D 69 -61.99 15.41 -131.75
N UNK D 70 -61.10 15.31 -132.73
CA UNK D 70 -60.80 16.47 -133.56
C UNK D 70 -61.87 16.73 -134.61
N UNK D 71 -62.46 15.69 -135.21
CA UNK D 71 -63.53 15.95 -136.13
C UNK D 71 -64.80 16.38 -135.41
N UNK D 72 -64.83 16.27 -134.10
CA UNK D 72 -65.71 17.14 -133.33
C UNK D 72 -65.11 18.53 -133.20
N UNK D 73 -63.82 18.59 -132.88
CA UNK D 73 -63.20 19.80 -132.39
C UNK D 73 -62.84 20.71 -133.55
N UNK D 74 -63.65 21.74 -133.76
CA UNK D 74 -63.47 22.77 -134.77
C UNK D 74 -63.45 22.16 -136.16
N UNK D 75 -64.60 21.64 -136.55
CA UNK D 75 -64.81 21.27 -137.94
C UNK D 75 -65.43 22.44 -138.70
N UNK D 76 -64.72 23.56 -138.67
CA UNK D 76 -64.91 24.55 -139.72
C UNK D 76 -64.43 23.96 -141.04
N UNK D 77 -64.87 24.59 -142.13
CA UNK D 77 -65.02 23.91 -143.42
C UNK D 77 -63.70 23.41 -143.98
N UNK D 78 -62.79 24.31 -144.36
CA UNK D 78 -61.48 23.84 -144.78
C UNK D 78 -60.61 23.45 -143.62
N UNK D 79 -61.00 23.86 -142.41
CA UNK D 79 -60.30 23.43 -141.21
C UNK D 79 -60.44 21.93 -140.98
N UNK D 80 -61.39 21.29 -141.64
CA UNK D 80 -61.29 19.85 -141.85
C UNK D 80 -59.99 19.52 -142.55
N UNK D 81 -59.78 20.08 -143.74
CA UNK D 81 -58.63 19.69 -144.56
C UNK D 81 -57.31 20.10 -143.95
N UNK D 82 -57.35 21.03 -143.00
CA UNK D 82 -56.12 21.51 -142.36
C UNK D 82 -55.37 20.38 -141.68
N UNK D 83 -55.95 19.83 -140.62
CA UNK D 83 -55.32 18.67 -140.04
C UNK D 83 -55.50 17.45 -140.92
N UNK D 84 -56.46 17.45 -141.85
CA UNK D 84 -56.56 16.28 -142.72
C UNK D 84 -55.42 16.18 -143.70
N UNK D 85 -54.62 17.22 -143.85
CA UNK D 85 -53.33 17.09 -144.51
C UNK D 85 -52.20 16.98 -143.51
N UNK D 86 -52.31 17.73 -142.42
CA UNK D 86 -51.23 17.77 -141.45
C UNK D 86 -51.00 16.41 -140.84
N UNK D 87 -52.07 15.65 -140.66
CA UNK D 87 -51.98 14.36 -140.02
C UNK D 87 -51.22 13.37 -140.88
N UNK D 88 -51.51 13.35 -142.18
CA UNK D 88 -50.80 12.42 -143.04
C UNK D 88 -49.35 12.84 -143.21
N UNK D 89 -49.08 14.14 -143.11
CA UNK D 89 -47.69 14.56 -143.05
C UNK D 89 -47.02 14.02 -141.80
N UNK D 90 -47.71 14.17 -140.67
CA UNK D 90 -47.20 13.74 -139.38
C UNK D 90 -46.97 12.25 -139.34
N UNK D 91 -47.79 11.52 -140.07
CA UNK D 91 -47.50 10.12 -140.31
C UNK D 91 -46.21 10.02 -141.05
N UNK D 92 -46.21 10.48 -142.30
CA UNK D 92 -45.25 10.02 -143.28
C UNK D 92 -43.85 10.43 -142.89
N UNK D 93 -43.64 11.72 -142.68
CA UNK D 93 -42.35 12.13 -142.21
C UNK D 93 -42.22 11.85 -140.74
N UNK D 94 -43.07 12.51 -139.95
CA UNK D 94 -42.66 12.98 -138.64
C UNK D 94 -42.42 11.85 -137.66
N UNK D 95 -42.96 10.67 -137.94
CA UNK D 95 -42.42 9.53 -137.22
C UNK D 95 -42.25 8.23 -138.00
N UNK D 96 -43.19 7.88 -138.86
CA UNK D 96 -43.87 6.59 -138.76
C UNK D 96 -42.97 5.38 -138.85
N UNK D 97 -41.93 5.42 -139.67
CA UNK D 97 -41.41 4.19 -140.26
C UNK D 97 -40.64 3.35 -139.26
N UNK D 98 -40.57 2.03 -139.55
CA UNK D 98 -39.78 1.08 -138.76
C UNK D 98 -39.59 -0.20 -139.56
N UNK D 99 -38.33 -0.59 -139.80
CA UNK D 99 -37.82 -1.96 -140.03
C UNK D 99 -36.30 -1.90 -140.17
N UNK D 100 -35.73 -3.05 -140.53
CA UNK D 100 -34.43 -3.15 -141.20
C UNK D 100 -34.57 -3.03 -142.69
N UNK D 101 -35.62 -2.35 -143.11
CA UNK D 101 -35.71 -1.88 -144.47
C UNK D 101 -34.60 -0.92 -144.82
N UNK D 102 -33.88 -0.38 -143.84
CA UNK D 102 -32.58 0.21 -144.11
C UNK D 102 -31.69 -0.77 -144.84
N UNK D 103 -31.62 -1.99 -144.32
CA UNK D 103 -30.80 -2.99 -144.98
C UNK D 103 -31.43 -3.43 -146.27
N UNK D 104 -32.74 -3.25 -146.41
CA UNK D 104 -33.27 -3.34 -147.75
C UNK D 104 -32.78 -2.18 -148.59
N UNK D 105 -32.78 -1.00 -148.00
CA UNK D 105 -32.86 0.23 -148.76
C UNK D 105 -31.52 0.62 -149.32
N UNK D 106 -30.46 0.20 -148.65
CA UNK D 106 -29.18 0.14 -149.34
C UNK D 106 -29.39 -0.95 -150.38
N UNK D 107 -29.41 -0.55 -151.64
CA UNK D 107 -29.99 -1.37 -152.69
C UNK D 107 -29.15 -2.60 -152.94
N UNK D 108 -27.90 -2.38 -153.31
CA UNK D 108 -27.02 -3.39 -153.88
C UNK D 108 -27.78 -4.17 -154.94
N UNK D 109 -28.25 -3.40 -155.90
CA UNK D 109 -29.39 -3.77 -156.73
C UNK D 109 -29.13 -4.94 -157.66
N UNK D 110 -27.94 -5.53 -157.60
CA UNK D 110 -27.76 -6.88 -158.10
C UNK D 110 -28.85 -7.74 -157.52
N UNK D 111 -29.76 -8.11 -158.42
CA UNK D 111 -31.01 -8.71 -157.99
C UNK D 111 -30.78 -10.07 -157.38
N UNK D 112 -29.65 -10.68 -157.67
CA UNK D 112 -29.22 -11.82 -156.90
C UNK D 112 -28.97 -11.42 -155.46
N UNK D 113 -28.37 -10.27 -155.21
CA UNK D 113 -28.18 -9.91 -153.82
C UNK D 113 -29.49 -9.48 -153.18
N UNK D 114 -30.41 -8.94 -153.98
CA UNK D 114 -31.77 -8.75 -153.51
C UNK D 114 -32.39 -10.07 -153.13
N UNK D 115 -32.16 -11.09 -153.95
CA UNK D 115 -32.62 -12.42 -153.64
C UNK D 115 -31.91 -12.98 -152.43
N UNK D 116 -30.71 -12.50 -152.14
CA UNK D 116 -30.08 -12.94 -150.92
C UNK D 116 -30.80 -12.37 -149.72
N UNK D 117 -31.22 -11.13 -149.84
CA UNK D 117 -32.06 -10.56 -148.79
C UNK D 117 -33.37 -11.30 -148.70
N UNK D 118 -33.89 -11.73 -149.84
CA UNK D 118 -35.16 -12.40 -149.88
C UNK D 118 -35.08 -13.76 -149.23
N UNK D 119 -34.01 -14.48 -149.51
CA UNK D 119 -33.81 -15.76 -148.87
C UNK D 119 -33.54 -15.57 -147.40
N UNK D 120 -32.99 -14.42 -147.02
CA UNK D 120 -32.78 -14.18 -145.61
C UNK D 120 -34.09 -13.97 -144.89
N UNK D 121 -34.95 -13.10 -145.42
CA UNK D 121 -36.24 -12.86 -144.77
C UNK D 121 -37.12 -14.07 -144.83
N UNK D 122 -37.08 -14.81 -145.90
CA UNK D 122 -37.89 -16.01 -146.02
C UNK D 122 -37.27 -17.17 -145.27
N UNK D 123 -37.06 -17.00 -143.97
CA UNK D 123 -37.07 -18.11 -143.00
C UNK D 123 -37.30 -17.51 -141.61
N UNK D 124 -38.56 -17.52 -141.15
CA UNK D 124 -38.89 -17.92 -139.77
C UNK D 124 -40.31 -18.41 -139.55
N UNK D 125 -41.26 -17.94 -140.37
CA UNK D 125 -42.66 -17.88 -139.99
C UNK D 125 -43.51 -18.31 -141.18
N UNK D 126 -44.80 -18.05 -141.15
CA UNK D 126 -45.65 -18.51 -142.23
C UNK D 126 -46.27 -17.35 -142.98
N UNK D 127 -46.51 -17.59 -144.27
CA UNK D 127 -46.54 -16.56 -145.31
C UNK D 127 -47.51 -15.46 -145.02
N UNK D 128 -48.54 -15.72 -144.26
CA UNK D 128 -49.41 -14.63 -143.87
C UNK D 128 -48.77 -13.76 -142.82
N UNK D 129 -48.12 -14.39 -141.83
CA UNK D 129 -47.35 -13.60 -140.90
C UNK D 129 -46.24 -12.89 -141.63
N UNK D 130 -45.72 -13.52 -142.66
CA UNK D 130 -44.70 -12.88 -143.47
C UNK D 130 -45.27 -11.70 -144.21
N UNK D 131 -46.51 -11.78 -144.64
CA UNK D 131 -47.05 -10.72 -145.43
C UNK D 131 -47.34 -9.49 -144.58
N UNK D 132 -47.82 -9.71 -143.36
CA UNK D 132 -48.02 -8.56 -142.50
C UNK D 132 -46.70 -7.95 -142.09
N UNK D 133 -45.68 -8.77 -141.88
CA UNK D 133 -44.36 -8.22 -141.66
C UNK D 133 -43.88 -7.45 -142.88
N UNK D 134 -44.26 -7.89 -144.06
CA UNK D 134 -43.86 -7.17 -145.25
C UNK D 134 -44.54 -5.82 -145.30
N UNK D 135 -45.76 -5.74 -144.83
CA UNK D 135 -46.40 -4.43 -144.79
C UNK D 135 -45.73 -3.55 -143.77
N UNK D 136 -45.23 -4.13 -142.71
CA UNK D 136 -44.45 -3.32 -141.81
C UNK D 136 -43.11 -2.95 -142.40
N UNK D 137 -42.65 -3.68 -143.38
CA UNK D 137 -41.49 -3.22 -144.13
C UNK D 137 -41.86 -2.19 -145.17
N UNK D 138 -43.14 -2.06 -145.48
CA UNK D 138 -43.57 -1.11 -146.49
C UNK D 138 -43.67 0.30 -145.96
N UNK D 139 -42.89 0.63 -144.94
CA UNK D 139 -42.81 1.98 -144.42
C UNK D 139 -41.57 2.66 -145.00
N UNK D 140 -41.66 3.05 -146.27
CA UNK D 140 -40.65 3.90 -146.89
C UNK D 140 -41.21 5.26 -147.34
N UNK D 141 -42.19 5.31 -148.25
CA UNK D 141 -42.64 6.65 -148.57
C UNK D 141 -44.13 6.94 -148.76
N UNK D 142 -44.80 6.15 -149.58
CA UNK D 142 -46.01 6.62 -150.24
C UNK D 142 -47.24 6.41 -149.37
N UNK D 143 -48.31 7.15 -149.67
CA UNK D 143 -49.59 6.88 -149.03
C UNK D 143 -50.66 6.60 -150.06
N UNK D 144 -50.72 7.44 -151.09
CA UNK D 144 -51.61 7.16 -152.20
C UNK D 144 -51.14 5.97 -153.00
N UNK D 145 -49.85 5.85 -153.20
CA UNK D 145 -49.26 4.75 -153.92
C UNK D 145 -48.80 3.65 -153.00
N UNK D 146 -48.90 3.84 -151.71
CA UNK D 146 -48.88 2.72 -150.80
C UNK D 146 -49.88 1.68 -151.25
N UNK D 147 -51.10 2.13 -151.50
CA UNK D 147 -52.15 1.26 -151.99
C UNK D 147 -51.81 0.69 -153.34
N UNK D 148 -51.15 1.45 -154.19
CA UNK D 148 -50.81 0.93 -155.51
C UNK D 148 -49.75 -0.13 -155.41
N UNK D 149 -48.82 0.03 -154.48
CA UNK D 149 -47.80 -0.98 -154.27
C UNK D 149 -48.44 -2.27 -153.84
N UNK D 150 -49.36 -2.18 -152.90
CA UNK D 150 -50.01 -3.40 -152.46
C UNK D 150 -50.90 -3.96 -153.54
N UNK D 151 -51.45 -3.10 -154.40
CA UNK D 151 -52.27 -3.56 -155.50
C UNK D 151 -51.45 -4.34 -156.47
N UNK D 152 -50.28 -3.82 -156.79
CA UNK D 152 -49.41 -4.50 -157.72
C UNK D 152 -48.88 -5.78 -157.13
N UNK D 153 -48.59 -5.79 -155.84
CA UNK D 153 -47.99 -6.97 -155.28
C UNK D 153 -49.02 -8.08 -155.12
N UNK D 154 -50.25 -7.70 -154.77
CA UNK D 154 -51.31 -8.68 -154.72
C UNK D 154 -51.55 -9.25 -156.10
N UNK D 155 -51.42 -8.40 -157.11
CA UNK D 155 -51.49 -8.88 -158.47
C UNK D 155 -50.35 -9.84 -158.77
N UNK D 156 -49.17 -9.56 -158.22
CA UNK D 156 -48.04 -10.41 -158.49
C UNK D 156 -48.25 -11.76 -157.90
N UNK D 157 -48.77 -11.79 -156.68
CA UNK D 157 -49.01 -13.04 -156.00
C UNK D 157 -50.04 -13.85 -156.75
N UNK D 158 -51.02 -13.14 -157.31
CA UNK D 158 -51.98 -13.78 -158.17
C UNK D 158 -51.31 -14.38 -159.37
N UNK D 159 -50.32 -13.70 -159.92
CA UNK D 159 -49.61 -14.26 -161.06
C UNK D 159 -48.75 -15.41 -160.64
N UNK D 160 -48.31 -15.39 -159.38
CA UNK D 160 -47.38 -16.40 -158.91
C UNK D 160 -48.08 -17.73 -158.84
N UNK D 161 -49.22 -17.77 -158.17
CA UNK D 161 -49.99 -19.00 -158.23
C UNK D 161 -50.60 -19.17 -159.59
N UNK D 162 -50.82 -18.08 -160.30
CA UNK D 162 -51.36 -18.12 -161.64
C UNK D 162 -50.24 -18.12 -162.65
N UNK D 163 -49.25 -18.96 -162.42
CA UNK D 163 -48.34 -19.33 -163.47
C UNK D 163 -48.83 -20.63 -164.07
N UNK D 164 -48.06 -21.16 -164.98
CA UNK D 164 -48.03 -22.59 -165.19
C UNK D 164 -46.60 -23.04 -165.03
N UNK D 165 -45.85 -22.29 -164.23
CA UNK D 165 -44.54 -22.70 -163.74
C UNK D 165 -44.73 -23.73 -162.64
N UNK D 166 -45.31 -24.86 -163.02
CA UNK D 166 -45.98 -25.72 -162.05
C UNK D 166 -45.06 -26.77 -161.51
N UNK D 167 -43.91 -26.36 -161.02
CA UNK D 167 -43.03 -27.31 -160.40
C UNK D 167 -42.26 -26.76 -159.23
N UNK D 168 -42.51 -25.52 -158.81
CA UNK D 168 -41.76 -24.98 -157.69
C UNK D 168 -42.26 -25.59 -156.41
N UNK D 169 -41.43 -25.54 -155.39
CA UNK D 169 -41.96 -25.80 -154.08
C UNK D 169 -42.89 -24.68 -153.68
N UNK D 170 -43.77 -24.96 -152.74
CA UNK D 170 -44.60 -23.90 -152.20
C UNK D 170 -43.75 -22.85 -151.55
N UNK D 171 -42.70 -23.26 -150.88
CA UNK D 171 -41.76 -22.27 -150.38
C UNK D 171 -40.99 -21.64 -151.50
N UNK D 172 -40.77 -22.35 -152.59
CA UNK D 172 -40.06 -21.71 -153.69
C UNK D 172 -40.90 -20.63 -154.33
N UNK D 173 -42.15 -20.94 -154.58
CA UNK D 173 -43.06 -19.95 -155.11
C UNK D 173 -43.24 -18.82 -154.13
N UNK D 174 -43.19 -19.13 -152.85
CA UNK D 174 -43.25 -18.07 -151.86
C UNK D 174 -42.06 -17.17 -151.95
N UNK D 175 -40.88 -17.72 -152.20
CA UNK D 175 -39.71 -16.87 -152.36
C UNK D 175 -39.86 -16.01 -153.58
N UNK D 176 -40.42 -16.57 -154.63
CA UNK D 176 -40.61 -15.79 -155.85
C UNK D 176 -41.59 -14.65 -155.61
N UNK D 177 -42.66 -14.92 -154.86
CA UNK D 177 -43.68 -13.90 -154.67
C UNK D 177 -43.18 -12.81 -153.74
N UNK D 178 -42.48 -13.20 -152.68
CA UNK D 178 -41.95 -12.19 -151.81
C UNK D 178 -40.86 -11.39 -152.48
N UNK D 179 -40.16 -12.02 -153.42
CA UNK D 179 -39.14 -11.32 -154.18
C UNK D 179 -39.77 -10.20 -155.00
N UNK D 180 -40.82 -10.53 -155.73
CA UNK D 180 -41.47 -9.53 -156.56
C UNK D 180 -42.04 -8.41 -155.72
N UNK D 181 -42.54 -8.76 -154.53
CA UNK D 181 -43.13 -7.74 -153.69
C UNK D 181 -42.07 -6.79 -153.16
N UNK D 182 -41.00 -7.32 -152.60
CA UNK D 182 -39.96 -6.44 -152.14
C UNK D 182 -39.29 -5.72 -153.30
N UNK D 183 -39.33 -6.31 -154.49
CA UNK D 183 -38.69 -5.68 -155.64
C UNK D 183 -39.44 -4.44 -156.07
N UNK D 184 -40.75 -4.55 -156.20
CA UNK D 184 -41.49 -3.39 -156.64
C UNK D 184 -41.52 -2.35 -155.55
N UNK D 185 -41.36 -2.77 -154.31
CA UNK D 185 -41.10 -1.81 -153.27
C UNK D 185 -39.80 -1.08 -153.53
N UNK D 186 -38.80 -1.78 -154.01
CA UNK D 186 -37.52 -1.13 -154.22
C UNK D 186 -37.58 -0.17 -155.41
N UNK D 187 -38.33 -0.53 -156.44
CA UNK D 187 -38.46 0.38 -157.57
C UNK D 187 -39.25 1.61 -157.20
N UNK D 188 -40.15 1.49 -156.24
CA UNK D 188 -40.76 2.68 -155.68
C UNK D 188 -39.73 3.53 -154.96
N UNK D 189 -38.82 2.88 -154.25
CA UNK D 189 -37.81 3.62 -153.50
C UNK D 189 -36.90 4.39 -154.43
N UNK D 190 -36.68 3.88 -155.62
CA UNK D 190 -35.90 4.65 -156.59
C UNK D 190 -36.75 5.74 -157.22
N UNK D 191 -37.80 5.35 -157.95
CA UNK D 191 -38.55 6.32 -158.72
C UNK D 191 -39.51 7.15 -157.87
N UNK D 192 -64.27 -46.20 -136.93
CA UNK D 192 -65.30 -45.38 -137.54
C UNK D 192 -65.49 -44.10 -136.77
N UNK D 193 -65.76 -44.23 -135.49
CA UNK D 193 -66.09 -43.11 -134.67
C UNK D 193 -65.11 -42.92 -133.53
N UNK D 194 -63.82 -43.10 -133.82
CA UNK D 194 -62.78 -42.55 -132.96
C UNK D 194 -62.40 -41.17 -133.46
N UNK D 195 -63.39 -40.31 -133.59
CA UNK D 195 -63.29 -38.88 -133.74
C UNK D 195 -63.27 -38.20 -132.40
N UNK D 196 -63.37 -38.99 -131.35
CA UNK D 196 -63.20 -38.47 -130.02
C UNK D 196 -61.84 -37.85 -129.87
N UNK D 197 -60.86 -38.35 -130.59
CA UNK D 197 -59.59 -37.68 -130.63
C UNK D 197 -59.69 -36.36 -131.35
N UNK D 198 -60.58 -36.22 -132.34
CA UNK D 198 -60.64 -34.95 -133.04
C UNK D 198 -61.09 -33.88 -132.08
N UNK D 199 -62.09 -34.20 -131.30
CA UNK D 199 -62.48 -33.22 -130.31
C UNK D 199 -61.45 -33.08 -129.22
N UNK D 200 -60.73 -34.15 -128.89
CA UNK D 200 -59.78 -34.05 -127.79
C UNK D 200 -58.60 -33.19 -128.17
N UNK D 201 -58.10 -33.42 -129.36
CA UNK D 201 -56.97 -32.67 -129.83
C UNK D 201 -57.35 -31.24 -130.08
N UNK D 202 -58.51 -31.01 -130.68
CA UNK D 202 -58.91 -29.65 -130.91
C UNK D 202 -59.15 -28.95 -129.60
N UNK D 203 -59.58 -29.68 -128.57
CA UNK D 203 -59.84 -29.06 -127.28
C UNK D 203 -58.55 -28.63 -126.63
N UNK D 204 -57.56 -29.52 -126.61
CA UNK D 204 -56.27 -29.15 -126.05
C UNK D 204 -55.65 -28.01 -126.81
N UNK D 205 -55.80 -28.04 -128.12
CA UNK D 205 -55.27 -26.98 -128.92
C UNK D 205 -55.93 -25.67 -128.57
N UNK D 206 -57.25 -25.60 -128.63
CA UNK D 206 -57.90 -24.31 -128.46
C UNK D 206 -57.77 -23.80 -127.07
N UNK D 207 -57.53 -24.67 -126.10
CA UNK D 207 -57.13 -24.14 -124.83
C UNK D 207 -55.78 -23.47 -124.94
N UNK D 208 -54.85 -24.10 -125.63
CA UNK D 208 -53.51 -23.51 -125.72
C UNK D 208 -53.53 -22.24 -126.54
N UNK D 209 -54.24 -22.26 -127.65
CA UNK D 209 -54.27 -21.09 -128.47
C UNK D 209 -55.13 -19.99 -127.87
N UNK D 210 -56.06 -20.29 -126.96
CA UNK D 210 -56.79 -19.20 -126.32
C UNK D 210 -55.93 -18.52 -125.31
N UNK D 211 -55.31 -19.31 -124.45
CA UNK D 211 -54.44 -18.70 -123.46
C UNK D 211 -53.24 -18.06 -124.08
N UNK D 212 -52.87 -18.44 -125.29
CA UNK D 212 -51.97 -17.61 -126.05
C UNK D 212 -52.65 -16.31 -126.44
N UNK D 213 -53.66 -16.40 -127.26
CA UNK D 213 -54.08 -15.23 -128.01
C UNK D 213 -54.85 -14.24 -127.18
N UNK D 214 -55.14 -14.51 -125.93
CA UNK D 214 -55.75 -13.45 -125.16
C UNK D 214 -54.67 -12.61 -124.48
N UNK D 215 -54.00 -13.20 -123.50
CA UNK D 215 -52.88 -12.60 -122.77
C UNK D 215 -53.16 -11.17 -122.32
N UNK D 216 -54.32 -10.95 -121.69
CA UNK D 216 -54.62 -9.67 -121.04
C UNK D 216 -55.66 -9.95 -119.96
N UNK D 217 -55.21 -10.08 -118.71
CA UNK D 217 -55.96 -10.81 -117.68
C UNK D 217 -56.66 -9.86 -116.72
N UNK D 218 -57.99 -9.82 -116.83
CA UNK D 218 -58.87 -9.21 -115.86
C UNK D 218 -60.10 -10.09 -115.71
N UNK D 219 -60.97 -9.76 -114.76
CA UNK D 219 -61.93 -10.71 -114.20
C UNK D 219 -63.37 -10.46 -114.61
N UNK D 220 -63.94 -9.27 -114.30
CA UNK D 220 -65.06 -8.61 -114.98
C UNK D 220 -66.18 -9.49 -115.57
N UNK D 221 -66.90 -10.24 -114.71
CA UNK D 221 -67.39 -11.58 -115.01
C UNK D 221 -68.23 -11.70 -116.27
N UNK D 222 -69.40 -11.08 -116.28
CA UNK D 222 -70.26 -11.24 -117.45
C UNK D 222 -69.68 -10.49 -118.64
N UNK D 223 -69.00 -9.39 -118.35
CA UNK D 223 -68.32 -8.68 -119.43
C UNK D 223 -67.13 -9.47 -119.90
N UNK D 224 -66.52 -10.24 -119.01
CA UNK D 224 -65.49 -11.15 -119.45
C UNK D 224 -66.08 -12.15 -120.43
N UNK D 225 -67.30 -12.63 -120.18
CA UNK D 225 -67.93 -13.56 -121.10
C UNK D 225 -68.14 -12.93 -122.46
N UNK D 226 -68.78 -11.77 -122.48
CA UNK D 226 -69.17 -11.15 -123.74
C UNK D 226 -67.96 -10.71 -124.53
N UNK D 227 -67.15 -9.86 -123.95
CA UNK D 227 -66.05 -9.34 -124.72
C UNK D 227 -64.94 -10.33 -124.87
N UNK D 228 -64.91 -11.40 -124.09
CA UNK D 228 -63.84 -12.34 -124.31
C UNK D 228 -64.13 -13.18 -125.52
N UNK D 229 -65.39 -13.56 -125.71
CA UNK D 229 -65.72 -14.21 -126.96
C UNK D 229 -65.49 -13.25 -128.11
N UNK D 230 -65.84 -12.00 -127.91
CA UNK D 230 -65.66 -10.99 -128.95
C UNK D 230 -64.20 -10.81 -129.31
N UNK D 231 -63.37 -10.56 -128.32
CA UNK D 231 -61.98 -10.24 -128.56
C UNK D 231 -61.23 -11.41 -129.09
N UNK D 232 -61.56 -12.62 -128.63
CA UNK D 232 -60.86 -13.77 -129.16
C UNK D 232 -61.23 -13.97 -130.60
N UNK D 233 -62.49 -13.71 -130.94
CA UNK D 233 -62.81 -13.74 -132.36
C UNK D 233 -62.17 -12.58 -133.08
N UNK D 234 -61.93 -11.49 -132.36
CA UNK D 234 -61.41 -10.31 -133.02
C UNK D 234 -59.97 -10.53 -133.37
N UNK D 235 -59.17 -10.76 -132.38
CA UNK D 235 -57.77 -11.05 -132.46
C UNK D 235 -57.52 -12.32 -132.95
N UNK D 236 -58.51 -13.06 -133.39
CA UNK D 236 -58.32 -14.12 -134.35
C UNK D 236 -58.04 -13.53 -135.71
N UNK D 237 -58.07 -14.38 -136.71
CA UNK D 237 -57.71 -13.96 -138.05
C UNK D 237 -58.73 -13.00 -138.62
N UNK D 238 -58.25 -12.10 -139.47
CA UNK D 238 -59.08 -11.15 -140.18
C UNK D 238 -58.28 -10.68 -141.37
N UNK D 239 -58.66 -9.53 -141.90
CA UNK D 239 -58.14 -9.02 -143.14
C UNK D 239 -57.87 -7.53 -143.05
N UNK D 240 -57.12 -7.08 -142.04
CA UNK D 240 -57.13 -5.65 -141.76
C UNK D 240 -56.22 -4.82 -142.68
N UNK D 241 -54.90 -4.88 -142.47
CA UNK D 241 -53.86 -4.30 -143.35
C UNK D 241 -54.09 -2.83 -143.75
N UNK D 242 -53.97 -1.93 -142.78
CA UNK D 242 -54.15 -0.51 -143.07
C UNK D 242 -53.45 0.34 -142.02
N UNK D 243 -52.77 1.42 -142.46
CA UNK D 243 -52.09 2.29 -141.48
C UNK D 243 -52.12 3.77 -141.86
N UNK D 244 -53.24 4.29 -142.34
CA UNK D 244 -53.42 5.73 -142.58
C UNK D 244 -54.90 6.07 -142.72
N UNK D 245 -55.33 7.20 -142.17
CA UNK D 245 -56.75 7.47 -142.03
C UNK D 245 -57.20 8.64 -142.88
N UNK D 246 -58.50 8.63 -143.14
CA UNK D 246 -59.21 9.80 -143.60
C UNK D 246 -59.52 10.73 -142.46
N UNK D 247 -59.42 10.23 -141.23
CA UNK D 247 -60.00 10.85 -140.05
C UNK D 247 -61.43 11.28 -140.37
N UNK D 248 -62.22 10.32 -140.87
CA UNK D 248 -63.51 10.62 -141.47
C UNK D 248 -64.63 10.59 -140.43
N UNK D 249 -64.80 9.43 -139.78
CA UNK D 249 -65.63 9.23 -138.58
C UNK D 249 -67.11 9.50 -138.83
N UNK D 250 -67.60 9.01 -139.96
CA UNK D 250 -69.02 8.91 -140.21
C UNK D 250 -69.37 7.47 -140.55
N UNK D 251 -68.83 6.55 -139.76
CA UNK D 251 -69.20 5.14 -139.81
C UNK D 251 -69.24 4.62 -138.38
N UNK D 252 -70.23 3.79 -138.10
CA UNK D 252 -70.45 3.27 -136.75
C UNK D 252 -70.37 1.75 -136.79
N UNK D 253 -69.14 1.23 -136.69
CA UNK D 253 -68.86 -0.21 -136.69
C UNK D 253 -69.14 -0.79 -135.32
N UNK D 254 -68.58 -1.97 -135.06
CA UNK D 254 -68.83 -2.68 -133.80
C UNK D 254 -68.35 -1.87 -132.60
N UNK D 255 -69.20 -1.81 -131.59
CA UNK D 255 -68.95 -1.02 -130.41
C UNK D 255 -68.12 -1.76 -129.38
N UNK D 256 -67.33 -2.75 -129.82
CA UNK D 256 -66.45 -3.50 -128.94
C UNK D 256 -65.51 -2.56 -128.21
N UNK D 257 -64.77 -1.77 -128.96
CA UNK D 257 -63.92 -0.77 -128.36
C UNK D 257 -64.71 0.33 -127.70
N UNK D 258 -65.98 0.52 -128.07
CA UNK D 258 -66.76 1.56 -127.42
C UNK D 258 -67.13 1.15 -126.01
N UNK D 259 -67.48 -0.10 -125.81
CA UNK D 259 -67.71 -0.60 -124.45
C UNK D 259 -66.41 -0.66 -123.68
N UNK D 260 -65.32 -1.00 -124.36
CA UNK D 260 -64.01 -0.90 -123.74
C UNK D 260 -63.69 0.55 -123.39
N UNK D 261 -64.13 1.48 -124.22
CA UNK D 261 -63.90 2.87 -123.95
C UNK D 261 -64.76 3.34 -122.81
N UNK D 262 -65.92 2.74 -122.67
CA UNK D 262 -66.74 2.99 -121.50
C UNK D 262 -66.03 2.54 -120.24
N UNK D 263 -65.39 1.37 -120.32
CA UNK D 263 -64.60 0.88 -119.20
C UNK D 263 -63.37 1.75 -118.98
N UNK D 264 -62.79 2.26 -120.05
CA UNK D 264 -61.58 3.05 -119.93
C UNK D 264 -61.88 4.41 -119.34
N UNK D 265 -62.98 5.01 -119.78
CA UNK D 265 -63.47 6.23 -119.17
C UNK D 265 -63.87 6.00 -117.74
N UNK D 266 -64.35 4.80 -117.42
CA UNK D 266 -64.63 4.46 -116.04
C UNK D 266 -63.36 4.40 -115.23
N UNK D 267 -62.30 3.90 -115.83
CA UNK D 267 -61.02 3.83 -115.13
C UNK D 267 -60.46 5.21 -114.88
N UNK D 268 -60.45 6.05 -115.92
CA UNK D 268 -59.87 7.38 -115.78
C UNK D 268 -60.77 8.27 -114.95
N UNK D 269 -62.08 8.08 -114.99
CA UNK D 269 -62.95 8.88 -114.17
C UNK D 269 -62.96 8.39 -112.74
N UNK D 270 -62.68 7.11 -112.51
CA UNK D 270 -62.58 6.64 -111.13
C UNK D 270 -61.25 7.03 -110.53
N UNK D 271 -60.19 6.99 -111.33
CA UNK D 271 -58.96 7.61 -110.89
C UNK D 271 -59.10 9.12 -110.82
N UNK D 272 -60.00 9.69 -111.60
CA UNK D 272 -60.19 11.12 -111.55
C UNK D 272 -60.98 11.51 -110.33
N UNK D 273 -61.91 10.69 -109.94
CA UNK D 273 -62.54 10.87 -108.64
C UNK D 273 -61.54 10.59 -107.54
N UNK D 274 -60.62 9.66 -107.77
CA UNK D 274 -59.63 9.33 -106.78
C UNK D 274 -58.65 10.47 -106.59
N UNK D 275 -58.19 11.06 -107.69
CA UNK D 275 -57.33 12.21 -107.60
C UNK D 275 -58.10 13.44 -107.16
N UNK D 276 -59.39 13.49 -107.50
CA UNK D 276 -60.25 14.56 -107.05
C UNK D 276 -60.35 14.54 -105.55
N UNK D 277 -60.61 13.37 -104.99
CA UNK D 277 -60.63 13.22 -103.56
C UNK D 277 -59.23 13.33 -102.97
N UNK D 278 -58.20 13.09 -103.78
CA UNK D 278 -56.84 13.23 -103.30
C UNK D 278 -56.51 14.70 -103.06
N UNK D 279 -56.85 15.55 -104.02
CA UNK D 279 -56.76 16.99 -103.79
C UNK D 279 -57.72 17.42 -102.71
N UNK D 280 -58.86 16.75 -102.63
CA UNK D 280 -59.83 16.96 -101.58
C UNK D 280 -59.49 16.17 -100.34
N UNK D 281 -58.22 15.85 -100.13
CA UNK D 281 -57.71 15.55 -98.80
C UNK D 281 -57.33 16.87 -98.10
N UNK D 282 -51.18 33.54 -111.60
CA UNK D 282 -51.90 33.54 -112.86
C UNK D 282 -53.29 33.03 -112.61
N UNK D 283 -53.98 32.65 -113.69
CA UNK D 283 -55.22 31.90 -113.56
C UNK D 283 -54.95 30.56 -114.20
N UNK D 284 -54.24 29.72 -113.46
CA UNK D 284 -54.19 28.30 -113.73
C UNK D 284 -55.22 27.60 -112.86
N UNK D 285 -56.43 28.13 -112.94
CA UNK D 285 -57.47 27.76 -112.01
C UNK D 285 -58.40 26.71 -112.55
N UNK D 286 -57.92 25.81 -113.41
CA UNK D 286 -58.73 24.69 -113.89
C UNK D 286 -58.77 23.66 -112.78
N UNK D 287 -59.56 23.97 -111.76
CA UNK D 287 -59.23 23.56 -110.40
C UNK D 287 -59.53 22.10 -110.16
N UNK D 288 -60.81 21.75 -110.20
CA UNK D 288 -61.23 20.41 -109.79
C UNK D 288 -61.16 19.40 -110.90
N UNK D 289 -60.46 19.69 -111.98
CA UNK D 289 -60.09 18.67 -112.94
C UNK D 289 -58.67 18.93 -113.42
N UNK D 290 -57.82 19.43 -112.53
CA UNK D 290 -56.46 19.80 -112.88
C UNK D 290 -55.61 18.59 -113.16
N UNK D 291 -55.87 17.91 -114.26
CA UNK D 291 -55.35 16.55 -114.41
C UNK D 291 -55.36 16.19 -115.88
N UNK D 292 -54.19 16.02 -116.45
CA UNK D 292 -54.09 15.31 -117.70
C UNK D 292 -53.97 13.83 -117.37
N UNK D 293 -53.75 12.99 -118.38
CA UNK D 293 -53.52 11.58 -118.12
C UNK D 293 -52.18 11.31 -117.45
N UNK D 294 -51.34 12.33 -117.29
CA UNK D 294 -50.18 12.27 -116.43
C UNK D 294 -50.49 12.69 -114.99
N UNK D 295 -51.75 12.61 -114.57
CA UNK D 295 -52.04 12.81 -113.16
C UNK D 295 -51.78 11.55 -112.34
N UNK D 296 -51.62 10.42 -113.03
CA UNK D 296 -51.33 9.16 -112.37
C UNK D 296 -50.06 9.26 -111.53
N UNK D 297 -49.00 9.82 -112.12
CA UNK D 297 -47.74 10.03 -111.44
C UNK D 297 -47.89 10.91 -110.23
N UNK D 298 -48.79 11.90 -110.31
CA UNK D 298 -49.07 12.77 -109.17
C UNK D 298 -49.64 11.95 -108.02
N UNK D 299 -50.61 11.10 -108.35
CA UNK D 299 -51.24 10.26 -107.33
C UNK D 299 -50.23 9.36 -106.66
N UNK D 300 -49.37 8.75 -107.47
CA UNK D 300 -48.46 7.74 -106.99
C UNK D 300 -47.39 8.32 -106.08
N UNK D 301 -46.74 9.39 -106.53
CA UNK D 301 -45.68 9.97 -105.74
C UNK D 301 -46.23 10.61 -104.48
N UNK D 302 -47.47 11.11 -104.53
CA UNK D 302 -48.14 11.52 -103.32
C UNK D 302 -48.28 10.35 -102.36
N UNK D 303 -48.71 9.20 -102.89
CA UNK D 303 -48.96 8.02 -102.07
C UNK D 303 -47.70 7.52 -101.42
N UNK D 304 -46.65 7.37 -102.20
CA UNK D 304 -45.42 6.81 -101.63
C UNK D 304 -44.67 7.83 -100.81
N UNK D 305 -44.87 9.13 -101.04
CA UNK D 305 -44.18 10.11 -100.21
C UNK D 305 -44.80 10.16 -98.83
N UNK D 306 -46.13 10.18 -98.79
CA UNK D 306 -46.80 10.08 -97.51
C UNK D 306 -46.55 8.71 -96.89
N UNK D 307 -46.38 7.69 -97.71
CA UNK D 307 -45.96 6.40 -97.20
C UNK D 307 -44.53 6.43 -96.69
N UNK D 308 -43.70 7.30 -97.24
CA UNK D 308 -42.29 7.34 -96.86
C UNK D 308 -42.15 7.93 -95.47
N UNK D 309 -42.77 9.08 -95.26
CA UNK D 309 -42.89 9.56 -93.89
C UNK D 309 -43.77 8.64 -93.04
N UNK D 310 -44.64 7.84 -93.63
CA UNK D 310 -45.47 6.96 -92.83
C UNK D 310 -44.69 5.75 -92.36
N UNK D 311 -43.80 5.26 -93.19
CA UNK D 311 -42.92 4.19 -92.74
C UNK D 311 -41.86 4.74 -91.83
N UNK D 312 -41.53 6.03 -91.97
CA UNK D 312 -40.69 6.68 -90.98
C UNK D 312 -41.34 6.68 -89.63
N UNK D 313 -42.63 7.02 -89.60
CA UNK D 313 -43.43 6.87 -88.39
C UNK D 313 -43.42 5.42 -87.90
N UNK D 314 -43.56 4.48 -88.82
CA UNK D 314 -43.58 3.07 -88.47
C UNK D 314 -42.27 2.65 -87.84
N UNK D 315 -41.16 3.13 -88.39
CA UNK D 315 -39.84 2.72 -87.94
C UNK D 315 -39.48 3.36 -86.61
N UNK D 316 -39.82 4.63 -86.45
CA UNK D 316 -39.49 5.30 -85.20
C UNK D 316 -40.35 4.79 -84.06
N UNK D 317 -41.66 4.70 -84.28
CA UNK D 317 -42.55 4.11 -83.30
C UNK D 317 -42.39 2.60 -83.18
N UNK D 318 -41.60 1.95 -84.04
CA UNK D 318 -41.46 0.51 -83.97
C UNK D 318 -40.71 0.06 -82.72
N UNK D 319 -39.44 0.42 -82.59
CA UNK D 319 -38.60 -0.17 -81.55
C UNK D 319 -37.54 0.84 -81.11
N UNK D 320 -36.53 0.34 -80.39
CA UNK D 320 -35.73 1.13 -79.46
C UNK D 320 -34.64 1.96 -80.15
N UNK D 321 -33.65 2.36 -79.34
CA UNK D 321 -32.86 3.58 -79.49
C UNK D 321 -32.16 3.72 -80.83
N UNK D 322 -32.65 4.67 -81.62
CA UNK D 322 -32.11 5.04 -82.92
C UNK D 322 -32.83 6.29 -83.41
N UNK D 323 -32.08 7.20 -84.02
CA UNK D 323 -32.66 8.18 -84.91
C UNK D 323 -31.83 8.38 -86.15
N UNK D 324 -30.72 7.64 -86.30
CA UNK D 324 -30.01 7.58 -87.57
C UNK D 324 -30.83 6.87 -88.62
N UNK D 325 -31.69 5.94 -88.19
CA UNK D 325 -32.70 5.39 -89.08
C UNK D 325 -33.65 6.47 -89.56
N UNK D 326 -34.07 7.36 -88.67
CA UNK D 326 -34.97 8.44 -89.10
C UNK D 326 -34.24 9.45 -89.97
N UNK D 327 -32.96 9.66 -89.74
CA UNK D 327 -32.19 10.52 -90.63
C UNK D 327 -32.07 9.89 -92.00
N UNK D 328 -31.99 8.56 -92.06
CA UNK D 328 -32.08 7.89 -93.35
C UNK D 328 -33.44 8.09 -93.96
N UNK D 329 -34.47 8.14 -93.13
CA UNK D 329 -35.79 8.48 -93.66
C UNK D 329 -35.86 9.93 -94.11
N UNK D 330 -34.99 10.78 -93.59
CA UNK D 330 -34.92 12.15 -94.10
C UNK D 330 -34.31 12.22 -95.49
N UNK D 331 -33.73 11.11 -95.98
CA UNK D 331 -33.41 10.95 -97.39
C UNK D 331 -34.45 10.12 -98.13
N UNK D 332 -35.10 9.20 -97.43
CA UNK D 332 -36.20 8.44 -98.02
C UNK D 332 -37.34 9.36 -98.46
N UNK D 333 -37.59 10.40 -97.67
CA UNK D 333 -38.47 11.47 -98.10
C UNK D 333 -37.84 12.23 -99.25
N UNK D 334 -36.53 12.46 -99.19
CA UNK D 334 -35.87 13.40 -100.10
C UNK D 334 -35.85 12.89 -101.53
N UNK D 335 -36.02 11.60 -101.72
CA UNK D 335 -36.12 11.03 -103.05
C UNK D 335 -37.36 11.49 -103.82
N UNK D 336 -38.33 12.13 -103.17
CA UNK D 336 -39.61 12.50 -103.78
C UNK D 336 -39.55 13.80 -104.58
N UNK D 337 -38.48 14.56 -104.47
CA UNK D 337 -38.34 15.81 -105.19
C UNK D 337 -38.16 15.64 -106.68
N UNK D 338 -37.94 14.41 -107.15
CA UNK D 338 -37.38 14.20 -108.47
C UNK D 338 -38.41 14.38 -109.58
N UNK D 339 -39.51 13.65 -109.49
CA UNK D 339 -40.39 13.54 -110.65
C UNK D 339 -41.41 14.64 -110.71
N UNK D 340 -41.10 15.85 -110.26
CA UNK D 340 -42.04 16.95 -110.40
C UNK D 340 -41.88 17.71 -111.71
N UNK D 341 -40.82 17.47 -112.47
CA UNK D 341 -40.68 18.14 -113.77
C UNK D 341 -41.43 17.38 -114.86
N UNK D 342 -40.97 16.16 -115.15
CA UNK D 342 -41.72 14.98 -115.56
C UNK D 342 -42.98 15.23 -116.37
N UNK D 343 -42.86 16.03 -117.42
CA UNK D 343 -43.97 16.46 -118.28
C UNK D 343 -45.10 17.08 -117.47
N UNK D 344 -44.71 17.89 -116.47
CA UNK D 344 -45.69 18.57 -115.60
C UNK D 344 -46.15 19.88 -116.25
N UNK D 345 -46.86 19.73 -117.35
CA UNK D 345 -46.98 20.81 -118.32
C UNK D 345 -47.89 21.92 -117.86
N UNK D 346 -48.77 21.66 -116.89
CA UNK D 346 -49.68 22.71 -116.46
C UNK D 346 -48.95 23.68 -115.55
N UNK D 347 -49.54 24.85 -115.39
CA UNK D 347 -49.20 25.71 -114.28
C UNK D 347 -50.08 25.41 -113.07
N UNK D 348 -50.98 24.43 -113.21
CA UNK D 348 -51.89 24.00 -112.17
C UNK D 348 -51.51 22.68 -111.54
N UNK D 349 -50.93 21.78 -112.34
CA UNK D 349 -50.70 20.42 -111.89
C UNK D 349 -49.72 20.38 -110.74
N UNK D 350 -48.50 20.84 -110.99
CA UNK D 350 -47.45 20.78 -109.98
C UNK D 350 -47.81 21.62 -108.77
N UNK D 351 -48.34 22.82 -109.02
CA UNK D 351 -48.65 23.77 -107.96
C UNK D 351 -49.73 23.23 -107.04
N UNK D 352 -50.92 22.99 -107.59
CA UNK D 352 -52.04 22.53 -106.81
C UNK D 352 -51.79 21.17 -106.20
N UNK D 353 -51.07 20.29 -106.91
CA UNK D 353 -50.87 18.94 -106.42
C UNK D 353 -49.95 18.93 -105.22
N UNK D 354 -48.85 19.69 -105.31
CA UNK D 354 -47.94 19.82 -104.19
C UNK D 354 -48.64 20.44 -103.01
N UNK D 355 -49.48 21.45 -103.28
CA UNK D 355 -50.26 22.09 -102.24
C UNK D 355 -51.17 21.09 -101.56
N UNK D 356 -51.74 20.18 -102.34
CA UNK D 356 -52.71 19.23 -101.81
C UNK D 356 -52.04 18.20 -100.91
N UNK D 357 -50.94 17.61 -101.36
CA UNK D 357 -50.32 16.54 -100.57
C UNK D 357 -49.63 17.11 -99.34
N UNK D 358 -48.95 18.25 -99.49
CA UNK D 358 -48.36 18.91 -98.32
C UNK D 358 -49.42 19.38 -97.35
N UNK D 359 -50.52 19.92 -97.88
CA UNK D 359 -51.68 20.32 -97.09
C UNK D 359 -52.29 19.15 -96.37
N UNK D 360 -52.18 17.96 -96.95
CA UNK D 360 -52.69 16.78 -96.30
C UNK D 360 -51.86 16.42 -95.10
N UNK D 361 -50.60 16.12 -95.31
CA UNK D 361 -49.88 15.64 -94.15
C UNK D 361 -49.27 16.79 -93.38
N UNK D 362 -48.32 17.50 -94.00
CA UNK D 362 -47.37 18.33 -93.27
C UNK D 362 -48.03 19.55 -92.67
N UNK D 363 -49.02 20.10 -93.34
CA UNK D 363 -49.84 21.15 -92.74
C UNK D 363 -50.60 20.60 -91.55
N UNK D 364 -51.25 19.46 -91.74
CA UNK D 364 -51.99 18.84 -90.66
C UNK D 364 -51.09 18.02 -89.75
N UNK D 365 -49.80 17.95 -90.03
CA UNK D 365 -48.93 17.19 -89.14
C UNK D 365 -48.65 17.91 -87.84
N UNK D 366 -49.21 19.10 -87.64
CA UNK D 366 -49.34 19.67 -86.32
C UNK D 366 -50.57 19.08 -85.63
N UNK D 367 -50.93 19.67 -84.52
CA UNK D 367 -52.27 19.69 -83.94
C UNK D 367 -52.75 18.40 -83.30
N UNK D 368 -52.08 17.27 -83.48
CA UNK D 368 -52.66 16.03 -82.95
C UNK D 368 -52.38 15.88 -81.46
N UNK D 369 -51.11 15.75 -81.10
CA UNK D 369 -50.78 15.75 -79.68
C UNK D 369 -51.00 17.11 -79.08
N UNK D 370 -51.09 18.13 -79.89
CA UNK D 370 -51.64 19.38 -79.41
C UNK D 370 -53.08 19.22 -78.98
N UNK D 371 -53.88 18.44 -79.71
CA UNK D 371 -55.24 18.29 -79.27
C UNK D 371 -55.31 17.44 -78.03
N UNK D 372 -54.41 16.48 -77.93
CA UNK D 372 -54.28 15.75 -76.68
C UNK D 372 -53.82 16.67 -75.56
N UNK D 373 -52.99 17.66 -75.90
CA UNK D 373 -52.58 18.63 -74.91
C UNK D 373 -53.71 19.57 -74.57
N UNK D 374 -54.58 19.82 -75.53
CA UNK D 374 -55.77 20.58 -75.27
C UNK D 374 -56.67 19.83 -74.33
N UNK D 375 -56.65 18.51 -74.42
CA UNK D 375 -57.30 17.70 -73.42
C UNK D 375 -56.49 17.81 -72.15
N UNK D 376 -56.80 18.83 -71.37
CA UNK D 376 -56.12 19.07 -70.10
C UNK D 376 -56.64 18.07 -69.07
N UNK D 377 -56.18 16.83 -69.21
CA UNK D 377 -56.88 15.80 -68.47
C UNK D 377 -56.48 15.81 -67.01
N UNK D 378 -55.26 15.41 -66.69
CA UNK D 378 -54.90 15.39 -65.30
C UNK D 378 -53.42 15.53 -65.20
N UNK D 379 -52.99 15.89 -63.99
CA UNK D 379 -51.58 16.08 -63.71
C UNK D 379 -50.79 14.83 -64.00
N UNK D 380 -51.17 13.72 -63.35
CA UNK D 380 -50.48 12.47 -63.59
C UNK D 380 -50.74 11.98 -65.00
N UNK D 381 -51.85 12.38 -65.60
CA UNK D 381 -52.16 11.92 -66.95
C UNK D 381 -51.20 12.54 -67.95
N UNK D 382 -51.07 13.85 -67.91
CA UNK D 382 -50.14 14.51 -68.78
C UNK D 382 -48.72 14.17 -68.38
N UNK D 383 -48.52 13.82 -67.11
CA UNK D 383 -47.24 13.30 -66.70
C UNK D 383 -46.98 11.97 -67.35
N UNK D 384 -48.04 11.22 -67.60
CA UNK D 384 -47.86 9.95 -68.26
C UNK D 384 -47.60 10.16 -69.74
N UNK D 385 -48.23 11.15 -70.32
CA UNK D 385 -48.01 11.38 -71.75
C UNK D 385 -46.65 11.98 -71.99
N UNK D 386 -46.20 12.85 -71.10
CA UNK D 386 -44.84 13.35 -71.14
C UNK D 386 -43.86 12.22 -70.95
N UNK D 387 -44.15 11.33 -70.01
CA UNK D 387 -43.40 10.11 -69.85
C UNK D 387 -43.46 9.27 -71.11
N UNK D 388 -44.56 9.32 -71.84
CA UNK D 388 -44.69 8.51 -73.04
C UNK D 388 -43.84 9.05 -74.17
N UNK D 389 -43.95 10.35 -74.43
CA UNK D 389 -43.15 10.94 -75.49
C UNK D 389 -41.69 10.89 -75.13
N UNK D 390 -41.38 11.05 -73.85
CA UNK D 390 -40.02 10.89 -73.40
C UNK D 390 -39.57 9.45 -73.45
N UNK D 391 -40.49 8.49 -73.42
CA UNK D 391 -40.11 7.12 -73.66
C UNK D 391 -39.75 6.94 -75.11
N UNK D 392 -40.52 7.55 -76.00
CA UNK D 392 -40.21 7.52 -77.41
C UNK D 392 -39.22 8.60 -77.82
N UNK D 393 -38.52 9.21 -76.87
CA UNK D 393 -37.58 10.28 -77.16
C UNK D 393 -36.31 9.69 -77.78
N UNK D 394 -36.42 9.32 -79.05
CA UNK D 394 -35.23 8.98 -79.80
C UNK D 394 -34.41 10.22 -80.09
N UNK D 395 -35.07 11.29 -80.51
CA UNK D 395 -34.43 12.58 -80.68
C UNK D 395 -34.61 13.37 -79.40
N UNK D 396 -33.50 13.81 -78.83
CA UNK D 396 -33.53 14.64 -77.65
C UNK D 396 -33.76 16.09 -77.97
N UNK D 397 -33.57 16.48 -79.21
CA UNK D 397 -33.54 17.88 -79.58
C UNK D 397 -34.55 18.26 -80.64
N UNK D 398 -34.81 17.39 -81.60
CA UNK D 398 -35.99 17.58 -82.43
C UNK D 398 -37.26 17.45 -81.62
N UNK D 399 -37.19 16.72 -80.50
CA UNK D 399 -38.25 16.80 -79.50
C UNK D 399 -38.37 18.19 -78.93
N UNK D 400 -37.23 18.83 -78.61
CA UNK D 400 -37.27 20.19 -78.13
C UNK D 400 -37.76 21.15 -79.20
N UNK D 401 -37.65 20.78 -80.47
CA UNK D 401 -38.33 21.48 -81.55
C UNK D 401 -39.81 21.17 -81.60
N UNK D 402 -40.17 19.93 -81.31
CA UNK D 402 -41.55 19.53 -81.34
C UNK D 402 -42.34 20.24 -80.26
N UNK D 403 -41.68 20.54 -79.15
CA UNK D 403 -42.29 21.38 -78.13
C UNK D 403 -42.62 22.75 -78.68
N UNK D 404 -41.79 23.26 -79.57
CA UNK D 404 -42.14 24.52 -80.17
C UNK D 404 -43.27 24.33 -81.17
N UNK D 405 -43.32 23.17 -81.80
CA UNK D 405 -44.41 22.91 -82.73
C UNK D 405 -45.74 22.87 -82.00
N UNK D 406 -45.70 22.41 -80.77
CA UNK D 406 -46.83 22.62 -79.89
C UNK D 406 -47.04 24.08 -79.61
N UNK D 407 -45.96 24.79 -79.27
CA UNK D 407 -46.04 26.16 -78.79
C UNK D 407 -46.57 27.11 -79.84
N UNK D 408 -46.62 26.65 -81.08
CA UNK D 408 -47.46 27.21 -82.12
C UNK D 408 -48.92 27.36 -81.74
N UNK D 409 -49.44 26.56 -80.82
CA UNK D 409 -50.86 26.66 -80.49
C UNK D 409 -51.18 27.97 -79.77
N UNK D 410 -50.32 28.39 -78.85
CA UNK D 410 -50.55 29.61 -78.09
C UNK D 410 -50.00 30.81 -78.86
N UNK D 411 -49.88 31.94 -78.16
CA UNK D 411 -49.23 33.14 -78.68
C UNK D 411 -48.89 34.06 -77.50
N UNK D 412 -48.31 35.22 -77.81
CA UNK D 412 -48.39 36.45 -77.03
C UNK D 412 -47.57 36.52 -75.74
N UNK D 413 -46.96 35.43 -75.30
CA UNK D 413 -45.97 35.50 -74.22
C UNK D 413 -44.91 34.45 -74.44
N UNK D 414 -44.63 34.15 -75.71
CA UNK D 414 -44.49 32.77 -76.10
C UNK D 414 -43.23 32.07 -75.63
N UNK D 415 -42.42 32.65 -74.77
CA UNK D 415 -41.32 31.86 -74.22
C UNK D 415 -41.06 32.17 -72.75
N UNK D 416 -42.01 32.82 -72.10
CA UNK D 416 -41.82 33.66 -70.92
C UNK D 416 -41.09 32.93 -69.81
N UNK D 417 -41.71 31.89 -69.27
CA UNK D 417 -40.94 30.99 -68.42
C UNK D 417 -40.47 29.77 -69.17
N UNK D 418 -40.69 29.72 -70.49
CA UNK D 418 -40.25 28.57 -71.27
C UNK D 418 -38.74 28.54 -71.35
N UNK D 419 -38.12 29.69 -71.21
CA UNK D 419 -36.70 29.70 -70.94
C UNK D 419 -36.40 29.33 -69.49
N UNK D 420 -37.29 29.69 -68.57
CA UNK D 420 -37.00 29.54 -67.15
C UNK D 420 -36.89 28.07 -66.79
N UNK D 421 -37.73 27.27 -67.42
CA UNK D 421 -37.69 25.83 -67.18
C UNK D 421 -36.42 25.23 -67.75
N UNK D 422 -36.20 25.46 -69.06
CA UNK D 422 -35.10 24.88 -69.79
C UNK D 422 -33.77 25.17 -69.15
N UNK D 423 -33.61 26.36 -68.58
CA UNK D 423 -32.42 26.66 -67.80
C UNK D 423 -32.49 26.07 -66.40
N UNK D 424 -33.60 26.29 -65.69
CA UNK D 424 -33.81 25.99 -64.29
C UNK D 424 -33.67 24.53 -63.97
N UNK D 425 -33.74 23.69 -65.00
CA UNK D 425 -33.43 22.28 -64.90
C UNK D 425 -32.10 22.00 -64.22
N UNK D 426 -31.09 22.82 -64.45
CA UNK D 426 -29.74 22.51 -63.96
C UNK D 426 -29.64 22.74 -62.45
N UNK D 427 -29.36 21.66 -61.73
CA UNK D 427 -29.41 21.57 -60.27
C UNK D 427 -28.70 20.28 -59.85
N UNK D 428 -29.00 19.74 -58.66
CA UNK D 428 -28.51 18.41 -58.30
C UNK D 428 -29.21 17.32 -59.11
N UNK D 429 -28.67 16.10 -59.03
CA UNK D 429 -28.75 15.12 -60.12
C UNK D 429 -29.77 14.02 -59.85
N UNK D 430 -30.89 14.07 -60.55
CA UNK D 430 -31.70 12.91 -60.86
C UNK D 430 -31.29 12.42 -62.25
N UNK D 431 -32.10 11.55 -62.87
CA UNK D 431 -31.78 11.03 -64.19
C UNK D 431 -31.87 12.13 -65.26
N UNK D 432 -31.16 11.94 -66.36
CA UNK D 432 -31.43 12.76 -67.53
C UNK D 432 -32.74 12.38 -68.15
N UNK D 433 -33.19 11.16 -67.89
CA UNK D 433 -34.60 10.86 -68.06
C UNK D 433 -35.46 11.82 -67.26
N UNK D 434 -35.07 12.09 -66.01
CA UNK D 434 -35.87 12.99 -65.18
C UNK D 434 -35.76 14.41 -65.66
N UNK D 435 -34.62 14.74 -66.24
CA UNK D 435 -34.48 16.03 -66.88
C UNK D 435 -35.43 16.16 -68.06
N UNK D 436 -35.47 15.13 -68.90
CA UNK D 436 -36.34 15.12 -70.06
C UNK D 436 -37.79 15.21 -69.64
N UNK D 437 -38.16 14.41 -68.66
CA UNK D 437 -39.54 14.35 -68.23
C UNK D 437 -39.95 15.61 -67.51
N UNK D 438 -39.12 16.07 -66.59
CA UNK D 438 -39.41 17.29 -65.86
C UNK D 438 -39.36 18.48 -66.79
N UNK D 439 -38.61 18.37 -67.88
CA UNK D 439 -38.56 19.42 -68.87
C UNK D 439 -39.88 19.52 -69.59
N UNK D 440 -40.34 18.40 -70.13
CA UNK D 440 -41.56 18.43 -70.91
C UNK D 440 -42.75 18.71 -70.01
N UNK D 441 -42.71 18.19 -68.81
CA UNK D 441 -43.77 18.38 -67.85
C UNK D 441 -43.69 19.74 -67.19
N UNK D 442 -42.61 20.46 -67.41
CA UNK D 442 -42.75 21.87 -67.22
C UNK D 442 -43.59 22.45 -68.31
N UNK D 443 -43.46 21.94 -69.52
CA UNK D 443 -43.85 22.75 -70.66
C UNK D 443 -45.33 22.76 -70.89
N UNK D 444 -46.01 21.63 -70.79
CA UNK D 444 -47.45 21.73 -70.98
C UNK D 444 -48.11 22.27 -69.74
N UNK D 445 -47.49 22.04 -68.59
CA UNK D 445 -47.89 22.72 -67.37
C UNK D 445 -47.79 24.21 -67.55
N UNK D 446 -46.77 24.64 -68.26
CA UNK D 446 -46.69 26.01 -68.66
C UNK D 446 -47.80 26.35 -69.64
N UNK D 447 -48.19 25.41 -70.48
CA UNK D 447 -49.12 25.70 -71.55
C UNK D 447 -50.56 25.68 -71.09
N UNK D 448 -50.82 25.94 -69.82
CA UNK D 448 -52.17 26.17 -69.33
C UNK D 448 -52.83 27.30 -70.10
N UNK D 449 -54.12 27.18 -70.28
CA UNK D 449 -54.90 28.23 -70.92
C UNK D 449 -55.15 29.34 -69.92
N UNK D 450 -56.15 30.16 -70.19
CA UNK D 450 -56.61 31.10 -69.20
C UNK D 450 -57.14 30.34 -68.01
N UNK D 451 -55.77 4.29 -76.74
CA UNK D 451 -55.61 5.73 -76.74
C UNK D 451 -54.13 6.14 -76.63
N UNK D 452 -53.31 5.27 -76.04
CA UNK D 452 -51.88 5.48 -76.15
C UNK D 452 -51.38 5.07 -77.52
N UNK D 453 -52.12 4.20 -78.21
CA UNK D 453 -51.87 4.01 -79.65
C UNK D 453 -52.16 5.29 -80.42
N UNK D 454 -53.22 6.01 -80.04
CA UNK D 454 -53.42 7.34 -80.57
C UNK D 454 -52.31 8.29 -80.14
N UNK D 455 -51.77 8.11 -78.94
CA UNK D 455 -50.69 8.98 -78.50
C UNK D 455 -49.43 8.73 -79.31
N UNK D 456 -49.15 7.47 -79.62
CA UNK D 456 -48.05 7.17 -80.51
C UNK D 456 -48.35 7.64 -81.93
N UNK D 457 -49.62 7.65 -82.31
CA UNK D 457 -50.01 8.16 -83.61
C UNK D 457 -49.79 9.66 -83.70
N UNK D 458 -50.09 10.37 -82.62
CA UNK D 458 -49.92 11.80 -82.58
C UNK D 458 -48.45 12.16 -82.46
N UNK D 459 -47.71 11.33 -81.74
CA UNK D 459 -46.27 11.40 -81.76
C UNK D 459 -45.76 11.28 -83.19
N UNK D 460 -46.30 10.34 -83.93
CA UNK D 460 -45.90 10.17 -85.32
C UNK D 460 -46.30 11.38 -86.15
N UNK D 461 -47.44 11.98 -85.84
CA UNK D 461 -47.92 13.12 -86.61
C UNK D 461 -47.01 14.33 -86.41
N UNK D 462 -46.73 14.69 -85.16
CA UNK D 462 -45.85 15.82 -84.90
C UNK D 462 -44.42 15.50 -85.29
N UNK D 463 -44.07 14.22 -85.23
CA UNK D 463 -42.81 13.79 -85.81
C UNK D 463 -42.80 13.97 -87.31
N UNK D 464 -43.95 13.85 -87.96
CA UNK D 464 -43.97 14.09 -89.38
C UNK D 464 -44.06 15.56 -89.71
N UNK D 465 -44.47 16.38 -88.75
CA UNK D 465 -44.29 17.83 -88.91
C UNK D 465 -42.83 18.19 -88.90
N UNK D 466 -42.07 17.53 -88.03
CA UNK D 466 -40.62 17.62 -88.14
C UNK D 466 -40.16 17.06 -89.48
N UNK D 467 -40.34 15.76 -89.69
CA UNK D 467 -39.74 15.02 -90.79
C UNK D 467 -40.38 15.31 -92.14
N UNK D 468 -41.33 16.23 -92.22
CA UNK D 468 -41.98 16.56 -93.47
C UNK D 468 -41.84 18.02 -93.84
N UNK D 469 -41.72 18.91 -92.87
CA UNK D 469 -41.54 20.33 -93.18
C UNK D 469 -40.08 20.68 -93.44
N UNK D 470 -39.24 19.69 -93.67
CA UNK D 470 -37.85 19.91 -94.03
C UNK D 470 -37.72 20.29 -95.50
N UNK E 1 7.98 -2.18 -166.40
CA UNK E 1 6.69 -1.52 -166.49
C UNK E 1 6.05 -1.59 -165.14
N UNK E 2 5.40 -2.72 -164.90
CA UNK E 2 5.05 -3.10 -163.54
C UNK E 2 6.28 -3.12 -162.67
N UNK E 3 7.35 -3.78 -163.16
CA UNK E 3 8.63 -3.81 -162.46
C UNK E 3 9.23 -2.42 -162.32
N UNK E 4 8.95 -1.55 -163.28
CA UNK E 4 9.54 -0.21 -163.27
C UNK E 4 8.97 0.65 -162.15
N UNK E 5 7.64 0.87 -162.20
CA UNK E 5 6.96 1.58 -161.12
C UNK E 5 7.18 0.87 -159.80
N UNK E 6 7.28 -0.45 -159.85
CA UNK E 6 7.64 -1.22 -158.68
C UNK E 6 9.01 -0.85 -158.18
N UNK E 7 9.97 -0.68 -159.07
CA UNK E 7 11.36 -0.52 -158.66
C UNK E 7 11.55 0.82 -158.00
N UNK E 8 10.91 1.83 -158.57
CA UNK E 8 10.94 3.13 -157.93
C UNK E 8 10.20 3.09 -156.61
N UNK E 9 9.08 2.36 -156.58
CA UNK E 9 8.32 2.25 -155.35
C UNK E 9 9.15 1.61 -154.26
N UNK E 10 9.80 0.52 -154.60
CA UNK E 10 10.58 -0.25 -153.64
C UNK E 10 11.84 0.48 -153.27
N UNK E 11 12.35 1.33 -154.15
CA UNK E 11 13.41 2.21 -153.75
C UNK E 11 12.90 3.23 -152.76
N UNK E 12 11.60 3.57 -152.81
CA UNK E 12 11.17 4.53 -151.81
C UNK E 12 10.55 3.90 -150.58
N UNK E 13 9.30 3.42 -150.70
CA UNK E 13 8.46 2.78 -149.69
C UNK E 13 7.12 2.43 -150.34
N UNK E 14 6.23 1.87 -149.52
CA UNK E 14 4.80 1.72 -149.78
C UNK E 14 4.22 1.42 -148.43
N UNK E 15 3.08 2.01 -148.09
CA UNK E 15 2.84 2.11 -146.66
C UNK E 15 1.36 2.19 -146.32
N UNK E 16 1.11 2.85 -145.21
CA UNK E 16 -0.06 3.13 -144.40
C UNK E 16 -0.41 1.97 -143.49
N UNK E 17 0.04 0.74 -143.77
CA UNK E 17 0.13 -0.29 -142.75
C UNK E 17 1.20 -1.31 -143.09
N UNK E 18 1.44 -1.43 -144.40
CA UNK E 18 2.09 -2.62 -144.93
C UNK E 18 3.55 -2.64 -144.59
N UNK E 19 4.10 -1.51 -144.16
CA UNK E 19 5.38 -1.50 -143.49
C UNK E 19 5.37 -2.42 -142.28
N UNK E 20 4.39 -2.24 -141.41
CA UNK E 20 4.32 -3.09 -140.23
C UNK E 20 4.04 -4.53 -140.60
N UNK E 21 3.18 -4.75 -141.61
CA UNK E 21 2.90 -6.12 -142.03
C UNK E 21 4.14 -6.83 -142.56
N UNK E 22 4.93 -6.14 -143.38
CA UNK E 22 6.13 -6.75 -143.90
C UNK E 22 7.19 -6.92 -142.83
N UNK E 23 7.21 -6.02 -141.86
CA UNK E 23 8.08 -6.22 -140.70
C UNK E 23 7.70 -7.48 -139.94
N UNK E 24 6.42 -7.82 -139.94
CA UNK E 24 6.04 -9.10 -139.34
C UNK E 24 6.51 -10.27 -140.19
N UNK E 25 6.53 -10.12 -141.50
CA UNK E 25 7.03 -11.22 -142.32
C UNK E 25 8.49 -11.45 -142.07
N UNK E 26 9.21 -10.37 -141.83
CA UNK E 26 10.55 -10.48 -141.32
C UNK E 26 10.55 -11.21 -140.00
N UNK E 27 9.57 -10.91 -139.14
CA UNK E 27 9.60 -11.51 -137.81
C UNK E 27 9.38 -13.01 -137.89
N UNK E 28 8.62 -13.45 -138.88
CA UNK E 28 8.37 -14.87 -138.99
C UNK E 28 9.56 -15.60 -139.60
N UNK E 29 10.22 -14.99 -140.58
CA UNK E 29 11.41 -15.62 -141.14
C UNK E 29 12.47 -15.70 -140.08
N UNK E 30 12.55 -14.67 -139.24
CA UNK E 30 13.42 -14.69 -138.08
C UNK E 30 13.05 -15.82 -137.15
N UNK E 31 11.75 -16.04 -136.98
CA UNK E 31 11.29 -17.03 -136.05
C UNK E 31 11.64 -18.43 -136.52
N UNK E 32 11.30 -18.74 -137.77
CA UNK E 32 11.55 -20.08 -138.29
C UNK E 32 13.02 -20.36 -138.38
N UNK E 33 13.82 -19.33 -138.62
CA UNK E 33 15.26 -19.50 -138.52
C UNK E 33 15.64 -19.89 -137.12
N UNK E 34 15.05 -19.26 -136.11
CA UNK E 34 15.39 -19.60 -134.75
C UNK E 34 14.94 -21.02 -134.40
N UNK E 35 13.82 -21.43 -134.95
CA UNK E 35 13.26 -22.70 -134.56
C UNK E 35 14.03 -23.84 -135.19
N UNK E 36 14.31 -23.72 -136.49
CA UNK E 36 15.10 -24.73 -137.14
C UNK E 36 16.49 -24.76 -136.60
N UNK E 37 16.99 -23.61 -136.17
CA UNK E 37 18.30 -23.58 -135.55
C UNK E 37 18.30 -24.37 -134.26
N UNK E 38 17.32 -24.10 -133.41
CA UNK E 38 17.27 -24.76 -132.11
C UNK E 38 17.03 -26.25 -132.26
N UNK E 39 16.14 -26.63 -133.17
CA UNK E 39 15.85 -28.03 -133.37
C UNK E 39 17.02 -28.74 -133.98
N UNK E 40 17.80 -28.09 -134.82
CA UNK E 40 18.95 -28.81 -135.34
C UNK E 40 20.14 -28.67 -134.41
N UNK E 41 19.96 -29.00 -133.15
CA UNK E 41 21.07 -28.98 -132.22
C UNK E 41 21.30 -30.30 -131.53
N UNK E 42 20.26 -30.89 -130.94
CA UNK E 42 20.41 -32.05 -130.07
C UNK E 42 20.60 -33.33 -130.87
N UNK E 43 20.40 -34.49 -130.24
CA UNK E 43 20.54 -35.80 -130.89
C UNK E 43 19.46 -35.99 -131.94
N UNK E 44 19.86 -35.99 -133.21
CA UNK E 44 18.96 -35.76 -134.34
C UNK E 44 18.02 -36.91 -134.58
N UNK E 45 17.20 -37.23 -133.60
CA UNK E 45 16.41 -38.44 -133.58
C UNK E 45 15.18 -38.25 -134.45
N UNK E 46 14.40 -39.32 -134.60
CA UNK E 46 13.47 -39.44 -135.71
C UNK E 46 12.37 -38.41 -135.65
N UNK E 47 12.16 -37.80 -134.51
CA UNK E 47 11.30 -36.63 -134.43
C UNK E 47 11.88 -35.40 -135.13
N UNK E 48 13.04 -35.50 -135.79
CA UNK E 48 13.52 -34.39 -136.59
C UNK E 48 12.53 -34.06 -137.67
N UNK E 49 11.95 -35.08 -138.28
CA UNK E 49 10.90 -34.84 -139.26
C UNK E 49 9.69 -34.18 -138.63
N UNK E 50 8.98 -34.90 -137.78
CA UNK E 50 7.74 -34.39 -137.26
C UNK E 50 7.96 -33.51 -136.07
N UNK E 51 9.12 -32.88 -135.98
CA UNK E 51 9.32 -31.60 -135.33
C UNK E 51 9.54 -30.51 -136.37
N UNK E 52 10.35 -30.78 -137.39
CA UNK E 52 10.78 -29.73 -138.27
C UNK E 52 9.68 -29.34 -139.22
N UNK E 53 9.02 -30.34 -139.78
CA UNK E 53 7.90 -30.06 -140.66
C UNK E 53 6.80 -29.36 -139.91
N UNK E 54 6.65 -29.68 -138.63
CA UNK E 54 5.72 -28.94 -137.80
C UNK E 54 6.13 -27.50 -137.70
N UNK E 55 7.41 -27.25 -137.51
CA UNK E 55 7.84 -25.87 -137.32
C UNK E 55 7.66 -25.07 -138.57
N UNK E 56 7.98 -25.66 -139.71
CA UNK E 56 7.72 -24.93 -140.95
C UNK E 56 6.25 -24.85 -141.24
N UNK E 57 5.45 -25.75 -140.69
CA UNK E 57 4.02 -25.61 -140.84
C UNK E 57 3.53 -24.44 -140.03
N UNK E 58 4.11 -24.23 -138.86
CA UNK E 58 3.79 -23.03 -138.10
C UNK E 58 4.25 -21.79 -138.85
N UNK E 59 5.38 -21.90 -139.54
CA UNK E 59 5.94 -20.79 -140.28
C UNK E 59 5.03 -20.37 -141.41
N UNK E 60 4.73 -21.30 -142.28
CA UNK E 60 3.82 -21.05 -143.37
C UNK E 60 2.41 -20.75 -142.91
N UNK E 61 2.04 -21.17 -141.70
CA UNK E 61 0.76 -20.73 -141.17
C UNK E 61 0.76 -19.24 -140.97
N UNK E 62 1.76 -18.73 -140.23
CA UNK E 62 1.85 -17.29 -140.02
C UNK E 62 2.09 -16.56 -141.32
N UNK E 63 2.71 -17.22 -142.26
CA UNK E 63 2.97 -16.63 -143.56
C UNK E 63 1.70 -16.51 -144.37
N UNK E 64 0.88 -17.56 -144.37
CA UNK E 64 -0.36 -17.51 -145.11
C UNK E 64 -1.28 -16.47 -144.52
N UNK E 65 -1.21 -16.30 -143.20
CA UNK E 65 -1.88 -15.18 -142.55
C UNK E 65 -1.43 -13.85 -143.15
N UNK E 66 -0.13 -13.58 -143.09
CA UNK E 66 0.41 -12.31 -143.57
C UNK E 66 0.14 -12.11 -145.03
N UNK E 67 0.16 -13.17 -145.81
CA UNK E 67 0.05 -13.01 -147.24
C UNK E 67 -1.38 -12.78 -147.68
N UNK E 68 -2.35 -13.47 -147.07
CA UNK E 68 -3.73 -13.17 -147.44
C UNK E 68 -4.13 -11.81 -146.91
N UNK E 69 -3.62 -11.45 -145.72
CA UNK E 69 -3.90 -10.15 -145.15
C UNK E 69 -3.36 -9.06 -146.04
N UNK E 70 -2.15 -9.23 -146.57
CA UNK E 70 -1.56 -8.18 -147.39
C UNK E 70 -2.12 -8.16 -148.80
N UNK E 71 -2.39 -9.32 -149.40
CA UNK E 71 -3.01 -9.27 -150.71
C UNK E 71 -4.45 -8.84 -150.63
N UNK E 72 -5.02 -8.77 -149.44
CA UNK E 72 -6.14 -7.88 -149.24
C UNK E 72 -5.66 -6.44 -149.12
N UNK E 73 -4.62 -6.23 -148.33
CA UNK E 73 -4.27 -4.91 -147.83
C UNK E 73 -3.48 -4.16 -148.90
N UNK E 74 -4.15 -3.23 -149.57
CA UNK E 74 -3.58 -2.35 -150.58
C UNK E 74 -2.99 -3.16 -151.73
N UNK E 75 -3.88 -3.82 -152.45
CA UNK E 75 -3.51 -4.41 -153.73
C UNK E 75 -3.77 -3.41 -154.85
N UNK E 76 -3.15 -2.25 -154.73
CA UNK E 76 -2.91 -1.44 -155.91
C UNK E 76 -1.93 -2.17 -156.82
N UNK E 77 -1.91 -1.75 -158.09
CA UNK E 77 -1.50 -2.63 -159.18
C UNK E 77 -0.06 -3.09 -159.09
N UNK E 78 0.91 -2.19 -159.22
CA UNK E 78 2.28 -2.61 -159.00
C UNK E 78 2.60 -2.76 -157.54
N UNK E 79 1.76 -2.20 -156.67
CA UNK E 79 1.92 -2.40 -155.24
C UNK E 79 1.73 -3.85 -154.84
N UNK E 80 1.11 -4.66 -155.71
CA UNK E 80 1.32 -6.10 -155.63
C UNK E 80 2.79 -6.43 -155.67
N UNK E 81 3.47 -6.03 -156.75
CA UNK E 81 4.84 -6.44 -156.97
C UNK E 81 5.80 -5.85 -155.97
N UNK E 82 5.38 -4.80 -155.28
CA UNK E 82 6.22 -4.13 -154.29
C UNK E 82 6.65 -5.09 -153.19
N UNK E 83 5.70 -5.52 -152.39
CA UNK E 83 6.05 -6.53 -151.41
C UNK E 83 6.26 -7.87 -152.07
N UNK E 84 5.76 -8.09 -153.29
CA UNK E 84 6.04 -9.37 -153.92
C UNK E 84 7.49 -9.52 -154.34
N UNK E 85 8.26 -8.45 -154.32
CA UNK E 85 9.71 -8.58 -154.38
C UNK E 85 10.34 -8.46 -153.02
N UNK E 86 9.79 -7.57 -152.20
CA UNK E 86 10.38 -7.30 -150.90
C UNK E 86 10.35 -8.54 -150.03
N UNK E 87 9.31 -9.34 -150.17
CA UNK E 87 9.15 -10.52 -149.34
C UNK E 87 10.20 -11.55 -149.66
N UNK E 88 10.47 -11.80 -150.93
CA UNK E 88 11.48 -12.77 -151.28
C UNK E 88 12.86 -12.27 -150.92
N UNK E 89 13.06 -10.95 -150.94
CA UNK E 89 14.30 -10.42 -150.40
C UNK E 89 14.41 -10.72 -148.92
N UNK E 90 13.33 -10.46 -148.20
CA UNK E 90 13.27 -10.65 -146.75
C UNK E 90 13.47 -12.10 -146.37
N UNK E 91 13.03 -13.00 -147.25
CA UNK E 91 13.41 -14.37 -147.13
C UNK E 91 14.90 -14.49 -147.25
N UNK E 92 15.40 -14.22 -148.45
CA UNK E 92 16.68 -14.73 -148.88
C UNK E 92 17.79 -14.17 -148.03
N UNK E 93 17.89 -12.86 -147.99
CA UNK E 93 18.87 -12.27 -147.11
C UNK E 93 18.39 -12.33 -145.68
N UNK E 94 17.29 -11.63 -145.41
CA UNK E 94 17.12 -10.94 -144.16
C UNK E 94 16.95 -11.89 -142.99
N UNK E 95 16.59 -13.14 -143.25
CA UNK E 95 16.80 -14.12 -142.20
C UNK E 95 17.30 -15.50 -142.62
N UNK E 96 16.79 -16.03 -143.72
CA UNK E 96 16.14 -17.35 -143.68
C UNK E 96 17.02 -18.49 -143.21
N UNK E 97 18.30 -18.49 -143.54
CA UNK E 97 19.03 -19.75 -143.66
C UNK E 97 19.34 -20.37 -142.31
N UNK E 98 19.54 -21.70 -142.32
CA UNK E 98 19.95 -22.46 -141.14
C UNK E 98 20.47 -23.83 -141.56
N UNK E 99 21.72 -24.15 -141.22
CA UNK E 99 22.29 -25.49 -140.99
C UNK E 99 23.74 -25.33 -140.53
N UNK E 100 24.43 -26.47 -140.44
CA UNK E 100 25.88 -26.57 -140.50
C UNK E 100 26.36 -26.68 -141.93
N UNK E 101 25.57 -26.15 -142.84
CA UNK E 101 26.02 -25.90 -144.18
C UNK E 101 27.16 -24.91 -144.21
N UNK E 102 27.42 -24.19 -143.12
CA UNK E 102 28.71 -23.54 -142.95
C UNK E 102 29.83 -24.54 -143.09
N UNK E 103 29.71 -25.66 -142.39
CA UNK E 103 30.74 -26.69 -142.49
C UNK E 103 30.68 -27.36 -143.84
N UNK E 104 29.54 -27.30 -144.51
CA UNK E 104 29.61 -27.63 -145.92
C UNK E 104 30.38 -26.56 -146.67
N UNK E 105 30.12 -25.31 -146.34
CA UNK E 105 30.35 -24.22 -147.25
C UNK E 105 31.79 -23.81 -147.28
N UNK E 106 32.50 -24.04 -146.19
CA UNK E 106 33.94 -24.12 -146.29
C UNK E 106 34.20 -25.35 -147.13
N UNK E 107 34.68 -25.15 -148.35
CA UNK E 107 34.59 -26.15 -149.39
C UNK E 107 35.46 -27.32 -149.08
N UNK E 108 36.77 -27.07 -148.95
CA UNK E 108 37.81 -28.09 -148.94
C UNK E 108 37.55 -29.07 -150.07
N UNK E 109 37.51 -28.49 -151.26
CA UNK E 109 36.81 -29.06 -152.39
C UNK E 109 37.43 -30.32 -152.93
N UNK E 110 38.51 -30.81 -152.31
CA UNK E 110 38.89 -32.20 -152.47
C UNK E 110 37.67 -33.05 -152.24
N UNK E 111 37.21 -33.62 -153.34
CA UNK E 111 35.90 -34.24 -153.37
C UNK E 111 35.88 -35.47 -152.49
N UNK E 112 37.04 -36.03 -152.21
CA UNK E 112 37.13 -37.01 -151.14
C UNK E 112 36.77 -36.40 -149.81
N UNK E 113 37.21 -35.17 -149.54
CA UNK E 113 36.81 -34.59 -148.27
C UNK E 113 35.34 -34.19 -148.29
N UNK E 114 34.83 -33.85 -149.46
CA UNK E 114 33.38 -33.68 -149.62
C UNK E 114 32.68 -34.98 -149.31
N UNK E 115 33.24 -36.09 -149.78
CA UNK E 115 32.70 -37.39 -149.46
C UNK E 115 32.88 -37.71 -148.00
N UNK E 116 33.84 -37.10 -147.33
CA UNK E 116 33.93 -37.31 -145.90
C UNK E 116 32.77 -36.63 -145.22
N UNK E 117 32.42 -35.45 -145.69
CA UNK E 117 31.23 -34.80 -145.17
C UNK E 117 29.99 -35.62 -145.50
N UNK E 118 30.01 -36.26 -146.65
CA UNK E 118 28.85 -37.03 -147.09
C UNK E 118 28.69 -38.27 -146.24
N UNK E 119 29.79 -38.93 -145.95
CA UNK E 119 29.72 -40.09 -145.08
C UNK E 119 29.37 -39.65 -143.67
N UNK E 120 29.71 -38.42 -143.31
CA UNK E 120 29.32 -37.96 -142.00
C UNK E 120 27.82 -37.76 -141.90
N UNK E 121 27.24 -37.04 -142.86
CA UNK E 121 25.80 -36.81 -142.83
C UNK E 121 25.03 -38.08 -143.03
N UNK E 122 25.51 -38.97 -143.87
CA UNK E 122 24.84 -40.23 -144.09
C UNK E 122 25.12 -41.21 -142.99
N UNK E 123 24.78 -40.84 -141.74
CA UNK E 123 24.39 -41.79 -140.69
C UNK E 123 23.60 -41.02 -139.63
N UNK E 124 22.27 -41.06 -139.71
CA UNK E 124 21.41 -41.28 -138.54
C UNK E 124 20.02 -41.84 -138.83
N UNK E 125 19.49 -41.56 -140.01
CA UNK E 125 18.05 -41.56 -140.25
C UNK E 125 17.77 -42.24 -141.59
N UNK E 126 16.57 -42.07 -142.12
CA UNK E 126 16.24 -42.75 -143.35
C UNK E 126 15.96 -41.77 -144.47
N UNK E 127 16.27 -42.21 -145.70
CA UNK E 127 16.65 -41.35 -146.81
C UNK E 127 15.64 -40.30 -147.13
N UNK E 128 14.38 -40.52 -146.80
CA UNK E 128 13.42 -39.46 -146.98
C UNK E 128 13.57 -38.40 -145.91
N UNK E 129 13.78 -38.82 -144.67
CA UNK E 129 14.08 -37.85 -143.65
C UNK E 129 15.40 -37.16 -143.97
N UNK E 130 16.30 -37.90 -144.60
CA UNK E 130 17.54 -37.31 -145.03
C UNK E 130 17.31 -36.30 -146.12
N UNK E 131 16.35 -36.54 -146.99
CA UNK E 131 16.16 -35.64 -148.10
C UNK E 131 15.54 -34.34 -147.65
N UNK E 132 14.62 -34.41 -146.71
CA UNK E 132 14.06 -33.17 -146.20
C UNK E 132 15.09 -32.40 -145.40
N UNK E 133 15.95 -33.10 -144.67
CA UNK E 133 17.06 -32.41 -144.04
C UNK E 133 17.98 -31.80 -145.07
N UNK E 134 18.12 -32.44 -146.22
CA UNK E 134 18.96 -31.87 -147.25
C UNK E 134 18.35 -30.59 -147.79
N UNK E 135 17.03 -30.55 -147.86
CA UNK E 135 16.43 -29.31 -148.31
C UNK E 135 16.61 -28.24 -147.26
N UNK E 136 16.64 -28.61 -146.00
CA UNK E 136 16.98 -27.61 -145.01
C UNK E 136 18.44 -27.23 -145.08
N UNK E 137 19.27 -28.06 -145.66
CA UNK E 137 20.62 -27.63 -145.95
C UNK E 137 20.70 -26.79 -147.21
N UNK E 138 19.65 -26.80 -148.02
CA UNK E 138 19.66 -26.05 -149.25
C UNK E 138 19.33 -24.59 -149.05
N UNK E 139 19.62 -24.05 -147.87
CA UNK E 139 19.48 -22.64 -147.60
C UNK E 139 20.83 -21.96 -147.74
N UNK E 140 21.26 -21.77 -148.99
CA UNK E 140 22.42 -20.94 -149.29
C UNK E 140 22.08 -19.72 -150.14
N UNK E 141 21.55 -19.88 -151.35
CA UNK E 141 21.25 -18.63 -152.06
C UNK E 141 19.97 -18.49 -152.87
N UNK E 142 19.70 -19.44 -153.74
CA UNK E 142 18.85 -19.17 -154.89
C UNK E 142 17.38 -19.34 -154.56
N UNK E 143 16.53 -18.75 -155.39
CA UNK E 143 15.10 -19.02 -155.27
C UNK E 143 14.54 -19.53 -156.59
N UNK E 144 14.89 -18.86 -157.67
CA UNK E 144 14.51 -19.37 -158.98
C UNK E 144 15.29 -20.62 -159.33
N UNK E 145 16.56 -20.66 -158.96
CA UNK E 145 17.41 -21.82 -159.20
C UNK E 145 17.47 -22.73 -158.01
N UNK E 146 16.84 -22.35 -156.91
CA UNK E 146 16.51 -23.34 -155.90
C UNK E 146 15.79 -24.50 -156.53
N UNK E 147 14.77 -24.18 -157.32
CA UNK E 147 14.03 -25.19 -158.03
C UNK E 147 14.90 -25.94 -159.02
N UNK E 148 15.83 -25.26 -159.66
CA UNK E 148 16.67 -25.93 -160.61
C UNK E 148 17.62 -26.89 -159.93
N UNK E 149 18.09 -26.52 -158.75
CA UNK E 149 18.95 -27.40 -157.98
C UNK E 149 18.21 -28.66 -157.63
N UNK E 150 16.98 -28.51 -157.17
CA UNK E 150 16.22 -29.70 -156.83
C UNK E 150 15.86 -30.47 -158.07
N UNK E 151 15.69 -29.79 -159.20
CA UNK E 151 15.40 -30.47 -160.44
C UNK E 151 16.56 -31.32 -160.86
N UNK E 152 17.75 -30.76 -160.77
CA UNK E 152 18.93 -31.50 -161.15
C UNK E 152 19.18 -32.64 -160.19
N UNK E 153 18.93 -32.43 -158.92
CA UNK E 153 19.26 -33.48 -157.97
C UNK E 153 18.27 -34.61 -158.06
N UNK E 154 17.01 -34.29 -158.30
CA UNK E 154 16.03 -35.34 -158.52
C UNK E 154 16.38 -36.12 -159.75
N UNK E 155 16.89 -35.42 -160.75
CA UNK E 155 17.39 -36.10 -161.93
C UNK E 155 18.56 -37.00 -161.59
N UNK E 156 19.41 -36.54 -160.67
CA UNK E 156 20.58 -37.33 -160.32
C UNK E 156 20.14 -38.60 -159.64
N UNK E 157 19.17 -38.49 -158.75
CA UNK E 157 18.70 -39.64 -158.02
C UNK E 157 18.07 -40.63 -158.97
N UNK E 158 17.40 -40.08 -159.99
CA UNK E 158 16.87 -40.92 -161.05
C UNK E 158 17.98 -41.64 -161.76
N UNK E 159 19.10 -40.96 -161.97
CA UNK E 159 20.22 -41.63 -162.63
C UNK E 159 20.85 -42.64 -161.71
N UNK E 160 20.75 -42.39 -160.40
CA UNK E 160 21.41 -43.25 -159.44
C UNK E 160 20.77 -44.60 -159.43
N UNK E 161 19.46 -44.63 -159.27
CA UNK E 161 18.79 -45.91 -159.44
C UNK E 161 18.78 -46.34 -160.89
N UNK E 162 18.86 -45.38 -161.79
CA UNK E 162 18.91 -45.66 -163.21
C UNK E 162 20.35 -45.72 -163.67
N UNK E 163 21.15 -46.44 -162.93
CA UNK E 163 22.42 -46.89 -163.45
C UNK E 163 22.23 -48.29 -163.98
N UNK E 164 23.31 -48.90 -164.40
CA UNK E 164 23.44 -50.33 -164.33
C UNK E 164 24.70 -50.63 -163.54
N UNK E 165 25.06 -49.72 -162.66
CA UNK E 165 26.05 -49.96 -161.62
C UNK E 165 25.45 -50.82 -160.53
N UNK E 166 25.08 -52.03 -160.91
CA UNK E 166 24.09 -52.79 -160.17
C UNK E 166 24.72 -53.68 -159.13
N UNK E 167 25.57 -53.11 -158.31
CA UNK E 167 26.13 -53.89 -157.23
C UNK E 167 26.35 -53.10 -155.97
N UNK E 168 25.94 -51.85 -155.90
CA UNK E 168 26.16 -51.10 -154.68
C UNK E 168 25.19 -51.55 -153.62
N UNK E 169 25.53 -51.28 -152.38
CA UNK E 169 24.52 -51.38 -151.36
C UNK E 169 23.49 -50.30 -151.56
N UNK E 170 22.31 -50.51 -151.03
CA UNK E 170 21.33 -49.45 -151.04
C UNK E 170 21.82 -48.25 -150.28
N UNK E 171 22.51 -48.47 -149.19
CA UNK E 171 23.15 -47.35 -148.53
C UNK E 171 24.31 -46.83 -149.34
N UNK E 172 24.95 -47.67 -150.12
CA UNK E 172 26.05 -47.15 -150.93
C UNK E 172 25.52 -46.24 -152.02
N UNK E 173 24.49 -46.68 -152.69
CA UNK E 173 23.86 -45.86 -153.70
C UNK E 173 23.28 -44.61 -153.08
N UNK E 174 22.82 -44.72 -151.85
CA UNK E 174 22.34 -43.54 -151.16
C UNK E 174 23.46 -42.57 -150.91
N UNK E 175 24.64 -43.06 -150.58
CA UNK E 175 25.76 -42.16 -150.40
C UNK E 175 26.11 -41.49 -151.69
N UNK E 176 26.04 -42.24 -152.79
CA UNK E 176 26.34 -41.67 -154.08
C UNK E 176 25.33 -40.58 -154.45
N UNK E 177 24.06 -40.82 -154.16
CA UNK E 177 23.04 -39.88 -154.55
C UNK E 177 23.10 -38.63 -153.70
N UNK E 178 23.32 -38.79 -152.41
CA UNK E 178 23.43 -37.63 -151.56
C UNK E 178 24.70 -36.86 -151.87
N UNK E 179 25.72 -37.56 -152.33
CA UNK E 179 26.95 -36.90 -152.73
C UNK E 179 26.70 -35.97 -153.89
N UNK E 180 26.04 -36.48 -154.93
CA UNK E 180 25.77 -35.66 -156.11
C UNK E 180 24.89 -34.49 -155.75
N UNK E 181 23.96 -34.70 -154.84
CA UNK E 181 23.06 -33.61 -154.48
C UNK E 181 23.80 -32.51 -153.74
N UNK E 182 24.56 -32.88 -152.72
CA UNK E 182 25.31 -31.85 -152.03
C UNK E 182 26.39 -31.26 -152.93
N UNK E 183 26.86 -32.02 -153.92
CA UNK E 183 27.89 -31.52 -154.81
C UNK E 183 27.36 -30.41 -155.69
N UNK E 184 26.22 -30.64 -156.31
CA UNK E 184 25.71 -29.63 -157.19
C UNK E 184 25.23 -28.44 -156.41
N UNK E 185 24.86 -28.67 -155.15
CA UNK E 185 24.68 -27.53 -154.27
C UNK E 185 25.96 -26.76 -154.10
N UNK E 186 27.08 -27.45 -154.02
CA UNK E 186 28.32 -26.73 -153.81
C UNK E 186 28.74 -25.97 -155.06
N UNK E 187 28.47 -26.53 -156.23
CA UNK E 187 28.81 -25.81 -157.46
C UNK E 187 27.92 -24.60 -157.63
N UNK E 188 26.71 -24.64 -157.12
CA UNK E 188 25.91 -23.44 -157.06
C UNK E 188 26.55 -22.42 -156.14
N UNK E 189 27.10 -22.89 -155.02
CA UNK E 189 27.70 -21.96 -154.07
C UNK E 189 28.90 -21.27 -154.66
N UNK E 190 29.60 -21.93 -155.57
CA UNK E 190 30.69 -21.25 -156.27
C UNK E 190 30.16 -20.34 -157.35
N UNK E 191 29.51 -20.91 -158.36
CA UNK E 191 29.12 -20.12 -159.52
C UNK E 191 27.89 -19.26 -159.28
N UNK E 192 -2.58 -70.74 -141.40
CA UNK E 192 -3.29 -70.11 -142.50
C UNK E 192 -3.79 -68.74 -142.09
N UNK E 193 -4.55 -68.72 -141.03
CA UNK E 193 -5.20 -67.50 -140.60
C UNK E 193 -4.76 -67.07 -139.23
N UNK E 194 -3.48 -67.20 -138.93
CA UNK E 194 -2.88 -66.44 -137.85
C UNK E 194 -2.35 -65.12 -138.36
N UNK E 195 -3.21 -64.38 -139.02
CA UNK E 195 -3.07 -62.97 -139.36
C UNK E 195 -3.60 -62.10 -138.26
N UNK E 196 -4.11 -62.74 -137.22
CA UNK E 196 -4.51 -62.02 -136.04
C UNK E 196 -3.32 -61.27 -135.46
N UNK E 197 -2.14 -61.81 -135.63
CA UNK E 197 -0.97 -61.05 -135.28
C UNK E 197 -0.78 -59.85 -136.18
N UNK E 198 -1.20 -59.94 -137.45
CA UNK E 198 -0.99 -58.80 -138.32
C UNK E 198 -1.80 -57.64 -137.82
N UNK E 199 -3.02 -57.91 -137.46
CA UNK E 199 -3.80 -56.83 -136.87
C UNK E 199 -3.30 -56.45 -135.51
N UNK E 200 -2.76 -57.41 -134.74
CA UNK E 200 -2.34 -57.07 -133.39
C UNK E 200 -1.13 -56.19 -133.41
N UNK E 201 -0.18 -56.54 -134.25
CA UNK E 201 1.04 -55.78 -134.33
C UNK E 201 0.77 -54.44 -134.95
N UNK E 202 -0.04 -54.40 -135.99
CA UNK E 202 -0.33 -53.11 -136.58
C UNK E 202 -1.10 -52.25 -135.61
N UNK E 203 -1.90 -52.85 -134.74
CA UNK E 203 -2.66 -52.08 -133.79
C UNK E 203 -1.76 -51.46 -132.75
N UNK E 204 -0.85 -52.25 -132.20
CA UNK E 204 0.10 -51.71 -131.23
C UNK E 204 0.96 -50.65 -131.86
N UNK E 205 1.35 -50.88 -133.10
CA UNK E 205 2.15 -49.89 -133.79
C UNK E 205 1.38 -48.61 -133.95
N UNK E 206 0.21 -48.67 -134.54
CA UNK E 206 -0.47 -47.42 -134.86
C UNK E 206 -0.93 -46.70 -133.64
N UNK E 207 -1.10 -47.39 -132.53
CA UNK E 207 -1.25 -46.65 -131.30
C UNK E 207 0.02 -45.90 -130.98
N UNK E 208 1.17 -46.56 -131.12
CA UNK E 208 2.41 -45.88 -130.77
C UNK E 208 2.71 -44.74 -131.73
N UNK E 209 2.51 -44.98 -133.01
CA UNK E 209 2.81 -43.95 -133.97
C UNK E 209 1.77 -42.85 -133.94
N UNK E 210 0.55 -43.08 -133.45
CA UNK E 210 -0.38 -41.98 -133.35
C UNK E 210 -0.03 -41.09 -132.20
N UNK E 211 0.21 -41.69 -131.03
CA UNK E 211 0.58 -40.88 -129.90
C UNK E 211 1.93 -40.24 -130.08
N UNK E 212 2.76 -40.77 -130.97
CA UNK E 212 3.88 -39.98 -131.43
C UNK E 212 3.40 -38.81 -132.27
N UNK E 213 2.83 -39.10 -133.41
CA UNK E 213 2.72 -38.10 -134.44
C UNK E 213 1.67 -37.06 -134.17
N UNK E 214 0.91 -37.15 -133.10
CA UNK E 214 0.01 -36.05 -132.83
C UNK E 214 0.71 -35.04 -131.92
N UNK E 215 0.94 -35.42 -130.67
CA UNK E 215 1.65 -34.64 -129.67
C UNK E 215 1.19 -33.18 -129.61
N UNK E 216 -0.12 -32.97 -129.54
CA UNK E 216 -0.67 -31.64 -129.29
C UNK E 216 -2.06 -31.84 -128.69
N UNK E 217 -2.15 -31.75 -127.36
CA UNK E 217 -3.25 -32.37 -126.61
C UNK E 217 -4.29 -31.34 -126.18
N UNK E 218 -5.46 -31.43 -126.81
CA UNK E 218 -6.67 -30.75 -126.40
C UNK E 218 -7.84 -31.70 -126.60
N UNK E 219 -9.02 -31.30 -126.14
CA UNK E 219 -10.11 -32.22 -125.87
C UNK E 219 -11.27 -32.14 -126.85
N UNK E 220 -11.93 -30.99 -126.99
CA UNK E 220 -12.69 -30.52 -128.16
C UNK E 220 -13.46 -31.57 -128.99
N UNK E 221 -14.45 -32.23 -128.38
CA UNK E 221 -14.76 -33.64 -128.63
C UNK E 221 -15.02 -34.00 -130.09
N UNK E 222 -16.10 -33.50 -130.67
CA UNK E 222 -16.40 -33.88 -132.03
C UNK E 222 -15.40 -33.28 -132.99
N UNK E 223 -14.91 -32.09 -132.65
CA UNK E 223 -13.86 -31.49 -133.46
C UNK E 223 -12.58 -32.24 -133.29
N UNK E 224 -12.37 -32.82 -132.11
CA UNK E 224 -11.24 -33.71 -131.95
C UNK E 224 -11.36 -34.88 -132.90
N UNK E 225 -12.58 -35.42 -133.07
CA UNK E 225 -12.77 -36.52 -134.01
C UNK E 225 -12.40 -36.11 -135.43
N UNK E 226 -13.00 -35.03 -135.89
CA UNK E 226 -12.85 -34.63 -137.28
C UNK E 226 -11.42 -34.23 -137.59
N UNK E 227 -10.93 -33.24 -136.88
CA UNK E 227 -9.63 -32.75 -137.22
C UNK E 227 -8.54 -33.66 -136.75
N UNK E 228 -8.81 -34.59 -135.86
CA UNK E 228 -7.73 -35.48 -135.46
C UNK E 228 -7.50 -36.50 -136.54
N UNK E 229 -8.57 -37.00 -137.15
CA UNK E 229 -8.35 -37.85 -138.31
C UNK E 229 -7.69 -37.06 -139.41
N UNK E 230 -8.10 -35.81 -139.58
CA UNK E 230 -7.53 -34.96 -140.60
C UNK E 230 -6.06 -34.72 -140.38
N UNK E 231 -5.70 -34.26 -139.20
CA UNK E 231 -4.34 -33.87 -138.92
C UNK E 231 -3.42 -35.05 -138.90
N UNK E 232 -3.89 -36.19 -138.41
CA UNK E 232 -3.02 -37.36 -138.41
C UNK E 232 -2.78 -37.79 -139.84
N UNK E 233 -3.78 -37.69 -140.69
CA UNK E 233 -3.51 -37.94 -142.09
C UNK E 233 -2.65 -36.85 -142.67
N UNK E 234 -2.72 -35.66 -142.11
CA UNK E 234 -2.00 -34.55 -142.69
C UNK E 234 -0.54 -34.71 -142.40
N UNK E 235 -0.21 -34.72 -141.15
CA UNK E 235 1.11 -34.91 -140.62
C UNK E 235 1.56 -36.23 -140.75
N UNK E 236 0.83 -37.10 -141.41
CA UNK E 236 1.41 -38.27 -142.03
C UNK E 236 2.22 -37.87 -143.24
N UNK E 237 2.61 -38.86 -144.02
CA UNK E 237 3.47 -38.60 -145.14
C UNK E 237 2.75 -37.81 -146.23
N UNK E 238 3.53 -37.02 -146.96
CA UNK E 238 3.05 -36.25 -148.09
C UNK E 238 4.25 -35.90 -148.92
N UNK E 239 4.11 -34.87 -149.74
CA UNK E 239 5.08 -34.51 -150.73
C UNK E 239 5.28 -33.01 -150.79
N UNK E 240 5.54 -32.35 -149.66
CA UNK E 240 5.40 -30.89 -149.65
C UNK E 240 6.60 -30.14 -150.25
N UNK E 241 7.71 -30.07 -149.53
CA UNK E 241 9.01 -29.55 -150.00
C UNK E 241 8.95 -28.18 -150.69
N UNK E 242 8.66 -27.14 -149.92
CA UNK E 242 8.59 -25.80 -150.50
C UNK E 242 8.79 -24.75 -149.41
N UNK E 243 9.58 -23.70 -149.70
CA UNK E 243 9.79 -22.64 -148.70
C UNK E 243 9.90 -21.24 -149.30
N UNK E 244 9.07 -20.88 -150.27
CA UNK E 244 8.99 -19.50 -150.79
C UNK E 244 7.69 -19.31 -151.57
N UNK E 245 7.06 -18.15 -151.43
CA UNK E 245 5.70 -17.98 -151.92
C UNK E 245 5.62 -16.98 -153.05
N UNK E 246 4.53 -17.13 -153.80
CA UNK E 246 4.05 -16.10 -154.70
C UNK E 246 3.29 -15.04 -153.95
N UNK E 247 2.90 -15.35 -152.72
CA UNK E 247 1.88 -14.61 -151.99
C UNK E 247 0.69 -14.34 -152.92
N UNK E 248 0.19 -15.42 -153.52
CA UNK E 248 -0.76 -15.32 -154.63
C UNK E 248 -2.19 -15.29 -154.13
N UNK E 249 -2.60 -16.34 -153.43
CA UNK E 249 -3.85 -16.44 -152.64
C UNK E 249 -5.09 -16.32 -153.50
N UNK E 250 -5.09 -17.00 -154.63
CA UNK E 250 -6.28 -17.25 -155.40
C UNK E 250 -6.43 -18.75 -155.61
N UNK E 251 -6.26 -19.50 -154.53
CA UNK E 251 -6.54 -20.92 -154.48
C UNK E 251 -7.16 -21.24 -153.13
N UNK E 252 -8.17 -22.08 -153.13
CA UNK E 252 -8.91 -22.41 -151.92
C UNK E 252 -8.80 -23.92 -151.67
N UNK E 253 -7.72 -24.33 -151.00
CA UNK E 253 -7.45 -25.72 -150.66
C UNK E 253 -8.25 -26.11 -149.43
N UNK E 254 -7.83 -27.19 -148.78
CA UNK E 254 -8.56 -27.72 -147.63
C UNK E 254 -8.62 -26.72 -146.49
N UNK E 255 -9.81 -26.57 -145.93
CA UNK E 255 -10.06 -25.60 -144.89
C UNK E 255 -9.72 -26.12 -143.52
N UNK E 256 -8.81 -27.10 -143.43
CA UNK E 256 -8.35 -27.64 -142.15
C UNK E 256 -7.80 -26.53 -141.27
N UNK E 257 -6.82 -25.80 -141.79
CA UNK E 257 -6.31 -24.67 -141.07
C UNK E 257 -7.31 -23.54 -140.99
N UNK E 258 -8.33 -23.51 -141.86
CA UNK E 258 -9.31 -22.45 -141.75
C UNK E 258 -10.21 -22.67 -140.56
N UNK E 259 -10.60 -23.92 -140.30
CA UNK E 259 -11.36 -24.22 -139.09
C UNK E 259 -10.48 -24.06 -137.87
N UNK E 260 -9.20 -24.41 -137.99
CA UNK E 260 -8.26 -24.12 -136.93
C UNK E 260 -8.13 -22.61 -136.73
N UNK E 261 -8.21 -21.86 -137.80
CA UNK E 261 -8.11 -20.42 -137.70
C UNK E 261 -9.37 -19.86 -137.08
N UNK E 262 -10.49 -20.52 -137.32
CA UNK E 262 -11.72 -20.16 -136.64
C UNK E 262 -11.57 -20.37 -135.15
N UNK E 263 -10.95 -21.49 -134.76
CA UNK E 263 -10.67 -21.74 -133.36
C UNK E 263 -9.64 -20.77 -132.81
N UNK E 264 -8.68 -20.37 -133.64
CA UNK E 264 -7.64 -19.48 -133.18
C UNK E 264 -8.18 -18.07 -132.99
N UNK E 265 -9.01 -17.62 -133.92
CA UNK E 265 -9.72 -16.38 -133.78
C UNK E 265 -10.66 -16.43 -132.60
N UNK E 266 -11.21 -17.60 -132.31
CA UNK E 266 -12.03 -17.75 -131.12
C UNK E 266 -11.20 -17.59 -129.88
N UNK E 267 -9.97 -18.10 -129.90
CA UNK E 267 -9.10 -17.96 -128.76
C UNK E 267 -8.70 -16.51 -128.54
N UNK E 268 -8.27 -15.84 -129.60
CA UNK E 268 -7.82 -14.47 -129.47
C UNK E 268 -8.99 -13.53 -129.23
N UNK E 269 -10.17 -13.83 -129.75
CA UNK E 269 -11.31 -12.99 -129.49
C UNK E 269 -11.90 -13.26 -128.13
N UNK E 270 -11.71 -14.46 -127.59
CA UNK E 270 -12.18 -14.72 -126.23
C UNK E 270 -11.21 -14.15 -125.23
N UNK E 271 -9.91 -14.21 -125.52
CA UNK E 271 -8.98 -13.44 -124.73
C UNK E 271 -9.15 -11.95 -124.97
N UNK E 272 -9.66 -11.57 -126.13
CA UNK E 272 -9.88 -10.17 -126.41
C UNK E 272 -11.10 -9.67 -125.68
N UNK E 273 -12.10 -10.50 -125.56
CA UNK E 273 -13.20 -10.19 -124.68
C UNK E 273 -12.73 -10.21 -123.24
N UNK E 274 -11.78 -11.10 -122.93
CA UNK E 274 -11.28 -11.20 -121.58
C UNK E 274 -10.48 -9.97 -121.21
N UNK E 275 -9.63 -9.52 -122.11
CA UNK E 275 -8.87 -8.30 -121.88
C UNK E 275 -9.78 -7.08 -122.00
N UNK E 276 -10.82 -7.18 -122.83
CA UNK E 276 -11.81 -6.12 -122.94
C UNK E 276 -12.50 -5.94 -121.62
N UNK E 277 -12.96 -7.03 -121.03
CA UNK E 277 -13.55 -6.96 -119.71
C UNK E 277 -12.52 -6.66 -118.65
N UNK E 278 -11.25 -6.94 -118.94
CA UNK E 278 -10.21 -6.62 -117.97
C UNK E 278 -10.01 -5.12 -117.87
N UNK E 279 -9.95 -4.45 -119.02
CA UNK E 279 -9.97 -2.99 -119.01
C UNK E 279 -11.29 -2.48 -118.49
N UNK E 280 -12.35 -3.21 -118.76
CA UNK E 280 -13.66 -2.92 -118.24
C UNK E 280 -13.87 -3.49 -116.85
N UNK E 281 -12.78 -3.69 -116.10
CA UNK E 281 -12.86 -3.74 -114.65
C UNK E 281 -12.81 -2.32 -114.08
N UNK E 282 -1.90 12.64 -126.58
CA UNK E 282 -2.05 12.39 -128.00
C UNK E 282 -3.41 11.81 -128.25
N UNK E 283 -3.61 11.23 -129.43
CA UNK E 283 -4.78 10.41 -129.68
C UNK E 283 -4.26 9.01 -129.93
N UNK E 284 -3.90 8.35 -128.84
CA UNK E 284 -3.72 6.91 -128.82
C UNK E 284 -5.02 6.27 -128.34
N UNK E 285 -6.10 6.68 -128.99
CA UNK E 285 -7.41 6.38 -128.49
C UNK E 285 -8.03 5.19 -129.17
N UNK E 286 -7.23 4.22 -129.61
CA UNK E 286 -7.76 2.98 -130.18
C UNK E 286 -8.24 2.12 -129.03
N UNK E 287 -9.37 2.52 -128.46
CA UNK E 287 -9.62 2.33 -127.05
C UNK E 287 -9.99 0.91 -126.70
N UNK E 288 -11.12 0.45 -127.19
CA UNK E 288 -11.66 -0.83 -126.77
C UNK E 288 -11.13 -2.00 -127.57
N UNK E 289 -10.06 -1.82 -128.32
CA UNK E 289 -9.31 -2.92 -128.87
C UNK E 289 -7.83 -2.63 -128.78
N UNK E 290 -7.42 -1.94 -127.72
CA UNK E 290 -6.04 -1.52 -127.56
C UNK E 290 -5.13 -2.69 -127.26
N UNK E 291 -4.91 -3.54 -128.24
CA UNK E 291 -4.37 -4.86 -127.96
C UNK E 291 -3.77 -5.43 -129.22
N UNK E 292 -2.47 -5.59 -129.24
CA UNK E 292 -1.85 -6.46 -130.21
C UNK E 292 -1.87 -7.87 -129.62
N UNK E 293 -1.24 -8.83 -130.30
CA UNK E 293 -1.11 -10.16 -129.75
C UNK E 293 -0.16 -10.22 -128.56
N UNK E 294 0.53 -9.13 -128.26
CA UNK E 294 1.24 -8.97 -127.00
C UNK E 294 0.36 -8.37 -125.90
N UNK E 295 -0.96 -8.49 -126.01
CA UNK E 295 -1.80 -8.11 -124.88
C UNK E 295 -1.88 -9.21 -123.84
N UNK E 296 -1.44 -10.42 -124.20
CA UNK E 296 -1.42 -11.54 -123.28
C UNK E 296 -0.61 -11.22 -122.04
N UNK E 297 0.59 -10.66 -122.25
CA UNK E 297 1.47 -10.26 -121.16
C UNK E 297 0.82 -9.22 -120.27
N UNK E 298 0.02 -8.33 -120.87
CA UNK E 298 -0.71 -7.33 -120.10
C UNK E 298 -1.68 -8.01 -119.16
N UNK E 299 -2.43 -8.98 -119.68
CA UNK E 299 -3.41 -9.70 -118.89
C UNK E 299 -2.74 -10.41 -117.73
N UNK E 300 -1.63 -11.06 -118.02
CA UNK E 300 -0.98 -11.92 -117.04
C UNK E 300 -0.38 -11.12 -115.91
N UNK E 301 0.39 -10.09 -116.23
CA UNK E 301 1.03 -9.31 -115.18
C UNK E 301 0.01 -8.54 -114.37
N UNK E 302 -1.10 -8.16 -114.99
CA UNK E 302 -2.22 -7.63 -114.24
C UNK E 302 -2.72 -8.66 -113.23
N UNK E 303 -2.89 -9.90 -113.70
CA UNK E 303 -3.43 -10.96 -112.87
C UNK E 303 -2.54 -11.26 -111.68
N UNK E 304 -1.25 -11.44 -111.94
CA UNK E 304 -0.36 -11.81 -110.85
C UNK E 304 -0.02 -10.63 -109.97
N UNK E 305 -0.12 -9.41 -110.48
CA UNK E 305 0.16 -8.25 -109.63
C UNK E 305 -0.98 -8.05 -108.64
N UNK E 306 -2.20 -8.13 -109.14
CA UNK E 306 -3.34 -8.10 -108.23
C UNK E 306 -3.35 -9.33 -107.34
N UNK E 307 -2.84 -10.44 -107.84
CA UNK E 307 -2.66 -11.62 -107.00
C UNK E 307 -1.55 -11.40 -105.98
N UNK E 308 -0.58 -10.55 -106.29
CA UNK E 308 0.54 -10.35 -105.39
C UNK E 308 0.11 -9.56 -104.18
N UNK E 309 -0.55 -8.43 -104.42
CA UNK E 309 -1.23 -7.77 -103.31
C UNK E 309 -2.36 -8.61 -102.74
N UNK E 310 -2.91 -9.55 -103.51
CA UNK E 310 -3.97 -10.37 -102.97
C UNK E 310 -3.44 -11.43 -102.01
N UNK E 311 -2.28 -11.97 -102.32
CA UNK E 311 -1.65 -12.89 -101.41
C UNK E 311 -1.06 -12.13 -100.25
N UNK E 312 -0.73 -10.86 -100.45
CA UNK E 312 -0.36 -10.01 -99.34
C UNK E 312 -1.52 -9.86 -98.38
N UNK E 313 -2.71 -9.62 -98.92
CA UNK E 313 -3.92 -9.66 -98.13
C UNK E 313 -4.10 -11.00 -97.44
N UNK E 314 -3.84 -12.08 -98.18
CA UNK E 314 -3.98 -13.42 -97.63
C UNK E 314 -3.03 -13.65 -96.46
N UNK E 315 -1.81 -13.16 -96.60
CA UNK E 315 -0.77 -13.40 -95.59
C UNK E 315 -0.99 -12.55 -94.37
N UNK E 316 -1.38 -11.30 -94.56
CA UNK E 316 -1.60 -10.42 -93.42
C UNK E 316 -2.84 -10.84 -92.65
N UNK E 317 -3.94 -11.05 -93.36
CA UNK E 317 -5.15 -11.56 -92.73
C UNK E 317 -5.04 -13.02 -92.30
N UNK E 318 -3.96 -13.72 -92.66
CA UNK E 318 -3.83 -15.13 -92.30
C UNK E 318 -3.65 -15.33 -90.80
N UNK E 319 -2.55 -14.84 -90.23
CA UNK E 319 -2.20 -15.22 -88.86
C UNK E 319 -1.42 -14.08 -88.21
N UNK E 320 -0.79 -14.38 -87.08
CA UNK E 320 -0.44 -13.40 -86.04
C UNK E 320 0.82 -12.61 -86.36
N UNK E 321 1.39 -12.00 -85.32
CA UNK E 321 2.16 -10.76 -85.33
C UNK E 321 3.34 -10.77 -86.28
N UNK E 322 3.21 -9.99 -87.36
CA UNK E 322 4.22 -9.76 -88.37
C UNK E 322 3.75 -8.66 -89.31
N UNK E 323 4.67 -7.80 -89.71
CA UNK E 323 4.48 -7.00 -90.91
C UNK E 323 5.75 -6.93 -91.73
N UNK E 324 6.83 -7.59 -91.31
CA UNK E 324 7.99 -7.77 -92.16
C UNK E 324 7.68 -8.70 -93.31
N UNK E 325 6.73 -9.61 -93.11
CA UNK E 325 6.18 -10.37 -94.22
C UNK E 325 5.49 -9.45 -95.22
N UNK E 326 4.73 -8.47 -94.73
CA UNK E 326 4.08 -7.55 -95.65
C UNK E 326 5.08 -6.61 -96.31
N UNK E 327 6.16 -6.28 -95.62
CA UNK E 327 7.21 -5.50 -96.27
C UNK E 327 7.88 -6.32 -97.36
N UNK E 328 8.00 -7.63 -97.15
CA UNK E 328 8.45 -8.48 -98.24
C UNK E 328 7.45 -8.48 -99.37
N UNK E 329 6.17 -8.39 -99.04
CA UNK E 329 5.18 -8.24 -100.09
C UNK E 329 5.28 -6.88 -100.78
N UNK E 330 5.85 -5.90 -100.10
CA UNK E 330 6.10 -4.62 -100.75
C UNK E 330 7.22 -4.70 -101.78
N UNK E 331 7.97 -5.81 -101.81
CA UNK E 331 8.83 -6.17 -102.93
C UNK E 331 8.20 -7.16 -103.88
N UNK E 332 7.33 -8.03 -103.35
CA UNK E 332 6.57 -8.95 -104.19
C UNK E 332 5.70 -8.19 -105.19
N UNK E 333 5.13 -7.07 -104.75
CA UNK E 333 4.49 -6.15 -105.67
C UNK E 333 5.52 -5.53 -106.58
N UNK E 334 6.70 -5.18 -106.05
CA UNK E 334 7.66 -4.35 -106.76
C UNK E 334 8.26 -5.04 -107.96
N UNK E 335 8.20 -6.37 -107.97
CA UNK E 335 8.67 -7.12 -109.13
C UNK E 335 7.84 -6.89 -110.39
N UNK E 336 6.67 -6.23 -110.30
CA UNK E 336 5.75 -6.06 -111.41
C UNK E 336 6.10 -4.90 -112.33
N UNK E 337 7.04 -4.04 -111.92
CA UNK E 337 7.44 -2.89 -112.73
C UNK E 337 8.22 -3.28 -113.98
N UNK E 338 8.62 -4.54 -114.11
CA UNK E 338 9.67 -4.90 -115.04
C UNK E 338 9.17 -4.96 -116.47
N UNK E 339 8.14 -5.75 -116.72
CA UNK E 339 7.81 -6.11 -118.09
C UNK E 339 6.89 -5.11 -118.74
N UNK E 340 6.98 -3.83 -118.41
CA UNK E 340 6.17 -2.83 -119.10
C UNK E 340 6.83 -2.26 -120.34
N UNK E 341 8.12 -2.53 -120.56
CA UNK E 341 8.75 -2.04 -121.79
C UNK E 341 8.52 -3.01 -122.94
N UNK E 342 9.07 -4.22 -122.82
CA UNK E 342 8.57 -5.51 -123.29
C UNK E 342 7.75 -5.47 -124.56
N UNK E 343 8.28 -4.83 -125.61
CA UNK E 343 7.60 -4.63 -126.89
C UNK E 343 6.24 -3.97 -126.71
N UNK E 344 6.17 -3.01 -125.79
CA UNK E 344 4.93 -2.28 -125.51
C UNK E 344 4.74 -1.13 -126.49
N UNK E 345 4.55 -1.50 -127.75
CA UNK E 345 4.82 -0.58 -128.85
C UNK E 345 3.78 0.52 -128.98
N UNK E 346 2.60 0.34 -128.42
CA UNK E 346 1.58 1.36 -128.57
C UNK E 346 1.85 2.50 -127.61
N UNK E 347 1.24 3.63 -127.91
CA UNK E 347 1.08 4.68 -126.91
C UNK E 347 -0.20 4.49 -126.12
N UNK E 348 -0.95 3.43 -126.43
CA UNK E 348 -2.21 3.09 -125.79
C UNK E 348 -2.11 1.92 -124.86
N UNK E 349 -1.24 0.95 -125.19
CA UNK E 349 -1.19 -0.32 -124.46
C UNK E 349 -0.76 -0.10 -123.04
N UNK E 350 0.46 0.41 -122.85
CA UNK E 350 1.00 0.59 -121.51
C UNK E 350 0.17 1.57 -120.70
N UNK E 351 -0.23 2.67 -121.33
CA UNK E 351 -0.95 3.73 -120.66
C UNK E 351 -2.31 3.25 -120.17
N UNK E 352 -3.15 2.83 -121.11
CA UNK E 352 -4.50 2.41 -120.77
C UNK E 352 -4.50 1.17 -119.90
N UNK E 353 -3.55 0.26 -120.11
CA UNK E 353 -3.55 -0.98 -119.35
C UNK E 353 -3.18 -0.73 -117.91
N UNK E 354 -2.16 0.08 -117.68
CA UNK E 354 -1.79 0.45 -116.33
C UNK E 354 -2.92 1.17 -115.64
N UNK E 355 -3.58 2.08 -116.38
CA UNK E 355 -4.73 2.79 -115.87
C UNK E 355 -5.82 1.82 -115.46
N UNK E 356 -6.02 0.76 -116.23
CA UNK E 356 -7.11 -0.16 -115.98
C UNK E 356 -6.85 -1.00 -114.73
N UNK E 357 -5.65 -1.55 -114.60
CA UNK E 357 -5.39 -2.44 -113.46
C UNK E 357 -5.26 -1.65 -112.16
N UNK E 358 -4.60 -0.48 -112.22
CA UNK E 358 -4.53 0.37 -111.05
C UNK E 358 -5.90 0.89 -110.67
N UNK E 359 -6.71 1.26 -111.67
CA UNK E 359 -8.09 1.68 -111.49
C UNK E 359 -8.93 0.59 -110.89
N UNK E 360 -8.58 -0.66 -111.17
CA UNK E 360 -9.30 -1.77 -110.60
C UNK E 360 -9.02 -1.88 -109.12
N UNK E 361 -7.77 -2.12 -108.77
CA UNK E 361 -7.59 -2.36 -107.35
C UNK E 361 -7.35 -1.06 -106.60
N UNK E 362 -6.24 -0.38 -106.90
CA UNK E 362 -5.68 0.62 -106.01
C UNK E 362 -6.54 1.86 -105.91
N UNK E 363 -7.19 2.23 -107.02
CA UNK E 363 -8.19 3.28 -106.98
C UNK E 363 -9.36 2.85 -106.11
N UNK E 364 -9.87 1.65 -106.36
CA UNK E 364 -10.97 1.15 -105.57
C UNK E 364 -10.52 0.55 -104.25
N UNK E 365 -9.21 0.52 -103.98
CA UNK E 365 -8.77 -0.02 -102.71
C UNK E 365 -9.06 0.91 -101.54
N UNK E 366 -9.65 2.06 -101.78
CA UNK E 366 -10.33 2.81 -100.74
C UNK E 366 -11.71 2.22 -100.51
N UNK E 367 -12.51 2.95 -99.75
CA UNK E 367 -13.96 2.95 -99.77
C UNK E 367 -14.65 1.73 -99.16
N UNK E 368 -13.95 0.64 -98.87
CA UNK E 368 -14.68 -0.55 -98.42
C UNK E 368 -15.04 -0.47 -96.95
N UNK E 369 -14.02 -0.43 -96.09
CA UNK E 369 -14.29 -0.21 -94.67
C UNK E 369 -14.74 1.21 -94.44
N UNK E 370 -14.51 2.10 -95.39
CA UNK E 370 -15.23 3.36 -95.37
C UNK E 370 -16.72 3.14 -95.54
N UNK E 371 -17.14 2.21 -96.37
CA UNK E 371 -18.56 2.01 -96.51
C UNK E 371 -19.12 1.36 -95.27
N UNK E 372 -18.32 0.49 -94.66
CA UNK E 372 -18.71 -0.03 -93.37
C UNK E 372 -18.74 1.07 -92.33
N UNK E 373 -17.88 2.07 -92.46
CA UNK E 373 -17.91 3.21 -91.57
C UNK E 373 -19.08 4.08 -91.87
N UNK E 374 -19.49 4.12 -93.12
CA UNK E 374 -20.71 4.82 -93.49
C UNK E 374 -21.90 4.15 -92.87
N UNK E 375 -21.82 2.84 -92.72
CA UNK E 375 -22.82 2.13 -91.95
C UNK E 375 -22.58 2.48 -90.51
N UNK E 376 -23.21 3.57 -90.09
CA UNK E 376 -23.10 4.06 -88.72
C UNK E 376 -23.98 3.19 -87.83
N UNK E 377 -23.50 1.97 -87.57
CA UNK E 377 -24.41 1.01 -87.01
C UNK E 377 -24.64 1.27 -85.54
N UNK E 378 -23.65 1.02 -84.70
CA UNK E 378 -23.89 1.24 -83.29
C UNK E 378 -22.58 1.49 -82.63
N UNK E 379 -22.68 2.06 -81.43
CA UNK E 379 -21.52 2.40 -80.64
C UNK E 379 -20.66 1.18 -80.38
N UNK E 380 -21.25 0.17 -79.77
CA UNK E 380 -20.50 -1.05 -79.50
C UNK E 380 -20.17 -1.76 -80.79
N UNK E 381 -20.94 -1.55 -81.84
CA UNK E 381 -20.67 -2.21 -83.11
C UNK E 381 -19.40 -1.69 -83.74
N UNK E 382 -19.32 -0.37 -83.86
CA UNK E 382 -18.11 0.23 -84.39
C UNK E 382 -16.98 0.07 -83.40
N UNK E 383 -17.31 -0.08 -82.12
CA UNK E 383 -16.30 -0.44 -81.15
C UNK E 383 -15.79 -1.82 -81.42
N UNK E 384 -16.64 -2.68 -81.93
CA UNK E 384 -16.19 -4.01 -82.25
C UNK E 384 -15.36 -4.00 -83.51
N UNK E 385 -15.70 -3.15 -84.46
CA UNK E 385 -14.93 -3.12 -85.69
C UNK E 385 -13.58 -2.46 -85.47
N UNK E 386 -13.55 -1.44 -84.63
CA UNK E 386 -12.30 -0.85 -84.21
C UNK E 386 -11.47 -1.86 -83.46
N UNK E 387 -12.11 -2.62 -82.57
CA UNK E 387 -11.46 -3.75 -81.93
C UNK E 387 -10.99 -4.76 -82.95
N UNK E 388 -11.71 -4.90 -84.06
CA UNK E 388 -11.33 -5.89 -85.05
C UNK E 388 -10.11 -5.45 -85.83
N UNK E 389 -10.11 -4.22 -86.31
CA UNK E 389 -8.97 -3.72 -87.05
C UNK E 389 -7.77 -3.60 -86.14
N UNK E 390 -8.01 -3.24 -84.89
CA UNK E 390 -6.95 -3.22 -83.92
C UNK E 390 -6.51 -4.62 -83.54
N UNK E 391 -7.34 -5.63 -83.72
CA UNK E 391 -6.88 -6.99 -83.56
C UNK E 391 -5.96 -7.34 -84.70
N UNK E 392 -6.32 -6.93 -85.90
CA UNK E 392 -5.46 -7.15 -87.05
C UNK E 392 -4.39 -6.07 -87.20
N UNK E 393 -4.15 -5.27 -86.16
CA UNK E 393 -3.18 -4.19 -86.23
C UNK E 393 -1.77 -4.75 -86.20
N UNK E 394 -1.34 -5.32 -87.32
CA UNK E 394 0.06 -5.67 -87.45
C UNK E 394 0.91 -4.43 -87.60
N UNK E 395 0.46 -3.48 -88.41
CA UNK E 395 1.09 -2.18 -88.53
C UNK E 395 0.40 -1.22 -87.57
N UNK E 396 1.18 -0.63 -86.69
CA UNK E 396 0.66 0.36 -85.77
C UNK E 396 0.56 1.73 -86.40
N UNK E 397 1.23 1.95 -87.51
CA UNK E 397 1.40 3.28 -88.07
C UNK E 397 0.89 3.42 -89.49
N UNK E 398 1.06 2.40 -90.31
CA UNK E 398 0.32 2.38 -91.57
C UNK E 398 -1.17 2.26 -91.31
N UNK E 399 -1.55 1.71 -90.17
CA UNK E 399 -2.92 1.85 -89.68
C UNK E 399 -3.27 3.30 -89.46
N UNK E 400 -2.38 4.06 -88.82
CA UNK E 400 -2.63 5.47 -88.63
C UNK E 400 -2.66 6.22 -89.95
N UNK E 401 -2.03 5.68 -90.98
CA UNK E 401 -2.22 6.16 -92.34
C UNK E 401 -3.56 5.73 -92.93
N UNK E 402 -3.98 4.51 -92.60
CA UNK E 402 -5.22 4.01 -93.12
C UNK E 402 -6.39 4.81 -92.59
N UNK E 403 -6.26 5.31 -91.36
CA UNK E 403 -7.23 6.25 -90.83
C UNK E 403 -7.32 7.49 -91.69
N UNK E 404 -6.21 7.94 -92.23
CA UNK E 404 -6.31 9.06 -93.13
C UNK E 404 -6.93 8.64 -94.45
N UNK E 405 -6.71 7.39 -94.84
CA UNK E 405 -7.33 6.91 -96.08
C UNK E 405 -8.82 6.88 -95.94
N UNK E 406 -9.28 6.61 -94.73
CA UNK E 406 -10.68 6.84 -94.43
C UNK E 406 -11.00 8.32 -94.50
N UNK E 407 -10.15 9.15 -93.88
CA UNK E 407 -10.44 10.57 -93.71
C UNK E 407 -10.52 11.31 -95.03
N UNK E 408 -10.06 10.67 -96.09
CA UNK E 408 -10.40 11.01 -97.45
C UNK E 408 -11.89 11.10 -97.72
N UNK E 409 -12.73 10.40 -96.97
CA UNK E 409 -14.17 10.44 -97.25
C UNK E 409 -14.76 11.80 -96.95
N UNK E 410 -14.36 12.42 -95.85
CA UNK E 410 -14.89 13.72 -95.45
C UNK E 410 -14.10 14.84 -96.13
N UNK E 411 -14.28 16.06 -95.63
CA UNK E 411 -13.51 17.22 -96.04
C UNK E 411 -13.67 18.33 -94.99
N UNK E 412 -13.03 19.47 -95.24
CA UNK E 412 -13.43 20.80 -94.76
C UNK E 412 -13.21 21.12 -93.29
N UNK E 413 -12.83 20.14 -92.47
CA UNK E 413 -12.36 20.45 -91.11
C UNK E 413 -11.28 19.47 -90.72
N UNK E 414 -10.51 19.02 -91.69
CA UNK E 414 -10.21 17.60 -91.77
C UNK E 414 -9.24 17.09 -90.73
N UNK E 415 -8.85 17.84 -89.71
CA UNK E 415 -8.06 17.24 -88.64
C UNK E 415 -8.43 17.77 -87.28
N UNK E 416 -9.57 18.44 -87.18
CA UNK E 416 -9.88 19.45 -86.17
C UNK E 416 -9.67 18.95 -84.77
N UNK E 417 -10.43 17.96 -84.34
CA UNK E 417 -10.06 17.25 -83.13
C UNK E 417 -9.31 15.98 -83.41
N UNK E 418 -8.99 15.72 -84.68
CA UNK E 418 -8.24 14.51 -85.02
C UNK E 418 -6.83 14.59 -84.49
N UNK E 419 -6.33 15.79 -84.30
CA UNK E 419 -5.14 15.95 -83.49
C UNK E 419 -5.46 15.81 -82.01
N UNK E 420 -6.65 16.24 -81.59
CA UNK E 420 -6.96 16.32 -80.17
C UNK E 420 -6.99 14.93 -79.56
N UNK E 421 -7.49 13.98 -80.32
CA UNK E 421 -7.52 12.60 -79.86
C UNK E 421 -6.13 12.03 -79.76
N UNK E 422 -5.41 12.08 -80.89
CA UNK E 422 -4.10 11.48 -81.02
C UNK E 422 -3.14 11.97 -79.95
N UNK E 423 -3.24 13.25 -79.57
CA UNK E 423 -2.46 13.74 -78.45
C UNK E 423 -3.10 13.36 -77.11
N UNK E 424 -4.41 13.60 -76.96
CA UNK E 424 -5.17 13.50 -75.73
C UNK E 424 -5.15 12.11 -75.14
N UNK E 425 -4.79 11.13 -75.96
CA UNK E 425 -4.52 9.77 -75.51
C UNK E 425 -3.58 9.70 -74.32
N UNK E 426 -2.57 10.56 -74.25
CA UNK E 426 -1.54 10.41 -73.23
C UNK E 426 -2.06 10.88 -71.88
N UNK E 427 -2.08 9.95 -70.92
CA UNK E 427 -2.73 10.06 -69.61
C UNK E 427 -2.23 8.91 -68.73
N UNK E 428 -2.97 8.53 -67.69
CA UNK E 428 -2.66 7.30 -66.95
C UNK E 428 -2.96 6.05 -67.77
N UNK E 429 -2.48 4.92 -67.29
CA UNK E 429 -2.10 3.78 -68.14
C UNK E 429 -3.12 2.65 -68.12
N UNK E 430 -3.86 2.52 -69.22
CA UNK E 430 -4.47 1.26 -69.63
C UNK E 430 -3.52 0.60 -70.63
N UNK E 431 -4.00 -0.41 -71.37
CA UNK E 431 -3.16 -1.08 -72.34
C UNK E 431 -2.83 -0.16 -73.52
N UNK E 432 -1.73 -0.47 -74.20
CA UNK E 432 -1.51 0.16 -75.50
C UNK E 432 -2.45 -0.41 -76.52
N UNK E 433 -2.96 -1.61 -76.27
CA UNK E 433 -4.17 -2.04 -76.93
C UNK E 433 -5.30 -1.05 -76.71
N UNK E 434 -5.45 -0.56 -75.47
CA UNK E 434 -6.53 0.38 -75.19
C UNK E 434 -6.24 1.72 -75.82
N UNK E 435 -4.97 2.05 -75.94
CA UNK E 435 -4.60 3.24 -76.68
C UNK E 435 -4.99 3.12 -78.14
N UNK E 436 -4.66 1.97 -78.74
CA UNK E 436 -4.99 1.72 -80.13
C UNK E 436 -6.49 1.76 -80.35
N UNK E 437 -7.22 1.09 -79.48
CA UNK E 437 -8.66 0.98 -79.64
C UNK E 437 -9.33 2.30 -79.36
N UNK E 438 -8.96 2.95 -78.27
CA UNK E 438 -9.53 4.23 -77.93
C UNK E 438 -9.12 5.28 -78.94
N UNK E 439 -8.00 5.07 -79.61
CA UNK E 439 -7.56 5.96 -80.66
C UNK E 439 -8.48 5.85 -81.86
N UNK E 440 -8.67 4.64 -82.33
CA UNK E 440 -9.46 4.46 -83.53
C UNK E 440 -10.91 4.78 -83.25
N UNK E 441 -11.36 4.44 -82.05
CA UNK E 441 -12.72 4.68 -81.65
C UNK E 441 -12.94 6.12 -81.24
N UNK E 442 -11.87 6.89 -81.13
CA UNK E 442 -12.08 8.30 -81.25
C UNK E 442 -12.42 8.65 -82.68
N UNK E 443 -11.80 7.98 -83.62
CA UNK E 443 -11.71 8.57 -84.94
C UNK E 443 -12.98 8.43 -85.74
N UNK E 444 -13.61 7.29 -85.73
CA UNK E 444 -14.85 7.24 -86.49
C UNK E 444 -15.97 7.90 -85.72
N UNK E 445 -15.86 7.89 -84.40
CA UNK E 445 -16.73 8.71 -83.58
C UNK E 445 -16.58 10.17 -83.94
N UNK E 446 -15.37 10.56 -84.25
CA UNK E 446 -15.15 11.86 -84.82
C UNK E 446 -15.78 11.96 -86.19
N UNK E 447 -15.78 10.88 -86.95
CA UNK E 447 -16.20 10.94 -88.34
C UNK E 447 -17.71 10.86 -88.49
N UNK E 448 -18.46 11.30 -87.49
CA UNK E 448 -19.89 11.49 -87.63
C UNK E 448 -20.19 12.43 -88.77
N UNK E 449 -21.31 12.19 -89.42
CA UNK E 449 -21.76 13.06 -90.48
C UNK E 449 -22.41 14.29 -89.87
N UNK E 450 -23.22 14.98 -90.64
CA UNK E 450 -24.06 16.02 -90.09
C UNK E 450 -25.02 15.40 -89.10
N UNK E 451 -19.90 -11.47 -92.11
CA UNK E 451 -19.76 -10.03 -92.28
C UNK E 451 -18.47 -9.49 -91.67
N UNK E 452 -17.95 -10.19 -90.66
CA UNK E 452 -16.59 -9.89 -90.23
C UNK E 452 -15.58 -10.45 -91.20
N UNK E 453 -15.95 -11.47 -91.97
CA UNK E 453 -15.16 -11.85 -93.13
C UNK E 453 -15.13 -10.74 -94.16
N UNK E 454 -16.25 -10.05 -94.35
CA UNK E 454 -16.23 -8.83 -95.14
C UNK E 454 -15.41 -7.74 -94.46
N UNK E 455 -15.40 -7.70 -93.13
CA UNK E 455 -14.60 -6.70 -92.45
C UNK E 455 -13.12 -6.97 -92.64
N UNK E 456 -12.72 -8.23 -92.59
CA UNK E 456 -11.35 -8.56 -92.91
C UNK E 456 -11.06 -8.33 -94.38
N UNK E 457 -12.07 -8.48 -95.24
CA UNK E 457 -11.89 -8.20 -96.65
C UNK E 457 -11.68 -6.71 -96.90
N UNK E 458 -12.40 -5.89 -96.16
CA UNK E 458 -12.27 -4.44 -96.30
C UNK E 458 -10.98 -3.97 -95.66
N UNK E 459 -10.59 -4.62 -94.58
CA UNK E 459 -9.27 -4.44 -94.03
C UNK E 459 -8.23 -4.71 -95.09
N UNK E 460 -8.40 -5.81 -95.83
CA UNK E 460 -7.47 -6.14 -96.90
C UNK E 460 -7.51 -5.11 -98.01
N UNK E 461 -8.69 -4.55 -98.28
CA UNK E 461 -8.82 -3.58 -99.34
C UNK E 461 -8.09 -2.29 -99.00
N UNK E 462 -8.35 -1.73 -97.83
CA UNK E 462 -7.66 -0.51 -97.43
C UNK E 462 -6.20 -0.78 -97.15
N UNK E 463 -5.88 -2.00 -96.75
CA UNK E 463 -4.49 -2.40 -96.70
C UNK E 463 -3.87 -2.44 -98.07
N UNK E 464 -4.65 -2.74 -99.10
CA UNK E 464 -4.10 -2.72 -100.44
C UNK E 464 -4.07 -1.32 -101.01
N UNK E 465 -4.84 -0.41 -100.45
CA UNK E 465 -4.63 1.01 -100.76
C UNK E 465 -3.31 1.47 -100.21
N UNK E 466 -2.96 1.02 -99.03
CA UNK E 466 -1.59 1.20 -98.56
C UNK E 466 -0.62 0.50 -99.49
N UNK E 467 -0.69 -0.83 -99.53
CA UNK E 467 0.31 -1.68 -100.17
C UNK E 467 0.29 -1.63 -101.68
N UNK E 468 -0.57 -0.82 -102.30
CA UNK E 468 -0.66 -0.73 -103.74
C UNK E 468 -0.39 0.66 -104.27
N UNK E 469 -0.69 1.70 -103.49
CA UNK E 469 -0.42 3.07 -103.92
C UNK E 469 1.01 3.48 -103.65
N UNK E 470 1.90 2.55 -103.35
CA UNK E 470 3.30 2.81 -103.16
C UNK E 470 4.02 2.99 -104.49
N UNK F 1 74.87 -25.97 -146.58
CA UNK F 1 73.71 -25.45 -147.28
C UNK F 1 72.58 -25.36 -146.31
N UNK F 2 71.91 -26.50 -146.16
CA UNK F 2 71.05 -26.69 -145.01
C UNK F 2 71.82 -26.49 -143.74
N UNK F 3 73.00 -27.12 -143.64
CA UNK F 3 73.88 -26.95 -142.50
C UNK F 3 74.36 -25.52 -142.36
N UNK F 4 74.49 -24.82 -143.48
CA UNK F 4 75.00 -23.46 -143.45
C UNK F 4 74.01 -22.49 -142.82
N UNK F 5 72.82 -22.38 -143.43
CA UNK F 5 71.76 -21.58 -142.85
C UNK F 5 71.43 -22.07 -141.46
N UNK F 6 71.56 -23.37 -141.24
CA UNK F 6 71.42 -23.93 -139.92
C UNK F 6 72.47 -23.38 -138.97
N UNK F 7 73.70 -23.26 -139.43
CA UNK F 7 74.79 -22.93 -138.52
C UNK F 7 74.69 -21.50 -138.07
N UNK F 8 74.33 -20.64 -139.01
CA UNK F 8 74.07 -19.26 -138.65
C UNK F 8 72.87 -19.16 -137.75
N UNK F 9 71.85 -19.96 -138.03
CA UNK F 9 70.65 -19.95 -137.21
C UNK F 9 70.97 -20.37 -135.79
N UNK F 10 71.72 -21.44 -135.65
CA UNK F 10 72.06 -21.99 -134.36
C UNK F 10 73.05 -21.12 -133.65
N UNK F 11 73.86 -20.37 -134.38
CA UNK F 11 74.65 -19.36 -133.73
C UNK F 11 73.76 -18.24 -133.22
N UNK F 12 72.61 -18.02 -133.83
CA UNK F 12 71.79 -16.96 -133.27
C UNK F 12 70.73 -17.46 -132.30
N UNK F 13 69.65 -18.04 -132.82
CA UNK F 13 68.48 -18.58 -132.13
C UNK F 13 67.53 -19.13 -133.19
N UNK F 14 66.37 -19.63 -132.72
CA UNK F 14 65.18 -19.94 -133.50
C UNK F 14 64.09 -20.08 -132.46
N UNK F 15 62.92 -19.54 -132.71
CA UNK F 15 62.11 -19.24 -131.53
C UNK F 15 60.63 -19.24 -131.83
N UNK F 16 59.95 -18.43 -131.03
CA UNK F 16 58.54 -18.14 -130.82
C UNK F 16 57.86 -19.17 -129.95
N UNK F 17 58.41 -20.39 -129.81
CA UNK F 17 58.08 -21.26 -128.68
C UNK F 17 59.21 -22.23 -128.40
N UNK F 18 59.96 -22.52 -129.46
CA UNK F 18 60.78 -23.70 -129.49
C UNK F 18 62.00 -23.57 -128.59
N UNK F 19 62.29 -22.35 -128.18
CA UNK F 19 63.21 -22.14 -127.06
C UNK F 19 62.71 -22.86 -125.82
N UNK F 20 61.45 -22.64 -125.45
CA UNK F 20 60.92 -23.31 -124.27
C UNK F 20 60.83 -24.80 -124.48
N UNK F 21 60.46 -25.23 -125.69
CA UNK F 21 60.39 -26.68 -125.95
C UNK F 21 61.76 -27.35 -125.83
N UNK F 22 62.79 -26.73 -126.37
CA UNK F 22 64.12 -27.32 -126.26
C UNK F 22 64.65 -27.25 -124.85
N UNK F 23 64.26 -26.21 -124.10
CA UNK F 23 64.59 -26.17 -122.68
C UNK F 23 63.95 -27.32 -121.94
N UNK F 24 62.78 -27.76 -122.40
CA UNK F 24 62.22 -28.96 -121.79
C UNK F 24 63.01 -30.21 -122.16
N UNK F 25 63.55 -30.24 -123.37
CA UNK F 25 64.34 -31.41 -123.73
C UNK F 25 65.59 -31.49 -122.87
N UNK F 26 66.13 -30.34 -122.57
CA UNK F 26 67.16 -30.27 -121.54
C UNK F 26 66.62 -30.79 -120.24
N UNK F 27 65.39 -30.44 -119.90
CA UNK F 27 64.87 -30.84 -118.59
C UNK F 27 64.72 -32.34 -118.49
N UNK F 28 64.43 -32.99 -119.61
CA UNK F 28 64.27 -34.43 -119.58
C UNK F 28 65.61 -35.14 -119.53
N UNK F 29 66.61 -34.62 -120.26
CA UNK F 29 67.92 -35.24 -120.18
C UNK F 29 68.48 -35.07 -118.79
N UNK F 30 68.19 -33.94 -118.17
CA UNK F 30 68.51 -33.72 -116.78
C UNK F 30 67.81 -34.72 -115.90
N UNK F 31 66.56 -35.00 -116.22
CA UNK F 31 65.78 -35.89 -115.40
C UNK F 31 66.31 -37.31 -115.46
N UNK F 32 66.51 -37.83 -116.67
CA UNK F 32 66.97 -39.20 -116.82
C UNK F 32 68.34 -39.37 -116.26
N UNK F 33 69.17 -38.33 -116.34
CA UNK F 33 70.43 -38.36 -115.64
C UNK F 33 70.23 -38.52 -114.15
N UNK F 34 69.27 -37.79 -113.60
CA UNK F 34 69.03 -37.92 -112.17
C UNK F 34 68.50 -39.28 -111.80
N UNK F 35 67.70 -39.86 -112.67
CA UNK F 35 67.04 -41.10 -112.32
C UNK F 35 68.01 -42.25 -112.41
N UNK F 36 68.79 -42.30 -113.47
CA UNK F 36 69.79 -43.35 -113.59
C UNK F 36 70.85 -43.18 -112.54
N UNK F 37 71.12 -41.94 -112.15
CA UNK F 37 72.06 -41.72 -111.07
C UNK F 37 71.55 -42.30 -109.78
N UNK F 38 70.30 -41.99 -109.44
CA UNK F 38 69.74 -42.45 -108.19
C UNK F 38 69.61 -43.96 -108.16
N UNK F 39 69.17 -44.54 -109.28
CA UNK F 39 69.00 -45.98 -109.34
C UNK F 39 70.33 -46.67 -109.30
N UNK F 40 71.37 -46.09 -109.85
CA UNK F 40 72.63 -46.79 -109.75
C UNK F 40 73.34 -46.42 -108.46
N UNK F 41 72.67 -46.57 -107.34
CA UNK F 41 73.31 -46.33 -106.07
C UNK F 41 73.26 -47.52 -105.13
N UNK F 42 72.09 -48.10 -104.92
CA UNK F 42 71.87 -49.09 -103.88
C UNK F 42 72.39 -50.47 -104.32
N UNK F 43 71.97 -51.53 -103.62
CA UNK F 43 72.38 -52.90 -103.94
C UNK F 43 71.81 -53.33 -105.28
N UNK F 44 72.68 -53.49 -106.27
CA UNK F 44 72.33 -53.49 -107.68
C UNK F 44 71.58 -54.75 -108.09
N UNK F 45 70.42 -54.97 -107.47
CA UNK F 45 69.73 -56.23 -107.57
C UNK F 45 68.95 -56.26 -108.87
N UNK F 46 68.31 -57.40 -109.14
CA UNK F 46 67.90 -57.76 -110.49
C UNK F 46 66.86 -56.82 -111.05
N UNK F 47 66.20 -56.07 -110.20
CA UNK F 47 65.38 -54.97 -110.67
C UNK F 47 66.17 -53.82 -111.28
N UNK F 48 67.50 -53.91 -111.39
CA UNK F 48 68.26 -52.91 -112.12
C UNK F 48 67.78 -52.82 -113.54
N UNK F 49 67.49 -53.96 -114.14
CA UNK F 49 66.95 -53.95 -115.48
C UNK F 49 65.57 -53.30 -115.51
N UNK F 50 64.59 -53.95 -114.92
CA UNK F 50 63.23 -53.46 -115.00
C UNK F 50 62.94 -52.39 -114.00
N UNK F 51 63.96 -51.67 -113.57
CA UNK F 51 63.87 -50.30 -113.12
C UNK F 51 64.48 -49.36 -114.15
N UNK F 52 65.63 -49.71 -114.69
CA UNK F 52 66.37 -48.76 -115.49
C UNK F 52 65.75 -48.62 -116.86
N UNK F 53 65.38 -49.73 -117.46
CA UNK F 53 64.71 -49.68 -118.74
C UNK F 53 63.39 -48.97 -118.62
N UNK F 54 62.74 -49.10 -117.46
CA UNK F 54 61.54 -48.32 -117.21
C UNK F 54 61.85 -46.86 -117.20
N UNK F 55 62.96 -46.48 -116.56
CA UNK F 55 63.25 -45.06 -116.44
C UNK F 55 63.58 -44.46 -117.78
N UNK F 56 64.34 -45.19 -118.59
CA UNK F 56 64.60 -44.68 -119.92
C UNK F 56 63.37 -44.75 -120.80
N UNK F 57 62.43 -45.63 -120.46
CA UNK F 57 61.18 -45.61 -121.19
C UNK F 57 60.39 -44.40 -120.86
N UNK F 58 60.44 -43.96 -119.59
CA UNK F 58 59.83 -42.69 -119.23
C UNK F 58 60.53 -41.54 -119.94
N UNK F 59 61.85 -41.67 -120.09
CA UNK F 59 62.65 -40.63 -120.73
C UNK F 59 62.27 -40.46 -122.17
N UNK F 60 62.36 -41.54 -122.93
CA UNK F 60 61.96 -41.52 -124.32
C UNK F 60 60.49 -41.26 -124.50
N UNK F 61 59.66 -41.52 -123.50
CA UNK F 61 58.28 -41.12 -123.60
C UNK F 61 58.17 -39.61 -123.66
N UNK F 62 58.78 -38.93 -122.68
CA UNK F 62 58.76 -37.46 -122.70
C UNK F 62 59.50 -36.92 -123.90
N UNK F 63 60.46 -37.67 -124.39
CA UNK F 63 61.21 -37.25 -125.56
C UNK F 63 60.38 -37.36 -126.82
N UNK F 64 59.64 -38.44 -126.97
CA UNK F 64 58.80 -38.61 -128.13
C UNK F 64 57.71 -37.57 -128.15
N UNK F 65 57.23 -37.21 -126.96
CA UNK F 65 56.35 -36.05 -126.82
C UNK F 65 56.98 -34.80 -127.40
N UNK F 66 58.16 -34.42 -126.86
CA UNK F 66 58.81 -33.20 -127.30
C UNK F 66 59.16 -33.23 -128.77
N UNK F 67 59.50 -34.39 -129.28
CA UNK F 67 59.99 -34.45 -130.64
C UNK F 67 58.85 -34.41 -131.65
N UNK F 68 57.74 -35.08 -131.37
CA UNK F 68 56.62 -34.94 -132.30
C UNK F 68 56.02 -33.56 -132.21
N UNK F 69 56.00 -32.99 -131.00
CA UNK F 69 55.50 -31.64 -130.80
C UNK F 69 56.34 -30.64 -131.58
N UNK F 70 57.65 -30.80 -131.55
CA UNK F 70 58.52 -29.85 -132.22
C UNK F 70 58.58 -30.07 -133.72
N UNK F 71 58.59 -31.33 -134.18
CA UNK F 71 58.56 -31.53 -135.61
C UNK F 71 57.20 -31.21 -136.19
N UNK F 72 56.19 -31.00 -135.35
CA UNK F 72 55.08 -30.18 -135.77
C UNK F 72 55.45 -28.71 -135.70
N UNK F 73 56.08 -28.30 -134.61
CA UNK F 73 56.18 -26.89 -134.25
C UNK F 73 57.33 -26.25 -135.01
N UNK F 74 56.98 -25.49 -136.05
CA UNK F 74 57.89 -24.72 -136.88
C UNK F 74 58.91 -25.64 -137.55
N UNK F 75 58.40 -26.47 -138.44
CA UNK F 75 59.26 -27.21 -139.35
C UNK F 75 59.46 -26.42 -140.63
N UNK F 76 59.97 -25.20 -140.46
CA UNK F 76 60.65 -24.56 -141.58
C UNK F 76 61.93 -25.34 -141.89
N UNK F 77 62.46 -25.11 -143.09
CA UNK F 77 63.29 -26.09 -143.76
C UNK F 77 64.57 -26.43 -143.02
N UNK F 78 65.49 -25.49 -142.91
CA UNK F 78 66.68 -25.76 -142.10
C UNK F 78 66.37 -25.66 -140.62
N UNK F 79 65.24 -25.06 -140.27
CA UNK F 79 64.81 -25.03 -138.89
C UNK F 79 64.49 -26.42 -138.36
N UNK F 80 64.30 -27.38 -139.25
CA UNK F 80 64.46 -28.78 -138.86
C UNK F 80 65.84 -28.99 -138.25
N UNK F 81 66.89 -28.71 -139.03
CA UNK F 81 68.24 -29.04 -138.61
C UNK F 81 68.69 -28.23 -137.42
N UNK F 82 68.01 -27.12 -137.14
CA UNK F 82 68.38 -26.26 -136.03
C UNK F 82 68.34 -27.00 -134.71
N UNK F 83 67.14 -27.38 -134.28
CA UNK F 83 67.09 -28.21 -133.10
C UNK F 83 67.56 -29.62 -133.38
N UNK F 84 67.61 -30.05 -134.65
CA UNK F 84 68.13 -31.38 -134.90
C UNK F 84 69.62 -31.48 -134.68
N UNK F 85 70.31 -30.36 -134.53
CA UNK F 85 71.65 -30.39 -133.98
C UNK F 85 71.68 -30.01 -132.52
N UNK F 86 70.83 -29.06 -132.15
CA UNK F 86 70.85 -28.56 -130.79
C UNK F 86 70.48 -29.65 -129.80
N UNK F 87 69.60 -30.55 -130.22
CA UNK F 87 69.13 -31.59 -129.33
C UNK F 87 70.23 -32.58 -129.02
N UNK F 88 71.00 -32.98 -130.04
CA UNK F 88 72.07 -33.92 -129.77
C UNK F 88 73.19 -33.26 -128.99
N UNK F 89 73.35 -31.95 -129.15
CA UNK F 89 74.27 -31.25 -128.25
C UNK F 89 73.76 -31.31 -126.83
N UNK F 90 72.47 -31.04 -126.65
CA UNK F 90 71.84 -31.02 -125.34
C UNK F 90 71.89 -32.38 -124.68
N UNK F 91 71.86 -33.41 -125.49
CA UNK F 91 72.17 -34.74 -124.99
C UNK F 91 73.58 -34.75 -124.49
N UNK F 92 74.52 -34.63 -125.43
CA UNK F 92 75.88 -35.10 -125.21
C UNK F 92 76.54 -34.32 -124.10
N UNK F 93 76.59 -33.01 -124.25
CA UNK F 93 77.13 -32.22 -123.16
C UNK F 93 76.11 -32.10 -122.05
N UNK F 94 74.99 -31.47 -122.37
CA UNK F 94 74.32 -30.60 -121.41
C UNK F 94 73.71 -31.39 -120.27
N UNK F 95 73.50 -32.70 -120.45
CA UNK F 95 73.27 -33.49 -119.25
C UNK F 95 73.91 -34.87 -119.19
N UNK F 96 73.90 -35.60 -120.30
CA UNK F 96 73.31 -36.95 -120.30
C UNK F 96 73.94 -37.94 -119.34
N UNK F 97 75.24 -37.88 -119.13
CA UNK F 97 75.96 -39.08 -118.74
C UNK F 97 75.71 -39.47 -117.29
N UNK F 98 75.92 -40.76 -117.00
CA UNK F 98 75.82 -41.31 -115.65
C UNK F 98 76.48 -42.68 -115.60
N UNK F 99 77.50 -42.85 -114.73
CA UNK F 99 77.93 -44.09 -114.08
C UNK F 99 79.08 -43.76 -113.11
N UNK F 100 79.69 -44.80 -112.57
CA UNK F 100 81.04 -44.79 -112.03
C UNK F 100 82.05 -45.08 -113.10
N UNK F 101 81.69 -44.76 -114.33
CA UNK F 101 82.65 -44.67 -115.39
C UNK F 101 83.69 -43.61 -115.13
N UNK F 102 83.48 -42.71 -114.18
CA UNK F 102 84.58 -41.95 -113.61
C UNK F 102 85.67 -42.87 -113.12
N UNK F 103 85.29 -43.88 -112.36
CA UNK F 103 86.28 -44.83 -111.87
C UNK F 103 86.78 -45.69 -112.99
N UNK F 104 86.01 -45.82 -114.06
CA UNK F 104 86.66 -46.34 -115.25
C UNK F 104 87.65 -45.34 -115.80
N UNK F 105 87.26 -44.09 -115.82
CA UNK F 105 87.84 -43.13 -116.73
C UNK F 105 89.15 -42.62 -116.25
N UNK F 106 89.36 -42.62 -114.95
CA UNK F 106 90.72 -42.60 -114.45
C UNK F 106 91.31 -43.91 -114.90
N UNK F 107 92.24 -43.85 -115.84
CA UNK F 107 92.60 -45.00 -116.64
C UNK F 107 93.28 -46.06 -115.82
N UNK F 108 94.41 -45.68 -115.23
CA UNK F 108 95.38 -46.60 -114.64
C UNK F 108 95.61 -47.75 -115.60
N UNK F 109 96.04 -47.36 -116.78
CA UNK F 109 95.87 -48.15 -117.99
C UNK F 109 96.68 -49.42 -118.02
N UNK F 110 97.42 -49.73 -116.94
CA UNK F 110 97.85 -51.09 -116.70
C UNK F 110 96.65 -51.99 -116.85
N UNK F 111 96.68 -52.75 -117.92
CA UNK F 111 95.50 -53.47 -118.36
C UNK F 111 95.14 -54.56 -117.38
N UNK F 112 96.10 -54.97 -116.56
CA UNK F 112 95.76 -55.78 -115.40
C UNK F 112 94.89 -55.00 -114.45
N UNK F 113 95.16 -53.72 -114.24
CA UNK F 113 94.27 -52.99 -113.35
C UNK F 113 92.93 -52.71 -114.02
N UNK F 114 92.94 -52.58 -115.35
CA UNK F 114 91.67 -52.56 -116.07
C UNK F 114 90.92 -53.85 -115.86
N UNK F 115 91.64 -54.97 -115.88
CA UNK F 115 91.04 -56.25 -115.58
C UNK F 115 90.60 -56.34 -114.15
N UNK F 116 91.20 -55.57 -113.26
CA UNK F 116 90.71 -55.54 -111.91
C UNK F 116 89.37 -54.86 -111.85
N UNK F 117 89.23 -53.80 -112.62
CA UNK F 117 87.92 -53.18 -112.74
C UNK F 117 86.93 -54.14 -113.38
N UNK F 118 87.42 -54.94 -114.32
CA UNK F 118 86.55 -55.85 -115.04
C UNK F 118 86.07 -56.95 -114.13
N UNK F 119 86.96 -57.48 -113.32
CA UNK F 119 86.56 -58.49 -112.37
C UNK F 119 85.68 -57.90 -111.31
N UNK F 120 85.81 -56.60 -111.06
CA UNK F 120 84.93 -55.98 -110.10
C UNK F 120 83.53 -55.89 -110.65
N UNK F 121 83.37 -55.36 -111.86
CA UNK F 121 82.04 -55.24 -112.45
C UNK F 121 81.43 -56.59 -112.73
N UNK F 122 82.22 -57.55 -113.14
CA UNK F 122 81.71 -58.87 -113.40
C UNK F 122 81.52 -59.66 -112.12
N UNK F 123 80.70 -59.14 -111.21
CA UNK F 123 79.94 -59.95 -110.25
C UNK F 123 78.78 -59.10 -109.73
N UNK F 124 77.59 -59.25 -110.34
CA UNK F 124 76.34 -59.36 -109.59
C UNK F 124 75.19 -60.07 -110.30
N UNK F 125 75.19 -60.02 -111.63
CA UNK F 125 73.96 -60.16 -112.42
C UNK F 125 74.26 -61.04 -113.62
N UNK F 126 73.37 -61.05 -114.60
CA UNK F 126 73.59 -61.93 -115.74
C UNK F 126 73.76 -61.15 -117.02
N UNK F 127 74.55 -61.75 -117.92
CA UNK F 127 75.34 -61.03 -118.93
C UNK F 127 74.53 -60.11 -119.79
N UNK F 128 73.25 -60.39 -119.96
CA UNK F 128 72.43 -59.44 -120.68
C UNK F 128 72.13 -58.23 -119.83
N UNK F 129 71.81 -58.44 -118.56
CA UNK F 129 71.66 -57.31 -117.68
C UNK F 129 72.98 -56.58 -117.57
N UNK F 130 74.08 -57.33 -117.65
CA UNK F 130 75.38 -56.71 -117.64
C UNK F 130 75.60 -55.89 -118.88
N UNK F 131 75.07 -56.33 -120.00
CA UNK F 131 75.35 -55.63 -121.24
C UNK F 131 74.58 -54.33 -121.29
N UNK F 132 73.35 -54.33 -120.80
CA UNK F 132 72.62 -53.07 -120.76
C UNK F 132 73.24 -52.12 -119.77
N UNK F 133 73.73 -52.63 -118.65
CA UNK F 133 74.48 -51.78 -117.75
C UNK F 133 75.74 -51.25 -118.41
N UNK F 134 76.34 -52.04 -119.29
CA UNK F 134 77.52 -51.56 -119.99
C UNK F 134 77.16 -50.44 -120.92
N UNK F 135 75.98 -50.50 -121.52
CA UNK F 135 75.60 -49.39 -122.37
C UNK F 135 75.32 -48.17 -121.55
N UNK F 136 74.85 -48.35 -120.33
CA UNK F 136 74.74 -47.20 -119.46
C UNK F 136 76.10 -46.71 -119.00
N UNK F 137 77.11 -47.55 -119.06
CA UNK F 137 78.46 -47.06 -118.85
C UNK F 137 79.02 -46.42 -120.10
N UNK F 138 78.39 -46.63 -121.25
CA UNK F 138 78.89 -46.07 -122.49
C UNK F 138 78.49 -44.63 -122.67
N UNK F 139 78.27 -43.90 -121.58
CA UNK F 139 78.01 -42.48 -121.63
C UNK F 139 79.30 -41.71 -121.34
N UNK F 140 80.19 -41.68 -122.32
CA UNK F 140 81.36 -40.81 -122.27
C UNK F 140 81.38 -39.76 -123.38
N UNK F 141 81.39 -40.14 -124.66
CA UNK F 141 81.39 -39.04 -125.61
C UNK F 141 80.55 -39.12 -126.88
N UNK F 142 80.66 -40.21 -127.61
CA UNK F 142 80.35 -40.18 -129.03
C UNK F 142 78.87 -40.42 -129.29
N UNK F 143 78.42 -40.02 -130.48
CA UNK F 143 77.08 -40.39 -130.90
C UNK F 143 77.10 -41.12 -132.23
N UNK F 144 77.86 -40.60 -133.18
CA UNK F 144 78.05 -41.32 -134.42
C UNK F 144 78.92 -42.54 -134.22
N UNK F 145 79.93 -42.43 -133.37
CA UNK F 145 80.81 -43.53 -133.05
C UNK F 145 80.40 -44.25 -131.81
N UNK F 146 79.37 -43.78 -131.12
CA UNK F 146 78.67 -44.62 -130.18
C UNK F 146 78.29 -45.91 -130.84
N UNK F 147 77.66 -45.79 -132.01
CA UNK F 147 77.30 -46.96 -132.79
C UNK F 147 78.50 -47.78 -133.21
N UNK F 148 79.60 -47.12 -133.52
CA UNK F 148 80.76 -47.87 -133.94
C UNK F 148 81.37 -48.63 -132.78
N UNK F 149 81.31 -48.05 -131.59
CA UNK F 149 81.79 -48.74 -130.41
C UNK F 149 80.99 -49.99 -130.18
N UNK F 150 79.68 -49.86 -130.28
CA UNK F 150 78.87 -51.05 -130.07
C UNK F 150 79.04 -52.03 -131.21
N UNK F 151 79.34 -51.53 -132.41
CA UNK F 151 79.59 -52.41 -133.53
C UNK F 151 80.83 -53.22 -133.31
N UNK F 152 81.87 -52.56 -132.85
CA UNK F 152 83.11 -53.26 -132.59
C UNK F 152 82.98 -54.21 -131.44
N UNK F 153 82.22 -53.84 -130.43
CA UNK F 153 82.15 -54.70 -129.27
C UNK F 153 81.29 -55.91 -129.56
N UNK F 154 80.23 -55.74 -130.32
CA UNK F 154 79.44 -56.87 -130.74
C UNK F 154 80.27 -57.80 -131.59
N UNK F 155 81.15 -57.22 -132.40
CA UNK F 155 82.08 -58.02 -133.15
C UNK F 155 83.03 -58.77 -132.22
N UNK F 156 83.42 -58.12 -131.13
CA UNK F 156 84.35 -58.75 -130.22
C UNK F 156 83.70 -59.92 -129.57
N UNK F 157 82.46 -59.76 -129.17
CA UNK F 157 81.74 -60.83 -128.51
C UNK F 157 81.56 -61.99 -129.45
N UNK F 158 81.34 -61.67 -130.73
CA UNK F 158 81.30 -62.68 -131.76
C UNK F 158 82.62 -63.41 -131.83
N UNK F 159 83.72 -62.69 -131.69
CA UNK F 159 85.02 -63.36 -131.73
C UNK F 159 85.23 -64.16 -130.47
N UNK F 160 84.61 -63.74 -129.38
CA UNK F 160 84.83 -64.38 -128.11
C UNK F 160 84.26 -65.77 -128.13
N UNK F 161 83.00 -65.89 -128.50
CA UNK F 161 82.46 -67.22 -128.70
C UNK F 161 83.05 -67.85 -129.94
N UNK F 162 83.48 -67.03 -130.89
CA UNK F 162 84.11 -67.52 -132.10
C UNK F 162 85.60 -67.53 -131.93
N UNK F 163 86.06 -68.08 -130.82
CA UNK F 163 87.43 -68.49 -130.72
C UNK F 163 87.49 -69.96 -131.03
N UNK F 164 88.65 -70.54 -130.89
CA UNK F 164 88.77 -71.93 -130.54
C UNK F 164 89.59 -72.02 -129.27
N UNK F 165 89.55 -70.96 -128.48
CA UNK F 165 90.04 -70.96 -127.12
C UNK F 165 89.06 -71.69 -126.23
N UNK F 166 88.89 -72.97 -126.52
CA UNK F 166 87.69 -73.69 -126.12
C UNK F 166 87.87 -74.36 -124.78
N UNK F 167 88.30 -73.61 -123.79
CA UNK F 167 88.38 -74.19 -122.47
C UNK F 167 88.06 -73.20 -121.37
N UNK F 168 87.64 -71.98 -121.68
CA UNK F 168 87.34 -71.06 -120.62
C UNK F 168 86.03 -71.41 -119.97
N UNK F 169 85.84 -70.94 -118.76
CA UNK F 169 84.50 -70.97 -118.22
C UNK F 169 83.64 -70.01 -119.00
N UNK F 170 82.33 -70.23 -118.94
CA UNK F 170 81.42 -69.27 -119.53
C UNK F 170 81.56 -67.94 -118.85
N UNK F 171 81.75 -67.94 -117.55
CA UNK F 171 82.05 -66.69 -116.90
C UNK F 171 83.43 -66.19 -117.25
N UNK F 172 84.35 -67.10 -117.56
CA UNK F 172 85.67 -66.61 -117.94
C UNK F 172 85.62 -65.92 -119.28
N UNK F 173 84.96 -66.53 -120.23
CA UNK F 173 84.78 -65.92 -121.52
C UNK F 173 83.98 -64.65 -121.40
N UNK F 174 83.06 -64.60 -120.45
CA UNK F 174 82.33 -63.39 -120.22
C UNK F 174 83.23 -62.30 -119.71
N UNK F 175 84.19 -62.64 -118.86
CA UNK F 175 85.13 -61.62 -118.41
C UNK F 175 85.96 -61.14 -119.55
N UNK F 176 86.35 -62.05 -120.43
CA UNK F 176 87.15 -61.65 -121.58
C UNK F 176 86.37 -60.71 -122.49
N UNK F 177 85.08 -61.02 -122.69
CA UNK F 177 84.30 -60.21 -123.60
C UNK F 177 83.99 -58.85 -123.02
N UNK F 178 83.67 -58.81 -121.75
CA UNK F 178 83.42 -57.53 -121.13
C UNK F 178 84.68 -56.71 -121.05
N UNK F 179 85.83 -57.39 -120.93
CA UNK F 179 87.10 -56.70 -120.91
C UNK F 179 87.33 -55.98 -122.22
N UNK F 180 87.16 -56.68 -123.33
CA UNK F 180 87.37 -56.07 -124.64
C UNK F 180 86.42 -54.93 -124.86
N UNK F 181 85.19 -55.07 -124.36
CA UNK F 181 84.21 -54.02 -124.58
C UNK F 181 84.57 -52.77 -123.81
N UNK F 182 84.86 -52.91 -122.52
CA UNK F 182 85.26 -51.74 -121.77
C UNK F 182 86.60 -51.22 -122.25
N UNK F 183 87.43 -52.07 -122.83
CA UNK F 183 88.73 -51.63 -123.31
C UNK F 183 88.59 -50.72 -124.49
N UNK F 184 87.81 -51.13 -125.48
CA UNK F 184 87.69 -50.29 -126.65
C UNK F 184 86.91 -49.04 -126.32
N UNK F 185 86.08 -49.11 -125.29
CA UNK F 185 85.53 -47.87 -124.76
C UNK F 185 86.62 -46.98 -124.23
N UNK F 186 87.62 -47.56 -123.59
CA UNK F 186 88.67 -46.73 -123.04
C UNK F 186 89.54 -46.12 -124.13
N UNK F 187 89.78 -46.87 -125.19
CA UNK F 187 90.57 -46.32 -126.29
C UNK F 187 89.83 -45.23 -127.00
N UNK F 188 88.51 -45.30 -127.01
CA UNK F 188 87.73 -44.15 -127.47
C UNK F 188 87.93 -42.96 -126.56
N UNK F 189 88.00 -43.21 -125.26
CA UNK F 189 88.15 -42.11 -124.31
C UNK F 189 89.47 -41.42 -124.49
N UNK F 190 90.49 -42.15 -124.93
CA UNK F 190 91.76 -41.50 -125.21
C UNK F 190 91.71 -40.80 -126.57
N UNK F 191 91.52 -41.57 -127.64
CA UNK F 191 91.62 -40.99 -128.98
C UNK F 191 90.39 -40.20 -129.39
N UNK F 192 55.93 -90.72 -116.80
CA UNK F 192 55.73 -90.32 -118.18
C UNK F 192 55.09 -88.95 -118.23
N UNK F 193 53.96 -88.82 -117.58
CA UNK F 193 53.17 -87.61 -117.66
C UNK F 193 53.02 -86.95 -116.32
N UNK F 194 54.07 -86.93 -115.52
CA UNK F 194 54.16 -85.99 -114.42
C UNK F 194 54.84 -84.72 -114.89
N UNK F 195 54.31 -84.15 -115.96
CA UNK F 195 54.56 -82.80 -116.44
C UNK F 195 53.61 -81.82 -115.81
N UNK F 196 52.74 -82.33 -114.97
CA UNK F 196 51.89 -81.48 -114.18
C UNK F 196 52.72 -80.57 -113.31
N UNK F 197 53.89 -81.03 -112.90
CA UNK F 197 54.81 -80.13 -112.25
C UNK F 197 55.33 -79.08 -113.18
N UNK F 198 55.46 -79.39 -114.48
CA UNK F 198 56.00 -78.37 -115.37
C UNK F 198 55.04 -77.21 -115.44
N UNK F 199 53.77 -77.52 -115.55
CA UNK F 199 52.81 -76.44 -115.52
C UNK F 199 52.71 -75.83 -114.15
N UNK F 200 52.90 -76.60 -113.09
CA UNK F 200 52.73 -76.04 -111.76
C UNK F 200 53.85 -75.08 -111.44
N UNK F 201 55.05 -75.47 -111.75
CA UNK F 201 56.19 -74.64 -111.48
C UNK F 201 56.18 -73.43 -112.35
N UNK F 202 55.87 -73.61 -113.63
CA UNK F 202 55.82 -72.46 -114.49
C UNK F 202 54.71 -71.52 -114.07
N UNK F 203 53.64 -72.05 -113.50
CA UNK F 203 52.54 -71.20 -113.07
C UNK F 203 52.93 -70.37 -111.87
N UNK F 204 53.56 -71.00 -110.89
CA UNK F 204 54.02 -70.24 -109.73
C UNK F 204 55.04 -69.22 -110.13
N UNK F 205 55.91 -69.60 -111.05
CA UNK F 205 56.91 -68.67 -111.52
C UNK F 205 56.26 -67.49 -112.18
N UNK F 206 55.43 -67.72 -113.18
CA UNK F 206 54.91 -66.60 -113.95
C UNK F 206 54.00 -65.74 -113.15
N UNK F 207 53.41 -66.27 -112.10
CA UNK F 207 52.76 -65.37 -111.18
C UNK F 207 53.78 -64.49 -110.50
N UNK F 208 54.89 -65.07 -110.07
CA UNK F 208 55.88 -64.25 -109.36
C UNK F 208 56.53 -63.25 -110.30
N UNK F 209 56.86 -63.69 -111.49
CA UNK F 209 57.51 -62.79 -112.41
C UNK F 209 56.53 -61.78 -112.99
N UNK F 210 55.23 -62.03 -112.98
CA UNK F 210 54.31 -61.00 -113.45
C UNK F 210 54.16 -59.93 -112.42
N UNK F 211 53.91 -60.33 -111.19
CA UNK F 211 53.79 -59.34 -110.14
C UNK F 211 55.10 -58.62 -109.88
N UNK F 212 56.21 -59.21 -110.26
CA UNK F 212 57.41 -58.42 -110.37
C UNK F 212 57.31 -57.43 -111.50
N UNK F 213 57.24 -57.93 -112.70
CA UNK F 213 57.55 -57.09 -113.85
C UNK F 213 56.46 -56.11 -114.19
N UNK F 214 55.34 -56.11 -113.52
CA UNK F 214 54.39 -55.05 -113.81
C UNK F 214 54.66 -53.87 -112.89
N UNK F 215 54.35 -54.04 -111.61
CA UNK F 215 54.60 -53.06 -110.55
C UNK F 215 54.14 -51.66 -110.92
N UNK F 216 52.90 -51.54 -111.41
CA UNK F 216 52.28 -50.24 -111.64
C UNK F 216 50.77 -50.44 -111.60
N UNK F 217 50.15 -50.17 -110.45
CA UNK F 217 48.85 -50.76 -110.11
C UNK F 217 47.71 -49.77 -110.31
N UNK F 218 46.90 -50.04 -111.33
CA UNK F 218 45.61 -49.40 -111.55
C UNK F 218 44.65 -50.46 -112.05
N UNK F 219 43.37 -50.09 -112.17
CA UNK F 219 42.27 -51.05 -112.20
C UNK F 219 41.61 -51.21 -113.56
N UNK F 220 41.05 -50.14 -114.15
CA UNK F 220 40.83 -49.91 -115.58
C UNK F 220 40.47 -51.12 -116.47
N UNK F 221 39.32 -51.77 -116.20
CA UNK F 221 39.16 -53.22 -116.30
C UNK F 221 39.51 -53.81 -117.66
N UNK F 222 38.76 -53.48 -118.70
CA UNK F 222 39.04 -54.09 -119.99
C UNK F 222 40.35 -53.55 -120.55
N UNK F 223 40.64 -52.30 -120.25
CA UNK F 223 41.91 -51.74 -120.66
C UNK F 223 43.03 -52.36 -119.87
N UNK F 224 42.75 -52.74 -118.63
CA UNK F 224 43.73 -53.51 -117.89
C UNK F 224 44.02 -54.81 -118.60
N UNK F 225 42.98 -55.45 -119.15
CA UNK F 225 43.21 -56.70 -119.89
C UNK F 225 44.10 -56.47 -121.09
N UNK F 226 43.73 -55.52 -121.93
CA UNK F 226 44.43 -55.32 -123.19
C UNK F 226 45.84 -54.85 -122.96
N UNK F 227 46.00 -53.74 -122.30
CA UNK F 227 47.32 -53.20 -122.17
C UNK F 227 48.15 -53.94 -121.15
N UNK F 228 47.54 -54.76 -120.30
CA UNK F 228 48.38 -55.48 -119.37
C UNK F 228 49.04 -56.63 -120.07
N UNK F 229 48.33 -57.30 -120.96
CA UNK F 229 49.00 -58.30 -121.78
C UNK F 229 50.04 -57.62 -122.65
N UNK F 230 49.71 -56.44 -123.17
CA UNK F 230 50.64 -55.71 -124.02
C UNK F 230 51.90 -55.33 -123.27
N UNK F 231 51.73 -54.68 -122.14
CA UNK F 231 52.86 -54.14 -121.40
C UNK F 231 53.71 -55.23 -120.83
N UNK F 232 53.09 -56.33 -120.38
CA UNK F 232 53.90 -57.40 -119.85
C UNK F 232 54.71 -58.02 -120.95
N UNK F 233 54.13 -58.12 -122.14
CA UNK F 233 54.96 -58.56 -123.25
C UNK F 233 55.97 -57.50 -123.62
N UNK F 234 55.65 -56.25 -123.35
CA UNK F 234 56.54 -55.19 -123.77
C UNK F 234 57.76 -55.18 -122.90
N UNK F 235 57.56 -54.99 -121.63
CA UNK F 235 58.54 -54.99 -120.60
C UNK F 235 59.02 -56.27 -120.32
N UNK F 236 58.64 -57.28 -121.06
CA UNK F 236 59.43 -58.49 -121.19
C UNK F 236 60.66 -58.20 -122.04
N UNK F 237 61.34 -59.26 -122.41
CA UNK F 237 62.59 -59.10 -123.13
C UNK F 237 62.36 -58.55 -124.51
N UNK F 238 63.35 -57.81 -124.99
CA UNK F 238 63.36 -57.26 -126.33
C UNK F 238 64.80 -56.94 -126.67
N UNK F 239 64.98 -56.06 -127.63
CA UNK F 239 66.27 -55.77 -128.20
C UNK F 239 66.45 -54.29 -128.43
N UNK F 240 66.24 -53.45 -127.42
CA UNK F 240 66.08 -52.03 -127.70
C UNK F 240 67.40 -51.28 -127.90
N UNK F 241 68.14 -51.01 -126.81
CA UNK F 241 69.51 -50.47 -126.81
C UNK F 241 69.71 -49.22 -127.69
N UNK F 242 69.12 -48.10 -127.28
CA UNK F 242 69.28 -46.87 -128.05
C UNK F 242 69.01 -45.66 -127.16
N UNK F 243 69.83 -44.60 -127.29
CA UNK F 243 69.61 -43.40 -126.48
C UNK F 243 69.93 -42.10 -127.20
N UNK F 244 69.55 -41.94 -128.48
CA UNK F 244 69.68 -40.68 -129.21
C UNK F 244 68.80 -40.71 -130.46
N UNK F 245 68.15 -39.59 -130.78
CA UNK F 245 67.11 -39.60 -131.78
C UNK F 245 67.48 -38.80 -133.02
N UNK F 246 66.79 -39.14 -134.09
CA UNK F 246 66.71 -38.29 -135.26
C UNK F 246 65.70 -37.19 -135.07
N UNK F 247 64.84 -37.34 -134.06
CA UNK F 247 63.60 -36.59 -133.93
C UNK F 247 62.89 -36.56 -135.28
N UNK F 248 62.70 -37.75 -135.85
CA UNK F 248 62.27 -37.89 -137.24
C UNK F 248 60.76 -37.90 -137.37
N UNK F 249 60.12 -38.87 -136.72
CA UNK F 249 58.66 -38.94 -136.49
C UNK F 249 57.86 -39.04 -137.78
N UNK F 250 58.34 -39.89 -138.68
CA UNK F 250 57.57 -40.35 -139.82
C UNK F 250 57.53 -41.86 -139.82
N UNK F 251 57.27 -42.43 -138.65
CA UNK F 251 56.99 -43.84 -138.48
C UNK F 251 55.89 -44.00 -137.45
N UNK F 252 54.97 -44.93 -137.72
CA UNK F 252 53.81 -45.13 -136.86
C UNK F 252 53.83 -46.56 -136.35
N UNK F 253 54.56 -46.78 -135.24
CA UNK F 253 54.67 -48.08 -134.59
C UNK F 253 53.45 -48.35 -133.73
N UNK F 254 53.58 -49.28 -132.80
CA UNK F 254 52.46 -49.70 -131.97
C UNK F 254 51.94 -48.55 -131.13
N UNK F 255 50.62 -48.41 -131.12
CA UNK F 255 49.95 -47.32 -130.44
C UNK F 255 49.71 -47.60 -128.98
N UNK F 256 50.52 -48.48 -128.38
CA UNK F 256 50.44 -48.78 -126.96
C UNK F 256 50.56 -47.53 -126.13
N UNK F 257 51.66 -46.80 -126.33
CA UNK F 257 51.82 -45.54 -125.66
C UNK F 257 50.86 -44.50 -126.17
N UNK F 258 50.28 -44.68 -127.36
CA UNK F 258 49.32 -43.69 -127.84
C UNK F 258 48.02 -43.80 -127.08
N UNK F 259 47.57 -45.02 -126.81
CA UNK F 259 46.41 -45.20 -125.96
C UNK F 259 46.70 -44.80 -124.53
N UNK F 260 47.92 -45.06 -124.08
CA UNK F 260 48.35 -44.54 -122.80
C UNK F 260 48.36 -43.02 -122.81
N UNK F 261 48.72 -42.44 -123.94
CA UNK F 261 48.75 -41.00 -124.05
C UNK F 261 47.34 -40.46 -124.09
N UNK F 262 46.43 -41.23 -124.64
CA UNK F 262 45.02 -40.87 -124.57
C UNK F 262 44.56 -40.85 -123.13
N UNK F 263 44.98 -41.84 -122.35
CA UNK F 263 44.67 -41.86 -120.93
C UNK F 263 45.37 -40.73 -120.19
N UNK F 264 46.58 -40.40 -120.62
CA UNK F 264 47.35 -39.36 -119.94
C UNK F 264 46.75 -37.99 -120.22
N UNK F 265 46.37 -37.75 -121.47
CA UNK F 265 45.64 -36.56 -121.83
C UNK F 265 44.31 -36.51 -121.13
N UNK F 266 43.70 -37.67 -120.89
CA UNK F 266 42.48 -37.71 -120.11
C UNK F 266 42.73 -37.30 -118.68
N UNK F 267 43.87 -37.70 -118.15
CA UNK F 267 44.20 -37.33 -116.78
C UNK F 267 44.45 -35.84 -116.67
N UNK F 268 45.26 -35.30 -117.57
CA UNK F 268 45.60 -33.89 -117.50
C UNK F 268 44.43 -33.02 -117.91
N UNK F 269 43.57 -33.50 -118.79
CA UNK F 269 42.42 -32.71 -119.16
C UNK F 269 41.33 -32.83 -118.11
N UNK F 270 41.29 -33.92 -117.36
CA UNK F 270 40.32 -34.01 -116.27
C UNK F 270 40.79 -33.21 -115.07
N UNK F 271 42.09 -33.22 -114.82
CA UNK F 271 42.62 -32.27 -113.86
C UNK F 271 42.54 -30.86 -114.39
N UNK F 272 42.53 -30.69 -115.71
CA UNK F 272 42.43 -29.37 -116.27
C UNK F 272 41.01 -28.86 -116.19
N UNK F 273 40.06 -29.75 -116.34
CA UNK F 273 38.69 -29.39 -116.02
C UNK F 273 38.54 -29.17 -114.54
N UNK F 274 39.29 -29.92 -113.74
CA UNK F 274 39.21 -29.78 -112.30
C UNK F 274 39.77 -28.44 -111.86
N UNK F 275 40.92 -28.07 -112.40
CA UNK F 275 41.49 -26.78 -112.11
C UNK F 275 40.70 -25.66 -112.77
N UNK F 276 40.08 -25.96 -113.91
CA UNK F 276 39.21 -25.02 -114.59
C UNK F 276 38.04 -24.70 -113.70
N UNK F 277 37.40 -25.72 -113.17
CA UNK F 277 36.32 -25.51 -112.23
C UNK F 277 36.84 -24.97 -110.90
N UNK F 278 38.11 -25.19 -110.61
CA UNK F 278 38.67 -24.65 -109.38
C UNK F 278 38.79 -23.14 -109.46
N UNK F 279 39.30 -22.64 -110.59
CA UNK F 279 39.25 -21.20 -110.83
C UNK F 279 37.84 -20.73 -110.98
N UNK F 280 36.98 -21.58 -111.52
CA UNK F 280 35.57 -21.31 -111.61
C UNK F 280 34.84 -21.69 -110.34
N UNK F 281 35.53 -21.69 -109.21
CA UNK F 281 34.86 -21.52 -107.92
C UNK F 281 34.66 -20.04 -107.63
N UNK F 282 49.51 -6.28 -117.05
CA UNK F 282 49.95 -6.74 -118.36
C UNK F 282 48.82 -7.46 -119.03
N UNK F 283 49.13 -8.22 -120.07
CA UNK F 283 48.17 -9.16 -120.63
C UNK F 283 48.76 -10.54 -120.40
N UNK F 284 48.65 -10.99 -119.17
CA UNK F 284 48.83 -12.40 -118.85
C UNK F 284 47.46 -13.07 -118.82
N UNK F 285 46.73 -12.84 -119.90
CA UNK F 285 45.33 -13.16 -119.93
C UNK F 285 45.06 -14.48 -120.60
N UNK F 286 45.98 -15.45 -120.51
CA UNK F 286 45.73 -16.79 -121.03
C UNK F 286 44.85 -17.51 -120.03
N UNK F 287 43.58 -17.12 -120.04
CA UNK F 287 42.77 -17.11 -118.83
C UNK F 287 42.32 -18.50 -118.43
N UNK F 288 41.48 -19.11 -119.25
CA UNK F 288 40.83 -20.36 -118.86
C UNK F 288 41.67 -21.58 -119.18
N UNK F 289 42.94 -21.43 -119.47
CA UNK F 289 43.86 -22.54 -119.47
C UNK F 289 45.18 -22.12 -118.86
N UNK F 290 45.11 -21.26 -117.86
CA UNK F 290 46.30 -20.70 -117.23
C UNK F 290 47.02 -21.75 -116.40
N UNK F 291 47.64 -22.71 -117.06
CA UNK F 291 48.03 -23.93 -116.36
C UNK F 291 49.10 -24.64 -117.17
N UNK F 292 50.30 -24.68 -116.64
CA UNK F 292 51.26 -25.65 -117.13
C UNK F 292 51.03 -26.94 -116.36
N UNK F 293 51.89 -27.93 -116.58
CA UNK F 293 51.79 -29.17 -115.79
C UNK F 293 52.18 -28.97 -114.34
N UNK F 294 52.68 -27.79 -113.97
CA UNK F 294 52.82 -27.40 -112.59
C UNK F 294 51.57 -26.71 -112.04
N UNK F 295 50.40 -26.95 -112.64
CA UNK F 295 49.18 -26.48 -112.02
C UNK F 295 48.69 -27.41 -110.93
N UNK F 296 49.26 -28.61 -110.89
CA UNK F 296 48.91 -29.59 -109.86
C UNK F 296 49.15 -29.03 -108.47
N UNK F 297 50.32 -28.42 -108.27
CA UNK F 297 50.67 -27.79 -107.00
C UNK F 297 49.71 -26.68 -106.64
N UNK F 298 49.22 -25.95 -107.65
CA UNK F 298 48.22 -24.92 -107.41
C UNK F 298 46.96 -25.52 -106.82
N UNK F 299 46.50 -26.62 -107.45
CA UNK F 299 45.29 -27.28 -106.99
C UNK F 299 45.44 -27.76 -105.56
N UNK F 300 46.58 -28.36 -105.27
CA UNK F 300 46.80 -29.02 -103.98
C UNK F 300 46.87 -28.01 -102.85
N UNK F 301 47.69 -26.98 -103.01
CA UNK F 301 47.85 -26.01 -101.95
C UNK F 301 46.57 -25.21 -101.75
N UNK F 302 45.80 -25.01 -102.83
CA UNK F 302 44.47 -24.46 -102.67
C UNK F 302 43.61 -25.37 -101.79
N UNK F 303 43.67 -26.67 -102.07
CA UNK F 303 42.85 -27.64 -101.36
C UNK F 303 43.19 -27.69 -99.89
N UNK F 304 44.47 -27.80 -99.58
CA UNK F 304 44.85 -27.94 -98.18
C UNK F 304 44.79 -26.62 -97.45
N UNK F 305 44.89 -25.49 -98.15
CA UNK F 305 44.77 -24.22 -97.46
C UNK F 305 43.34 -23.96 -97.05
N UNK F 306 42.42 -24.20 -97.97
CA UNK F 306 41.02 -24.13 -97.62
C UNK F 306 40.66 -25.21 -96.61
N UNK F 307 41.35 -26.34 -96.68
CA UNK F 307 41.19 -27.36 -95.65
C UNK F 307 41.77 -26.91 -94.32
N UNK F 308 42.78 -26.04 -94.36
CA UNK F 308 43.44 -25.62 -93.13
C UNK F 308 42.55 -24.70 -92.35
N UNK F 309 42.02 -23.67 -93.02
CA UNK F 309 40.95 -22.92 -92.40
C UNK F 309 39.69 -23.75 -92.18
N UNK F 310 39.51 -24.84 -92.94
CA UNK F 310 38.33 -25.65 -92.73
C UNK F 310 38.44 -26.51 -91.50
N UNK F 311 39.63 -27.00 -91.22
CA UNK F 311 39.85 -27.72 -89.98
C UNK F 311 39.91 -26.76 -88.83
N UNK F 312 40.28 -25.50 -89.11
CA UNK F 312 40.16 -24.46 -88.09
C UNK F 312 38.71 -24.26 -87.71
N UNK F 313 37.84 -24.21 -88.71
CA UNK F 313 36.41 -24.22 -88.47
C UNK F 313 35.99 -25.46 -87.70
N UNK F 314 36.53 -26.62 -88.08
CA UNK F 314 36.19 -27.87 -87.41
C UNK F 314 36.60 -27.84 -85.95
N UNK F 315 37.77 -27.29 -85.67
CA UNK F 315 38.31 -27.29 -84.31
C UNK F 315 37.60 -26.29 -83.43
N UNK F 316 37.30 -25.11 -83.97
CA UNK F 316 36.63 -24.10 -83.18
C UNK F 316 35.19 -24.49 -82.90
N UNK F 317 34.47 -24.89 -83.95
CA UNK F 317 33.12 -25.40 -83.78
C UNK F 317 33.07 -26.76 -83.10
N UNK F 318 34.20 -27.43 -82.87
CA UNK F 318 34.19 -28.75 -82.26
C UNK F 318 33.75 -28.70 -80.81
N UNK F 319 34.52 -28.06 -79.94
CA UNK F 319 34.29 -28.19 -78.51
C UNK F 319 34.74 -26.92 -77.80
N UNK F 320 34.85 -26.99 -76.47
CA UNK F 320 34.73 -25.86 -75.56
C UNK F 320 36.01 -25.02 -75.49
N UNK F 321 36.10 -24.23 -74.41
CA UNK F 321 36.79 -22.94 -74.32
C UNK F 321 38.25 -23.00 -74.72
N UNK F 322 38.57 -22.40 -75.86
CA UNK F 322 39.90 -22.24 -76.42
C UNK F 322 39.83 -21.34 -77.63
N UNK F 323 40.83 -20.48 -77.77
CA UNK F 323 41.13 -19.87 -79.06
C UNK F 323 42.63 -19.82 -79.31
N UNK F 324 43.44 -20.33 -78.38
CA UNK F 324 44.86 -20.55 -78.66
C UNK F 324 45.05 -21.66 -79.67
N UNK F 325 44.11 -22.60 -79.71
CA UNK F 325 44.06 -23.56 -80.81
C UNK F 325 43.83 -22.85 -82.14
N UNK F 326 42.93 -21.87 -82.16
CA UNK F 326 42.69 -21.14 -83.40
C UNK F 326 43.86 -20.25 -83.76
N UNK F 327 44.57 -19.73 -82.77
CA UNK F 327 45.78 -18.97 -83.06
C UNK F 327 46.84 -19.88 -83.65
N UNK F 328 46.89 -21.13 -83.19
CA UNK F 328 47.75 -22.10 -83.85
C UNK F 328 47.29 -22.36 -85.27
N UNK F 329 45.99 -22.31 -85.50
CA UNK F 329 45.51 -22.40 -86.87
C UNK F 329 45.86 -21.16 -87.67
N UNK F 330 46.10 -20.03 -86.99
CA UNK F 330 46.57 -18.85 -87.69
C UNK F 330 48.01 -19.00 -88.16
N UNK F 331 48.72 -20.04 -87.70
CA UNK F 331 49.96 -20.48 -88.30
C UNK F 331 49.79 -21.66 -89.25
N UNK F 332 48.78 -22.50 -88.98
CA UNK F 332 48.44 -23.59 -89.89
C UNK F 332 48.04 -23.05 -91.26
N UNK F 333 47.33 -21.93 -91.27
CA UNK F 333 47.11 -21.22 -92.51
C UNK F 333 48.42 -20.65 -93.04
N UNK F 334 49.27 -20.14 -92.14
CA UNK F 334 50.42 -19.34 -92.53
C UNK F 334 51.47 -20.17 -93.26
N UNK F 335 51.44 -21.47 -93.08
CA UNK F 335 52.34 -22.36 -93.81
C UNK F 335 52.10 -22.37 -95.31
N UNK F 336 50.99 -21.80 -95.81
CA UNK F 336 50.59 -21.87 -97.21
C UNK F 336 51.28 -20.83 -98.09
N UNK F 337 51.95 -19.86 -97.49
CA UNK F 337 52.63 -18.81 -98.25
C UNK F 337 53.85 -19.31 -99.01
N UNK F 338 54.29 -20.54 -98.75
CA UNK F 338 55.63 -20.96 -99.12
C UNK F 338 55.76 -21.26 -100.60
N UNK F 339 54.93 -22.16 -101.11
CA UNK F 339 55.18 -22.74 -102.41
C UNK F 339 54.60 -21.93 -103.53
N UNK F 340 54.52 -20.60 -103.41
CA UNK F 340 54.04 -19.79 -104.51
C UNK F 340 55.15 -19.36 -105.46
N UNK F 341 56.42 -19.56 -105.11
CA UNK F 341 57.49 -19.21 -106.04
C UNK F 341 57.76 -20.34 -107.01
N UNK F 342 58.23 -21.48 -106.49
CA UNK F 342 57.98 -22.85 -106.90
C UNK F 342 57.74 -23.08 -108.39
N UNK F 343 58.64 -22.55 -109.22
CA UNK F 343 58.54 -22.60 -110.67
C UNK F 343 57.22 -22.03 -111.17
N UNK F 344 56.77 -20.95 -110.52
CA UNK F 344 55.51 -20.30 -110.89
C UNK F 344 55.72 -19.31 -112.04
N UNK F 345 56.05 -19.87 -113.19
CA UNK F 345 56.74 -19.12 -114.21
C UNK F 345 55.84 -18.14 -114.94
N UNK F 346 54.52 -18.32 -114.88
CA UNK F 346 53.65 -17.41 -115.58
C UNK F 346 53.49 -16.13 -114.80
N UNK F 347 53.03 -15.10 -115.49
CA UNK F 347 52.47 -13.93 -114.83
C UNK F 347 50.99 -14.11 -114.61
N UNK F 348 50.44 -15.26 -115.02
CA UNK F 348 49.03 -15.60 -114.88
C UNK F 348 48.77 -16.62 -113.79
N UNK F 349 49.70 -17.55 -113.59
CA UNK F 349 49.47 -18.67 -112.71
C UNK F 349 49.28 -18.22 -111.27
N UNK F 350 50.31 -17.60 -110.71
CA UNK F 350 50.26 -17.18 -109.31
C UNK F 350 49.16 -16.17 -109.09
N UNK F 351 49.04 -15.21 -110.00
CA UNK F 351 48.10 -14.11 -109.84
C UNK F 351 46.66 -14.62 -109.87
N UNK F 352 46.27 -15.24 -110.98
CA UNK F 352 44.91 -15.71 -111.14
C UNK F 352 44.57 -16.80 -110.15
N UNK F 353 45.54 -17.66 -109.81
CA UNK F 353 45.25 -18.77 -108.91
C UNK F 353 44.99 -18.28 -107.51
N UNK F 354 45.83 -17.37 -107.03
CA UNK F 354 45.61 -16.78 -105.72
C UNK F 354 44.29 -16.05 -105.68
N UNK F 355 43.98 -15.32 -106.76
CA UNK F 355 42.71 -14.63 -106.87
C UNK F 355 41.55 -15.61 -106.78
N UNK F 356 41.71 -16.78 -107.38
CA UNK F 356 40.62 -17.75 -107.43
C UNK F 356 40.36 -18.36 -106.06
N UNK F 357 41.41 -18.79 -105.38
CA UNK F 357 41.19 -19.48 -104.10
C UNK F 357 40.77 -18.50 -103.01
N UNK F 358 41.38 -17.31 -102.99
CA UNK F 358 40.97 -16.29 -102.05
C UNK F 358 39.55 -15.83 -102.34
N UNK F 359 39.22 -15.68 -103.62
CA UNK F 359 37.87 -15.35 -104.08
C UNK F 359 36.88 -16.40 -103.69
N UNK F 360 37.33 -17.64 -103.60
CA UNK F 360 36.46 -18.71 -103.18
C UNK F 360 36.11 -18.58 -101.72
N UNK F 361 37.11 -18.65 -100.86
CA UNK F 361 36.71 -18.67 -99.46
C UNK F 361 36.60 -17.26 -98.91
N UNK F 362 37.72 -16.55 -98.86
CA UNK F 362 37.87 -15.38 -97.99
C UNK F 362 37.04 -14.22 -98.47
N UNK F 363 36.88 -14.07 -99.78
CA UNK F 363 35.93 -13.10 -100.31
C UNK F 363 34.52 -13.50 -99.94
N UNK F 364 34.17 -14.75 -100.14
CA UNK F 364 32.86 -15.22 -99.80
C UNK F 364 32.74 -15.59 -98.33
N UNK F 365 33.82 -15.47 -97.56
CA UNK F 365 33.72 -15.77 -96.15
C UNK F 365 32.97 -14.72 -95.37
N UNK F 366 32.50 -13.66 -96.00
CA UNK F 366 31.46 -12.83 -95.45
C UNK F 366 30.10 -13.48 -95.70
N UNK F 367 29.06 -12.72 -95.45
CA UNK F 367 27.74 -12.82 -96.06
C UNK F 367 26.87 -13.99 -95.58
N UNK F 368 27.41 -14.97 -94.86
CA UNK F 368 26.58 -16.13 -94.54
C UNK F 368 25.66 -15.86 -93.36
N UNK F 369 26.24 -15.62 -92.19
CA UNK F 369 25.42 -15.21 -91.06
C UNK F 369 24.89 -13.82 -91.26
N UNK F 370 25.47 -13.06 -92.18
CA UNK F 370 24.80 -11.88 -92.66
C UNK F 370 23.51 -12.23 -93.37
N UNK F 371 23.47 -13.31 -94.13
CA UNK F 371 22.22 -13.63 -94.79
C UNK F 371 21.23 -14.14 -93.78
N UNK F 372 21.71 -14.84 -92.77
CA UNK F 372 20.84 -15.20 -91.66
C UNK F 372 20.37 -13.95 -90.92
N UNK F 373 21.21 -12.93 -90.87
CA UNK F 373 20.81 -11.68 -90.26
C UNK F 373 19.83 -10.95 -91.15
N UNK F 374 19.97 -11.13 -92.45
CA UNK F 374 19.01 -10.58 -93.38
C UNK F 374 17.67 -11.26 -93.18
N UNK F 375 17.70 -12.52 -92.80
CA UNK F 375 16.49 -13.18 -92.38
C UNK F 375 16.11 -12.60 -91.04
N UNK F 376 15.36 -11.51 -91.10
CA UNK F 376 14.89 -10.82 -89.91
C UNK F 376 13.74 -11.61 -89.31
N UNK F 377 14.09 -12.74 -88.68
CA UNK F 377 13.04 -13.67 -88.37
C UNK F 377 12.22 -13.22 -87.18
N UNK F 378 12.79 -13.26 -85.99
CA UNK F 378 12.00 -12.87 -84.85
C UNK F 378 12.94 -12.41 -83.77
N UNK F 379 12.34 -11.68 -82.83
CA UNK F 379 13.09 -11.13 -81.71
C UNK F 379 13.78 -12.23 -80.93
N UNK F 380 13.00 -13.20 -80.44
CA UNK F 380 13.60 -14.29 -79.71
C UNK F 380 14.43 -15.15 -80.62
N UNK F 381 14.14 -15.16 -81.91
CA UNK F 381 14.92 -15.98 -82.83
C UNK F 381 16.32 -15.45 -82.98
N UNK F 382 16.44 -14.18 -83.28
CA UNK F 382 17.75 -13.56 -83.37
C UNK F 382 18.38 -13.49 -82.00
N UNK F 383 17.57 -13.48 -80.95
CA UNK F 383 18.10 -13.60 -79.62
C UNK F 383 18.69 -14.97 -79.42
N UNK F 384 18.13 -15.96 -80.08
CA UNK F 384 18.70 -17.28 -79.97
C UNK F 384 19.96 -17.39 -80.79
N UNK F 385 20.01 -16.72 -81.91
CA UNK F 385 21.23 -16.81 -82.72
C UNK F 385 22.36 -16.02 -82.10
N UNK F 386 22.03 -14.89 -81.50
CA UNK F 386 23.00 -14.15 -80.72
C UNK F 386 23.47 -14.95 -79.54
N UNK F 387 22.54 -15.63 -78.88
CA UNK F 387 22.87 -16.60 -77.85
C UNK F 387 23.73 -17.71 -78.42
N UNK F 388 23.53 -18.06 -79.67
CA UNK F 388 24.29 -19.16 -80.26
C UNK F 388 25.71 -18.74 -80.54
N UNK F 389 25.89 -17.60 -81.19
CA UNK F 389 27.23 -17.14 -81.48
C UNK F 389 27.95 -16.79 -80.20
N UNK F 390 27.22 -16.27 -79.23
CA UNK F 390 27.79 -16.02 -77.93
C UNK F 390 28.07 -17.30 -77.18
N UNK F 391 27.39 -18.39 -77.51
CA UNK F 391 27.76 -19.67 -76.96
C UNK F 391 29.08 -20.12 -77.56
N UNK F 392 29.23 -19.92 -78.85
CA UNK F 392 30.48 -20.23 -79.51
C UNK F 392 31.50 -19.11 -79.40
N UNK F 393 31.29 -18.16 -78.50
CA UNK F 393 32.20 -17.01 -78.36
C UNK F 393 33.48 -17.46 -77.66
N UNK F 394 34.33 -18.14 -78.42
CA UNK F 394 35.68 -18.40 -77.92
C UNK F 394 36.49 -17.13 -77.93
N UNK F 395 36.41 -16.35 -79.00
CA UNK F 395 37.01 -15.04 -79.07
C UNK F 395 35.98 -14.02 -78.64
N UNK F 396 36.32 -13.24 -77.63
CA UNK F 396 35.46 -12.16 -77.18
C UNK F 396 35.61 -10.91 -78.01
N UNK F 397 36.67 -10.81 -78.78
CA UNK F 397 37.03 -9.57 -79.44
C UNK F 397 37.13 -9.68 -80.94
N UNK F 398 37.64 -10.80 -81.45
CA UNK F 398 37.48 -11.06 -82.87
C UNK F 398 36.01 -11.25 -83.22
N UNK F 399 35.20 -11.65 -82.24
CA UNK F 399 33.76 -11.55 -82.37
C UNK F 399 33.32 -10.12 -82.56
N UNK F 400 33.87 -9.22 -81.76
CA UNK F 400 33.55 -7.81 -81.92
C UNK F 400 34.05 -7.25 -83.23
N UNK F 401 35.04 -7.90 -83.83
CA UNK F 401 35.43 -7.64 -85.22
C UNK F 401 34.44 -8.25 -86.20
N UNK F 402 33.95 -9.44 -85.88
CA UNK F 402 33.02 -10.11 -86.75
C UNK F 402 31.72 -9.34 -86.87
N UNK F 403 31.35 -8.64 -85.80
CA UNK F 403 30.23 -7.73 -85.86
C UNK F 403 30.47 -6.63 -86.87
N UNK F 404 31.71 -6.19 -86.99
CA UNK F 404 31.97 -5.22 -88.04
C UNK F 404 31.94 -5.87 -89.40
N UNK F 405 32.33 -7.15 -89.46
CA UNK F 405 32.27 -7.85 -90.74
C UNK F 405 30.83 -7.98 -91.21
N UNK F 406 29.93 -8.10 -90.27
CA UNK F 406 28.52 -7.94 -90.57
C UNK F 406 28.25 -6.52 -91.01
N UNK F 407 28.76 -5.54 -90.26
CA UNK F 407 28.41 -4.15 -90.46
C UNK F 407 28.86 -3.61 -91.80
N UNK F 408 29.72 -4.36 -92.47
CA UNK F 408 29.96 -4.26 -93.89
C UNK F 408 28.70 -4.33 -94.74
N UNK F 409 27.63 -4.97 -94.28
CA UNK F 409 26.44 -5.09 -95.11
C UNK F 409 25.75 -3.74 -95.30
N UNK F 410 25.67 -2.94 -94.25
CA UNK F 410 25.00 -1.64 -94.32
C UNK F 410 25.99 -0.58 -94.80
N UNK F 411 25.61 0.68 -94.64
CA UNK F 411 26.47 1.84 -94.89
C UNK F 411 25.87 3.06 -94.19
N UNK F 412 26.54 4.21 -94.35
CA UNK F 412 25.98 5.55 -94.30
C UNK F 412 25.57 6.10 -92.93
N UNK F 413 25.60 5.30 -91.88
CA UNK F 413 25.48 5.83 -90.52
C UNK F 413 26.32 5.01 -89.57
N UNK F 414 27.41 4.48 -90.07
CA UNK F 414 27.74 3.10 -89.78
C UNK F 414 28.21 2.82 -88.37
N UNK F 415 28.15 3.75 -87.43
CA UNK F 415 28.45 3.37 -86.05
C UNK F 415 27.56 4.06 -85.05
N UNK F 416 26.45 4.66 -85.53
CA UNK F 416 25.75 5.76 -84.92
C UNK F 416 25.39 5.51 -83.47
N UNK F 417 24.53 4.53 -83.23
CA UNK F 417 24.38 4.04 -81.87
C UNK F 417 25.20 2.79 -81.62
N UNK F 418 26.02 2.39 -82.59
CA UNK F 418 26.85 1.20 -82.39
C UNK F 418 27.92 1.46 -81.37
N UNK F 419 28.29 2.72 -81.20
CA UNK F 419 29.03 3.09 -80.02
C UNK F 419 28.16 3.15 -78.79
N UNK F 420 26.89 3.54 -78.95
CA UNK F 420 26.03 3.80 -77.81
C UNK F 420 25.77 2.52 -77.04
N UNK F 421 25.63 1.44 -77.76
CA UNK F 421 25.43 0.14 -77.13
C UNK F 421 26.67 -0.30 -76.40
N UNK F 422 27.79 -0.36 -77.14
CA UNK F 422 29.05 -0.87 -76.64
C UNK F 422 29.48 -0.15 -75.37
N UNK F 423 29.22 1.15 -75.28
CA UNK F 423 29.47 1.87 -74.04
C UNK F 423 28.35 1.64 -73.02
N UNK F 424 27.09 1.79 -73.45
CA UNK F 424 25.90 1.81 -72.62
C UNK F 424 25.70 0.53 -71.85
N UNK F 425 26.37 -0.52 -72.27
CA UNK F 425 26.44 -1.78 -71.55
C UNK F 425 26.83 -1.59 -70.09
N UNK F 426 27.72 -0.67 -69.77
CA UNK F 426 28.25 -0.56 -68.41
C UNK F 426 27.21 0.04 -67.48
N UNK F 427 26.81 -0.74 -66.47
CA UNK F 427 25.70 -0.48 -65.57
C UNK F 427 25.80 -1.44 -64.38
N UNK F 428 24.71 -1.72 -63.67
CA UNK F 428 24.71 -2.80 -62.67
C UNK F 428 24.79 -4.18 -63.33
N UNK F 429 25.05 -5.20 -62.51
CA UNK F 429 25.75 -6.40 -62.94
C UNK F 429 24.82 -7.60 -63.15
N UNK F 430 24.58 -7.95 -64.40
CA UNK F 430 24.22 -9.30 -64.80
C UNK F 430 25.50 -10.02 -65.23
N UNK F 431 25.38 -11.16 -65.90
CA UNK F 431 26.55 -11.90 -66.34
C UNK F 431 27.31 -11.15 -67.42
N UNK F 432 28.60 -11.46 -67.54
CA UNK F 432 29.33 -11.01 -68.74
C UNK F 432 28.89 -11.80 -69.94
N UNK F 433 28.33 -12.98 -69.71
CA UNK F 433 27.50 -13.60 -70.72
C UNK F 433 26.36 -12.68 -71.13
N UNK F 434 25.71 -12.03 -70.15
CA UNK F 434 24.60 -11.16 -70.49
C UNK F 434 25.10 -9.90 -71.16
N UNK F 435 26.31 -9.48 -70.83
CA UNK F 435 26.94 -8.40 -71.54
C UNK F 435 27.17 -8.77 -72.99
N UNK F 436 27.73 -9.95 -73.22
CA UNK F 436 27.99 -10.44 -74.56
C UNK F 436 26.71 -10.53 -75.36
N UNK F 437 25.70 -11.13 -74.75
CA UNK F 437 24.45 -11.38 -75.45
C UNK F 437 23.71 -10.08 -75.69
N UNK F 438 23.60 -9.26 -74.66
CA UNK F 438 22.92 -7.99 -74.80
C UNK F 438 23.69 -7.07 -75.73
N UNK F 439 24.99 -7.29 -75.84
CA UNK F 439 25.79 -6.53 -76.77
C UNK F 439 25.45 -6.88 -78.20
N UNK F 440 25.49 -8.18 -78.50
CA UNK F 440 25.25 -8.58 -79.87
C UNK F 440 23.81 -8.35 -80.24
N UNK F 441 22.92 -8.54 -79.28
CA UNK F 441 21.51 -8.35 -79.50
C UNK F 441 21.13 -6.88 -79.46
N UNK F 442 22.04 -6.02 -79.07
CA UNK F 442 21.88 -4.67 -79.49
C UNK F 442 22.14 -4.57 -80.97
N UNK F 443 23.11 -5.32 -81.46
CA UNK F 443 23.72 -4.92 -82.71
C UNK F 443 22.89 -5.28 -83.92
N UNK F 444 22.31 -6.45 -83.97
CA UNK F 444 21.49 -6.71 -85.14
C UNK F 444 20.15 -6.03 -85.00
N UNK F 445 19.71 -5.84 -83.77
CA UNK F 445 18.58 -4.98 -83.51
C UNK F 445 18.84 -3.58 -84.02
N UNK F 446 20.07 -3.14 -83.88
CA UNK F 446 20.48 -1.93 -84.52
C UNK F 446 20.46 -2.08 -86.03
N UNK F 447 20.78 -3.26 -86.53
CA UNK F 447 20.96 -3.43 -87.96
C UNK F 447 19.65 -3.66 -88.69
N UNK F 448 18.55 -3.14 -88.16
CA UNK F 448 17.30 -3.09 -88.88
C UNK F 448 17.46 -2.34 -90.19
N UNK F 449 16.72 -2.77 -91.18
CA UNK F 449 16.72 -2.11 -92.47
C UNK F 449 15.86 -0.85 -92.37
N UNK F 450 15.43 -0.34 -93.51
CA UNK F 450 14.42 0.69 -93.52
C UNK F 450 13.15 0.15 -92.91
N UNK F 451 19.39 -26.37 -89.10
CA UNK F 451 19.57 -24.98 -89.45
C UNK F 451 20.49 -24.25 -88.46
N UNK F 452 20.56 -24.76 -87.23
CA UNK F 452 21.62 -24.29 -86.35
C UNK F 452 22.95 -24.91 -86.73
N UNK F 453 22.93 -26.06 -87.41
CA UNK F 453 24.14 -26.53 -88.07
C UNK F 453 24.57 -25.58 -89.17
N UNK F 454 23.61 -25.02 -89.90
CA UNK F 454 23.94 -23.93 -90.81
C UNK F 454 24.40 -22.70 -90.05
N UNK F 455 23.87 -22.46 -88.86
CA UNK F 455 24.31 -21.31 -88.10
C UNK F 455 25.74 -21.48 -87.64
N UNK F 456 26.10 -22.68 -87.23
CA UNK F 456 27.49 -22.96 -86.91
C UNK F 456 28.35 -22.93 -88.16
N UNK F 457 27.78 -23.27 -89.30
CA UNK F 457 28.52 -23.19 -90.56
C UNK F 457 28.78 -21.74 -90.94
N UNK F 458 27.82 -20.88 -90.70
CA UNK F 458 27.97 -19.47 -91.01
C UNK F 458 28.88 -18.80 -90.01
N UNK F 459 28.80 -19.26 -88.76
CA UNK F 459 29.80 -18.89 -87.77
C UNK F 459 31.18 -19.24 -88.28
N UNK F 460 31.34 -20.44 -88.82
CA UNK F 460 32.62 -20.85 -89.37
C UNK F 460 33.03 -20.00 -90.55
N UNK F 461 32.05 -19.59 -91.36
CA UNK F 461 32.35 -18.79 -92.54
C UNK F 461 32.86 -17.41 -92.15
N UNK F 462 32.13 -16.71 -91.29
CA UNK F 462 32.59 -15.39 -90.86
C UNK F 462 33.82 -15.50 -89.99
N UNK F 463 33.97 -16.62 -89.29
CA UNK F 463 35.22 -16.90 -88.62
C UNK F 463 36.33 -17.10 -89.61
N UNK F 464 36.04 -17.60 -90.80
CA UNK F 464 37.09 -17.74 -91.78
C UNK F 464 37.33 -16.44 -92.52
N UNK F 465 36.39 -15.51 -92.48
CA UNK F 465 36.69 -14.15 -92.91
C UNK F 465 37.68 -13.50 -91.98
N UNK F 466 37.51 -13.76 -90.68
CA UNK F 466 38.58 -13.39 -89.76
C UNK F 466 39.85 -14.15 -90.09
N UNK F 467 39.83 -15.48 -89.93
CA UNK F 467 41.01 -16.32 -89.96
C UNK F 467 41.59 -16.51 -91.35
N UNK F 468 41.05 -15.86 -92.37
CA UNK F 468 41.56 -15.99 -93.73
C UNK F 468 41.99 -14.67 -94.33
N UNK F 469 41.39 -13.56 -93.92
CA UNK F 469 41.80 -12.26 -94.42
C UNK F 469 42.98 -11.68 -93.68
N UNK F 470 43.69 -12.51 -92.91
CA UNK F 470 44.89 -12.11 -92.20
C UNK F 470 46.09 -12.07 -93.16
N UNK G 1 128.31 -41.17 -98.07
CA UNK G 1 127.53 -40.84 -99.25
C UNK G 1 126.11 -40.70 -98.84
N UNK G 2 125.44 -41.86 -98.79
CA UNK G 2 124.19 -41.95 -98.06
C UNK G 2 124.38 -41.50 -96.64
N UNK G 3 125.42 -42.02 -95.98
CA UNK G 3 125.76 -41.61 -94.62
C UNK G 3 126.13 -40.14 -94.55
N UNK G 4 126.69 -39.60 -95.62
CA UNK G 4 127.13 -38.21 -95.62
C UNK G 4 125.95 -37.25 -95.60
N UNK G 5 125.12 -37.33 -96.64
CA UNK G 5 123.89 -36.53 -96.68
C UNK G 5 123.04 -36.84 -95.47
N UNK G 6 123.08 -38.07 -95.01
CA UNK G 6 122.43 -38.45 -93.78
C UNK G 6 122.99 -37.68 -92.60
N UNK G 7 124.31 -37.53 -92.54
CA UNK G 7 124.94 -37.00 -91.34
C UNK G 7 124.63 -35.52 -91.21
N UNK G 8 124.67 -34.84 -92.35
CA UNK G 8 124.27 -33.45 -92.36
C UNK G 8 122.80 -33.31 -92.03
N UNK G 9 122.00 -34.23 -92.56
CA UNK G 9 120.57 -34.20 -92.30
C UNK G 9 120.30 -34.36 -90.82
N UNK G 10 120.94 -35.35 -90.23
CA UNK G 10 120.73 -35.67 -88.83
C UNK G 10 121.33 -34.62 -87.94
N UNK G 11 122.35 -33.94 -88.40
CA UNK G 11 122.81 -32.78 -87.67
C UNK G 11 121.77 -31.66 -87.75
N UNK G 12 120.97 -31.63 -88.80
CA UNK G 12 119.97 -30.58 -88.79
C UNK G 12 118.61 -31.00 -88.26
N UNK G 13 117.85 -31.75 -89.06
CA UNK G 13 116.51 -32.27 -88.82
C UNK G 13 116.07 -33.05 -90.07
N UNK G 14 114.84 -33.57 -90.01
CA UNK G 14 114.07 -34.07 -91.14
C UNK G 14 112.66 -34.14 -90.60
N UNK G 15 111.67 -33.74 -91.39
CA UNK G 15 110.45 -33.34 -90.70
C UNK G 15 109.22 -33.50 -91.57
N UNK G 16 108.26 -32.65 -91.25
CA UNK G 16 106.89 -32.43 -91.66
C UNK G 16 105.93 -33.38 -90.97
N UNK G 17 106.38 -34.52 -90.43
CA UNK G 17 105.64 -35.23 -89.40
C UNK G 17 106.58 -36.05 -88.53
N UNK G 18 107.68 -36.43 -89.14
CA UNK G 18 108.46 -37.55 -88.63
C UNK G 18 109.21 -37.18 -87.37
N UNK G 19 109.31 -35.90 -87.08
CA UNK G 19 109.67 -35.46 -85.75
C UNK G 19 108.74 -36.02 -84.70
N UNK G 20 107.43 -35.85 -84.91
CA UNK G 20 106.48 -36.38 -83.95
C UNK G 20 106.50 -37.89 -83.92
N UNK G 21 106.66 -38.53 -85.08
CA UNK G 21 106.72 -39.99 -85.11
C UNK G 21 107.92 -40.52 -84.34
N UNK G 22 109.08 -39.91 -84.52
CA UNK G 22 110.25 -40.37 -83.80
C UNK G 22 110.17 -40.05 -82.32
N UNK G 23 109.50 -38.94 -81.98
CA UNK G 23 109.22 -38.68 -80.58
C UNK G 23 108.34 -39.75 -79.96
N UNK G 24 107.48 -40.35 -80.78
CA UNK G 24 106.73 -41.49 -80.25
C UNK G 24 107.61 -42.71 -80.06
N UNK G 25 108.61 -42.88 -80.94
CA UNK G 25 109.49 -44.02 -80.75
C UNK G 25 110.29 -43.87 -79.47
N UNK G 26 110.64 -42.64 -79.16
CA UNK G 26 111.16 -42.34 -77.84
C UNK G 26 110.14 -42.71 -76.79
N UNK G 27 108.87 -42.42 -77.03
CA UNK G 27 107.89 -42.65 -76.00
C UNK G 27 107.73 -44.14 -75.72
N UNK G 28 107.93 -44.95 -76.73
CA UNK G 28 107.79 -46.39 -76.53
C UNK G 28 109.00 -46.97 -75.84
N UNK G 29 110.20 -46.50 -76.19
CA UNK G 29 111.38 -46.98 -75.49
C UNK G 29 111.31 -46.58 -74.03
N UNK G 30 110.78 -45.38 -73.79
CA UNK G 30 110.52 -44.94 -72.43
C UNK G 30 109.53 -45.86 -71.75
N UNK G 31 108.52 -46.29 -72.50
CA UNK G 31 107.48 -47.10 -71.92
C UNK G 31 108.01 -48.47 -71.52
N UNK G 32 108.69 -49.14 -72.45
CA UNK G 32 109.18 -50.48 -72.18
C UNK G 32 110.22 -50.46 -71.09
N UNK G 33 110.99 -49.37 -71.01
CA UNK G 33 111.87 -49.21 -69.87
C UNK G 33 111.08 -49.15 -68.59
N UNK G 34 109.97 -48.44 -68.59
CA UNK G 34 109.17 -48.36 -67.37
C UNK G 34 108.56 -49.70 -67.03
N UNK G 35 108.17 -50.47 -68.04
CA UNK G 35 107.46 -51.69 -67.77
C UNK G 35 108.40 -52.76 -67.27
N UNK G 36 109.54 -52.89 -67.92
CA UNK G 36 110.52 -53.87 -67.46
C UNK G 36 111.06 -53.46 -66.12
N UNK G 37 111.14 -52.17 -65.86
CA UNK G 37 111.55 -51.71 -64.55
C UNK G 37 110.56 -52.14 -63.49
N UNK G 38 109.28 -51.89 -63.73
CA UNK G 38 108.27 -52.20 -62.74
C UNK G 38 108.15 -53.70 -62.52
N UNK G 39 108.21 -54.46 -63.60
CA UNK G 39 108.11 -55.90 -63.50
C UNK G 39 109.31 -56.47 -62.81
N UNK G 40 110.48 -55.90 -63.00
CA UNK G 40 111.61 -56.47 -62.28
C UNK G 40 111.72 -55.87 -60.90
N UNK G 41 110.66 -55.91 -60.13
CA UNK G 41 110.72 -55.42 -58.76
C UNK G 41 110.30 -56.46 -57.75
N UNK G 42 109.15 -57.09 -57.92
CA UNK G 42 108.55 -57.94 -56.91
C UNK G 42 109.22 -59.32 -56.87
N UNK G 43 108.57 -60.30 -56.23
CA UNK G 43 109.09 -61.67 -56.13
C UNK G 43 109.12 -62.33 -57.49
N UNK G 44 110.33 -62.57 -58.01
CA UNK G 44 110.57 -62.80 -59.42
C UNK G 44 110.08 -64.16 -59.87
N UNK G 45 108.77 -64.38 -59.74
CA UNK G 45 108.18 -65.70 -59.91
C UNK G 45 108.00 -65.98 -61.38
N UNK G 46 107.55 -67.19 -61.70
CA UNK G 46 107.73 -67.78 -63.01
C UNK G 46 106.99 -67.02 -64.08
N UNK G 47 106.03 -66.21 -63.71
CA UNK G 47 105.46 -65.25 -64.64
C UNK G 47 106.41 -64.14 -65.07
N UNK G 48 107.68 -64.15 -64.63
CA UNK G 48 108.64 -63.20 -65.14
C UNK G 48 108.78 -63.36 -66.63
N UNK G 49 108.79 -64.59 -67.10
CA UNK G 49 108.83 -64.83 -68.53
C UNK G 49 107.57 -64.30 -69.21
N UNK G 50 106.45 -64.93 -68.96
CA UNK G 50 105.24 -64.57 -69.66
C UNK G 50 104.54 -63.40 -69.05
N UNK G 51 105.28 -62.54 -68.37
CA UNK G 51 105.01 -61.14 -68.23
C UNK G 51 105.97 -60.31 -69.06
N UNK G 52 107.25 -60.64 -69.04
CA UNK G 52 108.24 -59.77 -69.63
C UNK G 52 108.22 -59.87 -71.13
N UNK G 53 108.14 -61.09 -71.63
CA UNK G 53 108.05 -61.27 -73.06
C UNK G 53 106.79 -60.65 -73.59
N UNK G 54 105.72 -60.67 -72.80
CA UNK G 54 104.52 -59.97 -73.17
C UNK G 54 104.77 -58.49 -73.28
N UNK G 55 105.52 -57.94 -72.34
CA UNK G 55 105.72 -56.50 -72.34
C UNK G 55 106.56 -56.07 -73.52
N UNK G 56 107.59 -56.85 -73.83
CA UNK G 56 108.36 -56.52 -75.01
C UNK G 56 107.59 -56.82 -76.26
N UNK G 57 106.61 -57.71 -76.21
CA UNK G 57 105.76 -57.91 -77.36
C UNK G 57 104.88 -56.70 -77.57
N UNK G 58 104.42 -56.10 -76.49
CA UNK G 58 103.70 -54.84 -76.62
C UNK G 58 104.61 -53.76 -77.17
N UNK G 59 105.87 -53.80 -76.76
CA UNK G 59 106.85 -52.81 -77.18
C UNK G 59 107.09 -52.88 -78.66
N UNK G 60 107.49 -54.05 -79.13
CA UNK G 60 107.69 -54.25 -80.54
C UNK G 60 106.42 -54.15 -81.35
N UNK G 61 105.26 -54.33 -80.72
CA UNK G 61 104.02 -54.06 -81.43
C UNK G 61 103.94 -52.59 -81.79
N UNK G 62 104.08 -51.72 -80.77
CA UNK G 62 104.06 -50.28 -81.04
C UNK G 62 105.20 -49.86 -81.91
N UNK G 63 106.29 -50.60 -81.85
CA UNK G 63 107.45 -50.30 -82.68
C UNK G 63 107.20 -50.65 -84.12
N UNK G 64 106.60 -51.80 -84.37
CA UNK G 64 106.31 -52.20 -85.73
C UNK G 64 105.31 -51.26 -86.35
N UNK G 65 104.38 -50.77 -85.53
CA UNK G 65 103.51 -49.68 -85.95
C UNK G 65 104.30 -48.48 -86.42
N UNK G 66 105.15 -47.93 -85.55
CA UNK G 66 105.92 -46.75 -85.87
C UNK G 66 106.83 -46.96 -87.05
N UNK G 67 107.37 -48.16 -87.19
CA UNK G 67 108.36 -48.37 -88.21
C UNK G 67 107.73 -48.57 -89.58
N UNK G 68 106.60 -49.28 -89.67
CA UNK G 68 105.96 -49.37 -90.97
C UNK G 68 105.35 -48.04 -91.36
N UNK G 69 104.84 -47.30 -90.37
CA UNK G 69 104.29 -45.99 -90.62
C UNK G 69 105.35 -45.06 -91.15
N UNK G 70 106.55 -45.10 -90.57
CA UNK G 70 107.59 -44.18 -90.99
C UNK G 70 108.26 -44.62 -92.28
N UNK G 71 108.47 -45.93 -92.48
CA UNK G 71 109.02 -46.34 -93.76
C UNK G 71 108.02 -46.22 -94.88
N UNK G 72 106.75 -45.97 -94.55
CA UNK G 72 105.90 -45.30 -95.50
C UNK G 72 106.18 -43.81 -95.54
N UNK G 73 106.32 -43.20 -94.38
CA UNK G 73 106.24 -41.76 -94.24
C UNK G 73 107.59 -41.14 -94.58
N UNK G 74 107.67 -40.58 -95.78
CA UNK G 74 108.85 -39.86 -96.29
C UNK G 74 110.06 -40.79 -96.34
N UNK G 75 109.97 -41.78 -97.21
CA UNK G 75 111.14 -42.57 -97.56
C UNK G 75 111.82 -41.96 -98.77
N UNK G 76 112.21 -40.70 -98.62
CA UNK G 76 113.27 -40.17 -99.45
C UNK G 76 114.57 -40.87 -99.10
N UNK G 77 115.55 -40.78 -100.01
CA UNK G 77 116.59 -41.80 -100.12
C UNK G 77 117.46 -41.92 -98.89
N UNK G 78 118.25 -40.90 -98.58
CA UNK G 78 119.00 -40.95 -97.34
C UNK G 78 118.13 -40.67 -96.13
N UNK G 79 116.94 -40.10 -96.37
CA UNK G 79 115.98 -39.91 -95.30
C UNK G 79 115.50 -41.23 -94.72
N UNK G 80 115.69 -42.33 -95.43
CA UNK G 80 115.71 -43.63 -94.79
C UNK G 80 116.72 -43.64 -93.66
N UNK G 81 117.99 -43.39 -93.99
CA UNK G 81 119.06 -43.54 -93.01
C UNK G 81 118.99 -42.54 -91.90
N UNK G 82 118.24 -41.47 -92.10
CA UNK G 82 118.11 -40.42 -91.09
C UNK G 82 117.53 -40.96 -89.80
N UNK G 83 116.28 -41.38 -89.83
CA UNK G 83 115.76 -42.02 -88.63
C UNK G 83 116.33 -43.41 -88.47
N UNK G 84 116.89 -44.02 -89.53
CA UNK G 84 117.49 -45.33 -89.32
C UNK G 84 118.76 -45.26 -88.51
N UNK G 85 119.31 -44.09 -88.28
CA UNK G 85 120.33 -43.93 -87.26
C UNK G 85 119.74 -43.34 -85.99
N UNK G 86 118.81 -42.41 -86.15
CA UNK G 86 118.26 -41.71 -85.00
C UNK G 86 117.54 -42.67 -84.07
N UNK G 87 116.91 -43.70 -84.65
CA UNK G 87 116.15 -44.64 -83.86
C UNK G 87 117.04 -45.48 -82.99
N UNK G 88 118.16 -45.96 -83.53
CA UNK G 88 119.04 -46.76 -82.71
C UNK G 88 119.73 -45.91 -81.67
N UNK G 89 119.93 -44.63 -81.96
CA UNK G 89 120.40 -43.73 -80.90
C UNK G 89 119.36 -43.62 -79.81
N UNK G 90 118.10 -43.42 -80.20
CA UNK G 90 116.99 -43.27 -79.27
C UNK G 90 116.80 -44.51 -78.43
N UNK G 91 117.10 -45.66 -79.01
CA UNK G 91 117.20 -46.86 -78.22
C UNK G 91 118.29 -46.68 -77.20
N UNK G 92 119.53 -46.62 -77.69
CA UNK G 92 120.68 -46.95 -76.89
C UNK G 92 120.83 -45.97 -75.74
N UNK G 93 120.92 -44.70 -76.08
CA UNK G 93 120.96 -43.71 -75.00
C UNK G 93 119.57 -43.51 -74.43
N UNK G 94 118.67 -43.03 -75.27
CA UNK G 94 117.66 -42.10 -74.82
C UNK G 94 116.64 -42.75 -73.90
N UNK G 95 116.54 -44.08 -73.93
CA UNK G 95 115.86 -44.70 -72.81
C UNK G 95 116.44 -46.01 -72.26
N UNK G 96 116.89 -46.89 -73.16
CA UNK G 96 116.36 -48.26 -73.17
C UNK G 96 116.57 -49.04 -71.89
N UNK G 97 117.68 -48.85 -71.19
CA UNK G 97 118.20 -49.92 -70.34
C UNK G 97 117.38 -50.12 -69.08
N UNK G 98 117.46 -51.33 -68.52
CA UNK G 98 116.84 -51.68 -67.24
C UNK G 98 117.44 -52.98 -66.71
N UNK G 99 118.01 -52.92 -65.50
CA UNK G 99 118.17 -54.02 -64.52
C UNK G 99 118.81 -53.46 -63.25
N UNK G 100 119.15 -54.37 -62.34
CA UNK G 100 120.18 -54.17 -61.32
C UNK G 100 121.55 -54.54 -61.84
N UNK G 101 121.71 -54.42 -63.15
CA UNK G 101 123.01 -54.42 -63.74
C UNK G 101 123.85 -53.25 -63.26
N UNK G 102 123.26 -52.24 -62.63
CA UNK G 102 124.02 -51.31 -61.82
C UNK G 102 124.83 -52.06 -60.78
N UNK G 103 124.18 -52.98 -60.07
CA UNK G 103 124.91 -53.76 -59.08
C UNK G 103 125.84 -54.74 -59.76
N UNK G 104 125.57 -55.08 -61.00
CA UNK G 104 126.65 -55.72 -61.73
C UNK G 104 127.76 -54.74 -61.99
N UNK G 105 127.40 -53.54 -62.37
CA UNK G 105 128.27 -52.68 -63.13
C UNK G 105 129.28 -51.99 -62.26
N UNK G 106 128.94 -51.79 -60.99
CA UNK G 106 129.98 -51.59 -60.01
C UNK G 106 130.72 -52.90 -59.97
N UNK G 107 131.95 -52.91 -60.45
CA UNK G 107 132.62 -54.13 -60.85
C UNK G 107 132.92 -54.99 -59.66
N UNK G 108 133.71 -54.45 -58.74
CA UNK G 108 134.37 -55.19 -57.66
C UNK G 108 134.99 -56.45 -58.25
N UNK G 109 135.86 -56.20 -59.21
CA UNK G 109 136.20 -57.17 -60.23
C UNK G 109 136.97 -58.36 -59.71
N UNK G 110 137.22 -58.45 -58.41
CA UNK G 110 137.53 -59.72 -57.80
C UNK G 110 136.50 -60.72 -58.25
N UNK G 111 136.98 -61.64 -59.08
CA UNK G 111 136.09 -62.50 -59.83
C UNK G 111 135.37 -63.45 -58.91
N UNK G 112 135.92 -63.67 -57.72
CA UNK G 112 135.16 -64.32 -56.69
C UNK G 112 133.95 -63.49 -56.30
N UNK G 113 134.10 -62.16 -56.21
CA UNK G 113 132.92 -61.39 -55.88
C UNK G 113 131.97 -61.32 -57.06
N UNK G 114 132.50 -61.39 -58.28
CA UNK G 114 131.65 -61.57 -59.45
C UNK G 114 130.89 -62.88 -59.34
N UNK G 115 131.57 -63.93 -58.89
CA UNK G 115 130.92 -65.19 -58.64
C UNK G 115 129.94 -65.10 -57.51
N UNK G 116 130.12 -64.16 -56.60
CA UNK G 116 129.11 -63.98 -55.57
C UNK G 116 127.86 -63.41 -56.17
N UNK G 117 128.03 -62.48 -57.11
CA UNK G 117 126.87 -62.00 -57.83
C UNK G 117 126.24 -63.12 -58.64
N UNK G 118 127.08 -64.00 -59.17
CA UNK G 118 126.59 -65.07 -60.01
C UNK G 118 125.80 -66.06 -59.20
N UNK G 119 126.30 -66.41 -58.03
CA UNK G 119 125.55 -67.29 -57.16
C UNK G 119 124.31 -66.61 -56.65
N UNK G 120 124.31 -65.29 -56.59
CA UNK G 120 123.11 -64.61 -56.18
C UNK G 120 122.04 -64.70 -57.24
N UNK G 121 122.39 -64.38 -58.49
CA UNK G 121 121.41 -64.45 -59.57
C UNK G 121 120.98 -65.87 -59.83
N UNK G 122 121.89 -66.82 -59.73
CA UNK G 122 121.54 -68.21 -59.96
C UNK G 122 120.87 -68.80 -58.74
N UNK G 123 119.74 -68.23 -58.33
CA UNK G 123 118.67 -68.94 -57.64
C UNK G 123 117.38 -68.12 -57.78
N UNK G 124 116.54 -68.45 -58.77
CA UNK G 124 115.09 -68.55 -58.57
C UNK G 124 114.35 -69.44 -59.56
N UNK G 125 114.87 -69.58 -60.76
CA UNK G 125 114.07 -69.94 -61.94
C UNK G 125 114.85 -70.96 -62.76
N UNK G 126 114.45 -71.20 -64.00
CA UNK G 126 115.11 -72.21 -64.79
C UNK G 126 115.78 -71.61 -66.00
N UNK G 127 116.88 -72.26 -66.41
CA UNK G 127 117.99 -71.65 -67.11
C UNK G 127 117.59 -70.93 -68.37
N UNK G 128 116.50 -71.32 -68.98
CA UNK G 128 116.02 -70.57 -70.11
C UNK G 128 115.39 -69.27 -69.68
N UNK G 129 114.59 -69.32 -68.62
CA UNK G 129 114.09 -68.08 -68.08
C UNK G 129 115.24 -67.25 -67.57
N UNK G 130 116.26 -67.91 -67.08
CA UNK G 130 117.45 -67.20 -66.66
C UNK G 130 118.14 -66.55 -67.83
N UNK G 131 118.13 -67.20 -68.98
CA UNK G 131 118.86 -66.65 -70.10
C UNK G 131 118.17 -65.44 -70.67
N UNK G 132 116.84 -65.47 -70.71
CA UNK G 132 116.16 -64.28 -71.18
C UNK G 132 116.29 -63.14 -70.19
N UNK G 133 116.29 -63.45 -68.90
CA UNK G 133 116.60 -62.41 -67.93
C UNK G 133 118.01 -61.90 -68.12
N UNK G 134 118.93 -62.74 -68.54
CA UNK G 134 120.28 -62.28 -68.78
C UNK G 134 120.32 -61.34 -69.96
N UNK G 135 119.49 -61.60 -70.95
CA UNK G 135 119.47 -60.66 -72.05
C UNK G 135 118.87 -59.35 -71.62
N UNK G 136 117.94 -59.39 -70.69
CA UNK G 136 117.48 -58.13 -70.13
C UNK G 136 118.53 -57.47 -69.26
N UNK G 137 119.48 -58.23 -68.77
CA UNK G 137 120.62 -57.60 -68.13
C UNK G 137 121.63 -57.11 -69.14
N UNK G 138 121.53 -57.54 -70.39
CA UNK G 138 122.48 -57.13 -71.40
C UNK G 138 122.17 -55.76 -71.97
N UNK G 139 121.53 -54.91 -71.19
CA UNK G 139 121.28 -53.53 -71.58
C UNK G 139 122.33 -52.63 -70.92
N UNK G 140 123.54 -52.68 -71.47
CA UNK G 140 124.58 -51.72 -71.09
C UNK G 140 125.04 -50.85 -72.25
N UNK G 141 125.56 -51.40 -73.35
CA UNK G 141 125.94 -50.46 -74.39
C UNK G 141 125.69 -50.79 -75.86
N UNK G 142 126.10 -51.96 -76.30
CA UNK G 142 126.40 -52.16 -77.70
C UNK G 142 125.15 -52.55 -78.49
N UNK G 143 125.22 -52.37 -79.80
CA UNK G 143 124.16 -52.91 -80.66
C UNK G 143 124.72 -53.81 -81.72
N UNK G 144 125.80 -53.39 -82.37
CA UNK G 144 126.49 -54.26 -83.29
C UNK G 144 127.22 -55.36 -82.55
N UNK G 145 127.80 -55.05 -81.41
CA UNK G 145 128.49 -56.02 -80.60
C UNK G 145 127.61 -56.58 -79.51
N UNK G 146 126.39 -56.09 -79.38
CA UNK G 146 125.39 -56.84 -78.66
C UNK G 146 125.31 -58.25 -79.21
N UNK G 147 125.23 -58.36 -80.53
CA UNK G 147 125.21 -59.65 -81.18
C UNK G 147 126.49 -60.41 -80.95
N UNK G 148 127.62 -59.72 -80.89
CA UNK G 148 128.87 -60.43 -80.68
C UNK G 148 128.96 -60.96 -79.27
N UNK G 149 128.41 -60.22 -78.32
CA UNK G 149 128.39 -60.69 -76.95
C UNK G 149 127.58 -61.95 -76.85
N UNK G 150 126.42 -61.95 -77.49
CA UNK G 150 125.61 -63.15 -77.43
C UNK G 150 126.25 -64.28 -78.22
N UNK G 151 127.00 -63.93 -79.26
CA UNK G 151 127.68 -64.95 -80.04
C UNK G 151 128.75 -65.61 -79.20
N UNK G 152 129.49 -64.81 -78.48
CA UNK G 152 130.54 -65.36 -77.65
C UNK G 152 129.96 -66.15 -76.50
N UNK G 153 128.85 -65.69 -75.94
CA UNK G 153 128.33 -66.38 -74.79
C UNK G 153 127.68 -67.68 -75.18
N UNK G 154 127.01 -67.70 -76.33
CA UNK G 154 126.47 -68.94 -76.83
C UNK G 154 127.59 -69.92 -77.11
N UNK G 155 128.71 -69.39 -77.60
CA UNK G 155 129.89 -70.23 -77.76
C UNK G 155 130.38 -70.74 -76.43
N UNK G 156 130.29 -69.91 -75.40
CA UNK G 156 130.78 -70.33 -74.09
C UNK G 156 129.94 -71.45 -73.57
N UNK G 157 128.63 -71.33 -73.73
CA UNK G 157 127.72 -72.34 -73.25
C UNK G 157 127.96 -73.64 -73.97
N UNK G 158 128.29 -73.52 -75.26
CA UNK G 158 128.67 -74.67 -76.04
C UNK G 158 129.92 -75.30 -75.47
N UNK G 159 130.86 -74.48 -75.02
CA UNK G 159 132.06 -75.04 -74.42
C UNK G 159 131.77 -75.63 -73.08
N UNK G 160 130.74 -75.10 -72.41
CA UNK G 160 130.44 -75.54 -71.06
C UNK G 160 129.95 -76.96 -71.09
N UNK G 161 128.95 -77.22 -71.90
CA UNK G 161 128.56 -78.61 -72.07
C UNK G 161 129.61 -79.37 -72.85
N UNK G 162 130.37 -78.67 -73.67
CA UNK G 162 131.45 -79.27 -74.43
C UNK G 162 132.75 -79.14 -73.68
N UNK G 163 132.72 -79.48 -72.41
CA UNK G 163 133.93 -79.75 -71.70
C UNK G 163 134.13 -81.25 -71.71
N UNK G 164 135.15 -81.71 -71.03
CA UNK G 164 135.12 -83.02 -70.43
C UNK G 164 135.37 -82.85 -68.94
N UNK G 165 134.99 -81.70 -68.43
CA UNK G 165 134.89 -81.45 -67.00
C UNK G 165 133.64 -82.14 -66.47
N UNK G 166 133.62 -83.45 -66.58
CA UNK G 166 132.37 -84.19 -66.57
C UNK G 166 132.00 -84.64 -65.19
N UNK G 167 131.98 -83.73 -64.26
CA UNK G 167 131.52 -84.09 -62.92
C UNK G 167 130.78 -82.99 -62.24
N UNK G 168 130.50 -81.87 -62.87
CA UNK G 168 129.78 -80.82 -62.20
C UNK G 168 128.33 -81.19 -62.07
N UNK G 169 127.65 -80.55 -61.14
CA UNK G 169 126.22 -80.61 -61.18
C UNK G 169 125.73 -79.84 -62.39
N UNK G 170 124.52 -80.16 -62.82
CA UNK G 170 123.91 -79.37 -63.87
C UNK G 170 123.74 -77.94 -63.43
N UNK G 171 123.39 -77.73 -62.18
CA UNK G 171 123.38 -76.38 -61.67
C UNK G 171 124.77 -75.85 -61.52
N UNK G 172 125.75 -76.71 -61.28
CA UNK G 172 127.11 -76.19 -61.18
C UNK G 172 127.60 -75.70 -62.53
N UNK G 173 127.38 -76.50 -63.55
CA UNK G 173 127.74 -76.09 -64.89
C UNK G 173 126.95 -74.88 -65.31
N UNK G 174 125.72 -74.78 -64.83
CA UNK G 174 124.94 -73.60 -65.10
C UNK G 174 125.55 -72.38 -64.47
N UNK G 175 126.08 -72.52 -63.27
CA UNK G 175 126.73 -71.38 -62.65
C UNK G 175 127.96 -70.99 -63.43
N UNK G 176 128.68 -71.99 -63.92
CA UNK G 176 129.87 -71.70 -64.71
C UNK G 176 129.50 -70.98 -65.99
N UNK G 177 128.43 -71.40 -66.63
CA UNK G 177 128.08 -70.80 -67.91
C UNK G 177 127.54 -69.41 -67.72
N UNK G 178 126.72 -69.20 -66.71
CA UNK G 178 126.22 -67.86 -66.48
C UNK G 178 127.34 -66.96 -66.02
N UNK G 179 128.34 -67.52 -65.35
CA UNK G 179 129.49 -66.72 -64.95
C UNK G 179 130.22 -66.19 -66.15
N UNK G 180 130.52 -67.06 -67.10
CA UNK G 180 131.24 -66.63 -68.30
C UNK G 180 130.44 -65.62 -69.07
N UNK G 181 129.13 -65.78 -69.08
CA UNK G 181 128.30 -64.85 -69.84
C UNK G 181 128.31 -63.48 -69.21
N UNK G 182 128.04 -63.41 -67.92
CA UNK G 182 128.08 -62.11 -67.28
C UNK G 182 129.50 -61.56 -67.26
N UNK G 183 130.51 -62.42 -67.31
CA UNK G 183 131.89 -61.94 -67.30
C UNK G 183 132.23 -61.23 -68.57
N UNK G 184 131.91 -61.84 -69.70
CA UNK G 184 132.27 -61.19 -70.95
C UNK G 184 131.40 -59.97 -71.18
N UNK G 185 130.22 -59.96 -70.57
CA UNK G 185 129.50 -58.71 -70.50
C UNK G 185 130.27 -57.67 -69.74
N UNK G 186 130.93 -58.07 -68.67
CA UNK G 186 131.65 -57.08 -67.89
C UNK G 186 132.88 -56.57 -68.63
N UNK G 187 133.54 -57.45 -69.37
CA UNK G 187 134.70 -57.01 -70.14
C UNK G 187 134.29 -56.08 -71.26
N UNK G 188 133.09 -56.26 -71.78
CA UNK G 188 132.56 -55.27 -72.69
C UNK G 188 132.35 -53.94 -71.99
N UNK G 189 131.88 -54.00 -70.75
CA UNK G 189 131.63 -52.76 -70.02
C UNK G 189 132.90 -51.99 -69.77
N UNK G 190 134.02 -52.70 -69.62
CA UNK G 190 135.29 -52.00 -69.49
C UNK G 190 135.78 -51.52 -70.85
N UNK G 191 136.05 -52.44 -71.76
CA UNK G 191 136.68 -52.05 -73.02
C UNK G 191 135.71 -51.43 -74.02
N UNK G 192 99.80 -102.16 -68.00
CA UNK G 192 100.17 -101.97 -69.39
C UNK G 192 99.59 -100.68 -69.92
N UNK G 193 98.29 -100.56 -69.80
CA UNK G 193 97.58 -99.44 -70.39
C UNK G 193 96.88 -98.60 -69.34
N UNK G 194 97.53 -98.38 -68.20
CA UNK G 194 97.16 -97.28 -67.34
C UNK G 194 97.95 -96.04 -67.70
N UNK G 195 97.89 -95.68 -68.97
CA UNK G 195 98.29 -94.40 -69.53
C UNK G 195 97.17 -93.42 -69.50
N UNK G 196 96.03 -93.88 -69.01
CA UNK G 196 94.92 -92.99 -68.77
C UNK G 196 95.32 -91.89 -67.81
N UNK G 197 96.22 -92.19 -66.90
CA UNK G 197 96.78 -91.14 -66.09
C UNK G 197 97.62 -90.19 -66.90
N UNK G 198 98.28 -90.68 -67.97
CA UNK G 198 99.10 -89.76 -68.74
C UNK G 198 98.24 -88.71 -69.36
N UNK G 199 97.13 -89.13 -69.92
CA UNK G 199 96.24 -88.13 -70.45
C UNK G 199 95.58 -87.33 -69.35
N UNK G 200 95.33 -87.94 -68.20
CA UNK G 200 94.63 -87.20 -67.15
C UNK G 200 95.50 -86.11 -66.59
N UNK G 201 96.74 -86.46 -66.33
CA UNK G 201 97.65 -85.51 -65.77
C UNK G 201 97.98 -84.43 -66.76
N UNK G 202 98.22 -84.83 -68.01
CA UNK G 202 98.51 -83.81 -68.99
C UNK G 202 97.32 -82.92 -69.21
N UNK G 203 96.11 -83.45 -69.03
CA UNK G 203 94.91 -82.64 -69.23
C UNK G 203 94.78 -81.61 -68.13
N UNK G 204 94.96 -82.03 -66.89
CA UNK G 204 94.90 -81.09 -65.78
C UNK G 204 95.99 -80.06 -65.90
N UNK G 205 97.16 -80.49 -66.33
CA UNK G 205 98.25 -79.57 -66.51
C UNK G 205 97.91 -78.55 -67.55
N UNK G 206 97.56 -78.98 -68.75
CA UNK G 206 97.39 -78.04 -69.83
C UNK G 206 96.21 -77.14 -69.62
N UNK G 207 95.26 -77.56 -68.82
CA UNK G 207 94.27 -76.58 -68.39
C UNK G 207 94.91 -75.54 -67.53
N UNK G 208 95.77 -75.96 -66.59
CA UNK G 208 96.37 -74.97 -65.71
C UNK G 208 97.33 -74.07 -66.46
N UNK G 209 98.14 -74.64 -67.33
CA UNK G 209 99.08 -73.84 -68.05
C UNK G 209 98.41 -73.01 -69.12
N UNK G 210 97.22 -73.37 -69.60
CA UNK G 210 96.56 -72.49 -70.55
C UNK G 210 95.98 -71.29 -69.86
N UNK G 211 95.27 -71.52 -68.78
CA UNK G 211 94.71 -70.40 -68.06
C UNK G 211 95.79 -69.55 -67.42
N UNK G 212 96.98 -70.11 -67.21
CA UNK G 212 98.11 -69.24 -66.96
C UNK G 212 98.45 -68.44 -68.20
N UNK G 213 98.89 -69.11 -69.23
CA UNK G 213 99.62 -68.43 -70.27
C UNK G 213 98.76 -67.60 -71.19
N UNK G 214 97.46 -67.59 -71.02
CA UNK G 214 96.69 -66.67 -71.84
C UNK G 214 96.55 -65.35 -71.09
N UNK G 215 95.76 -65.35 -70.03
CA UNK G 215 95.53 -64.22 -69.15
C UNK G 215 95.24 -62.92 -69.90
N UNK G 216 94.31 -62.97 -70.85
CA UNK G 216 93.82 -61.77 -71.51
C UNK G 216 92.43 -62.10 -72.05
N UNK G 217 91.39 -61.71 -71.31
CA UNK G 217 90.07 -62.33 -71.42
C UNK G 217 89.10 -61.48 -72.22
N UNK G 218 88.77 -61.96 -73.42
CA UNK G 218 87.68 -61.47 -74.23
C UNK G 218 87.01 -62.66 -74.88
N UNK G 219 85.89 -62.41 -75.57
CA UNK G 219 84.91 -63.45 -75.87
C UNK G 219 84.86 -63.87 -77.34
N UNK G 220 84.57 -62.93 -78.27
CA UNK G 220 84.95 -62.94 -79.69
C UNK G 220 84.99 -64.29 -80.44
N UNK G 221 83.85 -64.98 -80.54
CA UNK G 221 83.76 -66.44 -80.46
C UNK G 221 84.65 -67.20 -81.44
N UNK G 222 84.37 -67.08 -82.73
CA UNK G 222 85.16 -67.85 -83.68
C UNK G 222 86.57 -67.30 -83.77
N UNK G 223 86.70 -66.00 -83.58
CA UNK G 223 88.03 -65.41 -83.54
C UNK G 223 88.74 -65.80 -82.27
N UNK G 224 87.98 -66.03 -81.20
CA UNK G 224 88.59 -66.59 -80.02
C UNK G 224 89.16 -67.96 -80.33
N UNK G 225 88.45 -68.76 -81.14
CA UNK G 225 88.95 -70.08 -81.50
C UNK G 225 90.26 -69.95 -82.27
N UNK G 226 90.25 -69.17 -83.33
CA UNK G 226 91.40 -69.11 -84.22
C UNK G 226 92.60 -68.49 -83.53
N UNK G 227 92.46 -67.28 -83.06
CA UNK G 227 93.61 -66.63 -82.49
C UNK G 227 93.94 -67.15 -81.13
N UNK G 228 93.06 -67.88 -80.47
CA UNK G 228 93.47 -68.39 -79.18
C UNK G 228 94.37 -69.56 -79.35
N UNK G 229 94.08 -70.42 -80.33
CA UNK G 229 95.05 -71.46 -80.63
C UNK G 229 96.34 -70.85 -81.12
N UNK G 230 96.23 -69.78 -81.91
CA UNK G 230 97.42 -69.12 -82.43
C UNK G 230 98.26 -68.53 -81.32
N UNK G 231 97.64 -67.74 -80.46
CA UNK G 231 98.36 -67.01 -79.45
C UNK G 231 98.92 -67.92 -78.40
N UNK G 232 98.19 -68.99 -78.07
CA UNK G 232 98.73 -69.91 -77.08
C UNK G 232 99.92 -70.63 -77.66
N UNK G 233 99.88 -70.94 -78.95
CA UNK G 233 101.08 -71.46 -79.54
C UNK G 233 102.15 -70.40 -79.65
N UNK G 234 101.73 -69.15 -79.74
CA UNK G 234 102.70 -68.08 -79.95
C UNK G 234 103.46 -67.86 -78.67
N UNK G 235 102.75 -67.51 -77.65
CA UNK G 235 103.24 -67.27 -76.31
C UNK G 235 103.57 -68.45 -75.66
N UNK G 236 103.55 -69.60 -76.32
CA UNK G 236 104.35 -70.73 -75.92
C UNK G 236 105.80 -70.48 -76.23
N UNK G 237 106.59 -71.52 -76.13
CA UNK G 237 108.01 -71.37 -76.30
C UNK G 237 108.37 -71.05 -77.74
N UNK G 238 109.46 -70.32 -77.90
CA UNK G 238 110.00 -69.96 -79.20
C UNK G 238 111.46 -69.58 -78.98
N UNK G 239 111.99 -68.84 -79.92
CA UNK G 239 113.40 -68.55 -79.98
C UNK G 239 113.65 -67.09 -80.35
N UNK G 240 113.02 -66.14 -79.66
CA UNK G 240 112.97 -64.79 -80.22
C UNK G 240 114.25 -63.98 -79.99
N UNK G 241 114.47 -63.49 -78.76
CA UNK G 241 115.71 -62.84 -78.30
C UNK G 241 116.24 -61.73 -79.21
N UNK G 242 115.53 -60.62 -79.28
CA UNK G 242 115.96 -59.50 -80.11
C UNK G 242 115.34 -58.20 -79.62
N UNK G 243 116.13 -57.11 -79.58
CA UNK G 243 115.58 -55.82 -79.15
C UNK G 243 116.16 -54.62 -79.88
N UNK G 244 116.33 -54.69 -81.21
CA UNK G 244 116.72 -53.54 -82.03
C UNK G 244 116.42 -53.82 -83.50
N UNK G 245 115.95 -52.81 -84.23
CA UNK G 245 115.40 -53.05 -85.55
C UNK G 245 116.22 -52.41 -86.65
N UNK G 246 116.04 -52.96 -87.84
CA UNK G 246 116.43 -52.30 -89.07
C UNK G 246 115.41 -51.27 -89.48
N UNK G 247 114.22 -51.33 -88.89
CA UNK G 247 113.03 -50.68 -89.38
C UNK G 247 112.93 -50.90 -90.90
N UNK G 248 112.99 -52.18 -91.28
CA UNK G 248 113.18 -52.55 -92.69
C UNK G 248 111.85 -52.70 -93.40
N UNK G 249 111.00 -53.61 -92.91
CA UNK G 249 109.58 -53.76 -93.27
C UNK G 249 109.37 -54.12 -94.74
N UNK G 250 110.19 -55.04 -95.22
CA UNK G 250 109.95 -55.72 -96.48
C UNK G 250 109.94 -57.22 -96.25
N UNK G 251 109.23 -57.63 -95.20
CA UNK G 251 108.94 -59.03 -94.91
C UNK G 251 107.51 -59.12 -94.41
N UNK G 252 106.80 -60.14 -94.85
CA UNK G 252 105.39 -60.30 -94.51
C UNK G 252 105.22 -61.64 -93.80
N UNK G 253 105.43 -61.64 -92.49
CA UNK G 253 105.30 -62.82 -91.63
C UNK G 253 103.84 -63.05 -91.29
N UNK G 254 103.59 -63.83 -90.25
CA UNK G 254 102.23 -64.20 -89.87
C UNK G 254 101.39 -62.99 -89.52
N UNK G 255 100.18 -62.96 -90.06
CA UNK G 255 99.28 -61.83 -89.89
C UNK G 255 98.48 -61.92 -88.63
N UNK G 256 98.98 -62.63 -87.61
CA UNK G 256 98.34 -62.73 -86.32
C UNK G 256 98.09 -61.36 -85.72
N UNK G 257 99.17 -60.59 -85.60
CA UNK G 257 99.03 -59.23 -85.14
C UNK G 257 98.34 -58.35 -86.16
N UNK G 258 98.29 -58.75 -87.43
CA UNK G 258 97.61 -57.93 -88.40
C UNK G 258 96.10 -58.03 -88.22
N UNK G 259 95.61 -59.22 -87.94
CA UNK G 259 94.19 -59.38 -87.62
C UNK G 259 93.88 -58.75 -86.28
N UNK G 260 94.81 -58.84 -85.34
CA UNK G 260 94.67 -58.11 -84.09
C UNK G 260 94.68 -56.61 -84.35
N UNK G 261 95.46 -56.17 -85.33
CA UNK G 261 95.50 -54.77 -85.66
C UNK G 261 94.23 -54.35 -86.34
N UNK G 262 93.62 -55.26 -87.08
CA UNK G 262 92.30 -55.01 -87.63
C UNK G 262 91.30 -54.82 -86.52
N UNK G 263 91.38 -55.65 -85.49
CA UNK G 263 90.53 -55.48 -84.32
C UNK G 263 90.85 -54.21 -83.56
N UNK G 264 92.12 -53.84 -83.52
CA UNK G 264 92.53 -52.66 -82.78
C UNK G 264 92.09 -51.39 -83.49
N UNK G 265 92.23 -51.38 -84.81
CA UNK G 265 91.70 -50.30 -85.62
C UNK G 265 90.20 -50.26 -85.53
N UNK G 266 89.57 -51.42 -85.37
CA UNK G 266 88.13 -51.44 -85.16
C UNK G 266 87.77 -50.81 -83.83
N UNK G 267 88.60 -51.03 -82.82
CA UNK G 267 88.34 -50.44 -81.52
C UNK G 267 88.51 -48.94 -81.56
N UNK G 268 89.61 -48.47 -82.15
CA UNK G 268 89.88 -47.05 -82.18
C UNK G 268 88.95 -46.33 -83.16
N UNK G 269 88.54 -47.01 -84.22
CA UNK G 269 87.61 -46.38 -85.14
C UNK G 269 86.19 -46.43 -84.61
N UNK G 270 85.88 -47.40 -83.76
CA UNK G 270 84.54 -47.40 -83.16
C UNK G 270 84.48 -46.41 -82.03
N UNK G 271 85.56 -46.28 -81.27
CA UNK G 271 85.64 -45.16 -80.35
C UNK G 271 85.77 -43.85 -81.10
N UNK G 272 86.29 -43.88 -82.32
CA UNK G 272 86.42 -42.65 -83.08
C UNK G 272 85.08 -42.26 -83.65
N UNK G 273 84.28 -43.23 -84.03
CA UNK G 273 82.90 -42.94 -84.35
C UNK G 273 82.15 -42.52 -83.11
N UNK G 274 82.52 -43.08 -81.97
CA UNK G 274 81.86 -42.74 -80.72
C UNK G 274 82.18 -41.32 -80.31
N UNK G 275 83.44 -40.93 -80.42
CA UNK G 275 83.82 -39.57 -80.13
C UNK G 275 83.36 -38.63 -81.24
N UNK G 276 83.27 -39.15 -82.46
CA UNK G 276 82.73 -38.38 -83.57
C UNK G 276 81.29 -38.03 -83.29
N UNK G 277 80.51 -39.01 -82.90
CA UNK G 277 79.14 -38.76 -82.51
C UNK G 277 79.07 -37.99 -81.21
N UNK G 278 80.11 -38.05 -80.39
CA UNK G 278 80.12 -37.29 -79.15
C UNK G 278 80.24 -35.81 -79.44
N UNK G 279 81.16 -35.44 -80.32
CA UNK G 279 81.20 -34.06 -80.80
C UNK G 279 79.95 -33.73 -81.58
N UNK G 280 79.40 -34.72 -82.27
CA UNK G 280 78.14 -34.59 -82.95
C UNK G 280 76.97 -34.82 -82.05
N UNK G 281 77.13 -34.60 -80.74
CA UNK G 281 76.01 -34.31 -79.87
C UNK G 281 75.68 -32.81 -79.93
N UNK G 282 92.88 -19.45 -84.80
CA UNK G 282 93.82 -20.06 -85.73
C UNK G 282 93.07 -20.95 -86.67
N UNK G 283 93.78 -21.84 -87.36
CA UNK G 283 93.15 -22.91 -88.09
C UNK G 283 93.62 -24.19 -87.43
N UNK G 284 93.02 -24.47 -86.28
CA UNK G 284 93.08 -25.79 -85.69
C UNK G 284 91.82 -26.55 -86.09
N UNK G 285 91.59 -26.54 -87.40
CA UNK G 285 90.32 -26.99 -87.93
C UNK G 285 90.36 -28.41 -88.42
N UNK G 286 91.18 -29.27 -87.82
CA UNK G 286 91.19 -30.69 -88.16
C UNK G 286 89.98 -31.33 -87.49
N UNK G 287 88.83 -31.05 -88.08
CA UNK G 287 87.60 -30.92 -87.30
C UNK G 287 87.04 -32.27 -86.88
N UNK G 288 86.62 -33.06 -87.85
CA UNK G 288 85.89 -34.28 -87.56
C UNK G 288 86.79 -35.47 -87.32
N UNK G 289 88.07 -35.25 -87.09
CA UNK G 289 88.92 -36.28 -86.54
C UNK G 289 89.87 -35.67 -85.54
N UNK G 290 89.40 -34.67 -84.80
CA UNK G 290 90.23 -33.95 -83.85
C UNK G 290 90.56 -34.79 -82.64
N UNK G 291 91.41 -35.80 -82.83
CA UNK G 291 91.50 -36.86 -81.84
C UNK G 291 92.80 -37.59 -82.03
N UNK G 292 93.69 -37.47 -81.07
CA UNK G 292 94.77 -38.41 -80.96
C UNK G 292 94.28 -39.59 -80.15
N UNK G 293 95.16 -40.54 -79.84
CA UNK G 293 94.78 -41.65 -78.97
C UNK G 293 94.53 -41.20 -77.52
N UNK G 294 94.83 -39.95 -77.19
CA UNK G 294 94.38 -39.35 -75.95
C UNK G 294 93.01 -38.69 -76.08
N UNK G 295 92.19 -39.10 -77.04
CA UNK G 295 90.81 -38.65 -77.05
C UNK G 295 89.94 -39.45 -76.11
N UNK G 296 90.45 -40.59 -75.64
CA UNK G 296 89.74 -41.42 -74.69
C UNK G 296 89.38 -40.64 -73.43
N UNK G 297 90.36 -39.92 -72.89
CA UNK G 297 90.16 -39.09 -71.70
C UNK G 297 89.12 -38.02 -71.95
N UNK G 298 89.06 -37.49 -73.17
CA UNK G 298 88.05 -36.51 -73.53
C UNK G 298 86.67 -37.13 -73.41
N UNK G 299 86.51 -38.32 -73.96
CA UNK G 299 85.23 -39.02 -73.91
C UNK G 299 84.79 -39.27 -72.50
N UNK G 300 85.73 -39.72 -71.68
CA UNK G 300 85.41 -40.16 -70.33
C UNK G 300 85.01 -39.00 -69.44
N UNK G 301 85.81 -37.95 -69.43
CA UNK G 301 85.50 -36.82 -68.57
C UNK G 301 84.25 -36.10 -69.03
N UNK G 302 83.97 -36.13 -70.33
CA UNK G 302 82.69 -35.67 -70.82
C UNK G 302 81.56 -36.50 -70.22
N UNK G 303 81.74 -37.83 -70.23
CA UNK G 303 80.72 -38.74 -69.76
C UNK G 303 80.43 -38.55 -68.28
N UNK G 304 81.48 -38.51 -67.48
CA UNK G 304 81.26 -38.41 -66.04
C UNK G 304 80.89 -37.00 -65.62
N UNK G 305 81.25 -35.99 -66.41
CA UNK G 305 80.85 -34.64 -66.04
C UNK G 305 79.37 -34.43 -66.28
N UNK G 306 78.90 -34.89 -67.45
CA UNK G 306 77.48 -34.87 -67.69
C UNK G 306 76.76 -35.82 -66.75
N UNK G 307 77.43 -36.90 -66.35
CA UNK G 307 76.88 -37.76 -65.31
C UNK G 307 76.87 -37.07 -63.95
N UNK G 308 77.79 -36.14 -63.74
CA UNK G 308 77.89 -35.49 -62.44
C UNK G 308 76.74 -34.54 -62.24
N UNK G 309 76.52 -33.68 -63.22
CA UNK G 309 75.29 -32.92 -63.21
C UNK G 309 74.06 -33.81 -63.38
N UNK G 310 74.21 -35.01 -63.95
CA UNK G 310 73.06 -35.88 -64.11
C UNK G 310 72.68 -36.53 -62.80
N UNK G 311 73.66 -36.88 -62.00
CA UNK G 311 73.36 -37.38 -60.68
C UNK G 311 72.94 -36.26 -59.77
N UNK G 312 73.37 -35.04 -60.08
CA UNK G 312 72.83 -33.88 -59.39
C UNK G 312 71.35 -33.74 -59.66
N UNK G 313 70.96 -33.91 -60.91
CA UNK G 313 69.55 -33.99 -61.26
C UNK G 313 68.87 -35.13 -60.53
N UNK G 314 69.54 -36.28 -60.46
CA UNK G 314 68.98 -37.45 -59.79
C UNK G 314 68.75 -37.18 -58.31
N UNK G 315 69.70 -36.49 -57.68
CA UNK G 315 69.64 -36.25 -56.25
C UNK G 315 68.62 -35.20 -55.89
N UNK G 316 68.55 -34.14 -56.70
CA UNK G 316 67.60 -33.08 -56.42
C UNK G 316 66.19 -33.54 -56.68
N UNK G 317 65.96 -34.15 -57.85
CA UNK G 317 64.67 -34.73 -58.14
C UNK G 317 64.36 -35.98 -57.33
N UNK G 318 65.31 -36.51 -56.56
CA UNK G 318 65.07 -37.72 -55.79
C UNK G 318 64.07 -37.51 -54.66
N UNK G 319 64.43 -36.68 -53.68
CA UNK G 319 63.63 -36.63 -52.46
C UNK G 319 63.73 -35.23 -51.85
N UNK G 320 63.30 -35.10 -50.60
CA UNK G 320 62.80 -33.85 -50.01
C UNK G 320 63.94 -32.91 -49.57
N UNK G 321 63.56 -31.97 -48.71
CA UNK G 321 64.15 -30.63 -48.56
C UNK G 321 65.64 -30.63 -48.32
N UNK G 322 66.38 -30.18 -49.34
CA UNK G 322 67.83 -30.00 -49.34
C UNK G 322 68.25 -29.29 -50.61
N UNK G 323 69.20 -28.38 -50.48
CA UNK G 323 69.99 -27.95 -51.61
C UNK G 323 71.46 -27.82 -51.26
N UNK G 324 71.84 -28.12 -50.01
CA UNK G 324 73.24 -28.26 -49.66
C UNK G 324 73.84 -29.49 -50.31
N UNK G 325 73.01 -30.50 -50.57
CA UNK G 325 73.43 -31.60 -51.42
C UNK G 325 73.75 -31.12 -52.82
N UNK G 326 72.92 -30.24 -53.37
CA UNK G 326 73.20 -29.72 -54.70
C UNK G 326 74.40 -28.79 -54.71
N UNK G 327 74.64 -28.07 -53.61
CA UNK G 327 75.85 -27.28 -53.52
C UNK G 327 77.07 -28.17 -53.47
N UNK G 328 76.95 -29.34 -52.84
CA UNK G 328 78.00 -30.33 -52.92
C UNK G 328 78.17 -30.82 -54.35
N UNK G 329 77.08 -30.91 -55.08
CA UNK G 329 77.19 -31.24 -56.49
C UNK G 329 77.82 -30.10 -57.28
N UNK G 330 77.75 -28.88 -56.76
CA UNK G 330 78.45 -27.78 -57.41
C UNK G 330 79.96 -27.88 -57.23
N UNK G 331 80.43 -28.77 -56.37
CA UNK G 331 81.82 -29.20 -56.34
C UNK G 331 82.06 -30.51 -57.07
N UNK G 332 81.05 -31.38 -57.08
CA UNK G 332 81.12 -32.62 -57.85
C UNK G 332 81.30 -32.32 -59.33
N UNK G 333 80.64 -31.28 -59.82
CA UNK G 333 80.94 -30.77 -61.15
C UNK G 333 82.34 -30.18 -61.19
N UNK G 334 82.74 -29.49 -60.12
CA UNK G 334 83.95 -28.66 -60.16
C UNK G 334 85.21 -29.50 -60.26
N UNK G 335 85.13 -30.76 -59.89
CA UNK G 335 86.25 -31.66 -60.05
C UNK G 335 86.64 -31.92 -61.49
N UNK G 336 85.82 -31.52 -62.48
CA UNK G 336 86.03 -31.82 -63.89
C UNK G 336 87.00 -30.87 -64.59
N UNK G 337 87.36 -29.77 -63.94
CA UNK G 337 88.27 -28.79 -64.53
C UNK G 337 89.71 -29.31 -64.63
N UNK G 338 90.02 -30.45 -64.03
CA UNK G 338 91.40 -30.80 -63.75
C UNK G 338 92.12 -31.31 -64.99
N UNK G 339 91.58 -32.33 -65.63
CA UNK G 339 92.35 -33.08 -66.61
C UNK G 339 92.26 -32.49 -67.99
N UNK G 340 92.12 -31.17 -68.12
CA UNK G 340 92.12 -30.57 -69.45
C UNK G 340 93.51 -30.19 -69.94
N UNK G 341 94.53 -30.24 -69.08
CA UNK G 341 95.89 -29.94 -69.55
C UNK G 341 96.54 -31.18 -70.13
N UNK G 342 96.77 -32.19 -69.27
CA UNK G 342 96.73 -33.62 -69.52
C UNK G 342 97.11 -34.08 -70.92
N UNK G 343 98.27 -33.61 -71.40
CA UNK G 343 98.77 -33.88 -72.75
C UNK G 343 97.76 -33.50 -73.81
N UNK G 344 97.06 -32.37 -73.60
CA UNK G 344 96.05 -31.88 -74.53
C UNK G 344 96.70 -31.06 -75.65
N UNK G 345 97.48 -31.76 -76.46
CA UNK G 345 98.51 -31.11 -77.24
C UNK G 345 97.96 -30.32 -78.41
N UNK G 346 96.74 -30.60 -78.85
CA UNK G 346 96.22 -29.88 -79.98
C UNK G 346 95.74 -28.50 -79.56
N UNK G 347 95.60 -27.63 -80.54
CA UNK G 347 94.79 -26.44 -80.36
C UNK G 347 93.35 -26.68 -80.72
N UNK G 348 93.03 -27.93 -81.11
CA UNK G 348 91.69 -28.35 -81.50
C UNK G 348 91.02 -29.22 -80.45
N UNK G 349 91.80 -30.03 -79.74
CA UNK G 349 91.25 -31.04 -78.85
C UNK G 349 90.49 -30.40 -77.71
N UNK G 350 91.19 -29.61 -76.89
CA UNK G 350 90.59 -29.00 -75.72
C UNK G 350 89.47 -28.06 -76.12
N UNK G 351 89.72 -27.26 -77.15
CA UNK G 351 88.77 -26.23 -77.57
C UNK G 351 87.48 -26.85 -78.07
N UNK G 352 87.58 -27.65 -79.14
CA UNK G 352 86.41 -28.24 -79.75
C UNK G 352 85.72 -29.20 -78.81
N UNK G 353 86.47 -29.92 -77.96
CA UNK G 353 85.86 -30.91 -77.09
C UNK G 353 85.04 -30.24 -76.01
N UNK G 354 85.60 -29.20 -75.39
CA UNK G 354 84.87 -28.45 -74.40
C UNK G 354 83.63 -27.83 -75.00
N UNK G 355 83.78 -27.29 -76.23
CA UNK G 355 82.65 -26.73 -76.95
C UNK G 355 81.56 -27.77 -77.16
N UNK G 356 81.96 -29.00 -77.44
CA UNK G 356 81.01 -30.05 -77.76
C UNK G 356 80.23 -30.48 -76.54
N UNK G 357 80.91 -30.72 -75.42
CA UNK G 357 80.20 -31.23 -74.24
C UNK G 357 79.36 -30.14 -73.59
N UNK G 358 79.91 -28.91 -73.54
CA UNK G 358 79.11 -27.80 -73.01
C UNK G 358 77.94 -27.50 -73.93
N UNK G 359 78.16 -27.56 -75.24
CA UNK G 359 77.11 -27.41 -76.24
C UNK G 359 76.05 -28.47 -76.11
N UNK G 360 76.45 -29.65 -75.63
CA UNK G 360 75.50 -30.71 -75.43
C UNK G 360 74.58 -30.40 -74.27
N UNK G 361 75.14 -30.26 -73.08
CA UNK G 361 74.21 -30.11 -71.98
C UNK G 361 73.88 -28.65 -71.76
N UNK G 362 74.87 -27.85 -71.39
CA UNK G 362 74.63 -26.55 -70.74
C UNK G 362 74.04 -25.54 -71.69
N UNK G 363 74.44 -25.60 -72.97
CA UNK G 363 73.77 -24.81 -73.98
C UNK G 363 72.33 -25.24 -74.13
N UNK G 364 72.12 -26.55 -74.26
CA UNK G 364 70.78 -27.07 -74.38
C UNK G 364 70.08 -27.21 -73.05
N UNK G 365 70.75 -26.90 -71.95
CA UNK G 365 70.09 -27.01 -70.66
C UNK G 365 69.07 -25.91 -70.43
N UNK G 366 68.90 -25.00 -71.37
CA UNK G 366 67.71 -24.17 -71.43
C UNK G 366 66.59 -24.96 -72.08
N UNK G 367 65.52 -24.25 -72.41
CA UNK G 367 64.56 -24.56 -73.46
C UNK G 367 63.59 -25.71 -73.17
N UNK G 368 63.79 -26.52 -72.14
CA UNK G 368 62.93 -27.69 -71.99
C UNK G 368 61.61 -27.32 -71.34
N UNK G 369 61.65 -26.87 -70.09
CA UNK G 369 60.45 -26.36 -69.48
C UNK G 369 60.02 -25.06 -70.10
N UNK G 370 60.92 -24.41 -70.81
CA UNK G 370 60.48 -23.36 -71.72
C UNK G 370 59.59 -23.92 -72.81
N UNK G 371 59.88 -25.09 -73.34
CA UNK G 371 59.02 -25.61 -74.37
C UNK G 371 57.70 -26.04 -73.77
N UNK G 372 57.74 -26.55 -72.56
CA UNK G 372 56.50 -26.80 -71.84
C UNK G 372 55.75 -25.51 -71.57
N UNK G 373 56.49 -24.42 -71.36
CA UNK G 373 55.86 -23.13 -71.18
C UNK G 373 55.32 -22.62 -72.49
N UNK G 374 55.97 -22.97 -73.57
CA UNK G 374 55.46 -22.66 -74.89
C UNK G 374 54.17 -23.39 -75.13
N UNK G 375 54.06 -24.58 -74.57
CA UNK G 375 52.79 -25.27 -74.57
C UNK G 375 51.89 -24.53 -73.60
N UNK G 376 51.21 -23.53 -74.13
CA UNK G 376 50.29 -22.70 -73.36
C UNK G 376 49.01 -23.50 -73.14
N UNK G 377 49.08 -24.47 -72.25
CA UNK G 377 48.01 -25.44 -72.23
C UNK G 377 46.79 -24.89 -71.56
N UNK G 378 46.82 -24.71 -70.25
CA UNK G 378 45.63 -24.22 -69.60
C UNK G 378 46.04 -23.53 -68.33
N UNK G 379 45.11 -22.72 -67.85
CA UNK G 379 45.32 -21.96 -66.62
C UNK G 379 45.65 -22.87 -65.47
N UNK G 380 44.76 -23.81 -65.17
CA UNK G 380 45.01 -24.74 -64.10
C UNK G 380 46.17 -25.66 -64.43
N UNK G 381 46.43 -25.87 -65.71
CA UNK G 381 47.52 -26.76 -66.10
C UNK G 381 48.86 -26.15 -65.76
N UNK G 382 49.06 -24.92 -66.20
CA UNK G 382 50.28 -24.23 -65.87
C UNK G 382 50.31 -23.91 -64.39
N UNK G 383 49.14 -23.80 -63.77
CA UNK G 383 49.08 -23.68 -62.33
C UNK G 383 49.57 -24.96 -61.69
N UNK G 384 49.34 -26.07 -62.35
CA UNK G 384 49.82 -27.32 -61.81
C UNK G 384 51.31 -27.45 -62.01
N UNK G 385 51.81 -26.95 -63.12
CA UNK G 385 53.24 -27.06 -63.36
C UNK G 385 54.01 -26.10 -62.47
N UNK G 386 53.45 -24.92 -62.25
CA UNK G 386 54.02 -23.99 -61.29
C UNK G 386 53.98 -24.59 -59.90
N UNK G 387 52.86 -25.22 -59.56
CA UNK G 387 52.77 -26.00 -58.34
C UNK G 387 53.80 -27.11 -58.33
N UNK G 388 54.13 -27.67 -59.48
CA UNK G 388 55.07 -28.77 -59.52
C UNK G 388 56.49 -28.29 -59.28
N UNK G 389 56.90 -27.24 -59.99
CA UNK G 389 58.24 -26.72 -59.79
C UNK G 389 58.36 -26.13 -58.40
N UNK G 390 57.29 -25.53 -57.91
CA UNK G 390 57.29 -25.05 -56.54
C UNK G 390 57.26 -26.19 -55.54
N UNK G 391 56.78 -27.36 -55.95
CA UNK G 391 56.92 -28.52 -55.07
C UNK G 391 58.37 -28.94 -55.01
N UNK G 392 59.03 -28.92 -56.15
CA UNK G 392 60.44 -29.22 -56.19
C UNK G 392 61.32 -28.02 -55.89
N UNK G 393 60.75 -26.95 -55.32
CA UNK G 393 61.50 -25.75 -55.02
C UNK G 393 62.40 -25.98 -53.80
N UNK G 394 63.49 -26.70 -54.03
CA UNK G 394 64.52 -26.78 -53.01
C UNK G 394 65.25 -25.45 -52.90
N UNK G 395 65.59 -24.85 -54.02
CA UNK G 395 66.16 -23.51 -54.06
C UNK G 395 65.03 -22.52 -54.27
N UNK G 396 64.92 -21.58 -53.35
CA UNK G 396 63.94 -20.53 -53.46
C UNK G 396 64.40 -19.41 -54.36
N UNK G 397 65.68 -19.33 -54.64
CA UNK G 397 66.26 -18.16 -55.30
C UNK G 397 66.97 -18.49 -56.59
N UNK G 398 67.65 -19.63 -56.67
CA UNK G 398 68.08 -20.11 -57.98
C UNK G 398 66.88 -20.47 -58.83
N UNK G 399 65.76 -20.78 -58.21
CA UNK G 399 64.49 -20.83 -58.93
C UNK G 399 64.14 -19.47 -59.50
N UNK G 400 64.31 -18.41 -58.71
CA UNK G 400 64.06 -17.08 -59.21
C UNK G 400 65.05 -16.69 -60.30
N UNK G 401 66.21 -17.33 -60.33
CA UNK G 401 67.11 -17.25 -61.47
C UNK G 401 66.61 -18.07 -62.65
N UNK G 402 66.05 -19.23 -62.36
CA UNK G 402 65.57 -20.11 -63.41
C UNK G 402 64.42 -19.46 -64.16
N UNK G 403 63.64 -18.65 -63.45
CA UNK G 403 62.62 -17.84 -64.11
C UNK G 403 63.24 -16.88 -65.11
N UNK G 404 64.42 -16.36 -64.80
CA UNK G 404 65.07 -15.56 -65.79
C UNK G 404 65.60 -16.40 -66.93
N UNK G 405 65.99 -17.63 -66.63
CA UNK G 405 66.47 -18.52 -67.68
C UNK G 405 65.35 -18.83 -68.64
N UNK G 406 64.14 -18.88 -68.14
CA UNK G 406 62.99 -18.87 -69.00
C UNK G 406 62.89 -17.57 -69.75
N UNK G 407 63.03 -16.45 -69.03
CA UNK G 407 62.78 -15.13 -69.57
C UNK G 407 63.73 -14.76 -70.69
N UNK G 408 64.80 -15.53 -70.83
CA UNK G 408 65.59 -15.62 -72.04
C UNK G 408 64.78 -15.91 -73.29
N UNK G 409 63.63 -16.56 -73.19
CA UNK G 409 62.88 -16.89 -74.40
C UNK G 409 62.31 -15.65 -75.07
N UNK G 410 61.79 -14.71 -74.29
CA UNK G 410 61.20 -13.50 -74.83
C UNK G 410 62.28 -12.44 -75.05
N UNK G 411 61.85 -11.20 -75.26
CA UNK G 411 62.72 -10.03 -75.33
C UNK G 411 61.88 -8.77 -75.15
N UNK G 412 62.55 -7.61 -75.22
CA UNK G 412 61.98 -6.33 -75.62
C UNK G 412 61.05 -5.62 -74.65
N UNK G 413 60.67 -6.25 -73.55
CA UNK G 413 60.00 -5.53 -72.47
C UNK G 413 60.38 -6.14 -71.13
N UNK G 414 61.60 -6.65 -71.05
CA UNK G 414 61.80 -7.94 -70.44
C UNK G 414 61.65 -7.97 -68.93
N UNK G 415 61.20 -6.92 -68.26
CA UNK G 415 60.92 -7.08 -66.84
C UNK G 415 59.69 -6.31 -66.41
N UNK G 416 58.87 -5.89 -67.37
CA UNK G 416 57.97 -4.75 -67.29
C UNK G 416 57.05 -4.83 -66.08
N UNK G 417 56.18 -5.83 -66.04
CA UNK G 417 55.50 -6.12 -64.80
C UNK G 417 56.17 -7.24 -64.03
N UNK G 418 57.31 -7.73 -64.51
CA UNK G 418 58.00 -8.81 -63.82
C UNK G 418 58.56 -8.31 -62.51
N UNK G 419 58.81 -7.02 -62.41
CA UNK G 419 59.02 -6.42 -61.11
C UNK G 419 57.71 -6.25 -60.36
N UNK G 420 56.61 -5.99 -61.08
CA UNK G 420 55.36 -5.63 -60.43
C UNK G 420 54.83 -6.80 -59.63
N UNK G 421 55.01 -7.99 -60.16
CA UNK G 421 54.59 -9.19 -59.46
C UNK G 421 55.44 -9.43 -58.23
N UNK G 422 56.75 -9.50 -58.44
CA UNK G 422 57.71 -9.82 -57.40
C UNK G 422 57.58 -8.89 -56.20
N UNK G 423 57.29 -7.62 -56.45
CA UNK G 423 57.00 -6.72 -55.34
C UNK G 423 55.58 -6.88 -54.83
N UNK G 424 54.59 -6.89 -55.75
CA UNK G 424 53.16 -6.85 -55.48
C UNK G 424 52.67 -8.01 -54.66
N UNK G 425 53.49 -9.06 -54.58
CA UNK G 425 53.27 -10.18 -53.69
C UNK G 425 53.03 -9.76 -52.26
N UNK G 426 53.70 -8.72 -51.77
CA UNK G 426 53.63 -8.39 -50.35
C UNK G 426 52.30 -7.72 -50.01
N UNK G 427 51.53 -8.38 -49.14
CA UNK G 427 50.14 -8.08 -48.81
C UNK G 427 49.78 -8.85 -47.54
N UNK G 428 48.49 -9.11 -47.28
CA UNK G 428 48.11 -10.03 -46.21
C UNK G 428 48.45 -11.47 -46.54
N UNK G 429 48.37 -12.34 -45.52
CA UNK G 429 49.21 -13.54 -45.44
C UNK G 429 48.46 -14.82 -45.79
N UNK G 430 48.76 -15.37 -46.97
CA UNK G 430 48.60 -16.79 -47.24
C UNK G 430 49.95 -17.46 -47.00
N UNK G 431 50.13 -18.69 -47.47
CA UNK G 431 51.39 -19.40 -47.28
C UNK G 431 52.51 -18.75 -48.08
N UNK G 432 53.75 -18.96 -47.62
CA UNK G 432 54.89 -18.64 -48.47
C UNK G 432 54.99 -19.63 -49.61
N UNK G 433 54.41 -20.82 -49.43
CA UNK G 433 54.07 -21.64 -50.57
C UNK G 433 53.17 -20.88 -51.54
N UNK G 434 52.18 -20.14 -51.02
CA UNK G 434 51.29 -19.41 -51.91
C UNK G 434 52.00 -18.24 -52.53
N UNK G 435 52.96 -17.69 -51.82
CA UNK G 435 53.81 -16.66 -52.40
C UNK G 435 54.62 -17.23 -53.55
N UNK G 436 55.24 -18.38 -53.33
CA UNK G 436 56.03 -19.03 -54.36
C UNK G 436 55.18 -19.36 -55.57
N UNK G 437 54.02 -19.94 -55.33
CA UNK G 437 53.17 -20.38 -56.41
C UNK G 437 52.56 -19.20 -57.14
N UNK G 438 52.03 -18.24 -56.40
CA UNK G 438 51.46 -17.06 -57.00
C UNK G 438 52.53 -16.24 -57.69
N UNK G 439 53.76 -16.36 -57.23
CA UNK G 439 54.87 -15.68 -57.87
C UNK G 439 55.14 -16.28 -59.24
N UNK G 440 55.32 -17.58 -59.28
CA UNK G 440 55.66 -18.20 -60.55
C UNK G 440 54.48 -18.13 -61.49
N UNK G 441 53.29 -18.27 -60.95
CA UNK G 441 52.07 -18.22 -61.75
C UNK G 441 51.70 -16.80 -62.10
N UNK G 442 52.36 -15.82 -61.52
CA UNK G 442 52.36 -14.56 -62.19
C UNK G 442 53.21 -14.66 -63.44
N UNK G 443 54.29 -15.39 -63.38
CA UNK G 443 55.35 -15.13 -64.32
C UNK G 443 55.10 -15.72 -65.69
N UNK G 444 54.61 -16.94 -65.77
CA UNK G 444 54.33 -17.42 -67.10
C UNK G 444 53.05 -16.84 -67.64
N UNK G 445 52.13 -16.51 -66.73
CA UNK G 445 50.98 -15.72 -67.09
C UNK G 445 51.40 -14.39 -67.67
N UNK G 446 52.47 -13.84 -67.13
CA UNK G 446 53.09 -12.70 -67.75
C UNK G 446 53.69 -13.07 -69.08
N UNK G 447 54.20 -14.29 -69.21
CA UNK G 447 54.95 -14.66 -70.41
C UNK G 447 54.05 -15.08 -71.56
N UNK G 448 52.82 -14.58 -71.60
CA UNK G 448 51.96 -14.74 -72.75
C UNK G 448 52.65 -14.18 -73.98
N UNK G 449 52.37 -14.81 -75.11
CA UNK G 449 52.88 -14.33 -76.39
C UNK G 449 52.05 -13.16 -76.85
N UNK G 450 52.10 -12.86 -78.13
CA UNK G 450 51.17 -11.92 -78.71
C UNK G 450 49.77 -12.48 -78.57
N UNK G 451 54.29 -37.56 -68.25
CA UNK G 451 54.57 -36.22 -68.72
C UNK G 451 55.00 -35.29 -67.59
N UNK G 452 54.58 -35.60 -66.37
CA UNK G 452 55.18 -34.93 -65.23
C UNK G 452 56.56 -35.49 -64.94
N UNK G 453 56.83 -36.72 -65.36
CA UNK G 453 58.21 -37.20 -65.40
C UNK G 453 59.04 -36.38 -66.38
N UNK G 454 58.46 -36.01 -67.52
CA UNK G 454 59.10 -35.05 -68.39
C UNK G 454 59.20 -33.68 -67.73
N UNK G 455 58.22 -33.32 -66.90
CA UNK G 455 58.31 -32.03 -66.23
C UNK G 455 59.43 -32.02 -65.21
N UNK G 456 59.61 -33.12 -64.50
CA UNK G 456 60.75 -33.22 -63.62
C UNK G 456 62.05 -33.31 -64.41
N UNK G 457 61.99 -33.87 -65.61
CA UNK G 457 63.17 -33.92 -66.46
C UNK G 457 63.56 -32.53 -66.94
N UNK G 458 62.56 -31.71 -67.26
CA UNK G 458 62.81 -30.36 -67.70
C UNK G 458 63.22 -29.47 -66.55
N UNK G 459 62.67 -29.75 -65.38
CA UNK G 459 63.16 -29.17 -64.15
C UNK G 459 64.63 -29.48 -63.99
N UNK G 460 65.02 -30.72 -64.23
CA UNK G 460 66.40 -31.11 -64.14
C UNK G 460 67.24 -30.40 -65.19
N UNK G 461 66.68 -30.20 -66.37
CA UNK G 461 67.42 -29.56 -67.45
C UNK G 461 67.71 -28.10 -67.12
N UNK G 462 66.70 -27.34 -66.75
CA UNK G 462 66.91 -25.94 -66.41
C UNK G 462 67.69 -25.82 -65.10
N UNK G 463 67.55 -26.81 -64.24
CA UNK G 463 68.42 -26.90 -63.09
C UNK G 463 69.85 -27.15 -63.50
N UNK G 464 70.08 -27.83 -64.61
CA UNK G 464 71.44 -28.04 -65.06
C UNK G 464 71.94 -26.85 -65.84
N UNK G 465 71.05 -25.99 -66.33
CA UNK G 465 71.48 -24.70 -66.83
C UNK G 465 71.99 -23.84 -65.70
N UNK G 466 71.32 -23.91 -64.55
CA UNK G 466 71.91 -23.33 -63.35
C UNK G 466 73.22 -24.03 -63.02
N UNK G 467 73.15 -25.31 -62.67
CA UNK G 467 74.26 -26.05 -62.09
C UNK G 467 75.36 -26.40 -63.07
N UNK G 468 75.27 -25.96 -64.33
CA UNK G 468 76.28 -26.24 -65.32
C UNK G 468 76.91 -25.00 -65.91
N UNK G 469 76.17 -23.89 -65.96
CA UNK G 469 76.74 -22.64 -66.47
C UNK G 469 77.51 -21.87 -65.43
N UNK G 470 77.85 -22.51 -64.30
CA UNK G 470 78.67 -21.92 -63.27
C UNK G 470 80.14 -21.93 -63.66
N UNK H 1 157.50 -44.84 -30.56
CA UNK H 1 157.26 -44.74 -31.98
C UNK H 1 155.79 -44.66 -32.21
N UNK H 2 155.17 -45.85 -32.23
CA UNK H 2 153.73 -45.93 -32.06
C UNK H 2 153.32 -45.26 -30.77
N UNK H 3 154.02 -45.59 -29.68
CA UNK H 3 153.77 -44.96 -28.39
C UNK H 3 154.06 -43.48 -28.42
N UNK H 4 155.00 -43.06 -29.26
CA UNK H 4 155.38 -41.66 -29.30
C UNK H 4 154.29 -40.80 -29.92
N UNK H 5 153.95 -41.09 -31.18
CA UNK H 5 152.83 -40.41 -31.84
C UNK H 5 151.56 -40.60 -31.04
N UNK H 6 151.43 -41.75 -30.40
CA UNK H 6 150.34 -41.98 -29.48
C UNK H 6 150.37 -41.01 -28.32
N UNK H 7 151.54 -40.75 -27.76
CA UNK H 7 151.63 -40.00 -26.52
C UNK H 7 151.29 -38.56 -26.77
N UNK H 8 151.77 -38.04 -27.89
CA UNK H 8 151.39 -36.71 -28.29
C UNK H 8 149.91 -36.64 -28.60
N UNK H 9 149.40 -37.69 -29.25
CA UNK H 9 147.99 -37.73 -29.60
C UNK H 9 147.14 -37.69 -28.34
N UNK H 10 147.50 -38.52 -27.38
CA UNK H 10 146.75 -38.65 -26.17
C UNK H 10 146.92 -37.45 -25.28
N UNK H 11 148.03 -36.76 -25.41
CA UNK H 11 148.14 -35.47 -24.76
C UNK H 11 147.21 -34.47 -25.42
N UNK H 12 146.90 -34.65 -26.69
CA UNK H 12 145.97 -33.69 -27.26
C UNK H 12 144.52 -34.14 -27.25
N UNK H 13 144.16 -35.05 -28.16
CA UNK H 13 142.84 -35.64 -28.38
C UNK H 13 142.96 -36.62 -29.56
N UNK H 14 141.82 -37.22 -29.91
CA UNK H 14 141.57 -37.94 -31.16
C UNK H 14 140.07 -38.05 -31.22
N UNK H 15 139.48 -37.84 -32.39
CA UNK H 15 138.08 -37.44 -32.31
C UNK H 15 137.30 -37.82 -33.56
N UNK H 16 136.30 -37.00 -33.81
CA UNK H 16 135.20 -36.97 -34.76
C UNK H 16 134.06 -37.88 -34.36
N UNK H 17 134.28 -38.88 -33.51
CA UNK H 17 133.19 -39.49 -32.74
C UNK H 17 133.69 -40.10 -31.46
N UNK H 18 134.96 -40.49 -31.51
CA UNK H 18 135.49 -41.44 -30.55
C UNK H 18 135.65 -40.84 -29.18
N UNK H 19 135.60 -39.53 -29.08
CA UNK H 19 135.39 -38.87 -27.80
C UNK H 19 134.11 -39.34 -27.15
N UNK H 20 133.00 -39.31 -27.88
CA UNK H 20 131.75 -39.76 -27.30
C UNK H 20 131.78 -41.25 -27.03
N UNK H 21 132.40 -42.03 -27.91
CA UNK H 21 132.49 -43.48 -27.66
C UNK H 21 133.29 -43.79 -26.40
N UNK H 22 134.41 -43.13 -26.20
CA UNK H 22 135.19 -43.38 -25.01
C UNK H 22 134.50 -42.86 -23.77
N UNK H 23 133.74 -41.78 -23.90
CA UNK H 23 132.92 -41.32 -22.79
C UNK H 23 131.89 -42.36 -22.41
N UNK H 24 131.42 -43.14 -23.38
CA UNK H 24 130.54 -44.24 -23.03
C UNK H 24 131.30 -45.35 -22.31
N UNK H 25 132.55 -45.56 -22.67
CA UNK H 25 133.31 -46.60 -21.95
C UNK H 25 133.51 -46.20 -20.51
N UNK H 26 133.69 -44.92 -20.29
CA UNK H 26 133.62 -44.39 -18.95
C UNK H 26 132.28 -44.67 -18.33
N UNK H 27 131.21 -44.52 -19.12
CA UNK H 27 129.89 -44.68 -18.53
C UNK H 27 129.65 -46.12 -18.10
N UNK H 28 130.25 -47.05 -18.80
CA UNK H 28 130.06 -48.45 -18.43
C UNK H 28 130.90 -48.83 -17.23
N UNK H 29 132.13 -48.31 -17.15
CA UNK H 29 132.92 -48.60 -15.96
C UNK H 29 132.28 -47.98 -14.75
N UNK H 30 131.67 -46.82 -14.93
CA UNK H 30 130.87 -46.21 -13.89
C UNK H 30 129.70 -47.09 -13.52
N UNK H 31 129.10 -47.69 -14.52
CA UNK H 31 127.91 -48.50 -14.28
C UNK H 31 128.26 -49.74 -13.49
N UNK H 32 129.27 -50.49 -13.94
CA UNK H 32 129.63 -51.73 -13.27
C UNK H 32 130.13 -51.46 -11.89
N UNK H 33 130.79 -50.32 -11.68
CA UNK H 33 131.13 -49.92 -10.33
C UNK H 33 129.88 -49.76 -9.50
N UNK H 34 128.86 -49.13 -10.06
CA UNK H 34 127.64 -48.95 -9.30
C UNK H 34 126.95 -50.26 -9.00
N UNK H 35 127.02 -51.19 -9.95
CA UNK H 35 126.27 -52.42 -9.79
C UNK H 35 126.94 -53.32 -8.79
N UNK H 36 128.26 -53.47 -8.89
CA UNK H 36 128.97 -54.28 -7.92
C UNK H 36 128.91 -53.64 -6.57
N UNK H 37 128.86 -52.32 -6.51
CA UNK H 37 128.70 -51.65 -5.25
C UNK H 37 127.37 -51.99 -4.61
N UNK H 38 126.30 -51.88 -5.38
CA UNK H 38 124.97 -52.13 -4.84
C UNK H 38 124.80 -53.58 -4.45
N UNK H 39 125.31 -54.49 -5.27
CA UNK H 39 125.19 -55.90 -4.97
C UNK H 39 126.02 -56.27 -3.79
N UNK H 40 127.15 -55.64 -3.58
CA UNK H 40 127.90 -56.01 -2.39
C UNK H 40 127.44 -55.19 -1.20
N UNK H 41 126.15 -55.21 -0.92
CA UNK H 41 125.64 -54.52 0.26
C UNK H 41 124.86 -55.43 1.18
N UNK H 42 123.89 -56.17 0.67
CA UNK H 42 122.95 -56.91 1.49
C UNK H 42 123.56 -58.21 2.02
N UNK H 43 122.72 -59.13 2.48
CA UNK H 43 123.17 -60.42 3.02
C UNK H 43 123.76 -61.28 1.92
N UNK H 44 125.07 -61.49 1.96
CA UNK H 44 125.87 -61.91 0.82
C UNK H 44 125.61 -63.35 0.44
N UNK H 45 124.38 -63.66 0.08
CA UNK H 45 123.93 -65.03 -0.08
C UNK H 45 124.36 -65.53 -1.45
N UNK H 46 124.08 -66.81 -1.70
CA UNK H 46 124.79 -67.57 -2.72
C UNK H 46 124.55 -67.03 -4.11
N UNK H 47 123.51 -66.24 -4.28
CA UNK H 47 123.34 -65.49 -5.51
C UNK H 47 124.39 -64.38 -5.70
N UNK H 48 125.35 -64.22 -4.79
CA UNK H 48 126.43 -63.29 -5.04
C UNK H 48 127.16 -63.65 -6.30
N UNK H 49 127.38 -64.94 -6.51
CA UNK H 49 128.00 -65.38 -7.75
C UNK H 49 127.12 -65.05 -8.95
N UNK H 50 126.00 -65.73 -9.06
CA UNK H 50 125.17 -65.58 -10.24
C UNK H 50 124.28 -64.39 -10.15
N UNK H 51 124.67 -63.37 -9.38
CA UNK H 51 124.33 -61.98 -9.61
C UNK H 51 125.54 -61.22 -10.13
N UNK H 52 126.71 -61.45 -9.53
CA UNK H 52 127.85 -60.59 -9.81
C UNK H 52 128.44 -60.92 -11.15
N UNK H 53 128.58 -62.20 -11.44
CA UNK H 53 129.08 -62.60 -12.74
C UNK H 53 128.14 -62.16 -13.83
N UNK H 54 126.85 -62.14 -13.52
CA UNK H 54 125.88 -61.61 -14.46
C UNK H 54 126.15 -60.14 -14.70
N UNK H 55 126.44 -59.40 -13.64
CA UNK H 55 126.60 -57.96 -13.81
C UNK H 55 127.84 -57.66 -14.61
N UNK H 56 128.92 -58.38 -14.34
CA UNK H 56 130.10 -58.18 -15.15
C UNK H 56 129.91 -58.71 -16.55
N UNK H 57 128.99 -59.66 -16.74
CA UNK H 57 128.70 -60.08 -18.09
C UNK H 57 127.96 -59.01 -18.82
N UNK H 58 127.10 -58.28 -18.13
CA UNK H 58 126.47 -57.11 -18.75
C UNK H 58 127.52 -56.05 -19.06
N UNK H 59 128.50 -55.94 -18.18
CA UNK H 59 129.55 -54.94 -18.34
C UNK H 59 130.38 -55.21 -19.56
N UNK H 60 130.94 -56.40 -19.63
CA UNK H 60 131.70 -56.80 -20.79
C UNK H 60 130.87 -56.91 -22.04
N UNK H 61 129.55 -57.08 -21.91
CA UNK H 61 128.71 -57.02 -23.09
C UNK H 61 128.75 -55.63 -23.68
N UNK H 62 128.47 -54.61 -22.85
CA UNK H 62 128.53 -53.25 -23.34
C UNK H 62 129.93 -52.86 -23.75
N UNK H 63 130.91 -53.49 -23.13
CA UNK H 63 132.30 -53.23 -23.47
C UNK H 63 132.66 -53.80 -24.81
N UNK H 64 132.24 -55.03 -25.08
CA UNK H 64 132.52 -55.64 -26.37
C UNK H 64 131.84 -54.89 -27.47
N UNK H 65 130.66 -54.35 -27.19
CA UNK H 65 130.02 -53.41 -28.09
C UNK H 65 130.93 -52.23 -28.40
N UNK H 66 131.33 -51.49 -27.36
CA UNK H 66 132.14 -50.31 -27.55
C UNK H 66 133.46 -50.63 -28.21
N UNK H 67 134.03 -51.79 -27.92
CA UNK H 67 135.36 -52.07 -28.42
C UNK H 67 135.33 -52.51 -29.86
N UNK H 68 134.35 -53.31 -30.28
CA UNK H 68 134.29 -53.65 -31.70
C UNK H 68 133.88 -52.44 -32.51
N UNK H 69 132.99 -51.61 -31.94
CA UNK H 69 132.58 -50.39 -32.60
C UNK H 69 133.75 -49.45 -32.81
N UNK H 70 134.61 -49.33 -31.81
CA UNK H 70 135.73 -48.40 -31.92
C UNK H 70 136.87 -48.98 -32.74
N UNK H 71 137.16 -50.27 -32.63
CA UNK H 71 138.19 -50.81 -33.49
C UNK H 71 137.72 -50.94 -34.92
N UNK H 72 136.43 -50.74 -35.17
CA UNK H 72 136.02 -50.30 -36.49
C UNK H 72 136.29 -48.82 -36.65
N UNK H 73 135.93 -48.03 -35.65
CA UNK H 73 135.78 -46.59 -35.79
C UNK H 73 137.14 -45.93 -35.67
N UNK H 74 137.71 -45.54 -36.81
CA UNK H 74 138.97 -44.82 -36.92
C UNK H 74 140.11 -45.65 -36.33
N UNK H 75 140.38 -46.76 -36.98
CA UNK H 75 141.61 -47.49 -36.70
C UNK H 75 142.73 -47.02 -37.62
N UNK H 76 143.00 -45.72 -37.54
CA UNK H 76 144.30 -45.24 -37.96
C UNK H 76 145.35 -45.78 -37.00
N UNK H 77 146.61 -45.75 -37.45
CA UNK H 77 147.63 -46.68 -36.97
C UNK H 77 147.92 -46.55 -35.50
N UNK H 78 148.50 -45.44 -35.07
CA UNK H 78 148.69 -45.25 -33.64
C UNK H 78 147.40 -44.86 -32.95
N UNK H 79 146.40 -44.43 -33.73
CA UNK H 79 145.09 -44.16 -33.18
C UNK H 79 144.43 -45.41 -32.63
N UNK H 80 144.91 -46.59 -33.01
CA UNK H 80 144.67 -47.77 -32.21
C UNK H 80 145.14 -47.54 -30.79
N UNK H 81 146.43 -47.25 -30.61
CA UNK H 81 147.02 -47.18 -29.29
C UNK H 81 146.48 -46.02 -28.47
N UNK H 82 145.87 -45.05 -29.13
CA UNK H 82 145.32 -43.88 -28.46
C UNK H 82 144.28 -44.27 -27.42
N UNK H 83 143.15 -44.78 -27.88
CA UNK H 83 142.21 -45.28 -26.90
C UNK H 83 142.67 -46.58 -26.31
N UNK H 84 143.62 -47.29 -26.93
CA UNK H 84 144.10 -48.50 -26.28
C UNK H 84 144.93 -48.23 -25.06
N UNK H 85 145.33 -46.99 -24.83
CA UNK H 85 145.84 -46.60 -23.53
C UNK H 85 144.79 -45.88 -22.71
N UNK H 86 143.98 -45.06 -23.39
CA UNK H 86 143.01 -44.26 -22.68
C UNK H 86 141.99 -45.12 -21.98
N UNK H 87 141.67 -46.26 -22.57
CA UNK H 87 140.66 -47.14 -22.01
C UNK H 87 141.13 -47.76 -20.72
N UNK H 88 142.38 -48.23 -20.69
CA UNK H 88 142.86 -48.83 -19.46
C UNK H 88 143.05 -47.79 -18.39
N UNK H 89 143.34 -46.54 -18.79
CA UNK H 89 143.32 -45.47 -17.81
C UNK H 89 141.93 -45.29 -17.24
N UNK H 90 140.94 -45.25 -18.13
CA UNK H 90 139.55 -45.05 -17.77
C UNK H 90 139.04 -46.16 -16.88
N UNK H 91 139.57 -47.35 -17.08
CA UNK H 91 139.36 -48.41 -16.13
C UNK H 91 139.93 -48.01 -14.80
N UNK H 92 141.27 -47.92 -14.77
CA UNK H 92 142.00 -48.03 -13.52
C UNK H 92 141.65 -46.90 -12.60
N UNK H 93 141.85 -45.68 -13.07
CA UNK H 93 141.45 -44.55 -12.26
C UNK H 93 139.95 -44.38 -12.33
N UNK H 94 139.46 -44.09 -13.52
CA UNK H 94 138.33 -43.18 -13.67
C UNK H 94 137.04 -43.77 -13.14
N UNK H 95 136.98 -45.09 -12.98
CA UNK H 95 135.91 -45.60 -12.14
C UNK H 95 136.24 -46.77 -11.20
N UNK H 96 137.02 -47.73 -11.69
CA UNK H 96 136.56 -49.12 -11.68
C UNK H 96 136.24 -49.69 -10.31
N UNK H 97 136.96 -49.32 -9.27
CA UNK H 97 137.10 -50.20 -8.12
C UNK H 97 135.85 -50.27 -7.27
N UNK H 98 135.72 -51.39 -6.53
CA UNK H 98 134.63 -51.60 -5.57
C UNK H 98 134.98 -52.75 -4.64
N UNK H 99 135.01 -52.47 -3.33
CA UNK H 99 134.77 -53.39 -2.20
C UNK H 99 134.84 -52.61 -0.89
N UNK H 100 134.79 -53.34 0.21
CA UNK H 100 135.31 -52.92 1.51
C UNK H 100 136.77 -53.25 1.65
N UNK H 101 137.45 -53.31 0.52
CA UNK H 101 138.89 -53.29 0.50
C UNK H 101 139.45 -52.01 1.07
N UNK H 102 138.63 -50.96 1.23
CA UNK H 102 138.98 -49.86 2.12
C UNK H 102 139.32 -50.40 3.51
N UNK H 103 138.45 -51.25 4.03
CA UNK H 103 138.72 -51.81 5.34
C UNK H 103 139.85 -52.80 5.27
N UNK H 104 140.12 -53.35 4.10
CA UNK H 104 141.41 -54.01 3.96
C UNK H 104 142.52 -52.99 4.02
N UNK H 105 142.33 -51.88 3.34
CA UNK H 105 143.42 -51.08 2.85
C UNK H 105 143.98 -50.19 3.93
N UNK H 106 143.15 -49.84 4.90
CA UNK H 106 143.71 -49.40 6.17
C UNK H 106 144.38 -50.64 6.72
N UNK H 107 145.70 -50.62 6.77
CA UNK H 107 146.49 -51.84 6.89
C UNK H 107 146.29 -52.48 8.23
N UNK H 108 146.63 -51.75 9.28
CA UNK H 108 146.80 -52.27 10.64
C UNK H 108 147.62 -53.55 10.56
N UNK H 109 148.81 -53.38 10.00
CA UNK H 109 149.54 -54.45 9.37
C UNK H 109 150.06 -55.50 10.34
N UNK H 110 149.75 -55.37 11.63
CA UNK H 110 149.80 -56.51 12.52
C UNK H 110 149.06 -57.65 11.87
N UNK H 111 149.85 -58.62 11.46
CA UNK H 111 149.36 -59.67 10.58
C UNK H 111 148.33 -60.53 11.27
N UNK H 112 148.36 -60.53 12.60
CA UNK H 112 147.24 -61.06 13.35
C UNK H 112 145.98 -60.28 13.07
N UNK H 113 146.06 -58.96 12.99
CA UNK H 113 144.84 -58.24 12.70
C UNK H 113 144.45 -58.42 11.23
N UNK H 114 145.43 -58.62 10.36
CA UNK H 114 145.12 -59.04 9.00
C UNK H 114 144.41 -60.37 9.01
N UNK H 115 144.86 -61.28 9.86
CA UNK H 115 144.18 -62.55 10.03
C UNK H 115 142.82 -62.37 10.65
N UNK H 116 142.61 -61.30 11.39
CA UNK H 116 141.28 -61.05 11.88
C UNK H 116 140.37 -60.67 10.75
N UNK H 117 140.88 -59.87 9.82
CA UNK H 117 140.10 -59.60 8.62
C UNK H 117 139.89 -60.87 7.83
N UNK H 118 140.87 -61.75 7.83
CA UNK H 118 140.78 -62.97 7.05
C UNK H 118 139.73 -63.89 7.63
N UNK H 119 139.72 -64.02 8.95
CA UNK H 119 138.71 -64.82 9.59
C UNK H 119 137.34 -64.18 9.43
N UNK H 120 137.31 -62.87 9.27
CA UNK H 120 136.03 -62.23 9.05
C UNK H 120 135.49 -62.56 7.68
N UNK H 121 136.31 -62.40 6.64
CA UNK H 121 135.86 -62.70 5.28
C UNK H 121 135.60 -64.18 5.11
N UNK H 122 136.40 -65.02 5.72
CA UNK H 122 136.18 -66.45 5.61
C UNK H 122 135.08 -66.92 6.54
N UNK H 123 133.87 -66.37 6.37
CA UNK H 123 132.63 -67.06 6.67
C UNK H 123 131.50 -66.37 5.91
N UNK H 124 131.13 -66.92 4.73
CA UNK H 124 129.73 -67.10 4.35
C UNK H 124 129.46 -68.18 3.31
N UNK H 125 130.44 -68.46 2.46
CA UNK H 125 130.19 -69.03 1.14
C UNK H 125 131.24 -70.11 0.87
N UNK H 126 131.37 -70.55 -0.36
CA UNK H 126 132.31 -71.61 -0.65
C UNK H 126 133.41 -71.15 -1.57
N UNK H 127 134.59 -71.77 -1.39
CA UNK H 127 135.89 -71.17 -1.69
C UNK H 127 136.02 -70.68 -3.10
N UNK H 128 135.28 -71.25 -4.03
CA UNK H 128 135.30 -70.70 -5.37
C UNK H 128 134.52 -69.41 -5.44
N UNK H 129 133.36 -69.37 -4.79
CA UNK H 129 132.66 -68.10 -4.70
C UNK H 129 133.49 -67.12 -3.93
N UNK H 130 134.26 -67.62 -2.96
CA UNK H 130 135.15 -66.76 -2.23
C UNK H 130 136.25 -66.24 -3.12
N UNK H 131 136.71 -67.05 -4.05
CA UNK H 131 137.83 -66.61 -4.86
C UNK H 131 137.41 -65.56 -5.85
N UNK H 132 136.22 -65.70 -6.42
CA UNK H 132 135.76 -64.64 -7.32
C UNK H 132 135.47 -63.37 -6.55
N UNK H 133 134.96 -63.49 -5.33
CA UNK H 133 134.84 -62.29 -4.51
C UNK H 133 136.19 -61.71 -4.21
N UNK H 134 137.21 -62.54 -4.07
CA UNK H 134 138.54 -62.00 -3.83
C UNK H 134 139.04 -61.25 -5.03
N UNK H 135 138.69 -61.70 -6.22
CA UNK H 135 139.10 -60.94 -7.39
C UNK H 135 138.36 -59.63 -7.44
N UNK H 136 137.13 -59.61 -6.97
CA UNK H 136 136.47 -58.33 -6.87
C UNK H 136 137.07 -57.46 -5.76
N UNK H 137 137.75 -58.06 -4.82
CA UNK H 137 138.53 -57.27 -3.89
C UNK H 137 139.85 -56.85 -4.48
N UNK H 138 140.27 -57.46 -5.57
CA UNK H 138 141.55 -57.13 -6.17
C UNK H 138 141.47 -55.89 -7.03
N UNK H 139 140.55 -54.98 -6.73
CA UNK H 139 140.48 -53.70 -7.41
C UNK H 139 141.15 -52.63 -6.54
N UNK H 140 142.48 -52.67 -6.55
CA UNK H 140 143.26 -51.59 -5.96
C UNK H 140 144.14 -50.86 -6.97
N UNK H 141 145.08 -51.53 -7.65
CA UNK H 141 145.83 -50.72 -8.60
C UNK H 141 146.20 -51.28 -9.97
N UNK H 142 146.77 -52.46 -10.01
CA UNK H 142 147.62 -52.85 -11.13
C UNK H 142 146.80 -53.45 -12.26
N UNK H 143 147.39 -53.46 -13.45
CA UNK H 143 146.78 -54.19 -14.56
C UNK H 143 147.75 -55.20 -15.14
N UNK H 144 148.98 -54.77 -15.36
CA UNK H 144 150.00 -55.72 -15.77
C UNK H 144 150.38 -56.65 -14.64
N UNK H 145 150.44 -56.13 -13.43
CA UNK H 145 150.76 -56.91 -12.26
C UNK H 145 149.52 -57.38 -11.54
N UNK H 146 148.35 -56.97 -11.99
CA UNK H 146 147.14 -57.68 -11.62
C UNK H 146 147.32 -59.15 -11.90
N UNK H 147 147.77 -59.45 -13.11
CA UNK H 147 148.04 -60.82 -13.49
C UNK H 147 149.12 -61.45 -12.64
N UNK H 148 150.13 -60.67 -12.26
CA UNK H 148 151.20 -61.24 -11.46
C UNK H 148 150.71 -61.55 -10.06
N UNK H 149 149.81 -60.73 -9.54
CA UNK H 149 149.24 -60.99 -8.24
C UNK H 149 148.47 -62.28 -8.27
N UNK H 150 147.68 -62.47 -9.29
CA UNK H 150 146.93 -63.71 -9.36
C UNK H 150 147.84 -64.88 -9.64
N UNK H 151 148.95 -64.64 -10.34
CA UNK H 151 149.91 -65.69 -10.60
C UNK H 151 150.55 -66.14 -9.31
N UNK H 152 150.92 -65.19 -8.50
CA UNK H 152 151.55 -65.52 -7.24
C UNK H 152 150.56 -66.18 -6.30
N UNK H 153 149.31 -65.73 -6.32
CA UNK H 153 148.38 -66.28 -5.37
C UNK H 153 147.97 -67.68 -5.76
N UNK H 154 147.82 -67.92 -7.06
CA UNK H 154 147.55 -69.26 -7.52
C UNK H 154 148.70 -70.18 -7.17
N UNK H 155 149.91 -69.64 -7.25
CA UNK H 155 151.06 -70.39 -6.79
C UNK H 155 150.98 -70.67 -5.31
N UNK H 156 150.47 -69.70 -4.55
CA UNK H 156 150.39 -69.88 -3.11
C UNK H 156 149.43 -70.98 -2.78
N UNK H 157 148.29 -70.99 -3.48
CA UNK H 157 147.28 -71.99 -3.23
C UNK H 157 147.81 -73.36 -3.57
N UNK H 158 148.62 -73.39 -4.63
CA UNK H 158 149.31 -74.62 -4.98
C UNK H 158 150.23 -75.05 -3.87
N UNK H 159 150.90 -74.11 -3.23
CA UNK H 159 151.76 -74.48 -2.11
C UNK H 159 150.94 -74.90 -0.92
N UNK H 160 149.74 -74.35 -0.81
CA UNK H 160 148.91 -74.61 0.35
C UNK H 160 148.49 -76.05 0.37
N UNK H 161 147.91 -76.50 -0.73
CA UNK H 161 147.65 -77.93 -0.80
C UNK H 161 148.93 -78.71 -0.96
N UNK H 162 149.96 -78.08 -1.51
CA UNK H 162 151.25 -78.70 -1.67
C UNK H 162 152.13 -78.35 -0.50
N UNK H 163 151.59 -78.51 0.69
CA UNK H 163 152.42 -78.59 1.87
C UNK H 163 152.63 -80.05 2.18
N UNK H 164 153.28 -80.31 3.29
CA UNK H 164 153.03 -81.52 4.02
C UNK H 164 152.65 -81.13 5.43
N UNK H 165 152.09 -79.93 5.56
CA UNK H 165 151.41 -79.50 6.77
C UNK H 165 150.05 -80.18 6.86
N UNK H 166 150.10 -81.50 6.97
CA UNK H 166 148.98 -82.33 6.60
C UNK H 166 148.07 -82.61 7.78
N UNK H 167 147.66 -81.57 8.47
CA UNK H 167 146.72 -81.76 9.54
C UNK H 167 145.74 -80.63 9.69
N UNK H 168 145.73 -79.65 8.81
CA UNK H 168 144.79 -78.56 8.96
C UNK H 168 143.41 -79.03 8.55
N UNK H 169 142.40 -78.32 9.02
CA UNK H 169 141.11 -78.50 8.42
C UNK H 169 141.15 -77.95 7.02
N UNK H 170 140.22 -78.43 6.19
CA UNK H 170 140.08 -77.85 4.87
C UNK H 170 139.72 -76.39 4.97
N UNK H 171 138.89 -76.02 5.93
CA UNK H 171 138.67 -74.63 6.15
C UNK H 171 139.88 -73.96 6.76
N UNK H 172 140.68 -74.69 7.50
CA UNK H 172 141.86 -74.06 8.05
C UNK H 172 142.86 -73.74 6.95
N UNK H 173 143.08 -74.69 6.07
CA UNK H 173 143.94 -74.46 4.94
C UNK H 173 143.37 -73.40 4.05
N UNK H 174 142.06 -73.31 3.98
CA UNK H 174 141.45 -72.26 3.21
C UNK H 174 141.72 -70.91 3.83
N UNK H 175 141.72 -70.83 5.15
CA UNK H 175 142.06 -69.57 5.78
C UNK H 175 143.49 -69.21 5.49
N UNK H 176 144.36 -70.19 5.51
CA UNK H 176 145.76 -69.94 5.23
C UNK H 176 145.94 -69.44 3.80
N UNK H 177 145.22 -70.03 2.86
CA UNK H 177 145.41 -69.67 1.47
C UNK H 177 144.83 -68.30 1.19
N UNK H 178 143.67 -68.01 1.75
CA UNK H 178 143.10 -66.70 1.54
C UNK H 178 143.92 -65.65 2.24
N UNK H 179 144.58 -66.02 3.34
CA UNK H 179 145.45 -65.10 4.03
C UNK H 179 146.60 -64.69 3.14
N UNK H 180 147.28 -65.67 2.55
CA UNK H 180 148.41 -65.35 1.69
C UNK H 180 147.98 -64.53 0.50
N UNK H 181 146.79 -64.80 0.00
CA UNK H 181 146.33 -64.06 -1.17
C UNK H 181 146.05 -62.61 -0.83
N UNK H 182 145.29 -62.37 0.22
CA UNK H 182 145.05 -61.01 0.61
C UNK H 182 146.34 -60.34 1.09
N UNK H 183 147.29 -61.12 1.59
CA UNK H 183 148.54 -60.53 2.07
C UNK H 183 149.36 -59.99 0.93
N UNK H 184 149.54 -60.78 -0.11
CA UNK H 184 150.35 -60.31 -1.20
C UNK H 184 149.64 -59.20 -1.94
N UNK H 185 148.32 -59.19 -1.87
CA UNK H 185 147.61 -58.01 -2.31
C UNK H 185 147.99 -56.80 -1.49
N UNK H 186 148.17 -56.99 -0.20
CA UNK H 186 148.50 -55.85 0.64
C UNK H 186 149.92 -55.36 0.38
N UNK H 187 150.84 -56.28 0.12
CA UNK H 187 152.19 -55.86 -0.19
C UNK H 187 152.26 -55.15 -1.51
N UNK H 188 151.39 -55.49 -2.43
CA UNK H 188 151.26 -54.69 -3.63
C UNK H 188 150.76 -53.29 -3.30
N UNK H 189 149.83 -53.20 -2.35
CA UNK H 189 149.29 -51.89 -2.01
C UNK H 189 150.33 -51.01 -1.40
N UNK H 190 151.31 -51.59 -0.71
CA UNK H 190 152.40 -50.78 -0.21
C UNK H 190 153.40 -50.47 -1.32
N UNK H 191 154.04 -51.49 -1.87
CA UNK H 191 155.12 -51.25 -2.82
C UNK H 191 154.63 -50.85 -4.21
N UNK H 192 120.01 -102.82 -4.69
CA UNK H 192 120.90 -102.81 -5.81
C UNK H 192 120.57 -101.66 -6.74
N UNK H 193 119.33 -101.63 -7.17
CA UNK H 193 118.92 -100.66 -8.16
C UNK H 193 117.85 -99.74 -7.64
N UNK H 194 117.97 -99.30 -6.40
CA UNK H 194 117.26 -98.11 -5.95
C UNK H 194 118.13 -96.89 -6.16
N UNK H 195 118.58 -96.72 -7.39
CA UNK H 195 119.15 -95.51 -7.95
C UNK H 195 118.10 -94.63 -8.53
N UNK H 196 116.87 -95.10 -8.46
CA UNK H 196 115.75 -94.27 -8.84
C UNK H 196 115.70 -93.03 -8.00
N UNK H 197 116.16 -93.12 -6.77
CA UNK H 197 116.34 -91.91 -6.00
C UNK H 197 117.42 -91.04 -6.54
N UNK H 198 118.46 -91.62 -7.17
CA UNK H 198 119.52 -90.75 -7.67
C UNK H 198 118.97 -89.87 -8.76
N UNK H 199 118.19 -90.46 -9.63
CA UNK H 199 117.57 -89.63 -10.64
C UNK H 199 116.51 -88.74 -10.04
N UNK H 200 115.83 -89.17 -9.00
CA UNK H 200 114.76 -88.35 -8.46
C UNK H 200 115.31 -87.13 -7.78
N UNK H 201 116.33 -87.33 -7.00
CA UNK H 201 116.93 -86.24 -6.28
C UNK H 201 117.62 -85.31 -7.22
N UNK H 202 118.35 -85.85 -8.19
CA UNK H 202 119.00 -84.98 -9.13
C UNK H 202 117.98 -84.22 -9.95
N UNK H 203 116.82 -84.80 -10.19
CA UNK H 203 115.80 -84.13 -10.97
C UNK H 203 115.22 -82.97 -10.20
N UNK H 204 114.88 -83.19 -8.94
CA UNK H 204 114.36 -82.10 -8.12
C UNK H 204 115.40 -81.01 -7.97
N UNK H 205 116.65 -81.42 -7.82
CA UNK H 205 117.70 -80.45 -7.70
C UNK H 205 117.80 -79.62 -8.94
N UNK H 206 117.97 -80.26 -10.09
CA UNK H 206 118.24 -79.49 -11.29
C UNK H 206 117.07 -78.67 -11.72
N UNK H 207 115.87 -79.04 -11.31
CA UNK H 207 114.79 -78.10 -11.48
C UNK H 207 115.01 -76.88 -10.62
N UNK H 208 115.42 -77.09 -9.36
CA UNK H 208 115.60 -75.95 -8.48
C UNK H 208 116.77 -75.09 -8.92
N UNK H 209 117.86 -75.72 -9.30
CA UNK H 209 119.02 -74.97 -9.70
C UNK H 209 118.82 -74.35 -11.07
N UNK H 210 117.93 -74.86 -11.92
CA UNK H 210 117.70 -74.19 -13.20
C UNK H 210 116.89 -72.95 -12.99
N UNK H 211 115.79 -73.09 -12.26
CA UNK H 211 114.98 -71.92 -12.03
C UNK H 211 115.70 -70.91 -11.16
N UNK H 212 116.71 -71.32 -10.41
CA UNK H 212 117.62 -70.34 -9.88
C UNK H 212 118.42 -69.71 -10.98
N UNK H 213 119.25 -70.49 -11.64
CA UNK H 213 120.34 -69.91 -12.38
C UNK H 213 119.91 -69.30 -13.69
N UNK H 214 118.66 -69.37 -14.07
CA UNK H 214 118.28 -68.63 -15.27
C UNK H 214 117.83 -67.23 -14.87
N UNK H 215 116.66 -67.14 -14.22
CA UNK H 215 116.09 -65.91 -13.70
C UNK H 215 116.12 -64.77 -14.71
N UNK H 216 115.66 -65.04 -15.93
CA UNK H 216 115.45 -63.97 -16.93
C UNK H 216 114.40 -64.48 -17.91
N UNK H 217 113.16 -64.08 -17.72
CA UNK H 217 112.00 -64.82 -18.25
C UNK H 217 111.43 -64.17 -19.49
N UNK H 218 111.62 -64.85 -20.62
CA UNK H 218 110.94 -64.56 -21.87
C UNK H 218 110.62 -65.89 -22.54
N UNK H 219 109.87 -65.84 -23.64
CA UNK H 219 109.11 -66.98 -24.14
C UNK H 219 109.66 -67.61 -25.41
N UNK H 220 109.76 -66.84 -26.50
CA UNK H 220 110.68 -67.03 -27.65
C UNK H 220 111.04 -68.47 -28.06
N UNK H 221 110.05 -69.26 -28.51
CA UNK H 221 109.95 -70.69 -28.23
C UNK H 221 111.18 -71.50 -28.64
N UNK H 222 111.44 -71.60 -29.93
CA UNK H 222 112.56 -72.43 -30.35
C UNK H 222 113.88 -71.79 -29.95
N UNK H 223 113.91 -70.47 -29.95
CA UNK H 223 115.09 -69.79 -29.48
C UNK H 223 115.24 -69.93 -27.99
N UNK H 224 114.11 -70.05 -27.28
CA UNK H 224 114.18 -70.39 -25.89
C UNK H 224 114.84 -71.74 -25.72
N UNK H 225 114.54 -72.70 -26.59
CA UNK H 225 115.17 -74.01 -26.49
C UNK H 225 116.68 -73.90 -26.69
N UNK H 226 117.09 -73.28 -27.78
CA UNK H 226 118.50 -73.26 -28.14
C UNK H 226 119.31 -72.46 -27.14
N UNK H 227 118.96 -71.21 -26.96
CA UNK H 227 119.79 -70.40 -26.11
C UNK H 227 119.55 -70.69 -24.66
N UNK H 228 118.48 -71.37 -24.30
CA UNK H 228 118.33 -71.65 -22.88
C UNK H 228 119.24 -72.77 -22.49
N UNK H 229 119.39 -73.78 -23.34
CA UNK H 229 120.41 -74.78 -23.06
C UNK H 229 121.78 -74.14 -23.09
N UNK H 230 121.98 -73.21 -24.02
CA UNK H 230 123.27 -72.54 -24.12
C UNK H 230 123.58 -71.73 -22.88
N UNK H 231 122.66 -70.87 -22.49
CA UNK H 231 122.89 -69.94 -21.40
C UNK H 231 122.99 -70.65 -20.10
N UNK H 232 122.20 -71.71 -19.90
CA UNK H 232 122.31 -72.43 -18.65
C UNK H 232 123.64 -73.13 -18.57
N UNK H 233 124.13 -73.63 -19.70
CA UNK H 233 125.48 -74.14 -19.67
C UNK H 233 126.48 -73.02 -19.53
N UNK H 234 126.12 -71.83 -19.98
CA UNK H 234 127.07 -70.74 -19.95
C UNK H 234 127.25 -70.27 -18.53
N UNK H 235 126.18 -69.83 -17.94
CA UNK H 235 126.09 -69.36 -16.59
C UNK H 235 126.14 -70.40 -15.67
N UNK H 236 126.40 -71.63 -16.09
CA UNK H 236 126.98 -72.63 -15.23
C UNK H 236 128.43 -72.31 -14.97
N UNK H 237 129.12 -73.26 -14.38
CA UNK H 237 130.49 -73.04 -14.00
C UNK H 237 131.39 -72.90 -15.21
N UNK H 238 132.44 -72.11 -15.05
CA UNK H 238 133.47 -71.90 -16.05
C UNK H 238 134.70 -71.39 -15.34
N UNK H 239 135.57 -70.75 -16.10
CA UNK H 239 136.88 -70.35 -15.64
C UNK H 239 137.23 -68.96 -16.12
N UNK H 240 136.36 -67.97 -15.90
CA UNK H 240 136.53 -66.72 -16.65
C UNK H 240 137.60 -65.78 -16.07
N UNK H 241 137.29 -65.12 -14.95
CA UNK H 241 138.25 -64.31 -14.15
C UNK H 241 139.08 -63.31 -14.95
N UNK H 242 138.43 -62.28 -15.48
CA UNK H 242 139.15 -61.26 -16.23
C UNK H 242 138.37 -59.94 -16.25
N UNK H 243 139.07 -58.81 -16.09
CA UNK H 243 138.37 -57.52 -16.13
C UNK H 243 139.17 -56.39 -16.76
N UNK H 244 139.87 -56.65 -17.88
CA UNK H 244 140.55 -55.60 -18.65
C UNK H 244 140.88 -56.11 -20.05
N UNK H 245 140.72 -55.26 -21.06
CA UNK H 245 140.77 -55.74 -22.44
C UNK H 245 141.96 -55.20 -23.20
N UNK H 246 142.28 -55.93 -24.26
CA UNK H 246 143.12 -55.43 -25.33
C UNK H 246 142.35 -54.55 -26.27
N UNK H 247 141.02 -54.63 -26.20
CA UNK H 247 140.12 -54.14 -27.24
C UNK H 247 140.65 -54.59 -28.59
N UNK H 248 140.88 -55.90 -28.72
CA UNK H 248 141.63 -56.46 -29.84
C UNK H 248 140.70 -56.81 -31.00
N UNK H 249 139.74 -57.71 -30.74
CA UNK H 249 138.59 -58.03 -31.61
C UNK H 249 139.00 -58.61 -32.95
N UNK H 250 139.96 -59.53 -32.91
CA UNK H 250 140.25 -60.40 -34.03
C UNK H 250 140.17 -61.84 -33.56
N UNK H 251 139.10 -62.15 -32.84
CA UNK H 251 138.73 -63.51 -32.47
C UNK H 251 137.22 -63.64 -32.57
N UNK H 252 136.76 -64.77 -33.09
CA UNK H 252 135.34 -64.99 -33.31
C UNK H 252 134.91 -66.22 -32.52
N UNK H 253 134.58 -66.01 -31.24
CA UNK H 253 134.12 -67.05 -30.33
C UNK H 253 132.65 -67.35 -30.57
N UNK H 254 132.01 -67.98 -29.59
CA UNK H 254 130.62 -68.40 -29.73
C UNK H 254 129.70 -67.22 -29.95
N UNK H 255 128.81 -67.36 -30.93
CA UNK H 255 127.92 -66.30 -31.33
C UNK H 255 126.65 -66.26 -30.49
N UNK H 256 126.73 -66.78 -29.25
CA UNK H 256 125.60 -66.73 -28.32
C UNK H 256 125.13 -65.32 -28.11
N UNK H 257 126.04 -64.46 -27.70
CA UNK H 257 125.71 -63.06 -27.56
C UNK H 257 125.49 -62.40 -28.90
N UNK H 258 125.97 -62.98 -29.99
CA UNK H 258 125.72 -62.36 -31.29
C UNK H 258 124.28 -62.55 -31.71
N UNK H 259 123.72 -63.73 -31.45
CA UNK H 259 122.31 -63.94 -31.70
C UNK H 259 121.46 -63.16 -30.72
N UNK H 260 121.94 -63.04 -29.49
CA UNK H 260 121.29 -62.14 -28.54
C UNK H 260 121.39 -60.70 -29.02
N UNK H 261 122.48 -60.35 -29.67
CA UNK H 261 122.65 -59.01 -30.17
C UNK H 261 121.76 -58.79 -31.37
N UNK H 262 121.51 -59.86 -32.12
CA UNK H 262 120.53 -59.79 -33.19
C UNK H 262 119.15 -59.52 -32.62
N UNK H 263 118.82 -60.18 -31.52
CA UNK H 263 117.57 -59.92 -30.84
C UNK H 263 117.54 -58.52 -30.24
N UNK H 264 118.67 -58.04 -29.75
CA UNK H 264 118.73 -56.74 -29.11
C UNK H 264 118.60 -55.63 -30.14
N UNK H 265 119.27 -55.80 -31.27
CA UNK H 265 119.10 -54.91 -32.40
C UNK H 265 117.69 -54.97 -32.92
N UNK H 266 117.06 -56.14 -32.84
CA UNK H 266 115.66 -56.23 -33.21
C UNK H 266 114.79 -55.45 -32.27
N UNK H 267 115.14 -55.46 -30.99
CA UNK H 267 114.37 -54.71 -30.02
C UNK H 267 114.52 -53.22 -30.24
N UNK H 268 115.76 -52.75 -30.40
CA UNK H 268 115.99 -51.33 -30.56
C UNK H 268 115.54 -50.85 -31.92
N UNK H 269 115.60 -51.70 -32.94
CA UNK H 269 115.12 -51.28 -34.24
C UNK H 269 113.62 -51.37 -34.32
N UNK H 270 112.98 -52.21 -33.52
CA UNK H 270 111.53 -52.24 -33.50
C UNK H 270 110.99 -51.10 -32.67
N UNK H 271 111.67 -50.77 -31.58
CA UNK H 271 111.37 -49.53 -30.90
C UNK H 271 111.76 -48.33 -31.75
N UNK H 272 112.74 -48.50 -32.63
CA UNK H 272 113.14 -47.41 -33.49
C UNK H 272 112.15 -47.20 -34.60
N UNK H 273 111.58 -48.28 -35.09
CA UNK H 273 110.45 -48.16 -35.98
C UNK H 273 109.26 -47.60 -35.22
N UNK H 274 109.14 -47.96 -33.95
CA UNK H 274 108.02 -47.50 -33.15
C UNK H 274 108.13 -46.02 -32.89
N UNK H 275 109.32 -45.55 -32.54
CA UNK H 275 109.54 -44.13 -32.36
C UNK H 275 109.56 -43.41 -33.69
N UNK H 276 109.97 -44.10 -34.75
CA UNK H 276 109.92 -43.55 -36.09
C UNK H 276 108.49 -43.27 -36.47
N UNK H 277 107.63 -44.25 -36.27
CA UNK H 277 106.22 -44.05 -36.51
C UNK H 277 105.60 -43.11 -35.49
N UNK H 278 106.24 -42.97 -34.33
CA UNK H 278 105.73 -42.04 -33.33
C UNK H 278 105.93 -40.60 -33.78
N UNK H 279 107.13 -40.29 -34.28
CA UNK H 279 107.34 -39.01 -34.92
C UNK H 279 106.50 -38.89 -36.17
N UNK H 280 106.30 -40.01 -36.86
CA UNK H 280 105.43 -40.08 -38.00
C UNK H 280 103.98 -40.28 -37.60
N UNK H 281 103.61 -39.86 -36.40
CA UNK H 281 102.22 -39.52 -36.11
C UNK H 281 101.92 -38.08 -36.55
N UNK H 282 119.46 -24.26 -36.30
CA UNK H 282 120.70 -24.92 -36.66
C UNK H 282 120.41 -26.00 -37.66
N UNK H 283 121.36 -26.92 -37.85
CA UNK H 283 121.08 -28.14 -38.59
C UNK H 283 121.25 -29.26 -37.59
N UNK H 284 120.25 -29.42 -36.74
CA UNK H 284 120.07 -30.64 -35.96
C UNK H 284 119.10 -31.55 -36.71
N UNK H 285 119.42 -31.75 -37.98
CA UNK H 285 118.48 -32.35 -38.90
C UNK H 285 118.74 -33.82 -39.09
N UNK H 286 119.25 -34.52 -38.07
CA UNK H 286 119.42 -35.97 -38.13
C UNK H 286 118.05 -36.59 -37.91
N UNK H 287 117.22 -36.50 -38.95
CA UNK H 287 115.79 -36.36 -38.75
C UNK H 287 115.12 -37.67 -38.38
N UNK H 288 115.14 -38.63 -39.29
CA UNK H 288 114.37 -39.84 -39.12
C UNK H 288 115.12 -40.91 -38.34
N UNK H 289 116.19 -40.56 -37.66
CA UNK H 289 116.76 -41.44 -36.65
C UNK H 289 117.21 -40.61 -35.47
N UNK H 290 116.46 -39.55 -35.16
CA UNK H 290 116.82 -38.64 -34.10
C UNK H 290 116.66 -39.27 -32.73
N UNK H 291 117.52 -40.21 -32.40
CA UNK H 291 117.21 -41.11 -31.30
C UNK H 291 118.49 -41.76 -30.82
N UNK H 292 118.91 -41.42 -29.62
CA UNK H 292 119.88 -42.24 -28.94
C UNK H 292 119.10 -43.34 -28.20
N UNK H 293 119.78 -44.15 -27.42
CA UNK H 293 119.10 -45.15 -26.59
C UNK H 293 118.29 -44.53 -25.48
N UNK H 294 118.40 -43.22 -25.26
CA UNK H 294 117.48 -42.47 -24.42
C UNK H 294 116.28 -41.95 -25.18
N UNK H 295 115.92 -42.56 -26.31
CA UNK H 295 114.66 -42.22 -26.94
C UNK H 295 113.49 -42.95 -26.31
N UNK H 296 113.78 -43.96 -25.50
CA UNK H 296 112.75 -44.70 -24.78
C UNK H 296 111.91 -43.77 -23.92
N UNK H 297 112.58 -42.90 -23.16
CA UNK H 297 111.90 -41.93 -22.31
C UNK H 297 111.04 -40.99 -23.12
N UNK H 298 111.47 -40.65 -24.34
CA UNK H 298 110.68 -39.82 -25.22
C UNK H 298 109.37 -40.52 -25.57
N UNK H 299 109.47 -41.79 -25.92
CA UNK H 299 108.29 -42.58 -26.29
C UNK H 299 107.32 -42.65 -25.14
N UNK H 300 107.85 -42.90 -23.94
CA UNK H 300 107.02 -43.16 -22.79
C UNK H 300 106.27 -41.92 -22.34
N UNK H 301 106.99 -40.81 -22.18
CA UNK H 301 106.34 -39.60 -21.71
C UNK H 301 105.38 -39.05 -22.75
N UNK H 302 105.66 -39.29 -24.03
CA UNK H 302 104.67 -39.02 -25.06
C UNK H 302 103.41 -39.84 -24.83
N UNK H 303 103.59 -41.13 -24.55
CA UNK H 303 102.47 -42.05 -24.38
C UNK H 303 101.62 -41.66 -23.20
N UNK H 304 102.24 -41.42 -22.06
CA UNK H 304 101.46 -41.13 -20.86
C UNK H 304 100.94 -39.71 -20.86
N UNK H 305 101.57 -38.80 -21.60
CA UNK H 305 101.04 -37.44 -21.65
C UNK H 305 99.78 -37.39 -22.49
N UNK H 306 99.83 -38.06 -23.66
CA UNK H 306 98.64 -38.19 -24.44
C UNK H 306 97.61 -39.04 -23.73
N UNK H 307 98.07 -39.98 -22.92
CA UNK H 307 97.16 -40.73 -22.05
C UNK H 307 96.60 -39.86 -20.96
N UNK H 308 97.33 -38.83 -20.53
CA UNK H 308 96.88 -37.99 -19.44
C UNK H 308 95.74 -37.11 -19.88
N UNK H 309 95.92 -36.43 -20.99
CA UNK H 309 94.78 -35.77 -21.61
C UNK H 309 93.74 -36.77 -22.10
N UNK H 310 94.13 -38.03 -22.35
CA UNK H 310 93.15 -39.00 -22.81
C UNK H 310 92.28 -39.48 -21.68
N UNK H 311 92.86 -39.63 -20.50
CA UNK H 311 92.06 -39.96 -19.34
C UNK H 311 91.29 -38.75 -18.88
N UNK H 312 91.79 -37.56 -19.19
CA UNK H 312 91.01 -36.35 -18.96
C UNK H 312 89.76 -36.38 -19.82
N UNK H 313 89.91 -36.74 -21.09
CA UNK H 313 88.76 -37.00 -21.95
C UNK H 313 87.86 -38.07 -21.37
N UNK H 314 88.46 -39.14 -20.85
CA UNK H 314 87.69 -40.23 -20.28
C UNK H 314 86.89 -39.77 -19.08
N UNK H 315 87.49 -38.93 -18.25
CA UNK H 315 86.85 -38.49 -17.01
C UNK H 315 85.76 -37.48 -17.28
N UNK H 316 86.00 -36.55 -18.21
CA UNK H 316 85.01 -35.54 -18.50
C UNK H 316 83.83 -36.15 -19.23
N UNK H 317 84.09 -36.93 -20.26
CA UNK H 317 83.04 -37.65 -20.96
C UNK H 317 82.45 -38.79 -20.14
N UNK H 318 83.01 -39.13 -18.97
CA UNK H 318 82.50 -40.23 -18.18
C UNK H 318 81.13 -39.92 -17.59
N UNK H 319 81.04 -38.94 -16.70
CA UNK H 319 79.81 -38.77 -15.93
C UNK H 319 79.64 -37.30 -15.58
N UNK H 320 78.73 -37.02 -14.64
CA UNK H 320 78.03 -35.74 -14.51
C UNK H 320 78.88 -34.66 -13.82
N UNK H 321 78.17 -33.63 -13.33
CA UNK H 321 78.63 -32.25 -13.20
C UNK H 321 79.90 -32.09 -12.39
N UNK H 322 80.97 -31.74 -13.09
CA UNK H 322 82.29 -31.44 -12.53
C UNK H 322 83.19 -30.90 -13.63
N UNK H 323 83.99 -29.91 -13.29
CA UNK H 323 85.17 -29.59 -14.07
C UNK H 323 86.36 -29.29 -13.18
N UNK H 324 86.22 -29.38 -11.86
CA UNK H 324 87.35 -29.36 -10.96
C UNK H 324 88.18 -30.61 -11.10
N UNK H 325 87.55 -31.72 -11.49
CA UNK H 325 88.28 -32.89 -11.91
C UNK H 325 89.14 -32.60 -13.14
N UNK H 326 88.59 -31.87 -14.11
CA UNK H 326 89.39 -31.54 -15.28
C UNK H 326 90.47 -30.52 -14.97
N UNK H 327 90.24 -29.64 -14.00
CA UNK H 327 91.29 -28.75 -13.56
C UNK H 327 92.40 -29.53 -12.89
N UNK H 328 92.04 -30.60 -12.17
CA UNK H 328 93.06 -31.50 -11.67
C UNK H 328 93.80 -32.17 -12.80
N UNK H 329 93.10 -32.47 -13.89
CA UNK H 329 93.78 -32.98 -15.05
C UNK H 329 94.66 -31.92 -15.71
N UNK H 330 94.37 -30.65 -15.47
CA UNK H 330 95.26 -29.60 -15.96
C UNK H 330 96.56 -29.56 -15.18
N UNK H 331 96.66 -30.28 -14.06
CA UNK H 331 97.93 -30.59 -13.41
C UNK H 331 98.45 -31.97 -13.75
N UNK H 332 97.54 -32.90 -14.02
CA UNK H 332 97.94 -34.23 -14.49
C UNK H 332 98.70 -34.14 -15.80
N UNK H 333 98.28 -33.24 -16.68
CA UNK H 333 99.09 -32.90 -17.84
C UNK H 333 100.38 -32.22 -17.42
N UNK H 334 100.30 -31.34 -16.41
CA UNK H 334 101.41 -30.45 -16.10
C UNK H 334 102.61 -31.19 -15.55
N UNK H 335 102.39 -32.38 -15.04
CA UNK H 335 103.50 -33.21 -14.58
C UNK H 335 104.46 -33.65 -15.69
N UNK H 336 104.09 -33.46 -16.97
CA UNK H 336 104.87 -33.94 -18.11
C UNK H 336 106.02 -33.03 -18.51
N UNK H 337 106.08 -31.82 -17.97
CA UNK H 337 107.13 -30.87 -18.29
C UNK H 337 108.49 -31.29 -17.74
N UNK H 338 108.54 -32.30 -16.88
CA UNK H 338 109.71 -32.49 -16.02
C UNK H 338 110.87 -33.12 -16.76
N UNK H 339 110.65 -34.27 -17.39
CA UNK H 339 111.76 -35.08 -17.84
C UNK H 339 112.22 -34.71 -19.21
N UNK H 340 112.13 -33.44 -19.62
CA UNK H 340 112.68 -33.05 -20.91
C UNK H 340 114.13 -32.64 -20.86
N UNK H 341 114.72 -32.47 -19.67
CA UNK H 341 116.14 -32.14 -19.61
C UNK H 341 117.00 -33.41 -19.66
N UNK H 342 116.87 -34.24 -18.63
CA UNK H 342 116.95 -35.70 -18.63
C UNK H 342 117.87 -36.33 -19.66
N UNK H 343 119.12 -35.85 -19.72
CA UNK H 343 120.13 -36.26 -20.68
C UNK H 343 119.63 -36.13 -22.12
N UNK H 344 118.89 -35.04 -22.37
CA UNK H 344 118.34 -34.77 -23.71
C UNK H 344 119.38 -34.08 -24.59
N UNK H 345 120.43 -34.82 -24.90
CA UNK H 345 121.68 -34.21 -25.31
C UNK H 345 121.65 -33.65 -26.71
N UNK H 346 120.71 -34.08 -27.54
CA UNK H 346 120.69 -33.58 -28.90
C UNK H 346 120.06 -32.21 -28.93
N UNK H 347 120.31 -31.50 -30.02
CA UNK H 347 119.49 -30.36 -30.37
C UNK H 347 118.32 -30.77 -31.23
N UNK H 348 118.20 -32.07 -31.51
CA UNK H 348 117.13 -32.65 -32.31
C UNK H 348 116.11 -33.40 -31.50
N UNK H 349 116.55 -34.04 -30.41
CA UNK H 349 115.70 -34.95 -29.66
C UNK H 349 114.53 -34.20 -29.04
N UNK H 350 114.83 -33.26 -28.16
CA UNK H 350 113.79 -32.53 -27.44
C UNK H 350 112.92 -31.74 -28.40
N UNK H 351 113.55 -31.08 -29.36
CA UNK H 351 112.85 -30.22 -30.29
C UNK H 351 111.88 -30.99 -31.16
N UNK H 352 112.41 -31.94 -31.94
CA UNK H 352 111.60 -32.71 -32.87
C UNK H 352 110.60 -33.57 -32.13
N UNK H 353 110.96 -34.10 -30.95
CA UNK H 353 110.06 -34.98 -30.24
C UNK H 353 108.86 -34.24 -29.70
N UNK H 354 109.11 -33.08 -29.10
CA UNK H 354 108.02 -32.25 -28.62
C UNK H 354 107.13 -31.83 -29.76
N UNK H 355 107.76 -31.46 -30.89
CA UNK H 355 107.01 -31.10 -32.09
C UNK H 355 106.12 -32.25 -32.53
N UNK H 356 106.62 -33.47 -32.42
CA UNK H 356 105.88 -34.63 -32.92
C UNK H 356 104.67 -34.93 -32.06
N UNK H 357 104.85 -34.95 -30.74
CA UNK H 357 103.74 -35.33 -29.87
C UNK H 357 102.69 -34.22 -29.79
N UNK H 358 103.14 -32.97 -29.73
CA UNK H 358 102.20 -31.86 -29.76
C UNK H 358 101.48 -31.79 -31.10
N UNK H 359 102.22 -32.03 -32.20
CA UNK H 359 101.67 -32.11 -33.53
C UNK H 359 100.67 -33.22 -33.66
N UNK H 360 100.85 -34.27 -32.88
CA UNK H 360 99.90 -35.37 -32.90
C UNK H 360 98.60 -34.96 -32.28
N UNK H 361 98.63 -34.62 -31.00
CA UNK H 361 97.33 -34.38 -30.41
C UNK H 361 96.91 -32.92 -30.59
N UNK H 362 97.65 -32.00 -29.98
CA UNK H 362 97.17 -30.65 -29.71
C UNK H 362 97.00 -29.84 -30.96
N UNK H 363 97.87 -30.05 -31.94
CA UNK H 363 97.67 -29.46 -33.26
C UNK H 363 96.42 -30.03 -33.90
N UNK H 364 96.29 -31.35 -33.88
CA UNK H 364 95.13 -31.99 -34.45
C UNK H 364 93.95 -31.99 -33.49
N UNK H 365 94.11 -31.47 -32.29
CA UNK H 365 92.99 -31.44 -31.37
C UNK H 365 91.95 -30.40 -31.75
N UNK H 366 92.16 -29.65 -32.82
CA UNK H 366 91.08 -28.94 -33.48
C UNK H 366 90.33 -29.91 -34.39
N UNK H 367 89.48 -29.34 -35.22
CA UNK H 367 89.02 -29.87 -36.49
C UNK H 367 88.04 -31.03 -36.44
N UNK H 368 87.84 -31.68 -35.29
CA UNK H 368 86.99 -32.87 -35.31
C UNK H 368 85.51 -32.52 -35.32
N UNK H 369 85.04 -31.88 -34.25
CA UNK H 369 83.68 -31.40 -34.25
C UNK H 369 83.53 -30.24 -35.20
N UNK H 370 84.63 -29.62 -35.59
CA UNK H 370 84.59 -28.76 -36.75
C UNK H 370 84.22 -29.53 -38.01
N UNK H 371 84.71 -30.75 -38.16
CA UNK H 371 84.35 -31.48 -39.36
C UNK H 371 82.92 -31.92 -39.27
N UNK H 372 82.47 -32.24 -38.07
CA UNK H 372 81.04 -32.48 -37.89
C UNK H 372 80.23 -31.22 -38.14
N UNK H 373 80.80 -30.06 -37.84
CA UNK H 373 80.14 -28.82 -38.15
C UNK H 373 80.17 -28.54 -39.62
N UNK H 374 81.22 -29.00 -40.29
CA UNK H 374 81.28 -28.92 -41.73
C UNK H 374 80.21 -29.78 -42.34
N UNK H 375 79.89 -30.88 -41.68
CA UNK H 375 78.73 -31.66 -42.07
C UNK H 375 77.52 -30.86 -41.68
N UNK H 376 77.10 -30.01 -42.60
CA UNK H 376 75.94 -29.15 -42.40
C UNK H 376 74.68 -30.00 -42.58
N UNK H 377 74.40 -30.83 -41.59
CA UNK H 377 73.43 -31.87 -41.84
C UNK H 377 72.02 -31.32 -41.81
N UNK H 378 71.53 -30.95 -40.65
CA UNK H 378 70.17 -30.46 -40.61
C UNK H 378 70.01 -29.57 -39.43
N UNK H 379 68.95 -28.77 -39.49
CA UNK H 379 68.64 -27.82 -38.44
C UNK H 379 68.49 -28.52 -37.11
N UNK H 380 67.56 -29.48 -37.04
CA UNK H 380 67.37 -30.22 -35.81
C UNK H 380 68.58 -31.09 -35.51
N UNK H 381 69.33 -31.46 -36.52
CA UNK H 381 70.50 -32.31 -36.29
C UNK H 381 71.58 -31.54 -35.55
N UNK H 382 71.93 -30.38 -36.07
CA UNK H 382 72.90 -29.56 -35.39
C UNK H 382 72.32 -29.02 -34.10
N UNK H 383 71.00 -28.92 -34.03
CA UNK H 383 70.37 -28.60 -32.77
C UNK H 383 70.56 -29.73 -31.79
N UNK H 384 70.64 -30.94 -32.29
CA UNK H 384 70.87 -32.05 -31.40
C UNK H 384 72.32 -32.09 -30.97
N UNK H 385 73.22 -31.72 -31.86
CA UNK H 385 74.62 -31.75 -31.48
C UNK H 385 74.95 -30.61 -30.54
N UNK H 386 74.34 -29.46 -30.76
CA UNK H 386 74.46 -28.36 -29.82
C UNK H 386 73.86 -28.74 -28.49
N UNK H 387 72.71 -29.41 -28.51
CA UNK H 387 72.15 -30.01 -27.32
C UNK H 387 73.09 -31.03 -26.71
N UNK H 388 73.86 -31.71 -27.53
CA UNK H 388 74.76 -32.73 -27.01
C UNK H 388 75.95 -32.10 -26.31
N UNK H 389 76.60 -31.15 -26.95
CA UNK H 389 77.74 -30.50 -26.33
C UNK H 389 77.28 -29.70 -25.13
N UNK H 390 76.10 -29.12 -25.21
CA UNK H 390 75.54 -28.46 -24.06
C UNK H 390 75.12 -29.43 -22.98
N UNK H 391 74.85 -30.68 -23.33
CA UNK H 391 74.64 -31.69 -22.30
C UNK H 391 75.94 -31.98 -21.61
N UNK H 392 77.02 -32.07 -22.38
CA UNK H 392 78.33 -32.28 -21.80
C UNK H 392 78.98 -30.96 -21.37
N UNK H 393 78.22 -29.88 -21.26
CA UNK H 393 78.77 -28.58 -20.88
C UNK H 393 79.11 -28.56 -19.40
N UNK H 394 80.20 -29.22 -19.05
CA UNK H 394 80.73 -29.06 -17.70
C UNK H 394 81.34 -27.69 -17.52
N UNK H 395 82.10 -27.24 -18.51
CA UNK H 395 82.62 -25.88 -18.54
C UNK H 395 81.65 -25.02 -19.33
N UNK H 396 81.17 -23.96 -18.70
CA UNK H 396 80.30 -23.01 -19.37
C UNK H 396 81.07 -22.00 -20.19
N UNK H 397 82.36 -21.87 -19.95
CA UNK H 397 83.14 -20.78 -20.50
C UNK H 397 84.31 -21.23 -21.33
N UNK H 398 84.98 -22.31 -20.94
CA UNK H 398 85.91 -22.94 -21.86
C UNK H 398 85.18 -23.52 -23.06
N UNK H 399 83.89 -23.83 -22.90
CA UNK H 399 83.02 -24.07 -24.04
C UNK H 399 82.92 -22.84 -24.92
N UNK H 400 82.74 -21.68 -24.32
CA UNK H 400 82.70 -20.44 -25.09
C UNK H 400 84.04 -20.14 -25.75
N UNK H 401 85.12 -20.70 -25.20
CA UNK H 401 86.41 -20.70 -25.89
C UNK H 401 86.45 -21.74 -27.00
N UNK H 402 85.82 -22.89 -26.78
CA UNK H 402 85.82 -23.93 -27.77
C UNK H 402 85.06 -23.49 -29.01
N UNK H 403 84.06 -22.66 -28.82
CA UNK H 403 83.38 -22.03 -29.96
C UNK H 403 84.34 -21.19 -30.76
N UNK H 404 85.29 -20.54 -30.10
CA UNK H 404 86.27 -19.83 -30.88
C UNK H 404 87.23 -20.78 -31.55
N UNK H 405 87.48 -21.93 -30.92
CA UNK H 405 88.36 -22.92 -31.53
C UNK H 405 87.74 -23.45 -32.80
N UNK H 406 86.42 -23.53 -32.81
CA UNK H 406 85.71 -23.74 -34.05
C UNK H 406 85.91 -22.56 -34.98
N UNK H 407 85.74 -21.35 -34.46
CA UNK H 407 85.70 -20.14 -35.28
C UNK H 407 87.03 -19.87 -35.96
N UNK H 408 88.07 -20.57 -35.53
CA UNK H 408 89.29 -20.77 -36.29
C UNK H 408 89.07 -21.30 -37.70
N UNK H 409 87.97 -22.02 -37.96
CA UNK H 409 87.79 -22.59 -39.29
C UNK H 409 87.52 -21.50 -40.33
N UNK H 410 86.71 -20.50 -39.99
CA UNK H 410 86.38 -19.43 -40.91
C UNK H 410 87.44 -18.33 -40.85
N UNK H 411 87.12 -17.17 -41.42
CA UNK H 411 87.93 -15.97 -41.33
C UNK H 411 87.07 -14.76 -41.71
N UNK H 412 87.69 -13.58 -41.71
CA UNK H 412 87.32 -12.41 -42.50
C UNK H 412 86.07 -11.64 -42.11
N UNK H 413 85.28 -12.14 -41.17
CA UNK H 413 84.22 -11.32 -40.57
C UNK H 413 84.04 -11.70 -39.12
N UNK H 414 85.13 -12.09 -38.48
CA UNK H 414 85.07 -13.27 -37.63
C UNK H 414 84.34 -13.08 -36.32
N UNK H 415 83.64 -11.98 -36.08
CA UNK H 415 82.80 -11.95 -34.88
C UNK H 415 81.49 -11.22 -35.10
N UNK H 416 81.13 -11.02 -36.36
CA UNK H 416 80.25 -9.96 -36.84
C UNK H 416 78.93 -9.93 -36.11
N UNK H 417 78.13 -10.97 -36.25
CA UNK H 417 77.01 -11.14 -35.35
C UNK H 417 77.31 -12.08 -34.21
N UNK H 418 78.56 -12.54 -34.11
CA UNK H 418 78.93 -13.44 -33.03
C UNK H 418 78.90 -12.72 -31.70
N UNK H 419 79.08 -11.41 -31.74
CA UNK H 419 78.73 -10.61 -30.58
C UNK H 419 77.23 -10.44 -30.45
N UNK H 420 76.51 -10.37 -31.58
CA UNK H 420 75.10 -10.04 -31.55
C UNK H 420 74.31 -11.10 -30.85
N UNK H 421 74.71 -12.34 -31.06
CA UNK H 421 74.05 -13.45 -30.39
C UNK H 421 74.32 -13.43 -28.90
N UNK H 422 75.62 -13.43 -28.56
CA UNK H 422 76.07 -13.53 -27.18
C UNK H 422 75.45 -12.46 -26.30
N UNK H 423 75.27 -11.25 -26.86
CA UNK H 423 74.55 -10.22 -26.12
C UNK H 423 73.04 -10.43 -26.21
N UNK H 424 72.51 -10.65 -27.42
CA UNK H 424 71.10 -10.68 -27.75
C UNK H 424 70.33 -11.73 -27.01
N UNK H 425 71.06 -12.70 -26.45
CA UNK H 425 70.52 -13.69 -25.55
C UNK H 425 69.70 -13.08 -24.42
N UNK H 426 70.10 -11.93 -23.88
CA UNK H 426 69.46 -11.41 -22.69
C UNK H 426 68.10 -10.81 -23.03
N UNK H 427 67.05 -11.38 -22.43
CA UNK H 427 65.65 -11.16 -22.74
C UNK H 427 64.81 -11.76 -21.61
N UNK H 428 63.53 -12.08 -21.85
CA UNK H 428 62.75 -12.84 -20.88
C UNK H 428 63.23 -14.30 -20.80
N UNK H 429 62.75 -15.00 -19.77
CA UNK H 429 63.49 -16.12 -19.16
C UNK H 429 62.97 -17.48 -19.57
N UNK H 430 63.73 -18.17 -20.42
CA UNK H 430 63.71 -19.62 -20.50
C UNK H 430 64.85 -20.15 -19.62
N UNK H 431 65.22 -21.42 -19.77
CA UNK H 431 66.31 -21.98 -18.99
C UNK H 431 67.66 -21.37 -19.37
N UNK H 432 68.59 -21.43 -18.42
CA UNK H 432 69.98 -21.14 -18.80
C UNK H 432 70.55 -22.28 -19.62
N UNK H 433 69.96 -23.46 -19.48
CA UNK H 433 70.12 -24.47 -20.52
C UNK H 433 69.69 -23.93 -21.88
N UNK H 434 68.56 -23.22 -21.93
CA UNK H 434 68.10 -22.70 -23.21
C UNK H 434 68.99 -21.57 -23.67
N UNK H 435 69.57 -20.84 -22.73
CA UNK H 435 70.57 -19.86 -23.08
C UNK H 435 71.78 -20.52 -23.71
N UNK H 436 72.26 -21.57 -23.08
CA UNK H 436 73.42 -22.30 -23.58
C UNK H 436 73.14 -22.86 -24.96
N UNK H 437 71.99 -23.49 -25.11
CA UNK H 437 71.65 -24.16 -26.35
C UNK H 437 71.39 -23.14 -27.44
N UNK H 438 70.58 -22.13 -27.14
CA UNK H 438 70.29 -21.11 -28.11
C UNK H 438 71.53 -20.30 -28.44
N UNK H 439 72.48 -20.26 -27.52
CA UNK H 439 73.74 -19.60 -27.77
C UNK H 439 74.54 -20.36 -28.79
N UNK H 440 74.74 -21.64 -28.55
CA UNK H 440 75.58 -22.42 -29.45
C UNK H 440 74.89 -22.59 -30.78
N UNK H 441 73.58 -22.72 -30.76
CA UNK H 441 72.79 -22.89 -31.96
C UNK H 441 72.57 -21.56 -32.66
N UNK H 442 72.93 -20.47 -32.04
CA UNK H 442 73.20 -19.33 -32.85
C UNK H 442 74.46 -19.53 -33.63
N UNK H 443 75.45 -20.17 -33.02
CA UNK H 443 76.80 -19.96 -33.49
C UNK H 443 77.12 -20.76 -34.72
N UNK H 444 76.72 -22.02 -34.79
CA UNK H 444 77.02 -22.72 -36.03
C UNK H 444 76.05 -22.33 -37.12
N UNK H 445 74.85 -21.93 -36.71
CA UNK H 445 73.92 -21.29 -37.63
C UNK H 445 74.53 -20.04 -38.21
N UNK H 446 75.28 -19.33 -37.39
CA UNK H 446 76.09 -18.24 -37.88
C UNK H 446 77.19 -18.76 -38.79
N UNK H 447 77.72 -19.94 -38.50
CA UNK H 447 78.88 -20.42 -39.21
C UNK H 447 78.54 -21.08 -40.54
N UNK H 448 77.42 -20.69 -41.15
CA UNK H 448 77.12 -21.08 -42.51
C UNK H 448 78.23 -20.66 -43.44
N UNK H 449 78.45 -21.46 -44.47
CA UNK H 449 79.42 -21.14 -45.49
C UNK H 449 78.83 -20.11 -46.44
N UNK H 450 79.40 -20.01 -47.62
CA UNK H 450 78.77 -19.23 -48.67
C UNK H 450 77.44 -19.86 -49.02
N UNK H 451 77.69 -42.75 -33.74
CA UNK H 451 78.13 -41.47 -34.28
C UNK H 451 78.06 -40.35 -33.24
N UNK H 452 77.18 -40.51 -32.25
CA UNK H 452 77.26 -39.63 -31.10
C UNK H 452 78.41 -40.03 -30.19
N UNK H 453 78.85 -41.29 -30.26
CA UNK H 453 80.12 -41.65 -29.67
C UNK H 453 81.27 -40.93 -30.37
N UNK H 454 81.19 -40.78 -31.68
CA UNK H 454 82.12 -39.90 -32.37
C UNK H 454 81.93 -38.45 -31.96
N UNK H 455 80.70 -38.04 -31.66
CA UNK H 455 80.47 -36.68 -31.22
C UNK H 455 81.09 -36.43 -29.87
N UNK H 456 80.99 -37.40 -28.97
CA UNK H 456 81.68 -37.28 -27.70
C UNK H 456 83.18 -37.38 -27.89
N UNK H 457 83.63 -38.10 -28.90
CA UNK H 457 85.04 -38.18 -29.19
C UNK H 457 85.58 -36.85 -29.70
N UNK H 458 84.78 -36.18 -30.52
CA UNK H 458 85.18 -34.88 -31.05
C UNK H 458 85.07 -33.82 -29.99
N UNK H 459 84.08 -33.96 -29.11
CA UNK H 459 84.04 -33.17 -27.90
C UNK H 459 85.32 -33.32 -27.12
N UNK H 460 85.78 -34.57 -26.97
CA UNK H 460 87.02 -34.82 -26.27
C UNK H 460 88.21 -34.22 -27.01
N UNK H 461 88.17 -34.22 -28.33
CA UNK H 461 89.27 -33.70 -29.11
C UNK H 461 89.39 -32.19 -28.94
N UNK H 462 88.30 -31.47 -29.14
CA UNK H 462 88.34 -30.02 -28.98
C UNK H 462 88.52 -29.65 -27.52
N UNK H 463 88.06 -30.50 -26.62
CA UNK H 463 88.39 -30.35 -25.22
C UNK H 463 89.86 -30.54 -24.97
N UNK H 464 90.53 -31.38 -25.77
CA UNK H 464 91.96 -31.53 -25.61
C UNK H 464 92.72 -30.43 -26.31
N UNK H 465 92.09 -29.74 -27.25
CA UNK H 465 92.66 -28.49 -27.75
C UNK H 465 92.67 -27.44 -26.66
N UNK H 466 91.60 -27.39 -25.88
CA UNK H 466 91.63 -26.61 -24.66
C UNK H 466 92.71 -27.14 -23.73
N UNK H 467 92.52 -28.35 -23.22
CA UNK H 467 93.30 -28.92 -22.13
C UNK H 467 94.71 -29.31 -22.53
N UNK H 468 95.12 -29.07 -23.77
CA UNK H 468 96.46 -29.42 -24.22
C UNK H 468 97.26 -28.22 -24.70
N UNK H 469 96.60 -27.19 -25.22
CA UNK H 469 97.31 -26.01 -25.67
C UNK H 469 97.57 -25.03 -24.54
N UNK H 470 97.44 -25.46 -23.29
CA UNK H 470 97.76 -24.66 -22.12
C UNK H 470 99.26 -24.61 -21.89
N UNK I 1 156.90 -36.23 42.60
CA UNK I 1 157.27 -36.37 41.20
C UNK I 1 156.00 -36.45 40.41
N UNK I 2 155.47 -37.66 40.33
CA UNK I 2 154.08 -37.84 39.93
C UNK I 2 153.18 -37.02 40.81
N UNK I 3 153.37 -37.14 42.13
CA UNK I 3 152.62 -36.33 43.10
C UNK I 3 152.88 -34.85 42.94
N UNK I 4 154.06 -34.48 42.49
CA UNK I 4 154.43 -33.09 42.36
C UNK I 4 153.66 -32.41 41.22
N UNK I 5 153.87 -32.91 40.00
CA UNK I 5 153.10 -32.43 38.86
C UNK I 5 151.62 -32.59 39.10
N UNK I 6 151.24 -33.65 39.82
CA UNK I 6 149.89 -33.83 40.25
C UNK I 6 149.43 -32.70 41.14
N UNK I 7 150.28 -32.27 42.07
CA UNK I 7 149.83 -31.33 43.09
C UNK I 7 149.61 -29.98 42.49
N UNK I 8 150.50 -29.61 41.59
CA UNK I 8 150.30 -28.37 40.86
C UNK I 8 149.07 -28.47 39.98
N UNK I 9 148.88 -29.63 39.35
CA UNK I 9 147.73 -29.83 38.50
C UNK I 9 146.45 -29.69 39.29
N UNK I 10 146.39 -30.34 40.43
CA UNK I 10 145.21 -30.35 41.26
C UNK I 10 145.00 -29.02 41.91
N UNK I 11 146.07 -28.26 42.13
CA UNK I 11 145.88 -26.89 42.55
C UNK I 11 145.28 -26.08 41.42
N UNK I 12 145.52 -26.47 40.17
CA UNK I 12 144.89 -25.67 39.13
C UNK I 12 143.56 -26.22 38.63
N UNK I 13 143.61 -27.28 37.82
CA UNK I 13 142.51 -28.01 37.19
C UNK I 13 143.11 -29.13 36.35
N UNK I 14 142.21 -29.86 35.67
CA UNK I 14 142.51 -30.79 34.57
C UNK I 14 141.16 -31.01 33.93
N UNK I 15 141.09 -31.03 32.60
CA UNK I 15 139.78 -30.73 32.05
C UNK I 15 139.58 -31.36 30.68
N UNK I 16 138.74 -30.67 29.92
CA UNK I 16 138.13 -30.85 28.62
C UNK I 16 136.94 -31.79 28.67
N UNK I 17 136.81 -32.63 29.70
CA UNK I 17 135.50 -33.21 30.05
C UNK I 17 135.46 -33.58 31.52
N UNK I 18 136.64 -33.86 32.05
CA UNK I 18 136.74 -34.64 33.27
C UNK I 18 136.33 -33.82 34.48
N UNK I 19 136.23 -32.51 34.32
CA UNK I 19 135.51 -31.70 35.28
C UNK I 19 134.08 -32.17 35.44
N UNK I 20 133.36 -32.33 34.34
CA UNK I 20 131.99 -32.79 34.43
C UNK I 20 131.92 -34.21 34.94
N UNK I 21 132.87 -35.07 34.52
CA UNK I 21 132.86 -36.45 35.02
C UNK I 21 133.07 -36.51 36.53
N UNK I 22 134.01 -35.73 37.05
CA UNK I 22 134.25 -35.75 38.47
C UNK I 22 133.11 -35.10 39.23
N UNK I 23 132.45 -34.12 38.63
CA UNK I 23 131.25 -33.57 39.23
C UNK I 23 130.17 -34.62 39.33
N UNK I 24 130.14 -35.57 38.40
CA UNK I 24 129.20 -36.68 38.56
C UNK I 24 129.62 -37.60 39.69
N UNK I 25 130.91 -37.77 39.90
CA UNK I 25 131.33 -38.62 41.01
C UNK I 25 130.92 -38.01 42.33
N UNK I 26 130.98 -36.69 42.38
CA UNK I 26 130.37 -35.98 43.48
C UNK I 26 128.89 -36.27 43.54
N UNK I 27 128.24 -36.32 42.39
CA UNK I 27 126.79 -36.50 42.42
C UNK I 27 126.41 -37.87 42.95
N UNK I 28 127.26 -38.85 42.71
CA UNK I 28 126.96 -40.19 43.20
C UNK I 28 127.24 -40.32 44.69
N UNK I 29 128.32 -39.70 45.16
CA UNK I 29 128.57 -39.75 46.59
C UNK I 29 127.48 -39.01 47.33
N UNK I 30 126.99 -37.94 46.73
CA UNK I 30 125.82 -37.24 47.24
C UNK I 30 124.62 -38.16 47.26
N UNK I 31 124.47 -38.94 46.21
CA UNK I 31 123.31 -39.80 46.10
C UNK I 31 123.32 -40.88 47.16
N UNK I 32 124.43 -41.61 47.28
CA UNK I 32 124.51 -42.69 48.23
C UNK I 32 124.39 -42.20 49.64
N UNK I 33 124.90 -40.99 49.89
CA UNK I 33 124.65 -40.37 51.18
C UNK I 33 123.18 -40.18 51.40
N UNK I 34 122.46 -39.73 50.38
CA UNK I 34 121.04 -39.53 50.56
C UNK I 34 120.31 -40.84 50.76
N UNK I 35 120.77 -41.88 50.10
CA UNK I 35 120.03 -43.13 50.15
C UNK I 35 120.25 -43.82 51.47
N UNK I 36 121.50 -43.88 51.92
CA UNK I 36 121.76 -44.48 53.21
C UNK I 36 121.16 -43.65 54.31
N UNK I 37 121.07 -42.35 54.11
CA UNK I 37 120.39 -41.51 55.08
C UNK I 37 118.93 -41.86 55.19
N UNK I 38 118.26 -41.95 54.04
CA UNK I 38 116.84 -42.22 54.04
C UNK I 38 116.54 -43.61 54.57
N UNK I 39 117.34 -44.58 54.18
CA UNK I 39 117.13 -45.94 54.63
C UNK I 39 117.40 -46.07 56.10
N UNK I 40 118.36 -45.32 56.63
CA UNK I 40 118.56 -45.45 58.06
C UNK I 40 117.64 -44.52 58.83
N UNK I 41 116.35 -44.59 58.57
CA UNK I 41 115.41 -43.78 59.30
C UNK I 41 114.33 -44.60 59.99
N UNK I 42 113.66 -45.50 59.25
CA UNK I 42 112.46 -46.17 59.74
C UNK I 42 112.83 -47.32 60.67
N UNK I 43 111.89 -48.24 60.92
CA UNK I 43 112.10 -49.39 61.79
C UNK I 43 113.10 -50.34 61.18
N UNK I 44 114.27 -50.44 61.77
CA UNK I 44 115.48 -50.97 61.14
C UNK I 44 115.42 -52.46 60.93
N UNK I 45 114.44 -52.91 60.16
CA UNK I 45 114.11 -54.33 60.06
C UNK I 45 115.06 -54.99 59.09
N UNK I 46 114.94 -56.31 58.96
CA UNK I 46 116.01 -57.15 58.45
C UNK I 46 116.34 -56.85 57.01
N UNK I 47 115.45 -56.18 56.31
CA UNK I 47 115.79 -55.63 55.01
C UNK I 47 116.80 -54.48 55.07
N UNK I 48 117.32 -54.11 56.25
CA UNK I 48 118.39 -53.14 56.31
C UNK I 48 119.58 -53.63 55.52
N UNK I 49 119.88 -54.91 55.62
CA UNK I 49 120.95 -55.47 54.83
C UNK I 49 120.63 -55.40 53.34
N UNK I 50 119.65 -56.17 52.91
CA UNK I 50 119.37 -56.25 51.48
C UNK I 50 118.51 -55.14 51.01
N UNK I 51 118.55 -54.00 51.69
CA UNK I 51 118.32 -52.69 51.12
C UNK I 51 119.61 -51.92 51.02
N UNK I 52 120.45 -51.97 52.05
CA UNK I 52 121.59 -51.08 52.11
C UNK I 52 122.67 -51.54 51.19
N UNK I 53 122.94 -52.84 51.19
CA UNK I 53 123.93 -53.38 50.29
C UNK I 53 123.50 -53.18 48.87
N UNK I 54 122.20 -53.22 48.62
CA UNK I 54 121.69 -52.90 47.31
C UNK I 54 122.01 -51.47 46.94
N UNK I 55 121.84 -50.56 47.90
CA UNK I 55 122.04 -49.16 47.58
C UNK I 55 123.49 -48.88 47.29
N UNK I 56 124.37 -49.47 48.09
CA UNK I 56 125.78 -49.29 47.79
C UNK I 56 126.18 -50.03 46.54
N UNK I 57 125.43 -51.07 46.17
CA UNK I 57 125.72 -51.71 44.90
C UNK I 57 125.33 -50.82 43.76
N UNK I 58 124.24 -50.07 43.93
CA UNK I 58 123.91 -49.07 42.92
C UNK I 58 124.97 -47.97 42.89
N UNK I 59 125.52 -47.66 44.06
CA UNK I 59 126.53 -46.61 44.16
C UNK I 59 127.78 -47.00 43.43
N UNK I 60 128.35 -48.13 43.80
CA UNK I 60 129.52 -48.64 43.12
C UNK I 60 129.26 -48.99 41.67
N UNK I 61 128.01 -49.25 41.30
CA UNK I 61 127.72 -49.43 39.89
C UNK I 61 127.98 -48.15 39.13
N UNK I 62 127.38 -47.04 39.60
CA UNK I 62 127.61 -45.76 38.96
C UNK I 62 129.06 -45.32 39.09
N UNK I 63 129.71 -45.78 40.14
CA UNK I 63 131.11 -45.46 40.34
C UNK I 63 131.99 -46.19 39.38
N UNK I 64 131.72 -47.48 39.16
CA UNK I 64 132.52 -48.25 38.23
C UNK I 64 132.34 -47.72 36.83
N UNK I 65 131.13 -47.24 36.52
CA UNK I 65 130.90 -46.50 35.30
C UNK I 65 131.84 -45.31 35.18
N UNK I 66 131.78 -44.41 36.16
CA UNK I 66 132.59 -43.20 36.12
C UNK I 66 134.07 -43.50 36.09
N UNK I 67 134.47 -44.56 36.77
CA UNK I 67 135.89 -44.81 36.90
C UNK I 67 136.46 -45.46 35.66
N UNK I 68 135.75 -46.38 35.03
CA UNK I 68 136.28 -46.92 33.79
C UNK I 68 136.21 -45.88 32.69
N UNK I 69 135.16 -45.05 32.71
CA UNK I 69 135.04 -43.98 31.74
C UNK I 69 136.18 -43.01 31.87
N UNK I 70 136.55 -42.66 33.09
CA UNK I 70 137.61 -41.67 33.28
C UNK I 70 139.00 -42.27 33.09
N UNK I 71 139.23 -43.50 33.53
CA UNK I 71 140.53 -44.08 33.25
C UNK I 71 140.67 -44.46 31.80
N UNK I 72 139.60 -44.41 31.02
CA UNK I 72 139.76 -44.19 29.60
C UNK I 72 140.04 -42.73 29.30
N UNK I 73 139.30 -41.84 29.94
CA UNK I 73 139.21 -40.45 29.51
C UNK I 73 140.39 -39.67 30.06
N UNK I 74 141.37 -39.40 29.18
CA UNK I 74 142.56 -38.62 29.48
C UNK I 74 143.37 -39.25 30.60
N UNK I 75 143.90 -40.42 30.30
CA UNK I 75 144.91 -41.01 31.16
C UNK I 75 146.30 -40.59 30.69
N UNK I 76 146.51 -39.28 30.66
CA UNK I 76 147.85 -38.76 30.72
C UNK I 76 148.44 -39.07 32.10
N UNK I 77 149.76 -39.00 32.20
CA UNK I 77 150.51 -39.77 33.19
C UNK I 77 150.19 -39.41 34.62
N UNK I 78 150.52 -38.20 35.04
CA UNK I 78 150.10 -37.79 36.38
C UNK I 78 148.64 -37.41 36.42
N UNK I 79 148.04 -37.18 35.25
CA UNK I 79 146.61 -36.93 35.18
C UNK I 79 145.80 -38.14 35.62
N UNK I 80 146.42 -39.32 35.66
CA UNK I 80 145.90 -40.39 36.49
C UNK I 80 145.74 -39.91 37.92
N UNK I 81 146.84 -39.50 38.54
CA UNK I 81 146.84 -39.18 39.95
C UNK I 81 146.01 -37.97 40.29
N UNK I 82 145.70 -37.15 39.28
CA UNK I 82 144.91 -35.94 39.48
C UNK I 82 143.55 -36.26 40.07
N UNK I 83 142.71 -36.92 39.29
CA UNK I 83 141.45 -37.34 39.88
C UNK I 83 141.65 -38.51 40.82
N UNK I 84 142.79 -39.22 40.75
CA UNK I 84 142.97 -40.28 41.72
C UNK I 84 143.23 -39.77 43.12
N UNK I 85 143.49 -38.48 43.28
CA UNK I 85 143.42 -37.87 44.59
C UNK I 85 142.12 -37.12 44.78
N UNK I 86 141.65 -36.48 43.73
CA UNK I 86 140.45 -35.65 43.84
C UNK I 86 139.25 -36.49 44.21
N UNK I 87 139.21 -37.72 43.73
CA UNK I 87 138.08 -38.58 43.98
C UNK I 87 137.99 -38.98 45.43
N UNK I 88 139.12 -39.34 46.03
CA UNK I 88 139.08 -39.71 47.44
C UNK I 88 138.80 -38.50 48.31
N UNK I 89 139.21 -37.31 47.86
CA UNK I 89 138.78 -36.11 48.56
C UNK I 89 137.28 -35.96 48.48
N UNK I 90 136.74 -36.13 47.28
CA UNK I 90 135.31 -35.98 47.02
C UNK I 90 134.50 -37.00 47.80
N UNK I 91 135.08 -38.17 48.03
CA UNK I 91 134.51 -39.08 48.98
C UNK I 91 134.50 -38.44 50.34
N UNK I 92 135.70 -38.24 50.88
CA UNK I 92 135.86 -38.12 52.32
C UNK I 92 135.16 -36.88 52.82
N UNK I 93 135.52 -35.73 52.28
CA UNK I 93 134.79 -34.54 52.66
C UNK I 93 133.46 -34.49 51.97
N UNK I 94 133.48 -34.43 50.65
CA UNK I 94 132.51 -33.65 49.92
C UNK I 94 131.12 -34.25 49.98
N UNK I 95 131.02 -35.54 50.32
CA UNK I 95 129.71 -35.99 50.74
C UNK I 95 129.64 -36.98 51.90
N UNK I 96 130.57 -37.94 51.95
CA UNK I 96 130.16 -39.35 52.00
C UNK I 96 129.31 -39.74 53.19
N UNK I 97 129.54 -39.15 54.36
CA UNK I 97 129.22 -39.85 55.60
C UNK I 97 127.73 -39.89 55.88
N UNK I 98 127.33 -40.90 56.68
CA UNK I 98 125.95 -41.04 57.14
C UNK I 98 125.90 -42.01 58.32
N UNK I 99 125.39 -41.55 59.47
CA UNK I 99 124.73 -42.32 60.54
C UNK I 99 124.25 -41.34 61.62
N UNK I 100 123.77 -41.90 62.72
CA UNK I 100 123.70 -41.26 64.02
C UNK I 100 125.00 -41.44 64.78
N UNK I 101 126.07 -41.62 64.05
CA UNK I 101 127.39 -41.48 64.60
C UNK I 101 127.65 -40.09 65.12
N UNK I 102 126.83 -39.11 64.77
CA UNK I 102 126.77 -37.87 65.53
C UNK I 102 126.52 -38.15 67.00
N UNK I 103 125.53 -38.99 67.28
CA UNK I 103 125.26 -39.34 68.66
C UNK I 103 126.33 -40.23 69.21
N UNK I 104 127.06 -40.92 68.34
CA UNK I 104 128.30 -41.48 68.86
C UNK I 104 129.28 -40.38 69.16
N UNK I 105 129.37 -39.40 68.29
CA UNK I 105 130.56 -38.60 68.16
C UNK I 105 130.62 -37.53 69.21
N UNK I 106 129.47 -37.10 69.70
CA UNK I 106 129.44 -36.45 70.99
C UNK I 106 129.85 -37.53 71.96
N UNK I 107 131.03 -37.40 72.53
CA UNK I 107 131.72 -38.51 73.15
C UNK I 107 131.01 -38.98 74.38
N UNK I 108 130.88 -38.07 75.35
CA UNK I 108 130.49 -38.37 76.73
C UNK I 108 131.30 -39.58 77.20
N UNK I 109 132.60 -39.39 77.14
CA UNK I 109 133.54 -40.49 77.04
C UNK I 109 133.63 -41.33 78.29
N UNK I 110 132.83 -41.05 79.32
CA UNK I 110 132.53 -42.03 80.33
C UNK I 110 132.13 -43.30 79.63
N UNK I 111 133.03 -44.28 79.74
CA UNK I 111 132.95 -45.46 78.92
C UNK I 111 131.74 -46.30 79.29
N UNK I 112 131.22 -46.10 80.49
CA UNK I 112 129.91 -46.61 80.81
C UNK I 112 128.85 -45.98 79.92
N UNK I 113 128.95 -44.69 79.67
CA UNK I 113 127.93 -44.11 78.79
C UNK I 113 128.18 -44.53 77.34
N UNK I 114 129.43 -44.78 76.99
CA UNK I 114 129.72 -45.42 75.70
C UNK I 114 129.07 -46.79 75.66
N UNK I 115 129.14 -47.52 76.75
CA UNK I 115 128.48 -48.80 76.85
C UNK I 115 126.98 -48.65 76.83
N UNK I 116 126.47 -47.50 77.24
CA UNK I 116 125.05 -47.28 77.11
C UNK I 116 124.67 -47.15 75.66
N UNK I 117 125.51 -46.46 74.89
CA UNK I 117 125.29 -46.42 73.45
C UNK I 117 125.42 -47.81 72.86
N UNK I 118 126.33 -48.60 73.41
CA UNK I 118 126.58 -49.92 72.87
C UNK I 118 125.40 -50.83 73.13
N UNK I 119 124.86 -50.76 74.33
CA UNK I 119 123.67 -51.54 74.64
C UNK I 119 122.50 -51.03 73.85
N UNK I 120 122.51 -49.76 73.47
CA UNK I 120 121.43 -49.27 72.66
C UNK I 120 121.50 -49.85 71.26
N UNK I 121 122.67 -49.77 70.62
CA UNK I 121 122.79 -50.31 69.27
C UNK I 121 122.65 -51.81 69.25
N UNK I 122 123.14 -52.49 70.26
CA UNK I 122 123.02 -53.92 70.32
C UNK I 122 121.64 -54.34 70.79
N UNK I 123 120.60 -53.92 70.06
CA UNK I 123 119.34 -54.66 69.96
C UNK I 123 118.61 -54.18 68.71
N UNK I 124 118.76 -54.91 67.59
CA UNK I 124 117.63 -55.26 66.71
C UNK I 124 117.83 -56.50 65.85
N UNK I 125 119.07 -56.82 65.51
CA UNK I 125 119.39 -57.61 64.32
C UNK I 125 120.46 -58.61 64.69
N UNK I 126 121.09 -59.22 63.70
CA UNK I 126 122.08 -60.24 63.98
C UNK I 126 123.46 -59.83 63.51
N UNK I 127 124.47 -60.32 64.24
CA UNK I 127 125.78 -59.68 64.40
C UNK I 127 126.46 -59.39 63.10
N UNK I 128 126.17 -60.15 62.06
CA UNK I 128 126.72 -59.80 60.77
C UNK I 128 126.02 -58.60 60.19
N UNK I 129 124.70 -58.55 60.29
CA UNK I 129 124.00 -57.35 59.88
C UNK I 129 124.44 -56.19 60.75
N UNK I 130 124.75 -56.49 62.01
CA UNK I 130 125.26 -55.46 62.88
C UNK I 130 126.62 -54.99 62.43
N UNK I 131 127.43 -55.89 61.91
CA UNK I 131 128.78 -55.49 61.55
C UNK I 131 128.78 -54.63 60.32
N UNK I 132 127.92 -54.95 59.36
CA UNK I 132 127.86 -54.08 58.19
C UNK I 132 127.27 -52.73 58.55
N UNK I 133 126.30 -52.70 59.46
CA UNK I 133 125.84 -51.43 59.96
C UNK I 133 126.95 -50.68 60.68
N UNK I 134 127.84 -51.41 61.34
CA UNK I 134 128.94 -50.74 62.00
C UNK I 134 129.88 -50.13 61.00
N UNK I 135 130.05 -50.78 59.86
CA UNK I 135 130.89 -50.17 58.84
C UNK I 135 130.22 -48.95 58.28
N UNK I 136 128.90 -48.95 58.22
CA UNK I 136 128.24 -47.72 57.83
C UNK I 136 128.32 -46.67 58.92
N UNK I 137 128.57 -47.07 60.14
CA UNK I 137 128.89 -46.08 61.16
C UNK I 137 130.33 -45.65 61.08
N UNK I 138 131.17 -46.38 60.37
CA UNK I 138 132.58 -46.05 60.28
C UNK I 138 132.84 -44.96 59.27
N UNK I 139 131.87 -44.09 59.02
CA UNK I 139 132.06 -42.92 58.16
C UNK I 139 132.31 -41.70 59.03
N UNK I 140 133.53 -41.62 59.57
CA UNK I 140 134.00 -40.41 60.24
C UNK I 140 135.20 -39.77 59.55
N UNK I 141 136.34 -40.45 59.42
CA UNK I 141 137.40 -39.73 58.74
C UNK I 141 138.30 -40.47 57.74
N UNK I 142 138.86 -41.59 58.13
CA UNK I 142 140.09 -42.07 57.52
C UNK I 142 139.81 -42.89 56.27
N UNK I 143 140.82 -43.03 55.43
CA UNK I 143 140.73 -43.96 54.32
C UNK I 143 141.86 -44.96 54.34
N UNK I 144 143.07 -44.49 54.56
CA UNK I 144 144.18 -45.39 54.75
C UNK I 144 144.08 -46.11 56.09
N UNK I 145 143.65 -45.41 57.11
CA UNK I 145 143.46 -46.00 58.43
C UNK I 145 142.05 -46.44 58.66
N UNK I 146 141.16 -46.20 57.72
CA UNK I 146 139.92 -46.94 57.69
C UNK I 146 140.21 -48.43 57.75
N UNK I 147 141.12 -48.87 56.89
CA UNK I 147 141.53 -50.25 56.88
C UNK I 147 142.19 -50.65 58.19
N UNK I 148 142.94 -49.75 58.79
CA UNK I 148 143.59 -50.11 60.04
C UNK I 148 142.59 -50.25 61.16
N UNK I 149 141.55 -49.43 61.13
CA UNK I 149 140.49 -49.54 62.12
C UNK I 149 139.83 -50.88 62.01
N UNK I 150 139.51 -51.27 60.79
CA UNK I 150 138.87 -52.56 60.63
C UNK I 150 139.84 -53.69 60.94
N UNK I 151 141.13 -53.47 60.71
CA UNK I 151 142.12 -54.47 61.04
C UNK I 151 142.18 -54.68 62.53
N UNK I 152 142.20 -53.59 63.26
CA UNK I 152 142.25 -53.68 64.70
C UNK I 152 140.98 -54.28 65.25
N UNK I 153 139.85 -53.94 64.68
CA UNK I 153 138.61 -54.42 65.25
C UNK I 153 138.41 -55.88 64.96
N UNK I 154 138.81 -56.31 63.77
CA UNK I 154 138.77 -57.73 63.47
C UNK I 154 139.68 -58.48 64.40
N UNK I 155 140.82 -57.87 64.72
CA UNK I 155 141.70 -58.47 65.71
C UNK I 155 141.02 -58.52 67.07
N UNK I 156 140.23 -57.50 67.39
CA UNK I 156 139.58 -57.48 68.68
C UNK I 156 138.58 -58.58 68.77
N UNK I 157 137.82 -58.77 67.70
CA UNK I 157 136.81 -59.81 67.68
C UNK I 157 137.46 -61.16 67.81
N UNK I 158 138.62 -61.30 67.19
CA UNK I 158 139.41 -62.50 67.35
C UNK I 158 139.80 -62.70 68.79
N UNK I 159 140.14 -61.62 69.48
CA UNK I 159 140.48 -61.75 70.89
C UNK I 159 139.26 -62.04 71.71
N UNK I 160 138.10 -61.59 71.24
CA UNK I 160 136.88 -61.74 72.00
C UNK I 160 136.50 -63.19 72.09
N UNK I 161 136.43 -63.85 70.95
CA UNK I 161 136.24 -65.29 71.01
C UNK I 161 137.49 -65.97 71.51
N UNK I 162 138.63 -65.35 71.31
CA UNK I 162 139.89 -65.88 71.79
C UNK I 162 140.21 -65.31 73.14
N UNK I 163 139.24 -65.32 74.03
CA UNK I 163 139.52 -65.15 75.42
C UNK I 163 139.61 -66.54 76.03
N UNK I 164 139.75 -66.59 77.33
CA UNK I 164 139.24 -67.70 78.11
C UNK I 164 138.32 -67.12 79.16
N UNK I 165 137.73 -65.98 78.85
CA UNK I 165 136.62 -65.43 79.60
C UNK I 165 135.36 -66.19 79.26
N UNK I 166 135.37 -67.47 79.59
CA UNK I 166 134.50 -68.43 78.95
C UNK I 166 133.21 -68.60 79.70
N UNK I 167 132.53 -67.51 79.98
CA UNK I 167 131.23 -67.62 80.60
C UNK I 167 130.27 -66.56 80.16
N UNK I 168 130.61 -65.71 79.19
CA UNK I 168 129.66 -64.70 78.78
C UNK I 168 128.57 -65.33 77.93
N UNK I 169 127.46 -64.63 77.84
CA UNK I 169 126.53 -65.01 76.82
C UNK I 169 127.12 -64.68 75.47
N UNK I 170 126.61 -65.33 74.43
CA UNK I 170 127.02 -64.96 73.10
C UNK I 170 126.64 -63.54 72.80
N UNK I 171 125.48 -63.11 73.27
CA UNK I 171 125.17 -61.71 73.15
C UNK I 171 126.02 -60.88 74.07
N UNK I 172 126.46 -61.43 75.19
CA UNK I 172 127.31 -60.63 76.04
C UNK I 172 128.65 -60.39 75.39
N UNK I 173 129.23 -61.45 74.85
CA UNK I 173 130.49 -61.31 74.14
C UNK I 173 130.31 -60.43 72.92
N UNK I 174 129.14 -60.48 72.32
CA UNK I 174 128.87 -59.59 71.22
C UNK I 174 128.86 -58.15 71.66
N UNK I 175 128.32 -57.88 72.84
CA UNK I 175 128.35 -56.51 73.33
C UNK I 175 129.77 -56.08 73.58
N UNK I 176 130.58 -56.99 74.11
CA UNK I 176 131.97 -56.66 74.36
C UNK I 176 132.71 -56.37 73.07
N UNK I 177 132.43 -57.15 72.03
CA UNK I 177 133.16 -56.97 70.80
C UNK I 177 132.73 -55.72 70.09
N UNK I 178 131.44 -55.45 70.07
CA UNK I 178 130.99 -54.22 69.45
C UNK I 178 131.44 -53.02 70.23
N UNK I 179 131.61 -53.18 71.54
CA UNK I 179 132.10 -52.09 72.36
C UNK I 179 133.51 -51.72 71.96
N UNK I 180 134.38 -52.73 71.84
CA UNK I 180 135.76 -52.46 71.47
C UNK I 180 135.84 -51.86 70.10
N UNK I 181 134.96 -52.29 69.20
CA UNK I 181 135.00 -51.77 67.85
C UNK I 181 134.60 -50.31 67.80
N UNK I 182 133.47 -49.98 68.41
CA UNK I 182 133.08 -48.59 68.44
C UNK I 182 134.05 -47.76 69.27
N UNK I 183 134.73 -48.38 70.23
CA UNK I 183 135.67 -47.64 71.07
C UNK I 183 136.87 -47.21 70.28
N UNK I 184 137.46 -48.13 69.55
CA UNK I 184 138.65 -47.74 68.81
C UNK I 184 138.29 -46.83 67.67
N UNK I 185 137.04 -46.90 67.20
CA UNK I 185 136.56 -45.87 66.32
C UNK I 185 136.57 -44.53 67.02
N UNK I 186 136.20 -44.51 68.29
CA UNK I 186 136.16 -43.23 68.98
C UNK I 186 137.54 -42.67 69.23
N UNK I 187 138.51 -43.54 69.51
CA UNK I 187 139.86 -43.07 69.71
C UNK I 187 140.46 -42.56 68.43
N UNK I 188 140.03 -43.10 67.30
CA UNK I 188 140.39 -42.49 66.03
C UNK I 188 139.79 -41.12 65.91
N UNK I 189 138.55 -40.95 66.37
CA UNK I 189 137.89 -39.66 66.26
C UNK I 189 138.59 -38.61 67.07
N UNK I 190 139.22 -39.02 68.17
CA UNK I 190 140.00 -38.05 68.93
C UNK I 190 141.35 -37.83 68.28
N UNK I 191 142.17 -38.87 68.20
CA UNK I 191 143.55 -38.68 67.74
C UNK I 191 143.65 -38.54 66.23
N UNK I 192 112.88 -92.58 60.63
CA UNK I 192 114.16 -92.66 59.96
C UNK I 192 114.21 -91.70 58.80
N UNK I 193 113.26 -91.81 57.92
CA UNK I 193 113.28 -91.04 56.69
C UNK I 193 112.06 -90.14 56.58
N UNK I 194 111.67 -89.53 57.68
CA UNK I 194 110.82 -88.34 57.60
C UNK I 194 111.68 -87.10 57.55
N UNK I 195 112.59 -87.08 56.59
CA UNK I 195 113.33 -85.91 56.13
C UNK I 195 112.59 -85.21 55.03
N UNK I 196 111.44 -85.77 54.67
CA UNK I 196 110.56 -85.09 53.75
C UNK I 196 110.17 -83.74 54.29
N UNK I 197 110.09 -83.62 55.59
CA UNK I 197 109.92 -82.31 56.16
C UNK I 197 111.13 -81.43 55.96
N UNK I 198 112.32 -82.01 55.90
CA UNK I 198 113.49 -81.16 55.73
C UNK I 198 113.42 -80.48 54.38
N UNK I 199 113.06 -81.26 53.38
CA UNK I 199 112.90 -80.63 52.09
C UNK I 199 111.68 -79.75 52.05
N UNK I 200 110.63 -80.08 52.80
CA UNK I 200 109.43 -79.27 52.72
C UNK I 200 109.63 -77.93 53.35
N UNK I 201 110.26 -77.93 54.50
CA UNK I 201 110.50 -76.71 55.20
C UNK I 201 111.50 -75.87 54.48
N UNK I 202 112.56 -76.50 53.98
CA UNK I 202 113.54 -75.72 53.25
C UNK I 202 112.93 -75.18 51.97
N UNK I 203 111.96 -75.87 51.40
CA UNK I 203 111.34 -75.40 50.18
C UNK I 203 110.49 -74.19 50.44
N UNK I 204 109.67 -74.25 51.48
CA UNK I 204 108.85 -73.10 51.83
C UNK I 204 109.72 -71.92 52.20
N UNK I 205 110.81 -72.20 52.91
CA UNK I 205 111.71 -71.14 53.27
C UNK I 205 112.30 -70.51 52.06
N UNK I 206 112.92 -71.28 51.19
CA UNK I 206 113.65 -70.67 50.09
C UNK I 206 112.74 -70.03 49.10
N UNK I 207 111.48 -70.42 49.05
CA UNK I 207 110.56 -69.61 48.31
C UNK I 207 110.40 -68.26 48.98
N UNK I 208 110.26 -68.26 50.30
CA UNK I 208 110.05 -66.98 50.97
C UNK I 208 111.29 -66.11 50.91
N UNK I 209 112.45 -66.70 51.11
CA UNK I 209 113.65 -65.92 51.07
C UNK I 209 114.02 -65.54 49.65
N UNK I 210 113.57 -66.24 48.63
CA UNK I 210 113.86 -65.78 47.27
C UNK I 210 113.02 -64.60 46.92
N UNK I 211 111.72 -64.70 47.16
CA UNK I 211 110.87 -63.57 46.87
C UNK I 211 111.16 -62.40 47.76
N UNK I 212 111.78 -62.62 48.91
CA UNK I 212 112.39 -61.50 49.59
C UNK I 212 113.57 -60.98 48.81
N UNK I 213 114.60 -61.77 48.69
CA UNK I 213 115.89 -61.24 48.34
C UNK I 213 116.02 -60.85 46.90
N UNK I 214 115.03 -61.07 46.06
CA UNK I 214 115.16 -60.55 44.71
C UNK I 214 114.56 -59.15 44.66
N UNK I 215 113.24 -59.06 44.76
CA UNK I 215 112.49 -57.81 44.80
C UNK I 215 112.91 -56.83 43.71
N UNK I 216 112.98 -57.31 42.47
CA UNK I 216 113.19 -56.42 41.31
C UNK I 216 112.65 -57.16 40.09
N UNK I 217 111.41 -56.82 39.70
CA UNK I 217 110.59 -57.73 38.89
C UNK I 217 110.56 -57.31 37.42
N UNK I 218 111.20 -58.13 36.60
CA UNK I 218 111.09 -58.09 35.16
C UNK I 218 111.07 -59.52 34.65
N UNK I 219 110.84 -59.69 33.34
CA UNK I 219 110.36 -60.95 32.78
C UNK I 219 111.39 -61.70 31.96
N UNK I 220 111.92 -61.11 30.88
CA UNK I 220 113.23 -61.39 30.25
C UNK I 220 113.74 -62.84 30.26
N UNK I 221 113.03 -63.75 29.59
CA UNK I 221 112.84 -65.14 30.04
C UNK I 221 114.14 -65.90 30.30
N UNK I 222 114.91 -66.17 29.26
CA UNK I 222 116.11 -66.97 29.46
C UNK I 222 117.14 -66.17 30.24
N UNK I 223 117.15 -64.86 30.03
CA UNK I 223 118.04 -64.03 30.81
C UNK I 223 117.56 -63.94 32.24
N UNK I 224 116.25 -64.04 32.44
CA UNK I 224 115.75 -64.17 33.79
C UNK I 224 116.31 -65.42 34.44
N UNK I 225 116.39 -66.52 33.69
CA UNK I 225 116.95 -67.76 34.24
C UNK I 225 118.40 -67.55 34.65
N UNK I 226 119.21 -67.06 33.72
CA UNK I 226 120.65 -66.99 33.96
C UNK I 226 120.97 -65.99 35.05
N UNK I 227 120.57 -64.75 34.86
CA UNK I 227 120.96 -63.76 35.82
C UNK I 227 120.16 -63.86 37.08
N UNK I 228 119.04 -64.56 37.11
CA UNK I 228 118.34 -64.64 38.36
C UNK I 228 119.03 -65.62 39.27
N UNK I 229 119.52 -66.72 38.73
CA UNK I 229 120.35 -67.59 39.55
C UNK I 229 121.59 -66.86 39.97
N UNK I 230 122.15 -66.07 39.06
CA UNK I 230 123.37 -65.31 39.37
C UNK I 230 123.13 -64.31 40.47
N UNK I 231 122.13 -63.48 40.31
CA UNK I 231 121.89 -62.38 41.23
C UNK I 231 121.45 -62.89 42.57
N UNK I 232 120.67 -63.96 42.61
CA UNK I 232 120.27 -64.48 43.90
C UNK I 232 121.46 -65.05 44.62
N UNK I 233 122.37 -65.68 43.88
CA UNK I 233 123.60 -66.06 44.53
C UNK I 233 124.44 -64.86 44.87
N UNK I 234 124.29 -63.78 44.12
CA UNK I 234 125.12 -62.63 44.35
C UNK I 234 124.70 -61.94 45.62
N UNK I 235 123.49 -61.50 45.65
CA UNK I 235 122.84 -60.85 46.75
C UNK I 235 122.53 -61.74 47.77
N UNK I 236 122.95 -62.99 47.71
CA UNK I 236 123.14 -63.81 48.88
C UNK I 236 124.36 -63.35 49.64
N UNK I 237 124.77 -64.14 50.59
CA UNK I 237 125.87 -63.75 51.45
C UNK I 237 127.17 -63.71 50.70
N UNK I 238 128.06 -62.83 51.14
CA UNK I 238 129.41 -62.70 50.60
C UNK I 238 130.23 -61.99 51.65
N UNK I 239 131.32 -61.40 51.20
CA UNK I 239 132.33 -60.83 52.08
C UNK I 239 132.83 -59.50 51.55
N UNK I 240 131.93 -58.56 51.24
CA UNK I 240 132.37 -57.43 50.42
C UNK I 240 133.11 -56.34 51.21
N UNK I 241 132.36 -55.54 51.99
CA UNK I 241 132.89 -54.55 52.96
C UNK I 241 133.97 -53.61 52.40
N UNK I 242 133.57 -52.72 51.50
CA UNK I 242 134.53 -51.78 50.93
C UNK I 242 133.81 -50.55 50.38
N UNK I 243 134.36 -49.35 50.62
CA UNK I 243 133.72 -48.14 50.10
C UNK I 243 134.70 -47.06 49.65
N UNK I 244 135.80 -47.41 48.97
CA UNK I 244 136.72 -46.44 48.37
C UNK I 244 137.59 -47.12 47.32
N UNK I 245 137.85 -46.45 46.20
CA UNK I 245 138.46 -47.11 45.07
C UNK I 245 139.85 -46.61 44.77
N UNK I 246 140.58 -47.45 44.06
CA UNK I 246 141.77 -47.05 43.35
C UNK I 246 141.45 -46.39 42.04
N UNK I 247 140.21 -46.56 41.59
CA UNK I 247 139.80 -46.31 40.22
C UNK I 247 140.83 -46.90 39.28
N UNK I 248 141.11 -48.19 39.48
CA UNK I 248 142.26 -48.84 38.85
C UNK I 248 141.88 -49.44 37.50
N UNK I 249 140.91 -50.36 37.50
CA UNK I 249 140.22 -50.89 36.31
C UNK I 249 141.15 -51.63 35.36
N UNK I 250 142.02 -52.45 35.94
CA UNK I 250 142.75 -53.45 35.19
C UNK I 250 142.51 -54.82 35.81
N UNK I 251 141.24 -55.10 36.09
CA UNK I 251 140.77 -56.41 36.50
C UNK I 251 139.43 -56.67 35.83
N UNK I 252 139.24 -57.90 35.37
CA UNK I 252 138.04 -58.26 34.63
C UNK I 252 137.33 -59.39 35.38
N UNK I 253 136.50 -59.02 36.37
CA UNK I 253 135.73 -59.95 37.17
C UNK I 253 134.49 -60.40 36.43
N UNK I 254 133.52 -60.93 37.15
CA UNK I 254 132.31 -61.48 36.55
C UNK I 254 131.54 -60.41 35.78
N UNK I 255 131.13 -60.77 34.57
CA UNK I 255 130.45 -59.85 33.68
C UNK I 255 128.97 -59.79 33.93
N UNK I 256 128.53 -60.11 35.16
CA UNK I 256 127.13 -60.03 35.54
C UNK I 256 126.59 -58.63 35.30
N UNK I 257 127.25 -57.65 35.90
CA UNK I 257 126.88 -56.27 35.66
C UNK I 257 127.20 -55.84 34.26
N UNK I 258 128.10 -56.53 33.56
CA UNK I 258 128.39 -56.13 32.19
C UNK I 258 127.25 -56.50 31.26
N UNK I 259 126.65 -57.67 31.46
CA UNK I 259 125.45 -58.03 30.71
C UNK I 259 124.27 -57.17 31.13
N UNK I 260 124.21 -56.84 32.42
CA UNK I 260 123.22 -55.86 32.86
C UNK I 260 123.48 -54.50 32.22
N UNK I 261 124.74 -54.16 32.02
CA UNK I 261 125.08 -52.91 31.41
C UNK I 261 124.76 -52.94 29.94
N UNK I 262 124.84 -54.12 29.35
CA UNK I 262 124.38 -54.29 27.97
C UNK I 262 122.89 -54.04 27.89
N UNK I 263 122.15 -54.56 28.87
CA UNK I 263 120.71 -54.30 28.94
C UNK I 263 120.43 -52.84 29.24
N UNK I 264 121.28 -52.21 30.05
CA UNK I 264 121.04 -50.83 30.43
C UNK I 264 121.33 -49.89 29.26
N UNK I 265 122.41 -50.17 28.54
CA UNK I 265 122.69 -49.47 27.31
C UNK I 265 121.62 -49.72 26.28
N UNK I 266 121.02 -50.91 26.31
CA UNK I 266 119.90 -51.17 25.42
C UNK I 266 118.71 -50.33 25.80
N UNK I 267 118.51 -50.12 27.10
CA UNK I 267 117.40 -49.29 27.54
C UNK I 267 117.61 -47.84 27.15
N UNK I 268 118.80 -47.32 27.43
CA UNK I 268 119.06 -45.92 27.14
C UNK I 268 119.20 -45.68 25.65
N UNK I 269 119.67 -46.65 24.89
CA UNK I 269 119.76 -46.48 23.45
C UNK I 269 118.41 -46.69 22.80
N UNK I 270 117.52 -47.46 23.41
CA UNK I 270 116.19 -47.60 22.85
C UNK I 270 115.35 -46.40 23.19
N UNK I 271 115.53 -45.86 24.39
CA UNK I 271 114.95 -44.56 24.67
C UNK I 271 115.65 -43.47 23.87
N UNK I 272 116.89 -43.69 23.49
CA UNK I 272 117.60 -42.70 22.71
C UNK I 272 117.14 -42.74 21.28
N UNK I 273 116.83 -43.92 20.78
CA UNK I 273 116.15 -44.02 19.51
C UNK I 273 114.75 -43.46 19.62
N UNK I 274 114.13 -43.64 20.78
CA UNK I 274 112.78 -43.15 20.99
C UNK I 274 112.77 -41.63 21.01
N UNK I 275 113.70 -41.04 21.73
CA UNK I 275 113.80 -39.59 21.74
C UNK I 275 114.34 -39.08 20.43
N UNK I 276 115.17 -39.88 19.75
CA UNK I 276 115.66 -39.54 18.43
C UNK I 276 114.51 -39.44 17.47
N UNK I 277 113.65 -40.44 17.47
CA UNK I 277 112.45 -40.38 16.65
C UNK I 277 111.46 -39.35 17.18
N UNK I 278 111.57 -38.99 18.46
CA UNK I 278 110.69 -37.97 19.00
C UNK I 278 111.04 -36.61 18.43
N UNK I 279 112.33 -36.28 18.41
CA UNK I 279 112.77 -35.09 17.70
C UNK I 279 112.51 -35.23 16.22
N UNK I 280 112.62 -36.44 15.71
CA UNK I 280 112.29 -36.75 14.34
C UNK I 280 110.81 -37.01 14.15
N UNK I 281 109.98 -36.43 15.02
CA UNK I 281 108.58 -36.18 14.68
C UNK I 281 108.47 -34.84 13.93
N UNK I 282 124.21 -19.79 18.84
CA UNK I 282 125.50 -20.40 19.12
C UNK I 282 125.65 -21.63 18.27
N UNK I 283 126.61 -22.49 18.64
CA UNK I 283 126.68 -23.83 18.07
C UNK I 283 126.44 -24.78 19.23
N UNK I 284 125.19 -24.88 19.61
CA UNK I 284 124.73 -25.99 20.45
C UNK I 284 124.15 -27.07 19.53
N UNK I 285 124.95 -27.43 18.56
CA UNK I 285 124.48 -28.23 17.46
C UNK I 285 124.81 -29.69 17.63
N UNK I 286 124.87 -30.19 18.87
CA UNK I 286 125.07 -31.62 19.12
C UNK I 286 123.74 -32.30 18.88
N UNK I 287 123.40 -32.42 17.60
CA UNK I 287 122.01 -32.38 17.18
C UNK I 287 121.27 -33.66 17.46
N UNK I 288 121.67 -34.73 16.81
CA UNK I 288 120.91 -35.97 16.86
C UNK I 288 121.29 -36.85 18.04
N UNK I 289 121.98 -36.33 19.02
CA UNK I 289 122.11 -36.99 20.29
C UNK I 289 122.03 -35.97 21.41
N UNK I 290 121.21 -34.95 21.21
CA UNK I 290 121.10 -33.86 22.17
C UNK I 290 120.39 -34.29 23.43
N UNK I 291 121.06 -35.11 24.23
CA UNK I 291 120.34 -35.85 25.25
C UNK I 291 121.33 -36.32 26.30
N UNK I 292 121.23 -35.78 27.49
CA UNK I 292 121.83 -36.41 28.63
C UNK I 292 120.84 -37.45 29.16
N UNK I 293 121.16 -38.08 30.29
CA UNK I 293 120.22 -39.00 30.92
C UNK I 293 119.01 -38.28 31.51
N UNK I 294 119.01 -36.95 31.53
CA UNK I 294 117.82 -36.16 31.79
C UNK I 294 117.02 -35.86 30.54
N UNK I 295 117.16 -36.66 29.48
CA UNK I 295 116.26 -36.51 28.35
C UNK I 295 114.94 -37.22 28.57
N UNK I 296 114.88 -38.08 29.59
CA UNK I 296 113.67 -38.79 29.95
C UNK I 296 112.53 -37.81 30.24
N UNK I 297 112.83 -36.79 31.05
CA UNK I 297 111.86 -35.76 31.38
C UNK I 297 111.38 -35.03 30.15
N UNK I 298 112.27 -34.84 29.17
CA UNK I 298 111.89 -34.21 27.91
C UNK I 298 110.85 -35.04 27.20
N UNK I 299 111.10 -36.35 27.13
CA UNK I 299 110.18 -37.27 26.46
C UNK I 299 108.82 -37.24 27.13
N UNK I 300 108.82 -37.28 28.45
CA UNK I 300 107.60 -37.43 29.21
C UNK I 300 106.72 -36.20 29.11
N UNK I 301 107.30 -35.03 29.35
CA UNK I 301 106.50 -33.82 29.32
C UNK I 301 106.04 -33.51 27.91
N UNK I 302 106.82 -33.90 26.90
CA UNK I 302 106.32 -33.86 25.54
C UNK I 302 105.09 -34.74 25.39
N UNK I 303 105.16 -35.96 25.92
CA UNK I 303 104.08 -36.92 25.78
C UNK I 303 102.81 -36.43 26.45
N UNK I 304 102.92 -35.99 27.68
CA UNK I 304 101.72 -35.59 28.39
C UNK I 304 101.22 -34.23 27.95
N UNK I 305 102.08 -33.39 27.38
CA UNK I 305 101.61 -32.10 26.90
C UNK I 305 100.79 -32.27 25.63
N UNK I 306 101.32 -33.09 24.72
CA UNK I 306 100.55 -33.43 23.55
C UNK I 306 99.33 -34.24 23.93
N UNK I 307 99.43 -35.02 25.00
CA UNK I 307 98.26 -35.70 25.53
C UNK I 307 97.29 -34.73 26.16
N UNK I 308 97.78 -33.60 26.66
CA UNK I 308 96.91 -32.64 27.33
C UNK I 308 96.03 -31.93 26.34
N UNK I 309 96.65 -31.40 25.29
CA UNK I 309 95.85 -30.94 24.17
C UNK I 309 95.11 -32.08 23.48
N UNK I 310 95.59 -33.32 23.62
CA UNK I 310 94.88 -34.42 22.97
C UNK I 310 93.63 -34.80 23.73
N UNK I 311 93.68 -34.72 25.04
CA UNK I 311 92.49 -34.95 25.83
C UNK I 311 91.58 -33.75 25.73
N UNK I 312 92.15 -32.58 25.46
CA UNK I 312 91.33 -31.42 25.14
C UNK I 312 90.53 -31.67 23.88
N UNK I 313 91.20 -32.21 22.86
CA UNK I 313 90.50 -32.68 21.67
C UNK I 313 89.46 -33.72 22.01
N UNK I 314 89.80 -34.65 22.90
CA UNK I 314 88.88 -35.70 23.29
C UNK I 314 87.65 -35.14 23.97
N UNK I 315 87.85 -34.13 24.81
CA UNK I 315 86.77 -33.57 25.60
C UNK I 315 85.87 -32.70 24.76
N UNK I 316 86.45 -31.91 23.88
CA UNK I 316 85.66 -31.02 23.03
C UNK I 316 84.87 -31.83 22.01
N UNK I 317 85.55 -32.73 21.31
CA UNK I 317 84.88 -33.62 20.38
C UNK I 317 84.02 -34.68 21.08
N UNK I 318 84.07 -34.78 22.41
CA UNK I 318 83.29 -35.80 23.10
C UNK I 318 81.79 -35.52 23.04
N UNK I 319 81.33 -34.43 23.64
CA UNK I 319 79.90 -34.24 23.82
C UNK I 319 79.58 -32.75 23.82
N UNK I 320 78.37 -32.41 24.27
CA UNK I 320 77.66 -31.19 23.90
C UNK I 320 78.14 -29.96 24.66
N UNK I 321 77.28 -28.93 24.65
CA UNK I 321 77.63 -27.50 24.73
C UNK I 321 78.45 -27.13 25.94
N UNK I 322 79.72 -26.81 25.68
CA UNK I 322 80.70 -26.33 26.66
C UNK I 322 81.95 -25.88 25.93
N UNK I 323 82.54 -24.80 26.40
CA UNK I 323 83.92 -24.50 26.11
C UNK I 323 84.65 -23.98 27.34
N UNK I 324 83.97 -23.88 28.49
CA UNK I 324 84.66 -23.64 29.75
C UNK I 324 85.49 -24.84 30.16
N UNK I 325 85.08 -26.03 29.73
CA UNK I 325 85.94 -27.19 29.84
C UNK I 325 87.21 -27.02 29.03
N UNK I 326 87.09 -26.48 27.82
CA UNK I 326 88.29 -26.26 27.02
C UNK I 326 89.15 -25.13 27.57
N UNK I 327 88.52 -24.14 28.20
CA UNK I 327 89.31 -23.11 28.87
C UNK I 327 90.05 -23.69 30.05
N UNK I 328 89.45 -24.66 30.73
CA UNK I 328 90.19 -25.40 31.74
C UNK I 328 91.33 -26.18 31.13
N UNK I 329 91.13 -26.67 29.91
CA UNK I 329 92.24 -27.31 29.22
C UNK I 329 93.29 -26.29 28.80
N UNK I 330 92.91 -25.02 28.69
CA UNK I 330 93.90 -23.99 28.43
C UNK I 330 94.78 -23.73 29.65
N UNK I 331 94.42 -24.26 30.81
CA UNK I 331 95.32 -24.37 31.96
C UNK I 331 95.96 -25.74 32.09
N UNK I 332 95.25 -26.78 31.63
CA UNK I 332 95.82 -28.13 31.59
C UNK I 332 97.05 -28.17 30.70
N UNK I 333 97.01 -27.44 29.59
CA UNK I 333 98.22 -27.22 28.81
C UNK I 333 99.21 -26.38 29.59
N UNK I 334 98.72 -25.38 30.32
CA UNK I 334 99.59 -24.36 30.90
C UNK I 334 100.48 -24.91 32.00
N UNK I 335 100.09 -26.03 32.57
CA UNK I 335 100.93 -26.70 33.56
C UNK I 335 102.26 -27.21 33.01
N UNK I 336 102.44 -27.24 31.68
CA UNK I 336 103.62 -27.82 31.04
C UNK I 336 104.83 -26.90 30.98
N UNK I 337 104.64 -25.61 31.30
CA UNK I 337 105.73 -24.65 31.27
C UNK I 337 106.75 -24.87 32.38
N UNK I 338 106.46 -25.73 33.35
CA UNK I 338 107.17 -25.70 34.62
C UNK I 338 108.55 -26.35 34.51
N UNK I 339 108.61 -27.59 34.06
CA UNK I 339 109.81 -28.36 34.22
C UNK I 339 110.80 -28.16 33.10
N UNK I 340 110.86 -26.98 32.50
CA UNK I 340 111.87 -26.73 31.48
C UNK I 340 113.19 -26.21 32.04
N UNK I 341 113.23 -25.82 33.31
CA UNK I 341 114.51 -25.38 33.89
C UNK I 341 115.32 -26.57 34.39
N UNK I 342 114.80 -27.25 35.41
CA UNK I 342 114.89 -28.69 35.68
C UNK I 342 116.17 -29.38 35.22
N UNK I 343 117.32 -28.81 35.59
CA UNK I 343 118.64 -29.29 35.19
C UNK I 343 118.76 -29.41 33.67
N UNK I 344 118.18 -28.43 32.97
CA UNK I 344 118.22 -28.40 31.50
C UNK I 344 119.51 -27.77 31.00
N UNK I 345 120.61 -28.46 31.27
CA UNK I 345 121.91 -27.82 31.30
C UNK I 345 122.44 -27.47 29.92
N UNK I 346 121.93 -28.11 28.87
CA UNK I 346 122.45 -27.80 27.55
C UNK I 346 121.87 -26.50 27.05
N UNK I 347 122.53 -25.94 26.05
CA UNK I 347 121.91 -24.93 25.22
C UNK I 347 121.19 -25.55 24.04
N UNK I 348 121.21 -26.89 23.96
CA UNK I 348 120.58 -27.67 22.91
C UNK I 348 119.32 -28.37 23.36
N UNK I 349 119.29 -28.80 24.63
CA UNK I 349 118.21 -29.66 25.12
C UNK I 349 116.89 -28.92 25.08
N UNK I 350 116.79 -27.84 25.84
CA UNK I 350 115.54 -27.10 25.94
C UNK I 350 115.12 -26.53 24.60
N UNK I 351 116.09 -25.97 23.88
CA UNK I 351 115.82 -25.31 22.62
C UNK I 351 115.30 -26.28 21.58
N UNK I 352 116.11 -27.28 21.24
CA UNK I 352 115.75 -28.24 20.22
C UNK I 352 114.54 -29.07 20.62
N UNK I 353 114.40 -29.37 21.90
CA UNK I 353 113.30 -30.22 22.34
C UNK I 353 111.98 -29.50 22.22
N UNK I 354 111.95 -28.24 22.68
CA UNK I 354 110.74 -27.44 22.55
C UNK I 354 110.39 -27.27 21.08
N UNK I 355 111.42 -27.03 20.25
CA UNK I 355 111.22 -26.91 18.82
C UNK I 355 110.60 -28.16 18.25
N UNK I 356 111.02 -29.32 18.75
CA UNK I 356 110.57 -30.59 18.20
C UNK I 356 109.12 -30.85 18.55
N UNK I 357 108.75 -30.67 19.81
CA UNK I 357 107.38 -31.01 20.21
C UNK I 357 106.38 -29.99 19.68
N UNK I 358 106.74 -28.71 19.71
CA UNK I 358 105.89 -27.68 19.12
C UNK I 358 105.77 -27.87 17.62
N UNK I 359 106.90 -28.21 16.97
CA UNK I 359 106.93 -28.52 15.55
C UNK I 359 106.08 -29.72 15.22
N UNK I 360 105.96 -30.64 16.16
CA UNK I 360 105.11 -31.79 15.95
C UNK I 360 103.65 -31.40 15.94
N UNK I 361 103.17 -30.87 17.04
CA UNK I 361 101.73 -30.65 17.01
C UNK I 361 101.40 -29.28 16.45
N UNK I 362 101.83 -28.22 17.14
CA UNK I 362 101.25 -26.89 16.96
C UNK I 362 101.59 -26.28 15.63
N UNK I 363 102.79 -26.57 15.13
CA UNK I 363 103.13 -26.20 13.77
C UNK I 363 102.26 -26.96 12.78
N UNK I 364 102.15 -28.26 12.97
CA UNK I 364 101.33 -29.06 12.09
C UNK I 364 99.87 -29.02 12.49
N UNK I 365 99.52 -28.31 13.56
CA UNK I 365 98.12 -28.24 13.93
C UNK I 365 97.30 -27.35 13.01
N UNK I 366 97.92 -26.76 12.00
CA UNK I 366 97.20 -26.24 10.85
C UNK I 366 96.90 -27.38 9.90
N UNK I 367 96.44 -27.01 8.71
CA UNK I 367 96.56 -27.76 7.46
C UNK I 367 95.65 -28.98 7.33
N UNK I 368 95.00 -29.46 8.37
CA UNK I 368 94.26 -30.71 8.22
C UNK I 368 92.90 -30.47 7.57
N UNK I 369 92.03 -29.73 8.24
CA UNK I 369 90.78 -29.35 7.61
C UNK I 369 91.02 -28.36 6.50
N UNK I 370 92.17 -27.72 6.48
CA UNK I 370 92.59 -27.05 5.28
C UNK I 370 92.78 -28.02 4.13
N UNK I 371 93.31 -29.21 4.39
CA UNK I 371 93.47 -30.13 3.28
C UNK I 371 92.13 -30.67 2.87
N UNK I 372 91.24 -30.84 3.82
CA UNK I 372 89.86 -31.16 3.47
C UNK I 372 89.22 -30.03 2.69
N UNK I 373 89.59 -28.80 3.00
CA UNK I 373 89.09 -27.66 2.26
C UNK I 373 89.72 -27.61 0.89
N UNK I 374 90.95 -28.08 0.78
CA UNK I 374 91.60 -28.20 -0.51
C UNK I 374 90.88 -29.23 -1.34
N UNK I 375 90.33 -30.24 -0.68
CA UNK I 375 89.44 -31.16 -1.36
C UNK I 375 88.16 -30.40 -1.63
N UNK I 376 88.13 -29.72 -2.77
CA UNK I 376 86.99 -28.95 -3.20
C UNK I 376 85.92 -29.91 -3.73
N UNK I 377 85.27 -30.61 -2.79
CA UNK I 377 84.50 -31.75 -3.24
C UNK I 377 83.20 -31.30 -3.87
N UNK I 378 82.26 -30.82 -3.08
CA UNK I 378 81.01 -30.43 -3.67
C UNK I 378 80.38 -29.39 -2.80
N UNK I 379 79.42 -28.69 -3.41
CA UNK I 379 78.70 -27.63 -2.74
C UNK I 379 78.03 -28.15 -1.49
N UNK I 380 77.17 -29.14 -1.64
CA UNK I 380 76.50 -29.70 -0.49
C UNK I 380 77.49 -30.43 0.41
N UNK I 381 78.60 -30.89 -0.14
CA UNK I 381 79.58 -31.59 0.68
C UNK I 381 80.25 -30.65 1.64
N UNK I 382 80.77 -29.55 1.12
CA UNK I 382 81.38 -28.56 1.99
C UNK I 382 80.32 -27.89 2.82
N UNK I 383 79.08 -27.88 2.34
CA UNK I 383 77.98 -27.43 3.17
C UNK I 383 77.78 -28.38 4.33
N UNK I 384 78.06 -29.65 4.10
CA UNK I 384 77.93 -30.60 5.18
C UNK I 384 79.08 -30.46 6.15
N UNK I 385 80.26 -30.14 5.65
CA UNK I 385 81.39 -30.00 6.56
C UNK I 385 81.29 -28.72 7.36
N UNK I 386 80.80 -27.67 6.72
CA UNK I 386 80.51 -26.44 7.43
C UNK I 386 79.43 -26.67 8.47
N UNK I 387 78.40 -27.43 8.09
CA UNK I 387 77.42 -27.88 9.04
C UNK I 387 78.04 -28.71 10.13
N UNK I 388 79.08 -29.46 9.82
CA UNK I 388 79.71 -30.31 10.82
C UNK I 388 80.50 -29.50 11.81
N UNK I 389 81.35 -28.60 11.33
CA UNK I 389 82.12 -27.78 12.23
C UNK I 389 81.21 -26.86 13.01
N UNK I 390 80.15 -26.39 12.37
CA UNK I 390 79.16 -25.60 13.07
C UNK I 390 78.35 -26.44 14.04
N UNK I 391 78.28 -27.75 13.83
CA UNK I 391 77.67 -28.60 14.84
C UNK I 391 78.59 -28.68 16.03
N UNK I 392 79.87 -28.80 15.78
CA UNK I 392 80.85 -28.81 16.86
C UNK I 392 81.25 -27.41 17.29
N UNK I 393 80.49 -26.39 16.90
CA UNK I 393 80.83 -25.01 17.24
C UNK I 393 80.53 -24.74 18.71
N UNK I 394 81.41 -25.26 19.58
CA UNK I 394 81.34 -24.86 20.98
C UNK I 394 81.80 -23.43 21.15
N UNK I 395 82.89 -23.06 20.49
CA UNK I 395 83.36 -21.70 20.44
C UNK I 395 82.79 -21.04 19.20
N UNK I 396 82.08 -19.95 19.40
CA UNK I 396 81.55 -19.18 18.29
C UNK I 396 82.56 -18.24 17.70
N UNK I 397 83.65 -17.97 18.41
CA UNK I 397 84.56 -16.91 18.04
C UNK I 397 85.98 -17.39 17.83
N UNK I 398 86.45 -18.33 18.63
CA UNK I 398 87.68 -19.03 18.27
C UNK I 398 87.50 -19.83 16.99
N UNK I 399 86.26 -20.21 16.68
CA UNK I 399 85.94 -20.68 15.35
C UNK I 399 86.20 -19.62 14.31
N UNK I 400 85.76 -18.39 14.59
CA UNK I 400 86.03 -17.29 13.67
C UNK I 400 87.51 -16.98 13.57
N UNK I 401 88.29 -17.37 14.58
CA UNK I 401 89.74 -17.37 14.46
C UNK I 401 90.25 -18.55 13.64
N UNK I 402 89.60 -19.69 13.79
CA UNK I 402 90.01 -20.87 13.07
C UNK I 402 89.82 -20.69 11.58
N UNK I 403 88.81 -19.90 11.21
CA UNK I 403 88.64 -19.51 9.82
C UNK I 403 89.84 -18.73 9.33
N UNK I 404 90.43 -17.92 10.19
CA UNK I 404 91.63 -17.25 9.77
C UNK I 404 92.79 -18.22 9.71
N UNK I 405 92.78 -19.22 10.57
CA UNK I 405 93.84 -20.22 10.53
C UNK I 405 93.79 -20.99 9.22
N UNK I 406 92.59 -21.17 8.70
CA UNK I 406 92.46 -21.61 7.33
C UNK I 406 93.01 -20.57 6.38
N UNK I 407 92.61 -19.31 6.58
CA UNK I 407 92.91 -18.25 5.62
C UNK I 407 94.39 -17.98 5.50
N UNK I 408 95.18 -18.52 6.41
CA UNK I 408 96.60 -18.73 6.24
C UNK I 408 96.98 -19.48 4.98
N UNK I 409 96.09 -20.32 4.43
CA UNK I 409 96.46 -21.07 3.25
C UNK I 409 96.63 -20.19 2.02
N UNK I 410 95.75 -19.22 1.85
CA UNK I 410 95.80 -18.32 0.70
C UNK I 410 96.74 -17.14 0.99
N UNK I 411 96.66 -16.12 0.16
CA UNK I 411 97.34 -14.84 0.36
C UNK I 411 96.69 -13.78 -0.53
N UNK I 412 97.24 -12.56 -0.47
CA UNK I 412 97.22 -11.55 -1.53
C UNK I 412 95.90 -10.85 -1.80
N UNK I 413 94.80 -11.25 -1.18
CA UNK I 413 93.58 -10.45 -1.21
C UNK I 413 92.83 -10.61 0.09
N UNK I 414 93.57 -10.83 1.17
CA UNK I 414 93.20 -11.86 2.11
C UNK I 414 91.98 -11.55 2.97
N UNK I 415 91.23 -10.48 2.73
CA UNK I 415 89.98 -10.34 3.47
C UNK I 415 88.87 -9.76 2.63
N UNK I 416 89.04 -9.77 1.30
CA UNK I 416 88.43 -8.87 0.35
C UNK I 416 86.92 -8.84 0.48
N UNK I 417 86.26 -9.95 0.20
CA UNK I 417 84.87 -10.07 0.59
C UNK I 417 84.71 -10.81 1.91
N UNK I 418 85.81 -11.15 2.57
CA UNK I 418 85.71 -11.84 3.84
C UNK I 418 85.15 -10.94 4.90
N UNK I 419 85.30 -9.63 4.73
CA UNK I 419 84.51 -8.71 5.50
C UNK I 419 83.07 -8.64 4.99
N UNK I 420 82.88 -8.79 3.68
CA UNK I 420 81.57 -8.57 3.08
C UNK I 420 80.58 -9.58 3.58
N UNK I 421 81.04 -10.81 3.75
CA UNK I 421 80.18 -11.86 4.28
C UNK I 421 79.83 -11.60 5.72
N UNK I 422 80.87 -11.45 6.55
CA UNK I 422 80.73 -11.30 7.99
C UNK I 422 79.80 -10.16 8.36
N UNK I 423 79.84 -9.07 7.59
CA UNK I 423 78.87 -8.00 7.78
C UNK I 423 77.53 -8.33 7.14
N UNK I 424 77.54 -8.77 5.88
CA UNK I 424 76.38 -8.96 5.02
C UNK I 424 75.40 -9.96 5.56
N UNK I 425 75.85 -10.77 6.51
CA UNK I 425 75.00 -11.66 7.28
C UNK I 425 73.78 -10.96 7.86
N UNK I 426 73.92 -9.72 8.33
CA UNK I 426 72.84 -9.07 9.05
C UNK I 426 71.72 -8.64 8.11
N UNK I 427 70.53 -9.20 8.32
CA UNK I 427 69.37 -9.13 7.44
C UNK I 427 68.15 -9.62 8.23
N UNK I 428 67.09 -10.07 7.55
CA UNK I 428 65.99 -10.75 8.25
C UNK I 428 66.42 -12.14 8.75
N UNK I 429 65.57 -12.72 9.61
CA UNK I 429 66.01 -13.66 10.63
C UNK I 429 65.72 -15.12 10.29
N UNK I 430 66.76 -15.87 9.94
CA UNK I 430 66.80 -17.31 10.11
C UNK I 430 67.50 -17.60 11.44
N UNK I 431 67.92 -18.85 11.66
CA UNK I 431 68.59 -19.21 12.90
C UNK I 431 69.96 -18.56 12.99
N UNK I 432 70.45 -18.39 14.22
CA UNK I 432 71.86 -18.07 14.39
C UNK I 432 72.72 -19.26 14.07
N UNK I 433 72.14 -20.45 14.14
CA UNK I 433 72.72 -21.58 13.45
C UNK I 433 72.87 -21.28 11.96
N UNK I 434 71.85 -20.68 11.34
CA UNK I 434 71.95 -20.38 9.92
C UNK I 434 72.94 -19.27 9.67
N UNK I 435 73.07 -18.38 10.62
CA UNK I 435 74.11 -17.38 10.54
C UNK I 435 75.49 -18.01 10.57
N UNK I 436 75.69 -18.93 11.51
CA UNK I 436 76.96 -19.63 11.63
C UNK I 436 77.27 -20.41 10.37
N UNK I 437 76.28 -21.14 9.89
CA UNK I 437 76.50 -22.00 8.74
C UNK I 437 76.68 -21.19 7.48
N UNK I 438 75.82 -20.21 7.27
CA UNK I 438 75.92 -19.36 6.10
C UNK I 438 77.18 -18.53 6.17
N UNK I 439 77.67 -18.28 7.37
CA UNK I 439 78.92 -17.56 7.54
C UNK I 439 80.08 -18.40 7.06
N UNK I 440 80.17 -19.61 7.57
CA UNK I 440 81.32 -20.44 7.23
C UNK I 440 81.23 -20.85 5.77
N UNK I 441 80.02 -21.08 5.30
CA UNK I 441 79.80 -21.48 3.93
C UNK I 441 79.85 -20.31 2.99
N UNK I 442 79.92 -19.11 3.51
CA UNK I 442 80.48 -18.07 2.70
C UNK I 442 81.96 -18.29 2.54
N UNK I 443 82.62 -18.75 3.58
CA UNK I 443 84.04 -18.51 3.66
C UNK I 443 84.84 -19.46 2.81
N UNK I 444 84.53 -20.73 2.79
CA UNK I 444 85.31 -21.58 1.92
C UNK I 444 84.86 -21.43 0.49
N UNK I 445 83.59 -21.09 0.30
CA UNK I 445 83.12 -20.65 -1.00
C UNK I 445 83.89 -19.45 -1.49
N UNK I 446 84.23 -18.57 -0.57
CA UNK I 446 85.15 -17.52 -0.88
C UNK I 446 86.53 -18.08 -1.16
N UNK I 447 86.91 -19.15 -0.50
CA UNK I 447 88.28 -19.65 -0.61
C UNK I 447 88.51 -20.51 -1.82
N UNK I 448 87.73 -20.30 -2.88
CA UNK I 448 88.00 -20.91 -4.17
C UNK I 448 89.40 -20.54 -4.63
N UNK I 449 90.03 -21.47 -5.33
CA UNK I 449 91.32 -21.23 -5.92
C UNK I 449 91.15 -20.39 -7.18
N UNK I 450 92.16 -20.42 -8.04
CA UNK I 450 92.00 -19.86 -9.37
C UNK I 450 90.93 -20.65 -10.10
N UNK I 451 85.25 -40.94 7.58
CA UNK I 451 85.86 -39.72 7.05
C UNK I 451 85.34 -38.48 7.77
N UNK I 452 84.15 -38.56 8.34
CA UNK I 452 83.74 -37.52 9.27
C UNK I 452 84.42 -37.69 10.60
N UNK I 453 84.87 -38.91 10.93
CA UNK I 453 85.80 -39.08 12.03
C UNK I 453 87.12 -38.37 11.74
N UNK I 454 87.58 -38.42 10.50
CA UNK I 454 88.70 -37.59 10.11
C UNK I 454 88.34 -36.11 10.16
N UNK I 455 87.08 -35.77 9.87
CA UNK I 455 86.70 -34.37 9.94
C UNK I 455 86.70 -33.87 11.37
N UNK I 456 86.25 -34.70 12.30
CA UNK I 456 86.36 -34.35 13.70
C UNK I 456 87.81 -34.36 14.15
N UNK I 457 88.65 -35.19 13.53
CA UNK I 457 90.07 -35.20 13.85
C UNK I 457 90.74 -33.92 13.37
N UNK I 458 90.33 -33.43 12.22
CA UNK I 458 90.89 -32.21 11.68
C UNK I 458 90.35 -31.01 12.42
N UNK I 459 89.10 -31.10 12.83
CA UNK I 459 88.55 -30.14 13.77
C UNK I 459 89.40 -30.08 15.02
N UNK I 460 89.79 -31.24 15.54
CA UNK I 460 90.64 -31.30 16.72
C UNK I 460 92.01 -30.72 16.42
N UNK I 461 92.52 -30.93 15.21
CA UNK I 461 93.84 -30.43 14.86
C UNK I 461 93.86 -28.92 14.81
N UNK I 462 92.93 -28.31 14.08
CA UNK I 462 92.88 -26.86 14.01
C UNK I 462 92.45 -26.26 15.32
N UNK I 463 91.66 -27.01 16.09
CA UNK I 463 91.40 -26.63 17.46
C UNK I 463 92.65 -26.67 18.30
N UNK I 464 93.60 -27.55 17.99
CA UNK I 464 94.83 -27.56 18.73
C UNK I 464 95.81 -26.52 18.22
N UNK I 465 95.60 -26.03 17.00
CA UNK I 465 96.32 -24.82 16.58
C UNK I 465 95.86 -23.64 17.39
N UNK I 466 94.56 -23.55 17.66
CA UNK I 466 94.10 -22.60 18.63
C UNK I 466 94.70 -22.90 20.00
N UNK I 467 94.34 -24.04 20.58
CA UNK I 467 94.62 -24.38 21.97
C UNK I 467 96.08 -24.71 22.24
N UNK I 468 96.95 -24.61 21.25
CA UNK I 468 98.36 -24.91 21.44
C UNK I 468 99.27 -23.75 21.12
N UNK I 469 98.87 -22.87 20.21
CA UNK I 469 99.68 -21.70 19.90
C UNK I 469 99.45 -20.55 20.86
N UNK I 470 98.82 -20.81 22.00
CA UNK I 470 98.63 -19.83 23.04
C UNK I 470 99.91 -19.62 23.84
N UNK J 1 126.54 -17.09 106.98
CA UNK J 1 127.44 -17.40 105.89
C UNK J 1 126.61 -17.69 104.68
N UNK J 2 126.16 -18.94 104.62
CA UNK J 2 125.07 -19.28 103.73
C UNK J 2 123.87 -18.42 104.02
N UNK J 3 123.51 -18.33 105.30
CA UNK J 3 122.43 -17.45 105.75
C UNK J 3 122.71 -16.00 105.46
N UNK J 4 123.97 -15.61 105.47
CA UNK J 4 124.33 -14.21 105.26
C UNK J 4 124.08 -13.77 103.83
N UNK J 5 124.78 -14.43 102.88
CA UNK J 5 124.54 -14.19 101.47
C UNK J 5 123.09 -14.43 101.12
N UNK J 6 122.47 -15.40 101.80
CA UNK J 6 121.06 -15.62 101.68
C UNK J 6 120.26 -14.40 102.11
N UNK J 7 120.64 -13.79 103.22
CA UNK J 7 119.82 -12.74 103.81
C UNK J 7 119.83 -11.52 102.95
N UNK J 8 121.01 -11.20 102.43
CA UNK J 8 121.11 -10.11 101.48
C UNK J 8 120.35 -10.44 100.21
N UNK J 9 120.44 -11.69 99.77
CA UNK J 9 119.74 -12.10 98.57
C UNK J 9 118.24 -11.95 98.75
N UNK J 10 117.74 -12.43 99.87
CA UNK J 10 116.33 -12.41 100.14
C UNK J 10 115.84 -11.01 100.43
N UNK J 11 116.72 -10.15 100.93
CA UNK J 11 116.36 -8.75 101.00
C UNK J 11 116.27 -8.16 99.61
N UNK J 12 117.00 -8.72 98.64
CA UNK J 12 116.84 -8.13 97.32
C UNK J 12 115.83 -8.86 96.44
N UNK J 13 116.22 -10.01 95.90
CA UNK J 13 115.47 -10.91 95.01
C UNK J 13 116.38 -12.10 94.67
N UNK J 14 115.85 -12.99 93.83
CA UNK J 14 116.58 -14.03 93.12
C UNK J 14 115.61 -14.46 92.03
N UNK J 15 116.07 -14.68 90.81
CA UNK J 15 115.10 -14.56 89.74
C UNK J 15 115.48 -15.40 88.53
N UNK J 16 115.01 -14.89 87.40
CA UNK J 16 115.00 -15.32 86.01
C UNK J 16 113.89 -16.32 85.74
N UNK J 17 113.35 -17.02 86.75
CA UNK J 17 112.04 -17.63 86.64
C UNK J 17 111.40 -17.80 88.01
N UNK J 18 112.28 -17.90 89.00
CA UNK J 18 111.88 -18.47 90.28
C UNK J 18 111.00 -17.53 91.07
N UNK J 19 110.95 -16.27 90.66
CA UNK J 19 109.90 -15.37 91.11
C UNK J 19 108.54 -15.94 90.77
N UNK J 20 108.33 -16.31 89.51
CA UNK J 20 107.04 -16.86 89.12
C UNK J 20 106.79 -18.19 89.79
N UNK J 21 107.83 -19.02 89.94
CA UNK J 21 107.64 -20.31 90.61
C UNK J 21 107.23 -20.14 92.07
N UNK J 22 107.87 -19.22 92.78
CA UNK J 22 107.51 -19.00 94.16
C UNK J 22 106.15 -18.34 94.29
N UNK J 23 105.78 -17.51 93.32
CA UNK J 23 104.43 -16.98 93.29
C UNK J 23 103.41 -18.10 93.13
N UNK J 24 103.77 -19.16 92.43
CA UNK J 24 102.87 -20.31 92.38
C UNK J 24 102.80 -21.01 93.72
N UNK J 25 103.90 -21.05 94.46
CA UNK J 25 103.84 -21.70 95.77
C UNK J 25 102.92 -20.93 96.70
N UNK J 26 102.94 -19.61 96.55
CA UNK J 26 101.93 -18.80 97.17
C UNK J 26 100.57 -19.20 96.69
N UNK J 27 100.43 -19.48 95.41
CA UNK J 27 99.10 -19.75 94.87
C UNK J 27 98.55 -21.05 95.44
N UNK J 28 99.44 -21.99 95.73
CA UNK J 28 98.98 -23.26 96.26
C UNK J 28 98.64 -23.15 97.74
N UNK J 29 99.42 -22.39 98.50
CA UNK J 29 99.07 -22.20 99.90
C UNK J 29 97.76 -21.46 100.00
N UNK J 30 97.55 -20.53 99.09
CA UNK J 30 96.26 -19.85 98.98
C UNK J 30 95.17 -20.85 98.66
N UNK J 31 95.47 -21.80 97.79
CA UNK J 31 94.47 -22.74 97.37
C UNK J 31 94.06 -23.66 98.50
N UNK J 32 95.03 -24.26 99.18
CA UNK J 32 94.73 -25.20 100.24
C UNK J 32 94.05 -24.50 101.39
N UNK J 33 94.39 -23.24 101.62
CA UNK J 33 93.64 -22.46 102.57
C UNK J 33 92.20 -22.35 102.16
N UNK J 34 91.96 -22.12 100.88
CA UNK J 34 90.57 -22.00 100.43
C UNK J 34 89.84 -23.32 100.54
N UNK J 35 90.55 -24.41 100.31
CA UNK J 35 89.87 -25.69 100.27
C UNK J 35 89.54 -26.17 101.66
N UNK J 36 90.49 -26.06 102.57
CA UNK J 36 90.23 -26.44 103.94
C UNK J 36 89.21 -25.52 104.55
N UNK J 37 89.20 -24.26 104.13
CA UNK J 37 88.18 -23.34 104.60
C UNK J 37 86.81 -23.79 104.16
N UNK J 38 86.65 -24.10 102.88
CA UNK J 38 85.36 -24.48 102.35
C UNK J 38 84.88 -25.79 102.94
N UNK J 39 85.80 -26.74 103.08
CA UNK J 39 85.43 -28.03 103.63
C UNK J 39 85.09 -27.92 105.08
N UNK J 40 85.73 -27.03 105.81
CA UNK J 40 85.34 -26.94 107.20
C UNK J 40 84.18 -25.98 107.37
N UNK J 41 83.11 -26.19 106.64
CA UNK J 41 81.94 -25.36 106.79
C UNK J 41 80.69 -26.15 107.11
N UNK J 42 80.38 -27.19 106.34
CA UNK J 42 79.10 -27.88 106.41
C UNK J 42 79.07 -28.86 107.60
N UNK J 43 78.12 -29.79 107.58
CA UNK J 43 77.97 -30.78 108.66
C UNK J 43 79.15 -31.75 108.65
N UNK J 44 79.99 -31.65 109.68
CA UNK J 44 81.35 -32.17 109.67
C UNK J 44 81.40 -33.68 109.71
N UNK J 45 80.82 -34.31 108.69
CA UNK J 45 80.58 -35.75 108.70
C UNK J 45 81.85 -36.47 108.32
N UNK J 46 81.80 -37.79 108.37
CA UNK J 46 83.00 -38.61 108.48
C UNK J 46 83.88 -38.50 107.27
N UNK J 47 83.35 -38.02 106.17
CA UNK J 47 84.18 -37.64 105.04
C UNK J 47 85.06 -36.41 105.30
N UNK J 48 85.05 -35.84 106.51
CA UNK J 48 86.00 -34.79 106.83
C UNK J 48 87.41 -35.29 106.68
N UNK J 49 87.66 -36.52 107.10
CA UNK J 49 88.97 -37.10 106.90
C UNK J 49 89.28 -37.28 105.43
N UNK J 50 88.57 -38.17 104.77
CA UNK J 50 88.89 -38.49 103.39
C UNK J 50 88.28 -37.53 102.43
N UNK J 51 88.02 -36.31 102.87
CA UNK J 51 88.03 -35.12 102.05
C UNK J 51 89.25 -34.27 102.35
N UNK J 52 89.59 -34.09 103.62
CA UNK J 52 90.60 -33.12 103.97
C UNK J 52 91.97 -33.62 103.65
N UNK J 53 92.22 -34.88 103.98
CA UNK J 53 93.50 -35.47 103.65
C UNK J 53 93.69 -35.52 102.16
N UNK J 54 92.59 -35.70 101.43
CA UNK J 54 92.66 -35.62 99.98
C UNK J 54 93.09 -34.24 99.55
N UNK J 55 92.52 -33.21 100.19
CA UNK J 55 92.82 -31.86 99.74
C UNK J 55 94.26 -31.51 100.02
N UNK J 56 94.76 -31.91 101.18
CA UNK J 56 96.16 -31.66 101.45
C UNK J 56 97.04 -32.55 100.61
N UNK J 57 96.52 -33.68 100.14
CA UNK J 57 97.31 -34.49 99.23
C UNK J 57 97.40 -33.79 97.89
N UNK J 58 96.34 -33.12 97.48
CA UNK J 58 96.41 -32.30 96.28
C UNK J 58 97.40 -31.16 96.49
N UNK J 59 97.42 -30.62 97.70
CA UNK J 59 98.28 -29.49 98.03
C UNK J 59 99.73 -29.88 97.93
N UNK J 60 100.11 -30.89 98.67
CA UNK J 60 101.47 -31.40 98.62
C UNK J 60 101.81 -32.00 97.26
N UNK J 61 100.83 -32.41 96.48
CA UNK J 61 101.14 -32.80 95.11
C UNK J 61 101.67 -31.63 94.32
N UNK J 62 100.90 -30.52 94.32
CA UNK J 62 101.36 -29.32 93.63
C UNK J 62 102.63 -28.76 94.24
N UNK J 63 102.80 -29.01 95.53
CA UNK J 63 104.00 -28.55 96.21
C UNK J 63 105.21 -29.36 95.81
N UNK J 64 105.07 -30.67 95.73
CA UNK J 64 106.18 -31.50 95.33
C UNK J 64 106.58 -31.20 93.91
N UNK J 65 105.59 -30.87 93.07
CA UNK J 65 105.87 -30.34 91.76
C UNK J 65 106.76 -29.10 91.82
N UNK J 66 106.30 -28.08 92.53
CA UNK J 66 107.04 -26.82 92.62
C UNK J 66 108.40 -27.02 93.23
N UNK J 67 108.51 -27.92 94.19
CA UNK J 67 109.75 -28.04 94.91
C UNK J 67 110.80 -28.82 94.13
N UNK J 68 110.41 -29.87 93.43
CA UNK J 68 111.39 -30.55 92.60
C UNK J 68 111.77 -29.68 91.41
N UNK J 69 110.79 -28.96 90.87
CA UNK J 69 111.06 -28.04 89.78
C UNK J 69 112.04 -26.97 90.18
N UNK J 70 111.88 -26.42 91.38
CA UNK J 70 112.76 -25.34 91.81
C UNK J 70 114.11 -25.85 92.28
N UNK J 71 114.16 -26.98 92.98
CA UNK J 71 115.47 -27.50 93.34
C UNK J 71 116.19 -28.06 92.15
N UNK J 72 115.52 -28.21 91.01
CA UNK J 72 116.25 -28.20 89.75
C UNK J 72 116.61 -26.77 89.36
N UNK J 73 115.66 -25.86 89.48
CA UNK J 73 115.74 -24.57 88.84
C UNK J 73 116.59 -23.62 89.68
N UNK J 74 117.82 -23.42 89.23
CA UNK J 74 118.79 -22.50 89.83
C UNK J 74 119.08 -22.90 91.27
N UNK J 75 119.71 -24.05 91.42
CA UNK J 75 120.29 -24.42 92.69
C UNK J 75 121.73 -23.96 92.75
N UNK J 76 121.92 -22.66 92.58
CA UNK J 76 123.12 -22.04 93.10
C UNK J 76 123.10 -22.10 94.62
N UNK J 77 124.27 -21.92 95.22
CA UNK J 77 124.57 -22.47 96.54
C UNK J 77 123.68 -21.92 97.64
N UNK J 78 123.79 -20.64 97.96
CA UNK J 78 122.87 -20.08 98.93
C UNK J 78 121.51 -19.80 98.32
N UNK J 79 121.44 -19.81 96.99
CA UNK J 79 120.16 -19.68 96.32
C UNK J 79 119.26 -20.87 96.59
N UNK J 80 119.82 -21.97 97.07
CA UNK J 80 119.01 -22.95 97.78
C UNK J 80 118.28 -22.28 98.94
N UNK J 81 119.04 -21.69 99.86
CA UNK J 81 118.45 -21.18 101.09
C UNK J 81 117.54 -20.00 100.86
N UNK J 82 117.66 -19.37 99.69
CA UNK J 82 116.84 -18.21 99.36
C UNK J 82 115.37 -18.54 99.39
N UNK J 83 114.91 -19.37 98.47
CA UNK J 83 113.54 -19.80 98.57
C UNK J 83 113.36 -20.80 99.69
N UNK J 84 114.43 -21.42 100.20
CA UNK J 84 114.21 -22.31 101.32
C UNK J 84 113.88 -21.58 102.60
N UNK J 85 114.04 -20.26 102.64
CA UNK J 85 113.43 -19.48 103.69
C UNK J 85 112.15 -18.81 103.22
N UNK J 86 112.14 -18.37 101.97
CA UNK J 86 111.00 -17.63 101.46
C UNK J 86 109.75 -18.50 101.45
N UNK J 87 109.93 -19.79 101.21
CA UNK J 87 108.80 -20.69 101.12
C UNK J 87 108.14 -20.87 102.46
N UNK J 88 108.93 -21.05 103.52
CA UNK J 88 108.33 -21.21 104.83
C UNK J 88 107.71 -19.91 105.31
N UNK J 89 108.25 -18.78 104.87
CA UNK J 89 107.56 -17.53 105.12
C UNK J 89 106.21 -17.50 104.44
N UNK J 90 106.21 -17.89 103.16
CA UNK J 90 105.01 -17.90 102.34
C UNK J 90 103.97 -18.84 102.89
N UNK J 91 104.42 -19.92 103.51
CA UNK J 91 103.52 -20.73 104.30
C UNK J 91 102.96 -19.90 105.42
N UNK J 92 103.83 -19.53 106.36
CA UNK J 92 103.39 -19.18 107.70
C UNK J 92 102.53 -17.94 107.67
N UNK J 93 103.06 -16.87 107.12
CA UNK J 93 102.23 -15.68 106.98
C UNK J 93 101.28 -15.86 105.82
N UNK J 94 101.85 -15.98 104.63
CA UNK J 94 101.25 -15.39 103.45
C UNK J 94 99.96 -16.08 103.06
N UNK J 95 99.74 -17.31 103.52
CA UNK J 95 98.38 -17.81 103.45
C UNK J 95 97.86 -18.61 104.64
N UNK J 96 98.70 -19.48 105.21
CA UNK J 96 98.32 -20.89 105.34
C UNK J 96 97.07 -21.16 106.14
N UNK J 97 96.80 -20.40 107.19
CA UNK J 97 96.01 -20.93 108.30
C UNK J 97 94.54 -21.05 107.97
N UNK J 98 93.86 -21.96 108.68
CA UNK J 98 92.41 -22.14 108.58
C UNK J 98 91.90 -22.92 109.78
N UNK J 99 90.97 -22.34 110.55
CA UNK J 99 89.93 -22.99 111.37
C UNK J 99 89.05 -21.91 111.99
N UNK J 100 88.17 -22.34 112.89
CA UNK J 100 87.57 -21.52 113.93
C UNK J 100 88.45 -21.49 115.16
N UNK J 101 89.73 -21.68 114.96
CA UNK J 101 90.71 -21.37 115.95
C UNK J 101 90.72 -19.90 116.30
N UNK J 102 90.10 -19.05 115.50
CA UNK J 102 89.73 -17.72 115.96
C UNK J 102 88.91 -17.80 117.23
N UNK J 103 87.90 -18.66 117.22
CA UNK J 103 87.08 -18.83 118.41
C UNK J 103 87.86 -19.55 119.48
N UNK J 104 88.88 -20.29 119.12
CA UNK J 104 89.81 -20.67 120.16
C UNK J 104 90.58 -19.47 120.65
N UNK J 105 90.99 -18.62 119.73
CA UNK J 105 92.12 -17.75 119.95
C UNK J 105 91.73 -16.54 120.75
N UNK J 106 90.48 -16.14 120.65
CA UNK J 106 89.93 -15.31 121.70
C UNK J 106 89.92 -16.20 122.92
N UNK J 107 90.77 -15.89 123.89
CA UNK J 107 91.16 -16.85 124.90
C UNK J 107 90.02 -17.17 125.81
N UNK J 108 89.50 -16.15 126.48
CA UNK J 108 88.59 -16.28 127.62
C UNK J 108 89.13 -17.33 128.56
N UNK J 109 90.36 -17.06 128.99
CA UNK J 109 91.27 -18.08 129.47
C UNK J 109 90.86 -18.72 130.77
N UNK J 110 89.71 -18.35 131.33
CA UNK J 110 89.03 -19.20 132.28
C UNK J 110 88.97 -20.59 131.71
N UNK J 111 89.76 -21.46 132.32
CA UNK J 111 90.04 -22.76 131.75
C UNK J 111 88.79 -23.61 131.74
N UNK J 112 87.83 -23.29 132.59
CA UNK J 112 86.50 -23.85 132.44
C UNK J 112 85.89 -23.44 131.12
N UNK J 113 86.06 -22.18 130.70
CA UNK J 113 85.49 -21.83 129.41
C UNK J 113 86.30 -22.44 128.28
N UNK J 114 87.60 -22.64 128.50
CA UNK J 114 88.37 -23.43 127.56
C UNK J 114 87.83 -24.84 127.48
N UNK J 115 87.47 -25.40 128.63
CA UNK J 115 86.83 -26.70 128.66
C UNK J 115 85.47 -26.66 128.02
N UNK J 116 84.82 -25.51 127.99
CA UNK J 116 83.57 -25.44 127.27
C UNK J 116 83.81 -25.55 125.80
N UNK J 117 84.88 -24.92 125.33
CA UNK J 117 85.26 -25.10 123.93
C UNK J 117 85.64 -26.54 123.68
N UNK J 118 86.26 -27.17 124.66
CA UNK J 118 86.72 -28.54 124.51
C UNK J 118 85.55 -29.49 124.42
N UNK J 119 84.56 -29.28 125.27
CA UNK J 119 83.37 -30.11 125.20
C UNK J 119 82.61 -29.81 123.94
N UNK J 120 82.75 -28.61 123.39
CA UNK J 120 82.09 -28.34 122.14
C UNK J 120 82.73 -29.10 121.01
N UNK J 121 84.05 -29.03 120.88
CA UNK J 121 84.73 -29.75 119.81
C UNK J 121 84.63 -31.23 119.98
N UNK J 122 84.67 -31.72 121.20
CA UNK J 122 84.55 -33.14 121.44
C UNK J 122 83.11 -33.59 121.39
N UNK J 123 82.44 -33.36 120.24
CA UNK J 123 81.35 -34.21 119.77
C UNK J 123 81.19 -33.98 118.27
N UNK J 124 81.78 -34.85 117.44
CA UNK J 124 81.11 -35.41 116.27
C UNK J 124 81.65 -36.75 115.77
N UNK J 125 82.93 -37.01 116.01
CA UNK J 125 83.71 -37.94 115.20
C UNK J 125 84.57 -38.79 116.12
N UNK J 126 85.55 -39.49 115.58
CA UNK J 126 86.36 -40.37 116.41
C UNK J 126 87.80 -39.92 116.47
N UNK J 127 88.42 -40.22 117.60
CA UNK J 127 89.55 -39.46 118.15
C UNK J 127 90.70 -39.32 117.21
N UNK J 128 90.85 -40.24 116.28
CA UNK J 128 91.88 -40.04 115.28
C UNK J 128 91.46 -39.00 114.27
N UNK J 129 90.21 -39.04 113.84
CA UNK J 129 89.73 -37.97 112.99
C UNK J 129 89.76 -36.67 113.75
N UNK J 130 89.54 -36.75 115.06
CA UNK J 130 89.64 -35.57 115.88
C UNK J 130 91.05 -35.07 115.94
N UNK J 131 92.02 -35.96 115.94
CA UNK J 131 93.40 -35.52 116.10
C UNK J 131 93.88 -34.85 114.84
N UNK J 132 93.50 -35.37 113.68
CA UNK J 132 93.90 -34.69 112.45
C UNK J 132 93.19 -33.36 112.32
N UNK J 133 91.94 -33.27 112.75
CA UNK J 133 91.30 -31.97 112.80
C UNK J 133 92.02 -31.05 113.77
N UNK J 134 92.56 -31.59 114.84
CA UNK J 134 93.29 -30.76 115.77
C UNK J 134 94.56 -30.23 115.13
N UNK J 135 95.18 -31.03 114.28
CA UNK J 135 96.35 -30.50 113.60
C UNK J 135 95.95 -29.43 112.62
N UNK J 136 94.78 -29.55 112.04
CA UNK J 136 94.31 -28.45 111.23
C UNK J 136 93.93 -27.24 112.06
N UNK J 137 93.66 -27.44 113.33
CA UNK J 137 93.54 -26.29 114.22
C UNK J 137 94.88 -25.76 114.65
N UNK J 138 95.95 -26.52 114.45
CA UNK J 138 97.26 -26.09 114.88
C UNK J 138 97.90 -25.15 113.90
N UNK J 139 97.11 -24.41 113.14
CA UNK J 139 97.60 -23.36 112.25
C UNK J 139 97.46 -22.01 112.93
N UNK J 140 98.37 -21.76 113.89
CA UNK J 140 98.51 -20.43 114.48
C UNK J 140 99.87 -19.80 114.23
N UNK J 141 100.98 -20.40 114.68
CA UNK J 141 102.21 -19.71 114.36
C UNK J 141 103.45 -20.51 113.94
N UNK J 142 103.81 -21.51 114.70
CA UNK J 142 105.19 -21.98 114.73
C UNK J 142 105.45 -23.00 113.63
N UNK J 143 106.73 -23.18 113.29
CA UNK J 143 107.10 -24.27 112.40
C UNK J 143 108.14 -25.16 113.04
N UNK J 144 109.15 -24.56 113.64
CA UNK J 144 110.11 -25.34 114.41
C UNK J 144 109.49 -25.87 115.69
N UNK J 145 108.66 -25.06 116.32
CA UNK J 145 107.96 -25.45 117.53
C UNK J 145 106.58 -25.97 117.26
N UNK J 146 106.14 -25.94 116.01
CA UNK J 146 105.03 -26.77 115.61
C UNK J 146 105.29 -28.21 116.03
N UNK J 147 106.47 -28.69 115.69
CA UNK J 147 106.88 -30.03 116.08
C UNK J 147 106.96 -30.18 117.58
N UNK J 148 107.38 -29.14 118.29
CA UNK J 148 107.48 -29.26 119.72
C UNK J 148 106.11 -29.32 120.36
N UNK J 149 105.16 -28.59 119.79
CA UNK J 149 103.80 -28.64 120.28
C UNK J 149 103.25 -30.03 120.14
N UNK J 150 103.46 -30.62 118.98
CA UNK J 150 102.96 -31.97 118.79
C UNK J 150 103.73 -32.96 119.64
N UNK J 151 105.00 -32.67 119.91
CA UNK J 151 105.79 -33.53 120.78
C UNK J 151 105.24 -33.52 122.17
N UNK J 152 104.94 -32.33 122.66
CA UNK J 152 104.41 -32.21 124.00
C UNK J 152 103.03 -32.81 124.09
N UNK J 153 102.23 -32.66 123.05
CA UNK J 153 100.87 -33.14 123.17
C UNK J 153 100.83 -34.64 123.06
N UNK J 154 101.67 -35.21 122.22
CA UNK J 154 101.77 -36.66 122.16
C UNK J 154 102.25 -37.19 123.50
N UNK J 155 103.15 -36.45 124.13
CA UNK J 155 103.55 -36.81 125.48
C UNK J 155 102.38 -36.73 126.44
N UNK J 156 101.52 -35.74 126.24
CA UNK J 156 100.40 -35.58 127.15
C UNK J 156 99.46 -36.73 127.02
N UNK J 157 99.21 -37.14 125.78
CA UNK J 157 98.31 -38.24 125.54
C UNK J 157 98.86 -39.51 126.14
N UNK J 158 100.17 -39.64 126.06
CA UNK J 158 100.84 -40.74 126.72
C UNK J 158 100.62 -40.69 128.20
N UNK J 159 100.64 -39.50 128.78
CA UNK J 159 100.39 -39.40 130.21
C UNK J 159 98.93 -39.66 130.52
N UNK J 160 98.07 -39.38 129.55
CA UNK J 160 96.65 -39.51 129.78
C UNK J 160 96.28 -40.95 129.95
N UNK J 161 96.68 -41.78 129.00
CA UNK J 161 96.50 -43.20 129.22
C UNK J 161 97.45 -43.71 130.28
N UNK J 162 98.56 -43.03 130.46
CA UNK J 162 99.53 -43.39 131.47
C UNK J 162 99.27 -42.60 132.72
N UNK J 163 98.02 -42.56 133.14
CA UNK J 163 97.71 -42.16 134.49
C UNK J 163 97.56 -43.44 135.30
N UNK J 164 97.17 -43.27 136.54
CA UNK J 164 96.39 -44.30 137.21
C UNK J 164 95.12 -43.65 137.70
N UNK J 165 94.70 -42.61 137.00
CA UNK J 165 93.37 -42.04 137.13
C UNK J 165 92.36 -42.96 136.45
N UNK J 166 92.25 -44.16 136.98
CA UNK J 166 91.73 -45.28 136.21
C UNK J 166 90.25 -45.43 136.39
N UNK J 167 89.51 -44.37 136.20
CA UNK J 167 88.07 -44.49 136.27
C UNK J 167 87.34 -43.59 135.31
N UNK J 168 88.04 -42.86 134.43
CA UNK J 168 87.33 -42.01 133.51
C UNK J 168 86.69 -42.83 132.43
N UNK J 169 85.70 -42.25 131.78
CA UNK J 169 85.27 -42.84 130.55
C UNK J 169 86.35 -42.66 129.51
N UNK J 170 86.32 -43.50 128.49
CA UNK J 170 87.22 -43.30 127.37
C UNK J 170 86.97 -41.97 126.72
N UNK J 171 85.73 -41.58 126.61
CA UNK J 171 85.47 -40.23 126.15
C UNK J 171 85.86 -39.21 127.17
N UNK J 172 85.82 -39.55 128.44
CA UNK J 172 86.24 -38.57 129.44
C UNK J 172 87.73 -38.33 129.34
N UNK J 173 88.49 -39.40 129.26
CA UNK J 173 89.93 -39.28 129.08
C UNK J 173 90.24 -38.60 127.78
N UNK J 174 89.42 -38.83 126.78
CA UNK J 174 89.61 -38.14 125.52
C UNK J 174 89.41 -36.65 125.68
N UNK J 175 88.43 -36.24 126.48
CA UNK J 175 88.24 -34.83 126.72
C UNK J 175 89.43 -34.26 127.44
N UNK J 176 89.96 -35.01 128.38
CA UNK J 176 91.12 -34.54 129.11
C UNK J 176 92.32 -34.39 128.19
N UNK J 177 92.50 -35.33 127.28
CA UNK J 177 93.67 -35.28 126.42
C UNK J 177 93.55 -34.18 125.39
N UNK J 178 92.37 -34.02 124.83
CA UNK J 178 92.20 -32.94 123.88
C UNK J 178 92.28 -31.60 124.57
N UNK J 179 91.89 -31.55 125.83
CA UNK J 179 92.01 -30.32 126.59
C UNK J 179 93.45 -29.90 126.73
N UNK J 180 94.30 -30.83 127.14
CA UNK J 180 95.71 -30.52 127.31
C UNK J 180 96.34 -30.11 126.00
N UNK J 181 95.90 -30.75 124.92
CA UNK J 181 96.48 -30.43 123.63
C UNK J 181 96.11 -29.03 123.19
N UNK J 182 94.82 -28.71 123.23
CA UNK J 182 94.45 -27.36 122.87
C UNK J 182 94.98 -26.35 123.87
N UNK J 183 95.22 -26.76 125.10
CA UNK J 183 95.73 -25.84 126.11
C UNK J 183 97.14 -25.43 125.80
N UNK J 184 98.00 -26.40 125.53
CA UNK J 184 99.37 -26.04 125.28
C UNK J 184 99.49 -25.33 123.95
N UNK J 185 98.55 -25.57 123.05
CA UNK J 185 98.45 -24.71 121.89
C UNK J 185 98.16 -23.29 122.30
N UNK J 186 97.31 -23.11 123.29
CA UNK J 186 96.97 -21.75 123.69
C UNK J 186 98.13 -21.06 124.37
N UNK J 187 98.90 -21.80 125.15
CA UNK J 187 100.05 -21.19 125.80
C UNK J 187 101.12 -20.84 124.80
N UNK J 188 101.19 -21.57 123.69
CA UNK J 188 102.02 -21.13 122.59
C UNK J 188 101.51 -19.84 122.00
N UNK J 189 100.19 -19.70 121.91
CA UNK J 189 99.62 -18.50 121.33
C UNK J 189 99.91 -17.29 122.18
N UNK J 190 100.03 -17.48 123.48
CA UNK J 190 100.43 -16.35 124.32
C UNK J 190 101.93 -16.12 124.23
N UNK J 191 102.72 -17.10 124.66
CA UNK J 191 104.17 -16.87 124.75
C UNK J 191 104.88 -16.94 123.41
N UNK J 192 79.72 -73.48 115.08
CA UNK J 192 81.16 -73.56 115.01
C UNK J 192 81.67 -72.77 113.82
N UNK J 193 81.16 -73.09 112.67
CA UNK J 193 81.65 -72.52 111.44
C UNK J 193 80.59 -71.73 110.71
N UNK J 194 79.77 -71.00 111.44
CA UNK J 194 79.00 -69.91 110.83
C UNK J 194 79.80 -68.62 110.93
N UNK J 195 81.02 -68.67 110.41
CA UNK J 195 81.87 -67.53 110.09
C UNK J 195 81.62 -67.06 108.69
N UNK J 196 80.73 -67.75 108.02
CA UNK J 196 80.29 -67.29 106.72
C UNK J 196 79.69 -65.91 106.82
N UNK J 197 79.10 -65.60 107.95
CA UNK J 197 78.68 -64.24 108.18
C UNK J 197 79.87 -63.31 108.32
N UNK J 198 80.99 -63.80 108.84
CA UNK J 198 82.11 -62.89 109.01
C UNK J 198 82.59 -62.42 107.66
N UNK J 199 82.68 -63.36 106.75
CA UNK J 199 83.04 -62.95 105.41
C UNK J 199 81.93 -62.18 104.74
N UNK J 200 80.68 -62.49 105.05
CA UNK J 200 79.59 -61.80 104.37
C UNK J 200 79.51 -60.36 104.80
N UNK J 201 79.61 -60.14 106.08
CA UNK J 201 79.54 -58.81 106.61
C UNK J 201 80.74 -58.01 106.21
N UNK J 202 81.91 -58.62 106.29
CA UNK J 202 83.09 -57.88 105.88
C UNK J 202 83.04 -57.58 104.41
N UNK J 203 82.40 -58.43 103.62
CA UNK J 203 82.33 -58.20 102.19
C UNK J 203 81.43 -57.03 101.89
N UNK J 204 80.25 -57.00 102.51
CA UNK J 204 79.35 -55.88 102.31
C UNK J 204 79.98 -54.60 102.79
N UNK J 205 80.69 -54.68 103.91
CA UNK J 205 81.35 -53.51 104.43
C UNK J 205 82.38 -53.02 103.45
N UNK J 206 83.31 -53.86 103.05
CA UNK J 206 84.41 -53.37 102.24
C UNK J 206 83.98 -52.95 100.88
N UNK J 207 82.85 -53.44 100.40
CA UNK J 207 82.29 -52.82 99.23
C UNK J 207 81.86 -51.41 99.55
N UNK J 208 81.19 -51.22 100.69
CA UNK J 208 80.71 -49.88 101.00
C UNK J 208 81.87 -48.93 101.28
N UNK J 209 82.85 -49.39 102.02
CA UNK J 209 83.95 -48.53 102.35
C UNK J 209 84.86 -48.33 101.16
N UNK J 210 84.87 -49.22 100.15
CA UNK J 210 85.69 -48.93 98.98
C UNK J 210 85.05 -47.89 98.13
N UNK J 211 83.77 -48.06 97.85
CA UNK J 211 83.09 -47.06 97.05
C UNK J 211 82.98 -45.74 97.78
N UNK J 212 83.08 -45.75 99.10
CA UNK J 212 83.35 -44.49 99.78
C UNK J 212 84.73 -44.00 99.45
N UNK J 213 85.74 -44.72 99.88
CA UNK J 213 87.05 -44.14 99.99
C UNK J 213 87.75 -43.96 98.67
N UNK J 214 87.18 -44.38 97.57
CA UNK J 214 87.84 -44.05 96.32
C UNK J 214 87.31 -42.73 95.79
N UNK J 215 86.06 -42.72 95.36
CA UNK J 215 85.34 -41.55 94.88
C UNK J 215 86.15 -40.70 93.90
N UNK J 216 86.72 -41.36 92.88
CA UNK J 216 87.37 -40.65 91.78
C UNK J 216 87.37 -41.59 90.58
N UNK J 217 86.41 -41.42 89.69
CA UNK J 217 86.00 -42.48 88.77
C UNK J 217 86.55 -42.30 87.37
N UNK J 218 87.49 -43.17 87.02
CA UNK J 218 87.97 -43.35 85.66
C UNK J 218 88.18 -44.84 85.44
N UNK J 219 88.50 -45.21 84.19
CA UNK J 219 88.30 -46.58 83.71
C UNK J 219 89.58 -47.36 83.51
N UNK J 220 90.50 -46.90 82.64
CA UNK J 220 91.96 -47.15 82.64
C UNK J 220 92.45 -48.54 83.09
N UNK J 221 92.07 -49.60 82.35
CA UNK J 221 91.74 -50.92 82.92
C UNK J 221 92.82 -51.53 83.80
N UNK J 222 93.96 -51.89 83.20
CA UNK J 222 94.98 -52.54 84.00
C UNK J 222 95.60 -51.57 84.98
N UNK J 223 95.67 -50.31 84.58
CA UNK J 223 96.15 -49.29 85.50
C UNK J 223 95.14 -49.04 86.58
N UNK J 224 93.86 -49.21 86.26
CA UNK J 224 92.87 -49.17 87.31
C UNK J 224 93.13 -50.27 88.31
N UNK J 225 93.52 -51.46 87.85
CA UNK J 225 93.82 -52.55 88.78
C UNK J 225 94.98 -52.18 89.69
N UNK J 226 96.09 -51.78 89.10
CA UNK J 226 97.30 -51.54 89.87
C UNK J 226 97.14 -50.38 90.82
N UNK J 227 96.84 -49.22 90.28
CA UNK J 227 96.80 -48.07 91.14
C UNK J 227 95.55 -48.03 91.97
N UNK J 228 94.53 -48.81 91.67
CA UNK J 228 93.38 -48.77 92.53
C UNK J 228 93.65 -49.55 93.79
N UNK J 229 94.34 -50.68 93.67
CA UNK J 229 94.76 -51.33 94.89
C UNK J 229 95.73 -50.46 95.65
N UNK J 230 96.61 -49.77 94.92
CA UNK J 230 97.57 -48.89 95.55
C UNK J 230 96.90 -47.75 96.29
N UNK J 231 96.03 -47.03 95.61
CA UNK J 231 95.42 -45.83 96.16
C UNK J 231 94.49 -46.17 97.28
N UNK J 232 93.78 -47.29 97.17
CA UNK J 232 92.89 -47.65 98.27
C UNK J 232 93.70 -48.00 99.49
N UNK J 233 94.84 -48.66 99.29
CA UNK J 233 95.71 -48.84 100.43
C UNK J 233 96.32 -47.54 100.87
N UNK J 234 96.46 -46.60 99.95
CA UNK J 234 97.12 -45.36 100.29
C UNK J 234 96.21 -44.54 101.17
N UNK J 235 95.09 -44.19 100.63
CA UNK J 235 94.04 -43.44 101.26
C UNK J 235 93.36 -44.20 102.21
N UNK J 236 93.77 -45.40 102.53
CA UNK J 236 93.49 -46.02 103.80
C UNK J 236 94.30 -45.36 104.88
N UNK J 237 94.28 -45.97 106.05
CA UNK J 237 94.93 -45.36 107.19
C UNK J 237 96.44 -45.35 107.02
N UNK J 238 97.06 -44.34 107.63
CA UNK J 238 98.50 -44.19 107.65
C UNK J 238 98.82 -43.26 108.81
N UNK J 239 100.00 -42.67 108.75
CA UNK J 239 100.55 -41.89 109.84
C UNK J 239 101.20 -40.62 109.34
N UNK J 240 100.51 -39.81 108.55
CA UNK J 240 101.22 -38.78 107.81
C UNK J 240 101.55 -37.53 108.62
N UNK J 241 100.54 -36.68 108.90
CA UNK J 241 100.63 -35.53 109.81
C UNK J 241 101.82 -34.60 109.59
N UNK J 242 101.82 -33.88 108.47
CA UNK J 242 102.91 -32.96 108.18
C UNK J 242 102.46 -31.89 107.19
N UNK J 243 102.85 -30.63 107.43
CA UNK J 243 102.46 -29.55 106.50
C UNK J 243 103.53 -28.48 106.31
N UNK J 244 104.81 -28.84 106.19
CA UNK J 244 105.88 -27.90 105.85
C UNK J 244 107.12 -28.66 105.38
N UNK J 245 107.80 -28.14 104.36
CA UNK J 245 108.82 -28.92 103.68
C UNK J 245 110.21 -28.34 103.87
N UNK J 246 111.18 -29.22 103.67
CA UNK J 246 112.55 -28.84 103.44
C UNK J 246 112.77 -28.40 102.02
N UNK J 247 111.82 -28.73 101.14
CA UNK J 247 112.00 -28.72 99.70
C UNK J 247 113.34 -29.36 99.36
N UNK J 248 113.53 -30.58 99.88
CA UNK J 248 114.84 -31.23 99.87
C UNK J 248 115.05 -32.04 98.60
N UNK J 249 114.18 -33.03 98.37
CA UNK J 249 114.03 -33.78 97.11
C UNK J 249 115.28 -34.57 96.75
N UNK J 250 115.84 -35.24 97.75
CA UNK J 250 116.84 -36.28 97.53
C UNK J 250 116.38 -37.54 98.22
N UNK J 251 115.10 -37.88 98.01
CA UNK J 251 114.53 -39.15 98.42
C UNK J 251 113.58 -39.61 97.32
N UNK J 252 113.60 -40.90 97.03
CA UNK J 252 112.80 -41.47 95.95
C UNK J 252 111.88 -42.52 96.54
N UNK J 253 110.72 -42.08 97.04
CA UNK J 253 109.69 -42.95 97.61
C UNK J 253 108.87 -43.59 96.51
N UNK J 254 107.69 -44.08 96.87
CA UNK J 254 106.84 -44.81 95.93
C UNK J 254 106.44 -43.94 94.76
N UNK J 255 106.55 -44.49 93.56
CA UNK J 255 106.29 -43.77 92.34
C UNK J 255 104.83 -43.79 91.96
N UNK J 256 103.94 -43.96 92.94
CA UNK J 256 102.50 -43.94 92.71
C UNK J 256 102.09 -42.63 92.06
N UNK J 257 102.43 -41.53 92.70
CA UNK J 257 102.17 -40.25 92.11
C UNK J 257 103.03 -39.98 90.89
N UNK J 258 104.14 -40.70 90.73
CA UNK J 258 104.96 -40.49 89.55
C UNK J 258 104.29 -41.08 88.32
N UNK J 259 103.68 -42.25 88.46
CA UNK J 259 102.89 -42.80 87.37
C UNK J 259 101.64 -41.99 87.12
N UNK J 260 101.06 -41.47 88.21
CA UNK J 260 99.96 -40.53 88.05
C UNK J 260 100.45 -39.26 87.36
N UNK J 261 101.67 -38.87 87.62
CA UNK J 261 102.21 -37.68 86.99
C UNK J 261 102.50 -37.96 85.54
N UNK J 262 102.85 -39.20 85.23
CA UNK J 262 102.98 -39.60 83.85
C UNK J 262 101.65 -39.49 83.14
N UNK J 263 100.58 -39.92 83.81
CA UNK J 263 99.24 -39.76 83.26
C UNK J 263 98.84 -38.30 83.17
N UNK J 264 99.27 -37.49 84.14
CA UNK J 264 98.89 -36.10 84.15
C UNK J 264 99.61 -35.33 83.07
N UNK J 265 100.89 -35.62 82.89
CA UNK J 265 101.65 -35.08 81.77
C UNK J 265 101.09 -35.56 80.46
N UNK J 266 100.54 -36.78 80.44
CA UNK J 266 99.88 -37.26 79.24
C UNK J 266 98.63 -36.46 78.97
N UNK J 267 97.92 -36.09 80.02
CA UNK J 267 96.72 -35.29 79.85
C UNK J 267 97.04 -33.90 79.34
N UNK J 268 98.02 -33.26 79.97
CA UNK J 268 98.36 -31.89 79.58
C UNK J 268 99.08 -31.86 78.25
N UNK J 269 99.83 -32.91 77.92
CA UNK J 269 100.49 -32.93 76.63
C UNK J 269 99.53 -33.35 75.54
N UNK J 270 98.48 -34.09 75.87
CA UNK J 270 97.49 -34.41 74.85
C UNK J 270 96.56 -33.24 74.63
N UNK J 271 96.23 -32.52 75.69
CA UNK J 271 95.57 -31.24 75.50
C UNK J 271 96.52 -30.24 74.87
N UNK J 272 97.82 -30.41 75.07
CA UNK J 272 98.77 -29.48 74.48
C UNK J 272 98.93 -29.77 73.00
N UNK J 273 98.87 -31.03 72.63
CA UNK J 273 98.77 -31.36 71.23
C UNK J 273 97.43 -30.92 70.68
N UNK J 274 96.39 -30.97 71.51
CA UNK J 274 95.07 -30.56 71.07
C UNK J 274 95.02 -29.07 70.84
N UNK J 275 95.59 -28.30 71.76
CA UNK J 275 95.65 -26.87 71.58
C UNK J 275 96.68 -26.50 70.51
N UNK J 276 97.72 -27.33 70.37
CA UNK J 276 98.69 -27.15 69.31
C UNK J 276 98.02 -27.28 67.98
N UNK J 277 97.26 -28.33 67.80
CA UNK J 277 96.49 -28.49 66.57
C UNK J 277 95.36 -27.49 66.48
N UNK J 278 94.93 -26.93 67.62
CA UNK J 278 93.90 -25.92 67.59
C UNK J 278 94.43 -24.63 67.00
N UNK J 279 95.62 -24.21 67.43
CA UNK J 279 96.29 -23.10 66.77
C UNK J 279 96.66 -23.47 65.35
N UNK J 280 96.97 -24.74 65.14
CA UNK J 280 97.24 -25.26 63.82
C UNK J 280 95.96 -25.66 63.11
N UNK J 281 94.84 -25.04 63.46
CA UNK J 281 93.70 -24.95 62.56
C UNK J 281 93.90 -23.75 61.60
N UNK J 282 106.10 -6.95 69.81
CA UNK J 282 107.17 -7.41 70.68
C UNK J 282 107.66 -8.74 70.18
N UNK J 283 108.39 -9.45 71.03
CA UNK J 283 108.71 -10.84 70.76
C UNK J 283 108.04 -11.62 71.88
N UNK J 284 106.73 -11.78 71.74
CA UNK J 284 105.98 -12.77 72.48
C UNK J 284 105.84 -14.01 71.61
N UNK J 285 106.99 -14.45 71.11
CA UNK J 285 107.01 -15.44 70.07
C UNK J 285 107.25 -16.84 70.60
N UNK J 286 106.81 -17.14 71.82
CA UNK J 286 106.92 -18.50 72.37
C UNK J 286 105.81 -19.32 71.73
N UNK J 287 106.01 -19.65 70.47
CA UNK J 287 104.92 -19.76 69.52
C UNK J 287 104.14 -21.05 69.70
N UNK J 288 104.78 -22.18 69.45
CA UNK J 288 104.08 -23.44 69.40
C UNK J 288 103.96 -24.12 70.75
N UNK J 289 104.19 -23.39 71.83
CA UNK J 289 103.80 -23.86 73.14
C UNK J 289 103.26 -22.69 73.94
N UNK J 290 102.59 -21.77 73.27
CA UNK J 290 102.07 -20.56 73.91
C UNK J 290 100.92 -20.86 74.84
N UNK J 291 101.21 -21.50 75.96
CA UNK J 291 100.16 -22.14 76.72
C UNK J 291 100.64 -22.37 78.14
N UNK J 292 100.05 -21.68 79.08
CA UNK J 292 100.16 -22.09 80.46
C UNK J 292 99.05 -23.10 80.71
N UNK J 293 98.89 -23.54 81.96
CA UNK J 293 97.78 -24.42 82.30
C UNK J 293 96.44 -23.72 82.24
N UNK J 294 96.40 -22.42 82.04
CA UNK J 294 95.21 -21.69 81.67
C UNK J 294 94.98 -21.64 80.17
N UNK J 295 95.55 -22.57 79.40
CA UNK J 295 95.18 -22.66 78.00
C UNK J 295 93.89 -23.43 77.80
N UNK J 296 93.45 -24.13 78.84
CA UNK J 296 92.19 -24.87 78.79
C UNK J 296 91.03 -23.97 78.44
N UNK J 297 90.95 -22.82 79.11
CA UNK J 297 89.92 -21.83 78.86
C UNK J 297 89.97 -21.31 77.43
N UNK J 298 91.18 -21.20 76.87
CA UNK J 298 91.33 -20.79 75.48
C UNK J 298 90.68 -21.81 74.57
N UNK J 299 90.96 -23.09 74.82
CA UNK J 299 90.40 -24.16 74.00
C UNK J 299 88.89 -24.15 74.05
N UNK J 300 88.36 -23.99 75.26
CA UNK J 300 86.92 -24.13 75.48
C UNK J 300 86.16 -23.00 74.84
N UNK J 301 86.56 -21.76 75.09
CA UNK J 301 85.84 -20.63 74.54
C UNK J 301 85.97 -20.57 73.03
N UNK J 302 87.11 -21.05 72.50
CA UNK J 302 87.21 -21.25 71.06
C UNK J 302 86.15 -22.23 70.58
N UNK J 303 86.02 -23.35 71.29
CA UNK J 303 85.10 -24.41 70.90
C UNK J 303 83.66 -23.93 70.91
N UNK J 304 83.25 -23.30 72.00
CA UNK J 304 81.86 -22.89 72.09
C UNK J 304 81.57 -21.66 71.27
N UNK J 305 82.58 -20.84 70.96
CA UNK J 305 82.31 -19.68 70.12
C UNK J 305 82.09 -20.10 68.68
N UNK J 306 82.95 -21.00 68.20
CA UNK J 306 82.73 -21.57 66.90
C UNK J 306 81.47 -22.42 66.90
N UNK J 307 81.14 -23.02 68.04
CA UNK J 307 79.87 -23.70 68.16
C UNK J 307 78.70 -22.72 68.18
N UNK J 308 78.94 -21.49 68.62
CA UNK J 308 77.86 -20.52 68.73
C UNK J 308 77.45 -20.03 67.37
N UNK J 309 78.43 -19.62 66.58
CA UNK J 309 78.14 -19.40 65.17
C UNK J 309 77.77 -20.68 64.45
N UNK J 310 78.16 -21.84 64.96
CA UNK J 310 77.80 -23.08 64.29
C UNK J 310 76.35 -23.43 64.53
N UNK J 311 75.87 -23.17 65.74
CA UNK J 311 74.46 -23.37 66.00
C UNK J 311 73.65 -22.28 65.35
N UNK J 312 74.27 -21.11 65.14
CA UNK J 312 73.63 -20.08 64.33
C UNK J 312 73.42 -20.57 62.91
N UNK J 313 74.44 -21.20 62.35
CA UNK J 313 74.30 -21.89 61.08
C UNK J 313 73.22 -22.95 61.14
N UNK J 314 73.19 -23.72 62.23
CA UNK J 314 72.20 -24.77 62.40
C UNK J 314 70.80 -24.20 62.43
N UNK J 315 70.62 -23.08 63.11
CA UNK J 315 69.30 -22.50 63.29
C UNK J 315 68.81 -21.82 62.02
N UNK J 316 69.69 -21.14 61.33
CA UNK J 316 69.30 -20.45 60.11
C UNK J 316 69.01 -21.45 59.01
N UNK J 317 69.93 -22.40 58.80
CA UNK J 317 69.69 -23.46 57.84
C UNK J 317 68.65 -24.46 58.30
N UNK J 318 68.15 -24.38 59.53
CA UNK J 318 67.17 -25.33 60.02
C UNK J 318 65.82 -25.19 59.32
N UNK J 319 65.14 -24.06 59.50
CA UNK J 319 63.76 -23.96 59.07
C UNK J 319 63.45 -22.52 58.69
N UNK J 320 62.16 -22.21 58.55
CA UNK J 320 61.64 -21.12 57.72
C UNK J 320 61.75 -19.75 58.41
N UNK J 321 60.96 -18.80 57.88
CA UNK J 321 61.22 -17.36 57.86
C UNK J 321 61.48 -16.76 59.21
N UNK J 322 62.75 -16.36 59.44
CA UNK J 322 63.23 -15.68 60.62
C UNK J 322 64.67 -15.24 60.40
N UNK J 323 65.00 -14.06 60.86
CA UNK J 323 66.38 -13.70 61.11
C UNK J 323 66.54 -12.95 62.42
N UNK J 324 65.46 -12.74 63.17
CA UNK J 324 65.56 -12.26 64.55
C UNK J 324 66.17 -13.32 65.44
N UNK J 325 65.99 -14.58 65.09
CA UNK J 325 66.74 -15.65 65.72
C UNK J 325 68.23 -15.50 65.47
N UNK J 326 68.62 -15.15 64.24
CA UNK J 326 70.03 -14.95 63.96
C UNK J 326 70.56 -13.70 64.61
N UNK J 327 69.74 -12.68 64.76
CA UNK J 327 70.16 -11.50 65.50
C UNK J 327 70.37 -11.84 66.97
N UNK J 328 69.56 -12.75 67.50
CA UNK J 328 69.84 -13.27 68.83
C UNK J 328 71.13 -14.04 68.85
N UNK J 329 71.45 -14.72 67.77
CA UNK J 329 72.76 -15.35 67.68
C UNK J 329 73.86 -14.33 67.57
N UNK J 330 73.56 -13.12 67.10
CA UNK J 330 74.56 -12.06 67.09
C UNK J 330 74.86 -11.56 68.50
N UNK J 331 74.06 -11.95 69.50
CA UNK J 331 74.42 -11.83 70.90
C UNK J 331 74.97 -13.11 71.49
N UNK J 332 74.52 -14.25 70.98
CA UNK J 332 75.07 -15.53 71.39
C UNK J 332 76.56 -15.61 71.08
N UNK J 333 76.96 -15.06 69.95
CA UNK J 333 78.38 -14.85 69.68
C UNK J 333 78.96 -13.84 70.65
N UNK J 334 78.21 -12.78 70.94
CA UNK J 334 78.76 -11.62 71.64
C UNK J 334 79.13 -11.93 73.07
N UNK J 335 78.56 -12.99 73.63
CA UNK J 335 78.93 -13.43 74.97
C UNK J 335 80.37 -13.92 75.08
N UNK J 336 81.07 -14.13 73.96
CA UNK J 336 82.42 -14.71 73.95
C UNK J 336 83.53 -13.71 74.22
N UNK J 337 83.22 -12.41 74.23
CA UNK J 337 84.21 -11.37 74.47
C UNK J 337 84.70 -11.35 75.91
N UNK J 338 84.06 -12.07 76.82
CA UNK J 338 84.20 -11.81 78.23
C UNK J 338 85.50 -12.35 78.80
N UNK J 339 85.76 -13.63 78.62
CA UNK J 339 86.81 -14.28 79.37
C UNK J 339 88.16 -14.17 78.72
N UNK J 340 88.45 -13.08 78.01
CA UNK J 340 89.78 -12.91 77.45
C UNK J 340 90.74 -12.20 78.39
N UNK J 341 90.27 -11.63 79.50
CA UNK J 341 91.19 -11.01 80.45
C UNK J 341 91.75 -12.04 81.41
N UNK J 342 90.86 -12.61 82.24
CA UNK J 342 90.85 -13.98 82.76
C UNK J 342 92.21 -14.63 82.97
N UNK J 343 93.11 -13.92 83.67
CA UNK J 343 94.49 -14.35 83.91
C UNK J 343 95.21 -14.68 82.62
N UNK J 344 94.96 -13.87 81.58
CA UNK J 344 95.58 -14.04 80.27
C UNK J 344 96.97 -13.39 80.23
N UNK J 345 97.87 -13.95 81.02
CA UNK J 345 99.04 -13.21 81.46
C UNK J 345 100.07 -13.04 80.37
N UNK J 346 100.04 -13.85 79.33
CA UNK J 346 101.05 -13.71 78.29
C UNK J 346 100.71 -12.54 77.39
N UNK J 347 101.70 -12.08 76.66
CA UNK J 347 101.47 -11.26 75.49
C UNK J 347 101.30 -12.11 74.25
N UNK J 348 101.37 -13.43 74.41
CA UNK J 348 101.22 -14.41 73.34
C UNK J 348 99.90 -15.13 73.36
N UNK J 349 99.36 -15.37 74.56
CA UNK J 349 98.19 -16.22 74.72
C UNK J 349 96.99 -15.61 74.04
N UNK J 350 96.57 -14.44 74.50
CA UNK J 350 95.38 -13.80 73.98
C UNK J 350 95.53 -13.46 72.51
N UNK J 351 96.70 -12.95 72.14
CA UNK J 351 96.95 -12.49 70.78
C UNK J 351 96.91 -13.65 69.80
N UNK J 352 97.81 -14.62 69.99
CA UNK J 352 97.91 -15.74 69.08
C UNK J 352 96.65 -16.58 69.10
N UNK J 353 96.00 -16.72 70.26
CA UNK J 353 94.83 -17.58 70.35
C UNK J 353 93.66 -16.98 69.60
N UNK J 354 93.44 -15.69 69.79
CA UNK J 354 92.38 -15.01 69.05
C UNK J 354 92.65 -15.08 67.57
N UNK J 355 93.92 -14.88 67.19
CA UNK J 355 94.32 -14.99 65.79
C UNK J 355 94.00 -16.36 65.25
N UNK J 356 94.20 -17.39 66.06
CA UNK J 356 94.02 -18.76 65.59
C UNK J 356 92.56 -19.09 65.37
N UNK J 357 91.70 -18.75 66.34
CA UNK J 357 90.30 -19.14 66.21
C UNK J 357 89.58 -18.29 65.16
N UNK J 358 89.90 -16.98 65.12
CA UNK J 358 89.33 -16.14 64.08
C UNK J 358 89.84 -16.55 62.71
N UNK J 359 91.13 -16.89 62.62
CA UNK J 359 91.75 -17.40 61.41
C UNK J 359 91.12 -18.70 60.98
N UNK J 360 90.62 -19.47 61.93
CA UNK J 360 89.95 -20.71 61.59
C UNK J 360 88.63 -20.44 60.93
N UNK J 361 87.73 -19.80 61.64
CA UNK J 361 86.42 -19.69 61.02
C UNK J 361 86.33 -18.45 60.15
N UNK J 362 86.42 -17.27 60.76
CA UNK J 362 85.95 -16.03 60.15
C UNK J 362 86.81 -15.60 58.98
N UNK J 363 88.11 -15.86 59.05
CA UNK J 363 88.97 -15.68 57.91
C UNK J 363 88.58 -16.63 56.80
N UNK J 364 88.43 -17.90 57.13
CA UNK J 364 88.03 -18.88 56.15
C UNK J 364 86.53 -18.90 55.92
N UNK J 365 85.78 -18.08 56.62
CA UNK J 365 84.35 -18.05 56.39
C UNK J 365 83.97 -17.39 55.09
N UNK J 366 84.93 -16.90 54.33
CA UNK J 366 84.72 -16.61 52.92
C UNK J 366 84.85 -17.89 52.12
N UNK J 367 84.91 -17.75 50.81
CA UNK J 367 85.53 -18.65 49.86
C UNK J 367 84.78 -19.95 49.57
N UNK J 368 83.76 -20.32 50.34
CA UNK J 368 83.16 -21.63 50.11
C UNK J 368 82.19 -21.60 48.95
N UNK J 369 81.10 -20.84 49.09
CA UNK J 369 80.21 -20.66 47.96
C UNK J 369 80.86 -19.82 46.88
N UNK J 370 81.92 -19.11 47.23
CA UNK J 370 82.78 -18.59 46.19
C UNK J 370 83.44 -19.70 45.40
N UNK J 371 83.83 -20.79 46.03
CA UNK J 371 84.44 -21.85 45.25
C UNK J 371 83.38 -22.55 44.42
N UNK J 372 82.19 -22.64 44.97
CA UNK J 372 81.08 -23.12 44.16
C UNK J 372 80.78 -22.16 43.01
N UNK J 373 80.99 -20.88 43.24
CA UNK J 373 80.83 -19.91 42.18
C UNK J 373 81.95 -20.01 41.18
N UNK J 374 83.13 -20.38 41.65
CA UNK J 374 84.23 -20.64 40.77
C UNK J 374 83.92 -21.84 39.90
N UNK J 375 83.18 -22.79 40.44
CA UNK J 375 82.66 -23.86 39.62
C UNK J 375 81.58 -23.26 38.74
N UNK J 376 82.02 -22.76 37.60
CA UNK J 376 81.13 -22.14 36.62
C UNK J 376 80.38 -23.25 35.89
N UNK J 377 79.42 -23.86 36.59
CA UNK J 377 78.91 -25.11 36.06
C UNK J 377 77.97 -24.87 34.91
N UNK J 378 76.79 -24.33 35.17
CA UNK J 378 75.88 -24.15 34.07
C UNK J 378 74.93 -23.05 34.42
N UNK J 379 74.30 -22.52 33.37
CA UNK J 379 73.35 -21.44 33.52
C UNK J 379 72.23 -21.81 34.47
N UNK J 380 71.53 -22.89 34.16
CA UNK J 380 70.46 -23.32 35.03
C UNK J 380 71.00 -23.83 36.34
N UNK J 381 72.25 -24.28 36.37
CA UNK J 381 72.82 -24.77 37.60
C UNK J 381 73.03 -23.65 38.60
N UNK J 382 73.70 -22.60 38.15
CA UNK J 382 73.89 -21.44 39.00
C UNK J 382 72.57 -20.74 39.23
N UNK J 383 71.64 -20.90 38.30
CA UNK J 383 70.29 -20.43 38.54
C UNK J 383 69.65 -21.21 39.66
N UNK J 384 70.02 -22.47 39.77
CA UNK J 384 69.47 -23.24 40.86
C UNK J 384 70.13 -22.88 42.16
N UNK J 385 71.40 -22.56 42.13
CA UNK J 385 72.07 -22.20 43.38
C UNK J 385 71.64 -20.82 43.84
N UNK J 386 71.43 -19.91 42.90
CA UNK J 386 70.86 -18.63 43.22
C UNK J 386 69.46 -18.79 43.76
N UNK J 387 68.69 -19.67 43.14
CA UNK J 387 67.40 -20.06 43.68
C UNK J 387 67.54 -20.67 45.05
N UNK J 388 68.64 -21.36 45.31
CA UNK J 388 68.81 -22.01 46.59
C UNK J 388 69.12 -21.00 47.68
N UNK J 389 70.07 -20.12 47.43
CA UNK J 389 70.40 -19.11 48.42
C UNK J 389 69.25 -18.16 48.60
N UNK J 390 68.53 -17.88 47.53
CA UNK J 390 67.34 -17.08 47.63
C UNK J 390 66.21 -17.82 48.32
N UNK J 391 66.24 -19.15 48.32
CA UNK J 391 65.30 -19.89 49.13
C UNK J 391 65.64 -19.73 50.59
N UNK J 392 66.92 -19.78 50.90
CA UNK J 392 67.38 -19.56 52.26
C UNK J 392 67.56 -18.08 52.57
N UNK J 393 67.01 -17.18 51.75
CA UNK J 393 67.16 -15.75 51.96
C UNK J 393 66.28 -15.30 53.13
N UNK J 394 66.74 -15.60 54.34
CA UNK J 394 66.10 -15.02 55.50
C UNK J 394 66.43 -13.54 55.61
N UNK J 395 67.70 -13.19 55.39
CA UNK J 395 68.12 -11.81 55.31
C UNK J 395 68.10 -11.40 53.85
N UNK J 396 67.36 -10.33 53.56
CA UNK J 396 67.31 -9.79 52.22
C UNK J 396 68.47 -8.87 51.94
N UNK J 397 69.16 -8.42 52.97
CA UNK J 397 70.14 -7.36 52.82
C UNK J 397 71.53 -7.74 53.28
N UNK J 398 71.64 -8.52 54.34
CA UNK J 398 72.92 -9.16 54.62
C UNK J 398 73.29 -10.15 53.53
N UNK J 399 72.29 -10.66 52.82
CA UNK J 399 72.54 -11.36 51.56
C UNK J 399 73.17 -10.44 50.55
N UNK J 400 72.66 -9.21 50.42
CA UNK J 400 73.25 -8.25 49.52
C UNK J 400 74.65 -7.85 49.96
N UNK J 401 74.96 -8.01 51.25
CA UNK J 401 76.33 -7.92 51.74
C UNK J 401 77.13 -9.16 51.39
N UNK J 402 76.50 -10.32 51.46
CA UNK J 402 77.19 -11.56 51.16
C UNK J 402 77.62 -11.60 49.72
N UNK J 403 76.83 -10.97 48.84
CA UNK J 403 77.24 -10.80 47.45
C UNK J 403 78.53 -10.00 47.36
N UNK J 404 78.70 -9.03 48.25
CA UNK J 404 79.97 -8.34 48.23
C UNK J 404 81.06 -9.22 48.80
N UNK J 405 80.71 -10.08 49.73
CA UNK J 405 81.72 -10.99 50.28
C UNK J 405 82.21 -11.94 49.22
N UNK J 406 81.33 -12.28 48.30
CA UNK J 406 81.77 -12.93 47.09
C UNK J 406 82.64 -12.00 46.27
N UNK J 407 82.19 -10.76 46.09
CA UNK J 407 82.82 -9.83 45.17
C UNK J 407 84.22 -9.47 45.59
N UNK J 408 84.58 -9.81 46.82
CA UNK J 408 85.95 -9.92 47.27
C UNK J 408 86.82 -10.82 46.40
N UNK J 409 86.25 -11.79 45.69
CA UNK J 409 87.08 -12.69 44.90
C UNK J 409 87.71 -11.97 43.71
N UNK J 410 86.96 -11.12 43.05
CA UNK J 410 87.46 -10.40 41.88
C UNK J 410 88.19 -9.12 42.33
N UNK J 411 88.43 -8.24 41.37
CA UNK J 411 88.97 -6.89 41.62
C UNK J 411 88.72 -6.03 40.38
N UNK J 412 89.18 -4.78 40.46
CA UNK J 412 89.58 -3.94 39.32
C UNK J 412 88.47 -3.39 38.42
N UNK J 413 87.23 -3.79 38.61
CA UNK J 413 86.11 -3.09 37.97
C UNK J 413 84.91 -3.12 38.88
N UNK J 414 85.14 -3.12 40.18
CA UNK J 414 84.43 -4.03 41.05
C UNK J 414 82.97 -3.69 41.29
N UNK J 415 82.36 -2.74 40.60
CA UNK J 415 80.92 -2.58 40.74
C UNK J 415 80.24 -2.23 39.44
N UNK J 416 80.94 -2.41 38.32
CA UNK J 416 80.74 -1.71 37.06
C UNK J 416 79.32 -1.78 36.57
N UNK J 417 78.84 -2.97 36.25
CA UNK J 417 77.42 -3.14 36.07
C UNK J 417 76.74 -3.69 37.31
N UNK J 418 77.49 -3.84 38.41
CA UNK J 418 76.89 -4.35 39.63
C UNK J 418 75.93 -3.34 40.22
N UNK J 419 76.13 -2.08 39.90
CA UNK J 419 75.07 -1.11 40.13
C UNK J 419 73.97 -1.23 39.09
N UNK J 420 74.33 -1.59 37.85
CA UNK J 420 73.37 -1.56 36.75
C UNK J 420 72.27 -2.56 36.97
N UNK J 421 72.64 -3.71 37.51
CA UNK J 421 71.65 -4.74 37.82
C UNK J 421 70.75 -4.29 38.94
N UNK J 422 71.36 -3.94 40.08
CA UNK J 422 70.65 -3.60 41.30
C UNK J 422 69.63 -2.49 41.07
N UNK J 423 69.96 -1.52 40.21
CA UNK J 423 68.98 -0.52 39.82
C UNK J 423 68.02 -1.05 38.77
N UNK J 424 68.55 -1.67 37.70
CA UNK J 424 67.84 -2.07 36.50
C UNK J 424 66.74 -3.06 36.76
N UNK J 425 66.78 -3.68 37.94
CA UNK J 425 65.70 -4.51 38.43
C UNK J 425 64.34 -3.83 38.37
N UNK J 426 64.26 -2.53 38.63
CA UNK J 426 62.98 -1.86 38.75
C UNK J 426 62.33 -1.66 37.38
N UNK J 427 61.16 -2.28 37.20
CA UNK J 427 60.45 -2.43 35.92
C UNK J 427 59.03 -2.90 36.23
N UNK J 428 58.34 -3.53 35.27
CA UNK J 428 57.06 -4.19 35.57
C UNK J 428 57.27 -5.44 36.43
N UNK J 429 56.15 -5.96 36.96
CA UNK J 429 56.15 -6.70 38.22
C UNK J 429 56.04 -8.21 38.04
N UNK J 430 57.14 -8.92 38.25
CA UNK J 430 57.13 -10.31 38.66
C UNK J 430 57.23 -10.35 40.19
N UNK J 431 57.54 -11.52 40.76
CA UNK J 431 57.66 -11.63 42.21
C UNK J 431 58.87 -10.87 42.72
N UNK J 432 58.81 -10.48 44.00
CA UNK J 432 60.02 -10.03 44.66
C UNK J 432 60.96 -11.19 44.91
N UNK J 433 60.42 -12.40 44.95
CA UNK J 433 61.24 -13.56 44.74
C UNK J 433 61.98 -13.48 43.42
N UNK J 434 61.29 -13.04 42.35
CA UNK J 434 61.96 -12.96 41.06
C UNK J 434 62.94 -11.83 41.03
N UNK J 435 62.68 -10.79 41.80
CA UNK J 435 63.64 -9.73 41.97
C UNK J 435 64.89 -10.25 42.65
N UNK J 436 64.72 -11.00 43.73
CA UNK J 436 65.82 -11.57 44.47
C UNK J 436 66.64 -12.51 43.59
N UNK J 437 65.94 -13.38 42.87
CA UNK J 437 66.61 -14.38 42.07
C UNK J 437 67.27 -13.75 40.87
N UNK J 438 66.55 -12.88 40.17
CA UNK J 438 67.12 -12.20 39.02
C UNK J 438 68.23 -11.27 39.44
N UNK J 439 68.19 -10.81 40.68
CA UNK J 439 69.25 -9.98 41.21
C UNK J 439 70.52 -10.77 41.38
N UNK J 440 70.41 -11.89 42.09
CA UNK J 440 71.61 -12.67 42.35
C UNK J 440 72.13 -13.30 41.09
N UNK J 441 71.21 -13.69 40.21
CA UNK J 441 71.57 -14.31 38.95
C UNK J 441 72.00 -13.29 37.93
N UNK J 442 71.82 -12.02 38.23
CA UNK J 442 72.65 -11.07 37.54
C UNK J 442 74.07 -11.19 38.03
N UNK J 443 74.26 -11.44 39.31
CA UNK J 443 75.52 -11.09 39.91
C UNK J 443 76.61 -12.08 39.61
N UNK J 444 76.34 -13.36 39.69
CA UNK J 444 77.42 -14.26 39.35
C UNK J 444 77.59 -14.36 37.85
N UNK J 445 76.51 -14.14 37.12
CA UNK J 445 76.59 -13.95 35.69
C UNK J 445 77.48 -12.78 35.36
N UNK J 446 77.41 -11.75 36.18
CA UNK J 446 78.36 -10.68 36.10
C UNK J 446 79.74 -11.17 36.47
N UNK J 447 79.84 -12.09 37.40
CA UNK J 447 81.14 -12.48 37.94
C UNK J 447 81.85 -13.50 37.07
N UNK J 448 81.56 -13.51 35.77
CA UNK J 448 82.35 -14.28 34.82
C UNK J 448 83.81 -13.88 34.89
N UNK J 449 84.67 -14.84 34.67
CA UNK J 449 86.10 -14.59 34.61
C UNK J 449 86.44 -13.96 33.27
N UNK J 450 87.70 -14.03 32.90
CA UNK J 450 88.09 -13.69 31.54
C UNK J 450 87.42 -14.66 30.59
N UNK J 451 75.32 -32.53 47.64
CA UNK J 451 76.08 -31.36 47.21
C UNK J 451 75.30 -30.06 47.45
N UNK J 452 73.97 -30.15 47.51
CA UNK J 452 73.20 -29.03 48.00
C UNK J 452 73.30 -28.95 49.51
N UNK J 453 73.59 -30.06 50.18
CA UNK J 453 73.99 -29.99 51.58
C UNK J 453 75.31 -29.24 51.73
N UNK J 454 76.24 -29.44 50.80
CA UNK J 454 77.40 -28.58 50.75
C UNK J 454 77.04 -27.15 50.40
N UNK J 455 76.00 -26.95 49.59
CA UNK J 455 75.60 -25.59 49.26
C UNK J 455 75.02 -24.89 50.47
N UNK J 456 74.24 -25.61 51.27
CA UNK J 456 73.77 -25.04 52.52
C UNK J 456 74.91 -24.87 53.50
N UNK J 457 75.93 -25.72 53.41
CA UNK J 457 77.10 -25.56 54.27
C UNK J 457 77.89 -24.32 53.90
N UNK J 458 77.99 -24.04 52.61
CA UNK J 458 78.71 -22.86 52.14
C UNK J 458 77.90 -21.61 52.40
N UNK J 459 76.58 -21.74 52.29
CA UNK J 459 75.68 -20.71 52.77
C UNK J 459 75.97 -20.41 54.22
N UNK J 460 76.11 -21.44 55.03
CA UNK J 460 76.42 -21.26 56.44
C UNK J 460 77.79 -20.61 56.62
N UNK J 461 78.73 -20.96 55.77
CA UNK J 461 80.08 -20.42 55.89
C UNK J 461 80.10 -18.92 55.60
N UNK J 462 79.54 -18.51 54.46
CA UNK J 462 79.51 -17.09 54.15
C UNK J 462 78.57 -16.35 55.07
N UNK J 463 77.56 -17.04 55.57
CA UNK J 463 76.75 -16.48 56.64
C UNK J 463 77.56 -16.30 57.90
N UNK J 464 78.55 -17.13 58.14
CA UNK J 464 79.38 -16.95 59.30
C UNK J 464 80.47 -15.92 59.05
N UNK J 465 80.77 -15.62 57.80
CA UNK J 465 81.57 -14.44 57.50
C UNK J 465 80.81 -13.18 57.85
N UNK J 466 79.52 -13.17 57.56
CA UNK J 466 78.69 -12.12 58.10
C UNK J 466 78.69 -12.17 59.62
N UNK J 467 78.14 -13.24 60.19
CA UNK J 467 77.84 -13.34 61.61
C UNK J 467 79.06 -13.52 62.49
N UNK J 468 80.27 -13.50 61.92
CA UNK J 468 81.48 -13.66 62.71
C UNK J 468 82.42 -12.49 62.59
N UNK J 469 82.41 -11.78 61.46
CA UNK J 469 83.27 -10.61 61.30
C UNK J 469 82.66 -9.35 61.90
N UNK J 470 81.62 -9.50 62.72
CA UNK J 470 81.01 -8.38 63.42
C UNK J 470 81.84 -7.96 64.62
N UNK K 1 72.48 8.85 149.74
CA UNK K 1 73.75 8.45 149.17
C UNK K 1 73.50 7.93 147.80
N UNK K 2 73.13 6.64 147.76
CA UNK K 2 72.50 6.09 146.58
C UNK K 2 71.26 6.89 146.22
N UNK K 3 70.42 7.15 147.23
CA UNK K 3 69.24 7.98 147.05
C UNK K 3 69.58 9.40 146.66
N UNK K 4 70.73 9.88 147.11
CA UNK K 4 71.13 11.25 146.83
C UNK K 4 71.48 11.46 145.36
N UNK K 5 72.50 10.72 144.90
CA UNK K 5 72.86 10.74 143.48
C UNK K 5 71.67 10.34 142.63
N UNK K 6 70.85 9.43 143.16
CA UNK K 6 69.61 9.09 142.52
C UNK K 6 68.69 10.28 142.39
N UNK K 7 68.59 11.09 143.45
CA UNK K 7 67.57 12.13 143.48
C UNK K 7 67.93 13.22 142.51
N UNK K 8 69.21 13.54 142.45
CA UNK K 8 69.66 14.49 141.46
C UNK K 8 69.49 13.92 140.07
N UNK K 9 69.77 12.63 139.91
CA UNK K 9 69.62 11.99 138.61
C UNK K 9 68.18 12.06 138.16
N UNK K 10 67.27 11.71 139.04
CA UNK K 10 65.87 11.65 138.73
C UNK K 10 65.29 13.03 138.56
N UNK K 11 65.88 14.02 139.22
CA UNK K 11 65.51 15.38 138.91
C UNK K 11 65.98 15.75 137.51
N UNK K 12 67.05 15.12 137.02
CA UNK K 12 67.43 15.50 135.67
C UNK K 12 66.88 14.57 134.60
N UNK K 13 67.46 13.38 134.45
CA UNK K 13 67.16 12.31 133.51
C UNK K 13 68.13 11.16 133.76
N UNK K 14 68.00 10.12 132.94
CA UNK K 14 68.97 9.04 132.75
C UNK K 14 68.53 8.39 131.46
N UNK K 15 69.46 8.03 130.59
CA UNK K 15 68.99 7.90 129.21
C UNK K 15 69.86 6.93 128.41
N UNK K 16 69.88 7.22 127.12
CA UNK K 16 70.42 6.61 125.93
C UNK K 16 69.54 5.49 125.41
N UNK K 17 68.65 4.90 126.22
CA UNK K 17 67.49 4.18 125.71
C UNK K 17 66.36 4.17 126.72
N UNK K 18 66.76 4.28 127.98
CA UNK K 18 65.88 3.88 129.06
C UNK K 18 64.75 4.85 129.27
N UNK K 19 64.85 6.03 128.68
CA UNK K 19 63.70 6.89 128.51
C UNK K 19 62.60 6.18 127.75
N UNK K 20 62.93 5.62 126.59
CA UNK K 20 61.90 4.91 125.83
C UNK K 20 61.42 3.68 126.56
N UNK K 21 62.33 2.96 127.23
CA UNK K 21 61.90 1.78 127.98
C UNK K 21 60.93 2.14 129.11
N UNK K 22 61.21 3.19 129.85
CA UNK K 22 60.31 3.58 130.92
C UNK K 22 59.01 4.14 130.38
N UNK K 23 59.07 4.78 129.22
CA UNK K 23 57.83 5.20 128.57
C UNK K 23 56.98 3.99 128.20
N UNK K 24 57.62 2.87 127.90
CA UNK K 24 56.83 1.67 127.68
C UNK K 24 56.22 1.16 128.98
N UNK K 25 56.93 1.31 130.09
CA UNK K 25 56.35 0.87 131.35
C UNK K 25 55.14 1.70 131.69
N UNK K 26 55.19 2.96 131.35
CA UNK K 26 54.00 3.78 131.39
C UNK K 26 52.95 3.20 130.47
N UNK K 27 53.35 2.74 129.29
CA UNK K 27 52.36 2.27 128.34
C UNK K 27 51.64 1.04 128.85
N UNK K 28 52.35 0.22 129.61
CA UNK K 28 51.73 -0.99 130.12
C UNK K 28 50.81 -0.69 131.29
N UNK K 29 51.21 0.24 132.17
CA UNK K 29 50.33 0.59 133.26
C UNK K 29 49.08 1.24 132.71
N UNK K 30 49.24 2.01 131.64
CA UNK K 30 48.10 2.55 130.92
C UNK K 30 47.24 1.45 130.36
N UNK K 31 47.88 0.41 129.86
CA UNK K 31 47.15 -0.67 129.23
C UNK K 31 46.32 -1.43 130.25
N UNK K 32 46.95 -1.85 131.35
CA UNK K 32 46.26 -2.64 132.34
C UNK K 32 45.16 -1.84 132.99
N UNK K 33 45.36 -0.53 133.12
CA UNK K 33 44.27 0.32 133.56
C UNK K 33 43.12 0.24 132.59
N UNK K 34 43.42 0.27 131.29
CA UNK K 34 42.34 0.21 130.33
C UNK K 34 41.64 -1.14 130.36
N UNK K 35 42.39 -2.19 130.61
CA UNK K 35 41.81 -3.52 130.51
C UNK K 35 40.95 -3.80 131.71
N UNK K 36 41.45 -3.48 132.90
CA UNK K 36 40.65 -3.68 134.09
C UNK K 36 39.46 -2.76 134.08
N UNK K 37 39.61 -1.59 133.48
CA UNK K 37 38.48 -0.69 133.36
C UNK K 37 37.40 -1.31 132.48
N UNK K 38 37.79 -1.81 131.32
CA UNK K 38 36.83 -2.36 130.39
C UNK K 38 36.17 -3.61 130.96
N UNK K 39 36.95 -4.46 131.60
CA UNK K 39 36.42 -5.68 132.16
C UNK K 39 35.53 -5.38 133.32
N UNK K 40 35.79 -4.35 134.09
CA UNK K 40 34.87 -4.08 135.17
C UNK K 40 33.73 -3.20 134.70
N UNK K 41 33.05 -3.60 133.64
CA UNK K 41 31.91 -2.85 133.17
C UNK K 41 30.65 -3.69 133.11
N UNK K 42 30.70 -4.84 132.46
CA UNK K 42 29.51 -5.62 132.13
C UNK K 42 29.01 -6.41 133.35
N UNK K 43 28.15 -7.41 133.11
CA UNK K 43 27.60 -8.25 134.19
C UNK K 43 28.69 -9.09 134.81
N UNK K 44 29.04 -8.78 136.06
CA UNK K 44 30.29 -9.19 136.67
C UNK K 44 30.34 -10.67 136.98
N UNK K 45 30.22 -11.49 135.94
CA UNK K 45 30.02 -12.91 136.10
C UNK K 45 31.34 -13.58 136.38
N UNK K 46 31.30 -14.90 136.62
CA UNK K 46 32.36 -15.59 137.33
C UNK K 46 33.66 -15.58 136.57
N UNK K 47 33.61 -15.31 135.28
CA UNK K 47 34.82 -15.04 134.54
C UNK K 47 35.51 -13.73 134.92
N UNK K 48 35.00 -12.99 135.91
CA UNK K 48 35.72 -11.83 136.41
C UNK K 48 37.07 -12.23 136.90
N UNK K 49 37.15 -13.35 137.59
CA UNK K 49 38.44 -13.86 138.03
C UNK K 49 39.32 -14.23 136.85
N UNK K 50 38.95 -15.26 136.13
CA UNK K 50 39.82 -15.74 135.07
C UNK K 50 39.63 -15.00 133.79
N UNK K 51 39.20 -13.74 133.88
CA UNK K 51 39.51 -12.68 132.96
C UNK K 51 40.51 -11.71 133.56
N UNK K 52 40.30 -11.32 134.82
CA UNK K 52 41.06 -10.23 135.37
C UNK K 52 42.45 -10.67 135.72
N UNK K 53 42.57 -11.84 136.33
CA UNK K 53 43.88 -12.36 136.63
C UNK K 53 44.66 -12.63 135.38
N UNK K 54 43.96 -13.00 134.31
CA UNK K 54 44.60 -13.12 133.01
C UNK K 54 45.15 -11.79 132.56
N UNK K 55 44.37 -10.73 132.75
CA UNK K 55 44.80 -9.44 132.24
C UNK K 55 46.00 -8.94 133.01
N UNK K 56 45.98 -9.12 134.32
CA UNK K 56 47.15 -8.73 135.07
C UNK K 56 48.31 -9.66 134.81
N UNK K 57 48.04 -10.88 134.38
CA UNK K 57 49.13 -11.74 133.99
C UNK K 57 49.76 -11.26 132.72
N UNK K 58 48.94 -10.73 131.80
CA UNK K 58 49.50 -10.10 130.62
C UNK K 58 50.29 -8.85 131.00
N UNK K 59 49.80 -8.15 132.02
CA UNK K 59 50.45 -6.92 132.48
C UNK K 59 51.82 -7.21 133.03
N UNK K 60 51.88 -8.07 134.02
CA UNK K 60 53.15 -8.48 134.59
C UNK K 60 54.01 -9.23 133.60
N UNK K 61 53.45 -9.82 132.56
CA UNK K 61 54.28 -10.39 131.53
C UNK K 61 55.07 -9.31 130.83
N UNK K 62 54.37 -8.27 130.35
CA UNK K 62 55.06 -7.17 129.70
C UNK K 62 55.95 -6.42 130.67
N UNK K 63 55.60 -6.46 131.94
CA UNK K 63 56.40 -5.82 132.95
C UNK K 63 57.68 -6.56 133.21
N UNK K 64 57.60 -7.89 133.29
CA UNK K 64 58.79 -8.68 133.52
C UNK K 64 59.73 -8.56 132.35
N UNK K 65 59.16 -8.43 131.14
CA UNK K 65 59.94 -8.09 129.97
C UNK K 65 60.71 -6.78 130.18
N UNK K 66 59.99 -5.70 130.47
CA UNK K 66 60.62 -4.40 130.63
C UNK K 66 61.61 -4.39 131.77
N UNK K 67 61.34 -5.13 132.82
CA UNK K 67 62.18 -5.05 133.99
C UNK K 67 63.47 -5.85 133.82
N UNK K 68 63.41 -7.02 133.21
CA UNK K 68 64.65 -7.73 132.97
C UNK K 68 65.47 -7.02 131.91
N UNK K 69 64.79 -6.45 130.91
CA UNK K 69 65.45 -5.70 129.88
C UNK K 69 66.18 -4.51 130.46
N UNK K 70 65.54 -3.80 131.38
CA UNK K 70 66.15 -2.60 131.93
C UNK K 70 67.20 -2.92 132.99
N UNK K 71 66.98 -3.94 133.82
CA UNK K 71 68.03 -4.30 134.75
C UNK K 71 69.19 -4.97 134.06
N UNK K 72 69.04 -5.33 132.80
CA UNK K 72 70.21 -5.44 131.95
C UNK K 72 70.69 -4.07 131.50
N UNK K 73 69.75 -3.23 131.08
CA UNK K 73 70.07 -2.05 130.31
C UNK K 73 70.49 -0.93 131.25
N UNK K 74 71.80 -0.69 131.31
CA UNK K 74 72.43 0.38 132.08
C UNK K 74 72.12 0.23 133.56
N UNK K 75 72.64 -0.84 134.13
CA UNK K 75 72.66 -0.98 135.58
C UNK K 75 73.95 -0.40 136.13
N UNK K 76 74.17 0.87 135.84
CA UNK K 76 75.05 1.66 136.68
C UNK K 76 74.42 1.82 138.05
N UNK K 77 75.24 2.18 139.02
CA UNK K 77 74.99 1.86 140.43
C UNK K 77 73.72 2.49 140.98
N UNK K 78 73.68 3.81 141.09
CA UNK K 78 72.43 4.43 141.51
C UNK K 78 71.45 4.50 140.38
N UNK K 79 71.91 4.31 139.15
CA UNK K 79 71.01 4.23 138.01
C UNK K 79 70.10 3.02 138.09
N UNK K 80 70.43 2.05 138.93
CA UNK K 80 69.41 1.13 139.41
C UNK K 80 68.27 1.89 140.06
N UNK K 81 68.58 2.67 141.10
CA UNK K 81 67.54 3.31 141.88
C UNK K 81 66.78 4.37 141.11
N UNK K 82 67.36 4.83 140.00
CA UNK K 82 66.73 5.87 139.19
C UNK K 82 65.36 5.42 138.69
N UNK K 83 65.35 4.43 137.80
CA UNK K 83 64.06 3.91 137.42
C UNK K 83 63.44 3.09 138.53
N UNK K 84 64.22 2.63 139.52
CA UNK K 84 63.58 1.90 140.59
C UNK K 84 62.75 2.78 141.50
N UNK K 85 62.86 4.09 141.37
CA UNK K 85 61.87 4.98 141.94
C UNK K 85 60.88 5.46 140.91
N UNK K 86 61.38 5.72 139.70
CA UNK K 86 60.53 6.27 138.67
C UNK K 86 59.42 5.33 138.31
N UNK K 87 59.69 4.03 138.37
CA UNK K 87 58.70 3.03 137.99
C UNK K 87 57.56 3.01 138.97
N UNK K 88 57.85 3.05 140.26
CA UNK K 88 56.77 3.04 141.23
C UNK K 88 56.00 4.32 141.20
N UNK K 89 56.65 5.43 140.83
CA UNK K 89 55.90 6.64 140.59
C UNK K 89 54.94 6.46 139.42
N UNK K 90 55.46 5.89 138.34
CA UNK K 90 54.70 5.67 137.11
C UNK K 90 53.55 4.74 137.35
N UNK K 91 53.72 3.81 138.27
CA UNK K 91 52.59 3.05 138.77
C UNK K 91 51.61 3.98 139.41
N UNK K 92 52.02 4.55 140.54
CA UNK K 92 51.07 5.07 141.51
C UNK K 92 50.28 6.21 140.93
N UNK K 93 50.97 7.24 140.48
CA UNK K 93 50.26 8.31 139.83
C UNK K 93 49.86 7.90 138.43
N UNK K 94 50.86 7.66 137.60
CA UNK K 94 50.78 8.01 136.20
C UNK K 94 49.78 7.16 135.45
N UNK K 95 49.40 6.01 135.99
CA UNK K 95 48.19 5.40 135.47
C UNK K 95 47.25 4.74 136.47
N UNK K 96 47.79 4.03 137.45
CA UNK K 96 47.42 2.64 137.65
C UNK K 96 45.95 2.39 137.93
N UNK K 97 45.27 3.27 138.63
CA UNK K 97 44.11 2.85 139.41
C UNK K 97 42.90 2.56 138.54
N UNK K 98 41.99 1.73 139.07
CA UNK K 98 40.71 1.42 138.43
C UNK K 98 39.77 0.77 139.45
N UNK K 99 38.59 1.39 139.65
CA UNK K 99 37.33 0.79 140.11
C UNK K 99 36.26 1.87 140.13
N UNK K 100 35.09 1.51 140.67
CA UNK K 100 34.11 2.42 141.23
C UNK K 100 34.41 2.71 142.68
N UNK K 101 35.67 2.58 143.04
CA UNK K 101 36.16 3.12 144.28
C UNK K 101 36.01 4.62 144.35
N UNK K 102 35.75 5.30 143.23
CA UNK K 102 35.21 6.65 143.28
C UNK K 102 33.94 6.68 144.11
N UNK K 103 33.04 5.75 143.85
CA UNK K 103 31.81 5.70 144.63
C UNK K 103 32.10 5.22 146.02
N UNK K 104 33.19 4.51 146.22
CA UNK K 104 33.62 4.36 147.59
C UNK K 104 34.10 5.68 148.14
N UNK K 105 34.84 6.41 147.34
CA UNK K 105 35.78 7.39 147.84
C UNK K 105 35.09 8.68 148.21
N UNK K 106 33.97 8.95 147.56
CA UNK K 106 33.04 9.89 148.15
C UNK K 106 32.54 9.18 149.39
N UNK K 107 32.92 9.70 150.55
CA UNK K 107 32.89 8.93 151.78
C UNK K 107 31.47 8.65 152.20
N UNK K 108 30.71 9.72 152.42
CA UNK K 108 29.42 9.69 153.11
C UNK K 108 29.55 8.84 154.36
N UNK K 109 30.49 9.26 155.18
CA UNK K 109 31.15 8.40 156.15
C UNK K 109 30.24 7.92 157.26
N UNK K 110 28.96 8.27 157.24
CA UNK K 110 27.96 7.53 157.98
C UNK K 110 28.16 6.07 157.67
N UNK K 111 28.65 5.37 158.68
CA UNK K 111 29.15 4.03 158.49
C UNK K 111 28.02 3.08 158.13
N UNK K 112 26.79 3.45 158.45
CA UNK K 112 25.66 2.77 157.89
C UNK K 112 25.63 2.93 156.38
N UNK K 113 25.93 4.11 155.86
CA UNK K 113 25.93 4.23 154.42
C UNK K 113 27.14 3.53 153.82
N UNK K 114 28.24 3.47 154.57
CA UNK K 114 29.34 2.60 154.16
C UNK K 114 28.89 1.17 154.10
N UNK K 115 28.10 0.74 155.08
CA UNK K 115 27.52 -0.58 155.07
C UNK K 115 26.53 -0.74 153.95
N UNK K 116 25.95 0.34 153.48
CA UNK K 116 25.09 0.22 152.32
C UNK K 116 25.91 -0.09 151.10
N UNK K 117 27.07 0.54 151.00
CA UNK K 117 27.99 0.18 149.92
C UNK K 117 28.45 -1.25 150.09
N UNK K 118 28.63 -1.67 151.32
CA UNK K 118 29.14 -3.00 151.59
C UNK K 118 28.11 -4.04 151.21
N UNK K 119 26.86 -3.80 151.55
CA UNK K 119 25.81 -4.70 151.15
C UNK K 119 25.62 -4.67 149.66
N UNK K 120 25.96 -3.56 149.03
CA UNK K 120 25.85 -3.52 147.58
C UNK K 120 26.91 -4.38 146.94
N UNK K 121 28.17 -4.23 147.35
CA UNK K 121 29.23 -5.05 146.76
C UNK K 121 29.09 -6.49 147.13
N UNK K 122 28.64 -6.80 148.33
CA UNK K 122 28.45 -8.17 148.73
C UNK K 122 27.15 -8.73 148.18
N UNK K 123 27.01 -8.73 146.85
CA UNK K 123 26.21 -9.72 146.13
C UNK K 123 26.67 -9.73 144.67
N UNK K 124 27.56 -10.66 144.31
CA UNK K 124 27.43 -11.44 143.08
C UNK K 124 28.14 -12.78 143.07
N UNK K 125 29.22 -12.91 143.84
CA UNK K 125 30.28 -13.88 143.57
C UNK K 125 30.70 -14.52 144.88
N UNK K 126 31.82 -15.20 144.90
CA UNK K 126 32.23 -15.89 146.11
C UNK K 126 33.53 -15.33 146.66
N UNK K 127 33.63 -15.41 148.00
CA UNK K 127 34.43 -14.49 148.81
C UNK K 127 35.87 -14.39 148.39
N UNK K 128 36.40 -15.43 147.76
CA UNK K 128 37.73 -15.29 147.24
C UNK K 128 37.75 -14.45 145.99
N UNK K 129 36.78 -14.66 145.10
CA UNK K 129 36.67 -13.76 143.98
C UNK K 129 36.37 -12.37 144.46
N UNK K 130 35.65 -12.27 145.56
CA UNK K 130 35.39 -10.98 146.15
C UNK K 130 36.65 -10.36 146.68
N UNK K 131 37.54 -11.16 147.21
CA UNK K 131 38.73 -10.61 147.83
C UNK K 131 39.68 -10.09 146.77
N UNK K 132 39.80 -10.79 145.66
CA UNK K 132 40.66 -10.28 144.61
C UNK K 132 40.06 -9.04 143.98
N UNK K 133 38.73 -8.99 143.86
CA UNK K 133 38.11 -7.75 143.44
C UNK K 133 38.36 -6.64 144.44
N UNK K 134 38.44 -6.98 145.71
CA UNK K 134 38.72 -5.96 146.70
C UNK K 134 40.12 -5.43 146.54
N UNK K 135 41.05 -6.29 146.16
CA UNK K 135 42.39 -5.78 145.92
C UNK K 135 42.40 -4.90 144.70
N UNK K 136 41.56 -5.19 143.72
CA UNK K 136 41.45 -4.26 142.62
C UNK K 136 40.76 -2.99 143.03
N UNK K 137 40.00 -3.01 144.10
CA UNK K 137 39.51 -1.77 144.65
C UNK K 137 40.55 -1.07 145.50
N UNK K 138 41.61 -1.76 145.86
CA UNK K 138 42.64 -1.17 146.71
C UNK K 138 43.61 -0.34 145.92
N UNK K 139 43.18 0.22 144.80
CA UNK K 139 43.98 1.15 144.02
C UNK K 139 43.56 2.58 144.35
N UNK K 140 44.00 3.04 145.52
CA UNK K 140 43.87 4.45 145.89
C UNK K 140 45.21 5.14 146.11
N UNK K 141 46.04 4.70 147.06
CA UNK K 141 47.30 5.43 147.15
C UNK K 141 48.61 4.68 147.39
N UNK K 142 48.64 3.82 148.40
CA UNK K 142 49.90 3.48 149.03
C UNK K 142 50.60 2.34 148.32
N UNK K 143 51.90 2.21 148.56
CA UNK K 143 52.62 1.04 148.08
C UNK K 143 53.31 0.33 149.22
N UNK K 144 53.99 1.09 150.07
CA UNK K 144 54.56 0.51 151.27
C UNK K 144 53.48 0.12 152.26
N UNK K 145 52.45 0.95 152.38
CA UNK K 145 51.33 0.68 153.25
C UNK K 145 50.19 0.03 152.54
N UNK K 146 50.29 -0.16 151.24
CA UNK K 146 49.45 -1.13 150.57
C UNK K 146 49.54 -2.46 151.29
N UNK K 147 50.77 -2.90 151.54
CA UNK K 147 50.99 -4.12 152.27
C UNK K 147 50.46 -4.04 153.68
N UNK K 148 50.55 -2.88 154.32
CA UNK K 148 50.06 -2.79 155.67
C UNK K 148 48.55 -2.85 155.70
N UNK K 149 47.90 -2.30 154.69
CA UNK K 149 46.46 -2.38 154.60
C UNK K 149 46.03 -3.82 154.48
N UNK K 150 46.71 -4.55 153.62
CA UNK K 150 46.33 -5.95 153.48
C UNK K 150 46.70 -6.74 154.72
N UNK K 151 47.75 -6.32 155.42
CA UNK K 151 48.13 -6.97 156.65
C UNK K 151 47.07 -6.80 157.70
N UNK K 152 46.58 -5.58 157.81
CA UNK K 152 45.55 -5.31 158.79
C UNK K 152 44.26 -5.99 158.42
N UNK K 153 43.94 -6.06 157.15
CA UNK K 153 42.67 -6.62 156.78
C UNK K 153 42.69 -8.12 156.92
N UNK K 154 43.81 -8.74 156.60
CA UNK K 154 43.94 -10.17 156.83
C UNK K 154 43.84 -10.46 158.31
N UNK K 155 44.39 -9.57 159.11
CA UNK K 155 44.22 -9.69 160.55
C UNK K 155 42.77 -9.57 160.94
N UNK K 156 42.04 -8.68 160.25
CA UNK K 156 40.65 -8.48 160.60
C UNK K 156 39.86 -9.71 160.30
N UNK K 157 40.14 -10.32 159.15
CA UNK K 157 39.42 -11.51 158.75
C UNK K 157 39.71 -12.63 159.72
N UNK K 158 40.95 -12.67 160.20
CA UNK K 158 41.30 -13.60 161.24
C UNK K 158 40.48 -13.35 162.49
N UNK K 159 40.26 -12.08 162.82
CA UNK K 159 39.44 -11.80 163.99
C UNK K 159 38.00 -12.13 163.73
N UNK K 160 37.59 -12.06 162.47
CA UNK K 160 36.19 -12.26 162.13
C UNK K 160 35.82 -13.69 162.38
N UNK K 161 36.58 -14.61 161.82
CA UNK K 161 36.34 -15.99 162.18
C UNK K 161 36.78 -16.27 163.60
N UNK K 162 37.73 -15.49 164.09
CA UNK K 162 38.20 -15.61 165.46
C UNK K 162 37.44 -14.67 166.34
N UNK K 163 36.13 -14.66 166.21
CA UNK K 163 35.29 -14.11 167.25
C UNK K 163 34.84 -15.26 168.12
N UNK K 164 33.98 -14.95 169.07
CA UNK K 164 33.02 -15.91 169.53
C UNK K 164 31.64 -15.31 169.36
N UNK K 165 31.53 -14.42 168.39
CA UNK K 165 30.25 -13.94 167.89
C UNK K 165 29.62 -15.02 167.02
N UNK K 166 29.33 -16.13 167.65
CA UNK K 166 29.17 -17.40 166.94
C UNK K 166 27.74 -17.64 166.53
N UNK K 167 27.13 -16.68 165.89
CA UNK K 167 25.79 -16.90 165.39
C UNK K 167 25.51 -16.21 164.09
N UNK K 168 26.48 -15.57 163.47
CA UNK K 168 26.21 -14.91 162.21
C UNK K 168 26.07 -15.93 161.11
N UNK K 169 25.42 -15.54 160.03
CA UNK K 169 25.53 -16.33 158.84
C UNK K 169 26.94 -16.23 158.32
N UNK K 170 27.34 -17.21 157.52
CA UNK K 170 28.61 -17.10 156.83
C UNK K 170 28.64 -15.91 155.93
N UNK K 171 27.53 -15.63 155.27
CA UNK K 171 27.47 -14.40 154.53
C UNK K 171 27.39 -13.21 155.44
N UNK K 172 26.85 -13.35 156.63
CA UNK K 172 26.82 -12.21 157.51
C UNK K 172 28.22 -11.86 157.99
N UNK K 173 28.97 -12.88 158.40
CA UNK K 173 30.33 -12.67 158.79
C UNK K 173 31.15 -12.17 157.62
N UNK K 174 30.80 -12.61 156.42
CA UNK K 174 31.48 -12.09 155.26
C UNK K 174 31.21 -10.62 155.07
N UNK K 175 29.99 -10.18 155.35
CA UNK K 175 29.71 -8.77 155.24
C UNK K 175 30.49 -8.00 156.27
N UNK K 176 30.61 -8.57 157.46
CA UNK K 176 31.36 -7.90 158.51
C UNK K 176 32.83 -7.78 158.12
N UNK K 177 33.38 -8.84 157.53
CA UNK K 177 34.79 -8.82 157.22
C UNK K 177 35.08 -7.89 156.05
N UNK K 178 34.24 -7.91 155.05
CA UNK K 178 34.45 -7.00 153.95
C UNK K 178 34.22 -5.57 154.37
N UNK K 179 33.36 -5.37 155.36
CA UNK K 179 33.14 -4.04 155.89
C UNK K 179 34.40 -3.50 156.51
N UNK K 180 35.02 -4.29 157.37
CA UNK K 180 36.24 -3.84 158.04
C UNK K 180 37.33 -3.58 157.04
N UNK K 181 37.38 -4.40 155.99
CA UNK K 181 38.43 -4.23 155.01
C UNK K 181 38.26 -2.95 154.22
N UNK K 182 37.06 -2.73 153.70
CA UNK K 182 36.84 -1.48 153.00
C UNK K 182 36.91 -0.29 153.94
N UNK K 183 36.64 -0.50 155.22
CA UNK K 183 36.67 0.60 156.18
C UNK K 183 38.08 1.07 156.41
N UNK K 184 38.99 0.14 156.66
CA UNK K 184 40.35 0.57 156.91
C UNK K 184 40.99 1.08 155.64
N UNK K 185 40.49 0.64 154.50
CA UNK K 185 40.86 1.31 153.28
C UNK K 185 40.41 2.74 153.29
N UNK K 186 39.23 3.00 153.82
CA UNK K 186 38.74 4.37 153.82
C UNK K 186 39.52 5.25 154.78
N UNK K 187 39.92 4.69 155.91
CA UNK K 187 40.69 5.48 156.85
C UNK K 187 42.07 5.76 156.31
N UNK K 188 42.59 4.89 155.47
CA UNK K 188 43.79 5.23 154.73
C UNK K 188 43.54 6.38 153.78
N UNK K 189 42.38 6.39 153.15
CA UNK K 189 42.07 7.44 152.19
C UNK K 189 41.99 8.79 152.88
N UNK K 190 41.57 8.80 154.13
CA UNK K 190 41.58 10.06 154.86
C UNK K 190 42.98 10.40 155.33
N UNK K 191 43.55 9.57 156.20
CA UNK K 191 44.82 9.91 156.82
C UNK K 191 46.02 9.70 155.90
N UNK K 192 27.12 -49.24 147.77
CA UNK K 192 28.47 -49.23 148.29
C UNK K 192 29.41 -48.58 147.31
N UNK K 193 29.42 -49.11 146.10
CA UNK K 193 30.36 -48.69 145.10
C UNK K 193 29.67 -48.11 143.89
N UNK K 194 28.61 -47.33 144.09
CA UNK K 194 28.15 -46.41 143.07
C UNK K 194 28.82 -45.06 143.25
N UNK K 195 30.14 -45.09 143.29
CA UNK K 195 31.03 -43.96 143.15
C UNK K 195 31.37 -43.72 141.72
N UNK K 196 30.85 -44.56 140.85
CA UNK K 196 30.96 -44.33 139.44
C UNK K 196 30.35 -43.01 139.06
N UNK K 197 29.35 -42.58 139.79
CA UNK K 197 28.86 -41.23 139.60
C UNK K 197 29.87 -40.21 140.04
N UNK K 198 30.69 -40.53 141.05
CA UNK K 198 31.64 -39.51 141.49
C UNK K 198 32.62 -39.23 140.39
N UNK K 199 33.09 -40.28 139.75
CA UNK K 199 33.95 -40.03 138.62
C UNK K 199 33.20 -39.45 137.46
N UNK K 200 31.93 -39.81 137.28
CA UNK K 200 31.21 -39.32 136.12
C UNK K 200 30.94 -37.85 136.24
N UNK K 201 30.51 -37.43 137.41
CA UNK K 201 30.21 -36.04 137.63
C UNK K 201 31.46 -35.23 137.62
N UNK K 202 32.51 -35.72 138.25
CA UNK K 202 33.74 -34.96 138.23
C UNK K 202 34.30 -34.88 136.83
N UNK K 203 34.04 -35.89 136.00
CA UNK K 203 34.54 -35.87 134.65
C UNK K 203 33.83 -34.84 133.82
N UNK K 204 32.51 -34.82 133.92
CA UNK K 204 31.74 -33.81 133.18
C UNK K 204 32.11 -32.42 133.66
N UNK K 205 32.31 -32.28 134.96
CA UNK K 205 32.68 -31.01 135.49
C UNK K 205 34.01 -30.57 134.95
N UNK K 206 35.05 -31.40 135.09
CA UNK K 206 36.37 -30.94 134.72
C UNK K 206 36.51 -30.76 133.25
N UNK K 207 35.69 -31.41 132.45
CA UNK K 207 35.64 -31.01 131.07
C UNK K 207 35.10 -29.60 130.94
N UNK K 208 34.04 -29.30 131.67
CA UNK K 208 33.45 -27.98 131.55
C UNK K 208 34.37 -26.91 132.10
N UNK K 209 34.98 -27.18 133.24
CA UNK K 209 35.85 -26.20 133.83
C UNK K 209 37.16 -26.09 133.08
N UNK K 210 37.58 -27.12 132.33
CA UNK K 210 38.80 -26.95 131.55
C UNK K 210 38.54 -26.09 130.36
N UNK K 211 37.49 -26.40 129.62
CA UNK K 211 37.18 -25.58 128.46
C UNK K 211 36.77 -24.19 128.86
N UNK K 212 36.33 -23.99 130.09
CA UNK K 212 36.28 -22.64 130.59
C UNK K 212 37.67 -22.08 130.77
N UNK K 213 38.43 -22.66 131.68
CA UNK K 213 39.58 -21.96 132.20
C UNK K 213 40.74 -21.92 131.27
N UNK K 214 40.68 -22.55 130.11
CA UNK K 214 41.80 -22.35 129.19
C UNK K 214 41.49 -21.17 128.29
N UNK K 215 40.53 -21.33 127.39
CA UNK K 215 40.06 -20.30 126.47
C UNK K 215 41.18 -19.54 125.78
N UNK K 216 42.13 -20.29 125.21
CA UNK K 216 43.16 -19.69 124.35
C UNK K 216 43.66 -20.80 123.42
N UNK K 217 43.14 -20.84 122.20
CA UNK K 217 43.14 -22.06 121.39
C UNK K 217 44.22 -22.04 120.32
N UNK K 218 45.23 -22.89 120.52
CA UNK K 218 46.22 -23.21 119.51
C UNK K 218 46.52 -24.71 119.65
N UNK K 219 47.32 -25.23 118.71
CA UNK K 219 47.35 -26.66 118.42
C UNK K 219 48.63 -27.36 118.88
N UNK K 220 49.80 -26.96 118.39
CA UNK K 220 51.13 -27.10 119.01
C UNK K 220 51.42 -28.36 119.84
N UNK K 221 51.38 -29.54 119.20
CA UNK K 221 50.87 -30.78 119.80
C UNK K 221 51.52 -31.18 121.12
N UNK K 222 52.79 -31.52 121.10
CA UNK K 222 53.42 -31.97 122.34
C UNK K 222 53.57 -30.82 123.30
N UNK K 223 53.79 -29.63 122.77
CA UNK K 223 53.85 -28.45 123.61
C UNK K 223 52.47 -28.13 124.14
N UNK K 224 51.43 -28.45 123.38
CA UNK K 224 50.11 -28.33 123.92
C UNK K 224 49.94 -29.24 125.11
N UNK K 225 50.51 -30.45 125.05
CA UNK K 225 50.42 -31.37 126.18
C UNK K 225 51.11 -30.78 127.40
N UNK K 226 52.35 -30.38 127.24
CA UNK K 226 53.15 -29.94 128.39
C UNK K 226 52.60 -28.67 128.99
N UNK K 227 52.53 -27.63 128.19
CA UNK K 227 52.12 -26.37 128.75
C UNK K 227 50.65 -26.31 129.01
N UNK K 228 49.85 -27.21 128.45
CA UNK K 228 48.45 -27.12 128.76
C UNK K 228 48.20 -27.68 130.14
N UNK K 229 48.89 -28.76 130.49
CA UNK K 229 48.79 -29.20 131.87
C UNK K 229 49.36 -28.15 132.80
N UNK K 230 50.44 -27.51 132.37
CA UNK K 230 51.06 -26.47 133.18
C UNK K 230 50.12 -25.29 133.39
N UNK K 231 49.60 -24.75 132.31
CA UNK K 231 48.81 -23.54 132.37
C UNK K 231 47.50 -23.78 133.06
N UNK K 232 46.90 -24.95 132.87
CA UNK K 232 45.66 -25.21 133.56
C UNK K 232 45.91 -25.32 135.04
N UNK K 233 47.04 -25.91 135.42
CA UNK K 233 47.37 -25.86 136.83
C UNK K 233 47.73 -24.46 137.25
N UNK K 234 48.22 -23.66 136.32
CA UNK K 234 48.67 -22.34 136.69
C UNK K 234 47.48 -21.46 136.98
N UNK K 235 46.66 -21.29 135.99
CA UNK K 235 45.44 -20.54 136.02
C UNK K 235 44.44 -21.19 136.73
N UNK K 236 44.71 -22.30 137.38
CA UNK K 236 43.94 -22.75 138.52
C UNK K 236 44.23 -21.87 139.70
N UNK K 237 43.76 -22.30 140.86
CA UNK K 237 43.87 -21.50 142.05
C UNK K 237 45.31 -21.38 142.49
N UNK K 238 45.63 -20.25 143.11
CA UNK K 238 46.93 -19.98 143.69
C UNK K 238 46.75 -18.88 144.71
N UNK K 239 47.84 -18.20 145.01
CA UNK K 239 47.88 -17.24 146.10
C UNK K 239 48.67 -16.01 145.69
N UNK K 240 48.34 -15.38 144.57
CA UNK K 240 49.29 -14.42 144.00
C UNK K 240 49.24 -13.03 144.67
N UNK K 241 48.20 -12.23 144.38
CA UNK K 241 47.89 -10.96 145.05
C UNK K 241 49.06 -9.98 145.16
N UNK K 242 49.50 -9.44 144.03
CA UNK K 242 50.61 -8.48 144.05
C UNK K 242 50.58 -7.61 142.80
N UNK K 243 50.83 -6.30 142.97
CA UNK K 243 50.84 -5.42 141.80
C UNK K 243 51.87 -4.29 141.87
N UNK K 244 53.10 -4.58 142.33
CA UNK K 244 54.20 -3.60 142.29
C UNK K 244 55.53 -4.33 142.48
N UNK K 245 56.57 -3.91 141.75
CA UNK K 245 57.79 -4.69 141.67
C UNK K 245 58.97 -3.99 142.30
N UNK K 246 59.95 -4.82 142.65
CA UNK K 246 61.29 -4.36 142.93
C UNK K 246 62.05 -4.12 141.66
N UNK K 247 61.55 -4.65 140.54
CA UNK K 247 62.30 -4.84 139.32
C UNK K 247 63.67 -5.41 139.65
N UNK K 248 63.65 -6.53 140.39
CA UNK K 248 64.86 -7.07 141.01
C UNK K 248 65.58 -8.03 140.09
N UNK K 249 64.88 -9.11 139.70
CA UNK K 249 65.27 -10.04 138.62
C UNK K 249 66.57 -10.79 138.93
N UNK K 250 66.70 -11.24 140.16
CA UNK K 250 67.71 -12.22 140.53
C UNK K 250 67.02 -13.41 141.18
N UNK K 251 65.94 -13.87 140.55
CA UNK K 251 65.27 -15.12 140.90
C UNK K 251 64.85 -15.80 139.61
N UNK K 252 65.01 -17.12 139.57
CA UNK K 252 64.72 -17.90 138.37
C UNK K 252 63.65 -18.92 138.71
N UNK K 253 62.38 -18.50 138.62
CA UNK K 253 61.23 -19.35 138.87
C UNK K 253 60.93 -20.21 137.67
N UNK K 254 59.71 -20.74 137.60
CA UNK K 254 59.32 -21.66 136.54
C UNK K 254 59.41 -21.00 135.17
N UNK K 255 60.01 -21.72 134.24
CA UNK K 255 60.26 -21.21 132.89
C UNK K 255 59.07 -21.40 131.99
N UNK K 256 57.86 -21.49 132.55
CA UNK K 256 56.64 -21.62 131.76
C UNK K 256 56.52 -20.46 130.79
N UNK K 257 56.56 -19.25 131.32
CA UNK K 257 56.55 -18.08 130.46
C UNK K 257 57.82 -17.94 129.68
N UNK K 258 58.91 -18.59 130.09
CA UNK K 258 60.13 -18.48 129.31
C UNK K 258 60.03 -19.30 128.03
N UNK K 259 59.43 -20.48 128.11
CA UNK K 259 59.17 -21.25 126.90
C UNK K 259 58.10 -20.58 126.05
N UNK K 260 57.12 -19.96 126.71
CA UNK K 260 56.18 -19.14 125.98
C UNK K 260 56.88 -17.95 125.33
N UNK K 261 57.88 -17.43 126.00
CA UNK K 261 58.63 -16.31 125.45
C UNK K 261 59.49 -16.78 124.30
N UNK K 262 59.94 -18.02 124.36
CA UNK K 262 60.63 -18.61 123.24
C UNK K 262 59.70 -18.70 122.04
N UNK K 263 58.46 -19.12 122.29
CA UNK K 263 57.46 -19.14 121.24
C UNK K 263 57.10 -17.75 120.76
N UNK K 264 57.10 -16.78 121.67
CA UNK K 264 56.72 -15.43 121.30
C UNK K 264 57.81 -14.77 120.47
N UNK K 265 59.06 -14.99 120.87
CA UNK K 265 60.20 -14.57 120.08
C UNK K 265 60.22 -15.28 118.76
N UNK K 266 59.75 -16.52 118.71
CA UNK K 266 59.64 -17.22 117.45
C UNK K 266 58.59 -16.56 116.58
N UNK K 267 57.51 -16.11 117.18
CA UNK K 267 56.46 -15.45 116.41
C UNK K 267 56.96 -14.11 115.85
N UNK K 268 57.58 -13.31 116.70
CA UNK K 268 58.03 -12.00 116.26
C UNK K 268 59.23 -12.11 115.34
N UNK K 269 60.07 -13.12 115.52
CA UNK K 269 61.19 -13.29 114.62
C UNK K 269 60.76 -13.93 113.32
N UNK K 270 59.69 -14.70 113.33
CA UNK K 270 59.19 -15.24 112.07
C UNK K 270 58.43 -14.19 111.30
N UNK K 271 57.68 -13.35 112.01
CA UNK K 271 57.14 -12.17 111.36
C UNK K 271 58.25 -11.20 111.01
N UNK K 272 59.36 -11.24 111.73
CA UNK K 272 60.46 -10.35 111.41
C UNK K 272 61.20 -10.83 110.20
N UNK K 273 61.32 -12.13 110.05
CA UNK K 273 61.79 -12.68 108.80
C UNK K 273 60.79 -12.41 107.70
N UNK K 274 59.51 -12.43 108.04
CA UNK K 274 58.47 -12.20 107.06
C UNK K 274 58.50 -10.76 106.57
N UNK K 275 58.63 -9.83 107.50
CA UNK K 275 58.75 -8.43 107.12
C UNK K 275 60.12 -8.15 106.52
N UNK K 276 61.13 -8.90 106.93
CA UNK K 276 62.45 -8.80 106.35
C UNK K 276 62.39 -9.18 104.89
N UNK K 277 61.76 -10.31 104.60
CA UNK K 277 61.57 -10.70 103.22
C UNK K 277 60.56 -9.81 102.52
N UNK K 278 59.70 -9.13 103.29
CA UNK K 278 58.75 -8.21 102.68
C UNK K 278 59.47 -6.99 102.13
N UNK K 279 60.36 -6.42 102.93
CA UNK K 279 61.23 -5.38 102.42
C UNK K 279 62.15 -5.92 101.35
N UNK K 280 62.54 -7.17 101.49
CA UNK K 280 63.32 -7.86 100.50
C UNK K 280 62.45 -8.46 99.41
N UNK K 281 61.27 -7.89 99.17
CA UNK K 281 60.60 -8.01 97.89
C UNK K 281 61.15 -6.96 96.92
N UNK K 282 68.76 11.78 106.38
CA UNK K 282 69.40 11.54 107.66
C UNK K 282 70.06 10.20 107.63
N UNK K 283 70.40 9.67 108.81
CA UNK K 283 70.81 8.28 108.93
C UNK K 283 69.75 7.63 109.79
N UNK K 284 68.61 7.35 109.17
CA UNK K 284 67.65 6.42 109.72
C UNK K 284 67.89 5.04 109.09
N UNK K 285 69.13 4.63 109.16
CA UNK K 285 69.60 3.50 108.39
C UNK K 285 69.62 2.23 109.19
N UNK K 286 68.73 2.08 110.18
CA UNK K 286 68.61 0.83 110.93
C UNK K 286 67.87 -0.16 110.05
N UNK K 287 68.58 -0.66 109.05
CA UNK K 287 67.96 -1.00 107.77
C UNK K 287 67.20 -2.31 107.85
N UNK K 288 67.90 -3.40 108.06
CA UNK K 288 67.29 -4.72 107.95
C UNK K 288 66.64 -5.18 109.23
N UNK K 289 66.41 -4.30 110.18
CA UNK K 289 65.52 -4.59 111.28
C UNK K 289 64.69 -3.36 111.59
N UNK K 290 64.33 -2.62 110.56
CA UNK K 290 63.60 -1.38 110.73
C UNK K 290 62.17 -1.61 111.17
N UNK K 291 61.99 -2.06 112.41
CA UNK K 291 60.72 -2.67 112.77
C UNK K 291 60.60 -2.64 114.28
N UNK K 292 59.66 -1.86 114.78
CA UNK K 292 59.20 -2.06 116.14
C UNK K 292 58.10 -3.11 116.09
N UNK K 293 57.45 -3.37 117.24
CA UNK K 293 56.31 -4.27 117.24
C UNK K 293 55.10 -3.71 116.53
N UNK K 294 55.14 -2.45 116.13
CA UNK K 294 54.18 -1.89 115.20
C UNK K 294 54.58 -2.07 113.73
N UNK K 295 55.43 -3.05 113.43
CA UNK K 295 55.66 -3.39 112.03
C UNK K 295 54.58 -4.27 111.46
N UNK K 296 53.75 -4.84 112.34
CA UNK K 296 52.64 -5.69 111.92
C UNK K 296 51.70 -4.93 110.99
N UNK K 297 51.34 -3.70 111.39
CA UNK K 297 50.49 -2.85 110.57
C UNK K 297 51.11 -2.54 109.22
N UNK K 298 52.44 -2.41 109.18
CA UNK K 298 53.14 -2.21 107.92
C UNK K 298 52.93 -3.40 107.00
N UNK K 299 53.09 -4.60 107.56
CA UNK K 299 52.93 -5.82 106.77
C UNK K 299 51.52 -5.93 106.22
N UNK K 300 50.55 -5.62 107.07
CA UNK K 300 49.15 -5.84 106.72
C UNK K 300 48.70 -4.88 105.64
N UNK K 301 48.95 -3.59 105.82
CA UNK K 301 48.50 -2.62 104.85
C UNK K 301 49.23 -2.77 103.54
N UNK K 302 50.49 -3.23 103.58
CA UNK K 302 51.16 -3.63 102.37
C UNK K 302 50.41 -4.75 101.67
N UNK K 303 50.01 -5.77 102.45
CA UNK K 303 49.35 -6.93 101.90
C UNK K 303 48.02 -6.57 101.26
N UNK K 304 47.20 -5.83 101.98
CA UNK K 304 45.89 -5.53 101.44
C UNK K 304 45.94 -4.45 100.38
N UNK K 305 46.97 -3.61 100.36
CA UNK K 305 47.06 -2.62 99.31
C UNK K 305 47.45 -3.26 98.00
N UNK K 306 48.44 -4.14 98.05
CA UNK K 306 48.77 -4.92 96.88
C UNK K 306 47.64 -5.84 96.52
N UNK K 307 46.88 -6.30 97.50
CA UNK K 307 45.66 -7.06 97.22
C UNK K 307 44.59 -6.18 96.62
N UNK K 308 44.60 -4.89 96.92
CA UNK K 308 43.56 -4.00 96.43
C UNK K 308 43.74 -3.75 94.95
N UNK K 309 44.95 -3.37 94.56
CA UNK K 309 45.25 -3.38 93.14
C UNK K 309 45.22 -4.79 92.55
N UNK K 310 45.38 -5.82 93.36
CA UNK K 310 45.34 -7.18 92.81
C UNK K 310 43.92 -7.61 92.52
N UNK K 311 42.99 -7.20 93.37
CA UNK K 311 41.60 -7.47 93.07
C UNK K 311 41.11 -6.55 91.99
N UNK K 312 41.75 -5.39 91.85
CA UNK K 312 41.48 -4.54 90.69
C UNK K 312 41.87 -5.25 89.41
N UNK K 313 43.04 -5.87 89.42
CA UNK K 313 43.43 -6.75 88.33
C UNK K 313 42.43 -7.87 88.13
N UNK K 314 41.98 -8.47 89.23
CA UNK K 314 41.01 -9.56 89.16
C UNK K 314 39.71 -9.11 88.53
N UNK K 315 39.25 -7.91 88.88
CA UNK K 315 37.98 -7.41 88.42
C UNK K 315 38.03 -6.98 86.98
N UNK K 316 39.11 -6.33 86.60
CA UNK K 316 39.23 -5.87 85.22
C UNK K 316 39.43 -7.04 84.27
N UNK K 317 40.36 -7.92 84.60
CA UNK K 317 40.56 -9.13 83.83
C UNK K 317 39.42 -10.14 84.00
N UNK K 318 38.47 -9.91 84.90
CA UNK K 318 37.39 -10.86 85.11
C UNK K 318 36.44 -10.92 83.92
N UNK K 319 35.73 -9.84 83.62
CA UNK K 319 34.64 -9.92 82.66
C UNK K 319 34.49 -8.57 81.96
N UNK K 320 33.36 -8.39 81.27
CA UNK K 320 33.21 -7.48 80.14
C UNK K 320 33.02 -6.03 80.56
N UNK K 321 32.50 -5.23 79.62
CA UNK K 321 32.73 -3.80 79.47
C UNK K 321 32.41 -2.97 80.70
N UNK K 322 33.47 -2.46 81.32
CA UNK K 322 33.43 -1.57 82.47
C UNK K 322 34.82 -1.06 82.77
N UNK K 323 34.92 0.21 83.13
CA UNK K 323 36.08 0.71 83.85
C UNK K 323 35.68 1.65 84.96
N UNK K 324 34.38 1.89 85.17
CA UNK K 324 33.93 2.57 86.37
C UNK K 324 34.12 1.71 87.60
N UNK K 325 34.11 0.38 87.42
CA UNK K 325 34.55 -0.51 88.47
C UNK K 325 36.03 -0.28 88.81
N UNK K 326 36.86 -0.09 87.80
CA UNK K 326 38.27 0.17 88.07
C UNK K 326 38.48 1.56 88.67
N UNK K 327 37.65 2.52 88.30
CA UNK K 327 37.72 3.82 88.95
C UNK K 327 37.33 3.71 90.40
N UNK K 328 36.38 2.83 90.71
CA UNK K 328 36.09 2.53 92.11
C UNK K 328 37.29 1.89 92.78
N UNK K 329 38.02 1.08 92.03
CA UNK K 329 39.25 0.54 92.58
C UNK K 329 40.31 1.62 92.75
N UNK K 330 40.20 2.73 92.00
CA UNK K 330 41.11 3.83 92.22
C UNK K 330 40.80 4.58 93.52
N UNK K 331 39.68 4.27 94.17
CA UNK K 331 39.43 4.63 95.56
C UNK K 331 39.71 3.50 96.53
N UNK K 332 39.52 2.26 96.08
CA UNK K 332 39.87 1.10 96.88
C UNK K 332 41.37 1.09 97.21
N UNK K 333 42.18 1.50 96.26
CA UNK K 333 43.58 1.78 96.54
C UNK K 333 43.71 2.96 97.47
N UNK K 334 42.89 4.00 97.27
CA UNK K 334 43.09 5.28 97.92
C UNK K 334 42.85 5.22 99.41
N UNK K 335 42.12 4.20 99.87
CA UNK K 335 41.92 4.00 101.29
C UNK K 335 43.20 3.65 102.05
N UNK K 336 44.30 3.33 101.36
CA UNK K 336 45.54 2.87 101.98
C UNK K 336 46.43 3.98 102.51
N UNK K 337 46.13 5.24 102.17
CA UNK K 337 46.92 6.37 102.60
C UNK K 337 46.78 6.65 104.09
N UNK K 338 45.84 6.02 104.78
CA UNK K 338 45.38 6.49 106.06
C UNK K 338 46.36 6.15 107.18
N UNK K 339 46.69 4.88 107.33
CA UNK K 339 47.34 4.43 108.55
C UNK K 339 48.83 4.55 108.48
N UNK K 340 49.38 5.54 107.77
CA UNK K 340 50.82 5.73 107.76
C UNK K 340 51.31 6.64 108.88
N UNK K 341 50.42 7.32 109.59
CA UNK K 341 50.87 8.16 110.71
C UNK K 341 51.00 7.32 111.99
N UNK K 342 49.87 6.82 112.48
CA UNK K 342 49.66 5.54 113.17
C UNK K 342 50.83 5.04 114.01
N UNK K 343 51.36 5.91 114.87
CA UNK K 343 52.52 5.64 115.71
C UNK K 343 53.71 5.18 114.88
N UNK K 344 53.89 5.81 113.72
CA UNK K 344 55.00 5.48 112.81
C UNK K 344 56.26 6.24 113.21
N UNK K 345 56.78 5.86 114.38
CA UNK K 345 57.66 6.76 115.12
C UNK K 345 59.05 6.85 114.52
N UNK K 346 59.45 5.90 113.70
CA UNK K 346 60.79 5.96 113.14
C UNK K 346 60.83 6.95 112.00
N UNK K 347 62.03 7.37 111.67
CA UNK K 347 62.28 8.00 110.38
C UNK K 347 62.64 6.96 109.33
N UNK K 348 62.65 5.69 109.73
CA UNK K 348 62.97 4.56 108.87
C UNK K 348 61.76 3.74 108.48
N UNK K 349 60.78 3.64 109.39
CA UNK K 349 59.66 2.73 109.20
C UNK K 349 58.83 3.14 108.00
N UNK K 350 58.24 4.33 108.07
CA UNK K 350 57.35 4.79 107.01
C UNK K 350 58.09 4.92 105.70
N UNK K 351 59.30 5.47 105.74
CA UNK K 351 60.08 5.73 104.55
C UNK K 351 60.45 4.45 103.83
N UNK K 352 61.21 3.59 104.52
CA UNK K 352 61.68 2.35 103.92
C UNK K 352 60.53 1.42 103.58
N UNK K 353 59.47 1.42 104.39
CA UNK K 353 58.38 0.48 104.15
C UNK K 353 57.61 0.86 102.91
N UNK K 354 57.31 2.16 102.77
CA UNK K 354 56.63 2.63 101.58
C UNK K 354 57.48 2.37 100.36
N UNK K 355 58.79 2.60 100.49
CA UNK K 355 59.72 2.33 99.41
C UNK K 355 59.67 0.86 99.01
N UNK K 356 59.54 -0.02 99.99
CA UNK K 356 59.58 -1.45 99.74
C UNK K 356 58.34 -1.92 99.00
N UNK K 357 57.16 -1.51 99.47
CA UNK K 357 55.94 -2.02 98.86
C UNK K 357 55.69 -1.39 97.49
N UNK K 358 55.98 -0.09 97.36
CA UNK K 358 55.88 0.55 96.06
C UNK K 358 56.90 -0.02 95.10
N UNK K 359 58.12 -0.26 95.59
CA UNK K 359 59.19 -0.90 94.83
C UNK K 359 58.81 -2.29 94.40
N UNK K 360 57.98 -2.95 95.19
CA UNK K 360 57.51 -4.28 94.83
C UNK K 360 56.56 -4.20 93.66
N UNK K 361 55.44 -3.54 93.83
CA UNK K 361 54.50 -3.64 92.73
C UNK K 361 54.76 -2.55 91.71
N UNK K 362 54.59 -1.28 92.10
CA UNK K 362 54.38 -0.19 91.15
C UNK K 362 55.64 0.13 90.38
N UNK K 363 56.79 -0.01 91.00
CA UNK K 363 58.05 0.08 90.27
C UNK K 363 58.16 -1.06 89.28
N UNK K 364 57.89 -2.28 89.73
CA UNK K 364 57.94 -3.42 88.84
C UNK K 364 56.67 -3.59 88.05
N UNK K 365 55.67 -2.74 88.25
CA UNK K 365 54.46 -2.86 87.46
C UNK K 365 54.64 -2.43 86.02
N UNK K 366 55.82 -1.97 85.64
CA UNK K 366 56.20 -1.91 84.24
C UNK K 366 56.66 -3.30 83.78
N UNK K 367 57.25 -3.34 82.61
CA UNK K 367 58.21 -4.32 82.14
C UNK K 367 57.66 -5.70 81.80
N UNK K 368 56.42 -6.03 82.15
CA UNK K 368 55.97 -7.41 81.92
C UNK K 368 55.55 -7.62 80.47
N UNK K 369 54.50 -6.94 80.04
CA UNK K 369 54.14 -7.00 78.64
C UNK K 369 55.17 -6.28 77.79
N UNK K 370 55.98 -5.44 78.40
CA UNK K 370 57.18 -5.01 77.73
C UNK K 370 58.12 -6.17 77.45
N UNK K 371 58.23 -7.13 78.37
CA UNK K 371 59.12 -8.24 78.08
C UNK K 371 58.50 -9.13 77.04
N UNK K 372 57.19 -9.23 77.05
CA UNK K 372 56.52 -9.92 75.96
C UNK K 372 56.70 -9.16 74.66
N UNK K 373 56.78 -7.85 74.73
CA UNK K 373 57.04 -7.06 73.54
C UNK K 373 58.47 -7.22 73.11
N UNK K 374 59.36 -7.43 74.06
CA UNK K 374 60.74 -7.72 73.75
C UNK K 374 60.82 -9.05 73.05
N UNK K 375 59.93 -9.96 73.40
CA UNK K 375 59.80 -11.19 72.63
C UNK K 375 59.17 -10.81 71.30
N UNK K 376 60.02 -10.44 70.36
CA UNK K 376 59.59 -10.06 69.03
C UNK K 376 59.22 -11.31 68.25
N UNK K 377 58.08 -11.88 68.60
CA UNK K 377 57.84 -13.23 68.13
C UNK K 377 57.44 -13.23 66.68
N UNK K 378 56.24 -12.77 66.35
CA UNK K 378 55.86 -12.83 64.96
C UNK K 378 54.84 -11.76 64.72
N UNK K 379 54.68 -11.45 63.44
CA UNK K 379 53.74 -10.42 63.01
C UNK K 379 52.34 -10.74 63.48
N UNK K 380 51.83 -11.90 63.10
CA UNK K 380 50.50 -12.30 63.53
C UNK K 380 50.47 -12.55 65.02
N UNK K 381 51.62 -12.89 65.61
CA UNK K 381 51.64 -13.15 67.05
C UNK K 381 51.42 -11.88 67.83
N UNK K 382 52.19 -10.86 67.52
CA UNK K 382 52.01 -9.58 68.17
C UNK K 382 50.71 -8.96 67.73
N UNK K 383 50.22 -9.34 66.56
CA UNK K 383 48.90 -8.94 66.16
C UNK K 383 47.87 -9.59 67.03
N UNK K 384 48.16 -10.79 67.50
CA UNK K 384 47.24 -11.45 68.39
C UNK K 384 47.30 -10.83 69.77
N UNK K 385 48.48 -10.42 70.19
CA UNK K 385 48.58 -9.83 71.52
C UNK K 385 47.98 -8.44 71.54
N UNK K 386 48.16 -7.70 70.46
CA UNK K 386 47.49 -6.43 70.30
C UNK K 386 46.00 -6.61 70.27
N UNK K 387 45.55 -7.64 69.54
CA UNK K 387 44.16 -8.04 69.57
C UNK K 387 43.74 -8.43 70.97
N UNK K 388 44.65 -8.99 71.76
CA UNK K 388 44.29 -9.43 73.10
C UNK K 388 44.12 -8.25 74.03
N UNK K 389 45.08 -7.34 74.03
CA UNK K 389 44.97 -6.18 74.89
C UNK K 389 43.83 -5.30 74.44
N UNK K 390 43.60 -5.23 73.14
CA UNK K 390 42.46 -4.53 72.62
C UNK K 390 41.17 -5.24 72.92
N UNK K 391 41.21 -6.56 73.15
CA UNK K 391 40.02 -7.24 73.63
C UNK K 391 39.75 -6.85 75.06
N UNK K 392 40.79 -6.75 75.86
CA UNK K 392 40.66 -6.29 77.22
C UNK K 392 40.67 -4.77 77.34
N UNK K 393 40.49 -4.05 76.23
CA UNK K 393 40.52 -2.59 76.24
C UNK K 393 39.25 -2.04 76.86
N UNK K 394 39.17 -2.14 78.19
CA UNK K 394 38.11 -1.44 78.90
C UNK K 394 38.36 0.06 78.88
N UNK K 395 39.60 0.46 79.12
CA UNK K 395 40.01 1.85 78.98
C UNK K 395 40.57 2.05 77.59
N UNK K 396 39.99 2.99 76.86
CA UNK K 396 40.48 3.33 75.55
C UNK K 396 41.65 4.29 75.59
N UNK K 397 41.86 4.94 76.72
CA UNK K 397 42.80 6.04 76.80
C UNK K 397 43.89 5.84 77.84
N UNK K 398 43.57 5.22 78.97
CA UNK K 398 44.63 4.75 79.84
C UNK K 398 45.42 3.64 79.16
N UNK K 399 44.81 2.94 78.21
CA UNK K 399 45.55 2.10 77.30
C UNK K 399 46.53 2.92 76.48
N UNK K 400 46.10 4.05 75.95
CA UNK K 400 46.99 4.91 75.22
C UNK K 400 48.08 5.49 76.10
N UNK K 401 47.84 5.54 77.42
CA UNK K 401 48.90 5.81 78.39
C UNK K 401 49.80 4.60 78.61
N UNK K 402 49.20 3.41 78.60
CA UNK K 402 49.96 2.22 78.81
C UNK K 402 50.94 1.99 77.68
N UNK K 403 50.57 2.41 76.48
CA UNK K 403 51.51 2.42 75.37
C UNK K 403 52.71 3.29 75.67
N UNK K 404 52.50 4.39 76.36
CA UNK K 404 53.66 5.17 76.73
C UNK K 404 54.44 4.47 77.84
N UNK K 405 53.74 3.73 78.68
CA UNK K 405 54.44 2.99 79.73
C UNK K 405 55.34 1.95 79.12
N UNK K 406 54.92 1.40 78.00
CA UNK K 406 55.82 0.61 77.19
C UNK K 406 56.93 1.48 76.64
N UNK K 407 56.58 2.64 76.09
CA UNK K 407 57.52 3.48 75.36
C UNK K 407 58.63 4.00 76.24
N UNK K 408 58.46 3.88 77.55
CA UNK K 408 59.53 3.94 78.52
C UNK K 408 60.68 3.00 78.23
N UNK K 409 60.46 1.89 77.53
CA UNK K 409 61.56 0.95 77.29
C UNK K 409 62.60 1.53 76.36
N UNK K 410 62.18 2.22 75.31
CA UNK K 410 63.11 2.80 74.35
C UNK K 410 63.57 4.18 74.81
N UNK K 411 64.17 4.93 73.90
CA UNK K 411 64.54 6.34 74.12
C UNK K 411 64.81 6.98 72.76
N UNK K 412 65.18 8.27 72.80
CA UNK K 412 66.00 8.96 71.80
C UNK K 412 65.35 9.28 70.46
N UNK K 413 64.13 8.82 70.20
CA UNK K 413 63.36 9.32 69.06
C UNK K 413 61.89 9.33 69.40
N UNK K 414 61.59 9.54 70.67
CA UNK K 414 60.59 8.72 71.32
C UNK K 414 59.15 8.98 70.90
N UNK K 415 58.87 9.76 69.88
CA UNK K 415 57.49 9.82 69.41
C UNK K 415 57.39 9.93 67.90
N UNK K 416 58.49 9.64 67.20
CA UNK K 416 58.81 10.13 65.87
C UNK K 416 57.70 9.87 64.87
N UNK K 417 57.42 8.61 64.60
CA UNK K 417 56.19 8.31 63.89
C UNK K 417 55.07 7.90 64.83
N UNK K 418 55.32 7.97 66.14
CA UNK K 418 54.28 7.60 67.09
C UNK K 418 53.14 8.60 67.07
N UNK K 419 53.44 9.82 66.65
CA UNK K 419 52.38 10.72 66.28
C UNK K 419 51.79 10.36 64.92
N UNK K 420 52.63 9.86 64.01
CA UNK K 420 52.20 9.65 62.63
C UNK K 420 51.11 8.61 62.56
N UNK K 421 51.24 7.59 63.38
CA UNK K 421 50.23 6.54 63.44
C UNK K 421 48.94 7.06 64.02
N UNK K 422 49.04 7.63 65.22
CA UNK K 422 47.88 8.09 65.98
C UNK K 422 47.04 9.07 65.18
N UNK K 423 47.68 9.93 64.39
CA UNK K 423 46.93 10.77 63.49
C UNK K 423 46.49 10.03 62.23
N UNK K 424 47.40 9.30 61.58
CA UNK K 424 47.26 8.67 60.28
C UNK K 424 46.15 7.65 60.25
N UNK K 425 45.72 7.21 61.42
CA UNK K 425 44.54 6.38 61.58
C UNK K 425 43.32 6.94 60.87
N UNK K 426 43.13 8.25 60.85
CA UNK K 426 41.88 8.83 60.34
C UNK K 426 41.85 8.77 58.81
N UNK K 427 40.87 8.04 58.28
CA UNK K 427 40.74 7.65 56.89
C UNK K 427 39.32 7.12 56.68
N UNK K 428 39.08 6.30 55.64
CA UNK K 428 37.80 5.60 55.51
C UNK K 428 37.65 4.51 56.57
N UNK K 429 36.43 3.98 56.69
CA UNK K 429 35.93 3.44 57.96
C UNK K 429 35.92 1.91 57.99
N UNK K 430 36.84 1.34 58.75
CA UNK K 430 36.69 0.02 59.34
C UNK K 430 36.16 0.21 60.76
N UNK K 431 36.23 -0.83 61.60
CA UNK K 431 35.74 -0.72 62.97
C UNK K 431 36.64 0.20 63.80
N UNK K 432 36.06 0.77 64.86
CA UNK K 432 36.90 1.42 65.86
C UNK K 432 37.67 0.38 66.64
N UNK K 433 37.17 -0.85 66.67
CA UNK K 433 38.03 -1.97 67.00
C UNK K 433 39.24 -2.03 66.09
N UNK K 434 39.04 -1.81 64.78
CA UNK K 434 40.16 -1.86 63.86
C UNK K 434 41.06 -0.67 64.04
N UNK K 435 40.49 0.44 64.46
CA UNK K 435 41.30 1.59 64.82
C UNK K 435 42.16 1.28 66.02
N UNK K 436 41.57 0.68 67.05
CA UNK K 436 42.29 0.31 68.25
C UNK K 436 43.40 -0.67 67.94
N UNK K 437 43.07 -1.69 67.16
CA UNK K 437 44.01 -2.74 66.86
C UNK K 437 45.11 -2.23 65.94
N UNK K 438 44.73 -1.55 64.88
CA UNK K 438 45.70 -1.01 63.95
C UNK K 438 46.53 0.06 64.63
N UNK K 439 45.98 0.70 65.65
CA UNK K 439 46.73 1.68 66.41
C UNK K 439 47.83 1.02 67.20
N UNK K 440 47.46 0.01 67.98
CA UNK K 440 48.45 -0.62 68.83
C UNK K 440 49.45 -1.39 67.99
N UNK K 441 48.97 -1.97 66.91
CA UNK K 441 49.82 -2.74 66.02
C UNK K 441 50.61 -1.84 65.10
N UNK K 442 50.32 -0.57 65.09
CA UNK K 442 51.34 0.33 64.64
C UNK K 442 52.44 0.40 65.66
N UNK K 443 52.09 0.35 66.93
CA UNK K 443 53.00 0.89 67.92
C UNK K 443 54.13 -0.05 68.25
N UNK K 444 53.86 -1.32 68.42
CA UNK K 444 55.01 -2.17 68.70
C UNK K 444 55.77 -2.48 67.43
N UNK K 445 55.07 -2.46 66.31
CA UNK K 445 55.73 -2.47 65.01
C UNK K 445 56.65 -1.30 64.88
N UNK K 446 56.25 -0.16 65.42
CA UNK K 446 57.14 0.95 65.53
C UNK K 446 58.26 0.64 66.51
N UNK K 447 57.97 -0.13 67.55
CA UNK K 447 58.94 -0.34 68.61
C UNK K 447 59.96 -1.41 68.28
N UNK K 448 60.24 -1.64 67.00
CA UNK K 448 61.35 -2.46 66.58
C UNK K 448 62.65 -1.94 67.16
N UNK K 449 63.54 -2.86 67.46
CA UNK K 449 64.86 -2.51 67.94
C UNK K 449 65.71 -2.06 66.76
N UNK K 450 67.02 -2.09 66.94
CA UNK K 450 67.91 -1.92 65.82
C UNK K 450 67.71 -3.06 64.85
N UNK K 451 49.95 -19.13 78.38
CA UNK K 451 50.80 -17.98 78.09
C UNK K 451 49.97 -16.72 77.79
N UNK K 452 48.75 -16.92 77.32
CA UNK K 452 47.83 -15.80 77.28
C UNK K 452 47.29 -15.47 78.66
N UNK K 453 47.31 -16.46 79.57
CA UNK K 453 47.11 -16.16 80.99
C UNK K 453 48.24 -15.29 81.51
N UNK K 454 49.47 -15.55 81.08
CA UNK K 454 50.55 -14.61 81.35
C UNK K 454 50.34 -13.28 80.66
N UNK K 455 49.72 -13.28 79.48
CA UNK K 455 49.46 -12.03 78.81
C UNK K 455 48.43 -11.21 79.55
N UNK K 456 47.40 -11.86 80.07
CA UNK K 456 46.46 -11.16 80.92
C UNK K 456 47.10 -10.75 82.23
N UNK K 457 48.08 -11.52 82.70
CA UNK K 457 48.80 -11.15 83.91
C UNK K 457 49.66 -9.91 83.68
N UNK K 458 50.26 -9.82 82.51
CA UNK K 458 51.10 -8.68 82.18
C UNK K 458 50.24 -7.47 81.89
N UNK K 459 49.08 -7.71 81.28
CA UNK K 459 48.07 -6.69 81.18
C UNK K 459 47.72 -6.15 82.55
N UNK K 460 47.53 -7.05 83.52
CA UNK K 460 47.25 -6.63 84.87
C UNK K 460 48.41 -5.87 85.49
N UNK K 461 49.63 -6.27 85.14
CA UNK K 461 50.80 -5.60 85.71
C UNK K 461 50.92 -4.17 85.20
N UNK K 462 50.86 -3.98 83.89
CA UNK K 462 50.94 -2.62 83.35
C UNK K 462 49.69 -1.83 83.68
N UNK K 463 48.58 -2.52 83.85
CA UNK K 463 47.41 -1.87 84.40
C UNK K 463 47.63 -1.45 85.83
N UNK K 464 48.45 -2.16 86.58
CA UNK K 464 48.74 -1.73 87.92
C UNK K 464 49.81 -0.66 87.96
N UNK K 465 50.59 -0.54 86.89
CA UNK K 465 51.44 0.64 86.76
C UNK K 465 50.59 1.87 86.56
N UNK K 466 49.52 1.75 85.78
CA UNK K 466 48.53 2.79 85.76
C UNK K 466 47.92 2.97 87.14
N UNK K 467 47.19 1.96 87.61
CA UNK K 467 46.34 2.03 88.79
C UNK K 467 47.11 2.09 90.10
N UNK K 468 48.44 2.12 90.07
CA UNK K 468 49.22 2.17 91.29
C UNK K 468 50.13 3.39 91.36
N UNK K 469 50.56 3.92 90.21
CA UNK K 469 51.39 5.11 90.23
C UNK K 469 50.58 6.38 90.30
N UNK K 470 49.30 6.29 90.66
CA UNK K 470 48.44 7.44 90.87
C UNK K 470 48.72 8.10 92.21
N UNK L 1 5.36 36.40 162.50
CA UNK L 1 6.76 36.03 162.55
C UNK L 1 7.08 35.29 161.30
N UNK L 2 6.78 33.99 161.33
CA UNK L 2 6.69 33.22 160.11
C UNK L 2 5.70 33.86 159.16
N UNK L 3 4.51 34.19 159.69
CA UNK L 3 3.49 34.90 158.91
C UNK L 3 3.96 36.27 158.47
N UNK L 4 4.82 36.89 159.25
CA UNK L 4 5.28 38.24 158.93
C UNK L 4 6.19 38.25 157.72
N UNK L 5 7.32 37.55 157.82
CA UNK L 5 8.22 37.38 156.68
C UNK L 5 7.49 36.76 155.52
N UNK L 6 6.53 35.89 155.81
CA UNK L 6 5.66 35.36 154.80
C UNK L 6 4.86 36.44 154.12
N UNK L 7 4.32 37.38 154.90
CA UNK L 7 3.37 38.33 154.35
C UNK L 7 4.07 39.29 153.43
N UNK L 8 5.26 39.71 153.84
CA UNK L 8 6.07 40.53 152.96
C UNK L 8 6.49 39.76 151.73
N UNK L 9 6.83 38.48 151.91
CA UNK L 9 7.22 37.65 150.80
C UNK L 9 6.09 37.52 149.80
N UNK L 10 4.90 37.24 150.29
CA UNK L 10 3.76 37.03 149.45
C UNK L 10 3.27 38.32 148.84
N UNK L 11 3.54 39.44 149.51
CA UNK L 11 3.30 40.70 148.85
C UNK L 11 4.30 40.90 147.72
N UNK L 12 5.48 40.30 147.82
CA UNK L 12 6.37 40.49 146.68
C UNK L 12 6.31 39.38 145.64
N UNK L 13 6.91 38.23 145.95
CA UNK L 13 7.03 37.01 145.15
C UNK L 13 7.84 35.99 145.96
N UNK L 14 8.07 34.84 145.34
CA UNK L 14 9.05 33.81 145.74
C UNK L 14 9.17 32.95 144.51
N UNK L 15 10.38 32.54 144.14
CA UNK L 15 10.52 32.18 142.75
C UNK L 15 11.65 31.17 142.52
N UNK L 16 12.18 31.28 141.32
CA UNK L 16 13.17 30.53 140.57
C UNK L 16 12.59 29.28 139.94
N UNK L 17 11.46 28.76 140.41
CA UNK L 17 10.62 27.87 139.60
C UNK L 17 9.18 27.93 140.07
N UNK L 18 9.02 28.25 141.35
CA UNK L 18 7.78 27.95 142.04
C UNK L 18 6.65 28.85 141.61
N UNK L 19 6.97 29.93 140.92
CA UNK L 19 5.98 30.66 140.17
C UNK L 19 5.29 29.77 139.17
N UNK L 20 6.06 29.06 138.35
CA UNK L 20 5.46 28.18 137.37
C UNK L 20 4.73 27.03 138.04
N UNK L 21 5.30 26.49 139.13
CA UNK L 21 4.61 25.40 139.83
C UNK L 21 3.27 25.84 140.39
N UNK L 22 3.21 27.01 141.01
CA UNK L 22 1.95 27.47 141.54
C UNK L 22 0.97 27.85 140.45
N UNK L 23 1.49 28.33 139.31
CA UNK L 23 0.62 28.53 138.16
C UNK L 23 0.01 27.23 137.69
N UNK L 24 0.72 26.13 137.86
CA UNK L 24 0.10 24.85 137.55
C UNK L 24 -0.97 24.48 138.57
N UNK L 25 -0.77 24.86 139.82
CA UNK L 25 -1.82 24.56 140.80
C UNK L 25 -3.08 25.33 140.49
N UNK L 26 -2.90 26.54 140.00
CA UNK L 26 -4.01 27.24 139.42
C UNK L 26 -4.60 26.46 138.26
N UNK L 27 -3.74 25.86 137.45
CA UNK L 27 -4.26 25.18 136.26
C UNK L 27 -5.10 23.98 136.64
N UNK L 28 -4.75 23.35 137.75
CA UNK L 28 -5.52 22.18 138.16
C UNK L 28 -6.83 22.58 138.81
N UNK L 29 -6.83 23.65 139.60
CA UNK L 29 -8.09 24.10 140.17
C UNK L 29 -9.02 24.55 139.07
N UNK L 30 -8.45 25.16 138.05
CA UNK L 30 -9.20 25.51 136.85
C UNK L 30 -9.74 24.27 136.19
N UNK L 31 -8.94 23.22 136.16
CA UNK L 31 -9.34 22.01 135.48
C UNK L 31 -10.50 21.34 136.20
N UNK L 32 -10.36 21.13 137.50
CA UNK L 32 -11.40 20.44 138.26
C UNK L 32 -12.67 21.24 138.28
N UNK L 33 -12.56 22.56 138.25
CA UNK L 33 -13.74 23.38 138.08
C UNK L 33 -14.40 23.08 136.76
N UNK L 34 -13.60 22.94 135.71
CA UNK L 34 -14.20 22.66 134.41
C UNK L 34 -14.83 21.27 134.39
N UNK L 35 -14.22 20.33 135.08
CA UNK L 35 -14.71 18.97 134.99
C UNK L 35 -15.97 18.79 135.77
N UNK L 36 -16.00 19.32 136.99
CA UNK L 36 -17.21 19.24 137.77
C UNK L 36 -18.31 20.04 137.14
N UNK L 37 -17.95 21.12 136.47
CA UNK L 37 -18.94 21.90 135.75
C UNK L 37 -19.56 21.08 134.64
N UNK L 38 -18.72 20.44 133.83
CA UNK L 38 -19.23 19.69 132.69
C UNK L 38 -20.03 18.49 133.15
N UNK L 39 -19.56 17.81 134.18
CA UNK L 39 -20.27 16.65 134.68
C UNK L 39 -21.56 17.04 135.32
N UNK L 40 -21.64 18.19 135.95
CA UNK L 40 -22.93 18.55 136.52
C UNK L 40 -23.79 19.25 135.49
N UNK L 41 -23.97 18.65 134.33
CA UNK L 41 -24.84 19.23 133.33
C UNK L 41 -25.95 18.29 132.90
N UNK L 42 -25.63 17.06 132.52
CA UNK L 42 -26.58 16.16 131.88
C UNK L 42 -27.51 15.51 132.92
N UNK L 43 -28.19 14.43 132.53
CA UNK L 43 -29.12 13.72 133.42
C UNK L 43 -28.36 13.06 134.55
N UNK L 44 -28.56 13.57 135.77
CA UNK L 44 -27.66 13.36 136.90
C UNK L 44 -27.72 11.96 137.43
N UNK L 45 -27.40 10.98 136.60
CA UNK L 45 -27.62 9.58 136.88
C UNK L 45 -26.51 9.06 137.78
N UNK L 46 -26.64 7.82 138.20
CA UNK L 46 -25.95 7.32 139.38
C UNK L 46 -24.46 7.31 139.21
N UNK L 47 -23.98 7.38 137.98
CA UNK L 47 -22.57 7.64 137.75
C UNK L 47 -22.12 9.04 138.15
N UNK L 48 -22.99 9.89 138.71
CA UNK L 48 -22.55 11.16 139.25
C UNK L 48 -21.51 10.94 140.32
N UNK L 49 -21.70 9.93 141.15
CA UNK L 49 -20.70 9.60 142.14
C UNK L 49 -19.41 9.13 141.49
N UNK L 50 -19.44 7.98 140.86
CA UNK L 50 -18.22 7.42 140.33
C UNK L 50 -17.88 7.96 138.98
N UNK L 51 -18.33 9.17 138.69
CA UNK L 51 -17.67 10.10 137.79
C UNK L 51 -17.03 11.23 138.57
N UNK L 52 -17.73 11.78 139.56
CA UNK L 52 -17.28 13.00 140.19
C UNK L 52 -16.14 12.73 141.12
N UNK L 53 -16.26 11.67 141.91
CA UNK L 53 -15.18 11.30 142.80
C UNK L 53 -13.96 10.93 142.02
N UNK L 54 -14.16 10.34 140.84
CA UNK L 54 -13.04 10.09 139.95
C UNK L 54 -12.38 11.37 139.53
N UNK L 55 -13.18 12.38 139.22
CA UNK L 55 -12.60 13.61 138.72
C UNK L 55 -11.82 14.31 139.80
N UNK L 56 -12.36 14.32 141.01
CA UNK L 56 -11.61 14.92 142.09
C UNK L 56 -10.43 14.05 142.48
N UNK L 57 -10.48 12.76 142.17
CA UNK L 57 -9.31 11.94 142.40
C UNK L 57 -8.23 12.29 141.42
N UNK L 58 -8.62 12.60 140.19
CA UNK L 58 -7.63 13.10 139.23
C UNK L 58 -7.08 14.44 139.69
N UNK L 59 -7.95 15.25 140.30
CA UNK L 59 -7.56 16.57 140.76
C UNK L 59 -6.53 16.49 141.86
N UNK L 60 -6.87 15.78 142.92
CA UNK L 60 -5.93 15.57 144.00
C UNK L 60 -4.73 14.76 143.58
N UNK L 61 -4.82 13.97 142.52
CA UNK L 61 -3.63 13.32 142.02
C UNK L 61 -2.64 14.35 141.53
N UNK L 62 -3.10 15.24 140.63
CA UNK L 62 -2.21 16.30 140.13
C UNK L 62 -1.80 17.24 141.24
N UNK L 63 -2.65 17.36 142.25
CA UNK L 63 -2.33 18.20 143.38
C UNK L 63 -1.26 17.60 144.25
N UNK L 64 -1.35 16.31 144.51
CA UNK L 64 -0.34 15.65 145.32
C UNK L 64 1.00 15.68 144.62
N UNK L 65 0.95 15.58 143.28
CA UNK L 65 2.15 15.82 142.48
C UNK L 65 2.75 17.18 142.77
N UNK L 66 1.95 18.24 142.56
CA UNK L 66 2.45 19.59 142.74
C UNK L 66 2.89 19.85 144.15
N UNK L 67 2.22 19.25 145.11
CA UNK L 67 2.53 19.58 146.49
C UNK L 67 3.77 18.86 146.99
N UNK L 68 3.97 17.61 146.60
CA UNK L 68 5.23 16.98 147.00
C UNK L 68 6.39 17.58 146.25
N UNK L 69 6.16 17.94 144.98
CA UNK L 69 7.20 18.58 144.19
C UNK L 69 7.60 19.90 144.81
N UNK L 70 6.63 20.68 145.26
CA UNK L 70 6.95 21.99 145.81
C UNK L 70 7.49 21.91 147.23
N UNK L 71 6.97 21.02 148.07
CA UNK L 71 7.55 20.90 149.39
C UNK L 71 8.90 20.22 149.33
N UNK L 72 9.28 19.66 148.20
CA UNK L 72 10.69 19.52 147.92
C UNK L 72 11.29 20.84 147.48
N UNK L 73 10.60 21.54 146.59
CA UNK L 73 11.18 22.62 145.81
C UNK L 73 11.18 23.90 146.65
N UNK L 74 12.35 24.24 147.18
CA UNK L 74 12.59 25.46 147.95
C UNK L 74 11.70 25.50 149.18
N UNK L 75 11.97 24.56 150.09
CA UNK L 75 11.40 24.65 151.42
C UNK L 75 12.35 25.41 152.34
N UNK L 76 12.66 26.62 151.95
CA UNK L 76 13.11 27.59 152.93
C UNK L 76 11.96 27.91 153.88
N UNK L 77 12.33 28.48 155.04
CA UNK L 77 11.53 28.34 156.25
C UNK L 77 10.14 28.95 156.14
N UNK L 78 10.03 30.26 156.02
CA UNK L 78 8.72 30.84 155.79
C UNK L 78 8.27 30.67 154.36
N UNK L 79 9.20 30.32 153.46
CA UNK L 79 8.85 30.01 152.09
C UNK L 79 7.98 28.76 152.00
N UNK L 80 7.96 27.94 153.06
CA UNK L 80 6.85 27.02 153.24
C UNK L 80 5.53 27.79 153.24
N UNK L 81 5.38 28.74 154.16
CA UNK L 81 4.11 29.40 154.36
C UNK L 81 3.72 30.27 153.18
N UNK L 82 4.68 30.61 152.33
CA UNK L 82 4.42 31.45 151.18
C UNK L 82 3.39 30.83 150.26
N UNK L 83 3.74 29.73 149.62
CA UNK L 83 2.73 29.06 148.85
C UNK L 83 1.73 28.36 149.74
N UNK L 84 2.05 28.12 151.01
CA UNK L 84 1.03 27.51 151.86
C UNK L 84 -0.10 28.44 152.19
N UNK L 85 0.03 29.72 151.90
CA UNK L 85 -1.12 30.60 151.87
C UNK L 85 -1.60 30.85 150.47
N UNK L 86 -0.67 30.96 149.53
CA UNK L 86 -1.03 31.30 148.17
C UNK L 86 -1.89 30.21 147.55
N UNK L 87 -1.66 28.97 147.93
CA UNK L 87 -2.38 27.86 147.36
C UNK L 87 -3.83 27.88 147.80
N UNK L 88 -4.10 28.14 149.08
CA UNK L 88 -5.47 28.17 149.52
C UNK L 88 -6.18 29.39 148.98
N UNK L 89 -5.45 30.47 148.72
CA UNK L 89 -6.05 31.58 147.99
C UNK L 89 -6.44 31.15 146.59
N UNK L 90 -5.53 30.47 145.91
CA UNK L 90 -5.72 30.00 144.55
C UNK L 90 -6.87 29.03 144.45
N UNK L 91 -7.07 28.26 145.51
CA UNK L 91 -8.29 27.50 145.63
C UNK L 91 -9.46 28.44 145.66
N UNK L 92 -9.56 29.20 146.75
CA UNK L 92 -10.82 29.77 147.17
C UNK L 92 -11.32 30.75 146.14
N UNK L 93 -10.52 31.75 145.84
CA UNK L 93 -10.92 32.66 144.78
C UNK L 93 -10.71 32.02 143.44
N UNK L 94 -9.45 31.73 143.13
CA UNK L 94 -8.96 31.87 141.77
C UNK L 94 -9.57 30.85 140.84
N UNK L 95 -10.11 29.76 141.37
CA UNK L 95 -11.00 28.99 140.51
C UNK L 95 -12.26 28.41 141.15
N UNK L 96 -12.15 27.90 142.37
CA UNK L 96 -12.56 26.52 142.64
C UNK L 96 -14.01 26.20 142.34
N UNK L 97 -14.93 27.12 142.56
CA UNK L 97 -16.30 26.73 142.86
C UNK L 97 -17.05 26.22 141.65
N UNK L 98 -18.08 25.40 141.91
CA UNK L 98 -18.98 24.90 140.87
C UNK L 98 -20.25 24.34 141.52
N UNK L 99 -21.42 24.88 141.13
CA UNK L 99 -22.75 24.26 141.14
C UNK L 99 -23.75 25.25 140.55
N UNK L 100 -25.03 24.88 140.62
CA UNK L 100 -26.16 25.78 140.60
C UNK L 100 -26.49 26.30 141.98
N UNK L 101 -25.48 26.33 142.82
CA UNK L 101 -25.54 27.08 144.04
C UNK L 101 -25.74 28.56 143.80
N UNK L 102 -25.51 29.04 142.58
CA UNK L 102 -26.04 30.33 142.18
C UNK L 102 -27.54 30.39 142.42
N UNK L 103 -28.26 29.36 141.97
CA UNK L 103 -29.68 29.34 142.20
C UNK L 103 -29.99 29.09 143.65
N UNK L 104 -29.06 28.50 144.38
CA UNK L 104 -29.22 28.58 145.82
C UNK L 104 -29.03 30.01 146.28
N UNK L 105 -28.03 30.67 145.74
CA UNK L 105 -27.40 31.78 146.40
C UNK L 105 -28.19 33.05 146.23
N UNK L 106 -28.95 33.14 145.16
CA UNK L 106 -30.05 34.07 145.16
C UNK L 106 -31.00 33.51 146.21
N UNK L 107 -31.13 34.23 147.32
CA UNK L 107 -31.65 33.66 148.53
C UNK L 107 -33.12 33.33 148.40
N UNK L 108 -33.91 34.36 148.13
CA UNK L 108 -35.36 34.32 148.24
C UNK L 108 -35.74 33.67 149.56
N UNK L 109 -35.23 34.28 150.60
CA UNK L 109 -35.01 33.63 151.88
C UNK L 109 -36.29 33.25 152.60
N UNK L 110 -37.45 33.49 152.02
CA UNK L 110 -38.64 32.79 152.40
C UNK L 110 -38.33 31.31 152.44
N UNK L 111 -38.28 30.81 153.67
CA UNK L 111 -37.73 29.50 153.91
C UNK L 111 -38.60 28.42 153.31
N UNK L 112 -39.86 28.74 153.04
CA UNK L 112 -40.66 27.90 152.19
C UNK L 112 -40.08 27.84 150.79
N UNK L 113 -39.60 28.95 150.26
CA UNK L 113 -39.02 28.85 148.94
C UNK L 113 -37.66 28.17 148.98
N UNK L 114 -36.96 28.30 150.11
CA UNK L 114 -35.77 27.48 150.33
C UNK L 114 -36.15 26.02 150.33
N UNK L 115 -37.27 25.70 150.98
CA UNK L 115 -37.77 24.34 150.95
C UNK L 115 -38.22 23.93 149.58
N UNK L 116 -38.57 24.88 148.74
CA UNK L 116 -38.88 24.52 147.37
C UNK L 116 -37.63 24.10 146.65
N UNK L 117 -36.54 24.81 146.91
CA UNK L 117 -35.26 24.37 146.37
C UNK L 117 -34.89 23.01 146.94
N UNK L 118 -35.22 22.79 148.20
CA UNK L 118 -34.85 21.56 148.86
C UNK L 118 -35.62 20.40 148.28
N UNK L 119 -36.90 20.59 148.05
CA UNK L 119 -37.68 19.55 147.43
C UNK L 119 -37.26 19.35 146.00
N UNK L 120 -36.70 20.38 145.37
CA UNK L 120 -36.22 20.20 144.03
C UNK L 120 -34.98 19.34 144.01
N UNK L 121 -34.00 19.65 144.85
CA UNK L 121 -32.78 18.84 144.89
C UNK L 121 -33.04 17.46 145.39
N UNK L 122 -33.93 17.31 146.35
CA UNK L 122 -34.25 15.99 146.86
C UNK L 122 -35.20 15.25 145.95
N UNK L 123 -34.80 15.05 144.69
CA UNK L 123 -35.22 13.90 143.89
C UNK L 123 -34.21 13.73 142.75
N UNK L 124 -33.23 12.82 142.94
CA UNK L 124 -32.84 11.87 141.90
C UNK L 124 -32.17 10.59 142.40
N UNK L 125 -31.50 10.66 143.54
CA UNK L 125 -30.41 9.75 143.89
C UNK L 125 -30.55 9.34 145.35
N UNK L 126 -29.52 8.76 145.93
CA UNK L 126 -29.63 8.29 147.29
C UNK L 126 -28.68 9.03 148.21
N UNK L 127 -29.12 9.16 149.47
CA UNK L 127 -28.74 10.25 150.37
C UNK L 127 -27.25 10.39 150.55
N UNK L 128 -26.50 9.32 150.37
CA UNK L 128 -25.07 9.48 150.41
C UNK L 128 -24.56 10.13 149.14
N UNK L 129 -25.07 9.73 147.99
CA UNK L 129 -24.73 10.43 146.78
C UNK L 129 -25.22 11.85 146.86
N UNK L 130 -26.33 12.05 147.55
CA UNK L 130 -26.83 13.39 147.77
C UNK L 130 -25.90 14.18 148.65
N UNK L 131 -25.28 13.53 149.62
CA UNK L 131 -24.46 14.28 150.54
C UNK L 131 -23.16 14.70 149.89
N UNK L 132 -22.59 13.85 149.06
CA UNK L 132 -21.39 14.27 148.36
C UNK L 132 -21.70 15.36 147.35
N UNK L 133 -22.87 15.28 146.71
CA UNK L 133 -23.27 16.39 145.87
C UNK L 133 -23.47 17.65 146.69
N UNK L 134 -23.92 17.51 147.93
CA UNK L 134 -24.07 18.68 148.76
C UNK L 134 -22.74 19.29 149.09
N UNK L 135 -21.72 18.46 149.24
CA UNK L 135 -20.40 19.03 149.48
C UNK L 135 -19.91 19.72 148.25
N UNK L 136 -20.28 19.23 147.08
CA UNK L 136 -19.94 19.97 145.89
C UNK L 136 -20.75 21.24 145.76
N UNK L 137 -21.87 21.32 146.44
CA UNK L 137 -22.57 22.58 146.53
C UNK L 137 -21.97 23.47 147.59
N UNK L 138 -21.14 22.93 148.47
CA UNK L 138 -20.55 23.72 149.53
C UNK L 138 -19.34 24.51 149.06
N UNK L 139 -19.29 24.86 147.78
CA UNK L 139 -18.26 25.72 147.26
C UNK L 139 -18.79 27.15 147.15
N UNK L 140 -18.89 27.81 148.31
CA UNK L 140 -19.17 29.24 148.36
C UNK L 140 -18.04 30.05 148.98
N UNK L 141 -17.66 29.82 150.23
CA UNK L 141 -16.55 30.65 150.69
C UNK L 141 -15.45 30.06 151.55
N UNK L 142 -15.82 29.37 152.61
CA UNK L 142 -14.92 29.22 153.75
C UNK L 142 -13.98 28.04 153.57
N UNK L 143 -12.89 28.06 154.33
CA UNK L 143 -12.02 26.89 154.38
C UNK L 143 -11.84 26.41 155.81
N UNK L 144 -11.58 27.33 156.72
CA UNK L 144 -11.54 26.98 158.12
C UNK L 144 -12.92 26.67 158.65
N UNK L 145 -13.91 27.42 158.20
CA UNK L 145 -15.29 27.20 158.58
C UNK L 145 -16.04 26.35 157.60
N UNK L 146 -15.41 25.98 156.50
CA UNK L 146 -15.90 24.86 155.73
C UNK L 146 -16.09 23.66 156.63
N UNK L 147 -15.07 23.37 157.41
CA UNK L 147 -15.14 22.29 158.37
C UNK L 147 -16.21 22.53 159.42
N UNK L 148 -16.39 23.77 159.83
CA UNK L 148 -17.39 24.02 160.84
C UNK L 148 -18.79 23.84 160.28
N UNK L 149 -18.97 24.19 159.01
CA UNK L 149 -20.26 23.98 158.37
C UNK L 149 -20.58 22.52 158.34
N UNK L 150 -19.60 21.71 157.95
CA UNK L 150 -19.86 20.29 157.90
C UNK L 150 -20.02 19.72 159.30
N UNK L 151 -19.35 20.33 160.28
CA UNK L 151 -19.49 19.88 161.65
C UNK L 151 -20.90 20.13 162.14
N UNK L 152 -21.40 21.31 161.85
CA UNK L 152 -22.74 21.65 162.28
C UNK L 152 -23.76 20.81 161.54
N UNK L 153 -23.53 20.54 160.28
CA UNK L 153 -24.55 19.83 159.53
C UNK L 153 -24.57 18.37 159.92
N UNK L 154 -23.40 17.79 160.18
CA UNK L 154 -23.35 16.44 160.68
C UNK L 154 -24.05 16.35 162.01
N UNK L 155 -23.88 17.40 162.82
CA UNK L 155 -24.61 17.47 164.07
C UNK L 155 -26.11 17.54 163.81
N UNK L 156 -26.50 18.26 162.76
CA UNK L 156 -27.92 18.40 162.49
C UNK L 156 -28.49 17.07 162.11
N UNK L 157 -27.77 16.33 161.28
CA UNK L 157 -28.24 15.04 160.83
C UNK L 157 -28.37 14.10 162.01
N UNK L 158 -27.43 14.24 162.94
CA UNK L 158 -27.52 13.50 164.18
C UNK L 158 -28.76 13.86 164.93
N UNK L 159 -29.13 15.13 164.92
CA UNK L 159 -30.35 15.53 165.61
C UNK L 159 -31.56 15.05 164.86
N UNK L 160 -31.42 14.90 163.54
CA UNK L 160 -32.55 14.54 162.72
C UNK L 160 -32.99 13.13 163.03
N UNK L 161 -32.05 12.21 162.98
CA UNK L 161 -32.39 10.87 163.44
C UNK L 161 -32.56 10.85 164.94
N UNK L 162 -31.92 11.77 165.63
CA UNK L 162 -32.03 11.88 167.07
C UNK L 162 -33.10 12.88 167.41
N UNK L 163 -34.24 12.76 166.78
CA UNK L 163 -35.43 13.40 167.27
C UNK L 163 -36.19 12.36 168.08
N UNK L 164 -37.37 12.73 168.53
CA UNK L 164 -38.42 11.77 168.74
C UNK L 164 -39.62 12.24 167.93
N UNK L 165 -39.33 12.96 166.86
CA UNK L 165 -40.31 13.25 165.82
C UNK L 165 -40.51 12.01 164.97
N UNK L 166 -41.03 10.98 165.60
CA UNK L 166 -40.85 9.63 165.10
C UNK L 166 -42.00 9.21 164.21
N UNK L 167 -42.31 10.01 163.23
CA UNK L 167 -43.33 9.62 162.29
C UNK L 167 -43.06 10.09 160.88
N UNK L 168 -41.92 10.69 160.60
CA UNK L 168 -41.68 11.14 159.25
C UNK L 168 -41.34 9.96 158.36
N UNK L 169 -41.51 10.14 157.08
CA UNK L 169 -40.91 9.19 156.18
C UNK L 169 -39.41 9.33 156.24
N UNK L 170 -38.72 8.28 155.85
CA UNK L 170 -37.28 8.38 155.73
C UNK L 170 -36.90 9.43 154.72
N UNK L 171 -37.65 9.52 153.64
CA UNK L 171 -37.42 10.62 152.73
C UNK L 171 -37.87 11.93 153.33
N UNK L 172 -38.85 11.91 154.21
CA UNK L 172 -39.25 13.17 154.81
C UNK L 172 -38.17 13.69 155.74
N UNK L 173 -37.64 12.81 156.57
CA UNK L 173 -36.56 13.18 157.43
C UNK L 173 -35.34 13.56 156.63
N UNK L 174 -35.16 12.94 155.48
CA UNK L 174 -34.08 13.33 154.62
C UNK L 174 -34.27 14.72 154.10
N UNK L 175 -35.50 15.10 153.77
CA UNK L 175 -35.73 16.47 153.33
C UNK L 175 -35.45 17.42 154.45
N UNK L 176 -35.82 17.06 155.67
CA UNK L 176 -35.56 17.93 156.80
C UNK L 176 -34.06 18.09 157.02
N UNK L 177 -33.31 17.02 156.88
CA UNK L 177 -31.89 17.09 157.16
C UNK L 177 -31.17 17.86 156.07
N UNK L 178 -31.53 17.63 154.83
CA UNK L 178 -30.90 18.38 153.76
C UNK L 178 -31.29 19.84 153.83
N UNK L 179 -32.48 20.11 154.33
CA UNK L 179 -32.92 21.48 154.49
C UNK L 179 -32.03 22.21 155.48
N UNK L 180 -31.80 21.61 156.64
CA UNK L 180 -30.97 22.25 157.64
C UNK L 180 -29.56 22.43 157.14
N UNK L 181 -29.08 21.49 156.35
CA UNK L 181 -27.72 21.59 155.85
C UNK L 181 -27.59 22.72 154.86
N UNK L 182 -28.47 22.78 153.88
CA UNK L 182 -28.40 23.87 152.94
C UNK L 182 -28.73 25.19 153.63
N UNK L 183 -29.51 25.15 154.71
CA UNK L 183 -29.87 26.38 155.40
C UNK L 183 -28.67 26.99 156.08
N UNK L 184 -27.94 26.19 156.84
CA UNK L 184 -26.80 26.75 157.53
C UNK L 184 -25.73 27.12 156.56
N UNK L 185 -25.71 26.47 155.40
CA UNK L 185 -24.87 26.99 154.33
C UNK L 185 -25.31 28.37 153.93
N UNK L 186 -26.61 28.60 153.89
CA UNK L 186 -27.07 29.91 153.46
C UNK L 186 -26.77 30.98 154.50
N UNK L 187 -26.85 30.63 155.78
CA UNK L 187 -26.53 31.61 156.81
C UNK L 187 -25.05 31.93 156.81
N UNK L 188 -24.23 30.97 156.41
CA UNK L 188 -22.84 31.30 156.16
C UNK L 188 -22.69 32.27 155.02
N UNK L 189 -23.50 32.09 153.99
CA UNK L 189 -23.40 32.98 152.83
C UNK L 189 -23.78 34.38 153.18
N UNK L 190 -24.67 34.56 154.15
CA UNK L 190 -24.97 35.90 154.60
C UNK L 190 -23.89 36.42 155.53
N UNK L 191 -23.71 35.77 156.67
CA UNK L 191 -22.81 36.31 157.68
C UNK L 191 -21.33 36.06 157.37
N UNK L 192 -34.55 -24.76 152.31
CA UNK L 192 -33.53 -24.56 153.30
C UNK L 192 -32.27 -24.00 152.67
N UNK L 193 -31.77 -24.69 151.69
CA UNK L 193 -30.51 -24.34 151.08
C UNK L 193 -30.65 -24.00 149.62
N UNK L 194 -31.72 -23.29 149.26
CA UNK L 194 -31.73 -22.57 148.00
C UNK L 194 -31.21 -21.16 148.20
N UNK L 195 -30.01 -21.08 148.76
CA UNK L 195 -29.16 -19.90 148.81
C UNK L 195 -28.26 -19.85 147.61
N UNK L 196 -28.39 -20.86 146.76
CA UNK L 196 -27.72 -20.83 145.49
C UNK L 196 -28.13 -19.62 144.68
N UNK L 197 -29.35 -19.18 144.88
CA UNK L 197 -29.74 -17.92 144.29
C UNK L 197 -29.02 -16.77 144.93
N UNK L 198 -28.67 -16.85 146.21
CA UNK L 198 -27.99 -15.72 146.82
C UNK L 198 -26.66 -15.53 146.16
N UNK L 199 -25.96 -16.62 145.95
CA UNK L 199 -24.71 -16.47 145.24
C UNK L 199 -24.93 -16.13 143.79
N UNK L 200 -26.02 -16.61 143.19
CA UNK L 200 -26.21 -16.35 141.76
C UNK L 200 -26.52 -14.90 141.52
N UNK L 201 -27.39 -14.36 142.33
CA UNK L 201 -27.77 -12.99 142.19
C UNK L 201 -26.64 -12.08 142.54
N UNK L 202 -25.92 -12.39 143.62
CA UNK L 202 -24.81 -11.55 143.96
C UNK L 202 -23.73 -11.63 142.90
N UNK L 203 -23.62 -12.77 142.22
CA UNK L 203 -22.60 -12.91 141.20
C UNK L 203 -22.94 -12.07 139.99
N UNK L 204 -24.19 -12.13 139.54
CA UNK L 204 -24.59 -11.30 138.42
C UNK L 204 -24.47 -9.84 138.76
N UNK L 205 -24.82 -9.50 139.99
CA UNK L 205 -24.70 -8.13 140.41
C UNK L 205 -23.27 -7.69 140.37
N UNK L 206 -22.39 -8.39 141.06
CA UNK L 206 -21.03 -7.89 141.18
C UNK L 206 -20.30 -7.92 139.87
N UNK L 207 -20.72 -8.74 138.93
CA UNK L 207 -20.20 -8.55 137.60
C UNK L 207 -20.67 -7.23 137.04
N UNK L 208 -21.95 -6.91 137.23
CA UNK L 208 -22.45 -5.66 136.65
C UNK L 208 -21.84 -4.46 137.35
N UNK L 209 -21.75 -4.50 138.65
CA UNK L 209 -21.20 -3.38 139.36
C UNK L 209 -19.71 -3.29 139.20
N UNK L 210 -19.00 -4.37 138.86
CA UNK L 210 -17.56 -4.22 138.61
C UNK L 210 -17.33 -3.57 137.29
N UNK L 211 -18.00 -4.08 136.26
CA UNK L 211 -17.82 -3.46 134.96
C UNK L 211 -18.37 -2.07 134.92
N UNK L 212 -19.27 -1.72 135.82
CA UNK L 212 -19.54 -0.32 136.03
C UNK L 212 -18.34 0.37 136.66
N UNK L 213 -18.02 -0.01 137.87
CA UNK L 213 -17.20 0.85 138.68
C UNK L 213 -15.75 0.84 138.30
N UNK L 214 -15.33 0.05 137.33
CA UNK L 214 -13.94 0.19 136.91
C UNK L 214 -13.86 1.21 135.79
N UNK L 215 -14.38 0.84 134.62
CA UNK L 215 -14.46 1.68 133.44
C UNK L 215 -13.15 2.41 133.13
N UNK L 216 -12.04 1.68 133.11
CA UNK L 216 -10.75 2.21 132.64
C UNK L 216 -9.92 1.03 132.20
N UNK L 217 -9.89 0.77 130.89
CA UNK L 217 -9.54 -0.56 130.36
C UNK L 217 -8.12 -0.60 129.83
N UNK L 218 -7.27 -1.33 130.55
CA UNK L 218 -5.95 -1.73 130.10
C UNK L 218 -5.71 -3.15 130.58
N UNK L 219 -4.59 -3.74 130.15
CA UNK L 219 -4.43 -5.19 130.13
C UNK L 219 -3.44 -5.72 131.17
N UNK L 220 -2.17 -5.29 131.13
CA UNK L 220 -1.21 -5.24 132.25
C UNK L 220 -1.27 -6.34 133.32
N UNK L 221 -1.03 -7.60 132.93
CA UNK L 221 -1.72 -8.77 133.47
C UNK L 221 -1.67 -8.92 134.98
N UNK L 222 -0.48 -9.16 135.53
CA UNK L 222 -0.41 -9.38 136.96
C UNK L 222 -0.68 -8.08 137.70
N UNK L 223 -0.27 -6.97 137.11
CA UNK L 223 -0.59 -5.69 137.70
C UNK L 223 -2.05 -5.39 137.58
N UNK L 224 -2.68 -5.90 136.52
CA UNK L 224 -4.13 -5.82 136.46
C UNK L 224 -4.75 -6.56 137.63
N UNK L 225 -4.19 -7.72 138.00
CA UNK L 225 -4.72 -8.46 139.14
C UNK L 225 -4.60 -7.63 140.42
N UNK L 226 -3.40 -7.16 140.70
CA UNK L 226 -3.14 -6.50 141.97
C UNK L 226 -3.89 -5.21 142.09
N UNK L 227 -3.65 -4.31 141.16
CA UNK L 227 -4.27 -3.01 141.31
C UNK L 227 -5.72 -3.04 140.93
N UNK L 228 -6.21 -4.07 140.26
CA UNK L 228 -7.62 -4.05 139.98
C UNK L 228 -8.40 -4.42 141.20
N UNK L 229 -7.91 -5.37 141.98
CA UNK L 229 -8.55 -5.61 143.26
C UNK L 229 -8.42 -4.39 144.14
N UNK L 230 -7.26 -3.73 144.08
CA UNK L 230 -7.04 -2.54 144.89
C UNK L 230 -7.99 -1.43 144.51
N UNK L 231 -8.04 -1.10 143.24
CA UNK L 231 -8.81 0.04 142.77
C UNK L 231 -10.28 -0.19 142.92
N UNK L 232 -10.73 -1.42 142.70
CA UNK L 232 -12.15 -1.68 142.87
C UNK L 232 -12.52 -1.55 144.32
N UNK L 233 -11.63 -1.98 145.21
CA UNK L 233 -11.90 -1.71 146.61
C UNK L 233 -11.76 -0.23 146.91
N UNK L 234 -10.94 0.46 146.13
CA UNK L 234 -10.69 1.86 146.43
C UNK L 234 -11.92 2.66 146.05
N UNK L 235 -12.27 2.62 144.82
CA UNK L 235 -13.40 3.27 144.23
C UNK L 235 -14.59 2.65 144.57
N UNK L 236 -14.60 1.67 145.46
CA UNK L 236 -15.76 1.34 146.25
C UNK L 236 -15.99 2.40 147.29
N UNK L 237 -16.88 2.11 148.20
CA UNK L 237 -17.26 3.09 149.19
C UNK L 237 -16.13 3.39 150.15
N UNK L 238 -16.12 4.61 150.65
CA UNK L 238 -15.16 5.07 151.64
C UNK L 238 -15.76 6.29 152.30
N UNK L 239 -14.89 7.08 152.91
CA UNK L 239 -15.30 8.20 153.74
C UNK L 239 -14.43 9.42 153.48
N UNK L 240 -14.29 9.85 152.23
CA UNK L 240 -13.21 10.79 151.94
C UNK L 240 -13.54 12.24 152.29
N UNK L 241 -14.38 12.90 151.49
CA UNK L 241 -14.95 14.23 151.75
C UNK L 241 -13.94 15.31 152.16
N UNK L 242 -13.08 15.71 151.23
CA UNK L 242 -12.09 16.75 151.53
C UNK L 242 -11.63 17.42 150.25
N UNK L 243 -11.48 18.76 150.26
CA UNK L 243 -11.01 19.46 149.07
C UNK L 243 -10.11 20.66 149.37
N UNK L 244 -9.17 20.55 150.31
CA UNK L 244 -8.16 21.58 150.56
C UNK L 244 -7.01 21.00 151.38
N UNK L 245 -5.78 21.39 151.06
CA UNK L 245 -4.62 20.70 151.61
C UNK L 245 -3.81 21.58 152.53
N UNK L 246 -3.05 20.89 153.37
CA UNK L 246 -1.94 21.49 154.09
C UNK L 246 -0.72 21.60 153.21
N UNK L 247 -0.72 20.88 152.09
CA UNK L 247 0.46 20.58 151.31
C UNK L 247 1.59 20.16 152.25
N UNK L 248 1.28 19.17 153.10
CA UNK L 248 2.14 18.82 154.23
C UNK L 248 3.18 17.79 153.84
N UNK L 249 2.73 16.62 153.40
CA UNK L 249 3.53 15.57 152.74
C UNK L 249 4.60 14.99 153.65
N UNK L 250 4.21 14.73 154.88
CA UNK L 250 5.00 13.90 155.79
C UNK L 250 4.12 12.76 156.29
N UNK L 251 3.41 12.14 155.37
CA UNK L 251 2.67 10.91 155.63
C UNK L 251 2.82 10.01 154.41
N UNK L 252 2.99 8.72 154.66
CA UNK L 252 3.23 7.75 153.59
C UNK L 252 2.13 6.70 153.64
N UNK L 253 1.00 7.00 152.98
CA UNK L 253 -0.16 6.11 152.89
C UNK L 253 0.07 5.06 151.83
N UNK L 254 -1.00 4.44 151.37
CA UNK L 254 -0.91 3.35 150.42
C UNK L 254 -0.29 3.80 149.11
N UNK L 255 0.65 3.00 148.62
CA UNK L 255 1.41 3.32 147.42
C UNK L 255 0.70 2.91 146.16
N UNK L 256 -0.63 2.80 146.20
CA UNK L 256 -1.42 2.48 145.03
C UNK L 256 -1.16 3.45 143.91
N UNK L 257 -1.35 4.74 144.20
CA UNK L 257 -1.03 5.76 143.23
C UNK L 257 0.46 5.88 143.01
N UNK L 258 1.29 5.39 143.92
CA UNK L 258 2.72 5.47 143.69
C UNK L 258 3.16 4.48 142.63
N UNK L 259 2.59 3.28 142.66
CA UNK L 259 2.85 2.32 141.59
C UNK L 259 2.22 2.77 140.29
N UNK L 260 1.05 3.39 140.39
CA UNK L 260 0.47 4.02 139.21
C UNK L 260 1.35 5.16 138.71
N UNK L 261 2.00 5.86 139.62
CA UNK L 261 2.88 6.93 139.24
C UNK L 261 4.14 6.38 138.63
N UNK L 262 4.54 5.20 139.07
CA UNK L 262 5.65 4.50 138.43
C UNK L 262 5.28 4.15 137.00
N UNK L 263 4.04 3.70 136.80
CA UNK L 263 3.56 3.43 135.46
C UNK L 263 3.42 4.71 134.65
N UNK L 264 3.02 5.80 135.30
CA UNK L 264 2.81 7.05 134.59
C UNK L 264 4.14 7.66 134.17
N UNK L 265 5.13 7.61 135.07
CA UNK L 265 6.48 7.99 134.74
C UNK L 265 7.05 7.10 133.67
N UNK L 266 6.65 5.83 133.65
CA UNK L 266 7.06 4.94 132.58
C UNK L 266 6.46 5.37 131.26
N UNK L 267 5.22 5.84 131.31
CA UNK L 267 4.57 6.30 130.09
C UNK L 267 5.23 7.56 129.56
N UNK L 268 5.45 8.53 130.44
CA UNK L 268 6.02 9.79 130.00
C UNK L 268 7.49 9.65 129.67
N UNK L 269 8.19 8.74 130.33
CA UNK L 269 9.59 8.53 130.00
C UNK L 269 9.73 7.67 128.76
N UNK L 270 8.75 6.83 128.46
CA UNK L 270 8.82 6.06 127.23
C UNK L 270 8.42 6.93 126.06
N UNK L 271 7.44 7.80 126.25
CA UNK L 271 7.19 8.83 125.25
C UNK L 271 8.34 9.82 125.22
N UNK L 272 9.06 9.98 126.31
CA UNK L 272 10.17 10.90 126.33
C UNK L 272 11.36 10.30 125.61
N UNK L 273 11.54 9.01 125.73
CA UNK L 273 12.49 8.33 124.88
C UNK L 273 12.01 8.34 123.45
N UNK L 274 10.70 8.28 123.25
CA UNK L 274 10.16 8.28 121.90
C UNK L 274 10.37 9.63 121.25
N UNK L 275 10.10 10.70 121.98
CA UNK L 275 10.34 12.02 121.45
C UNK L 275 11.83 12.32 121.40
N UNK L 276 12.60 11.72 122.31
CA UNK L 276 14.04 11.84 122.29
C UNK L 276 14.58 11.24 121.01
N UNK L 277 14.15 10.05 120.69
CA UNK L 277 14.52 9.43 119.43
C UNK L 277 13.87 10.13 118.25
N UNK L 278 12.77 10.85 118.48
CA UNK L 278 12.14 11.58 117.40
C UNK L 278 13.00 12.77 117.00
N UNK L 279 13.49 13.52 117.97
CA UNK L 279 14.48 14.55 117.69
C UNK L 279 15.76 13.93 117.18
N UNK L 280 16.08 12.74 117.67
CA UNK L 280 17.20 11.97 117.20
C UNK L 280 16.86 11.16 115.97
N UNK L 281 15.86 11.60 115.20
CA UNK L 281 15.78 11.23 113.80
C UNK L 281 16.65 12.17 112.95
N UNK L 282 19.53 32.63 121.41
CA UNK L 282 19.58 32.63 122.86
C UNK L 282 20.22 31.36 123.32
N UNK L 283 20.06 31.05 124.61
CA UNK L 283 20.41 29.72 125.11
C UNK L 283 19.10 29.11 125.58
N UNK L 284 18.32 28.66 124.62
CA UNK L 284 17.22 27.75 124.87
C UNK L 284 17.71 26.33 124.62
N UNK L 285 18.84 26.03 125.26
CA UNK L 285 19.58 24.84 124.93
C UNK L 285 19.28 23.70 125.88
N UNK L 286 18.08 23.62 126.43
CA UNK L 286 17.68 22.49 127.28
C UNK L 286 17.37 21.33 126.36
N UNK L 287 18.44 20.74 125.81
CA UNK L 287 18.39 20.18 124.48
C UNK L 287 17.68 18.84 124.45
N UNK L 288 18.26 17.84 125.11
CA UNK L 288 17.76 16.49 124.98
C UNK L 288 16.65 16.16 125.96
N UNK L 289 16.04 17.16 126.57
CA UNK L 289 14.79 16.96 127.27
C UNK L 289 13.88 18.14 127.01
N UNK L 290 13.96 18.71 125.81
CA UNK L 290 13.21 19.90 125.47
C UNK L 290 11.73 19.61 125.33
N UNK L 291 11.07 19.33 126.44
CA UNK L 291 9.77 18.70 126.38
C UNK L 291 9.04 18.93 127.68
N UNK L 292 7.97 19.69 127.64
CA UNK L 292 7.01 19.66 128.70
C UNK L 292 6.03 18.54 128.41
N UNK L 293 4.98 18.39 129.21
CA UNK L 293 3.95 17.41 128.92
C UNK L 293 3.12 17.78 127.70
N UNK L 294 3.31 18.97 127.14
CA UNK L 294 2.80 19.31 125.83
C UNK L 294 3.76 18.94 124.70
N UNK L 295 4.67 17.99 124.93
CA UNK L 295 5.46 17.48 123.81
C UNK L 295 4.71 16.43 123.01
N UNK L 296 3.60 15.93 123.57
CA UNK L 296 2.76 14.96 122.88
C UNK L 296 2.28 15.49 121.55
N UNK L 297 1.78 16.73 121.56
CA UNK L 297 1.32 17.39 120.35
C UNK L 297 2.43 17.53 119.33
N UNK L 298 3.66 17.76 119.80
CA UNK L 298 4.81 17.83 118.91
C UNK L 298 5.00 16.51 118.18
N UNK L 299 4.94 15.42 118.95
CA UNK L 299 5.12 14.09 118.38
C UNK L 299 4.07 13.80 117.34
N UNK L 300 2.83 14.13 117.67
CA UNK L 300 1.70 13.76 116.83
C UNK L 300 1.70 14.51 115.51
N UNK L 301 1.85 15.83 115.58
CA UNK L 301 1.82 16.61 114.35
C UNK L 301 3.03 16.32 113.49
N UNK L 302 4.15 15.98 114.11
CA UNK L 302 5.28 15.46 113.35
C UNK L 302 4.88 14.19 112.61
N UNK L 303 4.21 13.28 113.31
CA UNK L 303 3.84 11.99 112.75
C UNK L 303 2.89 12.14 111.59
N UNK L 304 1.84 12.92 111.77
CA UNK L 304 0.85 13.04 110.71
C UNK L 304 1.32 13.94 109.60
N UNK L 305 2.25 14.86 109.86
CA UNK L 305 2.76 15.69 108.78
C UNK L 305 3.65 14.90 107.85
N UNK L 306 4.55 14.11 108.45
CA UNK L 306 5.33 13.21 107.65
C UNK L 306 4.45 12.14 107.03
N UNK L 307 3.37 11.77 107.69
CA UNK L 307 2.39 10.90 107.09
C UNK L 307 1.63 11.58 105.96
N UNK L 308 1.50 12.90 106.02
CA UNK L 308 0.74 13.62 105.02
C UNK L 308 1.50 13.67 103.71
N UNK L 309 2.76 14.08 103.78
CA UNK L 309 3.62 13.88 102.62
C UNK L 309 3.85 12.41 102.31
N UNK L 310 3.68 11.51 103.28
CA UNK L 310 3.88 10.11 102.99
C UNK L 310 2.71 9.52 102.24
N UNK L 311 1.51 9.97 102.56
CA UNK L 311 0.36 9.55 101.78
C UNK L 311 0.33 10.26 100.47
N UNK L 312 0.97 11.44 100.39
CA UNK L 312 1.17 12.09 99.10
C UNK L 312 2.06 11.22 98.23
N UNK L 313 3.14 10.71 98.80
CA UNK L 313 3.95 9.71 98.12
C UNK L 313 3.12 8.50 97.73
N UNK L 314 2.27 8.04 98.63
CA UNK L 314 1.44 6.87 98.37
C UNK L 314 0.50 7.12 97.21
N UNK L 315 -0.08 8.32 97.15
CA UNK L 315 -1.07 8.64 96.14
C UNK L 315 -0.44 8.86 94.79
N UNK L 316 0.71 9.53 94.76
CA UNK L 316 1.36 9.80 93.50
C UNK L 316 1.94 8.51 92.92
N UNK L 317 2.67 7.76 93.73
CA UNK L 317 3.18 6.47 93.31
C UNK L 317 2.09 5.41 93.17
N UNK L 318 0.84 5.70 93.57
CA UNK L 318 -0.22 4.70 93.48
C UNK L 318 -0.59 4.39 92.04
N UNK L 319 -1.13 5.36 91.32
CA UNK L 319 -1.74 5.06 90.02
C UNK L 319 -1.61 6.28 89.11
N UNK L 320 -2.36 6.26 88.01
CA UNK L 320 -2.05 6.98 86.78
C UNK L 320 -2.43 8.46 86.84
N UNK L 321 -2.53 9.07 85.65
CA UNK L 321 -2.27 10.48 85.37
C UNK L 321 -3.07 11.45 86.21
N UNK L 322 -2.37 12.13 87.12
CA UNK L 322 -2.89 13.17 87.99
C UNK L 322 -1.73 13.82 88.72
N UNK L 323 -1.81 15.14 88.88
CA UNK L 323 -1.04 15.83 89.91
C UNK L 323 -1.87 16.89 90.60
N UNK L 324 -3.15 17.05 90.23
CA UNK L 324 -4.06 17.86 91.01
C UNK L 324 -4.37 17.21 92.34
N UNK L 325 -4.28 15.88 92.40
CA UNK L 325 -4.29 15.18 93.67
C UNK L 325 -3.10 15.58 94.52
N UNK L 326 -1.92 15.69 93.91
CA UNK L 326 -0.75 16.10 94.68
C UNK L 326 -0.82 17.56 95.07
N UNK L 327 -1.44 18.39 94.25
CA UNK L 327 -1.65 19.78 94.65
C UNK L 327 -2.61 19.85 95.82
N UNK L 328 -3.59 18.95 95.86
CA UNK L 328 -4.41 18.85 97.06
C UNK L 328 -3.58 18.39 98.24
N UNK L 329 -2.60 17.55 98.00
CA UNK L 329 -1.69 17.20 99.08
C UNK L 329 -0.80 18.37 99.47
N UNK L 330 -0.62 19.34 98.56
CA UNK L 330 0.11 20.54 98.94
C UNK L 330 -0.71 21.43 99.87
N UNK L 331 -2.00 21.14 100.06
CA UNK L 331 -2.79 21.68 101.16
C UNK L 331 -2.91 20.72 102.33
N UNK L 332 -2.89 19.42 102.05
CA UNK L 332 -2.88 18.43 103.11
C UNK L 332 -1.65 18.58 104.00
N UNK L 333 -0.52 18.91 103.40
CA UNK L 333 0.64 19.34 104.17
C UNK L 333 0.37 20.64 104.86
N UNK L 334 -0.31 21.58 104.18
CA UNK L 334 -0.41 22.96 104.64
C UNK L 334 -1.23 23.09 105.90
N UNK L 335 -2.07 22.10 106.18
CA UNK L 335 -2.83 22.10 107.42
C UNK L 335 -1.96 21.96 108.67
N UNK L 336 -0.68 21.63 108.53
CA UNK L 336 0.21 21.36 109.67
C UNK L 336 0.79 22.61 110.31
N UNK L 337 0.65 23.77 109.68
CA UNK L 337 1.18 25.02 110.20
C UNK L 337 0.44 25.51 111.44
N UNK L 338 -0.69 24.90 111.79
CA UNK L 338 -1.64 25.53 112.70
C UNK L 338 -1.20 25.43 114.15
N UNK L 339 -0.95 24.22 114.62
CA UNK L 339 -0.83 24.01 116.05
C UNK L 339 0.56 24.25 116.57
N UNK L 340 1.33 25.15 115.98
CA UNK L 340 2.65 25.46 116.52
C UNK L 340 2.63 26.56 117.57
N UNK L 341 1.52 27.27 117.75
CA UNK L 341 1.46 28.28 118.80
C UNK L 341 1.08 27.66 120.14
N UNK L 342 -0.15 27.14 120.21
CA UNK L 342 -0.60 25.96 120.96
C UNK L 342 0.13 25.69 122.26
N UNK L 343 0.25 26.71 123.11
CA UNK L 343 0.97 26.66 124.38
C UNK L 343 2.41 26.18 124.18
N UNK L 344 3.04 26.65 123.10
CA UNK L 344 4.41 26.28 122.77
C UNK L 344 5.40 27.18 123.52
N UNK L 345 5.40 27.03 124.84
CA UNK L 345 5.90 28.08 125.71
C UNK L 345 7.40 28.21 125.71
N UNK L 346 8.12 27.17 125.29
CA UNK L 346 9.57 27.25 125.30
C UNK L 346 10.05 28.08 124.13
N UNK L 347 11.29 28.54 124.24
CA UNK L 347 12.02 28.98 123.07
C UNK L 347 12.79 27.83 122.43
N UNK L 348 12.66 26.63 123.01
CA UNK L 348 13.32 25.43 122.54
C UNK L 348 12.37 24.46 121.85
N UNK L 349 11.12 24.42 122.30
CA UNK L 349 10.19 23.40 121.83
C UNK L 349 9.90 23.56 120.36
N UNK L 350 9.33 24.70 119.99
CA UNK L 350 8.94 24.93 118.60
C UNK L 350 10.15 24.92 117.68
N UNK L 351 11.22 25.57 118.12
CA UNK L 351 12.41 25.72 117.30
C UNK L 351 13.06 24.37 117.02
N UNK L 352 13.49 23.69 118.08
CA UNK L 352 14.18 22.42 117.94
C UNK L 352 13.28 21.36 117.33
N UNK L 353 11.98 21.39 117.63
CA UNK L 353 11.09 20.35 117.14
C UNK L 353 10.88 20.47 115.66
N UNK L 354 10.65 21.71 115.19
CA UNK L 354 10.52 21.95 113.77
C UNK L 354 11.78 21.58 113.05
N UNK L 355 12.93 21.94 113.64
CA UNK L 355 14.22 21.58 113.09
C UNK L 355 14.36 20.08 112.96
N UNK L 356 13.84 19.34 113.93
CA UNK L 356 14.01 17.90 113.96
C UNK L 356 13.18 17.22 112.88
N UNK L 357 11.90 17.60 112.77
CA UNK L 357 11.03 16.91 111.81
C UNK L 357 11.36 17.31 110.38
N UNK L 358 11.66 18.59 110.16
CA UNK L 358 12.09 19.03 108.84
C UNK L 358 13.43 18.41 108.47
N UNK L 359 14.34 18.34 109.44
CA UNK L 359 15.63 17.68 109.28
C UNK L 359 15.48 16.22 108.98
N UNK L 360 14.41 15.61 109.47
CA UNK L 360 14.15 14.22 109.19
C UNK L 360 13.76 14.04 107.74
N UNK L 361 12.65 14.64 107.33
CA UNK L 361 12.25 14.31 105.99
C UNK L 361 12.88 15.25 104.98
N UNK L 362 12.54 16.54 105.06
CA UNK L 362 12.72 17.46 103.95
C UNK L 362 14.19 17.76 103.68
N UNK L 363 14.99 17.80 104.74
CA UNK L 363 16.43 17.88 104.55
C UNK L 363 16.94 16.62 103.90
N UNK L 364 16.54 15.47 104.40
CA UNK L 364 16.95 14.22 103.82
C UNK L 364 16.12 13.83 102.62
N UNK L 365 15.12 14.62 102.25
CA UNK L 365 14.33 14.29 101.08
C UNK L 365 15.07 14.53 99.78
N UNK L 366 16.31 15.00 99.84
CA UNK L 366 17.22 14.89 98.71
C UNK L 366 17.84 13.49 98.71
N UNK L 367 18.86 13.34 97.89
CA UNK L 367 19.94 12.37 98.02
C UNK L 367 19.59 10.92 97.71
N UNK L 368 18.31 10.54 97.60
CA UNK L 368 18.02 9.12 97.44
C UNK L 368 18.23 8.65 96.00
N UNK L 369 17.43 9.19 95.08
CA UNK L 369 17.68 8.89 93.69
C UNK L 369 18.94 9.55 93.21
N UNK L 370 19.43 10.54 93.95
CA UNK L 370 20.80 10.95 93.74
C UNK L 370 21.77 9.85 94.07
N UNK L 371 21.53 9.06 95.09
CA UNK L 371 22.46 7.98 95.37
C UNK L 371 22.33 6.91 94.33
N UNK L 372 21.13 6.70 93.85
CA UNK L 372 20.96 5.81 92.70
C UNK L 372 21.65 6.37 91.47
N UNK L 373 21.68 7.69 91.35
CA UNK L 373 22.39 8.32 90.25
C UNK L 373 23.87 8.21 90.47
N UNK L 374 24.30 8.22 91.71
CA UNK L 374 25.69 7.98 92.03
C UNK L 374 26.08 6.58 91.64
N UNK L 375 25.13 5.65 91.75
CA UNK L 375 25.34 4.34 91.21
C UNK L 375 25.29 4.46 89.71
N UNK L 376 26.45 4.74 89.13
CA UNK L 376 26.60 4.90 87.69
C UNK L 376 26.59 3.52 87.06
N UNK L 377 25.40 2.91 87.00
CA UNK L 377 25.40 1.49 86.72
C UNK L 377 25.62 1.25 85.25
N UNK L 378 24.67 1.56 84.40
CA UNK L 378 24.87 1.28 83.00
C UNK L 378 24.02 2.21 82.20
N UNK L 379 24.39 2.32 80.93
CA UNK L 379 23.70 3.19 80.00
C UNK L 379 22.23 2.83 79.92
N UNK L 380 21.93 1.59 79.56
CA UNK L 380 20.56 1.17 79.49
C UNK L 380 19.92 1.13 80.87
N UNK L 381 20.73 0.97 81.91
CA UNK L 381 20.17 0.93 83.25
C UNK L 381 19.64 2.28 83.66
N UNK L 382 20.46 3.30 83.53
CA UNK L 382 20.01 4.64 83.83
C UNK L 382 18.98 5.08 82.81
N UNK L 383 19.03 4.51 81.61
CA UNK L 383 17.97 4.74 80.66
C UNK L 383 16.68 4.14 81.15
N UNK L 384 16.78 3.05 81.89
CA UNK L 384 15.58 2.47 82.43
C UNK L 384 15.08 3.27 83.59
N UNK L 385 15.98 3.83 84.38
CA UNK L 385 15.52 4.61 85.52
C UNK L 385 14.94 5.94 85.06
N UNK L 386 15.54 6.53 84.04
CA UNK L 386 14.98 7.70 83.43
C UNK L 386 13.63 7.40 82.83
N UNK L 387 13.52 6.26 82.16
CA UNK L 387 12.25 5.75 81.71
C UNK L 387 11.30 5.53 82.86
N UNK L 388 11.82 5.17 84.02
CA UNK L 388 10.96 4.91 85.16
C UNK L 388 10.40 6.19 85.74
N UNK L 389 11.27 7.16 85.98
CA UNK L 389 10.80 8.43 86.52
C UNK L 389 9.94 9.14 85.51
N UNK L 390 10.26 8.99 84.23
CA UNK L 390 9.41 9.52 83.19
C UNK L 390 8.11 8.76 83.07
N UNK L 391 8.08 7.50 83.51
CA UNK L 391 6.81 6.80 83.59
C UNK L 391 5.97 7.38 84.69
N UNK L 392 6.60 7.67 85.81
CA UNK L 392 5.92 8.31 86.91
C UNK L 392 5.86 9.83 86.77
N UNK L 393 6.14 10.36 85.59
CA UNK L 393 6.15 11.81 85.36
C UNK L 393 4.72 12.34 85.33
N UNK L 394 4.12 12.44 86.51
CA UNK L 394 2.85 13.15 86.60
C UNK L 394 3.07 14.64 86.44
N UNK L 395 4.09 15.17 87.08
CA UNK L 395 4.51 16.55 86.89
C UNK L 395 5.58 16.58 85.82
N UNK L 396 5.34 17.36 84.78
CA UNK L 396 6.31 17.54 83.73
C UNK L 396 7.35 18.59 84.09
N UNK L 397 7.08 19.41 85.08
CA UNK L 397 7.89 20.58 85.34
C UNK L 397 8.46 20.62 86.74
N UNK L 398 7.72 20.16 87.74
CA UNK L 398 8.35 19.90 89.03
C UNK L 398 9.36 18.77 88.91
N UNK L 399 9.18 17.89 87.92
CA UNK L 399 10.25 16.98 87.54
C UNK L 399 11.48 17.74 87.06
N UNK L 400 11.27 18.76 86.22
CA UNK L 400 12.38 19.58 85.78
C UNK L 400 13.00 20.36 86.91
N UNK L 401 12.25 20.58 87.99
CA UNK L 401 12.82 21.08 89.24
C UNK L 401 13.57 19.99 90.00
N UNK L 402 13.04 18.77 89.95
CA UNK L 402 13.67 17.67 90.65
C UNK L 402 15.02 17.36 90.05
N UNK L 403 15.17 17.57 88.75
CA UNK L 403 16.48 17.49 88.12
C UNK L 403 17.44 18.49 88.72
N UNK L 404 16.95 19.66 89.09
CA UNK L 404 17.84 20.57 89.76
C UNK L 404 18.12 20.12 91.17
N UNK L 405 17.15 19.44 91.79
CA UNK L 405 17.38 18.94 93.13
C UNK L 405 18.46 17.88 93.12
N UNK L 406 18.53 17.14 92.03
CA UNK L 406 19.70 16.32 91.78
C UNK L 406 20.93 17.18 91.59
N UNK L 407 20.81 18.22 90.76
CA UNK L 407 21.96 19.00 90.34
C UNK L 407 22.61 19.75 91.49
N UNK L 408 21.91 19.80 92.61
CA UNK L 408 22.50 20.09 93.91
C UNK L 408 23.69 19.20 94.26
N UNK L 409 23.79 17.99 93.72
CA UNK L 409 24.89 17.12 94.11
C UNK L 409 26.23 17.64 93.58
N UNK L 410 26.25 18.14 92.35
CA UNK L 410 27.48 18.64 91.75
C UNK L 410 27.70 20.10 92.14
N UNK L 411 28.61 20.76 91.43
CA UNK L 411 28.84 22.20 91.55
C UNK L 411 29.63 22.67 90.31
N UNK L 412 29.94 23.97 90.29
CA UNK L 412 31.08 24.56 89.59
C UNK L 412 31.02 24.63 88.07
N UNK L 413 30.03 24.04 87.43
CA UNK L 413 29.77 24.31 86.01
C UNK L 413 28.30 24.25 85.73
N UNK L 414 27.49 24.62 86.71
CA UNK L 414 26.34 23.82 87.04
C UNK L 414 25.19 23.90 86.04
N UNK L 415 25.34 24.50 84.88
CA UNK L 415 24.26 24.39 83.90
C UNK L 415 24.78 24.26 82.48
N UNK L 416 26.08 23.96 82.34
CA UNK L 416 26.90 24.27 81.18
C UNK L 416 26.30 23.80 79.88
N UNK L 417 26.16 22.48 79.73
CA UNK L 417 25.34 21.98 78.65
C UNK L 417 23.94 21.63 79.12
N UNK L 418 23.63 21.92 80.39
CA UNK L 418 22.30 21.61 80.90
C UNK L 418 21.26 22.50 80.26
N UNK L 419 21.68 23.66 79.80
CA UNK L 419 20.86 24.41 78.89
C UNK L 419 20.87 23.81 77.49
N UNK L 420 22.02 23.24 77.09
CA UNK L 420 22.18 22.81 75.71
C UNK L 420 21.24 21.68 75.38
N UNK L 421 21.03 20.80 76.35
CA UNK L 421 20.10 19.71 76.17
C UNK L 421 18.68 20.21 76.09
N UNK L 422 18.27 20.95 77.12
CA UNK L 422 16.91 21.42 77.27
C UNK L 422 16.44 22.20 76.05
N UNK L 423 17.34 22.98 75.44
CA UNK L 423 17.00 23.62 74.19
C UNK L 423 17.12 22.66 73.00
N UNK L 424 18.24 21.93 72.91
CA UNK L 424 18.63 21.11 71.78
C UNK L 424 17.65 20.01 71.47
N UNK L 425 16.79 19.72 72.44
CA UNK L 425 15.65 18.82 72.25
C UNK L 425 14.82 19.17 71.03
N UNK L 426 14.63 20.45 70.72
CA UNK L 426 13.70 20.84 69.67
C UNK L 426 14.29 20.56 68.29
N UNK L 427 13.62 19.68 67.54
CA UNK L 427 14.07 19.08 66.29
C UNK L 427 12.87 18.42 65.62
N UNK L 428 13.08 17.44 64.73
CA UNK L 428 11.97 16.63 64.22
C UNK L 428 11.42 15.69 65.30
N UNK L 429 10.27 15.09 65.00
CA UNK L 429 9.30 14.70 66.03
C UNK L 429 9.29 13.21 66.32
N UNK L 430 9.84 12.82 67.47
CA UNK L 430 9.47 11.60 68.16
C UNK L 430 8.42 11.96 69.20
N UNK L 431 8.15 11.06 70.15
CA UNK L 431 7.15 11.32 71.18
C UNK L 431 7.61 12.43 72.13
N UNK L 432 6.65 13.09 72.76
CA UNK L 432 7.00 13.95 73.89
C UNK L 432 7.39 13.11 75.07
N UNK L 433 6.94 11.86 75.11
CA UNK L 433 7.61 10.87 75.93
C UNK L 433 9.09 10.77 75.59
N UNK L 434 9.43 10.79 74.31
CA UNK L 434 10.83 10.68 73.93
C UNK L 434 11.56 11.96 74.25
N UNK L 435 10.86 13.07 74.22
CA UNK L 435 11.43 14.32 74.68
C UNK L 435 11.74 14.25 76.16
N UNK L 436 10.79 13.77 76.94
CA UNK L 436 10.98 13.64 78.38
C UNK L 436 12.13 12.72 78.70
N UNK L 437 12.15 11.57 78.03
CA UNK L 437 13.14 10.56 78.32
C UNK L 437 14.51 11.01 77.84
N UNK L 438 14.59 11.51 76.61
CA UNK L 438 15.84 11.98 76.08
C UNK L 438 16.32 13.20 76.84
N UNK L 439 15.40 13.93 77.44
CA UNK L 439 15.75 15.07 78.26
C UNK L 439 16.45 14.62 79.52
N UNK L 440 15.81 13.71 80.24
CA UNK L 440 16.37 13.29 81.51
C UNK L 440 17.64 12.49 81.28
N UNK L 441 17.65 11.71 80.21
CA UNK L 441 18.79 10.90 79.88
C UNK L 441 19.88 11.70 79.20
N UNK L 442 19.59 12.94 78.87
CA UNK L 442 20.70 13.84 78.73
C UNK L 442 21.30 14.14 80.07
N UNK L 443 20.46 14.26 81.09
CA UNK L 443 20.88 15.00 82.25
C UNK L 443 21.79 14.22 83.16
N UNK L 444 21.49 12.97 83.42
CA UNK L 444 22.44 12.26 84.27
C UNK L 444 23.65 11.84 83.48
N UNK L 445 23.47 11.64 82.17
CA UNK L 445 24.60 11.49 81.28
C UNK L 445 25.48 12.70 81.32
N UNK L 446 24.88 13.86 81.46
CA UNK L 446 25.63 15.04 81.74
C UNK L 446 26.26 14.97 83.12
N UNK L 447 25.60 14.34 84.07
CA UNK L 447 26.05 14.37 85.44
C UNK L 447 27.13 13.34 85.73
N UNK L 448 27.90 12.96 84.72
CA UNK L 448 29.10 12.16 84.93
C UNK L 448 30.04 12.86 85.88
N UNK L 449 30.75 12.07 86.66
CA UNK L 449 31.75 12.59 87.56
C UNK L 449 33.01 12.93 86.76
N UNK L 450 34.13 13.04 87.45
CA UNK L 450 35.40 13.11 86.77
C UNK L 450 35.62 11.82 86.00
N UNK L 451 14.10 -3.44 93.80
CA UNK L 451 14.98 -2.28 93.69
C UNK L 451 14.33 -1.15 92.88
N UNK L 452 13.41 -1.51 91.99
CA UNK L 452 12.57 -0.47 91.40
C UNK L 452 11.52 -0.01 92.39
N UNK L 453 11.17 -0.84 93.37
CA UNK L 453 10.41 -0.35 94.53
C UNK L 453 11.22 0.68 95.31
N UNK L 454 12.53 0.46 95.44
CA UNK L 454 13.38 1.50 95.97
C UNK L 454 13.46 2.69 95.03
N UNK L 455 13.37 2.47 93.73
CA UNK L 455 13.40 3.58 92.80
C UNK L 455 12.14 4.42 92.93
N UNK L 456 11.00 3.77 93.11
CA UNK L 456 9.78 4.51 93.38
C UNK L 456 9.83 5.16 94.75
N UNK L 457 10.55 4.56 95.69
CA UNK L 457 10.71 5.15 97.01
C UNK L 457 11.56 6.41 96.94
N UNK L 458 12.59 6.37 96.10
CA UNK L 458 13.47 7.52 95.94
C UNK L 458 12.79 8.60 95.14
N UNK L 459 11.98 8.17 94.17
CA UNK L 459 11.08 9.08 93.51
C UNK L 459 10.21 9.79 94.52
N UNK L 460 9.66 9.03 95.46
CA UNK L 460 8.83 9.62 96.51
C UNK L 460 9.64 10.55 97.38
N UNK L 461 10.90 10.22 97.63
CA UNK L 461 11.73 11.04 98.50
C UNK L 461 12.03 12.38 97.85
N UNK L 462 12.50 12.38 96.61
CA UNK L 462 12.78 13.64 95.93
C UNK L 462 11.49 14.38 95.61
N UNK L 463 10.42 13.64 95.42
CA UNK L 463 9.12 14.26 95.35
C UNK L 463 8.73 14.91 96.65
N UNK L 464 9.19 14.38 97.77
CA UNK L 464 8.89 15.02 99.03
C UNK L 464 9.85 16.16 99.33
N UNK L 465 10.99 16.19 98.65
CA UNK L 465 11.80 17.41 98.66
C UNK L 465 11.09 18.52 97.94
N UNK L 466 10.44 18.19 96.83
CA UNK L 466 9.52 19.15 96.24
C UNK L 466 8.40 19.48 97.21
N UNK L 467 7.56 18.49 97.52
CA UNK L 467 6.31 18.68 98.23
C UNK L 467 6.47 18.98 99.71
N UNK L 468 7.70 19.11 100.21
CA UNK L 468 7.93 19.40 101.61
C UNK L 468 8.71 20.68 101.83
N UNK L 469 9.56 21.07 100.88
CA UNK L 469 10.30 22.32 101.03
C UNK L 469 9.51 23.53 100.57
N UNK L 470 8.20 23.38 100.39
CA UNK L 470 7.31 24.47 100.04
C UNK L 470 7.01 25.34 101.26
N UNK M 1 -61.60 60.13 142.72
CA UNK M 1 -60.34 59.88 143.39
C UNK M 1 -59.52 59.00 142.51
N UNK M 2 -59.79 57.71 142.64
CA UNK M 2 -59.37 56.76 141.62
C UNK M 2 -59.90 57.16 140.26
N UNK M 3 -61.20 57.48 140.21
CA UNK M 3 -61.83 57.98 139.00
C UNK M 3 -61.25 59.29 138.55
N UNK M 4 -60.78 60.10 139.49
CA UNK M 4 -60.25 61.42 139.16
C UNK M 4 -58.92 61.33 138.42
N UNK M 5 -57.92 60.73 139.09
CA UNK M 5 -56.64 60.48 138.44
C UNK M 5 -56.82 59.63 137.20
N UNK M 6 -57.80 58.74 137.24
CA UNK M 6 -58.18 57.99 136.07
C UNK M 6 -58.66 58.90 134.96
N UNK M 7 -59.47 59.90 135.28
CA UNK M 7 -60.13 60.69 134.26
C UNK M 7 -59.13 61.56 133.54
N UNK M 8 -58.21 62.12 134.31
CA UNK M 8 -57.13 62.87 133.71
C UNK M 8 -56.24 61.96 132.89
N UNK M 9 -55.99 60.75 133.41
CA UNK M 9 -55.17 59.79 132.70
C UNK M 9 -55.79 59.44 131.37
N UNK M 10 -57.06 59.14 131.39
CA UNK M 10 -57.78 58.72 130.21
C UNK M 10 -57.99 59.87 129.25
N UNK M 11 -58.04 61.08 129.77
CA UNK M 11 -58.00 62.21 128.87
C UNK M 11 -56.63 62.33 128.22
N UNK M 12 -55.59 61.84 128.87
CA UNK M 12 -54.32 61.93 128.17
C UNK M 12 -53.93 60.68 127.40
N UNK M 13 -53.48 59.64 128.12
CA UNK M 13 -53.04 58.33 127.64
C UNK M 13 -52.61 57.50 128.85
N UNK M 14 -52.13 56.30 128.58
CA UNK M 14 -51.39 55.43 129.49
C UNK M 14 -50.76 54.40 128.58
N UNK M 15 -49.51 54.04 128.81
CA UNK M 15 -48.81 53.49 127.66
C UNK M 15 -47.68 52.55 128.06
N UNK M 16 -46.70 52.52 127.18
CA UNK M 16 -45.48 51.76 127.02
C UNK M 16 -45.74 50.39 126.42
N UNK M 17 -46.97 49.85 126.49
CA UNK M 17 -47.39 48.80 125.58
C UNK M 17 -48.89 48.80 125.41
N UNK M 18 -49.55 49.30 126.44
CA UNK M 18 -50.97 48.99 126.64
C UNK M 18 -51.83 49.73 125.64
N UNK M 19 -51.28 50.73 124.97
CA UNK M 19 -51.89 51.26 123.77
C UNK M 19 -52.11 50.17 122.74
N UNK M 20 -51.05 49.42 122.43
CA UNK M 20 -51.20 48.35 121.45
C UNK M 20 -52.12 47.27 121.96
N UNK M 21 -52.04 46.94 123.26
CA UNK M 21 -52.92 45.91 123.79
C UNK M 21 -54.39 46.31 123.70
N UNK M 22 -54.71 47.56 124.03
CA UNK M 22 -56.09 48.00 123.94
C UNK M 22 -56.54 48.13 122.50
N UNK M 23 -55.62 48.47 121.60
CA UNK M 23 -55.94 48.44 120.18
C UNK M 23 -56.29 47.03 119.73
N UNK M 24 -55.70 46.03 120.35
CA UNK M 24 -56.12 44.67 120.04
C UNK M 24 -57.50 44.37 120.59
N UNK M 25 -57.85 44.95 121.74
CA UNK M 25 -59.19 44.71 122.25
C UNK M 25 -60.22 45.32 121.35
N UNK M 26 -59.88 46.46 120.77
CA UNK M 26 -60.67 46.99 119.68
C UNK M 26 -60.72 46.01 118.54
N UNK M 27 -59.60 45.35 118.24
CA UNK M 27 -59.58 44.48 117.08
C UNK M 27 -60.49 43.28 117.29
N UNK M 28 -60.62 42.84 118.53
CA UNK M 28 -61.47 41.69 118.79
C UNK M 28 -62.93 42.07 118.79
N UNK M 29 -63.27 43.24 119.33
CA UNK M 29 -64.66 43.67 119.26
C UNK M 29 -65.07 43.88 117.83
N UNK M 30 -64.14 44.39 117.02
CA UNK M 30 -64.35 44.48 115.59
C UNK M 30 -64.56 43.12 114.98
N UNK M 31 -63.79 42.14 115.45
CA UNK M 31 -63.87 40.82 114.88
C UNK M 31 -65.21 40.17 115.17
N UNK M 32 -65.61 40.17 116.44
CA UNK M 32 -66.86 39.52 116.82
C UNK M 32 -68.03 40.21 116.20
N UNK M 33 -67.94 41.52 116.01
CA UNK M 33 -68.96 42.21 115.24
C UNK M 33 -69.01 41.66 113.84
N UNK M 34 -67.87 41.43 113.23
CA UNK M 34 -67.88 40.91 111.87
C UNK M 34 -68.43 39.50 111.83
N UNK M 35 -68.15 38.72 112.85
CA UNK M 35 -68.53 37.32 112.80
C UNK M 35 -70.01 37.16 113.03
N UNK M 36 -70.54 37.86 114.03
CA UNK M 36 -71.96 37.80 114.27
C UNK M 36 -72.71 38.42 113.14
N UNK M 37 -72.12 39.41 112.49
CA UNK M 37 -72.75 39.98 111.32
C UNK M 37 -72.86 38.97 110.21
N UNK M 38 -71.75 38.29 109.91
CA UNK M 38 -71.75 37.33 108.81
C UNK M 38 -72.66 36.16 109.10
N UNK M 39 -72.63 35.67 110.33
CA UNK M 39 -73.46 34.55 110.69
C UNK M 39 -74.91 34.93 110.69
N UNK M 40 -75.25 36.15 111.04
CA UNK M 40 -76.66 36.47 110.98
C UNK M 40 -77.04 36.96 109.59
N UNK M 41 -76.73 36.17 108.58
CA UNK M 41 -77.13 36.53 107.23
C UNK M 41 -77.95 35.46 106.56
N UNK M 42 -77.50 34.22 106.55
CA UNK M 42 -78.08 33.16 105.74
C UNK M 42 -79.35 32.61 106.41
N UNK M 43 -79.80 31.42 105.97
CA UNK M 43 -81.00 30.78 106.52
C UNK M 43 -80.76 30.35 107.96
N UNK M 44 -81.44 31.01 108.88
CA UNK M 44 -81.07 31.05 110.30
C UNK M 44 -81.32 29.73 110.99
N UNK M 45 -80.67 28.68 110.52
CA UNK M 45 -80.99 27.32 110.92
C UNK M 45 -80.33 27.04 112.26
N UNK M 46 -80.60 25.85 112.79
CA UNK M 46 -80.43 25.58 114.22
C UNK M 46 -78.99 25.67 114.66
N UNK M 47 -78.07 25.60 113.73
CA UNK M 47 -76.69 25.93 114.04
C UNK M 47 -76.46 27.41 114.34
N UNK M 48 -77.50 28.25 114.37
CA UNK M 48 -77.33 29.62 114.82
C UNK M 48 -76.81 29.64 116.23
N UNK M 49 -77.31 28.75 117.08
CA UNK M 49 -76.80 28.66 118.42
C UNK M 49 -75.34 28.21 118.43
N UNK M 50 -75.09 26.97 118.04
CA UNK M 50 -73.75 26.44 118.14
C UNK M 50 -72.91 26.80 116.97
N UNK M 51 -73.22 27.92 116.33
CA UNK M 51 -72.26 28.75 115.62
C UNK M 51 -72.00 30.03 116.40
N UNK M 52 -73.05 30.67 116.92
CA UNK M 52 -72.91 32.00 117.46
C UNK M 52 -72.25 31.96 118.80
N UNK M 53 -72.66 31.02 119.64
CA UNK M 53 -72.04 30.87 120.93
C UNK M 53 -70.60 30.47 120.78
N UNK M 54 -70.29 29.72 119.72
CA UNK M 54 -68.91 29.42 119.42
C UNK M 54 -68.15 30.68 119.10
N UNK M 55 -68.77 31.56 118.31
CA UNK M 55 -68.05 32.76 117.89
C UNK M 55 -67.79 33.67 119.06
N UNK M 56 -68.78 33.81 119.93
CA UNK M 56 -68.53 34.62 121.12
C UNK M 56 -67.60 33.91 122.07
N UNK M 57 -67.51 32.60 122.00
CA UNK M 57 -66.53 31.91 122.81
C UNK M 57 -65.14 32.19 122.29
N UNK M 58 -65.00 32.29 120.97
CA UNK M 58 -63.72 32.72 120.42
C UNK M 58 -63.42 34.15 120.83
N UNK M 59 -64.46 34.97 120.91
CA UNK M 59 -64.32 36.37 121.26
C UNK M 59 -63.82 36.53 122.67
N UNK M 60 -64.54 35.96 123.61
CA UNK M 60 -64.13 35.99 124.99
C UNK M 60 -62.85 35.22 125.24
N UNK M 61 -62.50 34.28 124.36
CA UNK M 61 -61.19 33.66 124.50
C UNK M 61 -60.09 34.69 124.27
N UNK M 62 -60.17 35.39 123.13
CA UNK M 62 -59.18 36.43 122.85
C UNK M 62 -59.26 37.56 123.87
N UNK M 63 -60.44 37.75 124.42
CA UNK M 63 -60.63 38.79 125.43
C UNK M 63 -59.99 38.40 126.74
N UNK M 64 -60.15 37.15 127.15
CA UNK M 64 -59.55 36.72 128.39
C UNK M 64 -58.05 36.74 128.28
N UNK M 65 -57.55 36.44 127.09
CA UNK M 65 -56.13 36.65 126.79
C UNK M 65 -55.72 38.09 127.06
N UNK M 66 -56.37 39.04 126.38
CA UNK M 66 -56.01 40.44 126.51
C UNK M 66 -56.18 40.93 127.93
N UNK M 67 -57.17 40.43 128.63
CA UNK M 67 -57.46 40.98 129.94
C UNK M 67 -56.52 40.44 131.00
N UNK M 68 -56.15 39.17 130.95
CA UNK M 68 -55.17 38.70 131.92
C UNK M 68 -53.81 39.28 131.59
N UNK M 69 -53.51 39.44 130.31
CA UNK M 69 -52.25 40.04 129.89
C UNK M 69 -52.15 41.46 130.39
N UNK M 70 -53.23 42.22 130.29
CA UNK M 70 -53.18 43.62 130.69
C UNK M 70 -53.26 43.79 132.19
N UNK M 71 -54.07 42.99 132.89
CA UNK M 71 -54.06 43.09 134.34
C UNK M 71 -52.81 42.53 134.94
N UNK M 72 -51.99 41.85 134.16
CA UNK M 72 -50.58 41.78 134.49
C UNK M 72 -49.87 43.07 134.11
N UNK M 73 -50.15 43.57 132.92
CA UNK M 73 -49.32 44.56 132.27
C UNK M 73 -49.68 45.95 132.81
N UNK M 74 -48.83 46.46 133.69
CA UNK M 74 -48.94 47.79 134.29
C UNK M 74 -50.26 47.94 135.04
N UNK M 75 -50.36 47.18 136.12
CA UNK M 75 -51.42 47.41 137.09
C UNK M 75 -50.94 48.36 138.17
N UNK M 76 -50.52 49.54 137.74
CA UNK M 76 -50.51 50.67 138.64
C UNK M 76 -51.95 51.02 138.99
N UNK M 77 -52.10 51.78 140.08
CA UNK M 77 -53.32 51.76 140.88
C UNK M 77 -54.56 52.23 140.12
N UNK M 78 -54.62 53.50 139.75
CA UNK M 78 -55.73 53.93 138.93
C UNK M 78 -55.56 53.52 137.48
N UNK M 79 -54.34 53.12 137.11
CA UNK M 79 -54.11 52.59 135.78
C UNK M 79 -54.83 51.27 135.57
N UNK M 80 -55.28 50.61 136.63
CA UNK M 80 -56.36 49.66 136.52
C UNK M 80 -57.56 50.30 135.86
N UNK M 81 -58.09 51.36 136.48
CA UNK M 81 -59.35 51.94 136.03
C UNK M 81 -59.23 52.60 134.68
N UNK M 82 -58.01 52.88 134.24
CA UNK M 82 -57.79 53.52 132.96
C UNK M 82 -58.35 52.70 131.81
N UNK M 83 -57.76 51.54 131.57
CA UNK M 83 -58.36 50.69 130.57
C UNK M 83 -59.64 50.05 131.09
N UNK M 84 -59.86 50.02 132.41
CA UNK M 84 -61.11 49.46 132.87
C UNK M 84 -62.30 50.35 132.56
N UNK M 85 -62.08 51.57 132.14
CA UNK M 85 -63.13 52.35 131.52
C UNK M 85 -63.01 52.35 130.01
N UNK M 86 -61.77 52.39 129.53
CA UNK M 86 -61.55 52.49 128.10
C UNK M 86 -62.08 51.28 127.37
N UNK M 87 -61.99 50.12 128.02
CA UNK M 87 -62.42 48.88 127.40
C UNK M 87 -63.92 48.85 127.21
N UNK M 88 -64.68 49.27 128.22
CA UNK M 88 -66.12 49.27 128.06
C UNK M 88 -66.56 50.32 127.08
N UNK M 89 -65.80 51.41 126.97
CA UNK M 89 -66.07 52.34 125.89
C UNK M 89 -65.86 51.69 124.54
N UNK M 90 -64.73 50.99 124.41
CA UNK M 90 -64.35 50.32 123.17
C UNK M 90 -65.34 49.26 122.79
N UNK M 91 -65.95 48.64 123.80
CA UNK M 91 -67.10 47.80 123.54
C UNK M 91 -68.20 48.64 122.95
N UNK M 92 -68.74 49.55 123.77
CA UNK M 92 -70.07 50.07 123.55
C UNK M 92 -70.13 50.84 122.25
N UNK M 93 -69.28 51.85 122.14
CA UNK M 93 -69.24 52.56 120.88
C UNK M 93 -68.49 51.75 119.85
N UNK M 94 -67.21 51.52 120.12
CA UNK M 94 -66.21 51.50 119.06
C UNK M 94 -66.36 50.30 118.14
N UNK M 95 -67.07 49.27 118.60
CA UNK M 95 -67.52 48.31 117.60
C UNK M 95 -68.92 47.73 117.77
N UNK M 96 -69.32 47.42 119.00
CA UNK M 96 -69.78 46.06 119.31
C UNK M 96 -70.97 45.59 118.51
N UNK M 97 -71.92 46.45 118.20
CA UNK M 97 -73.29 46.00 117.99
C UNK M 97 -73.47 45.27 116.68
N UNK M 98 -74.51 44.42 116.63
CA UNK M 98 -74.91 43.69 115.42
C UNK M 98 -76.33 43.14 115.59
N UNK M 99 -77.24 43.52 114.70
CA UNK M 99 -78.45 42.80 114.26
C UNK M 99 -79.14 43.61 113.17
N UNK M 100 -80.33 43.16 112.79
CA UNK M 100 -81.37 43.95 112.17
C UNK M 100 -82.23 44.64 113.20
N UNK M 101 -81.66 44.88 114.36
CA UNK M 101 -82.23 45.79 115.31
C UNK M 101 -82.31 47.20 114.77
N UNK M 102 -81.63 47.52 113.67
CA UNK M 102 -81.97 48.68 112.89
C UNK M 102 -83.43 48.65 112.50
N UNK M 103 -83.88 47.52 111.98
CA UNK M 103 -85.29 47.41 111.62
C UNK M 103 -86.16 47.35 112.85
N UNK M 104 -85.59 46.95 113.97
CA UNK M 104 -86.32 47.24 115.20
C UNK M 104 -86.35 48.72 115.46
N UNK M 105 -85.23 49.37 115.25
CA UNK M 105 -84.93 50.62 115.92
C UNK M 105 -85.60 51.78 115.25
N UNK M 106 -85.86 51.65 113.96
CA UNK M 106 -86.89 52.48 113.36
C UNK M 106 -88.17 52.02 114.02
N UNK M 107 -88.75 52.87 114.85
CA UNK M 107 -89.72 52.44 115.84
C UNK M 107 -90.99 51.97 115.18
N UNK M 108 -91.62 52.89 114.45
CA UNK M 108 -93.00 52.76 113.97
C UNK M 108 -93.87 52.28 115.12
N UNK M 109 -93.83 53.08 116.18
CA UNK M 109 -94.14 52.64 117.51
C UNK M 109 -95.59 52.27 117.73
N UNK M 110 -96.42 52.33 116.69
CA UNK M 110 -97.67 51.59 116.68
C UNK M 110 -97.37 50.18 117.09
N UNK M 111 -97.82 49.86 118.30
CA UNK M 111 -97.39 48.65 118.96
C UNK M 111 -97.92 47.42 118.24
N UNK M 112 -98.98 47.60 117.45
CA UNK M 112 -99.35 46.58 116.50
C UNK M 112 -98.25 46.36 115.48
N UNK M 113 -97.61 47.42 115.00
CA UNK M 113 -96.54 47.18 114.06
C UNK M 113 -95.31 46.62 114.76
N UNK M 114 -95.14 46.97 116.03
CA UNK M 114 -94.13 46.29 116.83
C UNK M 114 -94.45 44.82 116.94
N UNK M 115 -95.73 44.50 117.13
CA UNK M 115 -96.16 43.12 117.13
C UNK M 115 -96.01 42.48 115.79
N UNK M 116 -96.00 43.27 114.71
CA UNK M 116 -95.73 42.69 113.42
C UNK M 116 -94.28 42.27 113.34
N UNK M 117 -93.40 43.09 113.89
CA UNK M 117 -92.01 42.68 113.99
C UNK M 117 -91.88 41.45 114.88
N UNK M 118 -92.70 41.40 115.92
CA UNK M 118 -92.61 40.30 116.86
C UNK M 118 -93.06 39.01 116.23
N UNK M 119 -94.14 39.07 115.48
CA UNK M 119 -94.59 37.89 114.77
C UNK M 119 -93.61 37.53 113.68
N UNK M 120 -92.87 38.49 113.18
CA UNK M 120 -91.87 38.16 112.19
C UNK M 120 -90.73 37.39 112.81
N UNK M 121 -90.17 37.91 113.91
CA UNK M 121 -89.06 37.21 114.56
C UNK M 121 -89.49 35.90 115.14
N UNK M 122 -90.69 35.82 115.68
CA UNK M 122 -91.18 34.58 116.22
C UNK M 122 -91.66 33.64 115.14
N UNK M 123 -90.77 33.29 114.21
CA UNK M 123 -90.82 32.01 113.50
C UNK M 123 -89.44 31.74 112.91
N UNK M 124 -88.61 30.95 113.62
CA UNK M 124 -87.81 29.89 113.00
C UNK M 124 -87.39 28.75 113.92
N UNK M 125 -87.24 29.05 115.22
CA UNK M 125 -86.36 28.28 116.10
C UNK M 125 -87.09 28.09 117.43
N UNK M 126 -86.37 27.68 118.46
CA UNK M 126 -87.02 27.41 119.74
C UNK M 126 -86.53 28.35 120.82
N UNK M 127 -87.45 28.63 121.75
CA UNK M 127 -87.48 29.86 122.53
C UNK M 127 -86.20 30.15 123.26
N UNK M 128 -85.42 29.12 123.58
CA UNK M 128 -84.13 29.40 124.16
C UNK M 128 -83.16 29.91 123.11
N UNK M 129 -83.17 29.29 121.94
CA UNK M 129 -82.36 29.84 120.87
C UNK M 129 -82.87 31.21 120.52
N UNK M 130 -84.17 31.42 120.65
CA UNK M 130 -84.72 32.73 120.43
C UNK M 130 -84.24 33.71 121.47
N UNK M 131 -84.06 33.26 122.70
CA UNK M 131 -83.70 34.20 123.73
C UNK M 131 -82.26 34.63 123.58
N UNK M 132 -81.39 33.71 123.20
CA UNK M 132 -80.01 34.12 122.98
C UNK M 132 -79.89 35.01 121.77
N UNK M 133 -80.70 34.76 120.74
CA UNK M 133 -80.75 35.70 119.63
C UNK M 133 -81.27 37.04 120.08
N UNK M 134 -82.18 37.05 121.05
CA UNK M 134 -82.68 38.31 121.54
C UNK M 134 -81.60 39.07 122.27
N UNK M 135 -80.72 38.35 122.96
CA UNK M 135 -79.62 39.05 123.60
C UNK M 135 -78.67 39.59 122.57
N UNK M 136 -78.53 38.90 121.46
CA UNK M 136 -77.75 39.49 120.39
C UNK M 136 -78.47 40.66 119.74
N UNK M 137 -79.77 40.75 119.88
CA UNK M 137 -80.46 41.95 119.48
C UNK M 137 -80.34 43.04 120.53
N UNK M 138 -79.93 42.70 121.74
CA UNK M 138 -79.83 43.67 122.81
C UNK M 138 -78.56 44.48 122.73
N UNK M 139 -78.00 44.64 121.55
CA UNK M 139 -76.85 45.49 121.34
C UNK M 139 -77.32 46.85 120.79
N UNK M 140 -77.88 47.65 121.69
CA UNK M 140 -78.18 49.05 121.37
C UNK M 140 -77.41 50.04 122.24
N UNK M 141 -77.57 50.02 123.57
CA UNK M 141 -76.76 51.00 124.29
C UNK M 141 -76.09 50.63 125.61
N UNK M 142 -76.84 50.07 126.54
CA UNK M 142 -76.48 50.16 127.94
C UNK M 142 -75.53 49.05 128.35
N UNK M 143 -74.84 49.27 129.47
CA UNK M 143 -74.05 48.19 130.05
C UNK M 143 -74.45 47.94 131.49
N UNK M 144 -74.61 49.00 132.26
CA UNK M 144 -75.13 48.86 133.60
C UNK M 144 -76.61 48.53 133.57
N UNK M 145 -77.35 49.12 132.66
CA UNK M 145 -78.75 48.85 132.50
C UNK M 145 -79.03 47.81 131.44
N UNK M 146 -78.00 47.33 130.77
CA UNK M 146 -78.12 46.08 130.06
C UNK M 146 -78.64 45.01 130.99
N UNK M 147 -78.02 44.91 132.15
CA UNK M 147 -78.46 43.99 133.17
C UNK M 147 -79.86 44.29 133.65
N UNK M 148 -80.22 45.56 133.74
CA UNK M 148 -81.55 45.88 134.22
C UNK M 148 -82.60 45.51 133.19
N UNK M 149 -82.26 45.66 131.91
CA UNK M 149 -83.16 45.25 130.86
C UNK M 149 -83.42 43.78 130.94
N UNK M 150 -82.36 43.00 131.11
CA UNK M 150 -82.57 41.57 131.20
C UNK M 150 -83.27 41.20 132.49
N UNK M 151 -83.07 41.99 133.54
CA UNK M 151 -83.75 41.75 134.80
C UNK M 151 -85.23 41.95 134.64
N UNK M 152 -85.59 43.03 133.98
CA UNK M 152 -86.99 43.32 133.78
C UNK M 152 -87.61 42.31 132.85
N UNK M 153 -86.89 41.87 131.84
CA UNK M 153 -87.51 40.98 130.88
C UNK M 153 -87.66 39.59 131.47
N UNK M 154 -86.69 39.16 132.26
CA UNK M 154 -86.83 37.90 132.95
C UNK M 154 -88.00 37.96 133.90
N UNK M 155 -88.19 39.12 134.51
CA UNK M 155 -89.37 39.31 135.34
C UNK M 155 -90.63 39.23 134.50
N UNK M 156 -90.57 39.74 133.28
CA UNK M 156 -91.76 39.73 132.44
C UNK M 156 -92.12 38.32 132.09
N UNK M 157 -91.10 37.53 131.75
CA UNK M 157 -91.35 36.15 131.38
C UNK M 157 -91.92 35.39 132.55
N UNK M 158 -91.44 35.73 133.74
CA UNK M 158 -92.01 35.17 134.95
C UNK M 158 -93.47 35.55 135.06
N UNK M 159 -93.82 36.78 134.70
CA UNK M 159 -95.22 37.17 134.77
C UNK M 159 -96.00 36.49 133.69
N UNK M 160 -95.34 36.16 132.58
CA UNK M 160 -96.04 35.60 131.45
C UNK M 160 -96.54 34.22 131.78
N UNK M 161 -95.66 33.37 132.27
CA UNK M 161 -96.14 32.10 132.77
C UNK M 161 -96.90 32.28 134.06
N UNK M 162 -96.60 33.34 134.78
CA UNK M 162 -97.29 33.65 136.02
C UNK M 162 -98.42 34.61 135.74
N UNK M 163 -99.20 34.30 134.73
CA UNK M 163 -100.51 34.90 134.60
C UNK M 163 -101.51 33.94 135.20
N UNK M 164 -102.77 34.28 135.08
CA UNK M 164 -103.81 33.28 135.00
C UNK M 164 -104.58 33.52 133.72
N UNK M 165 -103.90 34.11 132.74
CA UNK M 165 -104.36 34.16 131.37
C UNK M 165 -104.20 32.81 130.72
N UNK M 166 -104.90 31.84 131.26
CA UNK M 166 -104.53 30.44 131.10
C UNK M 166 -105.21 29.81 129.91
N UNK M 167 -105.11 30.43 128.77
CA UNK M 167 -105.65 29.83 127.58
C UNK M 167 -104.84 30.10 126.35
N UNK M 168 -103.69 30.75 126.44
CA UNK M 168 -102.93 31.02 125.24
C UNK M 168 -102.24 29.75 124.78
N UNK M 169 -101.88 29.72 123.52
CA UNK M 169 -100.96 28.70 123.11
C UNK M 169 -99.61 28.97 123.74
N UNK M 170 -98.80 27.93 123.83
CA UNK M 170 -97.44 28.13 124.28
C UNK M 170 -96.70 29.05 123.35
N UNK M 171 -96.94 28.92 122.05
CA UNK M 171 -96.38 29.89 121.15
C UNK M 171 -97.04 31.23 121.30
N UNK M 172 -98.31 31.26 121.70
CA UNK M 172 -98.93 32.55 121.87
C UNK M 172 -98.33 33.29 123.06
N UNK M 173 -98.17 32.58 124.15
CA UNK M 173 -97.53 33.16 125.31
C UNK M 173 -96.10 33.53 125.01
N UNK M 174 -95.46 32.75 124.15
CA UNK M 174 -94.13 33.09 123.73
C UNK M 174 -94.10 34.38 122.95
N UNK M 175 -95.11 34.60 122.11
CA UNK M 175 -95.16 35.87 121.40
C UNK M 175 -95.37 37.01 122.35
N UNK M 176 -96.19 36.78 123.36
CA UNK M 176 -96.43 37.83 124.34
C UNK M 176 -95.15 38.14 125.11
N UNK M 177 -94.39 37.12 125.47
CA UNK M 177 -93.20 37.36 126.26
C UNK M 177 -92.12 38.01 125.45
N UNK M 178 -91.95 37.57 124.22
CA UNK M 178 -90.94 38.21 123.39
C UNK M 178 -91.35 39.61 123.05
N UNK M 179 -92.65 39.87 122.98
CA UNK M 179 -93.13 41.22 122.73
C UNK M 179 -92.73 42.14 123.85
N UNK M 180 -92.99 41.73 125.08
CA UNK M 180 -92.63 42.58 126.22
C UNK M 180 -91.15 42.80 126.29
N UNK M 181 -90.37 41.78 125.92
CA UNK M 181 -88.93 41.92 126.00
C UNK M 181 -88.42 42.91 124.98
N UNK M 182 -88.82 42.74 123.73
CA UNK M 182 -88.40 43.70 122.73
C UNK M 182 -89.00 45.08 122.99
N UNK M 183 -90.14 45.14 123.68
CA UNK M 183 -90.78 46.42 123.95
C UNK M 183 -89.97 47.21 124.94
N UNK M 184 -89.59 46.59 126.04
CA UNK M 184 -88.85 47.34 127.03
C UNK M 184 -87.47 47.65 126.52
N UNK M 185 -86.97 46.84 125.59
CA UNK M 185 -85.78 47.25 124.88
C UNK M 185 -86.04 48.52 124.11
N UNK M 186 -87.22 48.64 123.51
CA UNK M 186 -87.48 49.84 122.73
C UNK M 186 -87.63 51.07 123.61
N UNK M 187 -88.23 50.90 124.78
CA UNK M 187 -88.36 52.03 125.68
C UNK M 187 -87.02 52.47 126.22
N UNK M 188 -86.09 51.54 126.34
CA UNK M 188 -84.73 51.94 126.62
C UNK M 188 -84.15 52.73 125.48
N UNK M 189 -84.46 52.34 124.26
CA UNK M 189 -83.91 53.05 123.10
C UNK M 189 -84.42 54.47 123.04
N UNK M 190 -85.62 54.71 123.53
CA UNK M 190 -86.10 56.08 123.60
C UNK M 190 -85.50 56.81 124.78
N UNK M 191 -85.79 56.35 125.99
CA UNK M 191 -85.38 57.10 127.18
C UNK M 191 -83.90 56.92 127.52
N UNK M 192 -93.11 -4.84 127.78
CA UNK M 192 -92.58 -4.41 129.06
C UNK M 192 -91.18 -3.84 128.89
N UNK M 193 -90.32 -4.64 128.32
CA UNK M 193 -88.92 -4.28 128.22
C UNK M 193 -88.47 -4.18 126.78
N UNK M 194 -89.30 -3.61 125.91
CA UNK M 194 -88.81 -3.08 124.65
C UNK M 194 -88.44 -1.62 124.81
N UNK M 195 -87.58 -1.36 125.78
CA UNK M 195 -86.83 -0.14 125.97
C UNK M 195 -85.53 -0.19 125.23
N UNK M 196 -85.28 -1.31 124.58
CA UNK M 196 -84.15 -1.42 123.70
C UNK M 196 -84.22 -0.38 122.61
N UNK M 197 -85.41 0.00 122.22
CA UNK M 197 -85.55 1.12 121.32
C UNK M 197 -85.16 2.41 122.00
N UNK M 198 -85.36 2.53 123.31
CA UNK M 198 -85.01 3.80 123.94
C UNK M 198 -83.52 4.00 123.85
N UNK M 199 -82.79 2.95 124.12
CA UNK M 199 -81.35 3.08 123.95
C UNK M 199 -80.97 3.19 122.50
N UNK M 200 -81.71 2.54 121.60
CA UNK M 200 -81.32 2.57 120.20
C UNK M 200 -81.52 3.95 119.62
N UNK M 201 -82.66 4.53 119.91
CA UNK M 201 -82.96 5.83 119.39
C UNK M 201 -82.08 6.86 120.01
N UNK M 202 -81.87 6.78 121.32
CA UNK M 202 -81.00 7.74 121.94
C UNK M 202 -79.58 7.59 121.42
N UNK M 203 -79.19 6.38 121.04
CA UNK M 203 -77.84 6.17 120.55
C UNK M 203 -77.67 6.80 119.19
N UNK M 204 -78.62 6.57 118.30
CA UNK M 204 -78.55 7.19 116.99
C UNK M 204 -78.60 8.69 117.10
N UNK M 205 -79.42 9.18 118.01
CA UNK M 205 -79.51 10.60 118.21
C UNK M 205 -78.19 11.15 118.67
N UNK M 206 -77.65 10.62 119.75
CA UNK M 206 -76.46 11.24 120.32
C UNK M 206 -75.27 11.09 119.44
N UNK M 207 -75.27 10.10 118.56
CA UNK M 207 -74.26 10.14 117.53
C UNK M 207 -74.47 11.32 116.63
N UNK M 208 -75.72 11.56 116.22
CA UNK M 208 -75.95 12.67 115.30
C UNK M 208 -75.69 14.01 115.98
N UNK M 209 -76.14 14.15 117.20
CA UNK M 209 -75.95 15.40 117.87
C UNK M 209 -74.51 15.59 118.31
N UNK M 210 -73.71 14.53 118.45
CA UNK M 210 -72.31 14.76 118.78
C UNK M 210 -71.56 15.22 117.57
N UNK M 211 -71.74 14.53 116.46
CA UNK M 211 -71.06 14.95 115.26
C UNK M 211 -71.57 16.29 114.77
N UNK M 212 -72.77 16.68 115.16
CA UNK M 212 -73.12 18.08 115.02
C UNK M 212 -72.29 18.94 115.95
N UNK M 213 -72.47 18.78 117.23
CA UNK M 213 -72.06 19.80 118.15
C UNK M 213 -70.58 19.85 118.38
N UNK M 214 -69.80 18.97 117.81
CA UNK M 214 -68.37 19.15 117.96
C UNK M 214 -67.84 19.99 116.81
N UNK M 215 -67.84 19.42 115.61
CA UNK M 215 -67.44 20.08 114.37
C UNK M 215 -66.13 20.86 114.50
N UNK M 216 -65.10 20.21 115.04
CA UNK M 216 -63.76 20.77 115.05
C UNK M 216 -62.78 19.60 115.18
N UNK M 217 -62.22 19.17 114.05
CA UNK M 217 -61.68 17.81 113.93
C UNK M 217 -60.16 17.79 114.01
N UNK M 218 -59.66 17.26 115.12
CA UNK M 218 -58.27 16.90 115.31
C UNK M 218 -58.22 15.59 116.08
N UNK M 219 -57.02 15.03 116.23
CA UNK M 219 -56.84 13.61 116.52
C UNK M 219 -56.36 13.32 117.94
N UNK M 220 -55.18 13.83 118.34
CA UNK M 220 -54.76 14.13 119.72
C UNK M 220 -55.23 13.19 120.85
N UNK M 221 -54.84 11.91 120.81
CA UNK M 221 -55.68 10.78 121.20
C UNK M 221 -56.23 10.86 122.62
N UNK M 222 -55.37 10.80 123.62
CA UNK M 222 -55.89 10.81 124.98
C UNK M 222 -56.45 12.16 125.33
N UNK M 223 -55.85 13.21 124.77
CA UNK M 223 -56.40 14.53 124.96
C UNK M 223 -57.70 14.68 124.23
N UNK M 224 -57.84 13.98 123.10
CA UNK M 224 -59.14 13.94 122.46
C UNK M 224 -60.16 13.33 123.39
N UNK M 225 -59.78 12.29 124.14
CA UNK M 225 -60.73 11.69 125.07
C UNK M 225 -61.15 12.68 126.14
N UNK M 226 -60.17 13.28 126.81
CA UNK M 226 -60.46 14.14 127.95
C UNK M 226 -61.21 15.39 127.53
N UNK M 227 -60.63 16.15 126.63
CA UNK M 227 -61.26 17.41 126.30
C UNK M 227 -62.45 17.21 125.40
N UNK M 228 -62.61 16.06 124.77
CA UNK M 228 -63.78 15.93 123.95
C UNK M 228 -64.98 15.67 124.80
N UNK M 229 -64.84 14.88 125.86
CA UNK M 229 -65.94 14.79 126.79
C UNK M 229 -66.19 16.13 127.44
N UNK M 230 -65.12 16.86 127.74
CA UNK M 230 -65.25 18.17 128.36
C UNK M 230 -65.99 19.14 127.45
N UNK M 231 -65.52 19.28 126.23
CA UNK M 231 -66.04 20.28 125.32
C UNK M 231 -67.45 19.95 124.90
N UNK M 232 -67.75 18.66 124.73
CA UNK M 232 -69.12 18.32 124.36
C UNK M 232 -70.04 18.63 125.51
N UNK M 233 -69.59 18.41 126.73
CA UNK M 233 -70.41 18.86 127.84
C UNK M 233 -70.41 20.37 127.91
N UNK M 234 -69.38 21.00 127.42
CA UNK M 234 -69.29 22.45 127.55
C UNK M 234 -70.26 23.09 126.61
N UNK M 235 -70.07 22.85 125.35
CA UNK M 235 -70.88 23.30 124.26
C UNK M 235 -72.10 22.65 124.20
N UNK M 236 -72.45 21.81 125.16
CA UNK M 236 -73.83 21.51 125.46
C UNK M 236 -74.48 22.69 126.14
N UNK M 237 -75.66 22.46 126.67
CA UNK M 237 -76.43 23.54 127.24
C UNK M 237 -75.78 24.06 128.51
N UNK M 238 -75.99 25.36 128.76
CA UNK M 238 -75.52 26.02 129.96
C UNK M 238 -76.35 27.27 130.10
N UNK M 239 -75.82 28.22 130.86
CA UNK M 239 -76.54 29.40 131.26
C UNK M 239 -75.67 30.63 131.18
N UNK M 240 -75.03 30.88 130.04
CA UNK M 240 -73.94 31.86 130.05
C UNK M 240 -74.40 33.32 130.00
N UNK M 241 -74.85 33.78 128.82
CA UNK M 241 -75.50 35.10 128.61
C UNK M 241 -74.76 36.29 129.21
N UNK M 242 -73.60 36.62 128.64
CA UNK M 242 -72.84 37.76 129.13
C UNK M 242 -71.89 38.28 128.05
N UNK M 243 -71.79 39.62 127.90
CA UNK M 243 -70.88 40.17 126.90
C UNK M 243 -70.19 41.46 127.32
N UNK M 244 -69.72 41.56 128.57
CA UNK M 244 -68.91 42.70 129.03
C UNK M 244 -68.18 42.34 130.32
N UNK M 245 -66.93 42.78 130.45
CA UNK M 245 -66.09 42.27 131.53
C UNK M 245 -65.73 43.33 132.54
N UNK M 246 -65.36 42.84 133.72
CA UNK M 246 -64.65 43.62 134.69
C UNK M 246 -63.19 43.70 134.37
N UNK M 247 -62.72 42.82 133.48
CA UNK M 247 -61.32 42.51 133.31
C UNK M 247 -60.67 42.32 134.67
N UNK M 248 -61.28 41.44 135.47
CA UNK M 248 -60.95 41.34 136.89
C UNK M 248 -59.82 40.35 137.14
N UNK M 249 -60.05 39.09 136.74
CA UNK M 249 -59.03 38.03 136.64
C UNK M 249 -58.41 37.67 137.99
N UNK M 250 -59.27 37.56 139.00
CA UNK M 250 -58.90 36.93 140.26
C UNK M 250 -59.89 35.82 140.55
N UNK M 251 -60.16 35.01 139.55
CA UNK M 251 -60.92 33.78 139.68
C UNK M 251 -60.29 32.73 138.79
N UNK M 252 -60.21 31.50 139.29
CA UNK M 252 -59.54 30.41 138.59
C UNK M 252 -60.56 29.30 138.37
N UNK M 253 -61.33 29.41 137.28
CA UNK M 253 -62.33 28.42 136.88
C UNK M 253 -61.67 27.25 136.19
N UNK M 254 -62.46 26.48 135.45
CA UNK M 254 -61.98 25.27 134.81
C UNK M 254 -60.88 25.57 133.80
N UNK M 255 -59.82 24.80 133.87
CA UNK M 255 -58.64 25.00 133.04
C UNK M 255 -58.76 24.35 131.68
N UNK M 256 -60.00 24.15 131.21
CA UNK M 256 -60.25 23.58 129.89
C UNK M 256 -59.56 24.41 128.81
N UNK M 257 -59.87 25.70 128.80
CA UNK M 257 -59.20 26.59 127.88
C UNK M 257 -57.76 26.80 128.24
N UNK M 258 -57.36 26.51 129.49
CA UNK M 258 -55.96 26.68 129.84
C UNK M 258 -55.13 25.57 129.21
N UNK M 259 -55.62 24.35 129.22
CA UNK M 259 -54.95 23.27 128.51
C UNK M 259 -55.00 23.47 127.02
N UNK M 260 -56.12 24.01 126.53
CA UNK M 260 -56.19 24.42 125.14
C UNK M 260 -55.18 25.53 124.86
N UNK M 261 -54.97 26.41 125.82
CA UNK M 261 -54.02 27.47 125.64
C UNK M 261 -52.61 26.94 125.68
N UNK M 262 -52.42 25.87 126.44
CA UNK M 262 -51.14 25.18 126.41
C UNK M 262 -50.89 24.60 125.03
N UNK M 263 -51.93 24.02 124.44
CA UNK M 263 -51.82 23.52 123.07
C UNK M 263 -51.64 24.65 122.08
N UNK M 264 -52.28 25.79 122.33
CA UNK M 264 -52.20 26.91 121.41
C UNK M 264 -50.83 27.56 121.45
N UNK M 265 -50.29 27.71 122.65
CA UNK M 265 -48.92 28.15 122.84
C UNK M 265 -47.96 27.16 122.25
N UNK M 266 -48.31 25.87 122.28
CA UNK M 266 -47.47 24.88 121.63
C UNK M 266 -47.50 25.06 120.13
N UNK M 267 -48.66 25.42 119.60
CA UNK M 267 -48.76 25.64 118.16
C UNK M 267 -47.96 26.86 117.74
N UNK M 268 -48.13 27.97 118.46
CA UNK M 268 -47.45 29.19 118.08
C UNK M 268 -45.97 29.12 118.39
N UNK M 269 -45.58 28.38 119.42
CA UNK M 269 -44.17 28.23 119.71
C UNK M 269 -43.52 27.22 118.80
N UNK M 270 -44.28 26.26 118.27
CA UNK M 270 -43.70 25.34 117.31
C UNK M 270 -43.62 25.98 115.95
N UNK M 271 -44.60 26.79 115.59
CA UNK M 271 -44.43 27.64 114.42
C UNK M 271 -43.39 28.71 114.68
N UNK M 272 -43.18 29.09 115.93
CA UNK M 272 -42.17 30.08 116.24
C UNK M 272 -40.79 29.48 116.16
N UNK M 273 -40.66 28.23 116.56
CA UNK M 273 -39.44 27.51 116.29
C UNK M 273 -39.28 27.28 114.80
N UNK M 274 -40.40 27.09 114.10
CA UNK M 274 -40.36 26.84 112.68
C UNK M 274 -39.92 28.10 111.94
N UNK M 275 -40.48 29.23 112.32
CA UNK M 275 -40.06 30.49 111.72
C UNK M 275 -38.68 30.90 112.22
N UNK M 276 -38.34 30.49 113.44
CA UNK M 276 -37.01 30.72 113.98
C UNK M 276 -36.00 29.99 113.14
N UNK M 277 -36.25 28.73 112.88
CA UNK M 277 -35.38 27.98 112.00
C UNK M 277 -35.51 28.44 110.56
N UNK M 278 -36.61 29.09 110.21
CA UNK M 278 -36.76 29.61 108.86
C UNK M 278 -35.83 30.78 108.64
N UNK M 279 -35.79 31.71 109.59
CA UNK M 279 -34.78 32.75 109.55
C UNK M 279 -33.40 32.17 109.71
N UNK M 280 -33.30 31.10 110.47
CA UNK M 280 -32.06 30.36 110.62
C UNK M 280 -31.87 29.35 109.52
N UNK M 281 -32.46 29.59 108.35
CA UNK M 281 -31.97 29.01 107.11
C UNK M 281 -30.84 29.89 106.54
N UNK M 282 -31.93 51.53 111.93
CA UNK M 282 -32.45 51.75 113.25
C UNK M 282 -32.04 50.61 114.13
N UNK M 283 -32.71 50.47 115.28
CA UNK M 283 -32.58 49.27 116.09
C UNK M 283 -33.96 48.63 116.09
N UNK M 284 -34.28 47.99 114.99
CA UNK M 284 -35.37 47.03 114.94
C UNK M 284 -34.80 45.64 115.14
N UNK M 285 -34.03 45.52 116.21
CA UNK M 285 -33.20 44.36 116.41
C UNK M 285 -33.83 43.36 117.33
N UNK M 286 -35.16 43.27 117.37
CA UNK M 286 -35.85 42.25 118.17
C UNK M 286 -35.74 40.94 117.39
N UNK M 287 -34.55 40.37 117.43
CA UNK M 287 -34.03 39.61 116.30
C UNK M 287 -34.67 38.23 116.22
N UNK M 288 -34.39 37.39 117.20
CA UNK M 288 -34.77 35.99 117.12
C UNK M 288 -36.18 35.73 117.62
N UNK M 289 -36.99 36.75 117.76
CA UNK M 289 -38.42 36.56 117.91
C UNK M 289 -39.15 37.62 117.14
N UNK M 290 -38.61 38.00 115.99
CA UNK M 290 -39.17 39.07 115.18
C UNK M 290 -40.47 38.64 114.51
N UNK M 291 -41.52 38.49 115.31
CA UNK M 291 -42.67 37.74 114.83
C UNK M 291 -43.87 38.10 115.67
N UNK M 292 -44.83 38.77 115.08
CA UNK M 292 -46.15 38.81 115.67
C UNK M 292 -46.91 37.59 115.19
N UNK M 293 -48.19 37.49 115.53
CA UNK M 293 -49.00 36.38 115.02
C UNK M 293 -49.27 36.50 113.53
N UNK M 294 -48.88 37.61 112.89
CA UNK M 294 -48.82 37.71 111.45
C UNK M 294 -47.48 37.25 110.88
N UNK M 295 -46.73 36.43 111.60
CA UNK M 295 -45.55 35.82 111.00
C UNK M 295 -45.90 34.61 110.15
N UNK M 296 -47.13 34.12 110.30
CA UNK M 296 -47.60 32.99 109.51
C UNK M 296 -47.51 33.28 108.02
N UNK M 297 -47.99 34.47 107.62
CA UNK M 297 -47.93 34.90 106.23
C UNK M 297 -46.50 34.98 105.74
N UNK M 298 -45.57 35.36 106.61
CA UNK M 298 -44.15 35.40 106.25
C UNK M 298 -43.67 34.00 105.90
N UNK M 299 -44.02 33.04 106.75
CA UNK M 299 -43.61 31.66 106.53
C UNK M 299 -44.14 31.13 105.22
N UNK M 300 -45.41 31.41 104.96
CA UNK M 300 -46.11 30.84 103.82
C UNK M 300 -45.57 31.38 102.52
N UNK M 301 -45.48 32.70 102.41
CA UNK M 301 -45.03 33.29 101.16
C UNK M 301 -43.57 32.98 100.90
N UNK M 302 -42.78 32.82 101.97
CA UNK M 302 -41.44 32.29 101.81
C UNK M 302 -41.48 30.90 101.20
N UNK M 303 -42.37 30.05 101.72
CA UNK M 303 -42.47 28.66 101.29
C UNK M 303 -42.86 28.57 99.83
N UNK M 304 -43.91 29.28 99.45
CA UNK M 304 -44.39 29.16 98.09
C UNK M 304 -43.52 29.93 97.12
N UNK M 305 -42.78 30.94 97.57
CA UNK M 305 -41.90 31.65 96.65
C UNK M 305 -40.69 30.79 96.32
N UNK M 306 -40.11 30.18 97.33
CA UNK M 306 -39.05 29.23 97.08
C UNK M 306 -39.58 28.02 96.34
N UNK M 307 -40.85 27.68 96.57
CA UNK M 307 -41.48 26.64 95.78
C UNK M 307 -41.72 27.09 94.35
N UNK M 308 -41.88 28.39 94.13
CA UNK M 308 -42.18 28.90 92.80
C UNK M 308 -40.95 28.81 91.92
N UNK M 309 -39.84 29.32 92.42
CA UNK M 309 -38.59 29.03 91.74
C UNK M 309 -38.23 27.55 91.80
N UNK M 310 -38.77 26.80 92.75
CA UNK M 310 -38.44 25.38 92.81
C UNK M 310 -39.20 24.60 91.77
N UNK M 311 -40.43 24.99 91.50
CA UNK M 311 -41.16 24.38 90.41
C UNK M 311 -40.65 24.88 89.09
N UNK M 312 -40.07 26.09 89.08
CA UNK M 312 -39.36 26.55 87.90
C UNK M 312 -38.19 25.64 87.60
N UNK M 313 -37.43 25.30 88.63
CA UNK M 313 -36.40 24.29 88.51
C UNK M 313 -36.97 22.96 88.03
N UNK M 314 -38.11 22.57 88.58
CA UNK M 314 -38.75 21.32 88.21
C UNK M 314 -39.15 21.32 86.75
N UNK M 315 -39.66 22.44 86.27
CA UNK M 315 -40.17 22.54 84.90
C UNK M 315 -39.04 22.62 83.89
N UNK M 316 -38.00 23.36 84.22
CA UNK M 316 -36.88 23.48 83.29
C UNK M 316 -36.10 22.19 83.21
N UNK M 317 -35.76 21.62 84.36
CA UNK M 317 -35.10 20.33 84.40
C UNK M 317 -36.03 19.18 84.01
N UNK M 318 -37.33 19.42 83.83
CA UNK M 318 -38.25 18.35 83.50
C UNK M 318 -38.01 17.79 82.10
N UNK M 319 -38.22 18.59 81.07
CA UNK M 319 -38.24 18.06 79.71
C UNK M 319 -37.78 19.14 78.73
N UNK M 320 -38.01 18.90 77.44
CA UNK M 320 -37.24 19.45 76.34
C UNK M 320 -37.62 20.90 76.01
N UNK M 321 -37.24 21.32 74.79
CA UNK M 321 -36.91 22.69 74.40
C UNK M 321 -38.00 23.69 74.68
N UNK M 322 -37.73 24.56 75.66
CA UNK M 322 -38.58 25.68 76.07
C UNK M 322 -37.83 26.51 77.09
N UNK M 323 -37.98 27.82 76.98
CA UNK M 323 -37.70 28.72 78.10
C UNK M 323 -38.76 29.80 78.22
N UNK M 324 -39.77 29.80 77.35
CA UNK M 324 -40.95 30.65 77.55
C UNK M 324 -41.76 30.17 78.74
N UNK M 325 -41.69 28.87 79.04
CA UNK M 325 -42.20 28.37 80.30
C UNK M 325 -41.45 28.98 81.48
N UNK M 326 -40.13 29.10 81.38
CA UNK M 326 -39.38 29.70 82.47
C UNK M 326 -39.62 31.20 82.55
N UNK M 327 -39.86 31.85 81.43
CA UNK M 327 -40.24 33.25 81.47
C UNK M 327 -41.59 33.43 82.14
N UNK M 328 -42.49 32.47 81.94
CA UNK M 328 -43.72 32.47 82.70
C UNK M 328 -43.45 32.27 84.18
N UNK M 329 -42.43 31.48 84.49
CA UNK M 329 -42.04 31.36 85.88
C UNK M 329 -41.40 32.64 86.39
N UNK M 330 -40.89 33.47 85.50
CA UNK M 330 -40.39 34.78 85.92
C UNK M 330 -41.52 35.73 86.29
N UNK M 331 -42.77 35.36 86.00
CA UNK M 331 -43.95 36.00 86.57
C UNK M 331 -44.52 35.22 87.74
N UNK M 332 -44.37 33.89 87.72
CA UNK M 332 -44.78 33.06 88.85
C UNK M 332 -44.02 33.45 90.11
N UNK M 333 -42.74 33.78 89.97
CA UNK M 333 -42.01 34.39 91.05
C UNK M 333 -42.56 35.77 91.35
N UNK M 334 -42.91 36.53 90.31
CA UNK M 334 -43.20 37.95 90.46
C UNK M 334 -44.47 38.20 91.25
N UNK M 335 -45.34 37.21 91.33
CA UNK M 335 -46.53 37.31 92.14
C UNK M 335 -46.25 37.44 93.64
N UNK M 336 -45.01 37.20 94.09
CA UNK M 336 -44.66 37.17 95.50
C UNK M 336 -44.40 38.54 96.11
N UNK M 337 -44.30 39.59 95.28
CA UNK M 337 -44.04 40.94 95.77
C UNK M 337 -45.23 41.53 96.51
N UNK M 338 -46.39 40.89 96.47
CA UNK M 338 -47.63 41.57 96.81
C UNK M 338 -47.82 41.72 98.30
N UNK M 339 -47.76 40.62 99.04
CA UNK M 339 -48.24 40.63 100.41
C UNK M 339 -47.18 41.05 101.39
N UNK M 340 -46.24 41.91 101.01
CA UNK M 340 -45.27 42.40 101.97
C UNK M 340 -45.73 43.63 102.73
N UNK M 341 -46.82 44.28 102.33
CA UNK M 341 -47.31 45.42 103.09
C UNK M 341 -48.20 44.98 104.25
N UNK M 342 -49.34 44.38 103.91
CA UNK M 342 -50.05 43.30 104.61
C UNK M 342 -49.90 43.27 106.12
N UNK M 343 -50.15 44.41 106.76
CA UNK M 343 -50.00 44.61 108.20
C UNK M 343 -48.60 44.21 108.68
N UNK M 344 -47.60 44.56 107.87
CA UNK M 344 -46.19 44.27 108.19
C UNK M 344 -45.61 45.34 109.11
N UNK M 345 -46.15 45.39 110.32
CA UNK M 345 -46.06 46.59 111.12
C UNK M 345 -44.68 46.83 111.70
N UNK M 346 -43.85 45.81 111.78
CA UNK M 346 -42.53 46.01 112.36
C UNK M 346 -41.62 46.68 111.35
N UNK M 347 -40.55 47.25 111.86
CA UNK M 347 -39.40 47.58 111.03
C UNK M 347 -38.43 46.42 110.96
N UNK M 348 -38.77 45.31 111.63
CA UNK M 348 -37.96 44.10 111.67
C UNK M 348 -38.52 42.98 110.82
N UNK M 349 -39.85 42.89 110.74
CA UNK M 349 -40.51 41.76 110.11
C UNK M 349 -40.17 41.67 108.64
N UNK M 350 -40.55 42.70 107.88
CA UNK M 350 -40.35 42.69 106.45
C UNK M 350 -38.88 42.64 106.10
N UNK M 351 -38.08 43.42 106.82
CA UNK M 351 -36.66 43.55 106.52
C UNK M 351 -35.94 42.23 106.76
N UNK M 352 -35.97 41.74 108.00
CA UNK M 352 -35.26 40.53 108.35
C UNK M 352 -35.83 39.33 107.63
N UNK M 353 -37.14 39.29 107.38
CA UNK M 353 -37.74 38.13 106.75
C UNK M 353 -37.32 38.02 105.31
N UNK M 354 -37.36 39.15 104.58
CA UNK M 354 -36.91 39.17 103.21
C UNK M 354 -35.45 38.80 103.13
N UNK M 355 -34.66 39.32 104.06
CA UNK M 355 -33.25 39.00 104.13
C UNK M 355 -33.05 37.50 104.32
N UNK M 356 -33.90 36.88 105.12
CA UNK M 356 -33.74 35.47 105.45
C UNK M 356 -34.06 34.59 104.25
N UNK M 357 -35.18 34.84 103.59
CA UNK M 357 -35.58 33.95 102.49
C UNK M 357 -34.70 34.16 101.26
N UNK M 358 -34.36 35.42 100.96
CA UNK M 358 -33.43 35.69 99.87
C UNK M 358 -32.05 35.13 100.18
N UNK M 359 -31.60 35.27 101.44
CA UNK M 359 -30.36 34.71 101.92
C UNK M 359 -30.36 33.21 101.82
N UNK M 360 -31.53 32.59 101.94
CA UNK M 360 -31.63 31.16 101.80
C UNK M 360 -31.40 30.74 100.37
N UNK M 361 -32.25 31.18 99.47
CA UNK M 361 -32.07 30.63 98.15
C UNK M 361 -31.10 31.46 97.34
N UNK M 362 -31.45 32.71 97.05
CA UNK M 362 -30.84 33.48 95.97
C UNK M 362 -29.41 33.85 96.26
N UNK M 363 -29.10 34.12 97.53
CA UNK M 363 -27.71 34.27 97.93
C UNK M 363 -26.95 32.97 97.75
N UNK M 364 -27.52 31.89 98.24
CA UNK M 364 -26.88 30.60 98.08
C UNK M 364 -27.16 29.98 96.73
N UNK M 365 -27.93 30.62 95.87
CA UNK M 365 -28.18 30.06 94.56
C UNK M 365 -26.97 30.16 93.64
N UNK M 366 -25.87 30.74 94.10
CA UNK M 366 -24.59 30.53 93.47
C UNK M 366 -24.00 29.21 93.95
N UNK M 367 -22.73 29.02 93.64
CA UNK M 367 -21.78 28.16 94.34
C UNK M 367 -21.96 26.66 94.17
N UNK M 368 -23.07 26.17 93.62
CA UNK M 368 -23.26 24.73 93.60
C UNK M 368 -22.48 24.07 92.46
N UNK M 369 -22.83 24.40 91.23
CA UNK M 369 -22.04 23.92 90.11
C UNK M 369 -20.70 24.60 90.08
N UNK M 370 -20.56 25.72 90.77
CA UNK M 370 -19.23 26.22 91.06
C UNK M 370 -18.46 25.24 91.92
N UNK M 371 -19.09 24.59 92.88
CA UNK M 371 -18.34 23.66 93.68
C UNK M 371 -18.02 22.42 92.88
N UNK M 372 -18.93 22.05 92.00
CA UNK M 372 -18.60 21.00 91.05
C UNK M 372 -17.48 21.42 90.12
N UNK M 373 -17.42 22.71 89.79
CA UNK M 373 -16.33 23.22 88.99
C UNK M 373 -15.06 23.27 89.78
N UNK M 374 -15.18 23.49 91.08
CA UNK M 374 -14.03 23.42 91.96
C UNK M 374 -13.51 22.00 92.01
N UNK M 375 -14.40 21.04 91.88
CA UNK M 375 -13.98 19.67 91.69
C UNK M 375 -13.41 19.57 90.29
N UNK M 376 -12.12 19.87 90.19
CA UNK M 376 -11.41 19.82 88.93
C UNK M 376 -11.13 18.36 88.58
N UNK M 377 -12.18 17.66 88.15
CA UNK M 377 -12.06 16.22 88.13
C UNK M 377 -11.25 15.78 86.93
N UNK M 378 -11.79 15.88 85.74
CA UNK M 378 -11.03 15.42 84.61
C UNK M 378 -11.49 16.16 83.39
N UNK M 379 -10.64 16.11 82.37
CA UNK M 379 -10.91 16.77 81.11
C UNK M 379 -12.22 16.30 80.51
N UNK M 380 -12.32 14.99 80.28
CA UNK M 380 -13.55 14.46 79.73
C UNK M 380 -14.68 14.57 80.73
N UNK M 381 -14.37 14.63 82.02
CA UNK M 381 -15.42 14.74 83.02
C UNK M 381 -16.09 16.09 82.95
N UNK M 382 -15.30 17.14 82.99
CA UNK M 382 -15.85 18.46 82.86
C UNK M 382 -16.37 18.68 81.46
N UNK M 383 -15.84 17.93 80.49
CA UNK M 383 -16.42 17.94 79.17
C UNK M 383 -17.80 17.32 79.20
N UNK M 384 -17.98 16.36 80.08
CA UNK M 384 -19.30 15.77 80.19
C UNK M 384 -20.25 16.69 80.90
N UNK M 385 -19.75 17.43 81.88
CA UNK M 385 -20.64 18.33 82.59
C UNK M 385 -21.00 19.53 81.74
N UNK M 386 -20.05 20.01 80.96
CA UNK M 386 -20.32 21.04 79.98
C UNK M 386 -21.31 20.54 78.95
N UNK M 387 -21.12 19.30 78.50
CA UNK M 387 -22.10 18.64 77.67
C UNK M 387 -23.43 18.51 78.37
N UNK M 388 -23.42 18.37 79.68
CA UNK M 388 -24.67 18.21 80.40
C UNK M 388 -25.43 19.52 80.49
N UNK M 389 -24.74 20.57 80.89
CA UNK M 389 -25.40 21.87 80.98
C UNK M 389 -25.80 22.35 79.61
N UNK M 390 -24.98 22.05 78.62
CA UNK M 390 -25.35 22.35 77.25
C UNK M 390 -26.47 21.47 76.75
N UNK M 391 -26.66 20.30 77.34
CA UNK M 391 -27.84 19.51 77.02
C UNK M 391 -29.07 20.18 77.59
N UNK M 392 -28.95 20.69 78.81
CA UNK M 392 -30.03 21.43 79.42
C UNK M 392 -30.04 22.90 79.02
N UNK M 393 -29.32 23.27 77.96
CA UNK M 393 -29.24 24.66 77.53
C UNK M 393 -30.54 25.06 76.84
N UNK M 394 -31.57 25.29 77.65
CA UNK M 394 -32.77 25.90 77.11
C UNK M 394 -32.53 27.36 76.80
N UNK M 395 -31.86 28.07 77.70
CA UNK M 395 -31.43 29.43 77.46
C UNK M 395 -30.00 29.40 76.93
N UNK M 396 -29.82 29.99 75.76
CA UNK M 396 -28.50 30.09 75.17
C UNK M 396 -27.71 31.26 75.73
N UNK M 397 -28.38 32.19 76.38
CA UNK M 397 -27.75 33.45 76.75
C UNK M 397 -27.80 33.74 78.23
N UNK M 398 -28.88 33.37 78.91
CA UNK M 398 -28.82 33.35 80.37
C UNK M 398 -27.85 32.30 80.86
N UNK M 399 -27.58 31.28 80.04
CA UNK M 399 -26.44 30.41 80.27
C UNK M 399 -25.14 31.19 80.20
N UNK M 400 -25.00 32.05 79.19
CA UNK M 400 -23.81 32.87 79.10
C UNK M 400 -23.72 33.86 80.24
N UNK M 401 -24.84 34.18 80.87
CA UNK M 401 -24.84 34.89 82.15
C UNK M 401 -24.45 33.99 83.30
N UNK M 402 -24.90 32.74 83.26
CA UNK M 402 -24.59 31.82 84.32
C UNK M 402 -23.11 31.52 84.37
N UNK M 403 -22.45 31.56 83.22
CA UNK M 403 -21.00 31.48 83.18
C UNK M 403 -20.37 32.63 83.95
N UNK M 404 -20.98 33.80 83.88
CA UNK M 404 -20.45 34.88 84.69
C UNK M 404 -20.76 34.66 86.16
N UNK M 405 -21.89 34.01 86.44
CA UNK M 405 -22.22 33.71 87.83
C UNK M 405 -21.22 32.76 88.42
N UNK M 406 -20.70 31.88 87.59
CA UNK M 406 -19.52 31.12 87.97
C UNK M 406 -18.33 32.04 88.14
N UNK M 407 -18.12 32.94 87.17
CA UNK M 407 -16.90 33.74 87.12
C UNK M 407 -16.79 34.70 88.29
N UNK M 408 -17.88 34.86 89.03
CA UNK M 408 -17.87 35.38 90.38
C UNK M 408 -16.93 34.65 91.32
N UNK M 409 -16.59 33.38 91.07
CA UNK M 409 -15.73 32.66 92.00
C UNK M 409 -14.31 33.21 91.97
N UNK M 410 -13.78 33.52 90.79
CA UNK M 410 -12.43 34.02 90.66
C UNK M 410 -12.41 35.54 90.85
N UNK M 411 -11.29 36.16 90.46
CA UNK M 411 -11.15 37.61 90.41
C UNK M 411 -9.93 37.95 89.54
N UNK M 412 -9.66 39.26 89.42
CA UNK M 412 -8.33 39.83 89.15
C UNK M 412 -7.77 39.68 87.75
N UNK M 413 -8.42 38.93 86.87
CA UNK M 413 -8.08 38.97 85.45
C UNK M 413 -9.32 38.75 84.61
N UNK M 414 -10.45 39.19 85.13
CA UNK M 414 -11.63 38.37 85.09
C UNK M 414 -12.27 38.20 83.73
N UNK M 415 -11.68 38.64 82.63
CA UNK M 415 -12.26 38.29 81.34
C UNK M 415 -11.21 38.01 80.29
N UNK M 416 -9.97 37.78 80.71
CA UNK M 416 -8.74 37.99 79.95
C UNK M 416 -8.76 37.28 78.62
N UNK M 417 -8.80 35.96 78.64
CA UNK M 417 -9.12 35.24 77.43
C UNK M 417 -10.57 34.85 77.36
N UNK M 418 -11.38 35.29 78.33
CA UNK M 418 -12.80 34.95 78.31
C UNK M 418 -13.50 35.65 77.17
N UNK M 419 -12.95 36.77 76.73
CA UNK M 419 -13.34 37.30 75.45
C UNK M 419 -12.75 36.52 74.29
N UNK M 420 -11.53 35.98 74.48
CA UNK M 420 -10.81 35.37 73.37
C UNK M 420 -11.53 34.13 72.90
N UNK M 421 -12.10 33.40 73.83
CA UNK M 421 -12.86 32.21 73.48
C UNK M 421 -14.14 32.58 72.76
N UNK M 422 -14.94 33.43 73.41
CA UNK M 422 -16.25 33.81 72.92
C UNK M 422 -16.20 34.36 71.51
N UNK M 423 -15.14 35.11 71.19
CA UNK M 423 -14.93 35.54 69.81
C UNK M 423 -14.34 34.44 68.94
N UNK M 424 -13.28 33.79 69.43
CA UNK M 424 -12.44 32.84 68.70
C UNK M 424 -13.19 31.63 68.22
N UNK M 425 -14.38 31.41 68.79
CA UNK M 425 -15.32 30.42 68.33
C UNK M 425 -15.60 30.52 66.83
N UNK M 426 -15.65 31.72 66.26
CA UNK M 426 -16.09 31.88 64.88
C UNK M 426 -14.99 31.44 63.91
N UNK M 427 -15.28 30.41 63.11
CA UNK M 427 -14.35 29.67 62.27
C UNK M 427 -15.17 28.83 61.29
N UNK M 428 -14.60 27.74 60.74
CA UNK M 428 -15.40 26.79 59.97
C UNK M 428 -16.33 25.97 60.89
N UNK M 429 -17.26 25.26 60.25
CA UNK M 429 -18.55 24.93 60.87
C UNK M 429 -18.65 23.51 61.37
N UNK M 430 -18.62 23.34 62.69
CA UNK M 430 -19.21 22.21 63.37
C UNK M 430 -20.61 22.62 63.83
N UNK M 431 -21.23 21.85 64.73
CA UNK M 431 -22.56 22.20 65.21
C UNK M 431 -22.53 23.46 66.07
N UNK M 432 -23.68 24.12 66.15
CA UNK M 432 -23.83 25.16 67.16
C UNK M 432 -23.94 24.54 68.53
N UNK M 433 -24.34 23.28 68.59
CA UNK M 433 -24.07 22.47 69.76
C UNK M 433 -22.57 22.45 70.06
N UNK M 434 -21.74 22.29 69.03
CA UNK M 434 -20.31 22.25 69.26
C UNK M 434 -19.78 23.62 69.64
N UNK M 435 -20.42 24.65 69.15
CA UNK M 435 -20.11 25.99 69.58
C UNK M 435 -20.42 26.17 71.05
N UNK M 436 -21.60 25.73 71.46
CA UNK M 436 -22.01 25.82 72.85
C UNK M 436 -21.08 25.06 73.74
N UNK M 437 -20.77 23.83 73.34
CA UNK M 437 -19.97 22.96 74.17
C UNK M 437 -18.53 23.44 74.21
N UNK M 438 -17.97 23.75 73.05
CA UNK M 438 -16.62 24.24 72.99
C UNK M 438 -16.50 25.59 73.65
N UNK M 439 -17.60 26.33 73.71
CA UNK M 439 -17.62 27.59 74.40
C UNK M 439 -17.49 27.39 75.90
N UNK M 440 -18.36 26.56 76.44
CA UNK M 440 -18.35 26.37 77.88
C UNK M 440 -17.09 25.64 78.30
N UNK M 441 -16.63 24.72 77.47
CA UNK M 441 -15.45 23.96 77.77
C UNK M 441 -14.19 24.75 77.46
N UNK M 442 -14.33 25.90 76.84
CA UNK M 442 -13.27 26.85 77.00
C UNK M 442 -13.29 27.39 78.40
N UNK M 443 -14.46 27.59 78.96
CA UNK M 443 -14.55 28.53 80.05
C UNK M 443 -14.07 27.96 81.37
N UNK M 444 -14.44 26.74 81.69
CA UNK M 444 -13.91 26.24 82.95
C UNK M 444 -12.48 25.81 82.80
N UNK M 445 -12.11 25.40 81.58
CA UNK M 445 -10.71 25.21 81.23
C UNK M 445 -9.94 26.49 81.44
N UNK M 446 -10.57 27.59 81.13
CA UNK M 446 -10.01 28.87 81.48
C UNK M 446 -9.98 29.05 82.99
N UNK M 447 -10.98 28.52 83.68
CA UNK M 447 -11.12 28.78 85.11
C UNK M 447 -10.24 27.90 85.96
N UNK M 448 -9.12 27.42 85.43
CA UNK M 448 -8.09 26.77 86.22
C UNK M 448 -7.63 27.68 87.33
N UNK M 449 -7.29 27.07 88.45
CA UNK M 449 -6.74 27.79 89.58
C UNK M 449 -5.28 28.11 89.30
N UNK M 450 -4.53 28.40 90.35
CA UNK M 450 -3.09 28.47 90.22
C UNK M 450 -2.56 27.11 89.83
N UNK M 451 -25.19 11.50 90.84
CA UNK M 451 -24.35 12.68 90.90
C UNK M 451 -24.64 13.63 89.72
N UNK M 452 -25.12 13.08 88.61
CA UNK M 452 -25.66 13.94 87.58
C UNK M 452 -27.03 14.47 87.97
N UNK M 453 -27.73 13.76 88.86
CA UNK M 453 -28.89 14.34 89.51
C UNK M 453 -28.49 15.54 90.37
N UNK M 454 -27.35 15.44 91.04
CA UNK M 454 -26.78 16.62 91.69
C UNK M 454 -26.36 17.67 90.67
N UNK M 455 -25.91 17.25 89.50
CA UNK M 455 -25.53 18.22 88.49
C UNK M 455 -26.73 18.96 87.96
N UNK M 456 -27.84 18.26 87.78
CA UNK M 456 -29.07 18.93 87.42
C UNK M 456 -29.59 19.77 88.56
N UNK M 457 -29.32 19.37 89.80
CA UNK M 457 -29.71 20.17 90.95
C UNK M 457 -28.91 21.46 91.02
N UNK M 458 -27.63 21.38 90.69
CA UNK M 458 -26.77 22.56 90.71
C UNK M 458 -27.08 23.45 89.53
N UNK M 459 -27.43 22.83 88.41
CA UNK M 459 -28.00 23.56 87.29
C UNK M 459 -29.22 24.33 87.73
N UNK M 460 -30.09 23.68 88.49
CA UNK M 460 -31.28 24.35 89.01
C UNK M 460 -30.91 25.46 89.97
N UNK M 461 -29.86 25.26 90.75
CA UNK M 461 -29.45 26.27 91.72
C UNK M 461 -28.94 27.53 91.04
N UNK M 462 -28.00 27.38 90.11
CA UNK M 462 -27.48 28.55 89.40
C UNK M 462 -28.54 29.12 88.47
N UNK M 463 -29.44 28.27 88.00
CA UNK M 463 -30.61 28.77 87.31
C UNK M 463 -31.50 29.57 88.23
N UNK M 464 -31.53 29.26 89.51
CA UNK M 464 -32.32 30.05 90.43
C UNK M 464 -31.58 31.29 90.88
N UNK M 465 -30.26 31.32 90.71
CA UNK M 465 -29.54 32.57 90.85
C UNK M 465 -29.91 33.52 89.73
N UNK M 466 -30.06 32.97 88.53
CA UNK M 466 -30.67 33.76 87.47
C UNK M 466 -32.10 34.13 87.85
N UNK M 467 -32.97 33.13 87.95
CA UNK M 467 -34.41 33.33 88.06
C UNK M 467 -34.86 33.85 89.41
N UNK M 468 -33.95 34.15 90.32
CA UNK M 468 -34.31 34.67 91.63
C UNK M 468 -33.71 36.02 91.93
N UNK M 469 -32.55 36.34 91.36
CA UNK M 469 -31.95 37.65 91.57
C UNK M 469 -32.49 38.71 90.64
N UNK M 470 -33.62 38.43 89.99
CA UNK M 470 -34.30 39.39 89.13
C UNK M 470 -35.08 40.40 89.97
N UNK N 1 -114.92 75.33 94.20
CA UNK N 1 -114.03 75.28 95.35
C UNK N 1 -112.91 74.34 95.02
N UNK N 2 -113.20 73.06 95.24
CA UNK N 2 -112.39 72.01 94.65
C UNK N 2 -112.34 72.18 93.15
N UNK N 3 -113.50 72.38 92.54
CA UNK N 3 -113.59 72.64 91.11
C UNK N 3 -112.89 73.93 90.72
N UNK N 4 -112.86 74.89 91.62
CA UNK N 4 -112.26 76.18 91.31
C UNK N 4 -110.74 76.09 91.19
N UNK N 5 -110.09 75.68 92.29
CA UNK N 5 -108.65 75.44 92.26
C UNK N 5 -108.31 74.41 91.21
N UNK N 6 -109.21 73.46 90.99
CA UNK N 6 -109.07 72.51 89.90
C UNK N 6 -109.06 73.21 88.57
N UNK N 7 -109.95 74.18 88.38
CA UNK N 7 -110.15 74.75 87.05
C UNK N 7 -108.95 75.58 86.67
N UNK N 8 -108.44 76.33 87.64
CA UNK N 8 -107.22 77.06 87.40
C UNK N 8 -106.06 76.11 87.17
N UNK N 9 -106.02 75.02 87.93
CA UNK N 9 -104.97 74.03 87.77
C UNK N 9 -104.99 73.44 86.39
N UNK N 10 -106.17 73.05 85.94
CA UNK N 10 -106.33 72.40 84.67
C UNK N 10 -106.15 73.38 83.53
N UNK N 11 -106.42 74.66 83.78
CA UNK N 11 -106.03 75.63 82.80
C UNK N 11 -104.52 75.76 82.73
N UNK N 12 -103.82 75.45 83.81
CA UNK N 12 -102.38 75.55 83.68
C UNK N 12 -101.70 74.23 83.34
N UNK N 13 -101.57 73.34 84.33
CA UNK N 13 -100.95 72.02 84.30
C UNK N 13 -101.04 71.41 85.70
N UNK N 14 -100.48 70.22 85.84
CA UNK N 14 -100.17 69.55 87.11
C UNK N 14 -99.20 68.46 86.71
N UNK N 15 -98.15 68.23 87.47
CA UNK N 15 -97.03 67.58 86.80
C UNK N 15 -96.16 66.81 87.78
N UNK N 16 -94.90 66.72 87.37
CA UNK N 16 -93.70 66.04 87.84
C UNK N 16 -93.68 64.58 87.43
N UNK N 17 -94.82 63.96 87.09
CA UNK N 17 -94.84 62.75 86.27
C UNK N 17 -96.14 62.61 85.52
N UNK N 18 -97.17 63.21 86.10
CA UNK N 18 -98.53 62.83 85.76
C UNK N 18 -98.93 63.34 84.40
N UNK N 19 -98.17 64.27 83.85
CA UNK N 19 -98.24 64.57 82.44
C UNK N 19 -98.01 63.33 81.60
N UNK N 20 -96.91 62.63 81.87
CA UNK N 20 -96.63 61.42 81.10
C UNK N 20 -97.67 60.34 81.37
N UNK N 21 -98.11 60.23 82.63
CA UNK N 21 -99.13 59.22 82.94
C UNK N 21 -100.44 59.48 82.20
N UNK N 22 -100.88 60.74 82.17
CA UNK N 22 -102.10 61.05 81.46
C UNK N 22 -101.94 60.93 79.97
N UNK N 23 -100.74 61.21 79.45
CA UNK N 23 -100.45 60.95 78.06
C UNK N 23 -100.58 59.46 77.74
N UNK N 24 -100.27 58.61 78.71
CA UNK N 24 -100.52 57.19 78.48
C UNK N 24 -102.00 56.87 78.47
N UNK N 25 -102.78 57.58 79.27
CA UNK N 25 -104.22 57.31 79.25
C UNK N 25 -104.80 57.70 77.92
N UNK N 26 -104.27 58.77 77.35
CA UNK N 26 -104.55 59.06 75.96
C UNK N 26 -104.13 57.92 75.07
N UNK N 27 -102.98 57.33 75.36
CA UNK N 27 -102.47 56.29 74.46
C UNK N 27 -103.37 55.07 74.50
N UNK N 28 -103.99 54.82 75.63
CA UNK N 28 -104.86 53.66 75.73
C UNK N 28 -106.20 53.91 75.07
N UNK N 29 -106.74 55.11 75.22
CA UNK N 29 -107.99 55.42 74.55
C UNK N 29 -107.79 55.38 73.06
N UNK N 30 -106.62 55.84 72.61
CA UNK N 30 -106.22 55.71 71.23
C UNK N 30 -106.15 54.25 70.82
N UNK N 31 -105.64 53.42 71.70
CA UNK N 31 -105.45 52.03 71.38
C UNK N 31 -106.80 51.33 71.22
N UNK N 32 -107.68 51.48 72.21
CA UNK N 32 -108.96 50.80 72.16
C UNK N 32 -109.79 51.29 71.02
N UNK N 33 -109.65 52.56 70.66
CA UNK N 33 -110.27 53.05 69.45
C UNK N 33 -109.75 52.30 68.26
N UNK N 34 -108.44 52.07 68.20
CA UNK N 34 -107.90 51.37 67.05
C UNK N 34 -108.36 49.92 67.02
N UNK N 35 -108.52 49.33 68.20
CA UNK N 35 -108.83 47.91 68.22
C UNK N 35 -110.28 47.67 67.88
N UNK N 36 -111.17 48.46 68.45
CA UNK N 36 -112.56 48.32 68.11
C UNK N 36 -112.80 48.71 66.69
N UNK N 37 -112.01 49.65 66.16
CA UNK N 37 -112.10 49.99 64.77
C UNK N 37 -111.75 48.82 63.89
N UNK N 38 -110.61 48.19 64.18
CA UNK N 38 -110.15 47.09 63.35
C UNK N 38 -111.07 45.90 63.44
N UNK N 39 -111.55 45.61 64.64
CA UNK N 39 -112.44 44.48 64.83
C UNK N 39 -113.77 44.73 64.18
N UNK N 40 -114.24 45.96 64.16
CA UNK N 40 -115.51 46.17 63.48
C UNK N 40 -115.30 46.41 62.01
N UNK N 41 -114.59 45.51 61.34
CA UNK N 41 -114.41 45.64 59.91
C UNK N 41 -114.89 44.42 59.15
N UNK N 42 -114.45 43.22 59.53
CA UNK N 42 -114.65 42.01 58.74
C UNK N 42 -116.07 41.46 58.93
N UNK N 43 -116.28 40.20 58.57
CA UNK N 43 -117.59 39.56 58.68
C UNK N 43 -117.95 39.36 60.15
N UNK N 44 -118.96 40.10 60.60
CA UNK N 44 -119.19 40.37 62.01
C UNK N 44 -119.69 39.16 62.76
N UNK N 45 -118.88 38.10 62.77
CA UNK N 45 -119.32 36.79 63.24
C UNK N 45 -119.26 36.75 64.75
N UNK N 46 -119.71 35.64 65.33
CA UNK N 46 -120.13 35.60 66.71
C UNK N 46 -119.00 35.86 67.67
N UNK N 47 -117.77 35.74 67.22
CA UNK N 47 -116.64 36.22 67.98
C UNK N 47 -116.57 37.74 68.11
N UNK N 48 -117.54 38.49 67.58
CA UNK N 48 -117.59 39.92 67.83
C UNK N 48 -117.68 40.19 69.30
N UNK N 49 -118.47 39.40 70.00
CA UNK N 49 -118.55 39.54 71.44
C UNK N 49 -117.22 39.21 72.10
N UNK N 50 -116.83 37.96 72.06
CA UNK N 50 -115.64 37.55 72.77
C UNK N 50 -114.39 37.80 71.99
N UNK N 51 -114.41 38.78 71.10
CA UNK N 51 -113.28 39.58 70.71
C UNK N 51 -113.37 40.98 71.30
N UNK N 52 -114.55 41.59 71.24
CA UNK N 52 -114.66 43.00 71.57
C UNK N 52 -114.59 43.20 73.05
N UNK N 53 -115.31 42.37 73.79
CA UNK N 53 -115.25 42.46 75.24
C UNK N 53 -113.86 42.17 75.73
N UNK N 54 -113.15 41.28 75.04
CA UNK N 54 -111.76 41.06 75.36
C UNK N 54 -110.95 42.31 75.15
N UNK N 55 -111.21 43.02 74.06
CA UNK N 55 -110.40 44.19 73.77
C UNK N 55 -110.65 45.28 74.78
N UNK N 56 -111.90 45.47 75.15
CA UNK N 56 -112.16 46.46 76.18
C UNK N 56 -111.69 45.98 77.53
N UNK N 57 -111.57 44.68 77.72
CA UNK N 57 -110.98 44.19 78.95
C UNK N 57 -109.51 44.51 78.99
N UNK N 58 -108.85 44.42 77.85
CA UNK N 58 -107.46 44.87 77.78
C UNK N 58 -107.38 46.36 78.03
N UNK N 59 -108.37 47.10 77.55
CA UNK N 59 -108.40 48.54 77.69
C UNK N 59 -108.51 48.95 79.14
N UNK N 60 -109.55 48.47 79.79
CA UNK N 60 -109.73 48.73 81.20
C UNK N 60 -108.66 48.11 82.05
N UNK N 61 -107.97 47.08 81.57
CA UNK N 61 -106.81 46.59 82.31
C UNK N 61 -105.74 47.66 82.37
N UNK N 62 -105.35 48.18 81.20
CA UNK N 62 -104.35 49.24 81.17
C UNK N 62 -104.85 50.49 81.87
N UNK N 63 -106.15 50.67 81.86
CA UNK N 63 -106.74 51.83 82.53
C UNK N 63 -106.69 51.69 84.03
N UNK N 64 -106.99 50.51 84.54
CA UNK N 64 -106.95 50.29 85.97
C UNK N 64 -105.53 50.42 86.47
N UNK N 65 -104.57 50.00 85.64
CA UNK N 65 -103.17 50.27 85.90
C UNK N 65 -102.91 51.77 86.07
N UNK N 66 -103.24 52.55 85.04
CA UNK N 66 -102.99 53.98 85.07
C UNK N 66 -103.72 54.66 86.20
N UNK N 67 -104.91 54.19 86.51
CA UNK N 67 -105.71 54.90 87.49
C UNK N 67 -105.27 54.60 88.91
N UNK N 68 -104.90 53.37 89.23
CA UNK N 68 -104.39 53.12 90.56
C UNK N 68 -103.02 53.76 90.73
N UNK N 69 -102.23 53.73 89.65
CA UNK N 69 -100.91 54.37 89.67
C UNK N 69 -101.04 55.85 89.93
N UNK N 70 -102.00 56.51 89.28
CA UNK N 70 -102.13 57.95 89.44
C UNK N 70 -102.82 58.32 90.74
N UNK N 71 -103.83 57.57 91.17
CA UNK N 71 -104.42 57.90 92.45
C UNK N 71 -103.51 57.53 93.60
N UNK N 72 -102.43 56.80 93.33
CA UNK N 72 -101.28 56.90 94.20
C UNK N 72 -100.50 58.16 93.92
N UNK N 73 -100.27 58.45 92.66
CA UNK N 73 -99.26 59.42 92.24
C UNK N 73 -99.83 60.83 92.35
N UNK N 74 -99.41 61.53 93.41
CA UNK N 74 -99.77 62.92 93.68
C UNK N 74 -101.28 63.08 93.82
N UNK N 75 -101.81 62.47 94.86
CA UNK N 75 -103.18 62.75 95.28
C UNK N 75 -103.18 63.89 96.29
N UNK N 76 -102.64 65.03 95.87
CA UNK N 76 -103.01 66.27 96.50
C UNK N 76 -104.47 66.56 96.18
N UNK N 77 -105.06 67.46 96.98
CA UNK N 77 -106.50 67.45 97.22
C UNK N 77 -107.32 67.71 95.97
N UNK N 78 -107.25 68.90 95.40
CA UNK N 78 -107.93 69.12 94.15
C UNK N 78 -107.19 68.52 92.98
N UNK N 79 -105.92 68.17 93.18
CA UNK N 79 -105.16 67.46 92.17
C UNK N 79 -105.72 66.08 91.91
N UNK N 80 -106.56 65.55 92.81
CA UNK N 80 -107.48 64.50 92.43
C UNK N 80 -108.32 64.94 91.24
N UNK N 81 -109.07 66.04 91.43
CA UNK N 81 -110.05 66.46 90.43
C UNK N 81 -109.40 66.91 89.14
N UNK N 82 -108.11 67.22 89.18
CA UNK N 82 -107.39 67.68 88.00
C UNK N 82 -107.43 66.65 86.89
N UNK N 83 -106.78 65.53 87.09
CA UNK N 83 -106.91 64.49 86.10
C UNK N 83 -108.28 63.84 86.17
N UNK N 84 -109.01 63.99 87.27
CA UNK N 84 -110.34 63.41 87.28
C UNK N 84 -111.31 64.13 86.38
N UNK N 85 -110.95 65.31 85.89
CA UNK N 85 -111.67 65.89 84.78
C UNK N 85 -110.95 65.68 83.47
N UNK N 86 -109.62 65.75 83.51
CA UNK N 86 -108.84 65.65 82.29
C UNK N 86 -109.02 64.31 81.63
N UNK N 87 -109.20 63.27 82.44
CA UNK N 87 -109.31 61.93 81.92
C UNK N 87 -110.61 61.75 81.15
N UNK N 88 -111.71 62.25 81.69
CA UNK N 88 -112.96 62.11 80.98
C UNK N 88 -112.98 62.98 79.75
N UNK N 89 -112.26 64.09 79.76
CA UNK N 89 -112.08 64.83 78.52
C UNK N 89 -111.33 64.01 77.50
N UNK N 90 -110.24 63.39 77.95
CA UNK N 90 -109.38 62.57 77.10
C UNK N 90 -110.12 61.39 76.53
N UNK N 91 -111.07 60.88 77.29
CA UNK N 91 -112.01 59.93 76.75
C UNK N 91 -112.78 60.59 75.64
N UNK N 92 -113.62 61.55 76.01
CA UNK N 92 -114.75 61.93 75.19
C UNK N 92 -114.29 62.51 73.88
N UNK N 93 -113.48 63.55 73.94
CA UNK N 93 -112.94 64.06 72.71
C UNK N 93 -111.83 63.17 72.22
N UNK N 94 -110.76 63.09 73.01
CA UNK N 94 -109.42 62.99 72.45
C UNK N 94 -109.19 61.66 71.76
N UNK N 95 -110.00 60.65 72.06
CA UNK N 95 -109.99 59.53 71.13
C UNK N 95 -111.33 58.87 70.82
N UNK N 96 -112.19 58.72 71.84
CA UNK N 96 -112.72 57.38 72.15
C UNK N 96 -113.48 56.70 71.03
N UNK N 97 -114.23 57.44 70.23
CA UNK N 97 -115.39 56.85 69.57
C UNK N 97 -115.01 55.92 68.44
N UNK N 98 -115.94 54.99 68.12
CA UNK N 98 -115.80 54.07 66.99
C UNK N 98 -117.15 53.44 66.68
N UNK N 99 -117.64 53.62 65.44
CA UNK N 99 -118.56 52.75 64.70
C UNK N 99 -118.76 53.34 63.29
N UNK N 100 -119.69 52.73 62.56
CA UNK N 100 -120.39 53.35 61.44
C UNK N 100 -121.61 54.11 61.92
N UNK N 101 -121.56 54.55 63.16
CA UNK N 101 -122.47 55.54 63.64
C UNK N 101 -122.35 56.84 62.88
N UNK N 102 -121.28 57.05 62.11
CA UNK N 102 -121.29 58.07 61.07
C UNK N 102 -122.47 57.87 60.14
N UNK N 103 -122.66 56.64 59.68
CA UNK N 103 -123.79 56.37 58.81
C UNK N 103 -125.08 56.42 59.59
N UNK N 104 -125.02 56.24 60.90
CA UNK N 104 -126.19 56.64 61.67
C UNK N 104 -126.33 58.14 61.64
N UNK N 105 -125.24 58.83 61.80
CA UNK N 105 -125.25 60.18 62.30
C UNK N 105 -125.61 61.18 61.24
N UNK N 106 -125.31 60.85 59.99
CA UNK N 106 -126.03 61.50 58.91
C UNK N 106 -127.45 61.04 59.07
N UNK N 107 -128.34 61.95 59.45
CA UNK N 107 -129.62 61.60 60.02
C UNK N 107 -130.51 60.94 59.01
N UNK N 108 -130.79 61.69 57.94
CA UNK N 108 -131.86 61.38 56.98
C UNK N 108 -133.12 61.01 57.75
N UNK N 109 -133.52 61.96 58.58
CA UNK N 109 -134.34 61.69 59.75
C UNK N 109 -135.75 61.25 59.42
N UNK N 110 -136.09 61.09 58.15
CA UNK N 110 -137.21 60.27 57.77
C UNK N 110 -137.09 58.95 58.49
N UNK N 111 -137.99 58.78 59.45
CA UNK N 111 -137.85 57.71 60.41
C UNK N 111 -138.03 56.36 59.76
N UNK N 112 -138.67 56.34 58.60
CA UNK N 112 -138.61 55.16 57.76
C UNK N 112 -137.19 54.88 57.32
N UNK N 113 -136.43 55.90 56.96
CA UNK N 113 -135.06 55.61 56.57
C UNK N 113 -134.22 55.26 57.79
N UNK N 114 -134.58 55.81 58.94
CA UNK N 114 -133.97 55.34 60.18
C UNK N 114 -134.30 53.87 60.40
N UNK N 115 -135.52 53.48 60.10
CA UNK N 115 -135.92 52.09 60.17
C UNK N 115 -135.22 51.27 59.12
N UNK N 116 -134.79 51.89 58.03
CA UNK N 116 -134.00 51.15 57.07
C UNK N 116 -132.65 50.84 57.64
N UNK N 117 -132.08 51.80 58.35
CA UNK N 117 -130.84 51.52 59.06
C UNK N 117 -131.06 50.45 60.12
N UNK N 118 -132.23 50.48 60.75
CA UNK N 118 -132.52 49.55 61.82
C UNK N 118 -132.65 48.15 61.28
N UNK N 119 -133.34 48.01 60.15
CA UNK N 119 -133.45 46.71 59.53
C UNK N 119 -132.11 46.27 59.00
N UNK N 120 -131.24 47.21 58.68
CA UNK N 120 -129.92 46.81 58.24
C UNK N 120 -129.12 46.24 59.39
N UNK N 121 -129.07 46.95 60.51
CA UNK N 121 -128.31 46.45 61.66
C UNK N 121 -128.92 45.20 62.23
N UNK N 122 -130.23 45.11 62.25
CA UNK N 122 -130.88 43.93 62.75
C UNK N 122 -130.87 42.81 61.74
N UNK N 123 -129.68 42.39 61.31
CA UNK N 123 -129.41 41.02 60.87
C UNK N 123 -127.91 40.77 60.93
N UNK N 124 -127.43 40.17 62.02
CA UNK N 124 -126.44 39.09 61.96
C UNK N 124 -126.41 38.15 63.16
N UNK N 125 -126.79 38.64 64.33
CA UNK N 125 -126.35 38.08 65.60
C UNK N 125 -127.55 38.02 66.54
N UNK N 126 -127.31 37.83 67.83
CA UNK N 126 -128.42 37.70 68.76
C UNK N 126 -128.42 38.82 69.77
N UNK N 127 -129.64 39.15 70.21
CA UNK N 127 -130.00 40.49 70.70
C UNK N 127 -129.12 40.98 71.82
N UNK N 128 -128.54 40.08 72.58
CA UNK N 128 -127.59 40.54 73.58
C UNK N 128 -126.29 40.95 72.94
N UNK N 129 -125.81 40.17 71.97
CA UNK N 129 -124.65 40.62 71.24
C UNK N 129 -124.98 41.89 70.49
N UNK N 130 -126.24 42.01 70.06
CA UNK N 130 -126.66 43.23 69.42
C UNK N 130 -126.65 44.39 70.39
N UNK N 131 -126.99 44.14 71.64
CA UNK N 131 -127.09 45.24 72.57
C UNK N 131 -125.71 45.76 72.94
N UNK N 132 -124.75 44.86 73.10
CA UNK N 132 -123.41 45.34 73.38
C UNK N 132 -122.82 46.06 72.17
N UNK N 133 -123.14 45.59 70.96
CA UNK N 133 -122.75 46.35 69.80
C UNK N 133 -123.42 47.70 69.77
N UNK N 134 -124.64 47.78 70.28
CA UNK N 134 -125.31 49.06 70.32
C UNK N 134 -124.63 49.99 71.28
N UNK N 135 -124.11 49.46 72.36
CA UNK N 135 -123.37 50.33 73.26
C UNK N 135 -122.09 50.79 72.62
N UNK N 136 -121.50 49.95 71.79
CA UNK N 136 -120.36 50.44 71.05
C UNK N 136 -120.77 51.44 69.98
N UNK N 137 -122.01 51.43 69.58
CA UNK N 137 -122.50 52.52 68.74
C UNK N 137 -122.83 53.75 69.55
N UNK N 138 -122.94 53.61 70.86
CA UNK N 138 -123.30 54.74 71.70
C UNK N 138 -122.12 55.63 72.01
N UNK N 139 -121.12 55.66 71.13
CA UNK N 139 -120.00 56.56 71.26
C UNK N 139 -120.21 57.77 70.36
N UNK N 140 -121.11 58.67 70.81
CA UNK N 140 -121.27 59.98 70.18
C UNK N 140 -120.93 61.14 71.11
N UNK N 141 -121.61 61.30 72.24
CA UNK N 141 -121.17 62.43 73.05
C UNK N 141 -121.09 62.31 74.57
N UNK N 142 -122.16 61.83 75.20
CA UNK N 142 -122.39 62.16 76.59
C UNK N 142 -121.68 61.20 77.53
N UNK N 143 -121.50 61.63 78.77
CA UNK N 143 -121.01 60.71 79.79
C UNK N 143 -121.96 60.65 80.97
N UNK N 144 -122.42 61.80 81.43
CA UNK N 144 -123.45 61.81 82.45
C UNK N 144 -124.78 61.36 81.90
N UNK N 145 -125.09 61.75 80.67
CA UNK N 145 -126.31 61.35 80.01
C UNK N 145 -126.12 60.15 79.13
N UNK N 146 -124.90 59.67 79.00
CA UNK N 146 -124.70 58.31 78.53
C UNK N 146 -125.55 57.37 79.34
N UNK N 147 -125.45 57.49 80.65
CA UNK N 147 -126.25 56.68 81.55
C UNK N 147 -127.73 56.94 81.37
N UNK N 148 -128.11 58.18 81.10
CA UNK N 148 -129.52 58.47 80.94
C UNK N 148 -130.05 57.87 79.66
N UNK N 149 -129.23 57.84 78.62
CA UNK N 149 -129.63 57.22 77.38
C UNK N 149 -129.88 55.76 77.59
N UNK N 150 -128.98 55.10 78.30
CA UNK N 150 -129.17 53.70 78.53
C UNK N 150 -130.34 53.47 79.49
N UNK N 151 -130.58 54.41 80.38
CA UNK N 151 -131.71 54.31 81.28
C UNK N 151 -133.01 54.37 80.51
N UNK N 152 -133.08 55.30 79.59
CA UNK N 152 -134.28 55.45 78.81
C UNK N 152 -134.47 54.26 77.89
N UNK N 153 -133.38 53.74 77.34
CA UNK N 153 -133.55 52.67 76.38
C UNK N 153 -133.91 51.38 77.08
N UNK N 154 -133.33 51.15 78.25
CA UNK N 154 -133.73 49.99 79.02
C UNK N 154 -135.19 50.09 79.40
N UNK N 155 -135.63 51.31 79.70
CA UNK N 155 -137.04 51.53 79.93
C UNK N 155 -137.85 51.23 78.69
N UNK N 156 -137.31 51.57 77.52
CA UNK N 156 -138.06 51.34 76.29
C UNK N 156 -138.22 49.87 76.07
N UNK N 157 -137.16 49.11 76.31
CA UNK N 157 -137.20 47.68 76.10
C UNK N 157 -138.19 47.06 77.04
N UNK N 158 -138.24 47.61 78.25
CA UNK N 158 -139.25 47.19 79.20
C UNK N 158 -140.63 47.46 78.68
N UNK N 159 -140.82 48.59 78.01
CA UNK N 159 -142.12 48.88 77.45
C UNK N 159 -142.40 47.99 76.27
N UNK N 160 -141.34 47.55 75.59
CA UNK N 160 -141.52 46.78 74.38
C UNK N 160 -142.10 45.43 74.72
N UNK N 161 -141.47 44.74 75.65
CA UNK N 161 -142.09 43.51 76.12
C UNK N 161 -143.32 43.83 76.94
N UNK N 162 -143.35 45.00 77.55
CA UNK N 162 -144.48 45.43 78.33
C UNK N 162 -145.41 46.24 77.47
N UNK N 163 -145.72 45.73 76.30
CA UNK N 163 -146.86 46.20 75.57
C UNK N 163 -148.01 45.27 75.86
N UNK N 164 -149.12 45.48 75.20
CA UNK N 164 -150.02 44.41 74.88
C UNK N 164 -150.21 44.39 73.38
N UNK N 165 -149.19 44.88 72.67
CA UNK N 165 -149.07 44.70 71.24
C UNK N 165 -148.64 43.28 70.94
N UNK N 166 -149.49 42.34 71.31
CA UNK N 166 -149.07 40.98 71.55
C UNK N 166 -149.20 40.13 70.31
N UNK N 167 -148.64 40.58 69.22
CA UNK N 167 -148.65 39.76 68.03
C UNK N 167 -147.41 39.92 67.19
N UNK N 168 -146.41 40.66 67.62
CA UNK N 168 -145.23 40.81 66.80
C UNK N 168 -144.41 39.55 66.86
N UNK N 169 -143.55 39.37 65.88
CA UNK N 169 -142.53 38.37 66.05
C UNK N 169 -141.56 38.83 67.11
N UNK N 170 -140.84 37.89 67.68
CA UNK N 170 -139.79 38.26 68.60
C UNK N 170 -138.74 39.08 67.90
N UNK N 171 -138.44 38.75 66.66
CA UNK N 171 -137.57 39.62 65.90
C UNK N 171 -138.26 40.90 65.54
N UNK N 172 -139.57 40.89 65.40
CA UNK N 172 -140.23 42.15 65.10
C UNK N 172 -140.17 43.09 66.28
N UNK N 173 -140.47 42.57 67.46
CA UNK N 173 -140.35 43.36 68.66
C UNK N 173 -138.92 43.79 68.89
N UNK N 174 -137.99 42.95 68.50
CA UNK N 174 -136.60 43.32 68.60
C UNK N 174 -136.29 44.49 67.68
N UNK N 175 -136.87 44.50 66.50
CA UNK N 175 -136.64 45.64 65.62
C UNK N 175 -137.22 46.89 66.21
N UNK N 176 -138.38 46.75 66.84
CA UNK N 176 -139.01 47.91 67.45
C UNK N 176 -138.16 48.43 68.60
N UNK N 177 -137.59 47.53 69.38
CA UNK N 177 -136.84 47.98 70.55
C UNK N 177 -135.53 48.58 70.13
N UNK N 178 -134.86 47.99 69.17
CA UNK N 178 -133.62 48.58 68.70
C UNK N 178 -133.87 49.88 68.01
N UNK N 179 -135.03 50.01 67.38
CA UNK N 179 -135.39 51.27 66.75
C UNK N 179 -135.49 52.38 67.76
N UNK N 180 -136.21 52.13 68.84
CA UNK N 180 -136.37 53.17 69.86
C UNK N 180 -135.04 53.51 70.48
N UNK N 181 -134.17 52.52 70.63
CA UNK N 181 -132.89 52.78 71.26
C UNK N 181 -132.02 53.65 70.36
N UNK N 182 -131.88 53.26 69.10
CA UNK N 182 -131.10 54.10 68.22
C UNK N 182 -131.77 55.45 67.99
N UNK N 183 -133.10 55.50 68.14
CA UNK N 183 -133.79 56.76 67.92
C UNK N 183 -133.47 57.76 69.00
N UNK N 184 -133.56 57.33 70.25
CA UNK N 184 -133.29 58.27 71.31
C UNK N 184 -131.83 58.62 71.36
N UNK N 185 -130.99 57.72 70.85
CA UNK N 185 -129.62 58.11 70.61
C UNK N 185 -129.55 59.23 69.60
N UNK N 186 -130.39 59.18 68.58
CA UNK N 186 -130.33 60.22 67.56
C UNK N 186 -130.84 61.55 68.09
N UNK N 187 -131.86 61.50 68.94
CA UNK N 187 -132.36 62.75 69.51
C UNK N 187 -131.36 63.36 70.46
N UNK N 188 -130.55 62.53 71.09
CA UNK N 188 -129.41 63.07 71.83
C UNK N 188 -128.44 63.74 70.90
N UNK N 189 -128.22 63.15 69.73
CA UNK N 189 -127.26 63.72 68.79
C UNK N 189 -127.72 65.07 68.30
N UNK N 190 -129.02 65.28 68.23
CA UNK N 190 -129.50 66.61 67.86
C UNK N 190 -129.44 67.55 69.05
N UNK N 191 -130.19 67.25 70.10
CA UNK N 191 -130.31 68.19 71.21
C UNK N 191 -129.09 68.18 72.13
N UNK N 192 -136.83 6.60 78.95
CA UNK N 192 -136.87 7.25 80.23
C UNK N 192 -135.55 7.89 80.54
N UNK N 193 -134.50 7.09 80.50
CA UNK N 193 -133.20 7.54 80.91
C UNK N 193 -132.20 7.47 79.78
N UNK N 194 -132.62 7.84 78.58
CA UNK N 194 -131.67 8.21 77.54
C UNK N 194 -131.40 9.70 77.59
N UNK N 195 -131.01 10.17 78.77
CA UNK N 195 -130.42 11.47 79.02
C UNK N 195 -128.93 11.41 78.89
N UNK N 196 -128.43 10.22 78.59
CA UNK N 196 -127.03 10.07 78.27
C UNK N 196 -126.67 10.94 77.09
N UNK N 197 -127.61 11.15 76.19
CA UNK N 197 -127.39 12.12 75.15
C UNK N 197 -127.32 13.53 75.69
N UNK N 198 -128.03 13.82 76.78
CA UNK N 198 -127.99 15.19 77.27
C UNK N 198 -126.59 15.49 77.75
N UNK N 199 -126.01 14.55 78.46
CA UNK N 199 -124.64 14.77 78.86
C UNK N 199 -123.70 14.69 77.68
N UNK N 200 -124.02 13.87 76.68
CA UNK N 200 -123.08 13.72 75.57
C UNK N 200 -123.05 14.97 74.73
N UNK N 201 -124.21 15.50 74.45
CA UNK N 201 -124.29 16.68 73.64
C UNK N 201 -123.76 17.86 74.39
N UNK N 202 -124.09 17.99 75.67
CA UNK N 202 -123.56 19.09 76.41
C UNK N 202 -122.06 18.99 76.53
N UNK N 203 -121.52 17.77 76.55
CA UNK N 203 -120.09 17.59 76.67
C UNK N 203 -119.39 18.03 75.41
N UNK N 204 -119.90 17.60 74.26
CA UNK N 204 -119.31 18.02 73.00
C UNK N 204 -119.42 19.51 72.83
N UNK N 205 -120.54 20.07 73.26
CA UNK N 205 -120.72 21.49 73.16
C UNK N 205 -119.71 22.20 74.02
N UNK N 206 -119.64 21.89 75.29
CA UNK N 206 -118.80 22.67 76.18
C UNK N 206 -117.35 22.48 75.89
N UNK N 207 -116.97 21.39 75.26
CA UNK N 207 -115.64 21.35 74.72
C UNK N 207 -115.48 22.36 73.62
N UNK N 208 -116.46 22.44 72.72
CA UNK N 208 -116.32 23.38 71.62
C UNK N 208 -116.37 24.82 72.10
N UNK N 209 -117.27 25.11 73.00
CA UNK N 209 -117.40 26.46 73.48
C UNK N 209 -116.26 26.82 74.41
N UNK N 210 -115.57 25.86 75.05
CA UNK N 210 -114.42 26.24 75.86
C UNK N 210 -113.26 26.58 74.99
N UNK N 211 -112.97 25.72 74.03
CA UNK N 211 -111.86 26.01 73.15
C UNK N 211 -112.14 27.22 72.28
N UNK N 212 -113.40 27.57 72.10
CA UNK N 212 -113.67 28.90 71.59
C UNK N 212 -113.31 29.95 72.62
N UNK N 213 -114.00 29.96 73.73
CA UNK N 213 -114.01 31.14 74.56
C UNK N 213 -112.74 31.34 75.35
N UNK N 214 -111.79 30.45 75.29
CA UNK N 214 -110.54 30.76 75.97
C UNK N 214 -109.61 31.46 74.99
N UNK N 215 -109.11 30.73 74.01
CA UNK N 215 -108.25 31.22 72.94
C UNK N 215 -107.11 32.11 73.44
N UNK N 216 -106.39 31.63 74.45
CA UNK N 216 -105.17 32.29 74.90
C UNK N 216 -104.31 31.23 75.60
N UNK N 217 -103.33 30.68 74.87
CA UNK N 217 -102.77 29.37 75.21
C UNK N 217 -101.43 29.49 75.90
N UNK N 218 -101.41 29.16 77.18
CA UNK N 218 -100.21 28.95 77.96
C UNK N 218 -100.47 27.76 78.89
N UNK N 219 -99.42 27.34 79.60
CA UNK N 219 -99.36 25.99 80.17
C UNK N 219 -99.49 25.95 81.69
N UNK N 220 -98.58 26.61 82.43
CA UNK N 220 -98.76 27.13 83.80
C UNK N 220 -99.63 26.34 84.78
N UNK N 221 -99.24 25.10 85.11
CA UNK N 221 -100.16 23.97 85.32
C UNK N 221 -101.24 24.22 86.37
N UNK N 222 -100.86 24.37 87.63
CA UNK N 222 -101.88 24.54 88.65
C UNK N 222 -102.56 25.88 88.51
N UNK N 223 -101.80 26.88 88.07
CA UNK N 223 -102.39 28.18 87.81
C UNK N 223 -103.28 28.11 86.60
N UNK N 224 -102.94 27.24 85.65
CA UNK N 224 -103.86 27.01 84.56
C UNK N 224 -105.17 26.47 85.09
N UNK N 225 -105.12 25.58 86.09
CA UNK N 225 -106.35 25.04 86.66
C UNK N 225 -107.18 26.15 87.29
N UNK N 226 -106.56 26.92 88.17
CA UNK N 226 -107.30 27.91 88.94
C UNK N 226 -107.83 29.01 88.06
N UNK N 227 -106.95 29.69 87.37
CA UNK N 227 -107.41 30.81 86.61
C UNK N 227 -108.12 30.41 85.35
N UNK N 228 -107.99 29.16 84.91
CA UNK N 228 -108.73 28.82 83.72
C UNK N 228 -110.19 28.60 84.05
N UNK N 229 -110.46 27.99 85.20
CA UNK N 229 -111.85 27.95 85.62
C UNK N 229 -112.36 29.34 85.88
N UNK N 230 -111.51 30.19 86.46
CA UNK N 230 -111.91 31.56 86.74
C UNK N 230 -112.22 32.33 85.47
N UNK N 231 -111.30 32.32 84.53
CA UNK N 231 -111.41 33.13 83.34
C UNK N 231 -112.53 32.63 82.46
N UNK N 232 -112.72 31.32 82.39
CA UNK N 232 -113.82 30.82 81.57
C UNK N 232 -115.13 31.22 82.18
N UNK N 233 -115.22 31.22 83.51
CA UNK N 233 -116.41 31.77 84.10
C UNK N 233 -116.47 33.26 83.92
N UNK N 234 -115.32 33.89 83.79
CA UNK N 234 -115.31 35.35 83.71
C UNK N 234 -115.82 35.76 82.36
N UNK N 235 -115.15 35.36 81.34
CA UNK N 235 -115.45 35.57 79.95
C UNK N 235 -116.54 34.83 79.53
N UNK N 236 -117.23 34.11 80.39
CA UNK N 236 -118.61 33.75 80.17
C UNK N 236 -119.50 34.97 80.31
N UNK N 237 -120.78 34.73 80.35
CA UNK N 237 -121.73 35.82 80.39
C UNK N 237 -121.65 36.57 81.70
N UNK N 238 -121.96 37.86 81.64
CA UNK N 238 -122.04 38.73 82.79
C UNK N 238 -122.87 39.92 82.40
N UNK N 239 -122.70 41.00 83.14
CA UNK N 239 -123.54 42.17 83.01
C UNK N 239 -122.72 43.44 83.08
N UNK N 240 -121.68 43.58 82.26
CA UNK N 240 -120.70 44.62 82.55
C UNK N 240 -121.12 46.02 82.07
N UNK N 241 -121.06 46.27 80.76
CA UNK N 241 -121.58 47.48 80.08
C UNK N 241 -121.15 48.81 80.72
N UNK N 242 -119.88 49.14 80.61
CA UNK N 242 -119.39 50.40 81.18
C UNK N 242 -118.10 50.82 80.48
N UNK N 243 -117.96 52.12 80.18
CA UNK N 243 -116.73 52.60 79.54
C UNK N 243 -116.29 53.99 79.98
N UNK N 244 -116.36 54.31 81.28
CA UNK N 244 -115.82 55.56 81.83
C UNK N 244 -115.67 55.45 83.34
N UNK N 245 -114.60 56.00 83.89
CA UNK N 245 -114.26 55.72 85.27
C UNK N 245 -114.35 56.95 86.16
N UNK N 246 -114.49 56.67 87.45
CA UNK N 246 -114.24 57.64 88.48
C UNK N 246 -112.77 57.78 88.76
N UNK N 247 -111.98 56.82 88.29
CA UNK N 247 -110.61 56.59 88.74
C UNK N 247 -110.58 56.66 90.25
N UNK N 248 -111.45 55.86 90.89
CA UNK N 248 -111.73 56.00 92.32
C UNK N 248 -110.78 55.14 93.14
N UNK N 249 -110.81 53.83 92.91
CA UNK N 249 -109.82 52.84 93.40
C UNK N 249 -109.80 52.73 94.92
N UNK N 250 -110.99 52.71 95.51
CA UNK N 250 -111.16 52.31 96.90
C UNK N 250 -112.18 51.18 96.96
N UNK N 251 -112.00 50.21 96.07
CA UNK N 251 -112.73 48.95 96.09
C UNK N 251 -111.78 47.84 95.72
N UNK N 252 -111.90 46.71 96.41
CA UNK N 252 -110.99 45.58 96.21
C UNK N 252 -111.81 44.36 95.80
N UNK N 253 -112.07 44.26 94.49
CA UNK N 253 -112.82 43.15 93.90
C UNK N 253 -111.92 41.94 93.73
N UNK N 254 -112.34 41.02 92.87
CA UNK N 254 -111.61 39.77 92.69
C UNK N 254 -110.21 40.00 92.17
N UNK N 255 -109.25 39.33 92.78
CA UNK N 255 -107.84 39.50 92.46
C UNK N 255 -107.40 38.65 91.31
N UNK N 256 -108.34 38.28 90.42
CA UNK N 256 -108.02 37.52 89.22
C UNK N 256 -106.97 38.24 88.39
N UNK N 257 -107.26 39.47 88.03
CA UNK N 257 -106.28 40.26 87.32
C UNK N 257 -105.12 40.63 88.20
N UNK N 258 -105.25 40.58 89.52
CA UNK N 258 -104.11 40.90 90.36
C UNK N 258 -103.09 39.78 90.32
N UNK N 259 -103.53 38.53 90.33
CA UNK N 259 -102.61 37.42 90.15
C UNK N 259 -102.06 37.40 88.73
N UNK N 260 -102.89 37.78 87.76
CA UNK N 260 -102.39 37.97 86.42
C UNK N 260 -101.37 39.10 86.37
N UNK N 261 -101.58 40.11 87.18
CA UNK N 261 -100.65 41.22 87.22
C UNK N 261 -99.38 40.81 87.90
N UNK N 262 -99.48 39.89 88.84
CA UNK N 262 -98.30 39.30 89.44
C UNK N 262 -97.51 38.55 88.40
N UNK N 263 -98.20 37.80 87.55
CA UNK N 263 -97.55 37.12 86.43
C UNK N 263 -97.00 38.11 85.42
N UNK N 264 -97.69 39.21 85.20
CA UNK N 264 -97.26 40.19 84.22
C UNK N 264 -96.04 40.93 84.70
N UNK N 265 -96.04 41.30 85.98
CA UNK N 265 -94.86 41.88 86.61
C UNK N 265 -93.73 40.89 86.62
N UNK N 266 -94.04 39.60 86.73
CA UNK N 266 -93.01 38.58 86.64
C UNK N 266 -92.43 38.55 85.25
N UNK N 267 -93.27 38.74 84.25
CA UNK N 267 -92.78 38.74 82.87
C UNK N 267 -91.90 39.94 82.61
N UNK N 268 -92.36 41.11 83.00
CA UNK N 268 -91.59 42.33 82.74
C UNK N 268 -90.37 42.41 83.62
N UNK N 269 -90.43 41.86 84.83
CA UNK N 269 -89.25 41.88 85.67
C UNK N 269 -88.28 40.78 85.27
N UNK N 270 -88.74 39.71 84.66
CA UNK N 270 -87.82 38.70 84.17
C UNK N 270 -87.19 39.15 82.87
N UNK N 271 -87.96 39.82 82.02
CA UNK N 271 -87.34 40.49 80.90
C UNK N 271 -86.50 41.68 81.36
N UNK N 272 -86.82 42.24 82.52
CA UNK N 272 -86.04 43.35 83.02
C UNK N 272 -84.73 42.85 83.60
N UNK N 273 -84.76 41.69 84.22
CA UNK N 273 -83.53 41.04 84.59
C UNK N 273 -82.79 40.60 83.33
N UNK N 274 -83.52 40.23 82.30
CA UNK N 274 -82.90 39.78 81.07
C UNK N 274 -82.22 40.94 80.37
N UNK N 275 -82.89 42.07 80.30
CA UNK N 275 -82.28 43.25 79.72
C UNK N 275 -81.23 43.83 80.66
N UNK N 276 -81.41 43.64 81.96
CA UNK N 276 -80.42 44.05 82.93
C UNK N 276 -79.14 43.29 82.71
N UNK N 277 -79.25 41.98 82.58
CA UNK N 277 -78.09 41.18 82.25
C UNK N 277 -77.62 41.42 80.83
N UNK N 278 -78.50 41.91 79.97
CA UNK N 278 -78.10 42.22 78.61
C UNK N 278 -77.17 43.43 78.57
N UNK N 279 -77.54 44.47 79.30
CA UNK N 279 -76.61 45.58 79.49
C UNK N 279 -75.40 45.14 80.28
N UNK N 280 -75.61 44.20 81.19
CA UNK N 280 -74.53 43.59 81.94
C UNK N 280 -73.89 42.45 81.18
N UNK N 281 -73.96 42.47 79.85
CA UNK N 281 -73.00 41.76 79.03
C UNK N 281 -71.75 42.62 78.83
N UNK N 282 -75.20 64.67 79.66
CA UNK N 282 -76.23 65.04 80.61
C UNK N 282 -76.19 64.07 81.75
N UNK N 283 -77.27 64.06 82.55
CA UNK N 283 -77.45 63.01 83.52
C UNK N 283 -78.70 62.27 83.09
N UNK N 284 -78.55 61.44 82.07
CA UNK N 284 -79.51 60.41 81.75
C UNK N 284 -79.05 59.11 82.39
N UNK N 285 -78.78 59.21 83.68
CA UNK N 285 -78.09 58.16 84.38
C UNK N 285 -79.03 57.26 85.13
N UNK N 286 -80.26 57.07 84.65
CA UNK N 286 -81.20 56.12 85.26
C UNK N 286 -80.77 54.73 84.83
N UNK N 287 -79.69 54.26 85.43
CA UNK N 287 -78.75 53.39 84.74
C UNK N 287 -79.27 51.97 84.65
N UNK N 288 -79.42 51.31 85.79
CA UNK N 288 -79.71 49.89 85.79
C UNK N 288 -81.19 49.58 85.72
N UNK N 289 -82.01 50.55 85.35
CA UNK N 289 -83.37 50.27 84.96
C UNK N 289 -83.74 51.14 83.78
N UNK N 290 -82.78 51.40 82.90
CA UNK N 290 -82.98 52.29 81.77
C UNK N 290 -83.89 51.67 80.73
N UNK N 291 -85.17 51.55 81.05
CA UNK N 291 -86.02 50.66 80.29
C UNK N 291 -87.46 51.04 80.51
N UNK N 292 -88.11 51.53 79.48
CA UNK N 292 -89.56 51.56 79.48
C UNK N 292 -90.04 50.22 78.95
N UNK N 293 -91.35 50.06 78.76
CA UNK N 293 -91.87 48.85 78.15
C UNK N 293 -91.51 48.72 76.68
N UNK N 294 -90.91 49.74 76.09
CA UNK N 294 -90.27 49.64 74.79
C UNK N 294 -88.80 49.21 74.89
N UNK N 295 -88.40 48.57 75.97
CA UNK N 295 -87.07 47.98 76.00
C UNK N 295 -87.03 46.63 75.29
N UNK N 296 -88.21 46.06 75.02
CA UNK N 296 -88.31 44.80 74.32
C UNK N 296 -87.63 44.88 72.96
N UNK N 297 -87.91 45.95 72.21
CA UNK N 297 -87.29 46.18 70.91
C UNK N 297 -85.80 46.30 71.01
N UNK N 298 -85.30 46.88 72.12
CA UNK N 298 -83.87 46.97 72.34
C UNK N 298 -83.27 45.59 72.45
N UNK N 299 -83.92 44.73 73.25
CA UNK N 299 -83.43 43.36 73.43
C UNK N 299 -83.39 42.62 72.12
N UNK N 300 -84.44 42.75 71.34
CA UNK N 300 -84.61 41.97 70.14
C UNK N 300 -83.60 42.35 69.08
N UNK N 301 -83.49 43.65 68.79
CA UNK N 301 -82.57 44.08 67.75
C UNK N 301 -81.13 43.85 68.15
N UNK N 302 -80.85 43.91 69.46
CA UNK N 302 -79.55 43.46 69.94
C UNK N 302 -79.32 42.00 69.60
N UNK N 303 -80.33 41.17 69.86
CA UNK N 303 -80.22 39.73 69.66
C UNK N 303 -80.00 39.39 68.20
N UNK N 304 -80.80 39.96 67.32
CA UNK N 304 -80.69 39.61 65.92
C UNK N 304 -79.51 40.29 65.26
N UNK N 305 -79.03 41.41 65.80
CA UNK N 305 -77.87 42.04 65.21
C UNK N 305 -76.62 41.25 65.51
N UNK N 306 -76.48 40.83 66.78
CA UNK N 306 -75.41 39.95 67.13
C UNK N 306 -75.58 38.61 66.44
N UNK N 307 -76.82 38.19 66.21
CA UNK N 307 -77.07 37.01 65.41
C UNK N 307 -76.71 37.23 63.95
N UNK N 308 -76.78 38.47 63.48
CA UNK N 308 -76.53 38.75 62.07
C UNK N 308 -75.05 38.63 61.78
N UNK N 309 -74.24 39.29 62.59
CA UNK N 309 -72.81 39.00 62.52
C UNK N 309 -72.49 37.58 62.97
N UNK N 310 -73.36 36.93 63.74
CA UNK N 310 -73.07 35.57 64.16
C UNK N 310 -73.32 34.59 63.03
N UNK N 311 -74.35 34.84 62.24
CA UNK N 311 -74.57 34.02 61.07
C UNK N 311 -73.57 34.36 60.01
N UNK N 312 -73.05 35.59 60.02
CA UNK N 312 -71.93 35.93 59.16
C UNK N 312 -70.73 35.09 59.51
N UNK N 313 -70.45 34.96 60.80
CA UNK N 313 -69.44 34.02 61.27
C UNK N 313 -69.76 32.60 60.82
N UNK N 314 -71.02 32.21 60.94
CA UNK N 314 -71.43 30.87 60.55
C UNK N 314 -71.20 30.63 59.07
N UNK N 315 -71.49 31.63 58.25
CA UNK N 315 -71.40 31.48 56.80
C UNK N 315 -69.97 31.48 56.33
N UNK N 316 -69.15 32.36 56.91
CA UNK N 316 -67.76 32.44 56.50
C UNK N 316 -66.99 31.20 56.96
N UNK N 317 -67.14 30.84 58.23
CA UNK N 317 -66.54 29.62 58.73
C UNK N 317 -67.22 28.35 58.21
N UNK N 318 -68.33 28.47 57.49
CA UNK N 318 -69.03 27.28 57.00
C UNK N 318 -68.24 26.56 55.92
N UNK N 319 -68.01 27.18 54.77
CA UNK N 319 -67.48 26.45 53.63
C UNK N 319 -66.66 27.41 52.75
N UNK N 320 -66.36 26.97 51.54
CA UNK N 320 -65.21 27.41 50.76
C UNK N 320 -65.45 28.75 50.05
N UNK N 321 -64.61 29.01 49.04
CA UNK N 321 -64.16 30.34 48.60
C UNK N 321 -65.29 31.29 48.25
N UNK N 322 -65.45 32.30 49.11
CA UNK N 322 -66.41 33.40 48.95
C UNK N 322 -66.14 34.43 50.02
N UNK N 323 -66.26 35.70 49.65
CA UNK N 323 -66.47 36.76 50.61
C UNK N 323 -67.50 37.77 50.12
N UNK N 324 -68.07 37.56 48.94
CA UNK N 324 -69.24 38.33 48.52
C UNK N 324 -70.44 37.97 49.35
N UNK N 325 -70.49 36.74 49.86
CA UNK N 325 -71.47 36.40 50.88
C UNK N 325 -71.27 37.23 52.13
N UNK N 326 -70.03 37.42 52.56
CA UNK N 326 -69.79 38.24 53.74
C UNK N 326 -70.05 39.71 53.47
N UNK N 327 -69.84 40.17 52.24
CA UNK N 327 -70.21 41.53 51.90
C UNK N 327 -71.71 41.70 51.94
N UNK N 328 -72.45 40.65 51.55
CA UNK N 328 -73.89 40.67 51.76
C UNK N 328 -74.23 40.71 53.23
N UNK N 329 -73.43 40.05 54.05
CA UNK N 329 -73.62 40.17 55.48
C UNK N 329 -73.26 41.56 55.99
N UNK N 330 -72.44 42.29 55.24
CA UNK N 330 -72.17 43.67 55.60
C UNK N 330 -73.37 44.57 55.33
N UNK N 331 -74.38 44.08 54.63
CA UNK N 331 -75.70 44.69 54.58
C UNK N 331 -76.70 44.05 55.54
N UNK N 332 -76.53 42.76 55.79
CA UNK N 332 -77.35 42.07 56.79
C UNK N 332 -77.17 42.69 58.17
N UNK N 333 -75.94 43.10 58.49
CA UNK N 333 -75.72 43.92 59.65
C UNK N 333 -76.37 45.28 59.48
N UNK N 334 -76.28 45.85 58.27
CA UNK N 334 -76.62 47.25 58.05
C UNK N 334 -78.10 47.51 58.22
N UNK N 335 -78.92 46.48 58.11
CA UNK N 335 -80.34 46.60 58.35
C UNK N 335 -80.69 46.97 59.79
N UNK N 336 -79.74 46.90 60.73
CA UNK N 336 -79.99 47.10 62.15
C UNK N 336 -80.02 48.57 62.58
N UNK N 337 -79.60 49.47 61.71
CA UNK N 337 -79.58 50.89 62.01
C UNK N 337 -80.97 51.51 62.12
N UNK N 338 -82.01 50.78 61.72
CA UNK N 338 -83.30 51.39 61.42
C UNK N 338 -84.07 51.75 62.67
N UNK N 339 -84.31 50.78 63.54
CA UNK N 339 -85.29 50.96 64.58
C UNK N 339 -84.73 51.58 65.82
N UNK N 340 -83.74 52.47 65.71
CA UNK N 340 -83.23 53.16 66.89
C UNK N 340 -83.98 54.45 67.18
N UNK N 341 -84.83 54.94 66.28
CA UNK N 341 -85.60 56.15 66.58
C UNK N 341 -86.87 55.80 67.34
N UNK N 342 -87.77 55.07 66.68
CA UNK N 342 -88.69 54.05 67.21
C UNK N 342 -89.16 54.26 68.63
N UNK N 343 -89.66 55.46 68.92
CA UNK N 343 -90.12 55.88 70.25
C UNK N 343 -89.03 55.67 71.30
N UNK N 344 -87.79 55.97 70.91
CA UNK N 344 -86.63 55.84 71.81
C UNK N 344 -86.48 57.08 72.69
N UNK N 345 -87.46 57.26 73.57
CA UNK N 345 -87.73 58.57 74.12
C UNK N 345 -86.71 59.00 75.16
N UNK N 346 -85.96 58.07 75.73
CA UNK N 346 -85.00 58.45 76.74
C UNK N 346 -83.76 59.04 76.09
N UNK N 347 -82.99 59.76 76.88
CA UNK N 347 -81.62 60.05 76.54
C UNK N 347 -80.69 58.97 77.05
N UNK N 348 -81.24 57.95 77.69
CA UNK N 348 -80.51 56.82 78.25
C UNK N 348 -80.68 55.55 77.46
N UNK N 349 -81.85 55.36 76.86
CA UNK N 349 -82.19 54.09 76.22
C UNK N 349 -81.28 53.81 75.05
N UNK N 350 -81.33 54.68 74.04
CA UNK N 350 -80.56 54.48 72.83
C UNK N 350 -79.08 54.50 73.11
N UNK N 351 -78.64 55.45 73.94
CA UNK N 351 -77.24 55.64 74.23
C UNK N 351 -76.65 54.43 74.94
N UNK N 352 -77.18 54.12 76.12
CA UNK N 352 -76.67 53.04 76.93
C UNK N 352 -76.86 51.69 76.24
N UNK N 353 -77.96 51.52 75.51
CA UNK N 353 -78.24 50.23 74.89
C UNK N 353 -77.27 49.96 73.78
N UNK N 354 -77.03 50.95 72.93
CA UNK N 354 -76.06 50.81 71.85
C UNK N 354 -74.70 50.55 72.42
N UNK N 355 -74.35 51.27 73.50
CA UNK N 355 -73.09 51.06 74.18
C UNK N 355 -72.96 49.63 74.68
N UNK N 356 -74.06 49.07 75.16
CA UNK N 356 -74.02 47.74 75.75
C UNK N 356 -73.82 46.67 74.69
N UNK N 357 -74.58 46.73 73.60
CA UNK N 357 -74.48 45.67 72.61
C UNK N 357 -73.19 45.77 71.81
N UNK N 358 -72.77 46.99 71.48
CA UNK N 358 -71.49 47.16 70.81
C UNK N 358 -70.34 46.77 71.73
N UNK N 359 -70.45 47.13 73.01
CA UNK N 359 -69.50 46.73 74.04
C UNK N 359 -69.44 45.24 74.20
N UNK N 360 -70.54 44.57 73.95
CA UNK N 360 -70.56 43.12 74.02
C UNK N 360 -69.76 42.52 72.90
N UNK N 361 -70.19 42.75 71.67
CA UNK N 361 -69.48 42.02 70.63
C UNK N 361 -68.27 42.81 70.16
N UNK N 362 -68.50 43.98 69.55
CA UNK N 362 -67.51 44.62 68.69
C UNK N 362 -66.32 45.14 69.46
N UNK N 363 -66.56 45.61 70.68
CA UNK N 363 -65.46 45.94 71.57
C UNK N 363 -64.67 44.69 71.92
N UNK N 364 -65.37 43.64 72.32
CA UNK N 364 -64.71 42.39 72.64
C UNK N 364 -64.41 41.56 71.42
N UNK N 365 -64.77 42.01 70.23
CA UNK N 365 -64.45 41.25 69.04
C UNK N 365 -62.98 41.31 68.67
N UNK N 366 -62.17 42.03 69.43
CA UNK N 366 -60.74 41.84 69.41
C UNK N 366 -60.38 40.65 70.30
N UNK N 367 -59.09 40.51 70.56
CA UNK N 367 -58.50 39.85 71.71
C UNK N 367 -58.57 38.33 71.73
N UNK N 368 -59.36 37.68 70.88
CA UNK N 368 -59.50 36.23 71.02
C UNK N 368 -58.32 35.49 70.41
N UNK N 369 -58.15 35.60 69.10
CA UNK N 369 -56.97 35.02 68.49
C UNK N 369 -55.73 35.80 68.87
N UNK N 370 -55.91 37.01 69.38
CA UNK N 370 -54.82 37.65 70.08
C UNK N 370 -54.45 36.87 71.34
N UNK N 371 -55.41 36.32 72.05
CA UNK N 371 -55.03 35.58 73.23
C UNK N 371 -54.39 34.27 72.84
N UNK N 372 -54.85 33.70 71.74
CA UNK N 372 -54.16 32.55 71.19
C UNK N 372 -52.76 32.92 70.72
N UNK N 373 -52.60 34.15 70.25
CA UNK N 373 -51.29 34.62 69.87
C UNK N 373 -50.44 34.89 71.08
N UNK N 374 -51.08 35.28 72.17
CA UNK N 374 -50.39 35.43 73.43
C UNK N 374 -49.90 34.08 73.91
N UNK N 375 -50.66 33.05 73.60
CA UNK N 375 -50.18 31.70 73.83
C UNK N 375 -49.09 31.44 72.81
N UNK N 376 -47.88 31.82 73.19
CA UNK N 376 -46.71 31.64 72.33
C UNK N 376 -46.30 30.18 72.38
N UNK N 377 -47.09 29.35 71.69
CA UNK N 377 -46.94 27.93 71.96
C UNK N 377 -45.71 27.38 71.27
N UNK N 378 -45.72 27.27 69.95
CA UNK N 378 -44.55 26.70 69.32
C UNK N 378 -44.50 27.22 67.91
N UNK N 379 -43.31 27.08 67.34
CA UNK N 379 -43.05 27.53 65.98
C UNK N 379 -43.99 26.87 65.01
N UNK N 380 -43.98 25.55 64.97
CA UNK N 380 -44.87 24.83 64.08
C UNK N 380 -46.31 25.01 64.51
N UNK N 381 -46.55 25.28 65.79
CA UNK N 381 -47.92 25.45 66.25
C UNK N 381 -48.53 26.72 65.70
N UNK N 382 -47.83 27.83 65.86
CA UNK N 382 -48.30 29.07 65.31
C UNK N 382 -48.21 29.03 63.81
N UNK N 383 -47.32 28.20 63.27
CA UNK N 383 -47.32 27.97 61.84
C UNK N 383 -48.57 27.25 61.43
N UNK N 384 -49.10 26.42 62.31
CA UNK N 384 -50.33 25.74 61.99
C UNK N 384 -51.50 26.69 62.10
N UNK N 385 -51.46 27.60 63.04
CA UNK N 385 -52.56 28.52 63.19
C UNK N 385 -52.56 29.55 62.08
N UNK N 386 -51.39 29.98 61.67
CA UNK N 386 -51.25 30.83 60.50
C UNK N 386 -51.72 30.11 59.28
N UNK N 387 -51.36 28.84 59.15
CA UNK N 387 -51.90 27.99 58.12
C UNK N 387 -53.40 27.87 58.24
N UNK N 388 -53.93 27.91 59.45
CA UNK N 388 -55.35 27.76 59.64
C UNK N 388 -56.10 29.01 59.20
N UNK N 389 -55.66 30.17 59.65
CA UNK N 389 -56.31 31.39 59.25
C UNK N 389 -56.12 31.64 57.78
N UNK N 390 -54.97 31.26 57.25
CA UNK N 390 -54.75 31.33 55.83
C UNK N 390 -55.56 30.30 55.08
N UNK N 391 -55.96 29.22 55.73
CA UNK N 391 -56.90 28.30 55.10
C UNK N 391 -58.25 28.96 55.01
N UNK N 392 -58.64 29.64 56.08
CA UNK N 392 -59.90 30.37 56.07
C UNK N 392 -59.77 31.77 55.46
N UNK N 393 -58.68 32.03 54.74
CA UNK N 393 -58.45 33.35 54.15
C UNK N 393 -59.36 33.54 52.95
N UNK N 394 -60.63 33.80 53.23
CA UNK N 394 -61.52 34.23 52.17
C UNK N 394 -61.19 35.65 51.73
N UNK N 395 -60.96 36.52 52.70
CA UNK N 395 -60.48 37.87 52.43
C UNK N 395 -58.97 37.86 52.51
N UNK N 396 -58.33 38.29 51.44
CA UNK N 396 -56.89 38.42 51.42
C UNK N 396 -56.41 39.71 52.04
N UNK N 397 -57.29 40.67 52.22
CA UNK N 397 -56.89 42.02 52.57
C UNK N 397 -57.53 42.51 53.86
N UNK N 398 -58.79 42.16 54.10
CA UNK N 398 -59.32 42.36 55.43
C UNK N 398 -58.61 41.48 56.45
N UNK N 399 -58.04 40.37 55.99
CA UNK N 399 -57.07 39.64 56.78
C UNK N 399 -55.87 40.50 57.11
N UNK N 400 -55.35 41.20 56.12
CA UNK N 400 -54.23 42.10 56.36
C UNK N 400 -54.62 43.25 57.27
N UNK N 401 -55.90 43.57 57.34
CA UNK N 401 -56.43 44.46 58.38
C UNK N 401 -56.53 43.77 59.72
N UNK N 402 -56.90 42.50 59.71
CA UNK N 402 -57.05 41.76 60.95
C UNK N 402 -55.71 41.59 61.63
N UNK N 403 -54.63 41.52 60.85
CA UNK N 403 -53.30 41.55 61.40
C UNK N 403 -53.05 42.84 62.14
N UNK N 404 -53.60 43.94 61.65
CA UNK N 404 -53.46 45.16 62.42
C UNK N 404 -54.33 45.13 63.65
N UNK N 405 -55.47 44.44 63.56
CA UNK N 405 -56.33 44.34 64.74
C UNK N 405 -55.64 43.56 65.83
N UNK N 406 -54.81 42.61 65.43
CA UNK N 406 -53.89 42.01 66.37
C UNK N 406 -52.88 43.03 66.84
N UNK N 407 -52.30 43.79 65.90
CA UNK N 407 -51.18 44.67 66.21
C UNK N 407 -51.56 45.79 67.15
N UNK N 408 -52.86 45.97 67.36
CA UNK N 408 -53.41 46.69 68.49
C UNK N 408 -52.91 46.18 69.83
N UNK N 409 -52.50 44.92 69.96
CA UNK N 409 -52.08 44.42 71.25
C UNK N 409 -50.76 45.06 71.70
N UNK N 410 -49.82 45.24 70.81
CA UNK N 410 -48.54 45.83 71.14
C UNK N 410 -48.61 47.35 71.06
N UNK N 411 -47.44 47.99 71.06
CA UNK N 411 -47.30 49.42 70.83
C UNK N 411 -45.85 49.73 70.47
N UNK N 412 -45.57 51.02 70.26
CA UNK N 412 -44.25 51.66 70.44
C UNK N 412 -43.16 51.34 69.42
N UNK N 413 -43.39 50.42 68.50
CA UNK N 413 -42.50 50.28 67.36
C UNK N 413 -43.29 49.84 66.14
N UNK N 414 -44.54 50.27 66.07
CA UNK N 414 -45.60 49.35 65.71
C UNK N 414 -45.63 48.94 64.25
N UNK N 415 -44.64 49.26 63.42
CA UNK N 415 -44.65 48.69 62.09
C UNK N 415 -43.26 48.33 61.61
N UNK N 416 -42.29 48.26 62.53
CA UNK N 416 -40.87 48.46 62.30
C UNK N 416 -40.34 47.56 61.20
N UNK N 417 -40.36 46.25 61.42
CA UNK N 417 -40.15 45.34 60.31
C UNK N 417 -41.45 44.83 59.74
N UNK N 418 -42.58 45.34 60.22
CA UNK N 418 -43.87 44.90 59.70
C UNK N 418 -44.06 45.37 58.27
N UNK N 419 -43.38 46.45 57.91
CA UNK N 419 -43.23 46.77 56.51
C UNK N 419 -42.22 45.86 55.83
N UNK N 420 -41.17 45.46 56.58
CA UNK N 420 -40.06 44.75 55.97
C UNK N 420 -40.51 43.41 55.45
N UNK N 421 -41.40 42.77 56.19
CA UNK N 421 -41.94 41.48 55.77
C UNK N 421 -42.82 41.64 54.55
N UNK N 422 -43.82 42.51 54.67
CA UNK N 422 -44.83 42.71 53.64
C UNK N 422 -44.20 43.05 52.30
N UNK N 423 -43.12 43.83 52.32
CA UNK N 423 -42.38 44.07 51.08
C UNK N 423 -41.47 42.90 50.72
N UNK N 424 -40.69 42.41 51.68
CA UNK N 424 -39.62 41.44 51.52
C UNK N 424 -40.10 40.12 50.98
N UNK N 425 -41.41 39.89 51.06
CA UNK N 425 -42.06 38.77 50.43
C UNK N 425 -41.71 38.62 48.96
N UNK N 426 -41.55 39.72 48.23
CA UNK N 426 -41.38 39.64 46.78
C UNK N 426 -39.98 39.16 46.42
N UNK N 427 -39.92 38.00 45.75
CA UNK N 427 -38.72 37.22 45.48
C UNK N 427 -39.06 36.18 44.42
N UNK N 428 -38.30 35.08 44.32
CA UNK N 428 -38.70 33.96 43.47
C UNK N 428 -39.91 33.22 44.06
N UNK N 429 -40.50 32.34 43.24
CA UNK N 429 -41.93 32.02 43.33
C UNK N 429 -42.20 30.67 43.98
N UNK N 430 -42.70 30.70 45.21
CA UNK N 430 -43.51 29.64 45.77
C UNK N 430 -44.98 30.01 45.56
N UNK N 431 -45.89 29.33 46.25
CA UNK N 431 -47.31 29.63 46.11
C UNK N 431 -47.66 31.01 46.68
N UNK N 432 -48.74 31.59 46.18
CA UNK N 432 -49.31 32.74 46.87
C UNK N 432 -49.96 32.32 48.16
N UNK N 433 -50.33 31.05 48.26
CA UNK N 433 -50.54 30.46 49.57
C UNK N 433 -49.30 30.59 50.43
N UNK N 434 -48.11 30.36 49.86
CA UNK N 434 -46.89 30.46 50.65
C UNK N 434 -46.59 31.90 50.97
N UNK N 435 -46.99 32.80 50.09
CA UNK N 435 -46.89 34.21 50.40
C UNK N 435 -47.78 34.58 51.57
N UNK N 436 -49.02 34.11 51.54
CA UNK N 436 -49.96 34.38 52.61
C UNK N 436 -49.47 33.82 53.92
N UNK N 437 -49.01 32.58 53.89
CA UNK N 437 -48.59 31.91 55.10
C UNK N 437 -47.30 32.49 55.62
N UNK N 438 -46.32 32.68 54.75
CA UNK N 438 -45.06 33.26 55.15
C UNK N 438 -45.25 34.70 55.57
N UNK N 439 -46.28 35.35 55.06
CA UNK N 439 -46.60 36.69 55.47
C UNK N 439 -47.08 36.72 56.90
N UNK N 440 -48.08 35.91 57.19
CA UNK N 440 -48.66 35.94 58.52
C UNK N 440 -47.67 35.39 59.53
N UNK N 441 -46.90 34.40 59.11
CA UNK N 441 -45.93 33.78 59.97
C UNK N 441 -44.66 34.61 60.06
N UNK N 442 -44.56 35.64 59.26
CA UNK N 442 -43.67 36.68 59.67
C UNK N 442 -44.25 37.43 60.84
N UNK N 443 -45.56 37.60 60.84
CA UNK N 443 -46.10 38.69 61.63
C UNK N 443 -46.19 38.35 63.10
N UNK N 444 -46.64 37.17 63.46
CA UNK N 444 -46.66 36.91 64.88
C UNK N 444 -45.28 36.57 65.38
N UNK N 445 -44.45 36.01 64.50
CA UNK N 445 -43.03 35.89 64.78
C UNK N 445 -42.43 37.23 65.06
N UNK N 446 -42.88 38.24 64.34
CA UNK N 446 -42.54 39.59 64.67
C UNK N 446 -43.13 39.99 66.01
N UNK N 447 -44.30 39.49 66.33
CA UNK N 447 -45.01 39.94 67.52
C UNK N 447 -44.54 39.27 68.79
N UNK N 448 -43.30 38.81 68.83
CA UNK N 448 -42.68 38.37 70.06
C UNK N 448 -42.71 39.46 71.10
N UNK N 449 -42.85 39.05 72.34
CA UNK N 449 -42.82 39.97 73.46
C UNK N 449 -41.36 40.36 73.74
N UNK N 450 -41.12 40.85 74.94
CA UNK N 450 -39.75 41.03 75.38
C UNK N 450 -39.09 39.66 75.47
N UNK N 451 -59.98 22.64 69.96
CA UNK N 451 -59.26 23.88 70.14
C UNK N 451 -59.04 24.61 68.81
N UNK N 452 -59.03 23.87 67.71
CA UNK N 452 -59.12 24.53 66.42
C UNK N 452 -60.53 25.00 66.14
N UNK N 453 -61.53 24.38 66.78
CA UNK N 453 -62.86 24.96 66.80
C UNK N 453 -62.85 26.30 67.54
N UNK N 454 -62.09 26.39 68.62
CA UNK N 454 -61.85 27.69 69.24
C UNK N 454 -61.07 28.60 68.31
N UNK N 455 -60.16 28.05 67.51
CA UNK N 455 -59.42 28.90 66.59
C UNK N 455 -60.33 29.45 65.51
N UNK N 456 -61.24 28.65 65.01
CA UNK N 456 -62.23 29.16 64.09
C UNK N 456 -63.19 30.11 64.78
N UNK N 457 -63.43 29.92 66.06
CA UNK N 457 -64.26 30.84 66.81
C UNK N 457 -63.58 32.19 66.99
N UNK N 458 -62.27 32.17 67.21
CA UNK N 458 -61.52 33.39 67.36
C UNK N 458 -61.33 34.08 66.03
N UNK N 459 -61.19 33.28 64.98
CA UNK N 459 -61.26 33.79 63.63
C UNK N 459 -62.57 34.52 63.42
N UNK N 460 -63.66 33.92 63.87
CA UNK N 460 -64.96 34.56 63.75
C UNK N 460 -65.04 35.83 64.58
N UNK N 461 -64.39 35.84 65.74
CA UNK N 461 -64.43 37.00 66.61
C UNK N 461 -63.69 38.17 65.98
N UNK N 462 -62.46 37.97 65.54
CA UNK N 462 -61.71 39.05 64.92
C UNK N 462 -62.31 39.40 63.56
N UNK N 463 -62.93 38.43 62.91
CA UNK N 463 -63.72 38.72 61.75
C UNK N 463 -64.91 39.59 62.09
N UNK N 464 -65.46 39.45 63.29
CA UNK N 464 -66.56 40.31 63.66
C UNK N 464 -66.08 41.66 64.16
N UNK N 465 -64.82 41.76 64.54
CA UNK N 465 -64.23 43.07 64.74
C UNK N 465 -64.12 43.81 63.42
N UNK N 466 -63.76 43.10 62.37
CA UNK N 466 -63.90 43.66 61.04
C UNK N 466 -65.36 43.98 60.75
N UNK N 467 -66.19 42.94 60.67
CA UNK N 467 -67.56 43.03 60.16
C UNK N 467 -68.53 43.72 61.11
N UNK N 468 -68.06 44.21 62.25
CA UNK N 468 -68.93 44.88 63.20
C UNK N 468 -68.51 46.31 63.48
N UNK N 469 -67.22 46.63 63.37
CA UNK N 469 -66.78 47.99 63.59
C UNK N 469 -66.92 48.86 62.36
N UNK N 470 -67.68 48.41 61.36
CA UNK N 470 -67.97 49.17 60.16
C UNK N 470 -69.03 50.23 60.44
#